data_9G0T
#
_entry.id   9G0T
#
loop_
_entity.id
_entity.type
_entity.pdbx_description
1 polymer 'Tubulin beta chain'
2 polymer 'Tubulin alpha chain'
3 non-polymer "GUANOSINE-5'-DIPHOSPHATE"
4 non-polymer "GUANOSINE-5'-TRIPHOSPHATE"
5 non-polymer 'MAGNESIUM ION'
#
loop_
_entity_poly.entity_id
_entity_poly.type
_entity_poly.pdbx_seq_one_letter_code
_entity_poly.pdbx_strand_id
1 'polypeptide(L)'
;MREIVHLQAGQCGNQIGAKFWEVISDEHGIDPTGTYHGDSDLQLERINVYYNEATGGKYVPRAVLVDLEPGTMDSVRSGP
FGQIFRPDNFVFGQSGAGNNWAKGHYTEGAELVDSVLDVVRKEAESCDCLQGFQLTHSLGGGTGSGMGTLLISKIREEYP
DRIMNTFSVVPSPKVSDTVVEPYNATLSVHQLVENTDETYCIDNEALYDICFRTLKLTTPTYGDLNHLVSATMSGVTTCL
RFPGQLNADLRKLAVNMVPFPRLHFFMPGFAPLTSRGSQQYRALTVPELTQQMFDAKNMMAACDPRHGRYLTVAAVFRGR
MSMKEVDEQMLNVQNKNSSYFVEWIPNNVKTAVCDIPPRGLKMSATFIGNSTAIQELFKRISEQFTAMFRRKAFLHWYTG
EGMDEMEFTEAESNMNDLVSEYQQYQDATAEEEGEFEEGEEEENA
;
A,B,C,D,E,F
2 'polypeptide(L)'
;MRECISIHIGQAGVQMGNACWELYCLEHGIQQDGIIPDEKTAATDSSFGTFFSETGSGKHVPRAVFVDLEQTVIGEIRTG
HYRSLFHPEQLITGKEDAANNYARGHYTIGKEIVDSVLDRVRKMADQCSGLQGFLIFHSFGGGTGSGFTSLLMERLSVDY
GKKSKLEFSVYPAPQISTAVVEPYNSILTTHTTLEHSDCAFMVDNEAIYDICNRNLDIERPTYTNLNRLIGQIVSSITAS
LRFDGALNVDLTEFQTNLVPYPRIHFPLVTYSPIISAEKAYHEQLSVPEITNACFEYSNQMVKCDPRRGKYMACCLLYRG
DVVPKDVNAAIAAIKTRRSIQFVDWCPTGFKVGINYQPPTVVPGGDLAKVQRAVCMLSNTTAIAEAWARLDHKFDLMYSK
RAFVHWYVGEGMEEGEFSEAREDMAALEKDYEEVGTESGDGGDEEEDEY
;
a,b,c,d,e,f
#
loop_
_chem_comp.id
_chem_comp.type
_chem_comp.name
_chem_comp.formula
GDP RNA linking GUANOSINE-5'-DIPHOSPHATE 'C10 H15 N5 O11 P2'
GTP non-polymer GUANOSINE-5'-TRIPHOSPHATE 'C10 H16 N5 O14 P3'
MG non-polymer 'MAGNESIUM ION' 'Mg 2'
#
# COMPACT_ATOMS: atom_id res chain seq x y z
N MET A 1 -37.69 26.75 20.10
CA MET A 1 -37.00 28.06 19.95
C MET A 1 -37.86 29.19 20.51
N ARG A 2 -37.43 29.73 21.66
CA ARG A 2 -38.11 30.85 22.31
C ARG A 2 -39.58 30.51 22.59
N GLU A 3 -39.75 29.50 23.44
CA GLU A 3 -41.07 29.00 23.79
C GLU A 3 -41.70 29.87 24.87
N ILE A 4 -43.01 30.07 24.77
CA ILE A 4 -43.79 30.80 25.75
C ILE A 4 -44.83 29.87 26.33
N VAL A 5 -45.00 29.92 27.65
CA VAL A 5 -46.01 29.14 28.36
C VAL A 5 -47.00 30.12 28.97
N HIS A 6 -48.29 29.86 28.75
CA HIS A 6 -49.35 30.80 29.09
C HIS A 6 -50.02 30.38 30.40
N LEU A 7 -50.19 31.35 31.29
CA LEU A 7 -50.90 31.17 32.55
C LEU A 7 -52.11 32.08 32.57
N GLN A 8 -53.26 31.54 33.01
CA GLN A 8 -54.46 32.34 33.16
C GLN A 8 -55.15 31.94 34.47
N ALA A 9 -55.43 32.93 35.30
CA ALA A 9 -55.99 32.70 36.62
C ALA A 9 -57.19 33.61 36.83
N GLY A 10 -58.13 33.15 37.65
CA GLY A 10 -59.31 33.92 37.94
C GLY A 10 -60.37 33.84 36.87
N GLN A 11 -61.56 34.37 37.14
CA GLN A 11 -62.62 34.33 36.12
C GLN A 11 -62.25 35.19 34.92
N CYS A 12 -61.72 36.39 35.17
CA CYS A 12 -61.32 37.26 34.07
C CYS A 12 -60.20 36.64 33.25
N GLY A 13 -59.23 36.02 33.92
CA GLY A 13 -58.09 35.46 33.20
C GLY A 13 -58.50 34.38 32.22
N ASN A 14 -59.34 33.44 32.66
CA ASN A 14 -59.73 32.33 31.80
C ASN A 14 -60.51 32.82 30.60
N GLN A 15 -61.45 33.74 30.80
CA GLN A 15 -62.23 34.27 29.69
C GLN A 15 -61.35 35.01 28.70
N ILE A 16 -60.41 35.82 29.21
CA ILE A 16 -59.43 36.45 28.33
C ILE A 16 -58.54 35.38 27.69
N GLY A 17 -58.05 34.45 28.51
CA GLY A 17 -57.36 33.29 27.95
C GLY A 17 -58.16 32.59 26.87
N ALA A 18 -59.45 32.36 27.12
CA ALA A 18 -60.26 31.60 26.17
C ALA A 18 -60.31 32.29 24.81
N LYS A 19 -60.50 33.62 24.82
CA LYS A 19 -60.51 34.37 23.57
C LYS A 19 -59.09 34.69 23.11
N PHE A 20 -58.09 34.35 23.92
CA PHE A 20 -56.70 34.55 23.52
C PHE A 20 -56.25 33.45 22.57
N TRP A 21 -56.78 32.24 22.75
CA TRP A 21 -56.43 31.11 21.90
C TRP A 21 -57.33 30.98 20.69
N GLU A 22 -58.55 31.53 20.74
CA GLU A 22 -59.39 31.56 19.54
C GLU A 22 -58.78 32.48 18.48
N VAL A 23 -57.99 33.46 18.89
CA VAL A 23 -57.34 34.36 17.94
C VAL A 23 -56.09 33.72 17.37
N ILE A 24 -55.24 33.18 18.23
CA ILE A 24 -53.99 32.57 17.77
C ILE A 24 -54.29 31.38 16.87
N SER A 25 -55.23 30.52 17.28
CA SER A 25 -55.60 29.39 16.45
C SER A 25 -56.09 29.84 15.08
N ASP A 26 -56.68 31.03 15.00
CA ASP A 26 -57.10 31.57 13.71
C ASP A 26 -55.90 32.03 12.89
N GLU A 27 -54.89 32.60 13.55
CA GLU A 27 -53.72 33.07 12.81
C GLU A 27 -52.96 31.91 12.19
N HIS A 28 -52.79 30.81 12.93
CA HIS A 28 -52.06 29.66 12.45
C HIS A 28 -52.95 28.66 11.70
N GLY A 29 -54.22 28.97 11.53
CA GLY A 29 -55.12 28.06 10.82
C GLY A 29 -55.30 26.73 11.52
N ILE A 30 -55.46 26.74 12.84
CA ILE A 30 -55.61 25.54 13.63
C ILE A 30 -57.08 25.33 13.93
N ASP A 31 -57.62 24.17 13.52
CA ASP A 31 -59.01 23.85 13.77
C ASP A 31 -59.24 23.67 15.27
N PRO A 32 -60.45 23.98 15.76
CA PRO A 32 -60.72 23.78 17.19
C PRO A 32 -60.35 22.40 17.70
N THR A 33 -60.43 21.36 16.86
CA THR A 33 -60.02 20.03 17.28
C THR A 33 -58.52 19.91 17.48
N GLY A 34 -57.74 20.90 17.03
CA GLY A 34 -56.29 20.78 17.06
C GLY A 34 -55.65 20.33 15.77
N THR A 35 -56.40 20.29 14.67
CA THR A 35 -55.88 19.84 13.38
C THR A 35 -55.56 21.04 12.51
N TYR A 36 -54.36 21.04 11.93
CA TYR A 36 -53.93 22.16 11.11
C TYR A 36 -54.57 22.14 9.74
N HIS A 37 -55.10 23.29 9.33
CA HIS A 37 -55.67 23.45 7.99
C HIS A 37 -55.25 24.77 7.35
N GLY A 38 -54.12 25.34 7.77
CA GLY A 38 -53.69 26.62 7.26
C GLY A 38 -53.22 26.54 5.82
N ASP A 39 -52.91 27.73 5.28
CA ASP A 39 -52.48 27.86 3.90
C ASP A 39 -51.01 28.21 3.75
N SER A 40 -50.44 29.01 4.66
CA SER A 40 -49.08 29.49 4.55
C SER A 40 -48.17 28.66 5.46
N ASP A 41 -46.95 28.39 4.96
CA ASP A 41 -46.03 27.54 5.68
C ASP A 41 -45.48 28.21 6.94
N LEU A 42 -45.42 29.55 6.95
CA LEU A 42 -44.86 30.24 8.11
C LEU A 42 -45.64 29.92 9.38
N GLN A 43 -46.92 29.56 9.25
CA GLN A 43 -47.72 29.21 10.42
C GLN A 43 -47.12 28.02 11.15
N LEU A 44 -46.67 27.01 10.41
CA LEU A 44 -46.09 25.83 11.05
C LEU A 44 -44.67 26.09 11.54
N GLU A 45 -43.93 26.96 10.86
CA GLU A 45 -42.52 27.15 11.18
C GLU A 45 -42.33 27.55 12.65
N ARG A 46 -43.26 28.31 13.21
CA ARG A 46 -43.18 28.75 14.60
C ARG A 46 -44.38 28.32 15.41
N ILE A 47 -45.14 27.33 14.93
CA ILE A 47 -46.32 26.87 15.67
C ILE A 47 -45.92 26.30 17.02
N ASN A 48 -44.66 25.92 17.18
CA ASN A 48 -44.17 25.37 18.43
C ASN A 48 -43.98 26.43 19.50
N VAL A 49 -44.19 27.71 19.18
CA VAL A 49 -44.02 28.77 20.17
C VAL A 49 -45.12 28.72 21.21
N TYR A 50 -46.34 28.40 20.79
CA TYR A 50 -47.49 28.26 21.67
C TYR A 50 -48.04 26.84 21.73
N TYR A 51 -48.02 26.12 20.62
CA TYR A 51 -48.67 24.82 20.52
C TYR A 51 -47.62 23.71 20.55
N ASN A 52 -47.85 22.72 21.42
CA ASN A 52 -47.08 21.48 21.35
C ASN A 52 -47.69 20.62 20.24
N GLU A 53 -47.33 19.34 20.19
CA GLU A 53 -47.75 18.49 19.08
C GLU A 53 -47.93 17.06 19.56
N ALA A 54 -48.93 16.39 18.99
CA ALA A 54 -49.18 14.98 19.23
C ALA A 54 -49.45 14.30 17.90
N THR A 55 -48.95 13.07 17.76
CA THR A 55 -49.01 12.36 16.50
C THR A 55 -50.41 12.46 15.89
N GLY A 56 -50.47 12.58 14.57
CA GLY A 56 -51.72 12.81 13.88
C GLY A 56 -52.04 14.26 13.62
N GLY A 57 -51.14 15.18 13.98
CA GLY A 57 -51.35 16.60 13.74
C GLY A 57 -52.03 17.35 14.86
N LYS A 58 -52.44 16.66 15.93
CA LYS A 58 -53.10 17.32 17.06
C LYS A 58 -52.11 18.26 17.74
N TYR A 59 -52.39 19.56 17.70
CA TYR A 59 -51.55 20.57 18.32
C TYR A 59 -52.16 20.96 19.66
N VAL A 60 -51.36 20.80 20.72
CA VAL A 60 -51.82 21.06 22.08
C VAL A 60 -51.28 22.40 22.56
N PRO A 61 -52.11 23.43 22.73
CA PRO A 61 -51.62 24.68 23.30
C PRO A 61 -51.30 24.52 24.78
N ARG A 62 -50.06 24.84 25.14
CA ARG A 62 -49.62 24.79 26.53
C ARG A 62 -50.07 26.06 27.24
N ALA A 63 -51.34 26.07 27.58
CA ALA A 63 -51.87 27.00 28.55
C ALA A 63 -52.11 26.27 29.86
N VAL A 64 -51.95 26.97 30.97
CA VAL A 64 -52.27 26.42 32.29
C VAL A 64 -53.40 27.25 32.86
N LEU A 65 -54.56 26.61 33.03
CA LEU A 65 -55.78 27.26 33.46
C LEU A 65 -56.03 26.89 34.91
N VAL A 66 -56.06 27.88 35.79
CA VAL A 66 -56.20 27.67 37.22
C VAL A 66 -57.29 28.57 37.75
N ASP A 67 -58.19 28.02 38.56
CA ASP A 67 -59.18 28.79 39.27
C ASP A 67 -59.60 28.00 40.50
N LEU A 68 -60.09 28.71 41.51
CA LEU A 68 -60.43 28.11 42.79
C LEU A 68 -61.84 27.53 42.83
N GLU A 69 -62.61 27.67 41.75
CA GLU A 69 -63.92 27.03 41.68
C GLU A 69 -64.16 26.55 40.26
N PRO A 70 -64.81 25.40 40.06
CA PRO A 70 -64.96 24.85 38.70
C PRO A 70 -65.85 25.67 37.78
N GLY A 71 -66.61 26.62 38.31
CA GLY A 71 -67.61 27.33 37.52
C GLY A 71 -67.12 27.82 36.17
N THR A 72 -66.17 28.76 36.17
CA THR A 72 -65.75 29.36 34.90
C THR A 72 -65.10 28.35 33.98
N MET A 73 -64.25 27.47 34.52
CA MET A 73 -63.51 26.54 33.67
C MET A 73 -64.45 25.54 33.00
N ASP A 74 -65.49 25.10 33.71
CA ASP A 74 -66.47 24.21 33.10
C ASP A 74 -67.08 24.85 31.86
N SER A 75 -67.29 26.16 31.88
CA SER A 75 -67.78 26.85 30.69
C SER A 75 -66.76 26.78 29.56
N VAL A 76 -65.48 27.00 29.87
CA VAL A 76 -64.44 26.91 28.85
C VAL A 76 -64.37 25.50 28.29
N ARG A 77 -64.41 24.50 29.17
CA ARG A 77 -64.36 23.12 28.72
C ARG A 77 -65.54 22.80 27.81
N SER A 78 -66.73 23.26 28.17
CA SER A 78 -67.90 23.02 27.35
C SER A 78 -67.98 23.96 26.16
N GLY A 79 -67.23 25.06 26.17
CA GLY A 79 -67.10 25.91 25.01
C GLY A 79 -66.82 25.13 23.74
N PRO A 80 -67.10 25.75 22.59
CA PRO A 80 -66.73 25.09 21.32
C PRO A 80 -65.23 24.90 21.17
N PHE A 81 -64.44 25.79 21.75
CA PHE A 81 -63.00 25.76 21.64
C PHE A 81 -62.34 25.09 22.84
N GLY A 82 -63.12 24.49 23.73
CA GLY A 82 -62.57 23.83 24.89
C GLY A 82 -62.02 22.44 24.66
N GLN A 83 -62.25 21.87 23.48
CA GLN A 83 -61.73 20.56 23.14
C GLN A 83 -60.24 20.56 22.87
N ILE A 84 -59.62 21.74 22.75
CA ILE A 84 -58.22 21.82 22.36
C ILE A 84 -57.29 21.67 23.54
N PHE A 85 -57.64 22.24 24.69
CA PHE A 85 -56.75 22.23 25.84
C PHE A 85 -56.54 20.82 26.35
N ARG A 86 -55.34 20.57 26.88
CA ARG A 86 -55.03 19.28 27.48
C ARG A 86 -55.81 19.17 28.78
N PRO A 87 -56.67 18.16 28.94
CA PRO A 87 -57.47 18.06 30.17
C PRO A 87 -56.65 18.14 31.45
N ASP A 88 -55.40 17.68 31.39
CA ASP A 88 -54.53 17.71 32.54
C ASP A 88 -54.13 19.12 32.96
N ASN A 89 -54.36 20.12 32.10
CA ASN A 89 -53.93 21.47 32.42
C ASN A 89 -54.92 22.18 33.34
N PHE A 90 -56.21 22.00 33.10
CA PHE A 90 -57.21 22.57 34.01
C PHE A 90 -56.91 22.19 35.45
N VAL A 91 -56.62 23.18 36.27
CA VAL A 91 -56.42 22.99 37.71
C VAL A 91 -57.57 23.68 38.42
N PHE A 92 -58.51 22.89 38.91
CA PHE A 92 -59.73 23.40 39.52
C PHE A 92 -59.79 23.01 40.99
N GLY A 93 -60.23 23.95 41.81
CA GLY A 93 -60.46 23.71 43.22
C GLY A 93 -61.90 23.32 43.49
N GLN A 94 -62.30 23.48 44.75
CA GLN A 94 -63.67 23.18 45.17
C GLN A 94 -64.25 24.21 46.11
N SER A 95 -63.52 25.27 46.45
CA SER A 95 -64.03 26.35 47.27
C SER A 95 -63.40 27.64 46.76
N GLY A 96 -64.14 28.36 45.91
CA GLY A 96 -63.62 29.57 45.30
C GLY A 96 -63.39 30.67 46.32
N ALA A 97 -62.59 31.65 45.91
CA ALA A 97 -62.25 32.78 46.76
C ALA A 97 -63.37 33.82 46.72
N GLY A 98 -63.71 34.36 47.89
CA GLY A 98 -64.77 35.34 47.97
C GLY A 98 -64.27 36.76 47.82
N ASN A 99 -63.40 36.98 46.84
CA ASN A 99 -62.80 38.27 46.51
C ASN A 99 -61.88 38.78 47.61
N ASN A 100 -61.56 37.97 48.62
CA ASN A 100 -60.63 38.38 49.67
C ASN A 100 -59.24 37.87 49.33
N TRP A 101 -58.28 38.79 49.27
CA TRP A 101 -56.94 38.47 48.84
C TRP A 101 -56.29 37.41 49.72
N ALA A 102 -56.54 37.46 51.02
CA ALA A 102 -55.86 36.56 51.95
C ALA A 102 -56.23 35.10 51.65
N LYS A 103 -57.50 34.83 51.39
CA LYS A 103 -57.92 33.45 51.16
C LYS A 103 -57.25 32.87 49.92
N GLY A 104 -57.21 33.63 48.83
CA GLY A 104 -56.57 33.17 47.61
C GLY A 104 -55.07 33.23 47.62
N HIS A 105 -54.48 33.76 48.69
CA HIS A 105 -53.03 33.89 48.81
C HIS A 105 -52.44 33.11 49.97
N TYR A 106 -53.18 32.93 51.07
CA TYR A 106 -52.67 32.25 52.25
C TYR A 106 -53.33 30.89 52.52
N THR A 107 -54.65 30.85 52.62
CA THR A 107 -55.33 29.66 53.12
C THR A 107 -55.83 28.73 52.03
N GLU A 108 -56.19 29.25 50.85
CA GLU A 108 -56.78 28.46 49.79
C GLU A 108 -55.89 28.33 48.57
N GLY A 109 -55.25 29.42 48.15
CA GLY A 109 -54.27 29.31 47.08
C GLY A 109 -53.08 28.46 47.48
N ALA A 110 -52.68 28.53 48.76
CA ALA A 110 -51.55 27.72 49.22
C ALA A 110 -51.81 26.23 49.02
N GLU A 111 -53.07 25.80 49.19
CA GLU A 111 -53.37 24.37 49.06
C GLU A 111 -53.35 23.93 47.61
N LEU A 112 -53.63 24.85 46.67
CA LEU A 112 -53.77 24.50 45.27
C LEU A 112 -52.55 24.88 44.43
N VAL A 113 -51.65 25.70 44.96
CA VAL A 113 -50.55 26.23 44.14
C VAL A 113 -49.58 25.12 43.79
N ASP A 114 -49.30 24.23 44.73
CA ASP A 114 -48.35 23.15 44.48
C ASP A 114 -48.77 22.31 43.29
N SER A 115 -50.08 22.14 43.09
CA SER A 115 -50.56 21.35 41.95
C SER A 115 -50.25 22.05 40.63
N VAL A 116 -50.29 23.38 40.59
CA VAL A 116 -50.11 24.10 39.35
C VAL A 116 -48.67 23.99 38.87
N LEU A 117 -47.70 24.16 39.78
CA LEU A 117 -46.30 24.06 39.39
C LEU A 117 -46.00 22.69 38.79
N ASP A 118 -46.65 21.64 39.30
CA ASP A 118 -46.50 20.32 38.70
C ASP A 118 -46.94 20.29 37.24
N VAL A 119 -47.76 21.24 36.83
CA VAL A 119 -48.21 21.31 35.43
C VAL A 119 -47.40 22.32 34.63
N VAL A 120 -46.88 23.36 35.28
CA VAL A 120 -46.00 24.30 34.59
C VAL A 120 -44.68 23.62 34.26
N ARG A 121 -44.11 22.88 35.20
CA ARG A 121 -42.80 22.27 35.00
C ARG A 121 -42.82 21.31 33.82
N LYS A 122 -43.89 20.54 33.67
CA LYS A 122 -44.01 19.66 32.52
C LYS A 122 -44.02 20.45 31.21
N GLU A 123 -44.76 21.56 31.19
CA GLU A 123 -44.74 22.42 30.02
C GLU A 123 -43.45 23.24 29.94
N ALA A 124 -42.68 23.26 31.03
CA ALA A 124 -41.43 24.01 31.03
C ALA A 124 -40.28 23.14 30.52
N GLU A 125 -40.26 21.87 30.91
CA GLU A 125 -39.23 20.95 30.45
C GLU A 125 -39.52 20.38 29.08
N SER A 126 -40.70 20.62 28.52
CA SER A 126 -41.03 20.18 27.17
C SER A 126 -40.65 21.22 26.13
N CYS A 127 -40.03 22.32 26.53
CA CYS A 127 -39.61 23.39 25.63
C CYS A 127 -38.09 23.42 25.58
N ASP A 128 -37.53 23.48 24.37
CA ASP A 128 -36.08 23.41 24.23
C ASP A 128 -35.42 24.72 24.64
N CYS A 129 -36.00 25.86 24.27
CA CYS A 129 -35.60 27.14 24.87
C CYS A 129 -36.86 27.84 25.36
N LEU A 130 -37.07 27.85 26.67
CA LEU A 130 -38.22 28.54 27.24
C LEU A 130 -37.87 30.01 27.43
N GLN A 131 -38.56 30.89 26.70
CA GLN A 131 -38.26 32.31 26.80
C GLN A 131 -38.79 32.91 28.10
N GLY A 132 -40.10 32.96 28.26
CA GLY A 132 -40.66 33.44 29.50
C GLY A 132 -42.11 33.04 29.63
N PHE A 133 -42.65 33.26 30.83
CA PHE A 133 -44.02 32.93 31.15
C PHE A 133 -44.94 34.10 30.80
N GLN A 134 -46.23 33.79 30.67
CA GLN A 134 -47.27 34.79 30.40
C GLN A 134 -48.41 34.57 31.37
N LEU A 135 -48.93 35.66 31.93
CA LEU A 135 -49.96 35.59 32.96
C LEU A 135 -51.06 36.61 32.69
N THR A 136 -52.31 36.18 32.88
CA THR A 136 -53.49 37.02 32.69
C THR A 136 -54.41 36.83 33.89
N HIS A 137 -54.72 37.93 34.58
CA HIS A 137 -55.53 37.86 35.79
C HIS A 137 -56.16 39.23 36.03
N SER A 138 -56.79 39.39 37.19
CA SER A 138 -57.41 40.63 37.60
C SER A 138 -56.98 40.97 39.02
N LEU A 139 -56.60 42.23 39.24
CA LEU A 139 -56.16 42.64 40.57
C LEU A 139 -57.33 42.74 41.54
N GLY A 140 -58.49 43.17 41.07
CA GLY A 140 -59.61 43.41 41.97
C GLY A 140 -60.08 42.14 42.67
N GLY A 141 -60.21 41.05 41.91
CA GLY A 141 -60.72 39.82 42.46
C GLY A 141 -59.83 39.20 43.52
N GLY A 142 -60.18 37.99 43.95
CA GLY A 142 -59.39 37.29 44.94
C GLY A 142 -58.49 36.24 44.34
N THR A 143 -59.00 35.52 43.34
CA THR A 143 -58.22 34.46 42.72
C THR A 143 -57.18 35.01 41.75
N GLY A 144 -57.53 36.07 41.00
CA GLY A 144 -56.57 36.65 40.09
C GLY A 144 -55.50 37.44 40.81
N SER A 145 -55.76 37.83 42.05
CA SER A 145 -54.78 38.57 42.84
C SER A 145 -54.08 37.67 43.84
N GLY A 146 -54.85 37.00 44.71
CA GLY A 146 -54.27 36.10 45.68
C GLY A 146 -53.38 35.04 45.09
N MET A 147 -53.96 34.11 44.34
CA MET A 147 -53.18 33.02 43.76
C MET A 147 -52.33 33.50 42.59
N GLY A 148 -52.82 34.46 41.80
CA GLY A 148 -52.02 35.00 40.73
C GLY A 148 -50.72 35.58 41.23
N THR A 149 -50.78 36.40 42.29
CA THR A 149 -49.57 36.92 42.88
C THR A 149 -48.76 35.83 43.58
N LEU A 150 -49.44 34.85 44.17
CA LEU A 150 -48.74 33.72 44.77
C LEU A 150 -48.01 32.91 43.71
N LEU A 151 -48.66 32.67 42.58
CA LEU A 151 -48.04 31.87 41.52
C LEU A 151 -46.90 32.62 40.84
N ILE A 152 -47.11 33.91 40.56
CA ILE A 152 -46.07 34.69 39.91
C ILE A 152 -44.84 34.79 40.81
N SER A 153 -45.05 34.83 42.13
CA SER A 153 -43.92 34.83 43.05
C SER A 153 -43.16 33.51 42.98
N LYS A 154 -43.87 32.39 42.91
CA LYS A 154 -43.21 31.09 42.87
C LYS A 154 -42.38 30.92 41.60
N ILE A 155 -42.98 31.19 40.44
CA ILE A 155 -42.27 31.04 39.18
C ILE A 155 -41.10 32.00 39.06
N ARG A 156 -41.10 33.08 39.84
CA ARG A 156 -39.93 33.94 39.92
C ARG A 156 -38.78 33.26 40.63
N GLU A 157 -39.08 32.45 41.64
CA GLU A 157 -38.01 31.78 42.40
C GLU A 157 -37.29 30.75 41.54
N GLU A 158 -38.05 29.91 40.83
CA GLU A 158 -37.44 28.84 40.04
C GLU A 158 -36.84 29.38 38.75
N TYR A 159 -37.48 30.37 38.13
CA TYR A 159 -37.09 30.90 36.83
C TYR A 159 -36.81 32.39 36.98
N PRO A 160 -35.84 32.77 37.82
CA PRO A 160 -35.52 34.19 37.96
C PRO A 160 -35.11 34.86 36.66
N ASP A 161 -34.37 34.15 35.81
CA ASP A 161 -33.86 34.75 34.58
C ASP A 161 -34.92 34.89 33.51
N ARG A 162 -35.86 33.96 33.44
CA ARG A 162 -36.85 33.96 32.37
C ARG A 162 -37.76 35.19 32.46
N ILE A 163 -38.27 35.60 31.30
CA ILE A 163 -39.20 36.72 31.24
C ILE A 163 -40.54 36.31 31.82
N MET A 164 -41.28 37.29 32.34
CA MET A 164 -42.62 37.04 32.86
C MET A 164 -43.43 38.33 32.69
N ASN A 165 -44.23 38.39 31.64
CA ASN A 165 -45.08 39.54 31.36
C ASN A 165 -46.51 39.26 31.80
N THR A 166 -47.19 40.31 32.25
CA THR A 166 -48.52 40.19 32.80
C THR A 166 -49.46 41.16 32.09
N PHE A 167 -50.57 40.64 31.58
CA PHE A 167 -51.69 41.43 31.11
C PHE A 167 -52.74 41.38 32.21
N SER A 168 -52.89 42.48 32.94
CA SER A 168 -53.69 42.52 34.16
C SER A 168 -54.74 43.61 34.09
N VAL A 169 -55.95 43.27 34.50
CA VAL A 169 -57.05 44.22 34.58
C VAL A 169 -56.92 45.00 35.88
N VAL A 170 -57.05 46.32 35.78
CA VAL A 170 -56.85 47.22 36.91
C VAL A 170 -58.20 47.81 37.29
N PRO A 171 -58.46 48.09 38.56
CA PRO A 171 -59.75 48.67 38.94
C PRO A 171 -60.00 49.99 38.21
N SER A 172 -61.24 50.20 37.82
CA SER A 172 -61.63 51.39 37.08
C SER A 172 -61.59 52.62 37.97
N PRO A 173 -61.37 53.81 37.39
CA PRO A 173 -61.21 55.01 38.23
C PRO A 173 -62.44 55.37 39.05
N LYS A 174 -63.64 55.14 38.52
CA LYS A 174 -64.86 55.59 39.19
C LYS A 174 -65.91 54.49 39.40
N VAL A 175 -66.03 53.54 38.48
CA VAL A 175 -66.97 52.43 38.63
C VAL A 175 -66.22 51.27 39.27
N SER A 176 -66.95 50.39 39.96
CA SER A 176 -66.30 49.25 40.59
C SER A 176 -67.29 48.10 40.68
N ASP A 177 -66.85 46.92 40.25
CA ASP A 177 -67.63 45.70 40.34
C ASP A 177 -67.33 44.93 41.62
N THR A 178 -66.57 45.51 42.53
CA THR A 178 -66.29 44.88 43.82
C THR A 178 -65.98 45.97 44.84
N VAL A 179 -66.31 45.69 46.10
CA VAL A 179 -66.19 46.69 47.14
C VAL A 179 -64.78 46.74 47.72
N VAL A 180 -64.08 45.61 47.71
CA VAL A 180 -62.78 45.51 48.34
C VAL A 180 -61.63 45.68 47.34
N GLU A 181 -61.91 46.27 46.17
CA GLU A 181 -60.87 46.45 45.16
C GLU A 181 -59.62 47.17 45.67
N PRO A 182 -59.71 48.17 46.54
CA PRO A 182 -58.48 48.83 46.99
C PRO A 182 -57.61 47.89 47.80
N TYR A 183 -58.18 47.19 48.78
CA TYR A 183 -57.42 46.20 49.53
C TYR A 183 -56.76 45.17 48.60
N ASN A 184 -57.56 44.56 47.72
CA ASN A 184 -57.01 43.53 46.84
C ASN A 184 -55.97 44.12 45.88
N ALA A 185 -56.30 45.26 45.26
CA ALA A 185 -55.38 45.85 44.30
C ALA A 185 -54.10 46.30 44.98
N THR A 186 -54.22 46.95 46.14
CA THR A 186 -53.03 47.46 46.82
C THR A 186 -52.07 46.34 47.18
N LEU A 187 -52.59 45.24 47.70
CA LEU A 187 -51.72 44.10 48.04
C LEU A 187 -51.09 43.50 46.78
N SER A 188 -51.84 43.45 45.69
CA SER A 188 -51.34 42.85 44.46
C SER A 188 -50.18 43.66 43.89
N VAL A 189 -50.30 44.99 43.88
CA VAL A 189 -49.22 45.82 43.35
C VAL A 189 -47.97 45.67 44.19
N HIS A 190 -48.12 45.66 45.52
CA HIS A 190 -46.96 45.50 46.38
C HIS A 190 -46.23 44.19 46.11
N GLN A 191 -46.91 43.22 45.50
CA GLN A 191 -46.38 41.90 45.27
C GLN A 191 -45.89 41.71 43.84
N LEU A 192 -46.35 42.53 42.90
CA LEU A 192 -45.89 42.45 41.52
C LEU A 192 -44.60 43.25 41.32
N VAL A 193 -44.51 44.42 41.94
CA VAL A 193 -43.37 45.32 41.74
C VAL A 193 -42.05 44.59 41.92
N GLU A 194 -42.03 43.52 42.69
CA GLU A 194 -40.81 42.80 43.01
C GLU A 194 -40.58 41.56 42.14
N ASN A 195 -41.57 41.16 41.34
CA ASN A 195 -41.49 39.88 40.66
C ASN A 195 -41.70 39.98 39.15
N THR A 196 -42.63 40.83 38.72
CA THR A 196 -43.04 40.90 37.32
C THR A 196 -42.10 41.83 36.54
N ASP A 197 -41.62 41.35 35.40
CA ASP A 197 -40.72 42.15 34.57
C ASP A 197 -41.47 43.26 33.85
N GLU A 198 -42.66 42.98 33.32
CA GLU A 198 -43.45 44.00 32.64
C GLU A 198 -44.93 43.70 32.84
N THR A 199 -45.70 44.74 33.11
CA THR A 199 -47.13 44.63 33.35
C THR A 199 -47.87 45.57 32.41
N TYR A 200 -48.99 45.11 31.87
CA TYR A 200 -49.81 45.86 30.92
C TYR A 200 -51.11 46.23 31.62
N CYS A 201 -51.13 47.38 32.28
CA CYS A 201 -52.30 47.82 33.02
C CYS A 201 -53.41 48.21 32.07
N ILE A 202 -54.57 47.55 32.21
CA ILE A 202 -55.76 47.87 31.43
C ILE A 202 -56.96 47.87 32.36
N ASP A 203 -58.00 48.58 31.94
CA ASP A 203 -59.23 48.71 32.72
C ASP A 203 -60.42 48.74 31.79
N ASN A 204 -61.53 48.15 32.27
CA ASN A 204 -62.74 48.08 31.46
C ASN A 204 -63.26 49.47 31.08
N GLU A 205 -63.28 50.41 32.03
CA GLU A 205 -63.87 51.71 31.74
C GLU A 205 -63.24 52.35 30.51
N ALA A 206 -61.91 52.39 30.46
CA ALA A 206 -61.24 52.94 29.28
C ALA A 206 -61.54 52.09 28.05
N LEU A 207 -61.55 50.77 28.21
CA LEU A 207 -61.82 49.88 27.10
C LEU A 207 -63.29 49.93 26.66
N TYR A 208 -64.21 50.23 27.58
CA TYR A 208 -65.58 50.53 27.19
C TYR A 208 -65.61 51.71 26.23
N ASP A 209 -64.82 52.74 26.53
CA ASP A 209 -64.85 53.95 25.73
C ASP A 209 -64.58 53.66 24.26
N ILE A 210 -63.71 52.69 23.98
CA ILE A 210 -63.41 52.34 22.59
C ILE A 210 -64.65 51.80 21.90
N CYS A 211 -65.45 51.02 22.63
CA CYS A 211 -66.58 50.34 22.00
C CYS A 211 -67.53 51.33 21.34
N PHE A 212 -68.02 52.32 22.10
CA PHE A 212 -69.01 53.23 21.57
C PHE A 212 -68.40 54.48 20.92
N ARG A 213 -67.19 54.88 21.31
CA ARG A 213 -66.66 56.15 20.82
C ARG A 213 -66.03 56.00 19.43
N THR A 214 -64.97 55.18 19.31
CA THR A 214 -64.33 54.97 18.02
C THR A 214 -65.01 53.88 17.20
N LEU A 215 -65.47 52.81 17.85
CA LEU A 215 -66.41 51.90 17.25
C LEU A 215 -67.83 52.33 17.58
N LYS A 216 -68.79 51.68 16.93
CA LYS A 216 -70.21 51.98 17.16
C LYS A 216 -70.93 50.65 17.35
N LEU A 217 -70.76 50.06 18.55
CA LEU A 217 -71.33 48.77 18.85
C LEU A 217 -71.58 48.73 20.37
N THR A 218 -72.85 48.90 20.75
CA THR A 218 -73.22 49.02 22.15
C THR A 218 -73.57 47.68 22.80
N THR A 219 -73.95 46.67 22.03
CA THR A 219 -74.50 45.45 22.63
C THR A 219 -73.50 44.72 23.52
N PRO A 220 -72.27 44.43 23.08
CA PRO A 220 -71.39 43.56 23.85
C PRO A 220 -70.47 44.29 24.81
N THR A 221 -70.17 43.61 25.91
CA THR A 221 -69.15 44.07 26.85
C THR A 221 -67.99 43.10 26.98
N TYR A 222 -68.25 41.85 27.35
CA TYR A 222 -67.18 40.90 27.68
C TYR A 222 -66.80 40.00 26.52
N GLY A 223 -67.69 39.79 25.55
CA GLY A 223 -67.34 38.99 24.40
C GLY A 223 -66.41 39.69 23.44
N ASP A 224 -66.31 41.02 23.53
CA ASP A 224 -65.52 41.80 22.58
C ASP A 224 -64.36 42.56 23.22
N LEU A 225 -64.55 43.13 24.42
CA LEU A 225 -63.43 43.73 25.12
C LEU A 225 -62.28 42.74 25.25
N ASN A 226 -62.59 41.47 25.55
CA ASN A 226 -61.56 40.45 25.61
C ASN A 226 -60.91 40.23 24.26
N HIS A 227 -61.63 40.48 23.17
CA HIS A 227 -61.09 40.25 21.83
C HIS A 227 -60.14 41.37 21.44
N LEU A 228 -60.44 42.60 21.87
CA LEU A 228 -59.48 43.69 21.73
C LEU A 228 -58.23 43.40 22.55
N VAL A 229 -58.40 42.93 23.78
CA VAL A 229 -57.27 42.56 24.61
C VAL A 229 -56.47 41.44 23.96
N SER A 230 -57.17 40.43 23.44
CA SER A 230 -56.47 39.30 22.83
C SER A 230 -55.65 39.74 21.63
N ALA A 231 -56.20 40.64 20.80
CA ALA A 231 -55.45 41.14 19.67
C ALA A 231 -54.21 41.90 20.12
N THR A 232 -54.34 42.68 21.20
CA THR A 232 -53.20 43.45 21.70
C THR A 232 -52.06 42.54 22.12
N MET A 233 -52.36 41.55 22.97
CA MET A 233 -51.30 40.66 23.45
C MET A 233 -50.74 39.79 22.33
N SER A 234 -51.57 39.46 21.34
CA SER A 234 -51.06 38.71 20.19
C SER A 234 -50.05 39.53 19.41
N GLY A 235 -50.30 40.83 19.25
CA GLY A 235 -49.35 41.69 18.58
C GLY A 235 -47.98 41.70 19.24
N VAL A 236 -47.96 41.63 20.57
CA VAL A 236 -46.70 41.75 21.30
C VAL A 236 -45.80 40.56 21.00
N THR A 237 -46.38 39.38 20.82
CA THR A 237 -45.65 38.14 20.63
C THR A 237 -45.57 37.72 19.18
N THR A 238 -45.90 38.62 18.25
CA THR A 238 -45.91 38.25 16.84
C THR A 238 -44.50 38.01 16.30
N CYS A 239 -43.54 38.81 16.76
CA CYS A 239 -42.18 38.69 16.23
C CYS A 239 -41.59 37.31 16.48
N LEU A 240 -42.04 36.62 17.52
CA LEU A 240 -41.54 35.29 17.82
C LEU A 240 -42.23 34.20 17.01
N ARG A 241 -43.16 34.56 16.13
CA ARG A 241 -43.96 33.59 15.39
C ARG A 241 -43.90 33.77 13.89
N PHE A 242 -43.58 34.96 13.39
CA PHE A 242 -43.56 35.24 11.97
C PHE A 242 -42.32 36.05 11.63
N PRO A 243 -41.84 35.98 10.39
CA PRO A 243 -40.66 36.77 10.02
C PRO A 243 -40.95 38.26 10.03
N GLY A 244 -39.91 39.03 10.29
CA GLY A 244 -40.04 40.48 10.33
C GLY A 244 -38.75 41.16 9.94
N GLN A 245 -38.87 42.35 9.35
CA GLN A 245 -37.69 43.11 8.97
C GLN A 245 -36.87 43.50 10.19
N LEU A 246 -37.54 43.92 11.27
CA LEU A 246 -36.90 44.30 12.52
C LEU A 246 -37.58 43.52 13.64
N ASN A 247 -37.10 42.31 13.89
CA ASN A 247 -37.78 41.40 14.80
C ASN A 247 -37.61 41.86 16.24
N ALA A 248 -38.70 41.82 17.01
CA ALA A 248 -38.70 42.18 18.40
C ALA A 248 -38.93 40.95 19.29
N ASP A 249 -39.06 41.18 20.59
CA ASP A 249 -39.02 40.08 21.56
C ASP A 249 -39.41 40.64 22.92
N LEU A 250 -39.90 39.74 23.78
CA LEU A 250 -40.33 40.16 25.11
C LEU A 250 -39.19 40.81 25.88
N ARG A 251 -37.96 40.33 25.66
CA ARG A 251 -36.81 40.91 26.34
C ARG A 251 -36.41 42.24 25.70
N LYS A 252 -36.57 42.38 24.39
CA LYS A 252 -36.25 43.63 23.71
C LYS A 252 -37.13 44.77 24.21
N LEU A 253 -38.43 44.52 24.39
CA LEU A 253 -39.32 45.56 24.86
C LEU A 253 -39.06 45.90 26.32
N ALA A 254 -38.77 44.89 27.14
CA ALA A 254 -38.48 45.12 28.55
C ALA A 254 -37.30 46.07 28.73
N VAL A 255 -36.20 45.79 28.02
CA VAL A 255 -35.02 46.64 28.08
C VAL A 255 -35.35 48.05 27.59
N ASN A 256 -36.05 48.15 26.47
CA ASN A 256 -36.35 49.47 25.91
C ASN A 256 -37.36 50.21 26.77
N MET A 257 -38.33 49.50 27.34
CA MET A 257 -39.47 50.11 28.01
C MET A 257 -39.35 50.13 29.53
N VAL A 258 -38.27 49.62 30.10
CA VAL A 258 -38.12 49.56 31.54
C VAL A 258 -36.82 50.23 31.95
N PRO A 259 -36.80 51.54 32.15
CA PRO A 259 -35.55 52.19 32.61
C PRO A 259 -35.11 51.71 33.99
N PHE A 260 -36.03 51.64 34.94
CA PHE A 260 -35.72 51.23 36.31
C PHE A 260 -36.57 50.03 36.69
N PRO A 261 -36.06 49.18 37.60
CA PRO A 261 -36.78 47.92 37.89
C PRO A 261 -38.20 48.12 38.36
N ARG A 262 -38.46 49.17 39.14
CA ARG A 262 -39.77 49.37 39.75
C ARG A 262 -40.74 50.13 38.85
N LEU A 263 -40.29 50.58 37.68
CA LEU A 263 -41.15 51.28 36.72
C LEU A 263 -41.33 50.36 35.52
N HIS A 264 -42.33 49.48 35.59
CA HIS A 264 -42.58 48.53 34.52
C HIS A 264 -44.07 48.38 34.21
N PHE A 265 -44.91 49.30 34.67
CA PHE A 265 -46.35 49.24 34.44
C PHE A 265 -46.68 50.13 33.24
N PHE A 266 -47.00 49.49 32.12
CA PHE A 266 -47.29 50.20 30.88
C PHE A 266 -48.80 50.34 30.71
N MET A 267 -49.22 50.79 29.53
CA MET A 267 -50.63 50.88 29.18
C MET A 267 -50.77 50.70 27.67
N PRO A 268 -51.35 49.59 27.21
CA PRO A 268 -51.30 49.29 25.78
C PRO A 268 -52.28 50.11 24.94
N GLY A 269 -52.11 49.98 23.64
CA GLY A 269 -53.05 50.55 22.68
C GLY A 269 -52.96 49.79 21.38
N PHE A 270 -54.08 49.76 20.66
CA PHE A 270 -54.17 49.00 19.42
C PHE A 270 -54.83 49.86 18.34
N ALA A 271 -54.44 49.59 17.10
CA ALA A 271 -55.04 50.21 15.93
C ALA A 271 -54.91 49.25 14.77
N PRO A 272 -55.73 49.39 13.72
CA PRO A 272 -56.86 50.32 13.57
C PRO A 272 -58.11 49.84 14.31
N LEU A 273 -58.94 50.76 14.83
CA LEU A 273 -60.19 50.41 15.49
C LEU A 273 -61.29 51.23 14.81
N THR A 274 -61.80 50.72 13.70
CA THR A 274 -62.85 51.36 12.92
C THR A 274 -64.10 50.52 12.92
N SER A 275 -65.26 51.19 12.91
CA SER A 275 -66.52 50.49 12.74
C SER A 275 -66.66 49.98 11.32
N ARG A 276 -67.40 48.88 11.18
CA ARG A 276 -67.57 48.28 9.85
C ARG A 276 -68.18 49.25 8.86
N GLY A 277 -69.10 50.10 9.34
CA GLY A 277 -69.82 50.96 8.42
C GLY A 277 -69.02 52.19 8.01
N SER A 278 -68.16 52.68 8.89
CA SER A 278 -67.32 53.83 8.62
C SER A 278 -65.93 53.45 8.13
N GLN A 279 -65.64 52.16 7.99
CA GLN A 279 -64.29 51.74 7.60
C GLN A 279 -63.96 52.18 6.17
N GLN A 280 -64.94 52.09 5.27
CA GLN A 280 -64.71 52.44 3.87
C GLN A 280 -64.47 53.93 3.67
N TYR A 281 -64.70 54.76 4.69
CA TYR A 281 -64.44 56.18 4.62
C TYR A 281 -63.11 56.56 5.26
N ARG A 282 -62.15 55.64 5.26
CA ARG A 282 -60.88 55.88 5.92
C ARG A 282 -59.75 55.23 5.15
N ALA A 283 -58.62 55.91 5.08
CA ALA A 283 -57.40 55.38 4.51
C ALA A 283 -56.70 54.48 5.53
N LEU A 284 -56.02 53.45 5.01
CA LEU A 284 -55.29 52.49 5.83
C LEU A 284 -53.78 52.69 5.74
N THR A 285 -53.33 53.92 5.47
CA THR A 285 -51.92 54.20 5.34
C THR A 285 -51.27 54.35 6.71
N VAL A 286 -49.93 54.29 6.72
CA VAL A 286 -49.19 54.33 7.98
C VAL A 286 -49.43 55.63 8.74
N PRO A 287 -49.39 56.81 8.13
CA PRO A 287 -49.48 58.06 8.90
C PRO A 287 -50.69 58.09 9.82
N GLU A 288 -51.89 57.88 9.26
CA GLU A 288 -53.10 57.94 10.08
C GLU A 288 -53.07 56.88 11.17
N LEU A 289 -52.61 55.67 10.84
CA LEU A 289 -52.51 54.62 11.83
C LEU A 289 -51.75 55.08 13.06
N THR A 290 -50.66 55.81 12.86
CA THR A 290 -49.80 56.23 13.96
C THR A 290 -50.39 57.37 14.77
N GLN A 291 -51.29 58.17 14.19
CA GLN A 291 -51.81 59.33 14.88
C GLN A 291 -52.65 58.93 16.09
N GLN A 292 -53.47 57.89 15.94
CA GLN A 292 -54.41 57.53 17.00
C GLN A 292 -53.77 56.76 18.13
N MET A 293 -52.52 56.31 17.98
CA MET A 293 -51.86 55.58 19.06
C MET A 293 -51.58 56.48 20.25
N PHE A 294 -51.24 57.74 20.00
CA PHE A 294 -50.80 58.66 21.05
C PHE A 294 -51.91 59.55 21.60
N ASP A 295 -53.16 59.33 21.18
CA ASP A 295 -54.30 60.08 21.70
C ASP A 295 -54.99 59.27 22.79
N ALA A 296 -55.40 59.94 23.86
CA ALA A 296 -56.08 59.28 24.97
C ALA A 296 -57.41 58.67 24.55
N LYS A 297 -57.81 58.86 23.30
CA LYS A 297 -59.02 58.22 22.81
C LYS A 297 -58.84 56.72 22.62
N ASN A 298 -57.62 56.28 22.29
CA ASN A 298 -57.32 54.89 21.95
C ASN A 298 -56.32 54.30 22.94
N MET A 299 -56.47 54.63 24.22
CA MET A 299 -55.61 54.10 25.27
C MET A 299 -56.46 53.18 26.16
N MET A 300 -56.05 51.93 26.28
CA MET A 300 -56.79 50.93 27.03
C MET A 300 -56.58 51.06 28.54
N ALA A 301 -55.95 52.15 28.99
CA ALA A 301 -55.84 52.47 30.40
C ALA A 301 -56.65 53.73 30.70
N ALA A 302 -57.11 53.83 31.93
CA ALA A 302 -57.92 54.98 32.34
C ALA A 302 -57.10 56.25 32.44
N CYS A 303 -55.78 56.14 32.53
CA CYS A 303 -54.92 57.31 32.71
C CYS A 303 -54.67 58.00 31.37
N ASP A 304 -54.86 59.31 31.35
CA ASP A 304 -54.59 60.10 30.14
C ASP A 304 -53.12 60.45 30.08
N PRO A 305 -52.42 60.15 28.97
CA PRO A 305 -50.99 60.47 28.90
C PRO A 305 -50.69 61.95 28.92
N ARG A 306 -51.67 62.80 28.60
CA ARG A 306 -51.41 64.23 28.52
C ARG A 306 -50.98 64.79 29.87
N HIS A 307 -51.60 64.32 30.95
CA HIS A 307 -51.27 64.83 32.28
C HIS A 307 -49.84 64.49 32.68
N GLY A 308 -49.23 63.49 32.05
CA GLY A 308 -47.87 63.09 32.40
C GLY A 308 -46.93 63.16 31.22
N ARG A 309 -45.79 62.47 31.34
CA ARG A 309 -44.78 62.46 30.29
C ARG A 309 -44.36 61.03 30.01
N TYR A 310 -44.21 60.71 28.72
CA TYR A 310 -43.73 59.39 28.34
C TYR A 310 -42.27 59.21 28.74
N LEU A 311 -41.95 58.02 29.26
CA LEU A 311 -40.56 57.66 29.54
C LEU A 311 -39.97 56.82 28.42
N THR A 312 -40.72 55.82 27.97
CA THR A 312 -40.32 54.97 26.87
C THR A 312 -41.57 54.54 26.13
N VAL A 313 -41.44 54.38 24.81
CA VAL A 313 -42.56 54.00 23.96
C VAL A 313 -42.10 52.95 22.98
N ALA A 314 -42.95 51.95 22.73
CA ALA A 314 -42.66 50.88 21.79
C ALA A 314 -43.83 50.70 20.85
N ALA A 315 -43.53 50.56 19.56
CA ALA A 315 -44.52 50.24 18.54
C ALA A 315 -44.12 48.94 17.89
N VAL A 316 -45.09 48.07 17.65
CA VAL A 316 -44.88 46.80 16.97
C VAL A 316 -45.83 46.76 15.78
N PHE A 317 -45.36 47.22 14.63
CA PHE A 317 -46.17 47.22 13.43
C PHE A 317 -46.26 45.82 12.84
N ARG A 318 -47.16 45.66 11.88
CA ARG A 318 -47.37 44.37 11.22
C ARG A 318 -47.77 44.58 9.77
N GLY A 319 -47.54 43.55 8.97
CA GLY A 319 -47.88 43.61 7.55
C GLY A 319 -46.76 44.19 6.72
N ARG A 320 -46.99 44.21 5.40
CA ARG A 320 -46.04 44.83 4.48
C ARG A 320 -46.15 46.33 4.59
N MET A 321 -45.17 46.95 5.24
CA MET A 321 -45.20 48.38 5.53
C MET A 321 -43.85 48.99 5.18
N SER A 322 -43.88 50.21 4.64
CA SER A 322 -42.65 50.92 4.29
C SER A 322 -41.97 51.41 5.55
N MET A 323 -40.75 50.92 5.80
CA MET A 323 -40.04 51.27 7.02
C MET A 323 -39.67 52.74 7.09
N LYS A 324 -39.60 53.42 5.94
CA LYS A 324 -39.35 54.86 5.96
C LYS A 324 -40.53 55.60 6.57
N GLU A 325 -41.75 55.28 6.12
CA GLU A 325 -42.93 55.86 6.73
C GLU A 325 -43.06 55.43 8.19
N VAL A 326 -42.67 54.19 8.50
CA VAL A 326 -42.71 53.71 9.87
C VAL A 326 -41.81 54.53 10.77
N ASP A 327 -40.79 55.17 10.20
CA ASP A 327 -39.79 55.91 10.98
C ASP A 327 -39.95 57.41 10.89
N GLU A 328 -40.37 57.93 9.73
CA GLU A 328 -40.59 59.37 9.61
C GLU A 328 -41.70 59.85 10.53
N GLN A 329 -42.76 59.06 10.65
CA GLN A 329 -43.89 59.47 11.47
C GLN A 329 -43.52 59.53 12.95
N MET A 330 -42.65 58.64 13.42
CA MET A 330 -42.27 58.65 14.83
C MET A 330 -41.42 59.87 15.15
N LEU A 331 -40.45 60.18 14.29
CA LEU A 331 -39.76 61.46 14.43
C LEU A 331 -40.74 62.62 14.44
N ASN A 332 -41.78 62.55 13.61
CA ASN A 332 -42.79 63.61 13.59
C ASN A 332 -43.50 63.68 14.94
N VAL A 333 -43.86 62.53 15.50
CA VAL A 333 -44.60 62.50 16.76
C VAL A 333 -43.78 63.10 17.89
N GLN A 334 -42.49 62.75 17.95
CA GLN A 334 -41.66 63.22 19.05
C GLN A 334 -41.52 64.73 19.04
N ASN A 335 -41.36 65.31 17.85
CA ASN A 335 -41.17 66.76 17.76
C ASN A 335 -42.47 67.52 18.01
N LYS A 336 -43.58 67.01 17.47
CA LYS A 336 -44.86 67.68 17.66
C LYS A 336 -45.24 67.72 19.14
N ASN A 337 -44.93 66.66 19.88
CA ASN A 337 -45.35 66.55 21.28
C ASN A 337 -44.13 66.52 22.19
N SER A 338 -43.18 67.42 21.94
CA SER A 338 -41.94 67.43 22.70
C SER A 338 -42.17 67.56 24.20
N SER A 339 -43.27 68.18 24.61
CA SER A 339 -43.57 68.31 26.03
C SER A 339 -44.07 67.01 26.64
N TYR A 340 -44.48 66.04 25.82
CA TYR A 340 -45.00 64.78 26.31
C TYR A 340 -43.91 63.74 26.56
N PHE A 341 -42.66 64.06 26.26
CA PHE A 341 -41.54 63.14 26.44
C PHE A 341 -40.47 63.77 27.33
N VAL A 342 -39.87 62.95 28.17
CA VAL A 342 -38.86 63.40 29.12
C VAL A 342 -37.56 63.69 28.36
N GLU A 343 -36.85 64.72 28.81
CA GLU A 343 -35.63 65.15 28.13
C GLU A 343 -34.46 64.22 28.46
N TRP A 344 -34.38 63.74 29.69
CA TRP A 344 -33.24 62.93 30.10
C TRP A 344 -33.18 61.58 29.39
N ILE A 345 -34.13 61.27 28.50
CA ILE A 345 -34.01 60.13 27.60
C ILE A 345 -34.02 60.67 26.17
N PRO A 346 -32.89 60.65 25.45
CA PRO A 346 -32.87 61.26 24.12
C PRO A 346 -33.88 60.68 23.15
N ASN A 347 -34.10 59.36 23.17
CA ASN A 347 -35.07 58.76 22.26
C ASN A 347 -36.01 57.86 23.06
N ASN A 348 -37.29 57.92 22.74
CA ASN A 348 -38.32 57.27 23.52
C ASN A 348 -39.18 56.30 22.73
N VAL A 349 -38.89 56.08 21.44
CA VAL A 349 -39.73 55.27 20.58
C VAL A 349 -38.94 54.05 20.11
N LYS A 350 -39.54 52.88 20.24
CA LYS A 350 -38.97 51.63 19.75
C LYS A 350 -39.91 51.06 18.70
N THR A 351 -39.36 50.65 17.56
CA THR A 351 -40.15 50.18 16.43
C THR A 351 -39.80 48.73 16.12
N ALA A 352 -40.80 48.00 15.64
CA ALA A 352 -40.62 46.62 15.22
C ALA A 352 -41.71 46.30 14.19
N VAL A 353 -41.30 45.65 13.10
CA VAL A 353 -42.18 45.41 11.97
C VAL A 353 -42.22 43.91 11.71
N CYS A 354 -43.43 43.36 11.58
CA CYS A 354 -43.64 41.98 11.20
C CYS A 354 -44.31 41.93 9.83
N ASP A 355 -43.90 40.95 9.01
CA ASP A 355 -44.39 40.90 7.64
C ASP A 355 -45.83 40.45 7.56
N ILE A 356 -46.25 39.53 8.43
CA ILE A 356 -47.58 38.91 8.37
C ILE A 356 -48.53 39.72 9.22
N PRO A 357 -49.66 40.19 8.68
CA PRO A 357 -50.58 41.01 9.47
C PRO A 357 -51.52 40.14 10.28
N PRO A 358 -52.33 40.73 11.15
CA PRO A 358 -53.32 39.94 11.88
C PRO A 358 -54.46 39.52 10.95
N ARG A 359 -55.13 38.44 11.32
CA ARG A 359 -56.20 37.91 10.48
C ARG A 359 -57.27 38.97 10.23
N GLY A 360 -57.64 39.12 8.96
CA GLY A 360 -58.64 40.08 8.57
C GLY A 360 -58.14 41.50 8.38
N LEU A 361 -56.82 41.70 8.30
CA LEU A 361 -56.27 43.03 8.12
C LEU A 361 -54.96 42.94 7.34
N LYS A 362 -54.58 44.06 6.74
CA LYS A 362 -53.30 44.19 6.05
C LYS A 362 -52.34 45.13 6.76
N MET A 363 -52.77 45.76 7.85
CA MET A 363 -51.93 46.68 8.60
C MET A 363 -52.42 46.72 10.04
N SER A 364 -51.49 46.88 10.96
CA SER A 364 -51.82 46.91 12.39
C SER A 364 -50.58 47.37 13.15
N ALA A 365 -50.78 47.70 14.42
CA ALA A 365 -49.70 48.14 15.29
C ALA A 365 -50.20 48.13 16.73
N THR A 366 -49.36 47.63 17.63
CA THR A 366 -49.66 47.59 19.06
C THR A 366 -48.79 48.59 19.78
N PHE A 367 -49.41 49.53 20.48
CA PHE A 367 -48.69 50.54 21.23
C PHE A 367 -48.45 50.08 22.65
N ILE A 368 -47.24 50.30 23.15
CA ILE A 368 -46.88 50.02 24.54
C ILE A 368 -46.19 51.26 25.07
N GLY A 369 -46.76 51.88 26.10
CA GLY A 369 -46.26 53.13 26.61
C GLY A 369 -45.98 53.14 28.09
N ASN A 370 -44.80 53.64 28.47
CA ASN A 370 -44.45 53.84 29.88
C ASN A 370 -44.54 55.34 30.15
N SER A 371 -45.62 55.75 30.80
CA SER A 371 -45.88 57.16 31.08
C SER A 371 -46.00 57.35 32.58
N THR A 372 -45.52 58.50 33.06
CA THR A 372 -45.66 58.84 34.47
C THR A 372 -47.09 59.19 34.84
N ALA A 373 -47.98 59.37 33.85
CA ALA A 373 -49.39 59.59 34.13
C ALA A 373 -50.03 58.38 34.80
N ILE A 374 -49.40 57.21 34.73
CA ILE A 374 -49.95 56.04 35.38
C ILE A 374 -49.88 56.16 36.89
N GLN A 375 -49.05 57.07 37.42
CA GLN A 375 -48.97 57.26 38.85
C GLN A 375 -50.30 57.75 39.43
N GLU A 376 -51.08 58.49 38.64
CA GLU A 376 -52.43 58.86 39.05
C GLU A 376 -53.21 57.63 39.50
N LEU A 377 -53.11 56.54 38.75
CA LEU A 377 -53.89 55.35 39.09
C LEU A 377 -53.52 54.84 40.48
N PHE A 378 -52.23 54.63 40.74
CA PHE A 378 -51.83 54.16 42.05
C PHE A 378 -52.15 55.18 43.13
N LYS A 379 -51.92 56.46 42.83
CA LYS A 379 -52.31 57.51 43.75
C LYS A 379 -53.78 57.40 44.13
N ARG A 380 -54.63 57.15 43.13
CA ARG A 380 -56.06 57.02 43.40
C ARG A 380 -56.35 55.80 44.28
N ILE A 381 -55.73 54.67 43.98
CA ILE A 381 -55.95 53.47 44.77
C ILE A 381 -55.53 53.71 46.22
N SER A 382 -54.44 54.45 46.42
CA SER A 382 -53.98 54.73 47.78
C SER A 382 -54.97 55.60 48.53
N GLU A 383 -55.51 56.63 47.86
CA GLU A 383 -56.55 57.45 48.48
C GLU A 383 -57.72 56.60 48.95
N GLN A 384 -58.16 55.66 48.12
CA GLN A 384 -59.26 54.79 48.50
C GLN A 384 -58.81 53.81 49.59
N PHE A 385 -57.60 53.28 49.47
CA PHE A 385 -57.11 52.32 50.46
C PHE A 385 -57.00 52.96 51.84
N THR A 386 -56.41 54.16 51.91
CA THR A 386 -56.23 54.80 53.21
C THR A 386 -57.56 55.19 53.84
N ALA A 387 -58.56 55.52 53.03
CA ALA A 387 -59.85 55.93 53.58
C ALA A 387 -60.53 54.76 54.28
N MET A 388 -60.61 53.61 53.59
CA MET A 388 -61.21 52.42 54.20
C MET A 388 -60.36 51.92 55.37
N PHE A 389 -59.05 51.83 55.17
CA PHE A 389 -58.17 51.32 56.21
C PHE A 389 -58.09 52.26 57.41
N ARG A 390 -58.41 53.55 57.22
CA ARG A 390 -58.32 54.50 58.32
C ARG A 390 -59.27 54.13 59.46
N ARG A 391 -60.30 53.32 59.17
CA ARG A 391 -61.28 52.92 60.16
C ARG A 391 -61.46 51.40 60.21
N LYS A 392 -60.55 50.65 59.60
CA LYS A 392 -60.64 49.18 59.55
C LYS A 392 -61.97 48.75 58.92
N ALA A 393 -62.14 49.13 57.66
CA ALA A 393 -63.42 48.91 56.99
C ALA A 393 -63.75 47.43 56.88
N PHE A 394 -62.80 46.63 56.38
CA PHE A 394 -63.05 45.20 56.16
C PHE A 394 -61.89 44.33 56.62
N LEU A 395 -61.00 44.84 57.48
CA LEU A 395 -59.79 44.09 57.80
C LEU A 395 -60.11 42.76 58.48
N HIS A 396 -61.27 42.66 59.14
CA HIS A 396 -61.56 41.43 59.88
C HIS A 396 -61.69 40.23 58.97
N TRP A 397 -62.21 40.41 57.74
CA TRP A 397 -62.23 39.30 56.81
C TRP A 397 -60.83 38.88 56.40
N TYR A 398 -59.92 39.83 56.24
CA TYR A 398 -58.56 39.54 55.79
C TYR A 398 -57.67 39.03 56.92
N THR A 399 -57.80 39.62 58.11
CA THR A 399 -57.03 39.13 59.25
C THR A 399 -57.41 37.71 59.60
N GLY A 400 -58.69 37.34 59.48
CA GLY A 400 -59.14 36.02 59.86
C GLY A 400 -58.72 34.90 58.92
N GLU A 401 -58.05 35.22 57.83
CA GLU A 401 -57.57 34.22 56.86
C GLU A 401 -56.05 34.16 56.86
N GLY A 402 -55.43 34.29 58.03
CA GLY A 402 -53.99 34.24 58.15
C GLY A 402 -53.31 35.45 57.55
N MET A 403 -53.53 36.62 58.15
CA MET A 403 -52.94 37.86 57.66
C MET A 403 -52.87 38.83 58.83
N ASP A 404 -52.05 39.87 58.66
CA ASP A 404 -51.83 40.88 59.67
C ASP A 404 -51.99 42.27 59.06
N GLU A 405 -52.47 43.20 59.88
CA GLU A 405 -52.64 44.57 59.42
C GLU A 405 -51.30 45.25 59.15
N MET A 406 -50.20 44.71 59.69
CA MET A 406 -48.89 45.26 59.36
C MET A 406 -48.60 45.11 57.87
N GLU A 407 -49.15 44.07 57.24
CA GLU A 407 -48.89 43.89 55.82
C GLU A 407 -49.57 44.99 55.01
N PHE A 408 -50.75 45.40 55.45
CA PHE A 408 -51.46 46.49 54.79
C PHE A 408 -50.65 47.78 54.84
N THR A 409 -50.04 48.08 55.98
CA THR A 409 -49.20 49.26 56.08
C THR A 409 -48.00 49.16 55.15
N GLU A 410 -47.38 47.97 55.08
CA GLU A 410 -46.28 47.77 54.15
C GLU A 410 -46.75 47.94 52.70
N ALA A 411 -47.94 47.44 52.39
CA ALA A 411 -48.46 47.56 51.03
C ALA A 411 -48.79 49.02 50.71
N GLU A 412 -49.23 49.77 51.72
CA GLU A 412 -49.50 51.18 51.52
C GLU A 412 -48.22 52.00 51.43
N SER A 413 -47.23 51.65 52.25
CA SER A 413 -45.96 52.37 52.23
C SER A 413 -45.20 52.08 50.95
N ASN A 414 -45.17 50.82 50.51
CA ASN A 414 -44.51 50.48 49.27
C ASN A 414 -45.21 51.14 48.08
N MET A 415 -46.55 51.15 48.10
CA MET A 415 -47.30 51.82 47.04
C MET A 415 -46.99 53.31 47.02
N ASN A 416 -46.93 53.93 48.20
CA ASN A 416 -46.64 55.36 48.26
C ASN A 416 -45.30 55.68 47.63
N ASP A 417 -44.33 54.78 47.75
CA ASP A 417 -43.01 55.04 47.19
C ASP A 417 -43.02 54.89 45.68
N LEU A 418 -43.83 53.96 45.15
CA LEU A 418 -43.97 53.85 43.71
C LEU A 418 -44.55 55.13 43.11
N VAL A 419 -45.54 55.71 43.77
CA VAL A 419 -46.09 56.98 43.30
C VAL A 419 -45.03 58.07 43.35
N SER A 420 -44.26 58.12 44.45
CA SER A 420 -43.24 59.14 44.60
C SER A 420 -42.18 59.02 43.50
N GLU A 421 -41.76 57.79 43.20
CA GLU A 421 -40.73 57.59 42.19
C GLU A 421 -41.17 58.11 40.83
N TYR A 422 -42.41 57.79 40.42
CA TYR A 422 -42.91 58.30 39.15
C TYR A 422 -42.95 59.81 39.14
N GLN A 423 -43.17 60.43 40.31
CA GLN A 423 -43.27 61.88 40.38
C GLN A 423 -41.92 62.56 40.18
N GLN A 424 -40.83 61.89 40.57
CA GLN A 424 -39.50 62.48 40.43
C GLN A 424 -39.16 62.76 38.97
N TYR A 425 -39.71 61.97 38.04
CA TYR A 425 -39.37 62.06 36.63
C TYR A 425 -40.36 62.95 35.87
N GLN A 426 -40.92 63.95 36.53
CA GLN A 426 -41.67 65.00 35.86
C GLN A 426 -40.81 66.21 35.57
N ASP A 427 -39.79 66.45 36.39
CA ASP A 427 -38.89 67.57 36.18
C ASP A 427 -38.01 67.34 34.97
N ALA A 428 -37.53 68.44 34.38
CA ALA A 428 -36.65 68.37 33.23
C ALA A 428 -35.20 68.24 33.68
N THR A 429 -34.29 68.20 32.70
CA THR A 429 -32.87 68.07 33.00
C THR A 429 -32.36 69.31 33.71
N ALA A 430 -31.51 69.10 34.71
CA ALA A 430 -30.92 70.19 35.47
C ALA A 430 -32.00 71.10 36.05
N MET B 1 -34.71 -23.28 26.18
CA MET B 1 -33.73 -22.19 26.38
C MET B 1 -34.26 -21.15 27.36
N ARG B 2 -33.70 -21.14 28.57
CA ARG B 2 -34.06 -20.17 29.60
C ARG B 2 -35.56 -20.24 29.91
N GLU B 3 -35.96 -21.42 30.40
CA GLU B 3 -37.36 -21.68 30.71
C GLU B 3 -37.74 -21.11 32.07
N ILE B 4 -38.96 -20.60 32.16
CA ILE B 4 -39.51 -20.07 33.41
C ILE B 4 -40.75 -20.89 33.76
N VAL B 5 -40.87 -21.25 35.03
CA VAL B 5 -42.02 -21.97 35.56
C VAL B 5 -42.73 -21.05 36.54
N HIS B 6 -44.05 -20.92 36.38
CA HIS B 6 -44.84 -19.93 37.10
C HIS B 6 -45.56 -20.59 38.26
N LEU B 7 -45.47 -19.97 39.43
CA LEU B 7 -46.18 -20.40 40.63
C LEU B 7 -47.14 -19.29 41.07
N GLN B 8 -48.37 -19.69 41.42
CA GLN B 8 -49.34 -18.73 41.94
C GLN B 8 -50.07 -19.38 43.10
N ALA B 9 -50.09 -18.69 44.24
CA ALA B 9 -50.66 -19.21 45.47
C ALA B 9 -51.59 -18.17 46.07
N GLY B 10 -52.61 -18.66 46.79
CA GLY B 10 -53.55 -17.77 47.44
C GLY B 10 -54.61 -17.26 46.50
N GLN B 11 -55.64 -16.58 47.04
CA GLN B 11 -56.68 -16.05 46.18
C GLN B 11 -56.14 -14.94 45.29
N CYS B 12 -55.32 -14.04 45.85
CA CYS B 12 -54.75 -12.97 45.06
C CYS B 12 -53.83 -13.52 43.97
N GLY B 13 -53.03 -14.53 44.30
CA GLY B 13 -52.08 -15.06 43.33
C GLY B 13 -52.76 -15.64 42.10
N ASN B 14 -53.80 -16.45 42.31
CA ASN B 14 -54.48 -17.09 41.19
C ASN B 14 -55.12 -16.05 40.28
N GLN B 15 -55.81 -15.08 40.86
CA GLN B 15 -56.45 -14.04 40.05
C GLN B 15 -55.42 -13.23 39.27
N ILE B 16 -54.31 -12.87 39.93
CA ILE B 16 -53.22 -12.22 39.20
C ILE B 16 -52.63 -13.18 38.17
N GLY B 17 -52.37 -14.43 38.58
CA GLY B 17 -52.01 -15.46 37.62
C GLY B 17 -52.97 -15.56 36.46
N ALA B 18 -54.27 -15.56 36.74
CA ALA B 18 -55.26 -15.76 35.69
C ALA B 18 -55.16 -14.65 34.64
N LYS B 19 -55.02 -13.41 35.09
CA LYS B 19 -54.87 -12.30 34.16
C LYS B 19 -53.42 -12.17 33.68
N PHE B 20 -52.52 -12.97 34.23
CA PHE B 20 -51.14 -12.97 33.78
C PHE B 20 -50.99 -13.77 32.49
N TRP B 21 -51.80 -14.81 32.33
CA TRP B 21 -51.76 -15.65 31.14
C TRP B 21 -52.68 -15.14 30.04
N GLU B 22 -53.72 -14.39 30.38
CA GLU B 22 -54.55 -13.76 29.34
C GLU B 22 -53.76 -12.72 28.58
N VAL B 23 -52.74 -12.12 29.21
CA VAL B 23 -51.91 -11.14 28.53
C VAL B 23 -50.86 -11.81 27.66
N ILE B 24 -50.15 -12.79 28.22
CA ILE B 24 -49.11 -13.48 27.46
C ILE B 24 -49.71 -14.20 26.27
N SER B 25 -50.82 -14.91 26.47
CA SER B 25 -51.48 -15.59 25.36
C SER B 25 -51.87 -14.60 24.26
N ASP B 26 -52.15 -13.35 24.63
CA ASP B 26 -52.44 -12.33 23.63
C ASP B 26 -51.18 -11.92 22.88
N GLU B 27 -50.05 -11.83 23.58
CA GLU B 27 -48.82 -11.43 22.93
C GLU B 27 -48.37 -12.45 21.90
N HIS B 28 -48.48 -13.74 22.23
CA HIS B 28 -48.07 -14.80 21.33
C HIS B 28 -49.17 -15.27 20.40
N GLY B 29 -50.35 -14.63 20.46
CA GLY B 29 -51.44 -15.03 19.59
C GLY B 29 -51.94 -16.44 19.84
N ILE B 30 -52.07 -16.82 21.10
CA ILE B 30 -52.49 -18.16 21.49
C ILE B 30 -53.97 -18.11 21.84
N ASP B 31 -54.77 -18.92 21.15
CA ASP B 31 -56.20 -18.99 21.40
C ASP B 31 -56.43 -19.60 22.79
N PRO B 32 -57.52 -19.20 23.46
CA PRO B 32 -57.81 -19.80 24.78
C PRO B 32 -57.78 -21.32 24.78
N THR B 33 -58.13 -21.97 23.66
CA THR B 33 -58.06 -23.42 23.59
C THR B 33 -56.63 -23.93 23.60
N GLY B 34 -55.64 -23.07 23.41
CA GLY B 34 -54.26 -23.50 23.26
C GLY B 34 -53.78 -23.63 21.84
N THR B 35 -54.53 -23.12 20.86
CA THR B 35 -54.17 -23.24 19.46
C THR B 35 -53.57 -21.91 18.99
N TYR B 36 -52.42 -21.99 18.32
CA TYR B 36 -51.73 -20.79 17.86
C TYR B 36 -52.41 -20.22 16.62
N HIS B 37 -52.63 -18.90 16.65
CA HIS B 37 -53.17 -18.17 15.50
C HIS B 37 -52.45 -16.85 15.28
N GLY B 38 -51.21 -16.72 15.75
CA GLY B 38 -50.48 -15.48 15.63
C GLY B 38 -50.08 -15.17 14.21
N ASP B 39 -49.50 -13.98 14.04
CA ASP B 39 -49.06 -13.50 12.73
C ASP B 39 -47.56 -13.46 12.56
N SER B 40 -46.81 -13.16 13.62
CA SER B 40 -45.36 -13.00 13.54
C SER B 40 -44.66 -14.26 14.03
N ASP B 41 -43.56 -14.62 13.36
CA ASP B 41 -42.87 -15.86 13.67
C ASP B 41 -42.14 -15.78 15.01
N LEU B 42 -41.76 -14.57 15.45
CA LEU B 42 -41.03 -14.45 16.70
C LEU B 42 -41.83 -15.00 17.87
N GLN B 43 -43.16 -15.00 17.76
CA GLN B 43 -44.00 -15.52 18.83
C GLN B 43 -43.70 -16.99 19.09
N LEU B 44 -43.52 -17.78 18.02
CA LEU B 44 -43.25 -19.19 18.18
C LEU B 44 -41.80 -19.44 18.59
N GLU B 45 -40.88 -18.58 18.16
CA GLU B 45 -39.46 -18.83 18.39
C GLU B 45 -39.14 -19.00 19.87
N ARG B 46 -39.86 -18.28 20.73
CA ARG B 46 -39.63 -18.37 22.17
C ARG B 46 -40.90 -18.76 22.93
N ILE B 47 -41.88 -19.33 22.24
CA ILE B 47 -43.12 -19.73 22.90
C ILE B 47 -42.86 -20.80 23.96
N ASN B 48 -41.72 -21.48 23.85
CA ASN B 48 -41.36 -22.52 24.81
C ASN B 48 -40.89 -21.94 26.14
N VAL B 49 -40.79 -20.61 26.26
CA VAL B 49 -40.33 -20.02 27.52
C VAL B 49 -41.40 -20.17 28.60
N TYR B 50 -42.67 -20.04 28.20
CA TYR B 50 -43.81 -20.20 29.11
C TYR B 50 -44.68 -21.39 28.77
N TYR B 51 -44.86 -21.69 27.50
CA TYR B 51 -45.81 -22.69 27.04
C TYR B 51 -45.08 -23.96 26.62
N ASN B 52 -45.52 -25.10 27.14
CA ASN B 52 -45.09 -26.39 26.60
C ASN B 52 -45.90 -26.67 25.34
N GLU B 53 -45.87 -27.90 24.85
CA GLU B 53 -46.52 -28.21 23.59
C GLU B 53 -47.03 -29.64 23.59
N ALA B 54 -48.17 -29.83 22.94
CA ALA B 54 -48.77 -31.15 22.74
C ALA B 54 -49.22 -31.27 21.29
N THR B 55 -49.04 -32.46 20.73
CA THR B 55 -49.30 -32.67 19.31
C THR B 55 -50.64 -32.07 18.91
N GLY B 56 -50.70 -31.50 17.71
CA GLY B 56 -51.86 -30.77 17.25
C GLY B 56 -51.82 -29.29 17.51
N GLY B 57 -50.71 -28.77 18.05
CA GLY B 57 -50.57 -27.35 18.30
C GLY B 57 -51.02 -26.88 19.67
N LYS B 58 -51.58 -27.78 20.50
CA LYS B 58 -52.02 -27.40 21.83
C LYS B 58 -50.82 -27.00 22.68
N TYR B 59 -50.79 -25.72 23.08
CA TYR B 59 -49.70 -25.20 23.91
C TYR B 59 -50.16 -25.15 25.36
N VAL B 60 -49.42 -25.83 26.22
CA VAL B 60 -49.77 -25.94 27.63
C VAL B 60 -48.90 -25.00 28.45
N PRO B 61 -49.45 -23.93 29.03
CA PRO B 61 -48.65 -23.08 29.92
C PRO B 61 -48.36 -23.80 31.22
N ARG B 62 -47.07 -23.90 31.54
CA ARG B 62 -46.63 -24.52 32.79
C ARG B 62 -46.74 -23.49 33.91
N ALA B 63 -47.97 -23.30 34.37
CA ALA B 63 -48.22 -22.66 35.63
C ALA B 63 -48.61 -23.72 36.65
N VAL B 64 -48.27 -23.48 37.91
CA VAL B 64 -48.68 -24.35 39.00
C VAL B 64 -49.57 -23.52 39.92
N LEU B 65 -50.85 -23.90 39.99
CA LEU B 65 -51.86 -23.17 40.73
C LEU B 65 -52.17 -23.94 42.00
N VAL B 66 -51.93 -23.31 43.15
CA VAL B 66 -52.09 -23.97 44.44
C VAL B 66 -52.91 -23.06 45.35
N ASP B 67 -53.91 -23.65 46.01
CA ASP B 67 -54.67 -22.94 47.04
C ASP B 67 -55.25 -23.99 47.98
N LEU B 68 -55.53 -23.56 49.21
CA LEU B 68 -55.97 -24.47 50.25
C LEU B 68 -57.48 -24.69 50.25
N GLU B 69 -58.22 -24.02 49.36
CA GLU B 69 -59.65 -24.29 49.22
C GLU B 69 -60.03 -24.19 47.74
N PRO B 70 -60.94 -25.04 47.26
CA PRO B 70 -61.25 -25.05 45.82
C PRO B 70 -61.92 -23.79 45.31
N GLY B 71 -62.42 -22.93 46.17
CA GLY B 71 -63.22 -21.78 45.75
C GLY B 71 -62.65 -20.99 44.59
N THR B 72 -61.51 -20.35 44.79
CA THR B 72 -60.97 -19.47 43.76
C THR B 72 -60.62 -20.24 42.50
N MET B 73 -59.99 -21.41 42.65
CA MET B 73 -59.52 -22.15 41.48
C MET B 73 -60.69 -22.63 40.62
N ASP B 74 -61.80 -23.03 41.25
CA ASP B 74 -62.97 -23.41 40.48
C ASP B 74 -63.43 -22.28 39.58
N SER B 75 -63.30 -21.04 40.04
CA SER B 75 -63.63 -19.90 39.19
C SER B 75 -62.69 -19.82 38.00
N VAL B 76 -61.39 -20.01 38.24
CA VAL B 76 -60.43 -19.98 37.14
C VAL B 76 -60.71 -21.11 36.16
N ARG B 77 -60.98 -22.31 36.67
CA ARG B 77 -61.28 -23.43 35.79
C ARG B 77 -62.52 -23.16 34.96
N SER B 78 -63.56 -22.59 35.56
CA SER B 78 -64.77 -22.27 34.83
C SER B 78 -64.62 -20.99 34.00
N GLY B 79 -63.63 -20.16 34.31
CA GLY B 79 -63.32 -19.02 33.48
C GLY B 79 -63.26 -19.37 32.00
N PRO B 80 -63.40 -18.36 31.14
CA PRO B 80 -63.23 -18.62 29.70
C PRO B 80 -61.84 -19.08 29.34
N PHE B 81 -60.83 -18.64 30.09
CA PHE B 81 -59.43 -18.96 29.84
C PHE B 81 -58.95 -20.12 30.68
N GLY B 82 -59.84 -20.79 31.41
CA GLY B 82 -59.45 -21.92 32.25
C GLY B 82 -59.25 -23.22 31.52
N GLN B 83 -59.65 -23.29 30.24
CA GLN B 83 -59.48 -24.51 29.47
C GLN B 83 -58.03 -24.75 29.05
N ILE B 84 -57.14 -23.78 29.26
CA ILE B 84 -55.77 -23.88 28.77
C ILE B 84 -54.88 -24.63 29.75
N PHE B 85 -55.07 -24.41 31.05
CA PHE B 85 -54.18 -25.01 32.04
C PHE B 85 -54.31 -26.52 32.05
N ARG B 86 -53.20 -27.19 32.34
CA ARG B 86 -53.22 -28.64 32.48
C ARG B 86 -53.97 -29.00 33.75
N PRO B 87 -55.06 -29.80 33.66
CA PRO B 87 -55.84 -30.11 34.86
C PRO B 87 -55.00 -30.65 36.01
N ASP B 88 -53.90 -31.33 35.68
CA ASP B 88 -53.02 -31.89 36.70
C ASP B 88 -52.27 -30.83 37.49
N ASN B 89 -52.27 -29.57 37.04
CA ASN B 89 -51.51 -28.54 37.72
C ASN B 89 -52.28 -27.97 38.91
N PHE B 90 -53.58 -27.76 38.76
CA PHE B 90 -54.40 -27.32 39.89
C PHE B 90 -54.18 -28.23 41.10
N VAL B 91 -53.63 -27.66 42.16
CA VAL B 91 -53.44 -28.36 43.43
C VAL B 91 -54.38 -27.70 44.43
N PHE B 92 -55.48 -28.37 44.75
CA PHE B 92 -56.52 -27.83 45.60
C PHE B 92 -56.66 -28.66 46.86
N GLY B 93 -56.83 -27.98 47.99
CA GLY B 93 -57.09 -28.62 49.26
C GLY B 93 -58.58 -28.75 49.54
N GLN B 94 -58.90 -28.93 50.82
CA GLN B 94 -60.28 -29.04 51.25
C GLN B 94 -60.58 -28.27 52.52
N SER B 95 -59.60 -27.59 53.11
CA SER B 95 -59.83 -26.74 54.29
C SER B 95 -58.90 -25.53 54.14
N GLY B 96 -59.45 -24.43 53.65
CA GLY B 96 -58.66 -23.25 53.41
C GLY B 96 -58.15 -22.62 54.70
N ALA B 97 -57.13 -21.78 54.55
CA ALA B 97 -56.51 -21.10 55.68
C ALA B 97 -57.35 -19.88 56.08
N GLY B 98 -57.52 -19.70 57.38
CA GLY B 98 -58.30 -18.58 57.88
C GLY B 98 -57.46 -17.36 58.15
N ASN B 99 -56.58 -17.02 57.20
CA ASN B 99 -55.69 -15.87 57.25
C ASN B 99 -54.66 -15.97 58.36
N ASN B 100 -54.52 -17.12 59.02
CA ASN B 100 -53.51 -17.32 60.04
C ASN B 100 -52.30 -17.99 59.42
N TRP B 101 -51.13 -17.33 59.57
CA TRP B 101 -49.91 -17.79 58.91
C TRP B 101 -49.55 -19.21 59.34
N ALA B 102 -49.74 -19.53 60.62
CA ALA B 102 -49.30 -20.82 61.13
C ALA B 102 -50.01 -21.98 60.42
N LYS B 103 -51.32 -21.84 60.22
CA LYS B 103 -52.07 -22.93 59.60
C LYS B 103 -51.58 -23.21 58.19
N GLY B 104 -51.37 -22.16 57.39
CA GLY B 104 -50.91 -22.32 56.03
C GLY B 104 -49.43 -22.61 55.91
N HIS B 105 -48.70 -22.62 57.03
CA HIS B 105 -47.27 -22.86 57.04
C HIS B 105 -46.87 -24.09 57.83
N TYR B 106 -47.62 -24.46 58.88
CA TYR B 106 -47.26 -25.60 59.72
C TYR B 106 -48.22 -26.77 59.60
N THR B 107 -49.52 -26.56 59.83
CA THR B 107 -50.46 -27.66 59.98
C THR B 107 -51.20 -28.03 58.70
N GLU B 108 -51.43 -27.07 57.80
CA GLU B 108 -52.23 -27.30 56.61
C GLU B 108 -51.41 -27.22 55.33
N GLY B 109 -50.53 -26.24 55.22
CA GLY B 109 -49.63 -26.20 54.07
C GLY B 109 -48.67 -27.37 54.06
N ALA B 110 -48.26 -27.83 55.24
CA ALA B 110 -47.36 -28.98 55.31
C ALA B 110 -47.98 -30.21 54.68
N GLU B 111 -49.29 -30.39 54.81
CA GLU B 111 -49.94 -31.57 54.27
C GLU B 111 -50.07 -31.50 52.75
N LEU B 112 -50.13 -30.28 52.19
CA LEU B 112 -50.37 -30.10 50.77
C LEU B 112 -49.11 -29.75 49.99
N VAL B 113 -48.02 -29.38 50.66
CA VAL B 113 -46.85 -28.87 49.95
C VAL B 113 -46.18 -29.98 49.16
N ASP B 114 -46.11 -31.18 49.75
CA ASP B 114 -45.47 -32.30 49.06
C ASP B 114 -46.11 -32.58 47.71
N SER B 115 -47.42 -32.37 47.60
CA SER B 115 -48.09 -32.60 46.33
C SER B 115 -47.65 -31.59 45.27
N VAL B 116 -47.37 -30.36 45.67
CA VAL B 116 -47.02 -29.32 44.70
C VAL B 116 -45.67 -29.59 44.07
N LEU B 117 -44.68 -29.95 44.89
CA LEU B 117 -43.36 -30.23 44.35
C LEU B 117 -43.41 -31.35 43.32
N ASP B 118 -44.29 -32.33 43.52
CA ASP B 118 -44.49 -33.38 42.52
C ASP B 118 -44.94 -32.82 41.19
N VAL B 119 -45.52 -31.62 41.18
CA VAL B 119 -45.96 -30.99 39.94
C VAL B 119 -44.94 -29.98 39.43
N VAL B 120 -44.16 -29.38 40.32
CA VAL B 120 -43.10 -28.49 39.87
C VAL B 120 -41.98 -29.28 39.21
N ARG B 121 -41.60 -30.41 39.82
CA ARG B 121 -40.49 -31.19 39.30
C ARG B 121 -40.76 -31.68 37.88
N LYS B 122 -42.01 -32.08 37.60
CA LYS B 122 -42.34 -32.48 36.24
C LYS B 122 -42.20 -31.32 35.27
N GLU B 123 -42.64 -30.13 35.67
CA GLU B 123 -42.42 -28.95 34.85
C GLU B 123 -40.97 -28.47 34.90
N ALA B 124 -40.20 -29.00 35.85
CA ALA B 124 -38.81 -28.59 35.97
C ALA B 124 -37.92 -29.47 35.10
N GLU B 125 -38.20 -30.77 35.06
CA GLU B 125 -37.43 -31.69 34.23
C GLU B 125 -37.89 -31.69 32.78
N SER B 126 -38.99 -31.02 32.45
CA SER B 126 -39.43 -30.89 31.07
C SER B 126 -38.84 -29.67 30.38
N CYS B 127 -37.95 -28.95 31.05
CA CYS B 127 -37.29 -27.77 30.50
C CYS B 127 -35.82 -28.06 30.31
N ASP B 128 -35.28 -27.74 29.14
CA ASP B 128 -33.89 -28.08 28.84
C ASP B 128 -32.92 -27.18 29.57
N CYS B 129 -33.22 -25.87 29.67
CA CYS B 129 -32.49 -24.99 30.58
C CYS B 129 -33.54 -24.23 31.39
N LEU B 130 -33.72 -24.61 32.65
CA LEU B 130 -34.64 -23.91 33.53
C LEU B 130 -33.94 -22.71 34.14
N GLN B 131 -34.41 -21.51 33.81
CA GLN B 131 -33.77 -20.30 34.32
C GLN B 131 -34.10 -20.08 35.78
N GLY B 132 -35.36 -19.79 36.08
CA GLY B 132 -35.76 -19.63 37.47
C GLY B 132 -37.27 -19.71 37.61
N PHE B 133 -37.70 -19.78 38.86
CA PHE B 133 -39.11 -19.88 39.19
C PHE B 133 -39.73 -18.48 39.33
N GLN B 134 -41.04 -18.43 39.24
CA GLN B 134 -41.81 -17.20 39.41
C GLN B 134 -42.95 -17.47 40.37
N LEU B 135 -43.18 -16.53 41.29
CA LEU B 135 -44.18 -16.71 42.34
C LEU B 135 -44.99 -15.44 42.53
N THR B 136 -46.31 -15.61 42.70
CA THR B 136 -47.24 -14.50 42.90
C THR B 136 -48.15 -14.87 44.06
N HIS B 137 -48.17 -14.03 45.09
CA HIS B 137 -48.96 -14.31 46.29
C HIS B 137 -49.22 -13.00 47.02
N SER B 138 -49.77 -13.10 48.22
CA SER B 138 -50.06 -11.95 49.07
C SER B 138 -49.54 -12.22 50.47
N LEU B 139 -48.84 -11.23 51.04
CA LEU B 139 -48.29 -11.39 52.38
C LEU B 139 -49.38 -11.36 53.44
N GLY B 140 -50.42 -10.55 53.25
CA GLY B 140 -51.42 -10.38 54.30
C GLY B 140 -52.18 -11.66 54.58
N GLY B 141 -52.58 -12.38 53.54
CA GLY B 141 -53.38 -13.57 53.72
C GLY B 141 -52.65 -14.68 54.43
N GLY B 142 -53.26 -15.86 54.48
CA GLY B 142 -52.66 -17.01 55.12
C GLY B 142 -52.06 -17.97 54.12
N THR B 143 -52.76 -18.19 53.00
CA THR B 143 -52.26 -19.13 52.00
C THR B 143 -51.14 -18.53 51.16
N GLY B 144 -51.24 -17.24 50.82
CA GLY B 144 -50.18 -16.61 50.05
C GLY B 144 -48.93 -16.38 50.88
N SER B 145 -49.06 -16.38 52.20
CA SER B 145 -47.93 -16.18 53.09
C SER B 145 -47.44 -17.51 53.67
N GLY B 146 -48.33 -18.24 54.35
CA GLY B 146 -47.99 -19.51 54.92
C GLY B 146 -47.39 -20.49 53.94
N MET B 147 -48.20 -20.96 52.99
CA MET B 147 -47.72 -21.93 52.01
C MET B 147 -46.80 -21.29 50.99
N GLY B 148 -47.06 -20.04 50.60
CA GLY B 148 -46.16 -19.37 49.68
C GLY B 148 -44.75 -19.31 50.21
N THR B 149 -44.59 -18.90 51.46
CA THR B 149 -43.27 -18.89 52.07
C THR B 149 -42.76 -20.31 52.31
N LEU B 150 -43.65 -21.25 52.62
CA LEU B 150 -43.23 -22.65 52.75
C LEU B 150 -42.75 -23.19 51.42
N LEU B 151 -43.45 -22.88 50.33
CA LEU B 151 -43.07 -23.41 49.03
C LEU B 151 -41.79 -22.75 48.52
N ILE B 152 -41.68 -21.43 48.68
CA ILE B 152 -40.48 -20.73 48.21
C ILE B 152 -39.26 -21.22 48.97
N SER B 153 -39.43 -21.59 50.25
CA SER B 153 -38.32 -22.15 51.00
C SER B 153 -37.90 -23.50 50.45
N LYS B 154 -38.88 -24.34 50.08
CA LYS B 154 -38.55 -25.66 49.56
C LYS B 154 -37.83 -25.58 48.23
N ILE B 155 -38.36 -24.81 47.28
CA ILE B 155 -37.73 -24.69 45.97
C ILE B 155 -36.36 -24.03 46.06
N ARG B 156 -36.09 -23.31 47.14
CA ARG B 156 -34.73 -22.81 47.36
C ARG B 156 -33.78 -23.93 47.70
N GLU B 157 -34.24 -24.94 48.44
CA GLU B 157 -33.35 -26.05 48.83
C GLU B 157 -32.94 -26.87 47.62
N GLU B 158 -33.88 -27.24 46.76
CA GLU B 158 -33.57 -28.09 45.61
C GLU B 158 -32.88 -27.30 44.50
N TYR B 159 -33.28 -26.05 44.30
CA TYR B 159 -32.79 -25.21 43.21
C TYR B 159 -32.15 -23.95 43.80
N PRO B 160 -31.09 -24.11 44.61
CA PRO B 160 -30.43 -22.92 45.17
C PRO B 160 -29.90 -21.98 44.12
N ASP B 161 -29.37 -22.51 43.01
CA ASP B 161 -28.74 -21.67 41.99
C ASP B 161 -29.76 -20.94 41.13
N ARG B 162 -30.91 -21.56 40.87
CA ARG B 162 -31.88 -20.96 39.95
C ARG B 162 -32.45 -19.67 40.53
N ILE B 163 -32.87 -18.79 39.61
CA ILE B 163 -33.49 -17.54 40.01
C ILE B 163 -34.89 -17.80 40.56
N MET B 164 -35.36 -16.91 41.43
CA MET B 164 -36.71 -17.01 41.97
C MET B 164 -37.17 -15.60 42.32
N ASN B 165 -37.95 -15.00 41.42
CA ASN B 165 -38.49 -13.66 41.60
C ASN B 165 -39.94 -13.75 42.08
N THR B 166 -40.33 -12.78 42.90
CA THR B 166 -41.65 -12.77 43.51
C THR B 166 -42.33 -11.44 43.25
N PHE B 167 -43.54 -11.50 42.71
CA PHE B 167 -44.44 -10.35 42.64
C PHE B 167 -45.46 -10.53 43.76
N SER B 168 -45.31 -9.73 44.82
CA SER B 168 -46.05 -9.93 46.06
C SER B 168 -46.80 -8.67 46.44
N VAL B 169 -48.05 -8.84 46.84
CA VAL B 169 -48.88 -7.74 47.33
C VAL B 169 -48.54 -7.48 48.79
N VAL B 170 -48.33 -6.22 49.13
CA VAL B 170 -47.90 -5.82 50.47
C VAL B 170 -49.05 -5.10 51.15
N PRO B 171 -49.21 -5.22 52.46
CA PRO B 171 -50.31 -4.51 53.13
C PRO B 171 -50.24 -3.01 52.89
N SER B 172 -51.41 -2.40 52.71
CA SER B 172 -51.50 -0.99 52.43
C SER B 172 -51.14 -0.16 53.67
N PRO B 173 -50.64 1.06 53.47
CA PRO B 173 -50.18 1.84 54.63
C PRO B 173 -51.26 2.19 55.64
N LYS B 174 -52.49 2.43 55.19
CA LYS B 174 -53.56 2.88 56.08
C LYS B 174 -54.82 2.05 56.04
N VAL B 175 -55.20 1.51 54.88
CA VAL B 175 -56.38 0.67 54.76
C VAL B 175 -55.94 -0.78 54.91
N SER B 176 -56.85 -1.65 55.36
CA SER B 176 -56.49 -3.05 55.53
C SER B 176 -57.72 -3.91 55.34
N ASP B 177 -57.59 -4.94 54.51
CA ASP B 177 -58.66 -5.92 54.29
C ASP B 177 -58.54 -7.12 55.22
N THR B 178 -57.63 -7.07 56.19
CA THR B 178 -57.50 -8.13 57.17
C THR B 178 -56.91 -7.55 58.45
N VAL B 179 -57.27 -8.16 59.58
CA VAL B 179 -56.88 -7.60 60.87
C VAL B 179 -55.50 -8.07 61.29
N VAL B 180 -55.09 -9.27 60.86
CA VAL B 180 -53.84 -9.86 61.29
C VAL B 180 -52.71 -9.63 60.28
N GLU B 181 -52.86 -8.64 59.40
CA GLU B 181 -51.83 -8.37 58.39
C GLU B 181 -50.43 -8.16 58.97
N PRO B 182 -50.26 -7.52 60.13
CA PRO B 182 -48.88 -7.35 60.65
C PRO B 182 -48.26 -8.68 61.02
N TYR B 183 -48.98 -9.52 61.77
CA TYR B 183 -48.47 -10.85 62.08
C TYR B 183 -48.10 -11.62 60.82
N ASN B 184 -49.04 -11.71 59.87
CA ASN B 184 -48.77 -12.48 58.66
C ASN B 184 -47.65 -11.85 57.84
N ALA B 185 -47.70 -10.54 57.65
CA ALA B 185 -46.67 -9.88 56.85
C ALA B 185 -45.31 -9.99 57.50
N THR B 186 -45.24 -9.76 58.81
CA THR B 186 -43.95 -9.77 59.50
C THR B 186 -43.29 -11.14 59.39
N LEU B 187 -44.06 -12.21 59.58
CA LEU B 187 -43.48 -13.56 59.44
C LEU B 187 -43.06 -13.83 58.01
N SER B 188 -43.82 -13.34 57.04
CA SER B 188 -43.49 -13.59 55.63
C SER B 188 -42.19 -12.93 55.25
N VAL B 189 -41.97 -11.68 55.68
CA VAL B 189 -40.74 -10.98 55.33
C VAL B 189 -39.54 -11.68 55.95
N HIS B 190 -39.67 -12.10 57.21
CA HIS B 190 -38.56 -12.81 57.86
C HIS B 190 -38.19 -14.08 57.10
N GLN B 191 -39.10 -14.60 56.29
CA GLN B 191 -38.91 -15.86 55.59
C GLN B 191 -38.51 -15.67 54.14
N LEU B 192 -38.77 -14.49 53.56
CA LEU B 192 -38.37 -14.21 52.20
C LEU B 192 -36.93 -13.71 52.12
N VAL B 193 -36.53 -12.87 53.08
CA VAL B 193 -35.22 -12.24 53.07
C VAL B 193 -34.11 -13.26 52.88
N GLU B 194 -34.35 -14.51 53.26
CA GLU B 194 -33.33 -15.55 53.20
C GLU B 194 -33.43 -16.43 51.96
N ASN B 195 -34.51 -16.31 51.18
CA ASN B 195 -34.76 -17.28 50.12
C ASN B 195 -34.96 -16.63 48.75
N THR B 196 -35.66 -15.50 48.72
CA THR B 196 -36.07 -14.87 47.46
C THR B 196 -34.95 -13.98 46.93
N ASP B 197 -34.62 -14.15 45.64
CA ASP B 197 -33.58 -13.33 45.03
C ASP B 197 -34.03 -11.91 44.78
N GLU B 198 -35.27 -11.72 44.32
CA GLU B 198 -35.79 -10.38 44.08
C GLU B 198 -37.29 -10.39 44.32
N THR B 199 -37.78 -9.34 44.98
CA THR B 199 -39.19 -9.21 45.32
C THR B 199 -39.69 -7.87 44.80
N TYR B 200 -40.90 -7.86 44.26
CA TYR B 200 -41.53 -6.66 43.68
C TYR B 200 -42.69 -6.27 44.59
N CYS B 201 -42.39 -5.43 45.58
CA CYS B 201 -43.42 -5.02 46.53
C CYS B 201 -44.42 -4.08 45.88
N ILE B 202 -45.70 -4.46 45.92
CA ILE B 202 -46.79 -3.65 45.40
C ILE B 202 -47.93 -3.68 46.39
N ASP B 203 -48.78 -2.65 46.32
CA ASP B 203 -49.91 -2.52 47.23
C ASP B 203 -51.09 -1.92 46.48
N ASN B 204 -52.29 -2.35 46.85
CA ASN B 204 -53.49 -1.88 46.19
C ASN B 204 -53.67 -0.37 46.32
N GLU B 205 -53.43 0.19 47.52
CA GLU B 205 -53.69 1.61 47.73
C GLU B 205 -52.94 2.45 46.69
N ALA B 206 -51.65 2.21 46.54
CA ALA B 206 -50.88 2.94 45.54
C ALA B 206 -51.41 2.65 44.15
N LEU B 207 -51.75 1.39 43.87
CA LEU B 207 -52.25 1.02 42.56
C LEU B 207 -53.67 1.54 42.32
N TYR B 208 -54.46 1.71 43.37
CA TYR B 208 -55.72 2.43 43.24
C TYR B 208 -55.48 3.84 42.72
N ASP B 209 -54.45 4.50 43.25
CA ASP B 209 -54.19 5.89 42.88
C ASP B 209 -54.04 6.05 41.37
N ILE B 210 -53.44 5.07 40.71
CA ILE B 210 -53.26 5.13 39.27
C ILE B 210 -54.62 5.14 38.57
N CYS B 211 -55.57 4.36 39.08
CA CYS B 211 -56.84 4.22 38.38
C CYS B 211 -57.53 5.55 38.17
N PHE B 212 -57.73 6.31 39.25
CA PHE B 212 -58.47 7.56 39.14
C PHE B 212 -57.60 8.78 38.87
N ARG B 213 -56.32 8.74 39.24
CA ARG B 213 -55.50 9.94 39.13
C ARG B 213 -54.95 10.13 37.71
N THR B 214 -54.14 9.18 37.23
CA THR B 214 -53.58 9.28 35.89
C THR B 214 -54.53 8.71 34.84
N LEU B 215 -55.22 7.61 35.16
CA LEU B 215 -56.37 7.19 34.38
C LEU B 215 -57.64 7.80 34.98
N LYS B 216 -58.75 7.63 34.27
CA LYS B 216 -60.03 8.16 34.71
C LYS B 216 -61.06 7.04 34.54
N LEU B 217 -61.02 6.07 35.45
CA LEU B 217 -61.89 4.90 35.39
C LEU B 217 -62.11 4.44 36.83
N THR B 218 -63.29 4.74 37.38
CA THR B 218 -63.60 4.46 38.77
C THR B 218 -64.25 3.10 38.99
N THR B 219 -64.89 2.52 37.98
CA THR B 219 -65.70 1.34 38.21
C THR B 219 -64.89 0.14 38.70
N PRO B 220 -63.79 -0.26 38.07
CA PRO B 220 -63.14 -1.52 38.44
C PRO B 220 -62.05 -1.37 39.49
N THR B 221 -61.90 -2.43 40.28
CA THR B 221 -60.78 -2.56 41.20
C THR B 221 -59.90 -3.75 40.90
N TYR B 222 -60.45 -4.96 40.88
CA TYR B 222 -59.65 -6.17 40.78
C TYR B 222 -59.52 -6.71 39.37
N GLY B 223 -60.45 -6.37 38.47
CA GLY B 223 -60.32 -6.80 37.09
C GLY B 223 -59.27 -6.04 36.31
N ASP B 224 -58.84 -4.88 36.81
CA ASP B 224 -57.90 -4.02 36.10
C ASP B 224 -56.58 -3.82 36.83
N LEU B 225 -56.60 -3.65 38.15
CA LEU B 225 -55.36 -3.59 38.89
C LEU B 225 -54.48 -4.80 38.59
N ASN B 226 -55.10 -5.99 38.50
CA ASN B 226 -54.35 -7.18 38.12
C ASN B 226 -53.79 -7.07 36.72
N HIS B 227 -54.46 -6.31 35.85
CA HIS B 227 -54.02 -6.20 34.46
C HIS B 227 -52.83 -5.26 34.36
N LEU B 228 -52.80 -4.21 35.17
CA LEU B 228 -51.61 -3.39 35.29
C LEU B 228 -50.45 -4.21 35.85
N VAL B 229 -50.71 -5.01 36.88
CA VAL B 229 -49.68 -5.88 37.43
C VAL B 229 -49.21 -6.88 36.38
N SER B 230 -50.14 -7.46 35.63
CA SER B 230 -49.76 -8.46 34.63
C SER B 230 -48.88 -7.83 33.56
N ALA B 231 -49.20 -6.62 33.13
CA ALA B 231 -48.37 -5.94 32.13
C ALA B 231 -46.97 -5.68 32.69
N THR B 232 -46.89 -5.30 33.96
CA THR B 232 -45.59 -5.02 34.57
C THR B 232 -44.69 -6.25 34.55
N MET B 233 -45.21 -7.37 35.07
CA MET B 233 -44.40 -8.59 35.14
C MET B 233 -44.09 -9.14 33.75
N SER B 234 -44.99 -8.93 32.79
CA SER B 234 -44.70 -9.33 31.42
C SER B 234 -43.53 -8.55 30.83
N GLY B 235 -43.46 -7.25 31.13
CA GLY B 235 -42.34 -6.45 30.68
C GLY B 235 -41.00 -6.98 31.17
N VAL B 236 -40.97 -7.49 32.39
CA VAL B 236 -39.71 -7.92 32.99
C VAL B 236 -39.14 -9.11 32.24
N THR B 237 -40.00 -9.99 31.76
CA THR B 237 -39.60 -11.23 31.11
C THR B 237 -39.66 -11.15 29.59
N THR B 238 -39.76 -9.94 29.04
CA THR B 238 -39.90 -9.79 27.60
C THR B 238 -38.60 -10.17 26.88
N CYS B 239 -37.45 -9.81 27.46
CA CYS B 239 -36.18 -10.04 26.79
C CYS B 239 -35.95 -11.52 26.52
N LEU B 240 -36.53 -12.40 27.33
CA LEU B 240 -36.38 -13.83 27.14
C LEU B 240 -37.33 -14.40 26.10
N ARG B 241 -38.16 -13.57 25.48
CA ARG B 241 -39.18 -14.02 24.55
C ARG B 241 -39.11 -13.38 23.18
N PHE B 242 -38.51 -12.19 23.07
CA PHE B 242 -38.45 -11.46 21.81
C PHE B 242 -37.06 -10.89 21.63
N PRO B 243 -36.63 -10.65 20.40
CA PRO B 243 -35.31 -10.07 20.17
C PRO B 243 -35.22 -8.65 20.69
N GLY B 244 -34.01 -8.26 21.08
CA GLY B 244 -33.77 -6.92 21.59
C GLY B 244 -32.37 -6.47 21.30
N GLN B 245 -32.20 -5.16 21.15
CA GLN B 245 -30.88 -4.60 20.91
C GLN B 245 -29.96 -4.82 22.10
N LEU B 246 -30.50 -4.66 23.32
CA LEU B 246 -29.74 -4.87 24.56
C LEU B 246 -30.59 -5.80 25.43
N ASN B 247 -30.41 -7.11 25.23
CA ASN B 247 -31.27 -8.09 25.87
C ASN B 247 -30.97 -8.19 27.36
N ALA B 248 -32.02 -8.24 28.17
CA ALA B 248 -31.91 -8.37 29.60
C ALA B 248 -32.42 -9.74 30.07
N ASP B 249 -32.46 -9.93 31.38
CA ASP B 249 -32.67 -11.27 31.94
C ASP B 249 -32.89 -11.13 33.44
N LEU B 250 -33.57 -12.12 34.01
CA LEU B 250 -33.86 -12.08 35.44
C LEU B 250 -32.58 -12.01 36.26
N ARG B 251 -31.51 -12.65 35.79
CA ARG B 251 -30.25 -12.60 36.49
C ARG B 251 -29.54 -11.27 36.27
N LYS B 252 -29.69 -10.67 35.10
CA LYS B 252 -29.08 -9.38 34.83
C LYS B 252 -29.63 -8.29 35.75
N LEU B 253 -30.95 -8.30 35.96
CA LEU B 253 -31.56 -7.29 36.83
C LEU B 253 -31.18 -7.53 38.29
N ALA B 254 -31.14 -8.80 38.71
CA ALA B 254 -30.78 -9.12 40.09
C ALA B 254 -29.39 -8.58 40.43
N VAL B 255 -28.42 -8.85 39.57
CA VAL B 255 -27.06 -8.36 39.79
C VAL B 255 -27.03 -6.84 39.81
N ASN B 256 -27.71 -6.21 38.85
CA ASN B 256 -27.69 -4.75 38.78
C ASN B 256 -28.47 -4.12 39.92
N MET B 257 -29.58 -4.75 40.32
CA MET B 257 -30.51 -4.14 41.27
C MET B 257 -30.36 -4.65 42.69
N VAL B 258 -29.43 -5.56 42.95
CA VAL B 258 -29.28 -6.14 44.29
C VAL B 258 -27.83 -5.95 44.75
N PRO B 259 -27.49 -4.82 45.37
CA PRO B 259 -26.12 -4.68 45.87
C PRO B 259 -25.79 -5.67 46.98
N PHE B 260 -26.67 -5.85 47.95
CA PHE B 260 -26.45 -6.75 49.07
C PHE B 260 -27.55 -7.78 49.13
N PRO B 261 -27.27 -8.98 49.67
CA PRO B 261 -28.25 -10.06 49.61
C PRO B 261 -29.58 -9.71 50.25
N ARG B 262 -29.56 -8.96 51.36
CA ARG B 262 -30.77 -8.68 52.13
C ARG B 262 -31.54 -7.46 51.61
N LEU B 263 -31.01 -6.76 50.61
CA LEU B 263 -31.69 -5.61 50.02
C LEU B 263 -32.11 -6.00 48.60
N HIS B 264 -33.30 -6.61 48.50
CA HIS B 264 -33.80 -7.06 47.21
C HIS B 264 -35.27 -6.76 47.02
N PHE B 265 -35.87 -5.88 47.83
CA PHE B 265 -37.28 -5.53 47.74
C PHE B 265 -37.39 -4.25 46.92
N PHE B 266 -37.89 -4.37 45.69
CA PHE B 266 -38.02 -3.26 44.78
C PHE B 266 -39.45 -2.72 44.82
N MET B 267 -39.76 -1.82 43.89
CA MET B 267 -41.11 -1.31 43.73
C MET B 267 -41.31 -0.93 42.27
N PRO B 268 -42.16 -1.66 41.53
CA PRO B 268 -42.22 -1.47 40.08
C PRO B 268 -42.99 -0.23 39.66
N GLY B 269 -42.88 0.06 38.37
CA GLY B 269 -43.66 1.11 37.74
C GLY B 269 -43.79 0.83 36.27
N PHE B 270 -44.89 1.30 35.69
CA PHE B 270 -45.19 1.04 34.29
C PHE B 270 -45.64 2.33 33.61
N ALA B 271 -45.36 2.41 32.31
CA ALA B 271 -45.80 3.50 31.46
C ALA B 271 -45.93 2.99 30.05
N PRO B 272 -46.72 3.66 29.20
CA PRO B 272 -47.59 4.81 29.47
C PRO B 272 -48.90 4.41 30.13
N LEU B 273 -49.46 5.27 31.00
CA LEU B 273 -50.76 5.02 31.63
C LEU B 273 -51.62 6.24 31.36
N THR B 274 -52.27 6.25 30.21
CA THR B 274 -53.13 7.34 29.78
C THR B 274 -54.56 6.85 29.64
N SER B 275 -55.51 7.73 29.96
CA SER B 275 -56.91 7.44 29.70
C SER B 275 -57.20 7.47 28.21
N ARG B 276 -58.19 6.69 27.80
CA ARG B 276 -58.53 6.61 26.37
C ARG B 276 -58.90 7.98 25.82
N GLY B 277 -59.57 8.80 26.62
CA GLY B 277 -60.07 10.07 26.10
C GLY B 277 -59.01 11.14 26.03
N SER B 278 -58.02 11.09 26.93
CA SER B 278 -56.93 12.05 26.95
C SER B 278 -55.69 11.55 26.23
N GLN B 279 -55.73 10.35 25.66
CA GLN B 279 -54.54 9.79 25.02
C GLN B 279 -54.15 10.59 23.80
N GLN B 280 -55.13 11.04 23.01
CA GLN B 280 -54.84 11.77 21.78
C GLN B 280 -54.25 13.14 22.04
N TYR B 281 -54.25 13.62 23.29
CA TYR B 281 -53.65 14.89 23.66
C TYR B 281 -52.25 14.72 24.24
N ARG B 282 -51.55 13.65 23.86
CA ARG B 282 -50.24 13.36 24.43
C ARG B 282 -49.32 12.76 23.38
N ALA B 283 -48.06 13.17 23.43
CA ALA B 283 -47.02 12.59 22.60
C ALA B 283 -46.55 11.26 23.19
N LEU B 284 -46.15 10.35 22.31
CA LEU B 284 -45.67 9.03 22.71
C LEU B 284 -44.16 8.90 22.53
N THR B 285 -43.43 10.01 22.63
CA THR B 285 -41.99 9.99 22.45
C THR B 285 -41.29 9.52 23.73
N VAL B 286 -40.02 9.16 23.58
CA VAL B 286 -39.26 8.62 24.70
C VAL B 286 -39.17 9.60 25.86
N PRO B 287 -38.84 10.88 25.66
CA PRO B 287 -38.60 11.77 26.80
C PRO B 287 -39.76 11.78 27.79
N GLU B 288 -40.97 12.04 27.33
CA GLU B 288 -42.12 12.09 28.23
C GLU B 288 -42.34 10.76 28.91
N LEU B 289 -42.19 9.66 28.17
CA LEU B 289 -42.34 8.34 28.76
C LEU B 289 -41.46 8.17 30.00
N THR B 290 -40.23 8.67 29.93
CA THR B 290 -39.28 8.49 31.01
C THR B 290 -39.55 9.39 32.20
N GLN B 291 -40.23 10.53 31.99
CA GLN B 291 -40.43 11.48 33.08
C GLN B 291 -41.33 10.89 34.16
N GLN B 292 -42.38 10.18 33.78
CA GLN B 292 -43.37 9.71 34.75
C GLN B 292 -42.90 8.48 35.51
N MET B 293 -41.82 7.84 35.10
CA MET B 293 -41.33 6.66 35.82
C MET B 293 -40.82 7.02 37.20
N PHE B 294 -40.19 8.18 37.34
CA PHE B 294 -39.51 8.57 38.56
C PHE B 294 -40.36 9.45 39.48
N ASP B 295 -41.62 9.67 39.15
CA ASP B 295 -42.53 10.44 39.98
C ASP B 295 -43.38 9.50 40.82
N ALA B 296 -43.59 9.85 42.09
CA ALA B 296 -44.39 9.03 42.98
C ALA B 296 -45.84 8.90 42.53
N LYS B 297 -46.21 9.59 41.45
CA LYS B 297 -47.55 9.45 40.90
C LYS B 297 -47.74 8.09 40.22
N ASN B 298 -46.69 7.53 39.66
CA ASN B 298 -46.74 6.30 38.86
C ASN B 298 -45.90 5.20 39.50
N MET B 299 -45.93 5.12 40.84
CA MET B 299 -45.23 4.08 41.57
C MET B 299 -46.25 3.14 42.20
N MET B 300 -46.15 1.86 41.86
CA MET B 300 -47.11 0.85 42.34
C MET B 300 -46.85 0.43 43.78
N ALA B 301 -45.96 1.12 44.49
CA ALA B 301 -45.74 0.93 45.90
C ALA B 301 -46.22 2.16 46.66
N ALA B 302 -46.62 1.95 47.92
CA ALA B 302 -47.11 3.04 48.73
C ALA B 302 -45.99 3.99 49.17
N CYS B 303 -44.74 3.56 49.08
CA CYS B 303 -43.62 4.37 49.54
C CYS B 303 -43.22 5.39 48.48
N ASP B 304 -43.09 6.65 48.89
CA ASP B 304 -42.66 7.71 47.97
C ASP B 304 -41.14 7.72 47.88
N PRO B 305 -40.57 7.66 46.67
CA PRO B 305 -39.10 7.64 46.56
C PRO B 305 -38.44 8.93 47.03
N ARG B 306 -39.19 10.03 47.09
CA ARG B 306 -38.58 11.31 47.46
C ARG B 306 -38.00 11.27 48.86
N HIS B 307 -38.70 10.62 49.80
CA HIS B 307 -38.23 10.56 51.17
C HIS B 307 -36.92 9.80 51.30
N GLY B 308 -36.59 8.96 50.32
CA GLY B 308 -35.37 8.17 50.38
C GLY B 308 -34.45 8.41 49.21
N ARG B 309 -33.52 7.48 48.98
CA ARG B 309 -32.56 7.59 47.89
C ARG B 309 -32.51 6.29 47.12
N TYR B 310 -32.48 6.38 45.79
CA TYR B 310 -32.35 5.20 44.96
C TYR B 310 -30.96 4.57 45.14
N LEU B 311 -30.93 3.24 45.22
CA LEU B 311 -29.68 2.50 45.23
C LEU B 311 -29.33 1.97 43.85
N THR B 312 -30.31 1.37 43.18
CA THR B 312 -30.16 0.88 41.83
C THR B 312 -31.49 1.01 41.12
N VAL B 313 -31.44 1.27 39.82
CA VAL B 313 -32.63 1.46 39.01
C VAL B 313 -32.45 0.72 37.69
N ALA B 314 -33.53 0.09 37.23
CA ALA B 314 -33.53 -0.64 35.98
C ALA B 314 -34.73 -0.24 35.15
N ALA B 315 -34.49 0.01 33.86
CA ALA B 315 -35.55 0.28 32.89
C ALA B 315 -35.50 -0.79 31.81
N VAL B 316 -36.66 -1.28 31.41
CA VAL B 316 -36.77 -2.27 30.34
C VAL B 316 -37.74 -1.68 29.31
N PHE B 317 -37.18 -0.99 28.32
CA PHE B 317 -37.99 -0.39 27.28
C PHE B 317 -38.43 -1.47 26.27
N ARG B 318 -39.37 -1.09 25.40
CA ARG B 318 -39.90 -2.00 24.40
C ARG B 318 -40.26 -1.23 23.15
N GLY B 319 -40.32 -1.95 22.03
CA GLY B 319 -40.65 -1.36 20.75
C GLY B 319 -39.44 -0.81 20.04
N ARG B 320 -39.67 -0.29 18.84
CA ARG B 320 -38.63 0.37 18.07
C ARG B 320 -38.36 1.74 18.66
N MET B 321 -37.24 1.86 19.36
CA MET B 321 -36.91 3.08 20.10
C MET B 321 -35.46 3.46 19.83
N SER B 322 -35.20 4.75 19.71
CA SER B 322 -33.85 5.25 19.49
C SER B 322 -33.04 5.11 20.78
N MET B 323 -31.97 4.31 20.72
CA MET B 323 -31.18 4.05 21.91
C MET B 323 -30.45 5.30 22.41
N LYS B 324 -30.23 6.29 21.54
CA LYS B 324 -29.64 7.54 21.99
C LYS B 324 -30.59 8.28 22.92
N GLU B 325 -31.86 8.41 22.52
CA GLU B 325 -32.85 9.01 23.40
C GLU B 325 -33.05 8.15 24.65
N VAL B 326 -32.97 6.83 24.50
CA VAL B 326 -33.11 5.95 25.65
C VAL B 326 -32.01 6.18 26.67
N ASP B 327 -30.88 6.74 26.24
CA ASP B 327 -29.72 6.92 27.10
C ASP B 327 -29.50 8.37 27.51
N GLU B 328 -29.80 9.32 26.63
CA GLU B 328 -29.64 10.72 27.00
C GLU B 328 -30.59 11.11 28.12
N GLN B 329 -31.82 10.59 28.09
CA GLN B 329 -32.80 10.94 29.12
C GLN B 329 -32.39 10.42 30.48
N MET B 330 -31.76 9.25 30.55
CA MET B 330 -31.37 8.70 31.85
C MET B 330 -30.23 9.52 32.46
N LEU B 331 -29.24 9.87 31.66
CA LEU B 331 -28.24 10.84 32.12
C LEU B 331 -28.90 12.12 32.60
N ASN B 332 -29.95 12.57 31.89
CA ASN B 332 -30.67 13.76 32.33
C ASN B 332 -31.32 13.56 33.69
N VAL B 333 -31.94 12.39 33.89
CA VAL B 333 -32.64 12.10 35.13
C VAL B 333 -31.67 12.11 36.31
N GLN B 334 -30.51 11.46 36.13
CA GLN B 334 -29.57 11.33 37.23
C GLN B 334 -29.06 12.69 37.69
N ASN B 335 -28.78 13.59 36.74
CA ASN B 335 -28.24 14.90 37.09
C ASN B 335 -29.31 15.79 37.70
N LYS B 336 -30.52 15.77 37.14
CA LYS B 336 -31.59 16.60 37.67
C LYS B 336 -31.92 16.23 39.11
N ASN B 337 -31.87 14.95 39.44
CA ASN B 337 -32.28 14.48 40.75
C ASN B 337 -31.09 13.87 41.49
N SER B 338 -29.95 14.57 41.45
CA SER B 338 -28.73 14.03 42.04
C SER B 338 -28.88 13.70 43.52
N SER B 339 -29.80 14.37 44.21
CA SER B 339 -30.03 14.09 45.62
C SER B 339 -30.82 12.81 45.84
N TYR B 340 -31.47 12.30 44.79
CA TYR B 340 -32.28 11.09 44.89
C TYR B 340 -31.48 9.82 44.70
N PHE B 341 -30.18 9.93 44.40
CA PHE B 341 -29.33 8.76 44.16
C PHE B 341 -28.12 8.81 45.09
N VAL B 342 -27.72 7.64 45.56
CA VAL B 342 -26.61 7.50 46.49
C VAL B 342 -25.29 7.72 45.75
N GLU B 343 -24.35 8.36 46.43
CA GLU B 343 -23.08 8.69 45.80
C GLU B 343 -22.17 7.48 45.69
N TRP B 344 -22.19 6.61 46.70
CA TRP B 344 -21.28 5.47 46.72
C TRP B 344 -21.56 4.47 45.60
N ILE B 345 -22.57 4.69 44.76
CA ILE B 345 -22.75 3.92 43.53
C ILE B 345 -22.66 4.89 42.36
N PRO B 346 -21.58 4.86 41.57
CA PRO B 346 -21.44 5.86 40.50
C PRO B 346 -22.58 5.86 39.51
N ASN B 347 -23.12 4.71 39.13
CA ASN B 347 -24.22 4.68 38.18
C ASN B 347 -25.33 3.81 38.73
N ASN B 348 -26.57 4.28 38.57
CA ASN B 348 -27.72 3.64 39.21
C ASN B 348 -28.81 3.21 38.24
N VAL B 349 -28.61 3.38 36.93
CA VAL B 349 -29.64 3.11 35.94
C VAL B 349 -29.17 1.98 35.03
N LYS B 350 -30.04 1.00 34.84
CA LYS B 350 -29.82 -0.11 33.92
C LYS B 350 -30.88 -0.07 32.84
N THR B 351 -30.47 -0.19 31.59
CA THR B 351 -31.37 -0.06 30.45
C THR B 351 -31.40 -1.36 29.66
N ALA B 352 -32.56 -1.65 29.08
CA ALA B 352 -32.74 -2.81 28.22
C ALA B 352 -33.88 -2.51 27.26
N VAL B 353 -33.68 -2.82 25.98
CA VAL B 353 -34.61 -2.48 24.92
C VAL B 353 -35.02 -3.75 24.20
N CYS B 354 -36.32 -3.93 24.02
CA CYS B 354 -36.88 -5.02 23.24
C CYS B 354 -37.57 -4.47 22.00
N ASP B 355 -37.42 -5.17 20.88
CA ASP B 355 -37.93 -4.65 19.62
C ASP B 355 -39.46 -4.71 19.54
N ILE B 356 -40.07 -5.74 20.11
CA ILE B 356 -41.50 -5.99 19.98
C ILE B 356 -42.21 -5.32 21.15
N PRO B 357 -43.20 -4.46 20.91
CA PRO B 357 -43.87 -3.77 21.99
C PRO B 357 -44.98 -4.62 22.58
N PRO B 358 -45.61 -4.19 23.67
CA PRO B 358 -46.75 -4.93 24.20
C PRO B 358 -47.97 -4.73 23.31
N ARG B 359 -48.88 -5.69 23.38
CA ARG B 359 -50.07 -5.66 22.52
C ARG B 359 -50.84 -4.37 22.72
N GLY B 360 -51.19 -3.72 21.62
CA GLY B 360 -51.93 -2.47 21.66
C GLY B 360 -51.10 -1.24 21.88
N LEU B 361 -49.78 -1.32 21.74
CA LEU B 361 -48.91 -0.16 21.94
C LEU B 361 -47.68 -0.29 21.04
N LYS B 362 -47.04 0.85 20.80
CA LYS B 362 -45.79 0.91 20.06
C LYS B 362 -44.62 1.32 20.94
N MET B 363 -44.85 1.62 22.21
CA MET B 363 -43.80 2.02 23.12
C MET B 363 -44.24 1.69 24.53
N SER B 364 -43.28 1.32 25.37
CA SER B 364 -43.56 0.95 26.75
C SER B 364 -42.23 0.83 27.50
N ALA B 365 -42.32 0.76 28.83
CA ALA B 365 -41.15 0.62 29.67
C ALA B 365 -41.61 0.24 31.07
N THR B 366 -40.90 -0.71 31.68
CA THR B 366 -41.18 -1.15 33.04
C THR B 366 -40.07 -0.67 33.95
N PHE B 367 -40.43 0.09 34.98
CA PHE B 367 -39.47 0.61 35.93
C PHE B 367 -39.33 -0.36 37.10
N ILE B 368 -38.08 -0.59 37.52
CA ILE B 368 -37.78 -1.39 38.70
C ILE B 368 -36.79 -0.58 39.53
N GLY B 369 -37.18 -0.23 40.76
CA GLY B 369 -36.37 0.63 41.59
C GLY B 369 -36.07 0.08 42.96
N ASN B 370 -34.80 0.13 43.37
CA ASN B 370 -34.38 -0.23 44.71
C ASN B 370 -34.09 1.07 45.46
N SER B 371 -35.03 1.48 46.30
CA SER B 371 -34.92 2.72 47.05
C SER B 371 -34.97 2.43 48.55
N THR B 372 -34.21 3.20 49.31
CA THR B 372 -34.23 3.08 50.77
C THR B 372 -35.53 3.61 51.36
N ALA B 373 -36.35 4.31 50.58
CA ALA B 373 -37.66 4.73 51.05
C ALA B 373 -38.57 3.54 51.36
N ILE B 374 -38.25 2.35 50.86
CA ILE B 374 -39.07 1.18 51.15
C ILE B 374 -38.94 0.78 52.62
N GLN B 375 -37.90 1.25 53.30
CA GLN B 375 -37.75 0.92 54.72
C GLN B 375 -38.90 1.48 55.55
N GLU B 376 -39.48 2.61 55.12
CA GLU B 376 -40.69 3.10 55.75
C GLU B 376 -41.75 2.01 55.87
N LEU B 377 -41.94 1.23 54.80
CA LEU B 377 -42.98 0.21 54.82
C LEU B 377 -42.73 -0.80 55.93
N PHE B 378 -41.52 -1.37 55.98
CA PHE B 378 -41.23 -2.34 57.03
C PHE B 378 -41.26 -1.69 58.40
N LYS B 379 -40.73 -0.47 58.50
CA LYS B 379 -40.83 0.28 59.74
C LYS B 379 -42.27 0.38 60.21
N ARG B 380 -43.19 0.69 59.27
CA ARG B 380 -44.59 0.79 59.63
C ARG B 380 -45.16 -0.54 60.11
N ILE B 381 -44.84 -1.62 59.39
CA ILE B 381 -45.33 -2.94 59.79
C ILE B 381 -44.84 -3.29 61.18
N SER B 382 -43.60 -2.93 61.50
CA SER B 382 -43.05 -3.24 62.82
C SER B 382 -43.78 -2.46 63.90
N GLU B 383 -44.06 -1.18 63.67
CA GLU B 383 -44.86 -0.39 64.61
C GLU B 383 -46.19 -1.07 64.89
N GLN B 384 -46.87 -1.54 63.85
CA GLN B 384 -48.14 -2.23 64.05
C GLN B 384 -47.94 -3.59 64.71
N PHE B 385 -46.89 -4.31 64.32
CA PHE B 385 -46.64 -5.63 64.90
C PHE B 385 -46.35 -5.52 66.39
N THR B 386 -45.48 -4.58 66.78
CA THR B 386 -45.12 -4.47 68.19
C THR B 386 -46.30 -4.04 69.04
N ALA B 387 -47.20 -3.22 68.48
CA ALA B 387 -48.33 -2.74 69.26
C ALA B 387 -49.27 -3.90 69.61
N MET B 388 -49.65 -4.70 68.61
CA MET B 388 -50.51 -5.84 68.85
C MET B 388 -49.79 -6.90 69.70
N PHE B 389 -48.55 -7.21 69.36
CA PHE B 389 -47.79 -8.22 70.09
C PHE B 389 -47.47 -7.78 71.51
N ARG B 390 -47.46 -6.47 71.79
CA ARG B 390 -47.12 -5.99 73.12
C ARG B 390 -48.11 -6.49 74.16
N ARG B 391 -49.32 -6.90 73.73
CA ARG B 391 -50.35 -7.38 74.64
C ARG B 391 -50.89 -8.74 74.21
N LYS B 392 -50.21 -9.43 73.30
CA LYS B 392 -50.66 -10.73 72.81
C LYS B 392 -52.07 -10.62 72.22
N ALA B 393 -52.16 -9.81 71.15
CA ALA B 393 -53.47 -9.49 70.58
C ALA B 393 -54.15 -10.73 70.04
N PHE B 394 -53.46 -11.52 69.22
CA PHE B 394 -54.03 -12.69 68.58
C PHE B 394 -53.13 -13.92 68.63
N LEU B 395 -52.12 -13.94 69.50
CA LEU B 395 -51.13 -15.00 69.45
C LEU B 395 -51.75 -16.37 69.69
N HIS B 396 -52.89 -16.42 70.39
CA HIS B 396 -53.46 -17.72 70.74
C HIS B 396 -53.90 -18.49 69.49
N TRP B 397 -54.38 -17.80 68.46
CA TRP B 397 -54.69 -18.50 67.22
C TRP B 397 -53.45 -19.07 66.57
N TYR B 398 -52.33 -18.34 66.62
CA TYR B 398 -51.10 -18.77 65.97
C TYR B 398 -50.34 -19.81 66.79
N THR B 399 -50.29 -19.64 68.11
CA THR B 399 -49.65 -20.64 68.95
C THR B 399 -50.36 -21.99 68.87
N GLY B 400 -51.69 -21.98 68.75
CA GLY B 400 -52.46 -23.22 68.74
C GLY B 400 -52.34 -24.02 67.46
N GLU B 401 -51.63 -23.51 66.45
CA GLU B 401 -51.43 -24.22 65.19
C GLU B 401 -49.97 -24.62 65.02
N GLY B 402 -49.32 -25.03 66.09
CA GLY B 402 -47.94 -25.44 66.04
C GLY B 402 -46.99 -24.29 65.79
N MET B 403 -46.90 -23.37 66.75
CA MET B 403 -46.04 -22.21 66.64
C MET B 403 -45.70 -21.72 68.04
N ASP B 404 -44.65 -20.91 68.13
CA ASP B 404 -44.17 -20.37 69.39
C ASP B 404 -43.99 -18.86 69.28
N GLU B 405 -44.22 -18.16 70.39
CA GLU B 405 -44.05 -16.72 70.42
C GLU B 405 -42.59 -16.31 70.24
N MET B 406 -41.65 -17.23 70.46
CA MET B 406 -40.25 -16.92 70.19
C MET B 406 -40.03 -16.63 68.72
N GLU B 407 -40.83 -17.25 67.85
CA GLU B 407 -40.66 -16.99 66.42
C GLU B 407 -41.06 -15.57 66.09
N PHE B 408 -42.10 -15.07 66.75
CA PHE B 408 -42.52 -13.68 66.54
C PHE B 408 -41.42 -12.71 66.91
N THR B 409 -40.73 -12.96 68.03
CA THR B 409 -39.62 -12.10 68.42
C THR B 409 -38.50 -12.15 67.38
N GLU B 410 -38.20 -13.35 66.89
CA GLU B 410 -37.20 -13.49 65.83
C GLU B 410 -37.63 -12.73 64.57
N ALA B 411 -38.92 -12.81 64.24
CA ALA B 411 -39.42 -12.13 63.05
C ALA B 411 -39.39 -10.63 63.24
N GLU B 412 -39.60 -10.17 64.47
CA GLU B 412 -39.53 -8.74 64.76
C GLU B 412 -38.08 -8.26 64.82
N SER B 413 -37.20 -9.08 65.38
CA SER B 413 -35.79 -8.70 65.46
C SER B 413 -35.14 -8.71 64.08
N ASN B 414 -35.43 -9.73 63.28
CA ASN B 414 -34.90 -9.76 61.92
C ASN B 414 -35.46 -8.61 61.08
N MET B 415 -36.74 -8.31 61.23
CA MET B 415 -37.32 -7.17 60.53
C MET B 415 -36.65 -5.87 60.95
N ASN B 416 -36.41 -5.71 62.25
CA ASN B 416 -35.78 -4.48 62.74
C ASN B 416 -34.41 -4.28 62.11
N ASP B 417 -33.70 -5.38 61.84
CA ASP B 417 -32.37 -5.25 61.27
C ASP B 417 -32.44 -4.87 59.79
N LEU B 418 -33.46 -5.36 59.08
CA LEU B 418 -33.66 -4.95 57.70
C LEU B 418 -33.90 -3.46 57.60
N VAL B 419 -34.72 -2.92 58.52
CA VAL B 419 -34.95 -1.47 58.53
C VAL B 419 -33.64 -0.73 58.83
N SER B 420 -32.87 -1.23 59.80
CA SER B 420 -31.62 -0.57 60.15
C SER B 420 -30.64 -0.56 58.99
N GLU B 421 -30.56 -1.68 58.26
CA GLU B 421 -29.61 -1.76 57.14
C GLU B 421 -29.94 -0.72 56.06
N TYR B 422 -31.22 -0.61 55.71
CA TYR B 422 -31.62 0.39 54.73
C TYR B 422 -31.28 1.80 55.20
N GLN B 423 -31.32 2.03 56.52
CA GLN B 423 -31.06 3.34 57.07
C GLN B 423 -29.59 3.73 56.97
N GLN B 424 -28.69 2.74 57.00
CA GLN B 424 -27.25 3.04 56.93
C GLN B 424 -26.88 3.69 55.60
N TYR B 425 -27.63 3.40 54.54
CA TYR B 425 -27.31 3.89 53.20
C TYR B 425 -28.06 5.17 52.87
N GLN B 426 -28.34 6.00 53.86
CA GLN B 426 -28.82 7.35 53.64
C GLN B 426 -27.70 8.37 53.67
N ASP B 427 -26.63 8.08 54.42
CA ASP B 427 -25.49 8.97 54.49
C ASP B 427 -24.71 8.96 53.18
N ALA B 428 -23.98 10.05 52.94
CA ALA B 428 -23.17 10.18 51.74
C ALA B 428 -21.79 9.58 51.97
N THR B 429 -20.94 9.67 50.95
CA THR B 429 -19.59 9.12 51.04
C THR B 429 -18.77 9.90 52.06
N ALA B 430 -17.99 9.18 52.85
CA ALA B 430 -17.12 9.79 53.86
C ALA B 430 -17.94 10.68 54.81
N MET C 1 -44.07 -71.86 15.58
CA MET C 1 -42.84 -71.14 16.02
C MET C 1 -43.09 -70.39 17.32
N ARG C 2 -42.53 -70.90 18.42
CA ARG C 2 -42.63 -70.28 19.73
C ARG C 2 -44.10 -70.11 20.14
N GLU C 3 -44.77 -71.24 20.27
CA GLU C 3 -46.18 -71.28 20.61
C GLU C 3 -46.39 -71.12 22.11
N ILE C 4 -47.44 -70.41 22.48
CA ILE C 4 -47.84 -70.20 23.86
C ILE C 4 -49.23 -70.79 24.06
N VAL C 5 -49.41 -71.51 25.17
CA VAL C 5 -50.70 -72.08 25.53
C VAL C 5 -51.14 -71.41 26.82
N HIS C 6 -52.39 -70.94 26.83
CA HIS C 6 -52.91 -70.10 27.90
C HIS C 6 -53.76 -70.92 28.87
N LEU C 7 -53.49 -70.75 30.16
CA LEU C 7 -54.27 -71.38 31.22
C LEU C 7 -54.92 -70.29 32.06
N GLN C 8 -56.19 -70.48 32.39
CA GLN C 8 -56.90 -69.56 33.27
C GLN C 8 -57.75 -70.38 34.24
N ALA C 9 -57.58 -70.12 35.53
CA ALA C 9 -58.24 -70.86 36.58
C ALA C 9 -58.89 -69.91 37.57
N GLY C 10 -59.98 -70.36 38.18
CA GLY C 10 -60.67 -69.55 39.17
C GLY C 10 -61.59 -68.52 38.54
N GLN C 11 -62.41 -67.86 39.37
CA GLN C 11 -63.30 -66.85 38.82
C GLN C 11 -62.52 -65.66 38.27
N CYS C 12 -61.51 -65.21 39.01
CA CYS C 12 -60.70 -64.09 38.54
C CYS C 12 -59.97 -64.45 37.25
N GLY C 13 -59.42 -65.66 37.18
CA GLY C 13 -58.65 -66.04 36.01
C GLY C 13 -59.47 -66.01 34.73
N ASN C 14 -60.67 -66.60 34.76
CA ASN C 14 -61.49 -66.66 33.56
C ASN C 14 -61.88 -65.27 33.09
N GLN C 15 -62.29 -64.40 34.02
CA GLN C 15 -62.69 -63.05 33.65
C GLN C 15 -61.51 -62.28 33.06
N ILE C 16 -60.33 -62.41 33.69
CA ILE C 16 -59.13 -61.83 33.10
C ILE C 16 -58.81 -62.50 31.77
N GLY C 17 -58.85 -63.84 31.75
CA GLY C 17 -58.76 -64.55 30.47
C GLY C 17 -59.74 -64.04 29.44
N ALA C 18 -61.00 -63.84 29.84
CA ALA C 18 -62.02 -63.45 28.87
C ALA C 18 -61.67 -62.12 28.22
N LYS C 19 -61.23 -61.16 29.02
CA LYS C 19 -60.82 -59.87 28.48
C LYS C 19 -59.40 -59.92 27.93
N PHE C 20 -58.71 -61.04 28.11
CA PHE C 20 -57.38 -61.20 27.56
C PHE C 20 -57.45 -61.54 26.07
N TRP C 21 -58.48 -62.27 25.67
CA TRP C 21 -58.67 -62.65 24.27
C TRP C 21 -59.46 -61.62 23.48
N GLU C 22 -60.28 -60.80 24.14
CA GLU C 22 -60.94 -59.71 23.43
C GLU C 22 -59.93 -58.67 22.97
N VAL C 23 -58.79 -58.57 23.64
CA VAL C 23 -57.76 -57.62 23.25
C VAL C 23 -56.92 -58.20 22.11
N ILE C 24 -56.47 -59.43 22.26
CA ILE C 24 -55.63 -60.05 21.23
C ILE C 24 -56.40 -60.18 19.93
N SER C 25 -57.66 -60.65 20.01
CA SER C 25 -58.48 -60.75 18.81
C SER C 25 -58.64 -59.40 18.12
N ASP C 26 -58.60 -58.32 18.89
CA ASP C 26 -58.65 -56.99 18.29
C ASP C 26 -57.34 -56.64 17.60
N GLU C 27 -56.21 -57.05 18.18
CA GLU C 27 -54.92 -56.75 17.57
C GLU C 27 -54.76 -57.44 16.23
N HIS C 28 -55.16 -58.71 16.14
CA HIS C 28 -55.03 -59.48 14.92
C HIS C 28 -56.24 -59.35 14.01
N GLY C 29 -57.22 -58.53 14.37
CA GLY C 29 -58.39 -58.36 13.53
C GLY C 29 -59.21 -59.63 13.37
N ILE C 30 -59.41 -60.36 14.46
CA ILE C 30 -60.15 -61.62 14.43
C ILE C 30 -61.56 -61.36 14.92
N ASP C 31 -62.55 -61.69 14.08
CA ASP C 31 -63.94 -61.52 14.45
C ASP C 31 -64.31 -62.48 15.58
N PRO C 32 -65.25 -62.10 16.45
CA PRO C 32 -65.65 -63.01 17.53
C PRO C 32 -66.00 -64.41 17.05
N THR C 33 -66.50 -64.55 15.83
CA THR C 33 -66.79 -65.88 15.30
C THR C 33 -65.53 -66.68 15.00
N GLY C 34 -64.36 -66.05 15.01
CA GLY C 34 -63.14 -66.71 14.60
C GLY C 34 -62.72 -66.46 13.17
N THR C 35 -63.34 -65.51 12.47
CA THR C 35 -63.04 -65.23 11.08
C THR C 35 -62.14 -64.00 11.00
N TYR C 36 -61.06 -64.11 10.23
CA TYR C 36 -60.11 -63.01 10.12
C TYR C 36 -60.64 -61.92 9.19
N HIS C 37 -60.53 -60.68 9.66
CA HIS C 37 -60.90 -59.52 8.84
C HIS C 37 -59.88 -58.40 8.98
N GLY C 38 -58.64 -58.71 9.35
CA GLY C 38 -57.64 -57.69 9.56
C GLY C 38 -57.19 -57.04 8.27
N ASP C 39 -56.34 -56.02 8.43
CA ASP C 39 -55.83 -55.24 7.31
C ASP C 39 -54.36 -55.49 7.02
N SER C 40 -53.54 -55.73 8.04
CA SER C 40 -52.10 -55.88 7.88
C SER C 40 -51.72 -57.36 7.89
N ASP C 41 -50.75 -57.71 7.04
CA ASP C 41 -50.38 -59.10 6.87
C ASP C 41 -49.64 -59.64 8.09
N LEU C 42 -48.96 -58.76 8.85
CA LEU C 42 -48.20 -59.22 10.00
C LEU C 42 -49.10 -59.93 11.01
N GLN C 43 -50.39 -59.59 11.03
CA GLN C 43 -51.31 -60.24 11.96
C GLN C 43 -51.38 -61.74 11.71
N LEU C 44 -51.41 -62.15 10.45
CA LEU C 44 -51.48 -63.57 10.12
C LEU C 44 -50.14 -64.25 10.29
N GLU C 45 -49.04 -63.53 10.06
CA GLU C 45 -47.72 -64.15 10.07
C GLU C 45 -47.43 -64.86 11.38
N ARG C 46 -47.93 -64.33 12.50
CA ARG C 46 -47.72 -64.93 13.80
C ARG C 46 -49.03 -65.25 14.51
N ILE C 47 -50.13 -65.33 13.78
CA ILE C 47 -51.42 -65.63 14.40
C ILE C 47 -51.40 -67.01 15.03
N ASN C 48 -50.47 -67.86 14.60
CA ASN C 48 -50.36 -69.21 15.16
C ASN C 48 -49.74 -69.22 16.55
N VAL C 49 -49.32 -68.07 17.06
CA VAL C 49 -48.71 -68.04 18.40
C VAL C 49 -49.77 -68.29 19.47
N TYR C 50 -50.98 -67.76 19.26
CA TYR C 50 -52.10 -67.95 20.17
C TYR C 50 -53.25 -68.74 19.57
N TYR C 51 -53.51 -68.55 18.29
CA TYR C 51 -54.68 -69.11 17.63
C TYR C 51 -54.28 -70.29 16.76
N ASN C 52 -54.98 -71.41 16.93
CA ASN C 52 -54.90 -72.51 15.98
C ASN C 52 -55.77 -72.17 14.78
N GLU C 53 -56.05 -73.15 13.92
CA GLU C 53 -56.76 -72.87 12.68
C GLU C 53 -57.61 -74.08 12.29
N ALA C 54 -58.78 -73.78 11.73
CA ALA C 54 -59.68 -74.78 11.17
C ALA C 54 -60.17 -74.31 9.82
N THR C 55 -60.29 -75.26 8.89
CA THR C 55 -60.61 -74.93 7.51
C THR C 55 -61.77 -73.95 7.45
N GLY C 56 -61.72 -73.02 6.51
CA GLY C 56 -62.67 -71.95 6.41
C GLY C 56 -62.26 -70.67 7.11
N GLY C 57 -61.06 -70.62 7.68
CA GLY C 57 -60.57 -69.44 8.35
C GLY C 57 -60.87 -69.35 9.83
N LYS C 58 -61.61 -70.32 10.38
CA LYS C 58 -61.94 -70.31 11.81
C LYS C 58 -60.66 -70.49 12.63
N TYR C 59 -60.30 -69.47 13.40
CA TYR C 59 -59.12 -69.49 14.23
C TYR C 59 -59.52 -69.82 15.67
N VAL C 60 -58.95 -70.89 16.20
CA VAL C 60 -59.30 -71.38 17.54
C VAL C 60 -58.21 -70.99 18.53
N PRO C 61 -58.48 -70.07 19.45
CA PRO C 61 -57.49 -69.77 20.48
C PRO C 61 -57.36 -70.92 21.47
N ARG C 62 -56.13 -71.41 21.61
CA ARG C 62 -55.83 -72.48 22.55
C ARG C 62 -55.67 -71.87 23.95
N ALA C 63 -56.81 -71.58 24.55
CA ALA C 63 -56.88 -71.34 25.98
C ALA C 63 -57.50 -72.57 26.65
N VAL C 64 -57.08 -72.84 27.88
CA VAL C 64 -57.68 -73.90 28.67
C VAL C 64 -58.33 -73.25 29.88
N LEU C 65 -59.65 -73.33 29.95
CA LEU C 65 -60.45 -72.67 30.98
C LEU C 65 -60.91 -73.73 31.96
N VAL C 66 -60.52 -73.59 33.22
CA VAL C 66 -60.81 -74.57 34.25
C VAL C 66 -61.37 -73.85 35.47
N ASP C 67 -62.47 -74.38 36.01
CA ASP C 67 -63.01 -73.91 37.27
C ASP C 67 -63.82 -75.04 37.89
N LEU C 68 -63.96 -74.99 39.21
CA LEU C 68 -64.60 -76.06 39.95
C LEU C 68 -66.12 -75.92 40.01
N GLU C 69 -66.69 -74.86 39.46
CA GLU C 69 -68.13 -74.73 39.37
C GLU C 69 -68.50 -74.07 38.05
N PRO C 70 -69.61 -74.48 37.42
CA PRO C 70 -69.94 -73.97 36.08
C PRO C 70 -70.28 -72.48 36.05
N GLY C 71 -70.55 -71.87 37.20
CA GLY C 71 -71.05 -70.50 37.23
C GLY C 71 -70.32 -69.52 36.33
N THR C 72 -69.06 -69.26 36.61
CA THR C 72 -68.34 -68.23 35.87
C THR C 72 -68.19 -68.60 34.39
N MET C 73 -67.87 -69.85 34.10
CA MET C 73 -67.63 -70.27 32.72
C MET C 73 -68.88 -70.15 31.88
N ASP C 74 -70.04 -70.49 32.45
CA ASP C 74 -71.29 -70.32 31.72
C ASP C 74 -71.47 -68.88 31.26
N SER C 75 -71.04 -67.92 32.07
CA SER C 75 -71.09 -66.52 31.66
C SER C 75 -70.18 -66.27 30.47
N VAL C 76 -68.96 -66.82 30.51
CA VAL C 76 -68.03 -66.65 29.40
C VAL C 76 -68.60 -67.29 28.14
N ARG C 77 -69.15 -68.50 28.27
CA ARG C 77 -69.73 -69.18 27.11
C ARG C 77 -70.88 -68.37 26.52
N SER C 78 -71.72 -67.81 27.38
CA SER C 78 -72.84 -67.01 26.90
C SER C 78 -72.40 -65.60 26.52
N GLY C 79 -71.24 -65.15 26.97
CA GLY C 79 -70.66 -63.91 26.51
C GLY C 79 -70.72 -63.76 25.00
N PRO C 80 -70.62 -62.52 24.52
CA PRO C 80 -70.54 -62.31 23.06
C PRO C 80 -69.31 -62.95 22.44
N PHE C 81 -68.21 -63.01 23.20
CA PHE C 81 -66.95 -63.53 22.74
C PHE C 81 -66.73 -64.99 23.12
N GLY C 82 -67.76 -65.64 23.67
CA GLY C 82 -67.64 -67.03 24.07
C GLY C 82 -67.78 -68.04 22.95
N GLN C 83 -68.19 -67.60 21.77
CA GLN C 83 -68.34 -68.49 20.63
C GLN C 83 -67.00 -68.90 20.03
N ILE C 84 -65.90 -68.28 20.46
CA ILE C 84 -64.61 -68.52 19.82
C ILE C 84 -63.91 -69.73 20.43
N PHE C 85 -64.01 -69.92 21.74
CA PHE C 85 -63.28 -70.99 22.41
C PHE C 85 -63.78 -72.35 21.94
N ARG C 86 -62.87 -73.31 21.92
CA ARG C 86 -63.23 -74.68 21.58
C ARG C 86 -64.03 -75.26 22.74
N PRO C 87 -65.27 -75.72 22.52
CA PRO C 87 -66.09 -76.22 23.62
C PRO C 87 -65.38 -77.29 24.45
N ASP C 88 -64.49 -78.04 23.83
CA ASP C 88 -63.77 -79.09 24.53
C ASP C 88 -62.76 -78.55 25.54
N ASN C 89 -62.47 -77.24 25.50
CA ASN C 89 -61.47 -76.70 26.41
C ASN C 89 -62.05 -76.39 27.77
N PHE C 90 -63.27 -75.86 27.83
CA PHE C 90 -63.93 -75.64 29.11
C PHE C 90 -63.92 -76.91 29.95
N VAL C 91 -63.23 -76.87 31.09
CA VAL C 91 -63.21 -77.96 32.04
C VAL C 91 -63.94 -77.48 33.28
N PHE C 92 -65.16 -77.96 33.47
CA PHE C 92 -66.03 -77.50 34.55
C PHE C 92 -66.34 -78.66 35.50
N GLY C 93 -66.33 -78.35 36.78
CA GLY C 93 -66.71 -79.30 37.80
C GLY C 93 -68.18 -79.17 38.17
N GLN C 94 -68.52 -79.69 39.36
CA GLN C 94 -69.88 -79.62 39.85
C GLN C 94 -69.97 -79.27 41.33
N SER C 95 -68.84 -79.04 42.00
CA SER C 95 -68.82 -78.62 43.41
C SER C 95 -67.64 -77.67 43.57
N GLY C 96 -67.91 -76.37 43.50
CA GLY C 96 -66.85 -75.38 43.57
C GLY C 96 -66.20 -75.34 44.93
N ALA C 97 -65.00 -74.75 44.97
CA ALA C 97 -64.22 -74.64 46.19
C ALA C 97 -64.72 -73.47 47.02
N GLY C 98 -64.84 -73.69 48.33
CA GLY C 98 -65.31 -72.65 49.22
C GLY C 98 -64.19 -71.79 49.78
N ASN C 99 -63.27 -71.39 48.91
CA ASN C 99 -62.13 -70.54 49.23
C ASN C 99 -61.13 -71.24 50.15
N ASN C 100 -61.27 -72.53 50.41
CA ASN C 100 -60.32 -73.27 51.22
C ASN C 100 -59.31 -73.95 50.30
N TRP C 101 -58.03 -73.67 50.54
CA TRP C 101 -56.96 -74.15 49.66
C TRP C 101 -56.94 -75.67 49.58
N ALA C 102 -57.20 -76.35 50.70
CA ALA C 102 -57.07 -77.80 50.74
C ALA C 102 -58.04 -78.46 49.77
N LYS C 103 -59.29 -77.98 49.74
CA LYS C 103 -60.30 -78.61 48.89
C LYS C 103 -59.92 -78.51 47.42
N GLY C 104 -59.47 -77.32 46.99
CA GLY C 104 -59.07 -77.14 45.60
C GLY C 104 -57.71 -77.69 45.25
N HIS C 105 -56.99 -78.22 46.24
CA HIS C 105 -55.66 -78.77 46.04
C HIS C 105 -55.56 -80.26 46.36
N TYR C 106 -56.36 -80.78 47.31
CA TYR C 106 -56.28 -82.17 47.70
C TYR C 106 -57.50 -82.99 47.32
N THR C 107 -58.69 -82.58 47.72
CA THR C 107 -59.88 -83.42 47.61
C THR C 107 -60.70 -83.18 46.35
N GLU C 108 -60.71 -81.96 45.83
CA GLU C 108 -61.57 -81.60 44.70
C GLU C 108 -60.77 -81.28 43.44
N GLY C 109 -59.67 -80.54 43.57
CA GLY C 109 -58.80 -80.33 42.41
C GLY C 109 -58.17 -81.63 41.93
N ALA C 110 -57.86 -82.53 42.87
CA ALA C 110 -57.26 -83.81 42.49
C ALA C 110 -58.17 -84.58 41.56
N GLU C 111 -59.49 -84.50 41.76
CA GLU C 111 -60.41 -85.26 40.93
C GLU C 111 -60.55 -84.66 39.54
N LEU C 112 -60.32 -83.37 39.40
CA LEU C 112 -60.53 -82.67 38.13
C LEU C 112 -59.24 -82.37 37.39
N VAL C 113 -58.08 -82.50 38.04
CA VAL C 113 -56.83 -82.07 37.41
C VAL C 113 -56.47 -82.97 36.25
N ASP C 114 -56.68 -84.28 36.42
CA ASP C 114 -56.34 -85.22 35.36
C ASP C 114 -57.05 -84.89 34.06
N SER C 115 -58.27 -84.37 34.15
CA SER C 115 -59.00 -84.01 32.94
C SER C 115 -58.34 -82.83 32.21
N VAL C 116 -57.76 -81.89 32.96
CA VAL C 116 -57.20 -80.70 32.33
C VAL C 116 -55.95 -81.06 31.52
N LEU C 117 -55.07 -81.88 32.09
CA LEU C 117 -53.86 -82.25 31.37
C LEU C 117 -54.20 -82.93 30.04
N ASP C 118 -55.29 -83.70 30.01
CA ASP C 118 -55.75 -84.29 28.76
C ASP C 118 -56.07 -83.23 27.72
N VAL C 119 -56.35 -82.00 28.14
CA VAL C 119 -56.65 -80.92 27.21
C VAL C 119 -55.42 -80.05 26.94
N VAL C 120 -54.50 -79.97 27.90
CA VAL C 120 -53.25 -79.24 27.67
C VAL C 120 -52.39 -80.01 26.68
N ARG C 121 -52.29 -81.32 26.86
CA ARG C 121 -51.39 -82.12 26.02
C ARG C 121 -51.80 -82.04 24.56
N LYS C 122 -53.11 -82.04 24.28
CA LYS C 122 -53.56 -81.89 22.90
C LYS C 122 -53.15 -80.53 22.34
N GLU C 123 -53.28 -79.47 23.13
CA GLU C 123 -52.79 -78.16 22.70
C GLU C 123 -51.28 -78.08 22.77
N ALA C 124 -50.63 -79.04 23.44
CA ALA C 124 -49.17 -79.02 23.54
C ALA C 124 -48.55 -79.74 22.36
N GLU C 125 -49.15 -80.86 21.94
CA GLU C 125 -48.64 -81.60 20.79
C GLU C 125 -49.10 -81.03 19.46
N SER C 126 -50.00 -80.05 19.47
CA SER C 126 -50.43 -79.39 18.25
C SER C 126 -49.56 -78.18 17.92
N CYS C 127 -48.51 -77.93 18.70
CA CYS C 127 -47.60 -76.81 18.49
C CYS C 127 -46.24 -77.36 18.09
N ASP C 128 -45.66 -76.78 17.02
CA ASP C 128 -44.41 -77.31 16.50
C ASP C 128 -43.23 -76.94 17.39
N CYS C 129 -43.20 -75.71 17.91
CA CYS C 129 -42.27 -75.37 19.00
C CYS C 129 -43.09 -74.70 20.09
N LEU C 130 -43.34 -75.43 21.18
CA LEU C 130 -44.05 -74.86 22.31
C LEU C 130 -43.06 -74.11 23.21
N GLN C 131 -43.22 -72.79 23.31
CA GLN C 131 -42.30 -72.00 24.11
C GLN C 131 -42.55 -72.20 25.60
N GLY C 132 -43.69 -71.75 26.09
CA GLY C 132 -44.03 -71.98 27.50
C GLY C 132 -45.50 -71.76 27.74
N PHE C 133 -45.92 -72.14 28.93
CA PHE C 133 -47.30 -72.02 29.36
C PHE C 133 -47.55 -70.65 29.97
N GLN C 134 -48.83 -70.27 30.04
CA GLN C 134 -49.27 -69.02 30.65
C GLN C 134 -50.42 -69.32 31.59
N LEU C 135 -50.41 -68.71 32.77
CA LEU C 135 -51.40 -69.00 33.80
C LEU C 135 -51.88 -67.71 34.46
N THR C 136 -53.18 -67.63 34.69
CA THR C 136 -53.83 -66.47 35.31
C THR C 136 -54.78 -66.99 36.38
N HIS C 137 -54.58 -66.55 37.61
CA HIS C 137 -55.38 -67.03 38.74
C HIS C 137 -55.31 -65.99 39.86
N SER C 138 -55.86 -66.36 41.02
CA SER C 138 -55.84 -65.53 42.21
C SER C 138 -55.37 -66.34 43.39
N LEU C 139 -54.45 -65.78 44.18
CA LEU C 139 -53.94 -66.50 45.35
C LEU C 139 -54.97 -66.57 46.46
N GLY C 140 -55.78 -65.52 46.63
CA GLY C 140 -56.70 -65.50 47.77
C GLY C 140 -57.73 -66.60 47.71
N GLY C 141 -58.31 -66.81 46.54
CA GLY C 141 -59.38 -67.79 46.40
C GLY C 141 -58.92 -69.21 46.66
N GLY C 142 -59.82 -70.17 46.39
CA GLY C 142 -59.50 -71.57 46.57
C GLY C 142 -59.17 -72.26 45.27
N THR C 143 -59.91 -71.94 44.22
CA THR C 143 -59.68 -72.58 42.92
C THR C 143 -58.45 -72.01 42.21
N GLY C 144 -58.24 -70.69 42.32
CA GLY C 144 -57.07 -70.10 41.69
C GLY C 144 -55.79 -70.43 42.42
N SER C 145 -55.91 -70.84 43.69
CA SER C 145 -54.73 -71.21 44.47
C SER C 145 -54.58 -72.72 44.56
N GLY C 146 -55.61 -73.41 45.05
CA GLY C 146 -55.58 -74.85 45.16
C GLY C 146 -55.25 -75.56 43.86
N MET C 147 -56.17 -75.49 42.90
CA MET C 147 -55.95 -76.17 41.63
C MET C 147 -54.93 -75.46 40.77
N GLY C 148 -54.88 -74.12 40.83
CA GLY C 148 -53.86 -73.41 40.08
C GLY C 148 -52.46 -73.84 40.47
N THR C 149 -52.19 -73.91 41.77
CA THR C 149 -50.90 -74.41 42.22
C THR C 149 -50.74 -75.89 41.95
N LEU C 150 -51.82 -76.67 42.03
CA LEU C 150 -51.76 -78.07 41.68
C LEU C 150 -51.45 -78.26 40.21
N LEU C 151 -52.07 -77.46 39.34
CA LEU C 151 -51.85 -77.60 37.91
C LEU C 151 -50.46 -77.11 37.51
N ILE C 152 -50.03 -75.97 38.07
CA ILE C 152 -48.70 -75.45 37.74
C ILE C 152 -47.62 -76.42 38.18
N SER C 153 -47.86 -77.14 39.29
CA SER C 153 -46.91 -78.15 39.73
C SER C 153 -46.84 -79.31 38.73
N LYS C 154 -47.99 -79.73 38.21
CA LYS C 154 -48.01 -80.86 37.27
C LYS C 154 -47.30 -80.51 35.98
N ILE C 155 -47.65 -79.37 35.37
CA ILE C 155 -47.04 -78.97 34.11
C ILE C 155 -45.55 -78.70 34.27
N ARG C 156 -45.08 -78.45 35.49
CA ARG C 156 -43.65 -78.37 35.74
C ARG C 156 -42.98 -79.73 35.61
N GLU C 157 -43.66 -80.80 36.03
CA GLU C 157 -43.08 -82.13 35.96
C GLU C 157 -42.88 -82.59 34.52
N GLU C 158 -43.91 -82.42 33.69
CA GLU C 158 -43.83 -82.90 32.31
C GLU C 158 -42.99 -81.97 31.44
N TYR C 159 -43.07 -80.66 31.68
CA TYR C 159 -42.40 -79.65 30.87
C TYR C 159 -41.47 -78.83 31.76
N PRO C 160 -40.48 -79.48 32.38
CA PRO C 160 -39.54 -78.72 33.22
C PRO C 160 -38.81 -77.63 32.46
N ASP C 161 -38.44 -77.87 31.21
CA ASP C 161 -37.64 -76.91 30.46
C ASP C 161 -38.47 -75.73 29.96
N ARG C 162 -39.75 -75.95 29.63
CA ARG C 162 -40.55 -74.89 29.05
C ARG C 162 -40.78 -73.77 30.05
N ILE C 163 -40.99 -72.56 29.51
CA ILE C 163 -41.27 -71.40 30.33
C ILE C 163 -42.68 -71.51 30.89
N MET C 164 -42.91 -70.88 32.05
CA MET C 164 -44.24 -70.83 32.65
C MET C 164 -44.33 -69.55 33.47
N ASN C 165 -44.96 -68.53 32.88
CA ASN C 165 -45.16 -67.25 33.53
C ASN C 165 -46.57 -67.16 34.09
N THR C 166 -46.70 -66.45 35.20
CA THR C 166 -47.97 -66.34 35.92
C THR C 166 -48.31 -64.88 36.15
N PHE C 167 -49.51 -64.49 35.74
CA PHE C 167 -50.10 -63.20 36.11
C PHE C 167 -51.11 -63.51 37.22
N SER C 168 -50.76 -63.17 38.45
CA SER C 168 -51.51 -63.58 39.62
C SER C 168 -51.93 -62.38 40.45
N VAL C 169 -53.17 -62.39 40.89
CA VAL C 169 -53.69 -61.36 41.78
C VAL C 169 -53.28 -61.69 43.21
N VAL C 170 -52.76 -60.68 43.91
CA VAL C 170 -52.23 -60.85 45.25
C VAL C 170 -53.15 -60.15 46.24
N PRO C 171 -53.33 -60.66 47.46
CA PRO C 171 -54.21 -59.98 48.41
C PRO C 171 -53.78 -58.54 48.66
N SER C 172 -54.77 -57.66 48.79
CA SER C 172 -54.50 -56.24 48.97
C SER C 172 -53.94 -55.97 50.37
N PRO C 173 -53.17 -54.90 50.52
CA PRO C 173 -52.51 -54.67 51.82
C PRO C 173 -53.46 -54.45 52.98
N LYS C 174 -54.61 -53.79 52.75
CA LYS C 174 -55.51 -53.43 53.84
C LYS C 174 -56.94 -53.90 53.64
N VAL C 175 -57.46 -53.92 52.43
CA VAL C 175 -58.81 -54.40 52.16
C VAL C 175 -58.73 -55.87 51.80
N SER C 176 -59.82 -56.61 52.04
CA SER C 176 -59.81 -58.04 51.72
C SER C 176 -61.22 -58.48 51.38
N ASP C 177 -61.35 -59.19 50.27
CA ASP C 177 -62.62 -59.78 49.85
C ASP C 177 -62.79 -61.21 50.34
N THR C 178 -61.89 -61.68 51.19
CA THR C 178 -61.98 -63.02 51.77
C THR C 178 -61.26 -63.02 53.10
N VAL C 179 -61.75 -63.87 54.01
CA VAL C 179 -61.22 -63.88 55.37
C VAL C 179 -59.98 -64.76 55.48
N VAL C 180 -59.88 -65.80 54.66
CA VAL C 180 -58.81 -66.78 54.76
C VAL C 180 -57.67 -66.48 53.77
N GLU C 181 -57.58 -65.25 53.27
CA GLU C 181 -56.54 -64.90 52.31
C GLU C 181 -55.13 -65.22 52.79
N PRO C 182 -54.78 -65.05 54.07
CA PRO C 182 -53.40 -65.37 54.49
C PRO C 182 -53.11 -66.85 54.36
N TYR C 183 -54.00 -67.71 54.87
CA TYR C 183 -53.82 -69.15 54.70
C TYR C 183 -53.68 -69.52 53.22
N ASN C 184 -54.63 -69.08 52.39
CA ASN C 184 -54.57 -69.45 50.98
C ASN C 184 -53.35 -68.85 50.30
N ALA C 185 -53.06 -67.57 50.54
CA ALA C 185 -51.93 -66.94 49.89
C ALA C 185 -50.62 -67.56 50.34
N THR C 186 -50.47 -67.80 51.64
CA THR C 186 -49.22 -68.33 52.17
C THR C 186 -48.91 -69.70 51.57
N LEU C 187 -49.92 -70.56 51.49
CA LEU C 187 -49.69 -71.89 50.88
C LEU C 187 -49.36 -71.77 49.40
N SER C 188 -50.00 -70.82 48.71
CA SER C 188 -49.77 -70.65 47.27
C SER C 188 -48.34 -70.22 47.00
N VAL C 189 -47.82 -69.26 47.77
CA VAL C 189 -46.47 -68.78 47.54
C VAL C 189 -45.47 -69.90 47.80
N HIS C 190 -45.67 -70.67 48.87
CA HIS C 190 -44.76 -71.78 49.15
C HIS C 190 -44.72 -72.78 48.01
N GLN C 191 -45.74 -72.79 47.17
CA GLN C 191 -45.87 -73.76 46.09
C GLN C 191 -45.46 -73.20 44.74
N LEU C 192 -45.44 -71.87 44.59
CA LEU C 192 -45.00 -71.26 43.35
C LEU C 192 -43.49 -71.09 43.31
N VAL C 193 -42.88 -70.73 44.44
CA VAL C 193 -41.45 -70.43 44.50
C VAL C 193 -40.63 -71.56 43.89
N GLU C 194 -41.16 -72.78 43.88
CA GLU C 194 -40.42 -73.94 43.40
C GLU C 194 -40.77 -74.32 41.96
N ASN C 195 -41.79 -73.71 41.36
CA ASN C 195 -42.28 -74.20 40.08
C ASN C 195 -42.35 -73.11 39.02
N THR C 196 -42.74 -71.89 39.39
CA THR C 196 -43.00 -70.83 38.44
C THR C 196 -41.71 -70.08 38.13
N ASP C 197 -41.46 -69.88 36.83
CA ASP C 197 -40.25 -69.17 36.40
C ASP C 197 -40.35 -67.68 36.66
N GLU C 198 -41.51 -67.08 36.40
CA GLU C 198 -41.70 -65.66 36.64
C GLU C 198 -43.15 -65.41 37.02
N THR C 199 -43.36 -64.56 38.01
CA THR C 199 -44.69 -64.22 38.51
C THR C 199 -44.86 -62.71 38.49
N TYR C 200 -46.04 -62.25 38.10
CA TYR C 200 -46.36 -60.83 37.99
C TYR C 200 -47.38 -60.50 39.08
N CYS C 201 -46.87 -60.12 40.24
CA CYS C 201 -47.75 -59.82 41.37
C CYS C 201 -48.50 -58.52 41.14
N ILE C 202 -49.83 -58.60 41.18
CA ILE C 202 -50.70 -57.44 41.06
C ILE C 202 -51.81 -57.53 42.10
N ASP C 203 -52.38 -56.38 42.43
CA ASP C 203 -53.43 -56.30 43.42
C ASP C 203 -54.44 -55.24 43.03
N ASN C 204 -55.70 -55.50 43.36
CA ASN C 204 -56.77 -54.57 42.99
C ASN C 204 -56.56 -53.19 43.61
N GLU C 205 -56.18 -53.13 44.89
CA GLU C 205 -56.08 -51.83 45.56
C GLU C 205 -55.17 -50.89 44.78
N ALA C 206 -53.97 -51.35 44.44
CA ALA C 206 -53.07 -50.52 43.65
C ALA C 206 -53.67 -50.20 42.29
N LEU C 207 -54.31 -51.20 41.67
CA LEU C 207 -54.91 -50.99 40.36
C LEU C 207 -56.16 -50.12 40.42
N TYR C 208 -56.87 -50.14 41.55
CA TYR C 208 -57.93 -49.15 41.77
C TYR C 208 -57.35 -47.74 41.70
N ASP C 209 -56.19 -47.53 42.30
CA ASP C 209 -55.60 -46.20 42.37
C ASP C 209 -55.44 -45.59 40.99
N ILE C 210 -55.11 -46.41 39.99
CA ILE C 210 -54.94 -45.91 38.63
C ILE C 210 -56.26 -45.37 38.10
N CYS C 211 -57.37 -46.03 38.43
CA CYS C 211 -58.65 -45.66 37.84
C CYS C 211 -58.99 -44.20 38.14
N PHE C 212 -58.99 -43.82 39.42
CA PHE C 212 -59.41 -42.47 39.77
C PHE C 212 -58.27 -41.47 39.82
N ARG C 213 -57.03 -41.91 40.03
CA ARG C 213 -55.94 -40.96 40.23
C ARG C 213 -55.39 -40.44 38.89
N THR C 214 -54.84 -41.33 38.08
CA THR C 214 -54.30 -40.93 36.78
C THR C 214 -55.37 -40.89 35.70
N LEU C 215 -56.30 -41.85 35.71
CA LEU C 215 -57.53 -41.73 34.96
C LEU C 215 -58.60 -41.08 35.84
N LYS C 216 -59.73 -40.74 35.22
CA LYS C 216 -60.85 -40.12 35.91
C LYS C 216 -62.12 -40.86 35.51
N LEU C 217 -62.30 -42.06 36.06
CA LEU C 217 -63.43 -42.91 35.72
C LEU C 217 -63.73 -43.77 36.95
N THR C 218 -64.79 -43.40 37.67
CA THR C 218 -65.14 -44.04 38.93
C THR C 218 -66.09 -45.22 38.77
N THR C 219 -66.87 -45.27 37.69
CA THR C 219 -67.95 -46.26 37.61
C THR C 219 -67.45 -47.70 37.63
N PRO C 220 -66.48 -48.10 36.81
CA PRO C 220 -66.15 -49.52 36.69
C PRO C 220 -65.04 -49.98 37.63
N THR C 221 -65.14 -51.25 38.02
CA THR C 221 -64.08 -51.92 38.75
C THR C 221 -63.51 -53.11 38.00
N TYR C 222 -64.34 -54.09 37.65
CA TYR C 222 -63.86 -55.35 37.11
C TYR C 222 -63.89 -55.40 35.59
N GLY C 223 -64.73 -54.59 34.94
CA GLY C 223 -64.73 -54.56 33.49
C GLY C 223 -63.53 -53.84 32.90
N ASP C 224 -62.83 -53.04 33.69
CA ASP C 224 -61.72 -52.23 33.20
C ASP C 224 -60.38 -52.58 33.83
N LEU C 225 -60.34 -52.85 35.13
CA LEU C 225 -59.10 -53.32 35.74
C LEU C 225 -58.55 -54.53 34.98
N ASN C 226 -59.44 -55.45 34.58
CA ASN C 226 -59.01 -56.59 33.78
C ASN C 226 -58.46 -56.15 32.43
N HIS C 227 -58.94 -55.02 31.92
CA HIS C 227 -58.51 -54.56 30.60
C HIS C 227 -57.12 -53.93 30.69
N LEU C 228 -56.83 -53.25 31.78
CA LEU C 228 -55.47 -52.80 32.04
C LEU C 228 -54.54 -53.99 32.20
N VAL C 229 -54.98 -55.01 32.94
CA VAL C 229 -54.17 -56.22 33.10
C VAL C 229 -53.98 -56.90 31.74
N SER C 230 -55.04 -56.98 30.94
CA SER C 230 -54.93 -57.65 29.64
C SER C 230 -53.94 -56.92 28.74
N ALA C 231 -53.96 -55.59 28.75
CA ALA C 231 -53.00 -54.84 27.95
C ALA C 231 -51.57 -55.09 28.42
N THR C 232 -51.38 -55.18 29.74
CA THR C 232 -50.04 -55.41 30.28
C THR C 232 -49.48 -56.73 29.78
N MET C 233 -50.23 -57.82 29.97
CA MET C 233 -49.75 -59.14 29.58
C MET C 233 -49.60 -59.25 28.07
N SER C 234 -50.44 -58.54 27.30
CA SER C 234 -50.30 -58.53 25.86
C SER C 234 -48.98 -57.90 25.45
N GLY C 235 -48.59 -56.81 26.13
CA GLY C 235 -47.30 -56.17 25.84
C GLY C 235 -46.13 -57.13 26.01
N VAL C 236 -46.21 -58.00 27.01
CA VAL C 236 -45.08 -58.87 27.32
C VAL C 236 -44.82 -59.85 26.19
N THR C 237 -45.89 -60.31 25.52
CA THR C 237 -45.81 -61.32 24.48
C THR C 237 -45.86 -60.74 23.09
N THR C 238 -45.69 -59.42 22.95
CA THR C 238 -45.79 -58.78 21.65
C THR C 238 -44.64 -59.18 20.73
N CYS C 239 -43.43 -59.30 21.29
CA CYS C 239 -42.27 -59.58 20.46
C CYS C 239 -42.40 -60.90 19.72
N LEU C 240 -43.18 -61.84 20.26
CA LEU C 240 -43.38 -63.13 19.62
C LEU C 240 -44.45 -63.10 18.54
N ARG C 241 -45.06 -61.93 18.30
CA ARG C 241 -46.19 -61.82 17.38
C ARG C 241 -45.98 -60.79 16.28
N PHE C 242 -45.12 -59.80 16.48
CA PHE C 242 -44.89 -58.74 15.53
C PHE C 242 -43.40 -58.47 15.41
N PRO C 243 -42.95 -57.94 14.27
CA PRO C 243 -41.53 -57.63 14.11
C PRO C 243 -41.09 -56.52 15.05
N GLY C 244 -39.81 -56.56 15.42
CA GLY C 244 -39.26 -55.56 16.30
C GLY C 244 -37.78 -55.36 16.04
N GLN C 245 -37.31 -54.13 16.30
CA GLN C 245 -35.89 -53.85 16.12
C GLN C 245 -35.04 -54.66 17.10
N LEU C 246 -35.49 -54.78 18.34
CA LEU C 246 -34.81 -55.55 19.38
C LEU C 246 -35.83 -56.50 19.98
N ASN C 247 -35.98 -57.67 19.37
CA ASN C 247 -37.05 -58.59 19.74
C ASN C 247 -36.75 -59.24 21.08
N ALA C 248 -37.78 -59.31 21.94
CA ALA C 248 -37.67 -59.93 23.25
C ALA C 248 -38.49 -61.22 23.30
N ASP C 249 -38.56 -61.83 24.48
CA ASP C 249 -39.08 -63.19 24.61
C ASP C 249 -39.24 -63.50 26.09
N LEU C 250 -40.14 -64.44 26.38
CA LEU C 250 -40.38 -64.82 27.77
C LEU C 250 -39.11 -65.31 28.44
N ARG C 251 -38.23 -65.98 27.69
CA ARG C 251 -36.98 -66.45 28.25
C ARG C 251 -35.97 -65.32 28.41
N LYS C 252 -36.00 -64.34 27.49
CA LYS C 252 -35.09 -63.21 27.59
C LYS C 252 -35.36 -62.39 28.85
N LEU C 253 -36.63 -62.17 29.18
CA LEU C 253 -36.95 -61.40 30.38
C LEU C 253 -36.62 -62.18 31.64
N ALA C 254 -36.89 -63.48 31.64
CA ALA C 254 -36.60 -64.31 32.80
C ALA C 254 -35.12 -64.24 33.16
N VAL C 255 -34.25 -64.43 32.18
CA VAL C 255 -32.81 -64.35 32.40
C VAL C 255 -32.41 -62.96 32.90
N ASN C 256 -32.93 -61.93 32.25
CA ASN C 256 -32.55 -60.57 32.65
C ASN C 256 -33.14 -60.19 34.00
N MET C 257 -34.36 -60.65 34.29
CA MET C 257 -35.10 -60.20 35.46
C MET C 257 -35.06 -61.16 36.63
N VAL C 258 -34.37 -62.30 36.50
CA VAL C 258 -34.35 -63.30 37.57
C VAL C 258 -32.89 -63.60 37.92
N PRO C 259 -32.27 -62.84 38.82
CA PRO C 259 -30.90 -63.19 39.24
C PRO C 259 -30.81 -64.53 39.92
N PHE C 260 -31.69 -64.82 40.87
CA PHE C 260 -31.68 -66.06 41.62
C PHE C 260 -33.01 -66.78 41.46
N PRO C 261 -33.00 -68.12 41.56
CA PRO C 261 -34.23 -68.88 41.27
C PRO C 261 -35.42 -68.47 42.11
N ARG C 262 -35.20 -68.15 43.38
CA ARG C 262 -36.28 -67.86 44.31
C ARG C 262 -36.74 -66.41 44.27
N LEU C 263 -36.08 -65.55 43.51
CA LEU C 263 -36.46 -64.15 43.37
C LEU C 263 -36.99 -63.95 41.96
N HIS C 264 -38.29 -64.21 41.78
CA HIS C 264 -38.91 -64.08 40.46
C HIS C 264 -40.28 -63.42 40.51
N PHE C 265 -40.61 -62.75 41.61
CA PHE C 265 -41.90 -62.07 41.76
C PHE C 265 -41.71 -60.60 41.41
N PHE C 266 -42.25 -60.21 40.26
CA PHE C 266 -42.11 -58.84 39.76
C PHE C 266 -43.36 -58.05 40.10
N MET C 267 -43.47 -56.85 39.54
CA MET C 267 -44.66 -56.01 39.68
C MET C 267 -44.79 -55.15 38.42
N PRO C 268 -45.79 -55.38 37.59
CA PRO C 268 -45.82 -54.72 36.28
C PRO C 268 -46.27 -53.27 36.35
N GLY C 269 -46.12 -52.60 35.21
CA GLY C 269 -46.63 -51.26 35.03
C GLY C 269 -46.84 -51.00 33.55
N PHE C 270 -47.82 -50.14 33.26
CA PHE C 270 -48.19 -49.85 31.88
C PHE C 270 -48.32 -48.35 31.69
N ALA C 271 -48.05 -47.90 30.46
CA ALA C 271 -48.23 -46.52 30.05
C ALA C 271 -48.51 -46.50 28.56
N PRO C 272 -49.12 -45.44 28.04
CA PRO C 272 -49.67 -44.27 28.74
C PRO C 272 -51.03 -44.56 29.37
N LEU C 273 -51.35 -43.93 30.50
CA LEU C 273 -52.66 -44.08 31.15
C LEU C 273 -53.21 -42.67 31.37
N THR C 274 -53.86 -42.14 30.34
CA THR C 274 -54.43 -40.80 30.37
C THR C 274 -55.94 -40.89 30.21
N SER C 275 -56.64 -39.97 30.87
CA SER C 275 -58.08 -39.84 30.67
C SER C 275 -58.37 -39.25 29.30
N ARG C 276 -59.52 -39.61 28.76
CA ARG C 276 -59.89 -39.14 27.42
C ARG C 276 -59.93 -37.62 27.36
N GLY C 277 -60.37 -36.98 28.44
CA GLY C 277 -60.56 -35.54 28.39
C GLY C 277 -59.27 -34.77 28.57
N SER C 278 -58.31 -35.32 29.31
CA SER C 278 -57.02 -34.70 29.54
C SER C 278 -55.94 -35.20 28.57
N GLN C 279 -56.28 -36.10 27.66
CA GLN C 279 -55.28 -36.68 26.77
C GLN C 279 -54.71 -35.63 25.83
N GLN C 280 -55.57 -34.74 25.32
CA GLN C 280 -55.14 -33.73 24.36
C GLN C 280 -54.22 -32.69 24.98
N TYR C 281 -54.09 -32.66 26.31
CA TYR C 281 -53.19 -31.75 27.00
C TYR C 281 -51.87 -32.42 27.37
N ARG C 282 -51.44 -33.42 26.60
CA ARG C 282 -50.25 -34.17 26.94
C ARG C 282 -49.52 -34.59 25.67
N ALA C 283 -48.19 -34.51 25.71
CA ALA C 283 -47.34 -35.00 24.65
C ALA C 283 -47.19 -36.52 24.75
N LEU C 284 -47.05 -37.16 23.59
CA LEU C 284 -46.89 -38.61 23.50
C LEU C 284 -45.46 -39.01 23.15
N THR C 285 -44.48 -38.19 23.53
CA THR C 285 -43.09 -38.47 23.22
C THR C 285 -42.51 -39.48 24.21
N VAL C 286 -41.37 -40.05 23.84
CA VAL C 286 -40.75 -41.09 24.65
C VAL C 286 -40.40 -40.59 26.05
N PRO C 287 -39.77 -39.42 26.23
CA PRO C 287 -39.32 -39.03 27.57
C PRO C 287 -40.41 -39.09 28.61
N GLU C 288 -41.53 -38.42 28.37
CA GLU C 288 -42.62 -38.40 29.34
C GLU C 288 -43.15 -39.81 29.59
N LEU C 289 -43.28 -40.61 28.54
CA LEU C 289 -43.75 -41.98 28.69
C LEU C 289 -42.91 -42.73 29.73
N THR C 290 -41.59 -42.53 29.70
CA THR C 290 -40.70 -43.27 30.58
C THR C 290 -40.72 -42.77 32.01
N GLN C 291 -41.11 -41.52 32.23
CA GLN C 291 -41.06 -40.95 33.58
C GLN C 291 -42.05 -41.64 34.51
N GLN C 292 -43.25 -41.93 34.01
CA GLN C 292 -44.31 -42.45 34.87
C GLN C 292 -44.15 -43.94 35.17
N MET C 293 -43.24 -44.64 34.47
CA MET C 293 -43.06 -46.07 34.73
C MET C 293 -42.45 -46.31 36.11
N PHE C 294 -41.55 -45.42 36.54
CA PHE C 294 -40.78 -45.62 37.75
C PHE C 294 -41.38 -44.93 38.97
N ASP C 295 -42.56 -44.33 38.85
CA ASP C 295 -43.23 -43.69 39.98
C ASP C 295 -44.28 -44.64 40.54
N ALA C 296 -44.37 -44.69 41.88
CA ALA C 296 -45.33 -45.56 42.53
C ALA C 296 -46.78 -45.19 42.20
N LYS C 297 -46.99 -44.13 41.44
CA LYS C 297 -48.33 -43.77 41.00
C LYS C 297 -48.86 -44.75 39.96
N ASN C 298 -47.98 -45.33 39.13
CA ASN C 298 -48.34 -46.17 38.00
C ASN C 298 -47.79 -47.59 38.19
N MET C 299 -47.82 -48.10 39.42
CA MET C 299 -47.37 -49.45 39.72
C MET C 299 -48.59 -50.28 40.11
N MET C 300 -48.81 -51.37 39.38
CA MET C 300 -49.97 -52.23 39.61
C MET C 300 -49.80 -53.15 40.81
N ALA C 301 -48.76 -52.95 41.61
CA ALA C 301 -48.57 -53.64 42.87
C ALA C 301 -48.71 -52.66 44.02
N ALA C 302 -49.13 -53.17 45.17
CA ALA C 302 -49.33 -52.33 46.34
C ALA C 302 -48.01 -51.85 46.93
N CYS C 303 -46.91 -52.50 46.60
CA CYS C 303 -45.62 -52.16 47.18
C CYS C 303 -45.00 -50.96 46.46
N ASP C 304 -44.55 -49.97 47.24
CA ASP C 304 -43.90 -48.80 46.67
C ASP C 304 -42.42 -49.09 46.44
N PRO C 305 -41.90 -48.89 45.23
CA PRO C 305 -40.48 -49.19 44.98
C PRO C 305 -39.53 -48.31 45.76
N ARG C 306 -39.98 -47.15 46.24
CA ARG C 306 -39.07 -46.23 46.92
C ARG C 306 -38.50 -46.87 48.19
N HIS C 307 -39.32 -47.61 48.93
CA HIS C 307 -38.86 -48.22 50.17
C HIS C 307 -37.77 -49.25 49.93
N GLY C 308 -37.66 -49.79 48.71
CA GLY C 308 -36.68 -50.80 48.40
C GLY C 308 -35.74 -50.41 47.27
N ARG C 309 -35.07 -51.39 46.68
CA ARG C 309 -34.13 -51.14 45.60
C ARG C 309 -34.42 -52.11 44.46
N TYR C 310 -34.38 -51.58 43.23
CA TYR C 310 -34.55 -52.43 42.06
C TYR C 310 -33.37 -53.38 41.91
N LEU C 311 -33.66 -54.62 41.56
CA LEU C 311 -32.62 -55.60 41.22
C LEU C 311 -32.44 -55.70 39.71
N THR C 312 -33.54 -55.80 38.98
CA THR C 312 -33.53 -55.85 37.53
C THR C 312 -34.80 -55.20 37.03
N VAL C 313 -34.71 -54.54 35.88
CA VAL C 313 -35.83 -53.84 35.29
C VAL C 313 -35.86 -54.11 33.79
N ALA C 314 -37.06 -54.31 33.27
CA ALA C 314 -37.26 -54.57 31.84
C ALA C 314 -38.34 -53.65 31.30
N ALA C 315 -38.07 -53.05 30.14
CA ALA C 315 -39.05 -52.26 29.41
C ALA C 315 -39.27 -52.90 28.05
N VAL C 316 -40.53 -52.95 27.63
CA VAL C 316 -40.90 -53.48 26.32
C VAL C 316 -41.70 -52.39 25.61
N PHE C 317 -41.02 -51.55 24.85
CA PHE C 317 -41.67 -50.48 24.12
C PHE C 317 -42.37 -51.04 22.88
N ARG C 318 -43.20 -50.19 22.27
CA ARG C 318 -43.95 -50.59 21.09
C ARG C 318 -44.14 -49.38 20.18
N GLY C 319 -44.38 -49.67 18.91
CA GLY C 319 -44.58 -48.62 17.92
C GLY C 319 -43.29 -48.16 17.30
N ARG C 320 -43.40 -47.23 16.35
CA ARG C 320 -42.25 -46.61 15.73
C ARG C 320 -41.63 -45.61 16.70
N MET C 321 -40.51 -45.99 17.30
CA MET C 321 -39.89 -45.18 18.34
C MET C 321 -38.40 -45.08 18.06
N SER C 322 -37.83 -43.91 18.34
CA SER C 322 -36.41 -43.68 18.15
C SER C 322 -35.62 -44.40 19.25
N MET C 323 -34.79 -45.38 18.85
CA MET C 323 -34.06 -46.18 19.82
C MET C 323 -33.06 -45.36 20.61
N LYS C 324 -32.61 -44.22 20.08
CA LYS C 324 -31.72 -43.36 20.84
C LYS C 324 -32.45 -42.76 22.05
N GLU C 325 -33.65 -42.22 21.83
CA GLU C 325 -34.45 -41.74 22.94
C GLU C 325 -34.84 -42.89 23.87
N VAL C 326 -35.09 -44.07 23.31
CA VAL C 326 -35.41 -45.23 24.13
C VAL C 326 -34.27 -45.59 25.06
N ASP C 327 -33.05 -45.20 24.72
CA ASP C 327 -31.87 -45.58 25.48
C ASP C 327 -31.30 -44.43 26.30
N GLU C 328 -31.37 -43.20 25.81
CA GLU C 328 -30.87 -42.06 26.58
C GLU C 328 -31.68 -41.87 27.86
N GLN C 329 -33.00 -42.07 27.77
CA GLN C 329 -33.84 -41.86 28.95
C GLN C 329 -33.55 -42.88 30.04
N MET C 330 -33.23 -44.11 29.68
CA MET C 330 -32.96 -45.12 30.69
C MET C 330 -31.65 -44.84 31.41
N LEU C 331 -30.60 -44.47 30.67
CA LEU C 331 -29.41 -43.96 31.32
C LEU C 331 -29.73 -42.79 32.24
N ASN C 332 -30.64 -41.92 31.81
CA ASN C 332 -31.05 -40.80 32.66
C ASN C 332 -31.69 -41.29 33.95
N VAL C 333 -32.58 -42.29 33.83
CA VAL C 333 -33.32 -42.79 34.99
C VAL C 333 -32.36 -43.41 35.99
N GLN C 334 -31.39 -44.19 35.52
CA GLN C 334 -30.49 -44.89 36.42
C GLN C 334 -29.65 -43.91 37.23
N ASN C 335 -29.19 -42.83 36.60
CA ASN C 335 -28.33 -41.87 37.30
C ASN C 335 -29.14 -41.00 38.25
N LYS C 336 -30.33 -40.57 37.83
CA LYS C 336 -31.17 -39.74 38.69
C LYS C 336 -31.55 -40.47 39.97
N ASN C 337 -31.81 -41.77 39.87
CA ASN C 337 -32.30 -42.55 41.01
C ASN C 337 -31.28 -43.61 41.39
N SER C 338 -30.00 -43.22 41.47
CA SER C 338 -28.94 -44.18 41.73
C SER C 338 -29.15 -44.93 43.04
N SER C 339 -29.86 -44.33 44.00
CA SER C 339 -30.12 -45.01 45.26
C SER C 339 -31.21 -46.07 45.15
N TYR C 340 -31.98 -46.05 44.05
CA TYR C 340 -33.06 -47.01 43.85
C TYR C 340 -32.59 -48.29 43.18
N PHE C 341 -31.32 -48.40 42.81
CA PHE C 341 -30.77 -49.57 42.14
C PHE C 341 -29.57 -50.11 42.91
N VAL C 342 -29.47 -51.43 42.95
CA VAL C 342 -28.40 -52.10 43.69
C VAL C 342 -27.09 -51.95 42.93
N GLU C 343 -26.00 -51.80 43.69
CA GLU C 343 -24.70 -51.57 43.08
C GLU C 343 -24.11 -52.86 42.51
N TRP C 344 -24.33 -53.99 43.18
CA TRP C 344 -23.73 -55.25 42.76
C TRP C 344 -24.26 -55.73 41.41
N ILE C 345 -25.20 -55.03 40.79
CA ILE C 345 -25.58 -55.29 39.40
C ILE C 345 -25.27 -54.03 38.59
N PRO C 346 -24.25 -54.05 37.73
CA PRO C 346 -23.88 -52.81 37.02
C PRO C 346 -25.01 -52.21 36.20
N ASN C 347 -25.82 -53.03 35.52
CA ASN C 347 -26.91 -52.50 34.72
C ASN C 347 -28.19 -53.23 35.07
N ASN C 348 -29.28 -52.48 35.19
CA ASN C 348 -30.53 -53.01 35.70
C ASN C 348 -31.71 -52.84 34.75
N VAL C 349 -31.49 -52.31 33.55
CA VAL C 349 -32.57 -51.98 32.63
C VAL C 349 -32.42 -52.83 31.37
N LYS C 350 -33.50 -53.47 30.95
CA LYS C 350 -33.56 -54.24 29.72
C LYS C 350 -34.61 -53.61 28.82
N THR C 351 -34.25 -53.40 27.55
CA THR C 351 -35.11 -52.71 26.60
C THR C 351 -35.47 -53.64 25.45
N ALA C 352 -36.68 -53.45 24.93
CA ALA C 352 -37.16 -54.18 23.76
C ALA C 352 -38.19 -53.34 23.06
N VAL C 353 -38.10 -53.26 21.73
CA VAL C 353 -38.93 -52.38 20.92
C VAL C 353 -39.65 -53.21 19.89
N CYS C 354 -40.96 -53.04 19.78
CA CYS C 354 -41.78 -53.66 18.76
C CYS C 354 -42.33 -52.58 17.83
N ASP C 355 -42.39 -52.89 16.53
CA ASP C 355 -42.77 -51.89 15.55
C ASP C 355 -44.26 -51.58 15.60
N ILE C 356 -45.10 -52.57 15.87
CA ILE C 356 -46.55 -52.43 15.81
C ILE C 356 -47.07 -52.04 17.19
N PRO C 357 -47.81 -50.95 17.32
CA PRO C 357 -48.28 -50.52 18.64
C PRO C 357 -49.55 -51.24 19.02
N PRO C 358 -50.03 -51.06 20.25
CA PRO C 358 -51.31 -51.65 20.62
C PRO C 358 -52.47 -50.91 19.96
N ARG C 359 -53.58 -51.62 19.80
CA ARG C 359 -54.73 -51.04 19.11
C ARG C 359 -55.16 -49.74 19.79
N GLY C 360 -55.37 -48.70 18.99
CA GLY C 360 -55.78 -47.41 19.49
C GLY C 360 -54.67 -46.53 20.00
N LEU C 361 -53.41 -46.86 19.72
CA LEU C 361 -52.29 -46.06 20.18
C LEU C 361 -51.14 -46.16 19.19
N LYS C 362 -50.25 -45.18 19.26
CA LYS C 362 -49.03 -45.17 18.46
C LYS C 362 -47.78 -45.34 19.31
N MET C 363 -47.91 -45.42 20.62
CA MET C 363 -46.78 -45.59 21.51
C MET C 363 -47.26 -46.26 22.79
N SER C 364 -46.41 -47.10 23.38
CA SER C 364 -46.75 -47.83 24.58
C SER C 364 -45.48 -48.48 25.12
N ALA C 365 -45.57 -48.95 26.36
CA ALA C 365 -44.45 -49.63 27.01
C ALA C 365 -44.96 -50.33 28.26
N THR C 366 -44.50 -51.56 28.47
CA THR C 366 -44.86 -52.36 29.63
C THR C 366 -43.65 -52.46 30.54
N PHE C 367 -43.80 -52.02 31.78
CA PHE C 367 -42.72 -52.07 32.76
C PHE C 367 -42.80 -53.37 33.54
N ILE C 368 -41.65 -54.00 33.75
CA ILE C 368 -41.52 -55.19 34.59
C ILE C 368 -40.36 -54.94 35.52
N GLY C 369 -40.63 -54.95 36.83
CA GLY C 369 -39.62 -54.61 37.81
C GLY C 369 -39.44 -55.63 38.92
N ASN C 370 -38.20 -56.00 39.19
CA ASN C 370 -37.85 -56.87 40.31
C ASN C 370 -37.25 -55.99 41.39
N SER C 371 -38.04 -55.68 42.41
CA SER C 371 -37.62 -54.80 43.50
C SER C 371 -37.72 -55.55 44.82
N THR C 372 -36.77 -55.26 45.71
CA THR C 372 -36.81 -55.85 47.05
C THR C 372 -37.92 -55.28 47.90
N ALA C 373 -38.57 -54.19 47.46
CA ALA C 373 -39.73 -53.66 48.16
C ALA C 373 -40.89 -54.64 48.18
N ILE C 374 -40.88 -55.64 47.29
CA ILE C 374 -41.95 -56.63 47.27
C ILE C 374 -41.90 -57.51 48.52
N GLN C 375 -40.76 -57.54 49.21
CA GLN C 375 -40.68 -58.34 50.44
C GLN C 375 -41.65 -57.83 51.50
N GLU C 376 -41.94 -56.53 51.51
CA GLU C 376 -42.99 -56.02 52.39
C GLU C 376 -44.27 -56.82 52.24
N LEU C 377 -44.67 -57.14 51.01
CA LEU C 377 -45.92 -57.85 50.81
C LEU C 377 -45.90 -59.20 51.51
N PHE C 378 -44.87 -60.00 51.26
CA PHE C 378 -44.81 -61.31 51.92
C PHE C 378 -44.66 -61.15 53.43
N LYS C 379 -43.84 -60.19 53.85
CA LYS C 379 -43.74 -59.88 55.27
C LYS C 379 -45.11 -59.62 55.88
N ARG C 380 -45.94 -58.83 55.18
CA ARG C 380 -47.27 -58.53 55.68
C ARG C 380 -48.13 -59.79 55.76
N ILE C 381 -48.10 -60.62 54.72
CA ILE C 381 -48.89 -61.84 54.72
C ILE C 381 -48.48 -62.74 55.88
N SER C 382 -47.18 -62.79 56.18
CA SER C 382 -46.71 -63.62 57.28
C SER C 382 -47.21 -63.10 58.62
N GLU C 383 -47.18 -61.78 58.82
CA GLU C 383 -47.74 -61.20 60.03
C GLU C 383 -49.19 -61.61 60.22
N GLN C 384 -49.98 -61.55 59.14
CA GLN C 384 -51.38 -61.96 59.24
C GLN C 384 -51.50 -63.46 59.42
N PHE C 385 -50.67 -64.24 58.72
CA PHE C 385 -50.74 -65.69 58.83
C PHE C 385 -50.40 -66.15 60.23
N THR C 386 -49.33 -65.61 60.82
CA THR C 386 -48.92 -66.05 62.16
C THR C 386 -49.95 -65.66 63.21
N ALA C 387 -50.64 -64.53 63.02
CA ALA C 387 -51.61 -64.10 64.01
C ALA C 387 -52.79 -65.05 64.07
N MET C 388 -53.36 -65.38 62.91
CA MET C 388 -54.48 -66.32 62.86
C MET C 388 -54.03 -67.71 63.27
N PHE C 389 -52.89 -68.18 62.72
CA PHE C 389 -52.41 -69.52 63.03
C PHE C 389 -51.95 -69.66 64.48
N ARG C 390 -51.63 -68.54 65.14
CA ARG C 390 -51.16 -68.61 66.52
C ARG C 390 -52.22 -69.19 67.44
N ARG C 391 -53.49 -69.15 67.03
CA ARG C 391 -54.60 -69.66 67.82
C ARG C 391 -55.47 -70.64 67.05
N LYS C 392 -54.99 -71.13 65.91
CA LYS C 392 -55.75 -72.07 65.06
C LYS C 392 -57.10 -71.45 64.68
N ALA C 393 -57.01 -70.34 63.94
CA ALA C 393 -58.20 -69.57 63.63
C ALA C 393 -59.18 -70.37 62.79
N PHE C 394 -58.71 -70.99 61.70
CA PHE C 394 -59.58 -71.71 60.78
C PHE C 394 -58.98 -73.05 60.35
N LEU C 395 -58.00 -73.59 61.08
CA LEU C 395 -57.30 -74.77 60.60
C LEU C 395 -58.23 -75.97 60.46
N HIS C 396 -59.34 -76.00 61.21
CA HIS C 396 -60.20 -77.16 61.18
C HIS C 396 -60.83 -77.37 59.81
N TRP C 397 -61.15 -76.28 59.09
CA TRP C 397 -61.64 -76.44 57.73
C TRP C 397 -60.58 -77.04 56.82
N TYR C 398 -59.32 -76.64 56.99
CA TYR C 398 -58.24 -77.10 56.12
C TYR C 398 -57.74 -78.49 56.50
N THR C 399 -57.64 -78.78 57.79
CA THR C 399 -57.25 -80.12 58.22
C THR C 399 -58.27 -81.16 57.78
N GLY C 400 -59.56 -80.83 57.81
CA GLY C 400 -60.59 -81.79 57.46
C GLY C 400 -60.70 -82.13 56.00
N GLU C 401 -59.91 -81.49 55.14
CA GLU C 401 -59.90 -81.76 53.71
C GLU C 401 -58.57 -82.40 53.28
N GLY C 402 -58.04 -83.28 54.11
CA GLY C 402 -56.80 -83.95 53.79
C GLY C 402 -55.59 -83.03 53.84
N MET C 403 -55.28 -82.52 55.03
CA MET C 403 -54.16 -81.62 55.19
C MET C 403 -53.69 -81.69 56.64
N ASP C 404 -52.47 -81.21 56.88
CA ASP C 404 -51.86 -81.24 58.20
C ASP C 404 -51.31 -79.86 58.54
N GLU C 405 -51.35 -79.55 59.84
CA GLU C 405 -50.83 -78.27 60.31
C GLU C 405 -49.32 -78.16 60.13
N MET C 406 -48.63 -79.29 59.95
CA MET C 406 -47.19 -79.23 59.67
C MET C 406 -46.93 -78.52 58.35
N GLU C 407 -47.88 -78.62 57.41
CA GLU C 407 -47.68 -77.97 56.13
C GLU C 407 -47.72 -76.45 56.29
N PHE C 408 -48.60 -75.97 57.18
CA PHE C 408 -48.68 -74.55 57.45
C PHE C 408 -47.36 -74.02 58.01
N THR C 409 -46.73 -74.77 58.92
CA THR C 409 -45.44 -74.36 59.45
C THR C 409 -44.39 -74.32 58.35
N GLU C 410 -44.39 -75.33 57.47
CA GLU C 410 -43.47 -75.32 56.35
C GLU C 410 -43.74 -74.13 55.44
N ALA C 411 -45.00 -73.80 55.22
CA ALA C 411 -45.35 -72.68 54.35
C ALA C 411 -44.94 -71.37 55.00
N GLU C 412 -45.02 -71.30 56.33
CA GLU C 412 -44.60 -70.10 57.05
C GLU C 412 -43.08 -70.01 57.12
N SER C 413 -42.41 -71.14 57.30
CA SER C 413 -40.95 -71.13 57.37
C SER C 413 -40.34 -70.84 56.00
N ASN C 414 -40.88 -71.43 54.95
CA ASN C 414 -40.40 -71.14 53.60
C ASN C 414 -40.67 -69.69 53.23
N MET C 415 -41.84 -69.17 53.60
CA MET C 415 -42.14 -67.76 53.33
C MET C 415 -41.17 -66.86 54.09
N ASN C 416 -40.88 -67.19 55.34
CA ASN C 416 -39.96 -66.37 56.13
C ASN C 416 -38.59 -66.29 55.46
N ASP C 417 -38.17 -67.36 54.80
CA ASP C 417 -36.85 -67.37 54.18
C ASP C 417 -36.86 -66.52 52.91
N LEU C 418 -37.98 -66.50 52.18
CA LEU C 418 -38.09 -65.63 51.02
C LEU C 418 -37.97 -64.17 51.43
N VAL C 419 -38.61 -63.78 52.53
CA VAL C 419 -38.48 -62.41 53.02
C VAL C 419 -37.04 -62.13 53.41
N SER C 420 -36.40 -63.07 54.10
CA SER C 420 -35.02 -62.87 54.52
C SER C 420 -34.09 -62.69 53.33
N GLU C 421 -34.28 -63.50 52.28
CA GLU C 421 -33.40 -63.43 51.11
C GLU C 421 -33.49 -62.04 50.45
N TYR C 422 -34.71 -61.53 50.28
CA TYR C 422 -34.86 -60.20 49.70
C TYR C 422 -34.19 -59.14 50.56
N GLN C 423 -34.15 -59.37 51.88
CA GLN C 423 -33.56 -58.39 52.78
C GLN C 423 -32.04 -58.34 52.67
N GLN C 424 -31.40 -59.46 52.31
CA GLN C 424 -29.95 -59.49 52.19
C GLN C 424 -29.45 -58.54 51.12
N TYR C 425 -30.26 -58.28 50.09
CA TYR C 425 -29.85 -57.47 48.95
C TYR C 425 -30.27 -56.01 49.10
N GLN C 426 -30.33 -55.52 50.34
CA GLN C 426 -30.47 -54.09 50.60
C GLN C 426 -29.13 -53.43 50.84
N ASP C 427 -28.16 -54.17 51.35
CA ASP C 427 -26.83 -53.64 51.59
C ASP C 427 -26.10 -53.39 50.28
N ALA C 428 -25.13 -52.48 50.33
CA ALA C 428 -24.34 -52.14 49.17
C ALA C 428 -23.14 -53.08 49.06
N THR C 429 -22.31 -52.87 48.04
CA THR C 429 -21.13 -53.69 47.83
C THR C 429 -20.13 -53.50 48.96
N ALA C 430 -19.53 -54.60 49.41
CA ALA C 430 -18.54 -54.55 50.47
C ALA C 430 -19.09 -53.88 51.72
N MET D 1 26.69 39.38 -27.52
CA MET D 1 27.37 40.70 -27.68
C MET D 1 26.50 41.83 -27.12
N ARG D 2 26.92 42.38 -25.98
CA ARG D 2 26.24 43.51 -25.35
C ARG D 2 24.78 43.15 -25.06
N GLU D 3 24.60 42.15 -24.21
CA GLU D 3 23.29 41.65 -23.86
C GLU D 3 22.65 42.52 -22.78
N ILE D 4 21.34 42.71 -22.88
CA ILE D 4 20.55 43.45 -21.91
C ILE D 4 19.51 42.51 -21.33
N VAL D 5 19.35 42.57 -20.00
CA VAL D 5 18.34 41.79 -19.29
C VAL D 5 17.34 42.77 -18.69
N HIS D 6 16.05 42.50 -18.91
CA HIS D 6 14.98 43.44 -18.58
C HIS D 6 14.32 43.03 -17.27
N LEU D 7 14.14 44.01 -16.38
CA LEU D 7 13.43 43.83 -15.13
C LEU D 7 12.21 44.73 -15.12
N GLN D 8 11.07 44.19 -14.67
CA GLN D 8 9.86 44.98 -14.53
C GLN D 8 9.18 44.59 -13.23
N ALA D 9 8.88 45.58 -12.39
CA ALA D 9 8.32 45.36 -11.07
C ALA D 9 7.12 46.28 -10.87
N GLY D 10 6.17 45.80 -10.06
CA GLY D 10 4.99 46.58 -9.77
C GLY D 10 3.93 46.48 -10.85
N GLN D 11 2.74 47.01 -10.58
CA GLN D 11 1.69 46.95 -11.59
C GLN D 11 2.05 47.80 -12.80
N CYS D 12 2.57 49.01 -12.56
CA CYS D 12 2.97 49.87 -13.67
C CYS D 12 4.09 49.25 -14.49
N GLY D 13 5.07 48.64 -13.82
CA GLY D 13 6.21 48.08 -14.53
C GLY D 13 5.81 46.99 -15.50
N ASN D 14 4.97 46.05 -15.04
CA ASN D 14 4.59 44.93 -15.89
C ASN D 14 3.81 45.41 -17.12
N GLN D 15 2.87 46.32 -16.92
CA GLN D 15 2.08 46.83 -18.04
C GLN D 15 2.97 47.58 -19.03
N ILE D 16 3.90 48.40 -18.52
CA ILE D 16 4.87 49.02 -19.40
C ILE D 16 5.77 47.95 -20.03
N GLY D 17 6.28 47.03 -19.21
CA GLY D 17 6.96 45.88 -19.75
C GLY D 17 6.18 45.15 -20.83
N ALA D 18 4.88 44.93 -20.58
CA ALA D 18 4.08 44.14 -21.53
C ALA D 18 4.02 44.83 -22.88
N LYS D 19 3.83 46.14 -22.89
CA LYS D 19 3.82 46.90 -24.14
C LYS D 19 5.22 47.21 -24.61
N PHE D 20 6.23 46.89 -23.79
CA PHE D 20 7.62 47.10 -24.20
C PHE D 20 8.08 45.99 -25.14
N TRP D 21 7.56 44.78 -24.94
CA TRP D 21 7.91 43.64 -25.78
C TRP D 21 7.02 43.50 -27.00
N GLU D 22 5.80 44.04 -26.96
CA GLU D 22 4.97 44.06 -28.16
C GLU D 22 5.56 44.97 -29.22
N VAL D 23 6.35 45.96 -28.82
CA VAL D 23 6.99 46.86 -29.77
C VAL D 23 8.25 46.22 -30.33
N ILE D 24 9.10 45.69 -29.46
CA ILE D 24 10.36 45.09 -29.93
C ILE D 24 10.06 43.89 -30.82
N SER D 25 9.13 43.03 -30.39
CA SER D 25 8.76 41.88 -31.22
C SER D 25 8.28 42.31 -32.60
N ASP D 26 7.67 43.50 -32.69
CA ASP D 26 7.26 44.03 -33.98
C ASP D 26 8.45 44.49 -34.80
N GLU D 27 9.46 45.07 -34.15
CA GLU D 27 10.63 45.55 -34.88
C GLU D 27 11.40 44.38 -35.50
N HIS D 28 11.56 43.29 -34.75
CA HIS D 28 12.31 42.13 -35.20
C HIS D 28 11.43 41.13 -35.95
N GLY D 29 10.16 41.42 -36.14
CA GLY D 29 9.27 40.51 -36.83
C GLY D 29 9.09 39.18 -36.12
N ILE D 30 8.92 39.21 -34.80
CA ILE D 30 8.78 38.00 -33.99
C ILE D 30 7.30 37.80 -33.71
N ASP D 31 6.79 36.63 -34.10
CA ASP D 31 5.40 36.29 -33.85
C ASP D 31 5.17 36.13 -32.35
N PRO D 32 3.96 36.44 -31.87
CA PRO D 32 3.67 36.25 -30.44
C PRO D 32 4.05 34.87 -29.92
N THR D 33 3.98 33.84 -30.75
CA THR D 33 4.40 32.50 -30.32
C THR D 33 5.90 32.40 -30.12
N GLY D 34 6.68 33.38 -30.56
CA GLY D 34 8.12 33.28 -30.53
C GLY D 34 8.77 32.82 -31.82
N THR D 35 8.03 32.76 -32.92
CA THR D 35 8.55 32.31 -34.20
C THR D 35 8.87 33.51 -35.08
N TYR D 36 10.06 33.50 -35.66
CA TYR D 36 10.50 34.63 -36.48
C TYR D 36 9.85 34.58 -37.86
N HIS D 37 9.31 35.73 -38.29
CA HIS D 37 8.75 35.86 -39.62
C HIS D 37 9.16 37.18 -40.27
N GLY D 38 10.28 37.76 -39.85
CA GLY D 38 10.71 39.04 -40.38
C GLY D 38 11.19 38.97 -41.81
N ASP D 39 11.48 40.14 -42.37
CA ASP D 39 11.92 40.26 -43.75
C ASP D 39 13.39 40.62 -43.90
N SER D 40 13.94 41.43 -43.00
CA SER D 40 15.31 41.91 -43.09
C SER D 40 16.22 41.11 -42.20
N ASP D 41 17.44 40.84 -42.68
CA ASP D 41 18.36 39.99 -41.94
C ASP D 41 18.90 40.68 -40.70
N LEU D 42 18.96 42.01 -40.69
CA LEU D 42 19.51 42.72 -39.54
C LEU D 42 18.73 42.41 -38.28
N GLN D 43 17.46 42.03 -38.41
CA GLN D 43 16.66 41.70 -37.24
C GLN D 43 17.25 40.52 -36.49
N LEU D 44 17.73 39.50 -37.22
CA LEU D 44 18.31 38.32 -36.58
C LEU D 44 19.73 38.60 -36.08
N GLU D 45 20.45 39.48 -36.77
CA GLU D 45 21.86 39.69 -36.44
C GLU D 45 22.06 40.09 -34.99
N ARG D 46 21.11 40.85 -34.42
CA ARG D 46 21.20 41.30 -33.04
C ARG D 46 19.99 40.88 -32.23
N ILE D 47 19.24 39.87 -32.70
CA ILE D 47 18.06 39.41 -31.96
C ILE D 47 18.46 38.87 -30.60
N ASN D 48 19.73 38.49 -30.44
CA ASN D 48 20.22 37.96 -29.18
C ASN D 48 20.40 39.03 -28.12
N VAL D 49 20.18 40.30 -28.45
CA VAL D 49 20.35 41.37 -27.47
C VAL D 49 19.24 41.31 -26.43
N TYR D 50 18.02 40.99 -26.86
CA TYR D 50 16.87 40.85 -25.98
C TYR D 50 16.34 39.43 -25.89
N TYR D 51 16.36 38.69 -26.99
CA TYR D 51 15.73 37.38 -27.10
C TYR D 51 16.77 36.29 -27.06
N ASN D 52 16.56 35.31 -26.18
CA ASN D 52 17.32 34.07 -26.23
C ASN D 52 16.73 33.20 -27.34
N GLU D 53 17.09 31.92 -27.38
CA GLU D 53 16.68 31.06 -28.48
C GLU D 53 16.51 29.63 -27.98
N ALA D 54 15.52 28.95 -28.56
CA ALA D 54 15.26 27.54 -28.30
C ALA D 54 15.00 26.84 -29.63
N THR D 55 15.51 25.62 -29.75
CA THR D 55 15.46 24.90 -31.02
C THR D 55 14.06 24.98 -31.61
N GLY D 56 14.00 25.09 -32.93
CA GLY D 56 12.75 25.31 -33.64
C GLY D 56 12.42 26.76 -33.91
N GLY D 57 13.31 27.68 -33.56
CA GLY D 57 13.10 29.08 -33.81
C GLY D 57 12.41 29.84 -32.69
N LYS D 58 12.01 29.17 -31.61
CA LYS D 58 11.34 29.84 -30.50
C LYS D 58 12.32 30.78 -29.82
N TYR D 59 12.03 32.08 -29.88
CA TYR D 59 12.86 33.10 -29.27
C TYR D 59 12.27 33.51 -27.93
N VAL D 60 13.04 33.36 -26.87
CA VAL D 60 12.58 33.63 -25.51
C VAL D 60 13.13 34.97 -25.04
N PRO D 61 12.28 36.00 -24.88
CA PRO D 61 12.76 37.26 -24.32
C PRO D 61 13.08 37.11 -22.85
N ARG D 62 14.33 37.44 -22.48
CA ARG D 62 14.76 37.40 -21.09
C ARG D 62 14.31 38.68 -20.40
N ALA D 63 13.02 38.68 -20.05
CA ALA D 63 12.49 39.63 -19.09
C ALA D 63 12.26 38.90 -17.78
N VAL D 64 12.41 39.60 -16.68
CA VAL D 64 12.11 39.07 -15.35
C VAL D 64 10.95 39.90 -14.79
N LEU D 65 9.80 39.25 -14.62
CA LEU D 65 8.57 39.91 -14.20
C LEU D 65 8.32 39.53 -12.74
N VAL D 66 8.29 40.54 -11.87
CA VAL D 66 8.15 40.33 -10.44
C VAL D 66 7.05 41.25 -9.91
N ASP D 67 6.15 40.68 -9.10
CA ASP D 67 5.15 41.47 -8.40
C ASP D 67 4.73 40.68 -7.17
N LEU D 68 4.24 41.40 -6.16
CA LEU D 68 3.90 40.80 -4.87
C LEU D 68 2.50 40.22 -4.83
N GLU D 69 1.72 40.34 -5.91
CA GLU D 69 0.42 39.70 -5.99
C GLU D 69 0.18 39.20 -7.41
N PRO D 70 -0.46 38.05 -7.58
CA PRO D 70 -0.61 37.48 -8.94
C PRO D 70 -1.49 38.29 -9.87
N GLY D 71 -2.27 39.24 -9.35
CA GLY D 71 -3.26 39.94 -10.15
C GLY D 71 -2.78 40.41 -11.50
N THR D 72 -1.83 41.36 -11.52
CA THR D 72 -1.42 41.96 -12.78
C THR D 72 -0.76 40.94 -13.70
N MET D 73 0.10 40.07 -13.15
CA MET D 73 0.85 39.13 -13.97
C MET D 73 -0.09 38.13 -14.64
N ASP D 74 -1.13 37.69 -13.93
CA ASP D 74 -2.09 36.79 -14.55
C ASP D 74 -2.71 37.40 -15.79
N SER D 75 -2.92 38.73 -15.78
CA SER D 75 -3.41 39.40 -16.97
C SER D 75 -2.40 39.32 -18.10
N VAL D 76 -1.13 39.55 -17.78
CA VAL D 76 -0.08 39.47 -18.81
C VAL D 76 0.00 38.05 -19.35
N ARG D 77 -0.04 37.05 -18.46
CA ARG D 77 0.04 35.66 -18.91
C ARG D 77 -1.15 35.32 -19.82
N SER D 78 -2.34 35.78 -19.46
CA SER D 78 -3.52 35.53 -20.29
C SER D 78 -3.59 36.46 -21.49
N GLY D 79 -2.86 37.57 -21.47
CA GLY D 79 -2.72 38.41 -22.64
C GLY D 79 -2.44 37.62 -23.91
N PRO D 80 -2.71 38.23 -25.06
CA PRO D 80 -2.35 37.56 -26.33
C PRO D 80 -0.85 37.37 -26.48
N PHE D 81 -0.07 38.28 -25.90
CA PHE D 81 1.39 38.26 -26.00
C PHE D 81 2.05 37.60 -24.79
N GLY D 82 1.26 37.00 -23.90
CA GLY D 82 1.82 36.35 -22.72
C GLY D 82 2.39 34.97 -22.96
N GLN D 83 2.15 34.39 -24.13
CA GLN D 83 2.67 33.07 -24.45
C GLN D 83 4.18 33.08 -24.73
N ILE D 84 4.78 34.26 -24.85
CA ILE D 84 6.19 34.35 -25.25
C ILE D 84 7.12 34.22 -24.06
N PHE D 85 6.76 34.80 -22.92
CA PHE D 85 7.65 34.80 -21.77
C PHE D 85 7.87 33.39 -21.24
N ARG D 86 9.07 33.15 -20.72
CA ARG D 86 9.38 31.88 -20.10
C ARG D 86 8.60 31.77 -18.80
N PRO D 87 7.75 30.75 -18.63
CA PRO D 87 6.94 30.66 -17.40
C PRO D 87 7.76 30.76 -16.13
N ASP D 88 9.01 30.30 -16.18
CA ASP D 88 9.88 30.36 -15.02
C ASP D 88 10.27 31.77 -14.62
N ASN D 89 10.04 32.75 -15.48
CA ASN D 89 10.46 34.12 -15.17
C ASN D 89 9.47 34.82 -14.26
N PHE D 90 8.17 34.64 -14.50
CA PHE D 90 7.17 35.21 -13.60
C PHE D 90 7.47 34.84 -12.15
N VAL D 91 7.76 35.84 -11.34
CA VAL D 91 7.96 35.67 -9.90
C VAL D 91 6.79 36.35 -9.21
N PHE D 92 5.86 35.56 -8.71
CA PHE D 92 4.64 36.07 -8.11
C PHE D 92 4.57 35.70 -6.64
N GLY D 93 4.13 36.64 -5.82
CA GLY D 93 3.89 36.40 -4.40
C GLY D 93 2.46 36.01 -4.12
N GLN D 94 2.06 36.18 -2.87
CA GLN D 94 0.69 35.87 -2.46
C GLN D 94 0.10 36.91 -1.52
N SER D 95 0.82 37.98 -1.19
CA SER D 95 0.30 39.07 -0.37
C SER D 95 0.92 40.36 -0.91
N GLY D 96 0.19 41.06 -1.76
CA GLY D 96 0.71 42.26 -2.37
C GLY D 96 0.91 43.39 -1.37
N ALA D 97 1.72 44.36 -1.78
CA ALA D 97 2.05 45.50 -0.94
C ALA D 97 0.92 46.53 -1.00
N GLY D 98 0.57 47.08 0.16
CA GLY D 98 -0.50 48.05 0.24
C GLY D 98 0.00 49.47 0.07
N ASN D 99 0.88 49.69 -0.90
CA ASN D 99 1.47 50.98 -1.25
C ASN D 99 2.38 51.51 -0.15
N ASN D 100 2.70 50.72 0.87
CA ASN D 100 3.62 51.14 1.91
C ASN D 100 5.02 50.63 1.58
N TRP D 101 5.98 51.56 1.51
CA TRP D 101 7.32 51.24 1.08
C TRP D 101 7.98 50.19 1.98
N ALA D 102 7.73 50.26 3.28
CA ALA D 102 8.40 49.36 4.22
C ALA D 102 8.05 47.91 3.93
N LYS D 103 6.78 47.62 3.67
CA LYS D 103 6.36 46.24 3.45
C LYS D 103 7.05 45.65 2.22
N GLY D 104 7.08 46.40 1.12
CA GLY D 104 7.72 45.92 -0.09
C GLY D 104 9.23 46.00 -0.08
N HIS D 105 9.81 46.54 0.99
CA HIS D 105 11.26 46.68 1.10
C HIS D 105 11.85 45.92 2.29
N TYR D 106 11.10 45.73 3.37
CA TYR D 106 11.62 45.07 4.56
C TYR D 106 10.97 43.72 4.83
N THR D 107 9.65 43.66 4.95
CA THR D 107 8.98 42.47 5.45
C THR D 107 8.49 41.53 4.36
N GLU D 108 8.13 42.04 3.19
CA GLU D 108 7.53 41.23 2.14
C GLU D 108 8.43 41.11 0.91
N GLY D 109 9.07 42.19 0.49
CA GLY D 109 10.06 42.08 -0.58
C GLY D 109 11.25 41.25 -0.17
N ALA D 110 11.64 41.32 1.10
CA ALA D 110 12.76 40.52 1.58
C ALA D 110 12.52 39.04 1.39
N GLU D 111 11.27 38.59 1.56
CA GLU D 111 10.99 37.17 1.45
C GLU D 111 10.99 36.71 -0.01
N LEU D 112 10.71 37.61 -0.95
CA LEU D 112 10.58 37.26 -2.35
C LEU D 112 11.80 37.64 -3.19
N VAL D 113 12.70 38.47 -2.67
CA VAL D 113 13.78 39.00 -3.49
C VAL D 113 14.77 37.90 -3.83
N ASP D 114 15.06 37.01 -2.88
CA ASP D 114 16.01 35.93 -3.12
C ASP D 114 15.60 35.08 -4.31
N SER D 115 14.28 34.90 -4.51
CA SER D 115 13.81 34.11 -5.64
C SER D 115 14.12 34.79 -6.97
N VAL D 116 14.07 36.12 -7.01
CA VAL D 116 14.25 36.83 -8.27
C VAL D 116 15.70 36.72 -8.74
N LEU D 117 16.66 36.91 -7.83
CA LEU D 117 18.07 36.81 -8.21
C LEU D 117 18.37 35.44 -8.81
N ASP D 118 17.73 34.39 -8.30
CA ASP D 118 17.89 33.06 -8.87
C ASP D 118 17.46 33.02 -10.33
N VAL D 119 16.61 33.97 -10.76
CA VAL D 119 16.16 34.01 -12.15
C VAL D 119 16.98 35.02 -12.96
N VAL D 120 17.50 36.07 -12.32
CA VAL D 120 18.37 37.01 -13.02
C VAL D 120 19.69 36.34 -13.35
N ARG D 121 20.26 35.61 -12.38
CA ARG D 121 21.57 35.01 -12.58
C ARG D 121 21.57 34.04 -13.76
N LYS D 122 20.50 33.26 -13.90
CA LYS D 122 20.39 32.36 -15.05
C LYS D 122 20.37 33.15 -16.35
N GLU D 123 19.62 34.24 -16.39
CA GLU D 123 19.64 35.11 -17.58
C GLU D 123 20.93 35.92 -17.65
N ALA D 124 21.70 35.97 -16.56
CA ALA D 124 22.95 36.71 -16.57
C ALA D 124 24.10 35.86 -17.06
N GLU D 125 24.13 34.59 -16.67
CA GLU D 125 25.17 33.67 -17.12
C GLU D 125 24.88 33.08 -18.49
N SER D 126 23.70 33.31 -19.05
CA SER D 126 23.38 32.86 -20.39
C SER D 126 23.74 33.89 -21.45
N CYS D 127 24.36 35.00 -21.05
CA CYS D 127 24.78 36.05 -21.96
C CYS D 127 26.30 36.10 -22.01
N ASP D 128 26.86 36.15 -23.22
CA ASP D 128 28.31 36.09 -23.35
C ASP D 128 28.97 37.40 -22.95
N CYS D 129 28.37 38.54 -23.32
CA CYS D 129 28.77 39.83 -22.74
C CYS D 129 27.50 40.53 -22.27
N LEU D 130 27.28 40.55 -20.96
CA LEU D 130 26.14 41.24 -20.39
C LEU D 130 26.48 42.71 -20.21
N GLN D 131 25.78 43.58 -20.95
CA GLN D 131 26.07 45.00 -20.87
C GLN D 131 25.54 45.60 -19.58
N GLY D 132 24.22 45.65 -19.42
CA GLY D 132 23.66 46.14 -18.17
C GLY D 132 22.21 45.73 -18.04
N PHE D 133 21.67 45.96 -16.85
CA PHE D 133 20.30 45.63 -16.53
C PHE D 133 19.38 46.79 -16.89
N GLN D 134 18.09 46.47 -17.02
CA GLN D 134 17.04 47.45 -17.30
C GLN D 134 15.90 47.24 -16.32
N LEU D 135 15.36 48.34 -15.79
CA LEU D 135 14.34 48.26 -14.76
C LEU D 135 13.23 49.28 -15.03
N THR D 136 11.99 48.84 -14.84
CA THR D 136 10.80 49.68 -15.04
C THR D 136 9.89 49.49 -13.84
N HIS D 137 9.56 50.58 -13.16
CA HIS D 137 8.76 50.53 -11.95
C HIS D 137 8.12 51.89 -11.73
N SER D 138 7.48 52.05 -10.57
CA SER D 138 6.86 53.30 -10.17
C SER D 138 7.29 53.65 -8.75
N LEU D 139 7.65 54.91 -8.54
CA LEU D 139 8.08 55.35 -7.22
C LEU D 139 6.91 55.44 -6.25
N GLY D 140 5.75 55.86 -6.73
CA GLY D 140 4.63 56.10 -5.82
C GLY D 140 4.16 54.84 -5.12
N GLY D 141 4.05 53.74 -5.87
CA GLY D 141 3.54 52.51 -5.31
C GLY D 141 4.43 51.91 -4.24
N GLY D 142 4.09 50.70 -3.80
CA GLY D 142 4.88 50.02 -2.81
C GLY D 142 5.79 48.96 -3.40
N THR D 143 5.29 48.23 -4.39
CA THR D 143 6.08 47.16 -5.00
C THR D 143 7.11 47.72 -5.97
N GLY D 144 6.76 48.76 -6.72
CA GLY D 144 7.71 49.35 -7.65
C GLY D 144 8.78 50.15 -6.93
N SER D 145 8.51 50.55 -5.69
CA SER D 145 9.49 51.30 -4.91
C SER D 145 10.19 50.41 -3.89
N GLY D 146 9.43 49.75 -3.03
CA GLY D 146 10.01 48.86 -2.04
C GLY D 146 10.91 47.79 -2.63
N MET D 147 10.33 46.85 -3.37
CA MET D 147 11.12 45.77 -3.94
C MET D 147 11.97 46.24 -5.11
N GLY D 148 11.47 47.19 -5.90
CA GLY D 148 12.28 47.73 -6.98
C GLY D 148 13.57 48.32 -6.48
N THR D 149 13.50 49.15 -5.44
CA THR D 149 14.72 49.68 -4.84
C THR D 149 15.52 48.60 -4.13
N LEU D 150 14.85 47.62 -3.54
CA LEU D 150 15.55 46.50 -2.93
C LEU D 150 16.29 45.68 -3.98
N LEU D 151 15.65 45.43 -5.11
CA LEU D 151 16.28 44.63 -6.15
C LEU D 151 17.41 45.39 -6.84
N ILE D 152 17.19 46.66 -7.14
CA ILE D 152 18.23 47.45 -7.79
C ILE D 152 19.45 47.56 -6.89
N SER D 153 19.24 47.61 -5.58
CA SER D 153 20.36 47.63 -4.64
C SER D 153 21.15 46.31 -4.70
N LYS D 154 20.43 45.19 -4.78
CA LYS D 154 21.11 43.89 -4.79
C LYS D 154 21.94 43.71 -6.07
N ILE D 155 21.33 43.97 -7.23
CA ILE D 155 22.05 43.82 -8.49
C ILE D 155 23.21 44.78 -8.61
N ARG D 156 23.20 45.87 -7.84
CA ARG D 156 24.36 46.74 -7.77
C ARG D 156 25.53 46.06 -7.06
N GLU D 157 25.23 45.27 -6.03
CA GLU D 157 26.30 44.62 -5.27
C GLU D 157 27.02 43.57 -6.11
N GLU D 158 26.27 42.72 -6.81
CA GLU D 158 26.90 41.66 -7.59
C GLU D 158 27.49 42.18 -8.89
N TYR D 159 26.83 43.16 -9.51
CA TYR D 159 27.24 43.69 -10.82
C TYR D 159 27.51 45.18 -10.68
N PRO D 160 28.47 45.57 -9.85
CA PRO D 160 28.78 47.00 -9.71
C PRO D 160 29.18 47.65 -11.03
N ASP D 161 29.94 46.94 -11.86
CA ASP D 161 30.45 47.53 -13.10
C ASP D 161 29.39 47.65 -14.18
N ARG D 162 28.44 46.72 -14.23
CA ARG D 162 27.47 46.71 -15.31
C ARG D 162 26.55 47.93 -15.22
N ILE D 163 26.03 48.33 -16.39
CA ILE D 163 25.10 49.44 -16.47
C ILE D 163 23.76 49.03 -15.89
N MET D 164 23.01 50.01 -15.38
CA MET D 164 21.66 49.75 -14.86
C MET D 164 20.86 51.03 -15.04
N ASN D 165 20.05 51.09 -16.09
CA ASN D 165 19.20 52.23 -16.38
C ASN D 165 17.78 51.94 -15.93
N THR D 166 17.09 52.99 -15.51
CA THR D 166 15.75 52.87 -14.95
C THR D 166 14.81 53.82 -15.67
N PHE D 167 13.71 53.29 -16.17
CA PHE D 167 12.58 54.08 -16.66
C PHE D 167 11.52 54.03 -15.56
N SER D 168 11.37 55.13 -14.84
CA SER D 168 10.57 55.17 -13.62
C SER D 168 9.51 56.26 -13.71
N VAL D 169 8.30 55.92 -13.29
CA VAL D 169 7.19 56.86 -13.22
C VAL D 169 7.31 57.66 -11.93
N VAL D 170 7.19 58.98 -12.04
CA VAL D 170 7.38 59.88 -10.91
C VAL D 170 6.03 60.48 -10.55
N PRO D 171 5.76 60.76 -9.27
CA PRO D 171 4.46 61.34 -8.91
C PRO D 171 4.21 62.65 -9.63
N SER D 172 2.95 62.85 -10.04
CA SER D 172 2.57 64.02 -10.79
C SER D 172 2.59 65.26 -9.91
N PRO D 173 2.81 66.45 -10.50
CA PRO D 173 2.97 67.66 -9.68
C PRO D 173 1.73 68.02 -8.86
N LYS D 174 0.53 67.78 -9.38
CA LYS D 174 -0.70 68.22 -8.72
C LYS D 174 -1.72 67.11 -8.51
N VAL D 175 -1.85 66.16 -9.41
CA VAL D 175 -2.79 65.05 -9.26
C VAL D 175 -2.03 63.89 -8.61
N SER D 176 -2.76 63.02 -7.91
CA SER D 176 -2.10 61.89 -7.27
C SER D 176 -3.08 60.73 -7.18
N ASP D 177 -2.62 59.55 -7.59
CA ASP D 177 -3.40 58.32 -7.49
C ASP D 177 -3.11 57.57 -6.20
N THR D 178 -2.34 58.16 -5.29
CA THR D 178 -2.06 57.54 -4.00
C THR D 178 -1.77 58.64 -2.99
N VAL D 179 -2.09 58.37 -1.73
CA VAL D 179 -1.98 59.39 -0.70
C VAL D 179 -0.58 59.45 -0.12
N VAL D 180 0.14 58.33 -0.11
CA VAL D 180 1.44 58.23 0.53
C VAL D 180 2.59 58.41 -0.48
N GLU D 181 2.31 58.98 -1.65
CA GLU D 181 3.34 59.17 -2.67
C GLU D 181 4.59 59.89 -2.17
N PRO D 182 4.49 60.91 -1.30
CA PRO D 182 5.72 61.57 -0.85
C PRO D 182 6.60 60.64 -0.03
N TYR D 183 6.02 59.95 0.95
CA TYR D 183 6.79 58.97 1.71
C TYR D 183 7.44 57.94 0.79
N ASN D 184 6.66 57.32 -0.08
CA ASN D 184 7.23 56.28 -0.96
C ASN D 184 8.25 56.87 -1.92
N ALA D 185 7.93 58.00 -2.55
CA ALA D 185 8.84 58.60 -3.51
C ALA D 185 10.12 59.04 -2.84
N THR D 186 10.00 59.70 -1.68
CA THR D 186 11.17 60.24 -1.00
C THR D 186 12.14 59.13 -0.63
N LEU D 187 11.63 58.01 -0.10
CA LEU D 187 12.50 56.90 0.25
C LEU D 187 13.14 56.28 -0.99
N SER D 188 12.38 56.22 -2.10
CA SER D 188 12.90 55.62 -3.33
C SER D 188 14.06 56.43 -3.89
N VAL D 189 13.93 57.76 -3.91
CA VAL D 189 14.99 58.59 -4.45
C VAL D 189 16.26 58.46 -3.61
N HIS D 190 16.10 58.45 -2.28
CA HIS D 190 17.26 58.30 -1.42
C HIS D 190 18.00 57.00 -1.68
N GLN D 191 17.31 56.03 -2.28
CA GLN D 191 17.87 54.70 -2.50
C GLN D 191 18.36 54.50 -3.92
N LEU D 192 17.89 55.32 -4.87
CA LEU D 192 18.36 55.23 -6.25
C LEU D 192 19.64 56.02 -6.45
N VAL D 193 19.73 57.20 -5.84
CA VAL D 193 20.85 58.11 -6.04
C VAL D 193 22.19 57.40 -5.85
N GLU D 194 22.20 56.32 -5.07
CA GLU D 194 23.44 55.61 -4.75
C GLU D 194 23.67 54.38 -5.61
N ASN D 195 22.69 53.96 -6.41
CA ASN D 195 22.78 52.66 -7.08
C ASN D 195 22.56 52.76 -8.59
N THR D 196 21.63 53.61 -9.03
CA THR D 196 21.23 53.65 -10.43
C THR D 196 22.16 54.58 -11.21
N ASP D 197 22.64 54.09 -12.36
CA ASP D 197 23.54 54.89 -13.19
C ASP D 197 22.78 55.99 -13.93
N GLU D 198 21.60 55.70 -14.44
CA GLU D 198 20.80 56.71 -15.14
C GLU D 198 19.33 56.40 -14.93
N THR D 199 18.54 57.45 -14.68
CA THR D 199 17.12 57.32 -14.44
C THR D 199 16.37 58.25 -15.39
N TYR D 200 15.26 57.77 -15.92
CA TYR D 200 14.43 58.51 -16.87
C TYR D 200 13.13 58.88 -16.19
N CYS D 201 13.11 60.04 -15.55
CA CYS D 201 11.93 60.47 -14.80
C CYS D 201 10.81 60.86 -15.77
N ILE D 202 9.66 60.19 -15.62
CA ILE D 202 8.47 60.49 -16.40
C ILE D 202 7.26 60.49 -15.47
N ASP D 203 6.21 61.20 -15.90
CA ASP D 203 4.99 61.32 -15.12
C ASP D 203 3.79 61.33 -16.06
N ASN D 204 2.69 60.75 -15.57
CA ASN D 204 1.49 60.66 -16.38
C ASN D 204 0.96 62.04 -16.78
N GLU D 205 0.93 62.99 -15.84
CA GLU D 205 0.33 64.28 -16.14
C GLU D 205 0.96 64.91 -17.38
N ALA D 206 2.30 64.97 -17.41
CA ALA D 206 2.97 65.50 -18.60
C ALA D 206 2.66 64.65 -19.82
N LEU D 207 2.66 63.33 -19.66
CA LEU D 207 2.39 62.43 -20.76
C LEU D 207 0.93 62.46 -21.20
N TYR D 208 0.01 62.76 -20.27
CA TYR D 208 -1.36 63.06 -20.67
C TYR D 208 -1.40 64.23 -21.64
N ASP D 209 -0.61 65.27 -21.36
CA ASP D 209 -0.65 66.47 -22.17
C ASP D 209 -0.38 66.16 -23.63
N ILE D 210 0.50 65.20 -23.91
CA ILE D 210 0.80 64.84 -25.28
C ILE D 210 -0.44 64.27 -25.97
N CYS D 211 -1.24 63.50 -25.24
CA CYS D 211 -2.35 62.81 -25.87
C CYS D 211 -3.31 63.79 -26.54
N PHE D 212 -3.79 64.78 -25.78
CA PHE D 212 -4.79 65.68 -26.33
C PHE D 212 -4.20 66.94 -26.99
N ARG D 213 -2.99 67.34 -26.60
CA ARG D 213 -2.46 68.60 -27.10
C ARG D 213 -1.83 68.46 -28.48
N THR D 214 -0.77 67.64 -28.60
CA THR D 214 -0.12 67.43 -29.89
C THR D 214 -0.80 66.32 -30.70
N LEU D 215 -1.24 65.26 -30.04
CA LEU D 215 -2.18 64.32 -30.64
C LEU D 215 -3.60 64.75 -30.31
N LYS D 216 -4.56 64.10 -30.94
CA LYS D 216 -5.98 64.39 -30.74
C LYS D 216 -6.70 63.06 -30.52
N LEU D 217 -6.52 62.48 -29.33
CA LEU D 217 -7.09 61.18 -29.01
C LEU D 217 -7.34 61.16 -27.50
N THR D 218 -8.60 61.32 -27.11
CA THR D 218 -8.99 61.45 -25.71
C THR D 218 -9.32 60.12 -25.05
N THR D 219 -9.71 59.10 -25.82
CA THR D 219 -10.24 57.88 -25.20
C THR D 219 -9.23 57.16 -24.31
N PRO D 220 -8.01 56.88 -24.75
CA PRO D 220 -7.12 56.01 -23.97
C PRO D 220 -6.21 56.76 -23.00
N THR D 221 -5.90 56.09 -21.90
CA THR D 221 -4.89 56.56 -20.96
C THR D 221 -3.72 55.60 -20.83
N TYR D 222 -3.97 54.36 -20.45
CA TYR D 222 -2.91 53.43 -20.11
C TYR D 222 -2.51 52.51 -21.25
N GLY D 223 -3.40 52.29 -22.23
CA GLY D 223 -3.04 51.48 -23.37
C GLY D 223 -2.11 52.19 -24.33
N ASP D 224 -2.02 53.51 -24.26
CA ASP D 224 -1.24 54.29 -25.21
C ASP D 224 -0.08 55.05 -24.58
N LEU D 225 -0.28 55.63 -23.39
CA LEU D 225 0.84 56.25 -22.69
C LEU D 225 1.99 55.27 -22.54
N ASN D 226 1.69 54.01 -22.24
CA ASN D 226 2.73 52.98 -22.17
C ASN D 226 3.38 52.76 -23.52
N HIS D 227 2.65 52.99 -24.60
CA HIS D 227 3.20 52.76 -25.93
C HIS D 227 4.15 53.89 -26.33
N LEU D 228 3.83 55.11 -25.93
CA LEU D 228 4.79 56.20 -26.07
C LEU D 228 6.04 55.93 -25.25
N VAL D 229 5.87 55.47 -24.01
CA VAL D 229 7.01 55.12 -23.18
C VAL D 229 7.80 53.99 -23.81
N SER D 230 7.12 52.97 -24.33
CA SER D 230 7.82 51.84 -24.93
C SER D 230 8.64 52.27 -26.13
N ALA D 231 8.09 53.16 -26.96
CA ALA D 231 8.85 53.66 -28.10
C ALA D 231 10.07 54.43 -27.65
N THR D 232 9.94 55.23 -26.58
CA THR D 232 11.07 56.00 -26.08
C THR D 232 12.22 55.10 -25.66
N MET D 233 11.93 54.13 -24.80
CA MET D 233 12.98 53.24 -24.30
C MET D 233 13.56 52.37 -25.42
N SER D 234 12.74 52.01 -26.41
CA SER D 234 13.24 51.27 -27.55
C SER D 234 14.26 52.09 -28.34
N GLY D 235 13.99 53.38 -28.51
CA GLY D 235 14.94 54.25 -29.19
C GLY D 235 16.30 54.26 -28.52
N VAL D 236 16.32 54.21 -27.19
CA VAL D 236 17.58 54.34 -26.46
C VAL D 236 18.50 53.14 -26.75
N THR D 237 17.91 51.96 -26.91
CA THR D 237 18.66 50.73 -27.10
C THR D 237 18.74 50.30 -28.55
N THR D 238 18.41 51.19 -29.49
CA THR D 238 18.40 50.82 -30.90
C THR D 238 19.81 50.57 -31.41
N CYS D 239 20.77 51.38 -30.97
CA CYS D 239 22.13 51.27 -31.50
C CYS D 239 22.73 49.89 -31.25
N LEU D 240 22.28 49.21 -30.20
CA LEU D 240 22.79 47.88 -29.87
C LEU D 240 22.11 46.78 -30.68
N ARG D 241 21.17 47.14 -31.56
CA ARG D 241 20.38 46.15 -32.29
C ARG D 241 20.44 46.31 -33.80
N PHE D 242 20.75 47.50 -34.31
CA PHE D 242 20.78 47.77 -35.73
C PHE D 242 22.02 48.58 -36.06
N PRO D 243 22.49 48.50 -37.31
CA PRO D 243 23.67 49.30 -37.69
C PRO D 243 23.38 50.78 -37.69
N GLY D 244 24.40 51.56 -37.43
CA GLY D 244 24.27 53.01 -37.41
C GLY D 244 25.56 53.69 -37.81
N GLN D 245 25.43 54.88 -38.40
CA GLN D 245 26.61 55.65 -38.78
C GLN D 245 27.42 56.05 -37.57
N LEU D 246 26.74 56.47 -36.49
CA LEU D 246 27.39 56.87 -35.25
C LEU D 246 26.70 56.10 -34.12
N ASN D 247 27.19 54.89 -33.87
CA ASN D 247 26.52 53.99 -32.95
C ASN D 247 26.68 54.45 -31.50
N ALA D 248 25.59 54.41 -30.75
CA ALA D 248 25.58 54.80 -29.35
C ALA D 248 25.36 53.57 -28.45
N ASP D 249 25.23 53.81 -27.15
CA ASP D 249 25.27 52.72 -26.18
C ASP D 249 24.89 53.29 -24.82
N LEU D 250 24.39 52.39 -23.96
CA LEU D 250 23.96 52.82 -22.63
C LEU D 250 25.09 53.48 -21.87
N ARG D 251 26.32 53.01 -22.07
CA ARG D 251 27.46 53.61 -21.40
C ARG D 251 27.86 54.93 -22.05
N LYS D 252 27.70 55.05 -23.36
CA LYS D 252 28.02 56.30 -24.05
C LYS D 252 27.13 57.44 -23.56
N LEU D 253 25.83 57.17 -23.38
CA LEU D 253 24.93 58.22 -22.92
C LEU D 253 25.20 58.58 -21.47
N ALA D 254 25.48 57.57 -20.64
CA ALA D 254 25.77 57.82 -19.23
C ALA D 254 26.94 58.78 -19.06
N VAL D 255 28.05 58.50 -19.76
CA VAL D 255 29.22 59.36 -19.71
C VAL D 255 28.89 60.76 -20.20
N ASN D 256 28.19 60.85 -21.34
CA ASN D 256 27.88 62.15 -21.90
C ASN D 256 26.86 62.91 -21.05
N MET D 257 25.89 62.19 -20.48
CA MET D 257 24.75 62.81 -19.81
C MET D 257 24.87 62.85 -18.30
N VAL D 258 25.95 62.34 -17.73
CA VAL D 258 26.09 62.30 -16.27
C VAL D 258 27.40 62.97 -15.87
N PRO D 259 27.41 64.29 -15.68
CA PRO D 259 28.64 64.94 -15.22
C PRO D 259 29.09 64.48 -13.85
N PHE D 260 28.17 64.41 -12.89
CA PHE D 260 28.48 64.02 -11.52
C PHE D 260 27.64 62.81 -11.13
N PRO D 261 28.15 61.97 -10.22
CA PRO D 261 27.44 60.72 -9.91
C PRO D 261 26.01 60.92 -9.45
N ARG D 262 25.75 61.96 -8.67
CA ARG D 262 24.44 62.17 -8.08
C ARG D 262 23.47 62.91 -8.99
N LEU D 263 23.91 63.36 -10.15
CA LEU D 263 23.05 64.04 -11.12
C LEU D 263 22.88 63.11 -12.31
N HIS D 264 21.89 62.22 -12.22
CA HIS D 264 21.64 61.26 -13.30
C HIS D 264 20.15 61.09 -13.60
N PHE D 265 19.30 62.02 -13.15
CA PHE D 265 17.86 61.94 -13.39
C PHE D 265 17.54 62.82 -14.60
N PHE D 266 17.21 62.18 -15.71
CA PHE D 266 16.92 62.87 -16.95
C PHE D 266 15.41 62.99 -17.13
N MET D 267 14.99 63.44 -18.32
CA MET D 267 13.58 63.51 -18.67
C MET D 267 13.45 63.32 -20.17
N PRO D 268 12.88 62.21 -20.63
CA PRO D 268 12.93 61.89 -22.06
C PRO D 268 11.95 62.69 -22.89
N GLY D 269 12.11 62.56 -24.20
CA GLY D 269 11.18 63.12 -25.17
C GLY D 269 11.27 62.34 -26.46
N PHE D 270 10.15 62.30 -27.18
CA PHE D 270 10.07 61.53 -28.41
C PHE D 270 9.42 62.36 -29.50
N ALA D 271 9.80 62.08 -30.74
CA ALA D 271 9.20 62.70 -31.92
C ALA D 271 9.34 61.73 -33.08
N PRO D 272 8.51 61.86 -34.12
CA PRO D 272 7.37 62.78 -34.28
C PRO D 272 6.14 62.30 -33.54
N LEU D 273 5.30 63.21 -33.03
CA LEU D 273 4.05 62.86 -32.37
C LEU D 273 2.95 63.68 -33.06
N THR D 274 2.44 63.15 -34.16
CA THR D 274 1.39 63.78 -34.95
C THR D 274 0.14 62.93 -34.95
N SER D 275 -1.02 63.59 -34.96
CA SER D 275 -2.28 62.88 -35.13
C SER D 275 -2.41 62.35 -36.55
N ARG D 276 -3.15 61.26 -36.69
CA ARG D 276 -3.31 60.63 -38.00
C ARG D 276 -3.92 61.61 -39.00
N GLY D 277 -4.84 62.45 -38.54
CA GLY D 277 -5.57 63.30 -39.46
C GLY D 277 -4.78 64.52 -39.88
N SER D 278 -3.92 65.02 -39.00
CA SER D 278 -3.09 66.18 -39.29
C SER D 278 -1.69 65.81 -39.77
N GLN D 279 -1.39 64.51 -39.89
CA GLN D 279 -0.05 64.09 -40.28
C GLN D 279 0.28 64.52 -41.71
N GLN D 280 -0.69 64.42 -42.62
CA GLN D 280 -0.47 64.77 -44.01
C GLN D 280 -0.23 66.25 -44.22
N TYR D 281 -0.47 67.08 -43.22
CA TYR D 281 -0.22 68.52 -43.30
C TYR D 281 1.11 68.90 -42.66
N ARG D 282 2.08 67.99 -42.65
CA ARG D 282 3.35 68.25 -41.98
C ARG D 282 4.48 67.59 -42.75
N ALA D 283 5.61 68.30 -42.82
CA ALA D 283 6.83 67.75 -43.39
C ALA D 283 7.54 66.86 -42.36
N LEU D 284 8.22 65.84 -42.87
CA LEU D 284 8.96 64.89 -42.04
C LEU D 284 10.46 65.10 -42.13
N THR D 285 10.90 66.33 -42.40
CA THR D 285 12.32 66.62 -42.54
C THR D 285 12.97 66.79 -41.16
N VAL D 286 14.30 66.73 -41.16
CA VAL D 286 15.04 66.79 -39.90
C VAL D 286 14.79 68.09 -39.15
N PRO D 287 14.83 69.26 -39.77
CA PRO D 287 14.73 70.52 -39.01
C PRO D 287 13.51 70.55 -38.09
N GLU D 288 12.32 70.33 -38.65
CA GLU D 288 11.10 70.39 -37.84
C GLU D 288 11.13 69.34 -36.74
N LEU D 289 11.60 68.13 -37.05
CA LEU D 289 11.70 67.08 -36.05
C LEU D 289 12.47 67.57 -34.82
N THR D 290 13.55 68.30 -35.04
CA THR D 290 14.40 68.73 -33.94
C THR D 290 13.80 69.88 -33.13
N GLN D 291 12.90 70.66 -33.73
CA GLN D 291 12.38 71.84 -33.04
C GLN D 291 11.54 71.44 -31.83
N GLN D 292 10.72 70.39 -31.97
CA GLN D 292 9.78 70.04 -30.92
C GLN D 292 10.43 69.28 -29.77
N MET D 293 11.68 68.83 -29.92
CA MET D 293 12.34 68.11 -28.83
C MET D 293 12.61 69.03 -27.64
N PHE D 294 12.94 70.29 -27.91
CA PHE D 294 13.38 71.23 -26.87
C PHE D 294 12.26 72.10 -26.32
N ASP D 295 11.03 71.87 -26.74
CA ASP D 295 9.88 72.63 -26.24
C ASP D 295 9.19 71.82 -25.14
N ALA D 296 8.77 72.51 -24.07
CA ALA D 296 8.10 71.84 -22.96
C ALA D 296 6.77 71.21 -23.38
N LYS D 297 6.37 71.40 -24.63
CA LYS D 297 5.16 70.75 -25.12
C LYS D 297 5.35 69.25 -25.30
N ASN D 298 6.56 68.81 -25.62
CA ASN D 298 6.88 67.42 -25.95
C ASN D 298 7.88 66.84 -24.95
N MET D 299 7.73 67.19 -23.67
CA MET D 299 8.59 66.66 -22.61
C MET D 299 7.74 65.76 -21.72
N MET D 300 8.17 64.50 -21.59
CA MET D 300 7.43 63.51 -20.82
C MET D 300 7.63 63.65 -19.32
N ALA D 301 8.26 64.75 -18.88
CA ALA D 301 8.37 65.09 -17.48
C ALA D 301 7.55 66.34 -17.19
N ALA D 302 7.08 66.44 -15.95
CA ALA D 302 6.27 67.59 -15.56
C ALA D 302 7.07 68.87 -15.46
N CYS D 303 8.40 68.77 -15.37
CA CYS D 303 9.24 69.94 -15.21
C CYS D 303 9.50 70.63 -16.54
N ASP D 304 9.30 71.94 -16.58
CA ASP D 304 9.56 72.71 -17.79
C ASP D 304 11.04 73.08 -17.87
N PRO D 305 11.73 72.77 -18.96
CA PRO D 305 13.16 73.10 -19.04
C PRO D 305 13.45 74.58 -19.03
N ARG D 306 12.47 75.43 -19.36
CA ARG D 306 12.73 76.86 -19.45
C ARG D 306 13.14 77.43 -18.10
N HIS D 307 12.52 76.96 -17.01
CA HIS D 307 12.86 77.49 -15.70
C HIS D 307 14.29 77.16 -15.29
N GLY D 308 14.90 76.16 -15.91
CA GLY D 308 16.26 75.76 -15.56
C GLY D 308 17.21 75.83 -16.72
N ARG D 309 18.35 75.16 -16.61
CA ARG D 309 19.36 75.14 -17.66
C ARG D 309 19.80 73.71 -17.92
N TYR D 310 19.95 73.37 -19.20
CA TYR D 310 20.43 72.05 -19.58
C TYR D 310 21.89 71.89 -19.17
N LEU D 311 22.23 70.71 -18.64
CA LEU D 311 23.61 70.36 -18.35
C LEU D 311 24.20 69.52 -19.47
N THR D 312 23.46 68.50 -19.90
CA THR D 312 23.87 67.65 -21.00
C THR D 312 22.63 67.20 -21.75
N VAL D 313 22.76 67.03 -23.05
CA VAL D 313 21.64 66.64 -23.90
C VAL D 313 22.11 65.58 -24.88
N ALA D 314 21.27 64.58 -25.11
CA ALA D 314 21.56 63.50 -26.04
C ALA D 314 20.40 63.29 -26.99
N ALA D 315 20.70 63.15 -28.27
CA ALA D 315 19.72 62.82 -29.29
C ALA D 315 20.13 61.51 -29.94
N VAL D 316 19.16 60.63 -30.17
CA VAL D 316 19.39 59.36 -30.83
C VAL D 316 18.43 59.31 -32.02
N PHE D 317 18.91 59.76 -33.18
CA PHE D 317 18.09 59.75 -34.38
C PHE D 317 18.02 58.34 -34.96
N ARG D 318 17.12 58.16 -35.92
CA ARG D 318 16.92 56.87 -36.56
C ARG D 318 16.51 57.07 -38.01
N GLY D 319 16.75 56.03 -38.82
CA GLY D 319 16.42 56.07 -40.22
C GLY D 319 17.54 56.64 -41.06
N ARG D 320 17.31 56.66 -42.38
CA ARG D 320 18.25 57.27 -43.31
C ARG D 320 18.14 58.79 -43.21
N MET D 321 19.11 59.41 -42.57
CA MET D 321 19.07 60.84 -42.29
C MET D 321 20.42 61.46 -42.64
N SER D 322 20.38 62.67 -43.19
CA SER D 322 21.59 63.38 -43.55
C SER D 322 22.28 63.89 -42.29
N MET D 323 23.50 63.40 -42.03
CA MET D 323 24.21 63.77 -40.81
C MET D 323 24.57 65.25 -40.76
N LYS D 324 24.64 65.92 -41.92
CA LYS D 324 24.87 67.36 -41.91
C LYS D 324 23.69 68.09 -41.30
N GLU D 325 22.48 67.77 -41.75
CA GLU D 325 21.28 68.34 -41.15
C GLU D 325 21.16 67.92 -39.69
N VAL D 326 21.56 66.70 -39.37
CA VAL D 326 21.51 66.22 -37.99
C VAL D 326 22.42 67.06 -37.10
N ASP D 327 23.44 67.70 -37.67
CA ASP D 327 24.41 68.45 -36.89
C ASP D 327 24.26 69.96 -37.01
N GLU D 328 23.82 70.46 -38.16
CA GLU D 328 23.61 71.90 -38.30
C GLU D 328 22.50 72.38 -37.39
N GLN D 329 21.42 71.57 -37.26
CA GLN D 329 20.29 71.98 -36.44
C GLN D 329 20.67 72.07 -34.96
N MET D 330 21.54 71.18 -34.48
CA MET D 330 21.92 71.21 -33.08
C MET D 330 22.76 72.44 -32.76
N LEU D 331 23.73 72.75 -33.62
CA LEU D 331 24.42 74.03 -33.50
C LEU D 331 23.42 75.18 -33.49
N ASN D 332 22.39 75.10 -34.33
CA ASN D 332 21.37 76.14 -34.35
C ASN D 332 20.65 76.24 -33.00
N VAL D 333 20.30 75.09 -32.43
CA VAL D 333 19.56 75.05 -31.19
C VAL D 333 20.38 75.68 -30.07
N GLN D 334 21.67 75.33 -29.99
CA GLN D 334 22.50 75.81 -28.89
C GLN D 334 22.63 77.33 -28.91
N ASN D 335 22.78 77.90 -30.11
CA ASN D 335 22.97 79.35 -30.21
C ASN D 335 21.66 80.10 -29.97
N LYS D 336 20.55 79.58 -30.51
CA LYS D 336 19.26 80.24 -30.33
C LYS D 336 18.89 80.31 -28.85
N ASN D 337 19.19 79.25 -28.10
CA ASN D 337 18.79 79.14 -26.70
C ASN D 337 20.00 79.13 -25.79
N SER D 338 20.95 80.04 -26.04
CA SER D 338 22.19 80.05 -25.29
C SER D 338 21.96 80.20 -23.79
N SER D 339 20.85 80.81 -23.38
CA SER D 339 20.55 80.95 -21.96
C SER D 339 20.04 79.67 -21.34
N TYR D 340 19.65 78.69 -22.16
CA TYR D 340 19.14 77.42 -21.66
C TYR D 340 20.23 76.40 -21.39
N PHE D 341 21.49 76.72 -21.69
CA PHE D 341 22.60 75.81 -21.50
C PHE D 341 23.67 76.45 -20.62
N VAL D 342 24.27 75.64 -19.77
CA VAL D 342 25.29 76.11 -18.83
C VAL D 342 26.58 76.40 -19.58
N GLU D 343 27.29 77.44 -19.14
CA GLU D 343 28.50 77.86 -19.83
C GLU D 343 29.67 76.94 -19.49
N TRP D 344 29.75 76.48 -18.25
CA TRP D 344 30.89 75.68 -17.83
C TRP D 344 30.96 74.32 -18.53
N ILE D 345 30.03 74.00 -19.41
CA ILE D 345 30.15 72.86 -20.30
C ILE D 345 30.14 73.38 -21.74
N PRO D 346 31.27 73.36 -22.46
CA PRO D 346 31.30 73.96 -23.80
C PRO D 346 30.28 73.35 -24.76
N ASN D 347 30.07 72.04 -24.72
CA ASN D 347 29.11 71.42 -25.63
C ASN D 347 28.18 70.53 -24.83
N ASN D 348 26.89 70.59 -25.16
CA ASN D 348 25.86 69.93 -24.36
C ASN D 348 25.01 68.94 -25.15
N VAL D 349 25.30 68.72 -26.43
CA VAL D 349 24.47 67.90 -27.29
C VAL D 349 25.27 66.69 -27.75
N LYS D 350 24.68 65.50 -27.61
CA LYS D 350 25.25 64.25 -28.08
C LYS D 350 24.31 63.67 -29.13
N THR D 351 24.87 63.25 -30.26
CA THR D 351 24.10 62.76 -31.39
C THR D 351 24.45 61.32 -31.69
N ALA D 352 23.45 60.57 -32.16
CA ALA D 352 23.63 59.19 -32.57
C ALA D 352 22.57 58.86 -33.60
N VAL D 353 22.97 58.21 -34.69
CA VAL D 353 22.09 57.94 -35.82
C VAL D 353 22.06 56.44 -36.07
N CYS D 354 20.86 55.88 -36.20
CA CYS D 354 20.66 54.50 -36.56
C CYS D 354 19.99 54.43 -37.93
N ASP D 355 20.40 53.46 -38.74
CA ASP D 355 19.93 53.38 -40.11
C ASP D 355 18.48 52.91 -40.19
N ILE D 356 18.07 52.01 -39.32
CA ILE D 356 16.75 51.38 -39.38
C ILE D 356 15.78 52.19 -38.52
N PRO D 357 14.66 52.64 -39.07
CA PRO D 357 13.72 53.47 -38.30
C PRO D 357 12.79 52.59 -37.48
N PRO D 358 11.98 53.19 -36.60
CA PRO D 358 10.99 52.40 -35.88
C PRO D 358 9.86 51.98 -36.81
N ARG D 359 9.19 50.89 -36.43
CA ARG D 359 8.12 50.34 -37.26
C ARG D 359 7.06 51.39 -37.52
N GLY D 360 6.68 51.53 -38.79
CA GLY D 360 5.68 52.50 -39.19
C GLY D 360 6.17 53.90 -39.39
N LEU D 361 7.48 54.11 -39.47
CA LEU D 361 8.03 55.45 -39.68
C LEU D 361 9.34 55.35 -40.45
N LYS D 362 9.72 56.47 -41.06
CA LYS D 362 11.00 56.60 -41.74
C LYS D 362 11.94 57.56 -41.04
N MET D 363 11.51 58.19 -39.95
CA MET D 363 12.35 59.12 -39.22
C MET D 363 11.85 59.17 -37.78
N SER D 364 12.77 59.36 -36.85
CA SER D 364 12.45 59.40 -35.44
C SER D 364 13.68 59.87 -34.67
N ALA D 365 13.47 60.20 -33.40
CA ALA D 365 14.55 60.65 -32.54
C ALA D 365 14.06 60.65 -31.09
N THR D 366 14.89 60.17 -30.18
CA THR D 366 14.58 60.13 -28.76
C THR D 366 15.47 61.15 -28.05
N PHE D 367 14.82 62.10 -27.36
CA PHE D 367 15.54 63.12 -26.62
C PHE D 367 15.78 62.67 -25.18
N ILE D 368 16.99 62.90 -24.69
CA ILE D 368 17.35 62.64 -23.30
C ILE D 368 18.04 63.89 -22.78
N GLY D 369 17.45 64.50 -21.75
CA GLY D 369 17.96 65.77 -21.26
C GLY D 369 18.23 65.80 -19.77
N ASN D 370 19.40 66.30 -19.39
CA ASN D 370 19.74 66.52 -17.99
C ASN D 370 19.65 68.01 -17.73
N SER D 371 18.56 68.43 -17.09
CA SER D 371 18.30 69.83 -16.81
C SER D 371 18.17 70.04 -15.32
N THR D 372 18.64 71.20 -14.84
CA THR D 372 18.50 71.55 -13.44
C THR D 372 17.06 71.90 -13.08
N ALA D 373 16.18 72.07 -14.07
CA ALA D 373 14.77 72.27 -13.79
C ALA D 373 14.13 71.07 -13.11
N ILE D 374 14.77 69.90 -13.18
CA ILE D 374 14.22 68.73 -12.51
C ILE D 374 14.29 68.87 -11.01
N GLN D 375 15.11 69.78 -10.49
CA GLN D 375 15.19 69.99 -9.05
C GLN D 375 13.86 70.48 -8.48
N GLU D 376 13.08 71.21 -9.28
CA GLU D 376 11.72 71.56 -8.87
C GLU D 376 10.95 70.34 -8.41
N LEU D 377 11.05 69.23 -9.15
CA LEU D 377 10.29 68.04 -8.80
C LEU D 377 10.65 67.55 -7.41
N PHE D 378 11.95 67.36 -7.15
CA PHE D 378 12.35 66.89 -5.82
C PHE D 378 12.02 67.93 -4.76
N LYS D 379 12.23 69.21 -5.08
CA LYS D 379 11.84 70.27 -4.15
C LYS D 379 10.38 70.15 -3.79
N ARG D 380 9.51 69.88 -4.79
CA ARG D 380 8.09 69.74 -4.51
C ARG D 380 7.81 68.54 -3.62
N ILE D 381 8.44 67.40 -3.92
CA ILE D 381 8.23 66.20 -3.10
C ILE D 381 8.64 66.47 -1.66
N SER D 382 9.72 67.22 -1.47
CA SER D 382 10.18 67.50 -0.12
C SER D 382 9.18 68.38 0.63
N GLU D 383 8.64 69.40 -0.04
CA GLU D 383 7.59 70.22 0.56
C GLU D 383 6.43 69.36 1.03
N GLN D 384 6.00 68.41 0.21
CA GLN D 384 4.90 67.54 0.61
C GLN D 384 5.35 66.57 1.70
N PHE D 385 6.57 66.05 1.59
CA PHE D 385 7.06 65.10 2.59
C PHE D 385 7.16 65.75 3.96
N THR D 386 7.74 66.96 4.03
CA THR D 386 7.92 67.61 5.32
C THR D 386 6.59 68.00 5.94
N ALA D 387 5.59 68.32 5.13
CA ALA D 387 4.30 68.72 5.67
C ALA D 387 3.62 67.55 6.38
N MET D 388 3.54 66.40 5.71
CA MET D 388 2.96 65.22 6.32
C MET D 388 3.80 64.72 7.49
N PHE D 389 5.12 64.64 7.29
CA PHE D 389 6.00 64.15 8.35
C PHE D 389 6.07 65.10 9.54
N ARG D 390 5.75 66.38 9.33
CA ARG D 390 5.83 67.34 10.43
C ARG D 390 4.88 66.97 11.56
N ARG D 391 3.85 66.16 11.28
CA ARG D 391 2.87 65.75 12.27
C ARG D 391 2.71 64.24 12.33
N LYS D 392 3.61 63.49 11.73
CA LYS D 392 3.54 62.03 11.70
C LYS D 392 2.22 61.58 11.08
N ALA D 393 2.04 61.94 9.80
CA ALA D 393 0.76 61.71 9.13
C ALA D 393 0.45 60.23 9.04
N PHE D 394 1.38 59.42 8.55
CA PHE D 394 1.16 57.99 8.34
C PHE D 394 2.32 57.13 8.82
N LEU D 395 3.21 57.66 9.66
CA LEU D 395 4.42 56.91 10.00
C LEU D 395 4.11 55.59 10.68
N HIS D 396 2.95 55.49 11.34
CA HIS D 396 2.66 54.28 12.09
C HIS D 396 2.55 53.06 11.19
N TRP D 397 2.02 53.23 9.98
CA TRP D 397 2.01 52.10 9.04
C TRP D 397 3.42 51.69 8.64
N TYR D 398 4.32 52.65 8.47
CA TYR D 398 5.68 52.36 8.02
C TYR D 398 6.57 51.87 9.16
N THR D 399 6.44 52.46 10.34
CA THR D 399 7.21 52.00 11.49
C THR D 399 6.83 50.56 11.86
N GLY D 400 5.56 50.19 11.73
CA GLY D 400 5.12 48.87 12.12
C GLY D 400 5.54 47.75 11.20
N GLU D 401 6.21 48.06 10.09
CA GLU D 401 6.70 47.06 9.15
C GLU D 401 8.22 47.01 9.14
N GLY D 402 8.84 47.15 10.32
CA GLY D 402 10.28 47.11 10.44
C GLY D 402 10.96 48.32 9.83
N MET D 403 10.72 49.49 10.42
CA MET D 403 11.31 50.73 9.93
C MET D 403 11.37 51.72 11.08
N ASP D 404 12.19 52.75 10.89
CA ASP D 404 12.39 53.78 11.91
C ASP D 404 12.23 55.16 11.29
N GLU D 405 11.74 56.10 12.10
CA GLU D 405 11.57 57.47 11.63
C GLU D 405 12.90 58.14 11.34
N MET D 406 14.00 57.62 11.89
CA MET D 406 15.31 58.17 11.55
C MET D 406 15.61 58.01 10.07
N GLU D 407 15.07 56.96 9.45
CA GLU D 407 15.33 56.76 8.03
C GLU D 407 14.64 57.85 7.22
N PHE D 408 13.45 58.27 7.65
CA PHE D 408 12.73 59.35 6.98
C PHE D 408 13.54 60.63 7.01
N THR D 409 14.14 60.95 8.16
CA THR D 409 14.98 62.14 8.25
C THR D 409 16.18 62.03 7.31
N GLU D 410 16.81 60.85 7.26
CA GLU D 410 17.92 60.65 6.33
C GLU D 410 17.44 60.80 4.89
N ALA D 411 16.25 60.30 4.58
CA ALA D 411 15.74 60.40 3.22
C ALA D 411 15.40 61.85 2.88
N GLU D 412 14.96 62.61 3.88
CA GLU D 412 14.66 64.02 3.67
C GLU D 412 15.95 64.84 3.58
N SER D 413 16.94 64.50 4.40
CA SER D 413 18.21 65.23 4.38
C SER D 413 18.98 64.95 3.09
N ASN D 414 19.01 63.68 2.67
CA ASN D 414 19.68 63.34 1.42
C ASN D 414 18.97 63.97 0.24
N MET D 415 17.63 63.97 0.25
CA MET D 415 16.88 64.62 -0.82
C MET D 415 17.18 66.12 -0.84
N ASN D 416 17.24 66.76 0.33
CA ASN D 416 17.52 68.19 0.38
C ASN D 416 18.86 68.51 -0.25
N ASP D 417 19.84 67.61 -0.12
CA ASP D 417 21.15 67.87 -0.69
C ASP D 417 21.15 67.72 -2.20
N LEU D 418 20.34 66.77 -2.71
CA LEU D 418 20.20 66.65 -4.16
C LEU D 418 19.62 67.91 -4.77
N VAL D 419 18.62 68.51 -4.12
CA VAL D 419 18.07 69.77 -4.59
C VAL D 419 19.12 70.86 -4.55
N SER D 420 19.88 70.92 -3.45
CA SER D 420 20.90 71.96 -3.32
C SER D 420 21.96 71.83 -4.40
N GLU D 421 22.39 70.60 -4.71
CA GLU D 421 23.42 70.40 -5.70
C GLU D 421 22.98 70.91 -7.07
N TYR D 422 21.75 70.57 -7.47
CA TYR D 422 21.24 71.06 -8.75
C TYR D 422 21.19 72.59 -8.78
N GLN D 423 20.97 73.21 -7.61
CA GLN D 423 20.86 74.66 -7.55
C GLN D 423 22.20 75.34 -7.75
N GLN D 424 23.30 74.68 -7.36
CA GLN D 424 24.62 75.28 -7.50
C GLN D 424 24.97 75.54 -8.97
N TYR D 425 24.43 74.75 -9.88
CA TYR D 425 24.76 74.83 -11.30
C TYR D 425 23.77 75.69 -12.07
N GLN D 426 23.20 76.71 -11.42
CA GLN D 426 22.44 77.74 -12.11
C GLN D 426 23.30 78.96 -12.40
N ASP D 427 24.32 79.21 -11.58
CA ASP D 427 25.21 80.34 -11.79
C ASP D 427 26.09 80.10 -13.01
N ALA D 428 26.57 81.19 -13.60
CA ALA D 428 27.45 81.13 -14.75
C ALA D 428 28.90 81.00 -14.31
N THR D 429 29.81 80.97 -15.28
CA THR D 429 31.23 80.84 -14.97
C THR D 429 31.73 82.10 -14.27
N ALA D 430 32.59 81.90 -13.26
CA ALA D 430 33.17 83.00 -12.52
C ALA D 430 32.08 83.91 -11.94
N MET E 1 30.05 -10.52 -20.93
CA MET E 1 31.04 -9.41 -20.74
C MET E 1 30.49 -8.37 -19.76
N ARG E 2 31.05 -8.34 -18.56
CA ARG E 2 30.67 -7.37 -17.53
C ARG E 2 29.17 -7.45 -17.24
N GLU E 3 28.78 -8.61 -16.73
CA GLU E 3 27.38 -8.89 -16.43
C GLU E 3 26.99 -8.32 -15.08
N ILE E 4 25.77 -7.81 -14.99
CA ILE E 4 25.20 -7.28 -13.76
C ILE E 4 23.98 -8.09 -13.40
N VAL E 5 23.85 -8.44 -12.13
CA VAL E 5 22.70 -9.16 -11.60
C VAL E 5 21.98 -8.25 -10.62
N HIS E 6 20.67 -8.13 -10.79
CA HIS E 6 19.87 -7.14 -10.08
C HIS E 6 19.14 -7.80 -8.90
N LEU E 7 19.22 -7.16 -7.74
CA LEU E 7 18.52 -7.58 -6.54
C LEU E 7 17.55 -6.48 -6.12
N GLN E 8 16.33 -6.87 -5.77
CA GLN E 8 15.34 -5.93 -5.26
C GLN E 8 14.61 -6.56 -4.09
N ALA E 9 14.58 -5.86 -2.97
CA ALA E 9 14.01 -6.37 -1.74
C ALA E 9 13.07 -5.34 -1.15
N GLY E 10 12.06 -5.82 -0.43
CA GLY E 10 11.11 -4.95 0.21
C GLY E 10 10.04 -4.44 -0.74
N GLN E 11 9.01 -3.77 -0.21
CA GLN E 11 7.96 -3.26 -1.08
C GLN E 11 8.49 -2.16 -1.98
N CYS E 12 9.31 -1.25 -1.42
CA CYS E 12 9.87 -0.17 -2.23
C CYS E 12 10.80 -0.73 -3.31
N GLY E 13 11.61 -1.73 -2.96
CA GLY E 13 12.56 -2.25 -3.92
C GLY E 13 11.89 -2.85 -5.15
N ASN E 14 10.86 -3.67 -4.94
CA ASN E 14 10.20 -4.33 -6.05
C ASN E 14 9.54 -3.31 -6.98
N GLN E 15 8.85 -2.32 -6.40
CA GLN E 15 8.20 -1.31 -7.22
C GLN E 15 9.22 -0.50 -8.01
N ILE E 16 10.33 -0.12 -7.36
CA ILE E 16 11.42 0.52 -8.09
C ILE E 16 12.01 -0.44 -9.11
N GLY E 17 12.29 -1.68 -8.68
CA GLY E 17 12.66 -2.71 -9.62
C GLY E 17 11.71 -2.83 -10.80
N ALA E 18 10.40 -2.85 -10.51
CA ALA E 18 9.42 -3.06 -11.57
C ALA E 18 9.51 -1.97 -12.62
N LYS E 19 9.64 -0.72 -12.19
CA LYS E 19 9.79 0.38 -13.13
C LYS E 19 11.23 0.52 -13.60
N PHE E 20 12.13 -0.27 -13.04
CA PHE E 20 13.53 -0.27 -13.50
C PHE E 20 13.68 -1.07 -14.77
N TRP E 21 12.88 -2.12 -14.92
CA TRP E 21 12.93 -2.96 -16.11
C TRP E 21 12.02 -2.49 -17.22
N GLU E 22 10.96 -1.74 -16.89
CA GLU E 22 10.13 -1.14 -17.93
C GLU E 22 10.92 -0.08 -18.71
N VAL E 23 11.94 0.52 -18.08
CA VAL E 23 12.75 1.51 -18.76
C VAL E 23 13.81 0.83 -19.62
N ILE E 24 14.53 -0.14 -19.06
CA ILE E 24 15.58 -0.82 -19.80
C ILE E 24 14.99 -1.55 -20.99
N SER E 25 13.88 -2.28 -20.78
CA SER E 25 13.23 -2.96 -21.89
C SER E 25 12.84 -2.00 -23.00
N ASP E 26 12.54 -0.74 -22.64
CA ASP E 26 12.24 0.26 -23.66
C ASP E 26 13.51 0.68 -24.40
N GLU E 27 14.63 0.78 -23.70
CA GLU E 27 15.87 1.19 -24.35
C GLU E 27 16.32 0.15 -25.38
N HIS E 28 16.23 -1.12 -25.03
CA HIS E 28 16.65 -2.21 -25.91
C HIS E 28 15.55 -2.68 -26.84
N GLY E 29 14.38 -2.06 -26.80
CA GLY E 29 13.28 -2.47 -27.66
C GLY E 29 12.79 -3.88 -27.40
N ILE E 30 12.67 -4.25 -26.13
CA ILE E 30 12.25 -5.59 -25.73
C ILE E 30 10.77 -5.55 -25.39
N ASP E 31 9.98 -6.37 -26.08
CA ASP E 31 8.56 -6.44 -25.82
C ASP E 31 8.32 -7.04 -24.43
N PRO E 32 7.23 -6.64 -23.76
CA PRO E 32 6.93 -7.24 -22.45
C PRO E 32 6.98 -8.75 -22.43
N THR E 33 6.64 -9.41 -23.54
CA THR E 33 6.72 -10.87 -23.59
C THR E 33 8.16 -11.37 -23.58
N GLY E 34 9.13 -10.50 -23.77
CA GLY E 34 10.52 -10.92 -23.91
C GLY E 34 11.00 -11.06 -25.33
N THR E 35 10.25 -10.58 -26.31
CA THR E 35 10.62 -10.69 -27.72
C THR E 35 11.22 -9.38 -28.20
N TYR E 36 12.36 -9.44 -28.86
CA TYR E 36 13.04 -8.25 -29.33
C TYR E 36 12.38 -7.69 -30.58
N HIS E 37 12.13 -6.37 -30.56
CA HIS E 37 11.60 -5.68 -31.72
C HIS E 37 12.31 -4.35 -31.96
N GLY E 38 13.55 -4.20 -31.48
CA GLY E 38 14.26 -2.95 -31.61
C GLY E 38 14.68 -2.66 -33.04
N ASP E 39 15.24 -1.46 -33.22
CA ASP E 39 15.67 -0.99 -34.53
C ASP E 39 17.19 -0.94 -34.69
N SER E 40 17.92 -0.62 -33.63
CA SER E 40 19.37 -0.45 -33.71
C SER E 40 20.07 -1.70 -33.21
N ASP E 41 21.18 -2.05 -33.87
CA ASP E 41 21.88 -3.29 -33.54
C ASP E 41 22.61 -3.19 -32.20
N LEU E 42 22.98 -1.98 -31.77
CA LEU E 42 23.70 -1.83 -30.52
C LEU E 42 22.90 -2.38 -29.35
N GLN E 43 21.57 -2.38 -29.47
CA GLN E 43 20.73 -2.91 -28.39
C GLN E 43 21.04 -4.37 -28.11
N LEU E 44 21.23 -5.16 -29.17
CA LEU E 44 21.51 -6.59 -28.99
C LEU E 44 22.96 -6.82 -28.58
N GLU E 45 23.88 -5.95 -29.02
CA GLU E 45 25.30 -6.18 -28.79
C GLU E 45 25.61 -6.34 -27.31
N ARG E 46 24.90 -5.62 -26.44
CA ARG E 46 25.11 -5.69 -25.00
C ARG E 46 23.85 -6.08 -24.25
N ILE E 47 22.86 -6.67 -24.93
CA ILE E 47 21.62 -7.07 -24.28
C ILE E 47 21.90 -8.11 -23.21
N ASN E 48 23.04 -8.80 -23.30
CA ASN E 48 23.41 -9.82 -22.33
C ASN E 48 23.87 -9.22 -21.01
N VAL E 49 23.96 -7.90 -20.90
CA VAL E 49 24.40 -7.29 -19.65
C VAL E 49 23.33 -7.43 -18.57
N TYR E 50 22.07 -7.32 -18.96
CA TYR E 50 20.93 -7.47 -18.06
C TYR E 50 20.07 -8.68 -18.38
N TYR E 51 19.89 -8.99 -19.67
CA TYR E 51 18.95 -10.02 -20.11
C TYR E 51 19.70 -11.28 -20.52
N ASN E 52 19.26 -12.41 -19.99
CA ASN E 52 19.70 -13.70 -20.50
C ASN E 52 18.89 -14.00 -21.77
N GLU E 53 18.94 -15.24 -22.25
CA GLU E 53 18.30 -15.57 -23.52
C GLU E 53 17.79 -17.01 -23.50
N ALA E 54 16.66 -17.21 -24.15
CA ALA E 54 16.07 -18.52 -24.33
C ALA E 54 15.62 -18.67 -25.78
N THR E 55 15.83 -19.86 -26.34
CA THR E 55 15.57 -20.09 -27.76
C THR E 55 14.22 -19.51 -28.16
N GLY E 56 14.17 -18.95 -29.37
CA GLY E 56 13.00 -18.24 -29.83
C GLY E 56 13.03 -16.74 -29.60
N GLY E 57 14.13 -16.21 -29.06
CA GLY E 57 14.25 -14.79 -28.82
C GLY E 57 13.79 -14.32 -27.46
N LYS E 58 13.26 -15.21 -26.63
CA LYS E 58 12.79 -14.82 -25.30
C LYS E 58 13.99 -14.39 -24.45
N TYR E 59 14.02 -13.12 -24.06
CA TYR E 59 15.09 -12.58 -23.24
C TYR E 59 14.63 -12.52 -21.79
N VAL E 60 15.37 -13.18 -20.91
CA VAL E 60 15.01 -13.28 -19.51
C VAL E 60 15.88 -12.32 -18.69
N PRO E 61 15.31 -11.26 -18.13
CA PRO E 61 16.10 -10.39 -17.24
C PRO E 61 16.40 -11.10 -15.93
N ARG E 62 17.69 -11.19 -15.61
CA ARG E 62 18.13 -11.78 -14.36
C ARG E 62 18.00 -10.74 -13.25
N ALA E 63 16.77 -10.56 -12.79
CA ALA E 63 16.50 -9.90 -11.53
C ALA E 63 16.13 -10.96 -10.50
N VAL E 64 16.46 -10.70 -9.24
CA VAL E 64 16.06 -11.56 -8.14
C VAL E 64 15.15 -10.73 -7.24
N LEU E 65 13.88 -11.12 -7.17
CA LEU E 65 12.85 -10.39 -6.44
C LEU E 65 12.55 -11.16 -5.16
N VAL E 66 12.78 -10.52 -4.03
CA VAL E 66 12.62 -11.15 -2.72
C VAL E 66 11.79 -10.24 -1.82
N ASP E 67 10.79 -10.83 -1.16
CA ASP E 67 10.03 -10.13 -0.14
C ASP E 67 9.45 -11.16 0.80
N LEU E 68 9.17 -10.72 2.03
CA LEU E 68 8.73 -11.62 3.08
C LEU E 68 7.21 -11.86 3.08
N GLU E 69 6.47 -11.20 2.18
CA GLU E 69 5.05 -11.48 2.03
C GLU E 69 4.68 -11.41 0.56
N PRO E 70 3.77 -12.26 0.08
CA PRO E 70 3.46 -12.30 -1.36
C PRO E 70 2.78 -11.04 -1.89
N GLY E 71 2.27 -10.17 -1.04
CA GLY E 71 1.48 -9.05 -1.46
C GLY E 71 2.03 -8.27 -2.64
N THR E 72 3.17 -7.61 -2.44
CA THR E 72 3.71 -6.73 -3.47
C THR E 72 4.08 -7.52 -4.74
N MET E 73 4.71 -8.68 -4.57
CA MET E 73 5.18 -9.44 -5.73
C MET E 73 4.03 -9.92 -6.59
N ASP E 74 2.92 -10.33 -5.95
CA ASP E 74 1.75 -10.74 -6.72
C ASP E 74 1.29 -9.61 -7.65
N SER E 75 1.40 -8.36 -7.19
CA SER E 75 1.06 -7.23 -8.06
C SER E 75 2.01 -7.15 -9.24
N VAL E 76 3.31 -7.34 -9.00
CA VAL E 76 4.27 -7.31 -10.09
C VAL E 76 4.00 -8.44 -11.06
N ARG E 77 3.74 -9.64 -10.54
CA ARG E 77 3.46 -10.78 -11.40
C ARG E 77 2.22 -10.53 -12.25
N SER E 78 1.18 -9.95 -11.65
CA SER E 78 -0.04 -9.66 -12.40
C SER E 78 0.10 -8.39 -13.23
N GLY E 79 1.08 -7.54 -12.94
CA GLY E 79 1.39 -6.41 -13.78
C GLY E 79 1.46 -6.78 -15.25
N PRO E 80 1.31 -5.77 -16.12
CA PRO E 80 1.49 -6.04 -17.56
C PRO E 80 2.89 -6.50 -17.91
N PHE E 81 3.89 -6.04 -17.15
CA PHE E 81 5.29 -6.35 -17.40
C PHE E 81 5.79 -7.51 -16.53
N GLY E 82 4.89 -8.18 -15.81
CA GLY E 82 5.29 -9.29 -14.96
C GLY E 82 5.50 -10.61 -15.67
N GLN E 83 5.10 -10.69 -16.95
CA GLN E 83 5.29 -11.91 -17.72
C GLN E 83 6.74 -12.15 -18.12
N ILE E 84 7.62 -11.16 -17.92
CA ILE E 84 8.99 -11.26 -18.41
C ILE E 84 9.89 -11.99 -17.41
N PHE E 85 9.69 -11.76 -16.12
CA PHE E 85 10.58 -12.34 -15.12
C PHE E 85 10.46 -13.85 -15.10
N ARG E 86 11.57 -14.51 -14.79
CA ARG E 86 11.57 -15.96 -14.64
C ARG E 86 10.82 -16.32 -13.37
N PRO E 87 9.74 -17.12 -13.45
CA PRO E 87 8.96 -17.43 -12.25
C PRO E 87 9.80 -17.95 -11.10
N ASP E 88 10.91 -18.61 -11.42
CA ASP E 88 11.78 -19.17 -10.39
C ASP E 88 12.52 -18.09 -9.60
N ASN E 89 12.51 -16.85 -10.07
CA ASN E 89 13.26 -15.79 -9.40
C ASN E 89 12.48 -15.22 -8.21
N PHE E 90 11.17 -15.02 -8.37
CA PHE E 90 10.36 -14.57 -7.24
C PHE E 90 10.58 -15.47 -6.03
N VAL E 91 11.12 -14.88 -4.97
CA VAL E 91 11.31 -15.56 -3.69
C VAL E 91 10.35 -14.90 -2.71
N PHE E 92 9.26 -15.58 -2.38
CA PHE E 92 8.21 -15.04 -1.54
C PHE E 92 8.09 -15.86 -0.26
N GLY E 93 7.90 -15.17 0.85
CA GLY E 93 7.65 -15.80 2.13
C GLY E 93 6.16 -15.93 2.41
N GLN E 94 5.83 -16.10 3.69
CA GLN E 94 4.45 -16.22 4.11
C GLN E 94 4.13 -15.44 5.38
N SER E 95 5.10 -14.74 5.96
CA SER E 95 4.88 -13.89 7.12
C SER E 95 5.80 -12.67 6.97
N GLY E 96 5.24 -11.58 6.46
CA GLY E 96 6.02 -10.39 6.22
C GLY E 96 6.52 -9.75 7.50
N ALA E 97 7.53 -8.90 7.35
CA ALA E 97 8.14 -8.21 8.47
C ALA E 97 7.30 -6.99 8.85
N GLY E 98 7.11 -6.80 10.16
CA GLY E 98 6.32 -5.69 10.65
C GLY E 98 7.15 -4.44 10.90
N ASN E 99 8.03 -4.12 9.95
CA ASN E 99 8.91 -2.96 9.99
C ASN E 99 9.94 -3.04 11.10
N ASN E 100 10.08 -4.18 11.77
CA ASN E 100 11.09 -4.35 12.80
C ASN E 100 12.32 -5.02 12.20
N TRP E 101 13.47 -4.36 12.33
CA TRP E 101 14.70 -4.82 11.69
C TRP E 101 15.08 -6.22 12.14
N ALA E 102 14.88 -6.53 13.41
CA ALA E 102 15.33 -7.82 13.94
C ALA E 102 14.64 -8.98 13.24
N LYS E 103 13.32 -8.86 13.04
CA LYS E 103 12.58 -9.97 12.43
C LYS E 103 13.07 -10.24 11.01
N GLY E 104 13.27 -9.21 10.21
CA GLY E 104 13.76 -9.38 8.86
C GLY E 104 15.24 -9.65 8.74
N HIS E 105 15.96 -9.65 9.87
CA HIS E 105 17.39 -9.88 9.88
C HIS E 105 17.80 -11.10 10.68
N TYR E 106 17.05 -11.47 11.73
CA TYR E 106 17.41 -12.59 12.58
C TYR E 106 16.46 -13.77 12.47
N THR E 107 15.17 -13.56 12.69
CA THR E 107 14.22 -14.68 12.86
C THR E 107 13.50 -15.06 11.58
N GLU E 108 13.26 -14.12 10.67
CA GLU E 108 12.46 -14.37 9.48
C GLU E 108 13.28 -14.29 8.20
N GLY E 109 14.16 -13.30 8.08
CA GLY E 109 15.07 -13.26 6.94
C GLY E 109 16.03 -14.44 6.94
N ALA E 110 16.45 -14.87 8.13
CA ALA E 110 17.36 -16.02 8.22
C ALA E 110 16.75 -17.26 7.58
N GLU E 111 15.44 -17.44 7.72
CA GLU E 111 14.81 -18.64 7.19
C GLU E 111 14.68 -18.58 5.68
N LEU E 112 14.61 -17.38 5.11
CA LEU E 112 14.37 -17.21 3.68
C LEU E 112 15.63 -16.86 2.89
N VAL E 113 16.71 -16.47 3.56
CA VAL E 113 17.88 -15.96 2.86
C VAL E 113 18.57 -17.07 2.08
N ASP E 114 18.64 -18.27 2.67
CA ASP E 114 19.30 -19.38 2.01
C ASP E 114 18.66 -19.68 0.66
N SER E 115 17.34 -19.49 0.54
CA SER E 115 16.68 -19.73 -0.73
C SER E 115 17.11 -18.74 -1.80
N VAL E 116 17.39 -17.48 -1.41
CA VAL E 116 17.72 -16.46 -2.39
C VAL E 116 19.09 -16.73 -3.01
N LEU E 117 20.08 -17.08 -2.19
CA LEU E 117 21.41 -17.36 -2.72
C LEU E 117 21.36 -18.48 -3.74
N ASP E 118 20.49 -19.47 -3.52
CA ASP E 118 20.31 -20.52 -4.51
C ASP E 118 19.86 -19.97 -5.86
N VAL E 119 19.26 -18.78 -5.88
CA VAL E 119 18.82 -18.18 -7.14
C VAL E 119 19.84 -17.17 -7.65
N VAL E 120 20.60 -16.54 -6.76
CA VAL E 120 21.67 -15.65 -7.21
C VAL E 120 22.78 -16.44 -7.86
N ARG E 121 23.17 -17.56 -7.25
CA ARG E 121 24.30 -18.34 -7.76
C ARG E 121 24.03 -18.85 -9.17
N LYS E 122 22.80 -19.26 -9.44
CA LYS E 122 22.46 -19.68 -10.80
C LYS E 122 22.61 -18.52 -11.78
N GLU E 123 22.15 -17.33 -11.39
CA GLU E 123 22.36 -16.15 -12.23
C GLU E 123 23.81 -15.67 -12.18
N ALA E 124 24.58 -16.17 -11.21
CA ALA E 124 25.97 -15.75 -11.10
C ALA E 124 26.87 -16.64 -11.96
N GLU E 125 26.59 -17.95 -11.99
CA GLU E 125 27.37 -18.87 -12.80
C GLU E 125 26.93 -18.88 -14.26
N SER E 126 25.83 -18.22 -14.60
CA SER E 126 25.38 -18.11 -15.98
C SER E 126 25.98 -16.90 -16.68
N CYS E 127 26.85 -16.16 -16.02
CA CYS E 127 27.50 -14.98 -16.57
C CYS E 127 28.97 -15.27 -16.75
N ASP E 128 29.51 -14.94 -17.93
CA ASP E 128 30.90 -15.28 -18.23
C ASP E 128 31.87 -14.36 -17.49
N CYS E 129 31.56 -13.06 -17.42
CA CYS E 129 32.27 -12.16 -16.50
C CYS E 129 31.21 -11.39 -15.70
N LEU E 130 31.04 -11.78 -14.44
CA LEU E 130 30.10 -11.07 -13.57
C LEU E 130 30.80 -9.86 -12.97
N GLN E 131 30.32 -8.66 -13.33
CA GLN E 131 30.96 -7.44 -12.83
C GLN E 131 30.61 -7.20 -11.36
N GLY E 132 29.35 -6.92 -11.06
CA GLY E 132 28.94 -6.76 -9.68
C GLY E 132 27.44 -6.85 -9.55
N PHE E 133 27.00 -6.92 -8.30
CA PHE E 133 25.59 -7.01 -7.97
C PHE E 133 24.96 -5.62 -7.85
N GLN E 134 23.64 -5.58 -7.94
CA GLN E 134 22.87 -4.36 -7.79
C GLN E 134 21.72 -4.62 -6.83
N LEU E 135 21.48 -3.68 -5.93
CA LEU E 135 20.49 -3.85 -4.87
C LEU E 135 19.66 -2.58 -4.70
N THR E 136 18.35 -2.76 -4.54
CA THR E 136 17.40 -1.67 -4.35
C THR E 136 16.49 -2.03 -3.19
N HIS E 137 16.45 -1.18 -2.17
CA HIS E 137 15.68 -1.45 -0.97
C HIS E 137 15.41 -0.13 -0.25
N SER E 138 14.84 -0.23 0.95
CA SER E 138 14.54 0.92 1.79
C SER E 138 15.06 0.67 3.19
N LEU E 139 15.74 1.68 3.75
CA LEU E 139 16.29 1.53 5.09
C LEU E 139 15.20 1.57 6.16
N GLY E 140 14.16 2.37 5.96
CA GLY E 140 13.15 2.54 6.99
C GLY E 140 12.41 1.25 7.30
N GLY E 141 12.01 0.53 6.25
CA GLY E 141 11.22 -0.68 6.44
C GLY E 141 11.96 -1.77 7.17
N GLY E 142 11.34 -2.96 7.23
CA GLY E 142 11.96 -4.09 7.88
C GLY E 142 12.57 -5.06 6.90
N THR E 143 11.88 -5.30 5.77
CA THR E 143 12.38 -6.24 4.78
C THR E 143 13.51 -5.64 3.95
N GLY E 144 13.40 -4.36 3.60
CA GLY E 144 14.46 -3.73 2.82
C GLY E 144 15.71 -3.47 3.65
N SER E 145 15.55 -3.46 4.97
CA SER E 145 16.70 -3.25 5.86
C SER E 145 17.19 -4.56 6.46
N GLY E 146 16.29 -5.29 7.14
CA GLY E 146 16.66 -6.56 7.73
C GLY E 146 17.27 -7.54 6.75
N MET E 147 16.45 -8.02 5.81
CA MET E 147 16.95 -9.01 4.84
C MET E 147 17.87 -8.37 3.82
N GLY E 148 17.60 -7.12 3.41
CA GLY E 148 18.50 -6.46 2.48
C GLY E 148 19.91 -6.38 3.02
N THR E 149 20.06 -5.95 4.28
CA THR E 149 21.38 -5.93 4.89
C THR E 149 21.91 -7.34 5.14
N LEU E 150 21.02 -8.29 5.45
CA LEU E 150 21.45 -9.67 5.61
C LEU E 150 21.94 -10.24 4.28
N LEU E 151 21.24 -9.94 3.19
CA LEU E 151 21.62 -10.48 1.89
C LEU E 151 22.90 -9.81 1.38
N ILE E 152 23.00 -8.48 1.52
CA ILE E 152 24.18 -7.79 1.05
C ILE E 152 25.41 -8.25 1.82
N SER E 153 25.24 -8.61 3.10
CA SER E 153 26.36 -9.16 3.87
C SER E 153 26.79 -10.52 3.32
N LYS E 154 25.83 -11.36 2.96
CA LYS E 154 26.15 -12.69 2.47
C LYS E 154 26.89 -12.61 1.14
N ILE E 155 26.35 -11.86 0.18
CA ILE E 155 26.98 -11.74 -1.13
C ILE E 155 28.35 -11.08 -1.05
N ARG E 156 28.61 -10.34 0.02
CA ARG E 156 29.96 -9.82 0.25
C ARG E 156 30.93 -10.94 0.59
N GLU E 157 30.47 -11.95 1.35
CA GLU E 157 31.35 -13.04 1.74
C GLU E 157 31.79 -13.87 0.54
N GLU E 158 30.84 -14.25 -0.31
CA GLU E 158 31.17 -15.11 -1.45
C GLU E 158 31.86 -14.33 -2.56
N TYR E 159 31.44 -13.08 -2.79
CA TYR E 159 31.94 -12.25 -3.88
C TYR E 159 32.57 -10.99 -3.30
N PRO E 160 33.61 -11.13 -2.48
CA PRO E 160 34.27 -9.93 -1.93
C PRO E 160 34.80 -8.99 -3.00
N ASP E 161 35.34 -9.53 -4.09
CA ASP E 161 35.96 -8.70 -5.11
C ASP E 161 34.93 -7.99 -5.99
N ARG E 162 33.80 -8.61 -6.25
CA ARG E 162 32.83 -8.04 -7.17
C ARG E 162 32.23 -6.74 -6.62
N ILE E 163 31.81 -5.88 -7.54
CA ILE E 163 31.18 -4.62 -7.16
C ILE E 163 29.78 -4.89 -6.61
N MET E 164 29.31 -4.00 -5.75
CA MET E 164 27.96 -4.10 -5.21
C MET E 164 27.48 -2.69 -4.89
N ASN E 165 26.70 -2.10 -5.79
CA ASN E 165 26.15 -0.77 -5.62
C ASN E 165 24.70 -0.87 -5.14
N THR E 166 24.30 0.11 -4.34
CA THR E 166 22.98 0.11 -3.73
C THR E 166 22.29 1.44 -4.01
N PHE E 167 21.08 1.36 -4.55
CA PHE E 167 20.17 2.51 -4.64
C PHE E 167 19.16 2.33 -3.52
N SER E 168 19.28 3.14 -2.47
CA SER E 168 18.54 2.95 -1.23
C SER E 168 17.78 4.21 -0.87
N VAL E 169 16.54 4.03 -0.46
CA VAL E 169 15.70 5.13 0.01
C VAL E 169 16.02 5.40 1.47
N VAL E 170 16.23 6.67 1.80
CA VAL E 170 16.65 7.08 3.13
C VAL E 170 15.50 7.81 3.80
N PRO E 171 15.32 7.69 5.12
CA PRO E 171 14.21 8.40 5.77
C PRO E 171 14.28 9.91 5.52
N SER E 172 13.10 10.50 5.33
CA SER E 172 13.01 11.91 5.03
C SER E 172 13.35 12.76 6.26
N PRO E 173 13.84 13.98 6.05
CA PRO E 173 14.30 14.78 7.21
C PRO E 173 13.21 15.12 8.21
N LYS E 174 11.97 15.35 7.76
CA LYS E 174 10.91 15.81 8.64
C LYS E 174 9.64 14.95 8.60
N VAL E 175 9.26 14.40 7.45
CA VAL E 175 8.10 13.54 7.33
C VAL E 175 8.55 12.11 7.50
N SER E 176 7.65 11.23 7.95
CA SER E 176 8.02 9.84 8.13
C SER E 176 6.79 8.97 7.95
N ASP E 177 6.94 7.92 7.14
CA ASP E 177 5.88 6.94 6.92
C ASP E 177 6.01 5.75 7.86
N THR E 178 6.91 5.83 8.84
CA THR E 178 7.06 4.77 9.82
C THR E 178 7.62 5.37 11.10
N VAL E 179 7.26 4.78 12.23
CA VAL E 179 7.64 5.34 13.53
C VAL E 179 9.03 4.88 13.94
N VAL E 180 9.45 3.69 13.53
CA VAL E 180 10.70 3.11 13.97
C VAL E 180 11.83 3.34 12.97
N GLU E 181 11.68 4.32 12.08
CA GLU E 181 12.71 4.59 11.07
C GLU E 181 14.10 4.81 11.66
N PRO E 182 14.27 5.47 12.80
CA PRO E 182 15.64 5.65 13.32
C PRO E 182 16.27 4.34 13.71
N TYR E 183 15.57 3.50 14.47
CA TYR E 183 16.08 2.18 14.80
C TYR E 183 16.46 1.39 13.54
N ASN E 184 15.52 1.28 12.60
CA ASN E 184 15.80 0.50 11.39
C ASN E 184 16.92 1.13 10.57
N ALA E 185 16.86 2.45 10.36
CA ALA E 185 17.88 3.11 9.55
C ALA E 185 19.25 3.01 10.21
N THR E 186 19.32 3.25 11.52
CA THR E 186 20.60 3.25 12.22
C THR E 186 21.27 1.89 12.12
N LEU E 187 20.51 0.81 12.32
CA LEU E 187 21.08 -0.52 12.20
C LEU E 187 21.53 -0.81 10.77
N SER E 188 20.77 -0.34 9.79
CA SER E 188 21.10 -0.59 8.40
C SER E 188 22.40 0.08 7.99
N VAL E 189 22.60 1.33 8.42
CA VAL E 189 23.83 2.04 8.07
C VAL E 189 25.04 1.35 8.70
N HIS E 190 24.91 0.94 9.96
CA HIS E 190 26.01 0.26 10.62
C HIS E 190 26.40 -1.02 9.88
N GLN E 191 25.49 -1.56 9.07
CA GLN E 191 25.70 -2.83 8.39
C GLN E 191 26.10 -2.64 6.94
N LEU E 192 25.83 -1.47 6.34
CA LEU E 192 26.24 -1.21 4.97
C LEU E 192 27.67 -0.70 4.90
N VAL E 193 28.06 0.16 5.86
CA VAL E 193 29.37 0.79 5.84
C VAL E 193 30.49 -0.21 5.66
N GLU E 194 30.25 -1.46 6.06
CA GLU E 194 31.28 -2.49 6.01
C GLU E 194 31.19 -3.39 4.78
N ASN E 195 30.13 -3.29 4.00
CA ASN E 195 29.88 -4.27 2.94
C ASN E 195 29.67 -3.64 1.57
N THR E 196 28.96 -2.51 1.52
CA THR E 196 28.56 -1.91 0.25
C THR E 196 29.67 -1.01 -0.28
N ASP E 197 30.01 -1.18 -1.56
CA ASP E 197 31.05 -0.37 -2.19
C ASP E 197 30.59 1.05 -2.44
N GLU E 198 29.35 1.23 -2.91
CA GLU E 198 28.81 2.55 -3.17
C GLU E 198 27.31 2.54 -2.93
N THR E 199 26.82 3.59 -2.29
CA THR E 199 25.41 3.72 -1.95
C THR E 199 24.90 5.05 -2.48
N TYR E 200 23.68 5.04 -3.03
CA TYR E 200 23.05 6.22 -3.62
C TYR E 200 21.88 6.62 -2.72
N CYS E 201 22.16 7.47 -1.75
CA CYS E 201 21.14 7.89 -0.80
C CYS E 201 20.13 8.81 -1.46
N ILE E 202 18.86 8.42 -1.43
CA ILE E 202 17.76 9.21 -1.95
C ILE E 202 16.61 9.18 -0.96
N ASP E 203 15.75 10.20 -1.05
CA ASP E 203 14.62 10.33 -0.15
C ASP E 203 13.44 10.93 -0.91
N ASN E 204 12.24 10.48 -0.53
CA ASN E 204 11.03 10.94 -1.20
C ASN E 204 10.85 12.45 -1.09
N GLU E 205 11.08 13.01 0.10
CA GLU E 205 10.81 14.44 0.29
C GLU E 205 11.55 15.28 -0.74
N ALA E 206 12.85 15.05 -0.89
CA ALA E 206 13.61 15.78 -1.90
C ALA E 206 13.09 15.47 -3.29
N LEU E 207 12.77 14.21 -3.55
CA LEU E 207 12.27 13.81 -4.86
C LEU E 207 10.85 14.32 -5.12
N TYR E 208 10.06 14.49 -4.06
CA TYR E 208 8.78 15.20 -4.21
C TYR E 208 9.02 16.60 -4.74
N ASP E 209 10.04 17.28 -4.22
CA ASP E 209 10.29 18.66 -4.60
C ASP E 209 10.44 18.81 -6.10
N ILE E 210 11.06 17.83 -6.76
CA ILE E 210 11.24 17.88 -8.20
C ILE E 210 9.89 17.87 -8.90
N CYS E 211 8.94 17.10 -8.38
CA CYS E 211 7.67 16.93 -9.09
C CYS E 211 6.97 18.26 -9.32
N PHE E 212 6.75 19.03 -8.24
CA PHE E 212 6.00 20.27 -8.37
C PHE E 212 6.87 21.49 -8.64
N ARG E 213 8.16 21.46 -8.28
CA ARG E 213 8.96 22.67 -8.40
C ARG E 213 9.52 22.85 -9.81
N THR E 214 10.34 21.90 -10.28
CA THR E 214 10.89 21.99 -11.63
C THR E 214 9.96 21.40 -12.67
N LEU E 215 9.28 20.31 -12.35
CA LEU E 215 8.12 19.87 -13.12
C LEU E 215 6.86 20.47 -12.53
N LYS E 216 5.75 20.30 -13.24
CA LYS E 216 4.46 20.80 -12.82
C LYS E 216 3.44 19.67 -12.97
N LEU E 217 3.49 18.72 -12.04
CA LEU E 217 2.62 17.54 -12.11
C LEU E 217 2.40 17.08 -10.66
N THR E 218 1.22 17.39 -10.12
CA THR E 218 0.91 17.12 -8.73
C THR E 218 0.27 15.76 -8.50
N THR E 219 -0.36 15.16 -9.51
CA THR E 219 -1.17 13.97 -9.26
C THR E 219 -0.35 12.79 -8.75
N PRO E 220 0.76 12.40 -9.37
CA PRO E 220 1.42 11.15 -9.00
C PRO E 220 2.50 11.31 -7.94
N THR E 221 2.66 10.25 -7.14
CA THR E 221 3.77 10.15 -6.21
C THR E 221 4.67 8.96 -6.50
N TYR E 222 4.13 7.75 -6.51
CA TYR E 222 4.93 6.54 -6.60
C TYR E 222 5.07 6.00 -8.00
N GLY E 223 4.14 6.31 -8.90
CA GLY E 223 4.27 5.88 -10.27
C GLY E 223 5.33 6.63 -11.05
N ASP E 224 5.75 7.80 -10.56
CA ASP E 224 6.69 8.66 -11.29
C ASP E 224 7.99 8.88 -10.56
N LEU E 225 7.97 9.06 -9.24
CA LEU E 225 9.22 9.14 -8.49
C LEU E 225 10.10 7.93 -8.77
N ASN E 226 9.49 6.74 -8.86
CA ASN E 226 10.26 5.55 -9.22
C ASN E 226 10.81 5.65 -10.63
N HIS E 227 10.14 6.40 -11.51
CA HIS E 227 10.59 6.50 -12.89
C HIS E 227 11.78 7.44 -13.01
N LEU E 228 11.79 8.51 -12.19
CA LEU E 228 12.98 9.33 -12.08
C LEU E 228 14.14 8.53 -11.51
N VAL E 229 13.88 7.74 -10.48
CA VAL E 229 14.91 6.88 -9.91
C VAL E 229 15.40 5.87 -10.95
N SER E 230 14.47 5.27 -11.69
CA SER E 230 14.87 4.27 -12.69
C SER E 230 15.74 4.89 -13.76
N ALA E 231 15.42 6.11 -14.21
CA ALA E 231 16.25 6.78 -15.20
C ALA E 231 17.64 7.05 -14.64
N THR E 232 17.72 7.45 -13.38
CA THR E 232 19.01 7.74 -12.77
C THR E 232 19.91 6.52 -12.77
N MET E 233 19.41 5.40 -12.25
CA MET E 233 20.22 4.19 -12.16
C MET E 233 20.54 3.63 -13.54
N SER E 234 19.64 3.83 -14.51
CA SER E 234 19.93 3.41 -15.87
C SER E 234 21.10 4.19 -16.45
N GLY E 235 21.16 5.49 -16.18
CA GLY E 235 22.28 6.29 -16.64
C GLY E 235 23.62 5.79 -16.13
N VAL E 236 23.65 5.28 -14.90
CA VAL E 236 24.91 4.88 -14.29
C VAL E 236 25.50 3.68 -15.03
N THR E 237 24.64 2.78 -15.51
CA THR E 237 25.06 1.54 -16.15
C THR E 237 25.00 1.61 -17.66
N THR E 238 24.88 2.81 -18.23
CA THR E 238 24.77 2.94 -19.68
C THR E 238 26.06 2.57 -20.38
N CYS E 239 27.20 2.95 -19.80
CA CYS E 239 28.48 2.72 -20.46
C CYS E 239 28.72 1.24 -20.72
N LEU E 240 28.15 0.36 -19.90
CA LEU E 240 28.31 -1.07 -20.07
C LEU E 240 27.38 -1.66 -21.12
N ARG E 241 26.53 -0.84 -21.74
CA ARG E 241 25.51 -1.31 -22.67
C ARG E 241 25.58 -0.68 -24.05
N PHE E 242 26.18 0.51 -24.18
CA PHE E 242 26.24 1.22 -25.44
C PHE E 242 27.64 1.81 -25.61
N PRO E 243 28.06 2.05 -26.85
CA PRO E 243 29.38 2.63 -27.08
C PRO E 243 29.46 4.06 -26.58
N GLY E 244 30.65 4.46 -26.18
CA GLY E 244 30.87 5.80 -25.69
C GLY E 244 32.28 6.25 -25.98
N GLN E 245 32.44 7.58 -26.14
CA GLN E 245 33.76 8.14 -26.38
C GLN E 245 34.67 7.93 -25.18
N LEU E 246 34.14 8.11 -23.97
CA LEU E 246 34.88 7.91 -22.73
C LEU E 246 34.05 6.99 -21.85
N ASN E 247 34.23 5.68 -22.03
CA ASN E 247 33.37 4.70 -21.39
C ASN E 247 33.67 4.61 -19.89
N ALA E 248 32.62 4.57 -19.09
CA ALA E 248 32.73 4.46 -17.65
C ALA E 248 32.23 3.09 -17.17
N ASP E 249 32.18 2.90 -15.86
CA ASP E 249 31.98 1.57 -15.29
C ASP E 249 31.76 1.72 -13.79
N LEU E 250 31.08 0.73 -13.22
CA LEU E 250 30.79 0.78 -11.79
C LEU E 250 32.07 0.88 -10.97
N ARG E 251 33.14 0.23 -11.42
CA ARG E 251 34.40 0.30 -10.72
C ARG E 251 35.11 1.64 -10.94
N LYS E 252 34.94 2.23 -12.13
CA LYS E 252 35.55 3.52 -12.41
C LYS E 252 34.98 4.61 -11.50
N LEU E 253 33.67 4.60 -11.29
CA LEU E 253 33.05 5.61 -10.44
C LEU E 253 33.43 5.38 -8.97
N ALA E 254 33.46 4.12 -8.53
CA ALA E 254 33.83 3.82 -7.16
C ALA E 254 35.21 4.38 -6.82
N VAL E 255 36.19 4.10 -7.67
CA VAL E 255 37.54 4.61 -7.45
C VAL E 255 37.56 6.13 -7.45
N ASN E 256 36.88 6.74 -8.42
CA ASN E 256 36.89 8.20 -8.50
C ASN E 256 36.09 8.84 -7.37
N MET E 257 35.00 8.21 -6.96
CA MET E 257 34.06 8.81 -6.03
C MET E 257 34.20 8.31 -4.60
N VAL E 258 35.15 7.41 -4.32
CA VAL E 258 35.29 6.85 -2.98
C VAL E 258 36.74 7.05 -2.51
N PRO E 259 37.06 8.20 -1.92
CA PRO E 259 38.43 8.36 -1.40
C PRO E 259 38.77 7.38 -0.28
N PHE E 260 37.88 7.20 0.68
CA PHE E 260 38.10 6.32 1.82
C PHE E 260 37.01 5.26 1.88
N PRO E 261 37.31 4.09 2.43
CA PRO E 261 36.33 2.99 2.38
C PRO E 261 34.99 3.34 3.02
N ARG E 262 35.01 4.11 4.11
CA ARG E 262 33.80 4.39 4.87
C ARG E 262 33.03 5.59 4.34
N LEU E 263 33.54 6.28 3.35
CA LEU E 263 32.85 7.43 2.74
C LEU E 263 32.44 7.01 1.32
N HIS E 264 31.26 6.40 1.23
CA HIS E 264 30.78 5.93 -0.07
C HIS E 264 29.28 6.21 -0.27
N PHE E 265 28.69 7.09 0.53
CA PHE E 265 27.28 7.43 0.43
C PHE E 265 27.16 8.71 -0.40
N PHE E 266 26.66 8.57 -1.62
CA PHE E 266 26.53 9.67 -2.55
C PHE E 266 25.09 10.19 -2.53
N MET E 267 24.77 11.08 -3.46
CA MET E 267 23.41 11.59 -3.63
C MET E 267 23.22 11.94 -5.10
N PRO E 268 22.38 11.20 -5.83
CA PRO E 268 22.33 11.38 -7.28
C PRO E 268 21.55 12.61 -7.72
N GLY E 269 21.67 12.89 -9.02
CA GLY E 269 20.87 13.92 -9.65
C GLY E 269 20.75 13.63 -11.13
N PHE E 270 19.65 14.08 -11.71
CA PHE E 270 19.36 13.80 -13.11
C PHE E 270 18.90 15.08 -13.80
N ALA E 271 19.19 15.15 -15.11
CA ALA E 271 18.73 16.24 -15.96
C ALA E 271 18.62 15.70 -17.37
N PRO E 272 17.83 16.35 -18.23
CA PRO E 272 16.95 17.51 -17.98
C PRO E 272 15.64 17.10 -17.31
N LEU E 273 15.07 17.96 -16.46
CA LEU E 273 13.77 17.70 -15.83
C LEU E 273 12.89 18.92 -16.11
N THR E 274 12.25 18.92 -17.27
CA THR E 274 11.38 19.99 -17.71
C THR E 274 9.95 19.49 -17.85
N SER E 275 9.00 20.36 -17.55
CA SER E 275 7.60 20.06 -17.80
C SER E 275 7.32 20.08 -19.29
N ARG E 276 6.33 19.28 -19.71
CA ARG E 276 6.00 19.19 -21.12
C ARG E 276 5.63 20.54 -21.70
N GLY E 277 4.94 21.37 -20.91
CA GLY E 277 4.43 22.62 -21.44
C GLY E 277 5.48 23.70 -21.52
N SER E 278 6.46 23.67 -20.61
CA SER E 278 7.54 24.65 -20.60
C SER E 278 8.80 24.15 -21.30
N GLN E 279 8.77 22.93 -21.86
CA GLN E 279 9.97 22.38 -22.49
C GLN E 279 10.36 23.18 -23.73
N GLN E 280 9.38 23.60 -24.52
CA GLN E 280 9.66 24.32 -25.76
C GLN E 280 10.24 25.71 -25.51
N TYR E 281 10.24 26.19 -24.27
CA TYR E 281 10.83 27.47 -23.91
C TYR E 281 12.22 27.31 -23.31
N ARG E 282 12.94 26.26 -23.69
CA ARG E 282 14.24 25.98 -23.11
C ARG E 282 15.16 25.38 -24.15
N ALA E 283 16.43 25.79 -24.10
CA ALA E 283 17.47 25.22 -24.92
C ALA E 283 17.96 23.91 -24.32
N LEU E 284 18.37 22.98 -25.18
CA LEU E 284 18.86 21.67 -24.77
C LEU E 284 20.37 21.55 -24.95
N THR E 285 21.09 22.67 -24.85
CA THR E 285 22.53 22.66 -25.03
C THR E 285 23.23 22.20 -23.75
N VAL E 286 24.50 21.86 -23.88
CA VAL E 286 25.26 21.32 -22.75
C VAL E 286 25.34 22.32 -21.60
N PRO E 287 25.65 23.60 -21.82
CA PRO E 287 25.87 24.51 -20.68
C PRO E 287 24.72 24.51 -19.69
N GLU E 288 23.51 24.76 -20.18
CA GLU E 288 22.36 24.82 -19.28
C GLU E 288 22.15 23.49 -18.58
N LEU E 289 22.30 22.38 -19.31
CA LEU E 289 22.17 21.06 -18.70
C LEU E 289 23.04 20.93 -17.46
N THR E 290 24.27 21.43 -17.54
CA THR E 290 25.22 21.26 -16.44
C THR E 290 24.93 22.18 -15.26
N GLN E 291 24.25 23.30 -15.49
CA GLN E 291 24.04 24.26 -14.41
C GLN E 291 23.14 23.68 -13.32
N GLN E 292 22.09 22.96 -13.70
CA GLN E 292 21.11 22.49 -12.73
C GLN E 292 21.58 21.27 -11.95
N MET E 293 22.68 20.63 -12.36
CA MET E 293 23.16 19.46 -11.62
C MET E 293 23.66 19.85 -10.24
N PHE E 294 24.30 21.01 -10.12
CA PHE E 294 24.97 21.42 -8.89
C PHE E 294 24.11 22.29 -7.98
N ASP E 295 22.83 22.51 -8.33
CA ASP E 295 21.92 23.28 -7.50
C ASP E 295 21.07 22.34 -6.66
N ALA E 296 20.85 22.71 -5.40
CA ALA E 296 20.06 21.88 -4.49
C ALA E 296 18.62 21.74 -4.95
N LYS E 297 18.25 22.42 -6.04
CA LYS E 297 16.91 22.26 -6.59
C LYS E 297 16.73 20.90 -7.25
N ASN E 298 17.79 20.33 -7.81
CA ASN E 298 17.75 19.10 -8.59
C ASN E 298 18.60 18.01 -7.94
N MET E 299 18.56 17.93 -6.61
CA MET E 299 19.28 16.91 -5.86
C MET E 299 18.25 15.97 -5.23
N MET E 300 18.36 14.68 -5.55
CA MET E 300 17.41 13.68 -5.06
C MET E 300 17.68 13.27 -3.62
N ALA E 301 18.55 13.98 -2.92
CA ALA E 301 18.77 13.81 -1.50
C ALA E 301 18.29 15.04 -0.76
N ALA E 302 17.88 14.83 0.51
CA ALA E 302 17.38 15.93 1.31
C ALA E 302 18.48 16.89 1.73
N CYS E 303 19.74 16.48 1.65
CA CYS E 303 20.85 17.30 2.11
C CYS E 303 21.24 18.31 1.04
N ASP E 304 21.37 19.58 1.44
CA ASP E 304 21.79 20.62 0.52
C ASP E 304 23.30 20.66 0.42
N PRO E 305 23.88 20.59 -0.78
CA PRO E 305 25.35 20.58 -0.88
C PRO E 305 26.00 21.87 -0.43
N ARG E 306 25.25 22.97 -0.37
CA ARG E 306 25.84 24.25 -0.02
C ARG E 306 26.42 24.24 1.38
N HIS E 307 25.71 23.59 2.32
CA HIS E 307 26.18 23.55 3.69
C HIS E 307 27.50 22.81 3.83
N GLY E 308 27.85 21.96 2.87
CA GLY E 308 29.06 21.18 2.95
C GLY E 308 29.99 21.40 1.77
N ARG E 309 30.92 20.48 1.56
CA ARG E 309 31.88 20.60 0.46
C ARG E 309 31.94 19.28 -0.29
N TYR E 310 31.99 19.37 -1.61
CA TYR E 310 32.13 18.17 -2.44
C TYR E 310 33.51 17.56 -2.24
N LEU E 311 33.56 16.23 -2.16
CA LEU E 311 34.82 15.50 -2.12
C LEU E 311 35.17 14.96 -3.50
N THR E 312 34.20 14.34 -4.17
CA THR E 312 34.37 13.84 -5.52
C THR E 312 33.04 13.95 -6.23
N VAL E 313 33.09 14.20 -7.54
CA VAL E 313 31.90 14.37 -8.35
C VAL E 313 32.08 13.63 -9.66
N ALA E 314 31.02 12.98 -10.12
CA ALA E 314 31.03 12.22 -11.37
C ALA E 314 29.82 12.61 -12.21
N ALA E 315 30.06 12.85 -13.50
CA ALA E 315 29.01 13.11 -14.46
C ALA E 315 29.08 12.03 -15.54
N VAL E 316 27.92 11.52 -15.94
CA VAL E 316 27.81 10.52 -17.00
C VAL E 316 26.85 11.09 -18.03
N PHE E 317 27.40 11.78 -19.03
CA PHE E 317 26.59 12.35 -20.09
C PHE E 317 26.16 11.27 -21.07
N ARG E 318 25.23 11.63 -21.95
CA ARG E 318 24.71 10.70 -22.95
C ARG E 318 24.34 11.46 -24.21
N GLY E 319 24.30 10.73 -25.32
CA GLY E 319 23.96 11.30 -26.61
C GLY E 319 25.17 11.86 -27.32
N ARG E 320 24.94 12.36 -28.53
CA ARG E 320 25.98 13.02 -29.30
C ARG E 320 26.24 14.40 -28.72
N MET E 321 27.35 14.53 -28.01
CA MET E 321 27.67 15.76 -27.29
C MET E 321 29.11 16.14 -27.57
N SER E 322 29.36 17.45 -27.69
CA SER E 322 30.72 17.94 -27.92
C SER E 322 31.52 17.83 -26.63
N MET E 323 32.59 17.04 -26.66
CA MET E 323 33.39 16.79 -25.47
C MET E 323 34.10 18.05 -24.99
N LYS E 324 34.31 19.04 -25.86
CA LYS E 324 34.90 20.30 -25.42
C LYS E 324 33.94 21.03 -24.50
N GLU E 325 32.67 21.16 -24.91
CA GLU E 325 31.67 21.75 -24.04
C GLU E 325 31.47 20.91 -22.79
N VAL E 326 31.56 19.58 -22.92
CA VAL E 326 31.42 18.72 -21.76
C VAL E 326 32.52 18.97 -20.74
N ASP E 327 33.65 19.52 -21.18
CA ASP E 327 34.80 19.73 -20.30
C ASP E 327 35.01 21.18 -19.91
N GLU E 328 34.70 22.13 -20.79
CA GLU E 328 34.85 23.54 -20.45
C GLU E 328 33.90 23.92 -19.33
N GLN E 329 32.67 23.39 -19.36
CA GLN E 329 31.68 23.75 -18.34
C GLN E 329 32.09 23.25 -16.96
N MET E 330 32.74 22.08 -16.88
CA MET E 330 33.12 21.55 -15.57
C MET E 330 34.25 22.37 -14.98
N LEU E 331 35.26 22.74 -15.78
CA LEU E 331 36.23 23.71 -15.33
C LEU E 331 35.55 24.99 -14.86
N ASN E 332 34.51 25.42 -15.57
CA ASN E 332 33.78 26.62 -15.15
C ASN E 332 33.13 26.42 -13.79
N VAL E 333 32.53 25.26 -13.58
CA VAL E 333 31.82 24.98 -12.34
C VAL E 333 32.78 24.99 -11.16
N GLN E 334 33.94 24.36 -11.33
CA GLN E 334 34.89 24.25 -10.22
C GLN E 334 35.38 25.61 -9.78
N ASN E 335 35.66 26.50 -10.73
CA ASN E 335 36.19 27.82 -10.39
C ASN E 335 35.10 28.71 -9.80
N LYS E 336 33.90 28.67 -10.36
CA LYS E 336 32.82 29.51 -9.85
C LYS E 336 32.49 29.15 -8.41
N ASN E 337 32.54 27.87 -8.06
CA ASN E 337 32.14 27.40 -6.74
C ASN E 337 33.33 26.82 -5.99
N SER E 338 34.47 27.52 -6.04
CA SER E 338 35.69 27.00 -5.44
C SER E 338 35.53 26.69 -3.96
N SER E 339 34.61 27.36 -3.27
CA SER E 339 34.39 27.09 -1.86
C SER E 339 33.59 25.81 -1.63
N TYR E 340 32.94 25.28 -2.68
CA TYR E 340 32.15 24.07 -2.57
C TYR E 340 32.96 22.79 -2.75
N PHE E 341 34.26 22.90 -3.04
CA PHE E 341 35.12 21.76 -3.26
C PHE E 341 36.33 21.82 -2.33
N VAL E 342 36.73 20.65 -1.86
CA VAL E 342 37.84 20.55 -0.91
C VAL E 342 39.16 20.76 -1.66
N GLU E 343 40.10 21.42 -0.98
CA GLU E 343 41.37 21.75 -1.61
C GLU E 343 42.29 20.54 -1.70
N TRP E 344 42.27 19.69 -0.68
CA TRP E 344 43.19 18.55 -0.65
C TRP E 344 42.92 17.53 -1.76
N ILE E 345 41.91 17.74 -2.59
CA ILE E 345 41.74 16.96 -3.82
C ILE E 345 41.83 17.91 -5.00
N PRO E 346 42.91 17.88 -5.80
CA PRO E 346 43.05 18.88 -6.87
C PRO E 346 41.91 18.87 -7.86
N ASN E 347 41.38 17.70 -8.23
CA ASN E 347 40.28 17.65 -9.19
C ASN E 347 39.18 16.77 -8.63
N ASN E 348 37.93 17.23 -8.79
CA ASN E 348 36.79 16.60 -8.15
C ASN E 348 35.71 16.14 -9.13
N VAL E 349 35.92 16.29 -10.43
CA VAL E 349 34.88 16.02 -11.43
C VAL E 349 35.36 14.88 -12.32
N LYS E 350 34.50 13.88 -12.51
CA LYS E 350 34.74 12.77 -13.42
C LYS E 350 33.67 12.80 -14.50
N THR E 351 34.10 12.66 -15.75
CA THR E 351 33.20 12.76 -16.89
C THR E 351 33.18 11.46 -17.66
N ALA E 352 32.02 11.16 -18.25
CA ALA E 352 31.86 10.00 -19.10
C ALA E 352 30.72 10.27 -20.06
N VAL E 353 30.94 9.95 -21.34
CA VAL E 353 30.00 10.28 -22.41
C VAL E 353 29.60 8.99 -23.12
N CYS E 354 28.30 8.80 -23.29
CA CYS E 354 27.76 7.69 -24.07
C CYS E 354 27.07 8.23 -25.31
N ASP E 355 27.21 7.52 -26.43
CA ASP E 355 26.71 8.01 -27.69
C ASP E 355 25.19 7.94 -27.78
N ILE E 356 24.58 6.91 -27.20
CA ILE E 356 23.15 6.65 -27.33
C ILE E 356 22.43 7.33 -26.18
N PRO E 357 21.43 8.18 -26.43
CA PRO E 357 20.75 8.88 -25.35
C PRO E 357 19.65 8.02 -24.76
N PRO E 358 19.02 8.47 -23.67
CA PRO E 358 17.87 7.73 -23.15
C PRO E 358 16.66 7.90 -24.04
N ARG E 359 15.75 6.92 -23.96
CA ARG E 359 14.57 6.94 -24.82
C ARG E 359 13.79 8.23 -24.63
N GLY E 360 13.43 8.87 -25.75
CA GLY E 360 12.69 10.10 -25.73
C GLY E 360 13.51 11.35 -25.52
N LEU E 361 14.83 11.28 -25.65
CA LEU E 361 15.69 12.45 -25.46
C LEU E 361 16.92 12.32 -26.34
N LYS E 362 17.55 13.46 -26.61
CA LYS E 362 18.80 13.52 -27.34
C LYS E 362 19.97 13.95 -26.46
N MET E 363 19.73 14.26 -25.20
CA MET E 363 20.79 14.68 -24.28
C MET E 363 20.33 14.36 -22.87
N SER E 364 21.30 14.01 -22.02
CA SER E 364 21.01 13.65 -20.63
C SER E 364 22.34 13.55 -19.89
N ALA E 365 22.24 13.48 -18.56
CA ALA E 365 23.41 13.36 -17.71
C ALA E 365 22.95 12.99 -16.31
N THR E 366 23.66 12.06 -15.69
CA THR E 366 23.39 11.63 -14.32
C THR E 366 24.50 12.12 -13.41
N PHE E 367 24.12 12.90 -12.40
CA PHE E 367 25.08 13.43 -11.44
C PHE E 367 25.22 12.48 -10.26
N ILE E 368 26.47 12.26 -9.84
CA ILE E 368 26.77 11.48 -8.65
C ILE E 368 27.75 12.30 -7.82
N GLY E 369 27.36 12.66 -6.60
CA GLY E 369 28.16 13.54 -5.78
C GLY E 369 28.46 13.00 -4.39
N ASN E 370 29.72 13.07 -3.99
CA ASN E 370 30.14 12.72 -2.63
C ASN E 370 30.41 14.03 -1.90
N SER E 371 29.48 14.44 -1.06
CA SER E 371 29.57 15.70 -0.33
C SER E 371 29.52 15.42 1.16
N THR E 372 30.28 16.21 1.93
CA THR E 372 30.24 16.10 3.37
C THR E 372 28.94 16.62 3.97
N ALA E 373 28.11 17.30 3.17
CA ALA E 373 26.80 17.72 3.64
C ALA E 373 25.90 16.54 3.97
N ILE E 374 26.23 15.34 3.47
CA ILE E 374 25.42 14.17 3.77
C ILE E 374 25.55 13.78 5.23
N GLN E 375 26.59 14.26 5.93
CA GLN E 375 26.73 13.96 7.34
C GLN E 375 25.57 14.52 8.17
N GLU E 376 24.98 15.63 7.72
CA GLU E 376 23.77 16.13 8.36
C GLU E 376 22.72 15.03 8.47
N LEU E 377 22.53 14.24 7.42
CA LEU E 377 21.50 13.20 7.44
C LEU E 377 21.76 12.20 8.55
N PHE E 378 22.97 11.65 8.62
CA PHE E 378 23.27 10.69 9.68
C PHE E 378 23.22 11.36 11.04
N LYS E 379 23.75 12.58 11.13
CA LYS E 379 23.63 13.34 12.37
C LYS E 379 22.19 13.44 12.82
N ARG E 380 21.28 13.72 11.89
CA ARG E 380 19.87 13.82 12.23
C ARG E 380 19.32 12.49 12.72
N ILE E 381 19.64 11.40 12.02
CA ILE E 381 19.16 10.09 12.43
C ILE E 381 19.65 9.75 13.83
N SER E 382 20.89 10.13 14.15
CA SER E 382 21.43 9.84 15.46
C SER E 382 20.69 10.61 16.55
N GLU E 383 20.40 11.90 16.29
CA GLU E 383 19.60 12.68 17.22
C GLU E 383 18.27 12.00 17.51
N GLN E 384 17.60 11.50 16.46
CA GLN E 384 16.33 10.81 16.67
C GLN E 384 16.54 9.46 17.35
N PHE E 385 17.60 8.75 16.97
CA PHE E 385 17.85 7.44 17.56
C PHE E 385 18.15 7.56 19.05
N THR E 386 18.99 8.51 19.43
CA THR E 386 19.36 8.64 20.84
C THR E 386 18.17 9.08 21.69
N ALA E 387 17.27 9.87 21.12
CA ALA E 387 16.12 10.35 21.89
C ALA E 387 15.19 9.19 22.25
N MET E 388 14.83 8.39 21.25
CA MET E 388 13.98 7.22 21.51
C MET E 388 14.69 6.19 22.37
N PHE E 389 15.95 5.89 22.03
CA PHE E 389 16.70 4.89 22.78
C PHE E 389 17.02 5.35 24.20
N ARG E 390 17.02 6.66 24.45
CA ARG E 390 17.34 7.16 25.78
C ARG E 390 16.36 6.66 26.83
N ARG E 391 15.16 6.25 26.41
CA ARG E 391 14.13 5.76 27.30
C ARG E 391 13.60 4.40 26.90
N LYS E 392 14.29 3.69 25.99
CA LYS E 392 13.85 2.39 25.51
C LYS E 392 12.44 2.48 24.91
N ALA E 393 12.35 3.27 23.85
CA ALA E 393 11.04 3.58 23.26
C ALA E 393 10.36 2.32 22.73
N PHE E 394 11.08 1.53 21.92
CA PHE E 394 10.50 0.35 21.29
C PHE E 394 11.42 -0.87 21.35
N LEU E 395 12.43 -0.86 22.23
CA LEU E 395 13.42 -1.92 22.19
C LEU E 395 12.81 -3.30 22.45
N HIS E 396 11.67 -3.36 23.15
CA HIS E 396 11.11 -4.64 23.50
C HIS E 396 10.69 -5.43 22.27
N TRP E 397 10.20 -4.76 21.22
CA TRP E 397 9.89 -5.47 19.99
C TRP E 397 11.15 -6.04 19.35
N TYR E 398 12.26 -5.30 19.40
CA TYR E 398 13.50 -5.73 18.75
C TYR E 398 14.26 -6.75 19.58
N THR E 399 14.30 -6.57 20.91
CA THR E 399 14.95 -7.55 21.76
C THR E 399 14.25 -8.91 21.69
N GLY E 400 12.92 -8.92 21.58
CA GLY E 400 12.17 -10.16 21.57
C GLY E 400 12.30 -10.98 20.30
N GLU E 401 13.00 -10.48 19.29
CA GLU E 401 13.21 -11.19 18.04
C GLU E 401 14.68 -11.57 17.86
N GLY E 402 15.33 -11.97 18.95
CA GLY E 402 16.71 -12.38 18.91
C GLY E 402 17.66 -11.22 18.65
N MET E 403 17.72 -10.28 19.61
CA MET E 403 18.60 -9.13 19.48
C MET E 403 18.91 -8.61 20.87
N ASP E 404 19.95 -7.79 20.95
CA ASP E 404 20.43 -7.24 22.22
C ASP E 404 20.59 -5.72 22.09
N GLU E 405 20.36 -5.03 23.20
CA GLU E 405 20.52 -3.57 23.20
C GLU E 405 21.98 -3.16 23.03
N MET E 406 22.92 -4.07 23.26
CA MET E 406 24.32 -3.75 23.00
C MET E 406 24.54 -3.47 21.52
N GLU E 407 23.75 -4.10 20.65
CA GLU E 407 23.92 -3.87 19.23
C GLU E 407 23.51 -2.44 18.87
N PHE E 408 22.47 -1.94 19.52
CA PHE E 408 22.03 -0.57 19.30
C PHE E 408 23.13 0.42 19.67
N THR E 409 23.81 0.19 20.79
CA THR E 409 24.91 1.06 21.18
C THR E 409 26.04 1.01 20.14
N GLU E 410 26.36 -0.20 19.66
CA GLU E 410 27.35 -0.33 18.61
C GLU E 410 26.92 0.40 17.35
N ALA E 411 25.63 0.31 17.00
CA ALA E 411 25.13 0.98 15.81
C ALA E 411 25.16 2.49 15.99
N GLU E 412 24.93 2.95 17.21
CA GLU E 412 24.98 4.38 17.48
C GLU E 412 26.43 4.87 17.54
N SER E 413 27.33 4.07 18.11
CA SER E 413 28.73 4.46 18.19
C SER E 413 29.38 4.44 16.81
N ASN E 414 29.10 3.41 16.02
CA ASN E 414 29.64 3.37 14.66
C ASN E 414 29.08 4.51 13.81
N MET E 415 27.79 4.80 13.96
CA MET E 415 27.21 5.93 13.24
C MET E 415 27.85 7.24 13.66
N ASN E 416 28.09 7.41 14.96
CA ASN E 416 28.71 8.64 15.43
C ASN E 416 30.08 8.86 14.80
N ASP E 417 30.80 7.76 14.54
CA ASP E 417 32.15 7.89 13.98
C ASP E 417 32.06 8.25 12.50
N LEU E 418 31.05 7.75 11.80
CA LEU E 418 30.86 8.14 10.40
C LEU E 418 30.59 9.64 10.29
N VAL E 419 29.78 10.19 11.19
CA VAL E 419 29.54 11.63 11.19
C VAL E 419 30.83 12.37 11.48
N SER E 420 31.61 11.90 12.46
CA SER E 420 32.84 12.57 12.82
C SER E 420 33.83 12.57 11.65
N GLU E 421 33.93 11.45 10.93
CA GLU E 421 34.88 11.37 9.83
C GLU E 421 34.54 12.39 8.74
N TYR E 422 33.26 12.49 8.37
CA TYR E 422 32.86 13.48 7.38
C TYR E 422 33.18 14.88 7.85
N GLN E 423 33.15 15.13 9.16
CA GLN E 423 33.40 16.46 9.69
C GLN E 423 34.86 16.84 9.59
N GLN E 424 35.77 15.87 9.64
CA GLN E 424 37.20 16.17 9.56
C GLN E 424 37.57 16.82 8.24
N TYR E 425 36.83 16.51 7.17
CA TYR E 425 37.14 16.99 5.83
C TYR E 425 36.40 18.26 5.47
N GLN E 426 36.10 19.09 6.47
CA GLN E 426 35.61 20.44 6.23
C GLN E 426 36.73 21.46 6.26
N ASP E 427 37.79 21.19 7.00
CA ASP E 427 38.93 22.10 7.07
C ASP E 427 39.71 22.08 5.76
N ALA E 428 40.43 23.17 5.52
CA ALA E 428 41.24 23.30 4.32
C ALA E 428 42.63 22.70 4.55
N THR E 429 43.48 22.79 3.54
CA THR E 429 44.83 22.26 3.65
C THR E 429 45.64 23.05 4.66
N ALA E 430 46.43 22.35 5.46
CA ALA E 430 47.28 22.98 6.46
C ALA E 430 46.46 23.86 7.40
N MET F 1 21.10 -59.25 -31.00
CA MET F 1 22.33 -58.53 -30.56
C MET F 1 22.07 -57.76 -29.27
N ARG F 2 22.63 -58.25 -28.17
CA ARG F 2 22.52 -57.61 -26.85
C ARG F 2 21.05 -57.45 -26.45
N GLU F 3 20.39 -58.60 -26.32
CA GLU F 3 18.98 -58.64 -25.98
C GLU F 3 18.77 -58.47 -24.48
N ILE F 4 17.71 -57.76 -24.13
CA ILE F 4 17.30 -57.55 -22.74
C ILE F 4 15.92 -58.14 -22.55
N VAL F 5 15.74 -58.85 -21.44
CA VAL F 5 14.45 -59.43 -21.05
C VAL F 5 13.99 -58.75 -19.78
N HIS F 6 12.74 -58.29 -19.78
CA HIS F 6 12.22 -57.43 -18.72
C HIS F 6 11.38 -58.25 -17.75
N LEU F 7 11.63 -58.07 -16.45
CA LEU F 7 10.85 -58.69 -15.39
C LEU F 7 10.20 -57.61 -14.56
N GLN F 8 8.92 -57.80 -14.24
CA GLN F 8 8.20 -56.89 -13.37
C GLN F 8 7.36 -57.69 -12.39
N ALA F 9 7.52 -57.41 -11.10
CA ALA F 9 6.85 -58.15 -10.05
C ALA F 9 6.20 -57.20 -9.07
N GLY F 10 5.12 -57.65 -8.45
CA GLY F 10 4.41 -56.83 -7.48
C GLY F 10 3.49 -55.82 -8.12
N GLN F 11 2.67 -55.15 -7.31
CA GLN F 11 1.76 -54.16 -7.87
C GLN F 11 2.53 -52.97 -8.42
N CYS F 12 3.55 -52.50 -7.69
CA CYS F 12 4.35 -51.39 -8.17
C CYS F 12 5.08 -51.74 -9.44
N GLY F 13 5.64 -52.96 -9.51
CA GLY F 13 6.42 -53.34 -10.68
C GLY F 13 5.61 -53.33 -11.95
N ASN F 14 4.41 -53.92 -11.92
CA ASN F 14 3.59 -54.01 -13.12
C ASN F 14 3.19 -52.62 -13.60
N GLN F 15 2.77 -51.75 -12.69
CA GLN F 15 2.36 -50.41 -13.08
C GLN F 15 3.54 -49.63 -13.65
N ILE F 16 4.72 -49.75 -13.04
CA ILE F 16 5.92 -49.16 -13.62
C ILE F 16 6.24 -49.85 -14.95
N GLY F 17 6.21 -51.18 -14.96
CA GLY F 17 6.32 -51.91 -16.22
C GLY F 17 5.33 -51.42 -17.27
N ALA F 18 4.08 -51.22 -16.87
CA ALA F 18 3.05 -50.85 -17.84
C ALA F 18 3.39 -49.52 -18.51
N LYS F 19 3.82 -48.54 -17.72
CA LYS F 19 4.23 -47.26 -18.28
C LYS F 19 5.64 -47.31 -18.81
N PHE F 20 6.34 -48.43 -18.61
CA PHE F 20 7.68 -48.58 -19.18
C PHE F 20 7.62 -48.93 -20.65
N TRP F 21 6.58 -49.66 -21.05
CA TRP F 21 6.41 -50.06 -22.44
C TRP F 21 5.61 -49.06 -23.26
N GLU F 22 4.78 -48.23 -22.60
CA GLU F 22 4.12 -47.15 -23.31
C GLU F 22 5.12 -46.10 -23.79
N VAL F 23 6.25 -45.99 -23.11
CA VAL F 23 7.28 -45.04 -23.52
C VAL F 23 8.13 -45.62 -24.64
N ILE F 24 8.59 -46.85 -24.48
CA ILE F 24 9.44 -47.48 -25.50
C ILE F 24 8.67 -47.63 -26.80
N SER F 25 7.42 -48.10 -26.72
CA SER F 25 6.61 -48.23 -27.93
C SER F 25 6.44 -46.88 -28.63
N ASP F 26 6.47 -45.79 -27.87
CA ASP F 26 6.40 -44.47 -28.48
C ASP F 26 7.72 -44.12 -29.18
N GLU F 27 8.85 -44.52 -28.58
CA GLU F 27 10.14 -44.20 -29.19
C GLU F 27 10.31 -44.91 -30.53
N HIS F 28 9.91 -46.18 -30.59
CA HIS F 28 10.04 -46.97 -31.81
C HIS F 28 8.85 -46.86 -32.73
N GLY F 29 7.86 -46.04 -32.39
CA GLY F 29 6.69 -45.89 -33.23
C GLY F 29 5.87 -47.16 -33.38
N ILE F 30 5.68 -47.89 -32.28
CA ILE F 30 4.96 -49.16 -32.29
C ILE F 30 3.54 -48.90 -31.81
N ASP F 31 2.55 -49.24 -32.65
CA ASP F 31 1.17 -49.08 -32.29
C ASP F 31 0.80 -50.03 -31.15
N PRO F 32 -0.15 -49.64 -30.28
CA PRO F 32 -0.55 -50.56 -29.20
C PRO F 32 -0.88 -51.95 -29.67
N THR F 33 -1.38 -52.12 -30.90
CA THR F 33 -1.65 -53.46 -31.40
C THR F 33 -0.38 -54.24 -31.69
N GLY F 34 0.78 -53.60 -31.69
CA GLY F 34 2.00 -54.25 -32.09
C GLY F 34 2.43 -54.02 -33.52
N THR F 35 1.80 -53.08 -34.23
CA THR F 35 2.11 -52.81 -35.62
C THR F 35 2.99 -51.57 -35.72
N TYR F 36 4.07 -51.68 -36.47
CA TYR F 36 5.02 -50.59 -36.59
C TYR F 36 4.49 -49.51 -37.54
N HIS F 37 4.57 -48.25 -37.09
CA HIS F 37 4.21 -47.11 -37.91
C HIS F 37 5.22 -45.98 -37.78
N GLY F 38 6.46 -46.28 -37.41
CA GLY F 38 7.45 -45.25 -37.20
C GLY F 38 7.90 -44.60 -38.50
N ASP F 39 8.74 -43.57 -38.34
CA ASP F 39 9.25 -42.81 -39.47
C ASP F 39 10.72 -43.04 -39.75
N SER F 40 11.54 -43.27 -38.73
CA SER F 40 12.98 -43.41 -38.88
C SER F 40 13.37 -44.89 -38.87
N ASP F 41 14.34 -45.23 -39.71
CA ASP F 41 14.73 -46.63 -39.84
C ASP F 41 15.47 -47.15 -38.62
N LEU F 42 16.14 -46.26 -37.87
CA LEU F 42 16.89 -46.71 -36.71
C LEU F 42 16.01 -47.41 -35.70
N GLN F 43 14.71 -47.08 -35.68
CA GLN F 43 13.79 -47.72 -34.75
C GLN F 43 13.73 -49.22 -34.98
N LEU F 44 13.71 -49.64 -36.25
CA LEU F 44 13.65 -51.06 -36.56
C LEU F 44 15.01 -51.74 -36.38
N GLU F 45 16.10 -51.01 -36.61
CA GLU F 45 17.42 -51.63 -36.60
C GLU F 45 17.71 -52.32 -35.28
N ARG F 46 17.20 -51.79 -34.17
CA ARG F 46 17.41 -52.37 -32.85
C ARG F 46 16.11 -52.69 -32.14
N ILE F 47 15.00 -52.79 -32.89
CA ILE F 47 13.71 -53.10 -32.27
C ILE F 47 13.74 -54.46 -31.62
N ASN F 48 14.68 -55.32 -32.03
CA ASN F 48 14.80 -56.65 -31.47
C ASN F 48 15.42 -56.65 -30.07
N VAL F 49 15.83 -55.49 -29.56
CA VAL F 49 16.43 -55.44 -28.23
C VAL F 49 15.37 -55.69 -27.17
N TYR F 50 14.16 -55.16 -27.37
CA TYR F 50 13.04 -55.35 -26.46
C TYR F 50 11.89 -56.16 -27.07
N TYR F 51 11.63 -55.99 -28.36
CA TYR F 51 10.47 -56.56 -29.01
C TYR F 51 10.87 -57.76 -29.86
N ASN F 52 10.19 -58.88 -29.68
CA ASN F 52 10.29 -59.99 -30.62
C ASN F 52 9.42 -59.66 -31.83
N GLU F 53 9.15 -60.65 -32.68
CA GLU F 53 8.43 -60.40 -33.91
C GLU F 53 7.59 -61.61 -34.30
N ALA F 54 6.43 -61.32 -34.88
CA ALA F 54 5.54 -62.34 -35.42
C ALA F 54 5.05 -61.89 -36.78
N THR F 55 4.94 -62.85 -37.70
CA THR F 55 4.61 -62.54 -39.09
C THR F 55 3.44 -61.56 -39.16
N GLY F 56 3.51 -60.64 -40.12
CA GLY F 56 2.54 -59.58 -40.22
C GLY F 56 2.94 -58.28 -39.53
N GLY F 57 4.14 -58.22 -38.96
CA GLY F 57 4.61 -57.02 -38.30
C GLY F 57 4.30 -56.93 -36.82
N LYS F 58 3.58 -57.89 -36.26
CA LYS F 58 3.25 -57.88 -34.84
C LYS F 58 4.52 -58.04 -34.02
N TYR F 59 4.87 -57.01 -33.25
CA TYR F 59 6.05 -57.02 -32.41
C TYR F 59 5.64 -57.34 -30.97
N VAL F 60 6.21 -58.40 -30.43
CA VAL F 60 5.87 -58.87 -29.10
C VAL F 60 6.95 -58.46 -28.11
N PRO F 61 6.67 -57.54 -27.19
CA PRO F 61 7.66 -57.21 -26.15
C PRO F 61 7.80 -58.36 -25.16
N ARG F 62 9.03 -58.83 -25.01
CA ARG F 62 9.34 -59.90 -24.05
C ARG F 62 9.49 -59.28 -22.66
N ALA F 63 8.34 -58.99 -22.07
CA ALA F 63 8.27 -58.73 -20.64
C ALA F 63 7.65 -59.95 -19.97
N VAL F 64 8.07 -60.21 -18.74
CA VAL F 64 7.48 -61.27 -17.92
C VAL F 64 6.82 -60.61 -16.73
N LEU F 65 5.49 -60.70 -16.67
CA LEU F 65 4.69 -60.04 -15.64
C LEU F 65 4.22 -61.09 -14.65
N VAL F 66 4.62 -60.93 -13.40
CA VAL F 66 4.33 -61.91 -12.35
C VAL F 66 3.76 -61.18 -11.14
N ASP F 67 2.66 -61.71 -10.60
CA ASP F 67 2.11 -61.22 -9.35
C ASP F 67 1.31 -62.36 -8.72
N LEU F 68 1.16 -62.30 -7.40
CA LEU F 68 0.54 -63.37 -6.64
C LEU F 68 -0.98 -63.24 -6.58
N GLU F 69 -1.57 -62.19 -7.16
CA GLU F 69 -3.01 -62.07 -7.25
C GLU F 69 -3.38 -61.43 -8.58
N PRO F 70 -4.48 -61.85 -9.22
CA PRO F 70 -4.81 -61.35 -10.56
C PRO F 70 -5.16 -59.88 -10.61
N GLY F 71 -5.44 -59.24 -9.47
CA GLY F 71 -5.95 -57.89 -9.44
C GLY F 71 -5.24 -56.92 -10.36
N THR F 72 -3.96 -56.63 -10.08
CA THR F 72 -3.25 -55.61 -10.83
C THR F 72 -3.11 -55.99 -12.30
N MET F 73 -2.77 -57.25 -12.57
CA MET F 73 -2.51 -57.67 -13.94
C MET F 73 -3.77 -57.57 -14.79
N ASP F 74 -4.92 -57.90 -14.23
CA ASP F 74 -6.17 -57.76 -14.97
C ASP F 74 -6.37 -56.33 -15.43
N SER F 75 -5.94 -55.35 -14.63
CA SER F 75 -6.00 -53.96 -15.05
C SER F 75 -5.09 -53.71 -16.24
N VAL F 76 -3.87 -54.25 -16.20
CA VAL F 76 -2.94 -54.09 -17.31
C VAL F 76 -3.50 -54.75 -18.55
N ARG F 77 -4.04 -55.96 -18.42
CA ARG F 77 -4.60 -56.65 -19.57
C ARG F 77 -5.76 -55.87 -20.17
N SER F 78 -6.62 -55.30 -19.32
CA SER F 78 -7.73 -54.51 -19.82
C SER F 78 -7.31 -53.10 -20.21
N GLY F 79 -6.14 -52.65 -19.76
CA GLY F 79 -5.58 -51.40 -20.23
C GLY F 79 -5.63 -51.26 -21.75
N PRO F 80 -5.54 -50.03 -22.24
CA PRO F 80 -5.46 -49.83 -23.70
C PRO F 80 -4.22 -50.46 -24.30
N PHE F 81 -3.13 -50.51 -23.55
CA PHE F 81 -1.86 -51.03 -24.00
C PHE F 81 -1.63 -52.49 -23.60
N GLY F 82 -2.65 -53.14 -23.04
CA GLY F 82 -2.52 -54.52 -22.62
C GLY F 82 -2.65 -55.54 -23.73
N GLN F 83 -3.06 -55.12 -24.93
CA GLN F 83 -3.20 -56.03 -26.05
C GLN F 83 -1.86 -56.43 -26.65
N ILE F 84 -0.77 -55.79 -26.24
CA ILE F 84 0.54 -56.03 -26.85
C ILE F 84 1.24 -57.22 -26.23
N PHE F 85 1.13 -57.40 -24.91
CA PHE F 85 1.87 -58.46 -24.23
C PHE F 85 1.38 -59.83 -24.69
N ARG F 86 2.31 -60.79 -24.71
CA ARG F 86 1.95 -62.16 -25.03
C ARG F 86 1.15 -62.74 -23.86
N PRO F 87 -0.08 -63.20 -24.09
CA PRO F 87 -0.90 -63.70 -22.98
C PRO F 87 -0.19 -64.75 -22.13
N ASP F 88 0.72 -65.52 -22.75
CA ASP F 88 1.44 -66.54 -22.04
C ASP F 88 2.44 -65.98 -21.03
N ASN F 89 2.73 -64.68 -21.07
CA ASN F 89 3.72 -64.11 -20.17
C ASN F 89 3.12 -63.81 -18.81
N PHE F 90 1.90 -63.27 -18.76
CA PHE F 90 1.23 -63.05 -17.49
C PHE F 90 1.25 -64.32 -16.64
N VAL F 91 1.94 -64.25 -15.50
CA VAL F 91 1.97 -65.34 -14.53
C VAL F 91 1.22 -64.84 -13.30
N PHE F 92 0.01 -65.33 -13.12
CA PHE F 92 -0.87 -64.87 -12.04
C PHE F 92 -1.17 -66.02 -11.09
N GLY F 93 -1.17 -65.71 -9.80
CA GLY F 93 -1.55 -66.65 -8.76
C GLY F 93 -3.01 -66.52 -8.40
N GLN F 94 -3.35 -67.04 -7.22
CA GLN F 94 -4.72 -66.96 -6.72
C GLN F 94 -4.81 -66.60 -5.25
N SER F 95 -3.69 -66.37 -4.58
CA SER F 95 -3.68 -65.91 -3.18
C SER F 95 -2.50 -64.96 -3.02
N GLY F 96 -2.79 -63.66 -3.11
CA GLY F 96 -1.74 -62.67 -3.05
C GLY F 96 -1.08 -62.61 -1.68
N ALA F 97 0.10 -62.00 -1.66
CA ALA F 97 0.89 -61.87 -0.43
C ALA F 97 0.37 -60.71 0.39
N GLY F 98 0.25 -60.91 1.70
CA GLY F 98 -0.23 -59.87 2.59
C GLY F 98 0.87 -59.00 3.14
N ASN F 99 1.80 -58.59 2.27
CA ASN F 99 2.94 -57.73 2.59
C ASN F 99 3.93 -58.41 3.51
N ASN F 100 3.80 -59.71 3.78
CA ASN F 100 4.75 -60.43 4.60
C ASN F 100 5.77 -61.12 3.69
N TRP F 101 7.05 -60.82 3.93
CA TRP F 101 8.13 -61.30 3.06
C TRP F 101 8.16 -62.82 3.00
N ALA F 102 7.91 -63.48 4.13
CA ALA F 102 8.04 -64.94 4.17
C ALA F 102 7.08 -65.62 3.22
N LYS F 103 5.82 -65.15 3.18
CA LYS F 103 4.82 -65.79 2.33
C LYS F 103 5.21 -65.70 0.86
N GLY F 104 5.64 -64.52 0.41
CA GLY F 104 6.05 -64.34 -0.97
C GLY F 104 7.42 -64.89 -1.30
N HIS F 105 8.14 -65.41 -0.30
CA HIS F 105 9.47 -65.95 -0.50
C HIS F 105 9.58 -67.44 -0.16
N TYR F 106 8.79 -67.94 0.77
CA TYR F 106 8.87 -69.33 1.20
C TYR F 106 7.66 -70.17 0.81
N THR F 107 6.45 -69.76 1.20
CA THR F 107 5.29 -70.62 1.10
C THR F 107 4.47 -70.39 -0.16
N GLU F 108 4.45 -69.17 -0.70
CA GLU F 108 3.60 -68.84 -1.83
C GLU F 108 4.39 -68.52 -3.10
N GLY F 109 5.49 -67.77 -2.98
CA GLY F 109 6.35 -67.57 -4.13
C GLY F 109 7.00 -68.86 -4.59
N ALA F 110 7.31 -69.75 -3.64
CA ALA F 110 7.92 -71.02 -4.00
C ALA F 110 7.01 -71.82 -4.94
N GLU F 111 5.70 -71.75 -4.74
CA GLU F 111 4.79 -72.53 -5.56
C GLU F 111 4.66 -71.94 -6.96
N LEU F 112 4.87 -70.64 -7.11
CA LEU F 112 4.66 -69.96 -8.38
C LEU F 112 5.95 -69.66 -9.13
N VAL F 113 7.11 -69.77 -8.48
CA VAL F 113 8.35 -69.33 -9.10
C VAL F 113 8.73 -70.25 -10.24
N ASP F 114 8.53 -71.56 -10.07
CA ASP F 114 8.88 -72.51 -11.12
C ASP F 114 8.17 -72.20 -12.42
N SER F 115 6.94 -71.68 -12.34
CA SER F 115 6.21 -71.34 -13.57
C SER F 115 6.86 -70.17 -14.29
N VAL F 116 7.44 -69.22 -13.57
CA VAL F 116 7.99 -68.03 -14.19
C VAL F 116 9.24 -68.38 -14.99
N LEU F 117 10.13 -69.19 -14.43
CA LEU F 117 11.35 -69.56 -15.14
C LEU F 117 11.00 -70.25 -16.46
N ASP F 118 9.93 -71.04 -16.48
CA ASP F 118 9.48 -71.64 -17.73
C ASP F 118 9.16 -70.59 -18.78
N VAL F 119 8.87 -69.35 -18.37
CA VAL F 119 8.57 -68.30 -19.32
C VAL F 119 9.79 -67.42 -19.59
N VAL F 120 10.70 -67.31 -18.62
CA VAL F 120 11.94 -66.59 -18.86
C VAL F 120 12.82 -67.35 -19.84
N ARG F 121 12.94 -68.67 -19.64
CA ARG F 121 13.83 -69.46 -20.48
C ARG F 121 13.43 -69.40 -21.94
N LYS F 122 12.12 -69.42 -22.23
CA LYS F 122 11.67 -69.28 -23.60
C LYS F 122 12.08 -67.93 -24.18
N GLU F 123 11.93 -66.86 -23.39
CA GLU F 123 12.41 -65.55 -23.84
C GLU F 123 13.93 -65.45 -23.76
N ALA F 124 14.57 -66.40 -23.08
CA ALA F 124 16.03 -66.38 -22.98
C ALA F 124 16.67 -67.10 -24.15
N GLU F 125 16.09 -68.22 -24.57
CA GLU F 125 16.60 -68.98 -25.70
C GLU F 125 16.14 -68.42 -27.04
N SER F 126 15.22 -67.45 -27.04
CA SER F 126 14.80 -66.80 -28.28
C SER F 126 15.65 -65.58 -28.61
N CYS F 127 16.70 -65.32 -27.84
CA CYS F 127 17.61 -64.20 -28.05
C CYS F 127 18.97 -64.74 -28.45
N ASP F 128 19.54 -64.17 -29.51
CA ASP F 128 20.80 -64.70 -30.02
C ASP F 128 21.98 -64.31 -29.13
N CYS F 129 22.00 -63.07 -28.62
CA CYS F 129 22.92 -62.71 -27.54
C CYS F 129 22.10 -62.04 -26.45
N LEU F 130 21.86 -62.76 -25.36
CA LEU F 130 21.14 -62.18 -24.23
C LEU F 130 22.11 -61.42 -23.34
N GLN F 131 21.93 -60.10 -23.26
CA GLN F 131 22.85 -59.30 -22.45
C GLN F 131 22.60 -59.48 -20.97
N GLY F 132 21.44 -59.04 -20.48
CA GLY F 132 21.12 -59.25 -19.08
C GLY F 132 19.64 -59.04 -18.84
N PHE F 133 19.21 -59.41 -17.64
CA PHE F 133 17.83 -59.29 -17.23
C PHE F 133 17.57 -57.92 -16.62
N GLN F 134 16.29 -57.56 -16.57
CA GLN F 134 15.84 -56.30 -15.97
C GLN F 134 14.68 -56.60 -15.04
N LEU F 135 14.69 -55.98 -13.86
CA LEU F 135 13.70 -56.27 -12.82
C LEU F 135 13.21 -54.98 -12.18
N THR F 136 11.90 -54.90 -11.97
CA THR F 136 11.25 -53.75 -11.35
C THR F 136 10.29 -54.26 -10.28
N HIS F 137 10.49 -53.80 -9.05
CA HIS F 137 9.68 -54.27 -7.93
C HIS F 137 9.75 -53.23 -6.81
N SER F 138 9.21 -53.59 -5.65
CA SER F 138 9.21 -52.74 -4.47
C SER F 138 9.68 -53.55 -3.27
N LEU F 139 10.59 -52.97 -2.49
CA LEU F 139 11.11 -53.66 -1.31
C LEU F 139 10.06 -53.74 -0.20
N GLY F 140 9.26 -52.70 -0.04
CA GLY F 140 8.33 -52.66 1.09
C GLY F 140 7.30 -53.77 1.05
N GLY F 141 6.73 -54.01 -0.13
CA GLY F 141 5.67 -54.99 -0.27
C GLY F 141 6.13 -56.41 0.00
N GLY F 142 5.25 -57.37 -0.25
CA GLY F 142 5.58 -58.76 -0.05
C GLY F 142 5.93 -59.47 -1.35
N THR F 143 5.18 -59.16 -2.41
CA THR F 143 5.41 -59.82 -3.70
C THR F 143 6.65 -59.25 -4.40
N GLY F 144 6.85 -57.92 -4.31
CA GLY F 144 8.01 -57.33 -4.95
C GLY F 144 9.29 -57.64 -4.21
N SER F 145 9.17 -58.04 -2.94
CA SER F 145 10.34 -58.39 -2.14
C SER F 145 10.51 -59.91 -2.04
N GLY F 146 9.48 -60.59 -1.54
CA GLY F 146 9.54 -62.04 -1.42
C GLY F 146 9.87 -62.76 -2.71
N MET F 147 8.96 -62.71 -3.67
CA MET F 147 9.17 -63.40 -4.94
C MET F 147 10.20 -62.68 -5.80
N GLY F 148 10.24 -61.35 -5.76
CA GLY F 148 11.26 -60.63 -6.51
C GLY F 148 12.66 -61.05 -6.12
N THR F 149 12.93 -61.11 -4.81
CA THR F 149 14.22 -61.58 -4.35
C THR F 149 14.39 -63.08 -4.61
N LEU F 150 13.31 -63.84 -4.52
CA LEU F 150 13.38 -65.27 -4.86
C LEU F 150 13.70 -65.46 -6.33
N LEU F 151 13.08 -64.67 -7.20
CA LEU F 151 13.30 -64.82 -8.63
C LEU F 151 14.69 -64.32 -9.03
N ILE F 152 15.11 -63.18 -8.49
CA ILE F 152 16.43 -62.65 -8.82
C ILE F 152 17.52 -63.61 -8.36
N SER F 153 17.29 -64.32 -7.25
CA SER F 153 18.24 -65.32 -6.80
C SER F 153 18.33 -66.48 -7.79
N LYS F 154 17.18 -66.93 -8.30
CA LYS F 154 17.17 -68.06 -9.22
C LYS F 154 17.88 -67.72 -10.53
N ILE F 155 17.52 -66.58 -11.13
CA ILE F 155 18.14 -66.19 -12.39
C ILE F 155 19.62 -65.93 -12.24
N ARG F 156 20.09 -65.66 -11.02
CA ARG F 156 21.52 -65.55 -10.77
C ARG F 156 22.19 -66.92 -10.89
N GLU F 157 21.52 -67.99 -10.46
CA GLU F 157 22.12 -69.31 -10.51
C GLU F 157 22.32 -69.78 -11.94
N GLU F 158 21.29 -69.64 -12.78
CA GLU F 158 21.38 -70.12 -14.15
C GLU F 158 22.22 -69.19 -15.03
N TYR F 159 22.13 -67.88 -14.80
CA TYR F 159 22.79 -66.88 -15.62
C TYR F 159 23.71 -66.04 -14.73
N PRO F 160 24.71 -66.67 -14.11
CA PRO F 160 25.64 -65.90 -13.27
C PRO F 160 26.36 -64.81 -14.04
N ASP F 161 26.74 -65.06 -15.29
CA ASP F 161 27.53 -64.10 -16.05
C ASP F 161 26.69 -62.94 -16.55
N ARG F 162 25.43 -63.17 -16.89
CA ARG F 162 24.61 -62.12 -17.48
C ARG F 162 24.37 -60.98 -16.50
N ILE F 163 24.15 -59.79 -17.05
CA ILE F 163 23.86 -58.62 -16.24
C ILE F 163 22.44 -58.73 -15.68
N MET F 164 22.21 -58.10 -14.53
CA MET F 164 20.88 -58.06 -13.93
C MET F 164 20.77 -56.76 -13.13
N ASN F 165 20.13 -55.76 -13.73
CA ASN F 165 19.93 -54.47 -13.09
C ASN F 165 18.51 -54.38 -12.55
N THR F 166 18.37 -53.67 -11.44
CA THR F 166 17.10 -53.56 -10.73
C THR F 166 16.75 -52.10 -10.50
N PHE F 167 15.55 -51.72 -10.93
CA PHE F 167 14.94 -50.44 -10.57
C PHE F 167 13.94 -50.74 -9.47
N SER F 168 14.28 -50.38 -8.24
CA SER F 168 13.53 -50.79 -7.06
C SER F 168 13.10 -49.58 -6.24
N VAL F 169 11.86 -49.59 -5.81
CA VAL F 169 11.32 -48.56 -4.93
C VAL F 169 11.73 -48.87 -3.50
N VAL F 170 12.23 -47.85 -2.81
CA VAL F 170 12.78 -48.01 -1.46
C VAL F 170 11.83 -47.30 -0.48
N PRO F 171 11.66 -47.81 0.74
CA PRO F 171 10.77 -47.11 1.68
C PRO F 171 11.19 -45.68 1.91
N SER F 172 10.20 -44.80 2.04
CA SER F 172 10.45 -43.38 2.20
C SER F 172 11.00 -43.10 3.61
N PRO F 173 11.77 -42.01 3.75
CA PRO F 173 12.43 -41.76 5.04
C PRO F 173 11.46 -41.54 6.20
N LYS F 174 10.32 -40.90 5.96
CA LYS F 174 9.40 -40.54 7.04
C LYS F 174 7.98 -41.01 6.85
N VAL F 175 7.47 -41.05 5.63
CA VAL F 175 6.11 -41.54 5.36
C VAL F 175 6.21 -43.02 5.02
N SER F 176 5.13 -43.76 5.26
CA SER F 176 5.15 -45.18 4.96
C SER F 176 3.74 -45.65 4.62
N ASP F 177 3.62 -46.38 3.51
CA ASP F 177 2.35 -46.96 3.10
C ASP F 177 2.20 -48.39 3.60
N THR F 178 3.11 -48.86 4.45
CA THR F 178 3.00 -50.18 5.04
C THR F 178 3.73 -50.17 6.38
N VAL F 179 3.24 -51.01 7.30
CA VAL F 179 3.77 -51.01 8.66
C VAL F 179 5.02 -51.88 8.79
N VAL F 180 5.12 -52.92 7.98
CA VAL F 180 6.21 -53.89 8.09
C VAL F 180 7.34 -53.60 7.10
N GLU F 181 7.43 -52.37 6.59
CA GLU F 181 8.47 -52.02 5.63
C GLU F 181 9.88 -52.32 6.11
N PRO F 182 10.22 -52.13 7.39
CA PRO F 182 11.60 -52.45 7.81
C PRO F 182 11.90 -53.93 7.70
N TYR F 183 11.02 -54.78 8.22
CA TYR F 183 11.21 -56.22 8.07
C TYR F 183 11.36 -56.61 6.61
N ASN F 184 10.41 -56.19 5.75
CA ASN F 184 10.47 -56.57 4.34
C ASN F 184 11.70 -55.97 3.66
N ALA F 185 11.97 -54.69 3.89
CA ALA F 185 13.10 -54.04 3.23
C ALA F 185 14.42 -54.65 3.70
N THR F 186 14.55 -54.88 5.01
CA THR F 186 15.81 -55.40 5.53
C THR F 186 16.13 -56.76 4.95
N LEU F 187 15.14 -57.65 4.88
CA LEU F 187 15.37 -58.96 4.29
C LEU F 187 15.71 -58.86 2.81
N SER F 188 15.06 -57.93 2.11
CA SER F 188 15.30 -57.77 0.67
C SER F 188 16.73 -57.32 0.38
N VAL F 189 17.23 -56.37 1.16
CA VAL F 189 18.59 -55.87 0.93
C VAL F 189 19.60 -56.98 1.20
N HIS F 190 19.40 -57.75 2.27
CA HIS F 190 20.31 -58.84 2.57
C HIS F 190 20.36 -59.85 1.44
N GLN F 191 19.34 -59.88 0.59
CA GLN F 191 19.21 -60.86 -0.47
C GLN F 191 19.64 -60.30 -1.83
N LEU F 192 19.64 -58.98 -1.99
CA LEU F 192 20.08 -58.37 -3.25
C LEU F 192 21.60 -58.20 -3.28
N VAL F 193 22.19 -57.82 -2.15
CA VAL F 193 23.62 -57.52 -2.08
C VAL F 193 24.45 -58.64 -2.68
N GLU F 194 23.93 -59.87 -2.68
CA GLU F 194 24.68 -61.03 -3.15
C GLU F 194 24.35 -61.43 -4.58
N ASN F 195 23.33 -60.83 -5.19
CA ASN F 195 22.84 -61.33 -6.47
C ASN F 195 22.76 -60.25 -7.54
N THR F 196 22.36 -59.04 -7.18
CA THR F 196 22.09 -57.98 -8.14
C THR F 196 23.38 -57.23 -8.46
N ASP F 197 23.63 -57.04 -9.76
CA ASP F 197 24.84 -56.33 -10.19
C ASP F 197 24.72 -54.83 -9.95
N GLU F 198 23.57 -54.24 -10.21
CA GLU F 198 23.37 -52.82 -9.98
C GLU F 198 21.91 -52.58 -9.63
N THR F 199 21.69 -51.72 -8.64
CA THR F 199 20.36 -51.39 -8.14
C THR F 199 20.18 -49.87 -8.18
N TYR F 200 18.99 -49.44 -8.59
CA TYR F 200 18.66 -48.02 -8.71
C TYR F 200 17.64 -47.68 -7.63
N CYS F 201 18.13 -47.29 -6.46
CA CYS F 201 17.26 -46.98 -5.34
C CYS F 201 16.49 -45.70 -5.59
N ILE F 202 15.16 -45.79 -5.55
CA ILE F 202 14.29 -44.63 -5.69
C ILE F 202 13.18 -44.73 -4.65
N ASP F 203 12.60 -43.58 -4.33
CA ASP F 203 11.54 -43.49 -3.33
C ASP F 203 10.53 -42.44 -3.76
N ASN F 204 9.26 -42.70 -3.42
CA ASN F 204 8.19 -41.78 -3.80
C ASN F 204 8.39 -40.40 -3.20
N GLU F 205 8.75 -40.32 -1.92
CA GLU F 205 8.84 -39.02 -1.27
C GLU F 205 9.75 -38.08 -2.04
N ALA F 206 10.96 -38.53 -2.38
CA ALA F 206 11.85 -37.70 -3.17
C ALA F 206 11.25 -37.41 -4.54
N LEU F 207 10.63 -38.40 -5.16
CA LEU F 207 10.02 -38.23 -6.47
C LEU F 207 8.77 -37.36 -6.42
N TYR F 208 8.05 -37.37 -5.29
CA TYR F 208 6.99 -36.38 -5.08
C TYR F 208 7.55 -34.98 -5.17
N ASP F 209 8.72 -34.75 -4.56
CA ASP F 209 9.29 -33.42 -4.50
C ASP F 209 9.45 -32.82 -5.89
N ILE F 210 9.80 -33.65 -6.88
CA ILE F 210 9.96 -33.16 -8.24
C ILE F 210 8.64 -32.63 -8.78
N CYS F 211 7.54 -33.31 -8.45
CA CYS F 211 6.25 -32.94 -9.04
C CYS F 211 5.90 -31.49 -8.76
N PHE F 212 5.89 -31.09 -7.49
CA PHE F 212 5.46 -29.75 -7.15
C PHE F 212 6.60 -28.73 -7.10
N ARG F 213 7.84 -29.16 -6.89
CA ARG F 213 8.92 -28.19 -6.69
C ARG F 213 9.47 -27.69 -8.03
N THR F 214 10.04 -28.59 -8.84
CA THR F 214 10.58 -28.19 -10.14
C THR F 214 9.50 -28.18 -11.23
N LEU F 215 8.58 -29.13 -11.20
CA LEU F 215 7.34 -29.03 -11.97
C LEU F 215 6.27 -28.38 -11.10
N LYS F 216 5.14 -28.06 -11.72
CA LYS F 216 4.02 -27.44 -11.03
C LYS F 216 2.76 -28.20 -11.44
N LEU F 217 2.59 -29.39 -10.87
CA LEU F 217 1.46 -30.26 -11.22
C LEU F 217 1.15 -31.10 -9.97
N THR F 218 0.10 -30.73 -9.26
CA THR F 218 -0.24 -31.37 -7.99
C THR F 218 -1.19 -32.55 -8.15
N THR F 219 -1.97 -32.62 -9.23
CA THR F 219 -3.04 -33.61 -9.29
C THR F 219 -2.53 -35.05 -9.26
N PRO F 220 -1.55 -35.46 -10.08
CA PRO F 220 -1.21 -36.87 -10.19
C PRO F 220 -0.10 -37.31 -9.23
N THR F 221 -0.20 -38.58 -8.83
CA THR F 221 0.87 -39.24 -8.08
C THR F 221 1.45 -40.43 -8.83
N TYR F 222 0.63 -41.42 -9.16
CA TYR F 222 1.12 -42.68 -9.70
C TYR F 222 1.11 -42.75 -11.21
N GLY F 223 0.27 -41.95 -11.87
CA GLY F 223 0.26 -41.93 -13.32
C GLY F 223 1.45 -41.22 -13.92
N ASP F 224 2.14 -40.40 -13.13
CA ASP F 224 3.25 -39.59 -13.63
C ASP F 224 4.59 -39.91 -13.00
N LEU F 225 4.63 -40.17 -11.69
CA LEU F 225 5.87 -40.64 -11.08
C LEU F 225 6.43 -41.84 -11.82
N ASN F 226 5.55 -42.77 -12.21
CA ASN F 226 5.99 -43.92 -12.99
C ASN F 226 6.54 -43.49 -14.35
N HIS F 227 6.05 -42.36 -14.88
CA HIS F 227 6.49 -41.91 -16.20
C HIS F 227 7.87 -41.28 -16.12
N LEU F 228 8.14 -40.57 -15.02
CA LEU F 228 9.50 -40.11 -14.76
C LEU F 228 10.45 -41.30 -14.59
N VAL F 229 10.02 -42.31 -13.83
CA VAL F 229 10.83 -43.52 -13.67
C VAL F 229 11.03 -44.20 -15.02
N SER F 230 9.97 -44.30 -15.82
CA SER F 230 10.10 -44.97 -17.11
C SER F 230 11.09 -44.26 -18.02
N ALA F 231 11.05 -42.93 -18.02
CA ALA F 231 12.01 -42.17 -18.82
C ALA F 231 13.43 -42.42 -18.35
N THR F 232 13.63 -42.49 -17.02
CA THR F 232 14.96 -42.70 -16.49
C THR F 232 15.54 -44.03 -16.96
N MET F 233 14.79 -45.12 -16.77
CA MET F 233 15.28 -46.43 -17.15
C MET F 233 15.43 -46.56 -18.65
N SER F 234 14.60 -45.87 -19.42
CA SER F 234 14.75 -45.87 -20.88
C SER F 234 16.06 -45.22 -21.29
N GLY F 235 16.44 -44.13 -20.61
CA GLY F 235 17.71 -43.49 -20.91
C GLY F 235 18.90 -44.43 -20.72
N VAL F 236 18.83 -45.30 -19.71
CA VAL F 236 19.96 -46.16 -19.39
C VAL F 236 20.23 -47.15 -20.51
N THR F 237 19.18 -47.62 -21.17
CA THR F 237 19.27 -48.64 -22.20
C THR F 237 19.20 -48.07 -23.61
N THR F 238 19.37 -46.76 -23.75
CA THR F 238 19.26 -46.13 -25.07
C THR F 238 20.42 -46.52 -25.98
N CYS F 239 21.62 -46.63 -25.41
CA CYS F 239 22.80 -46.91 -26.23
C CYS F 239 22.68 -48.23 -26.96
N LEU F 240 21.91 -49.18 -26.41
CA LEU F 240 21.73 -50.48 -27.04
C LEU F 240 20.66 -50.45 -28.13
N ARG F 241 20.03 -49.31 -28.37
CA ARG F 241 18.92 -49.22 -29.30
C ARG F 241 19.11 -48.19 -30.41
N PHE F 242 19.97 -47.20 -30.21
CA PHE F 242 20.19 -46.14 -31.19
C PHE F 242 21.68 -45.86 -31.30
N PRO F 243 22.12 -45.33 -32.44
CA PRO F 243 23.54 -45.03 -32.59
C PRO F 243 23.97 -43.89 -31.68
N GLY F 244 25.24 -43.92 -31.30
CA GLY F 244 25.80 -42.90 -30.42
C GLY F 244 27.26 -42.70 -30.68
N GLN F 245 27.73 -41.48 -30.44
CA GLN F 245 29.14 -41.17 -30.61
C GLN F 245 30.00 -41.97 -29.63
N LEU F 246 29.54 -42.08 -28.38
CA LEU F 246 30.24 -42.84 -27.34
C LEU F 246 29.21 -43.79 -26.72
N ASN F 247 29.07 -44.97 -27.33
CA ASN F 247 28.01 -45.89 -26.94
C ASN F 247 28.31 -46.52 -25.59
N ALA F 248 27.29 -46.59 -24.75
CA ALA F 248 27.39 -47.19 -23.43
C ALA F 248 26.58 -48.49 -23.36
N ASP F 249 26.51 -49.09 -22.18
CA ASP F 249 26.00 -50.44 -22.04
C ASP F 249 25.85 -50.76 -20.56
N LEU F 250 24.95 -51.70 -20.26
CA LEU F 250 24.70 -52.06 -18.87
C LEU F 250 25.98 -52.53 -18.19
N ARG F 251 26.86 -53.21 -18.92
CA ARG F 251 28.12 -53.66 -18.35
C ARG F 251 29.12 -52.52 -18.21
N LYS F 252 29.09 -51.55 -19.13
CA LYS F 252 29.98 -50.40 -19.04
C LYS F 252 29.71 -49.58 -17.79
N LEU F 253 28.43 -49.37 -17.47
CA LEU F 253 28.10 -48.58 -16.28
C LEU F 253 28.43 -49.35 -15.01
N ALA F 254 28.17 -50.66 -15.01
CA ALA F 254 28.47 -51.48 -13.83
C ALA F 254 29.95 -51.38 -13.46
N VAL F 255 30.82 -51.58 -14.44
CA VAL F 255 32.26 -51.49 -14.22
C VAL F 255 32.64 -50.10 -13.73
N ASN F 256 32.13 -49.06 -14.39
CA ASN F 256 32.48 -47.70 -14.01
C ASN F 256 31.88 -47.32 -12.66
N MET F 257 30.67 -47.78 -12.37
CA MET F 257 29.92 -47.32 -11.21
C MET F 257 29.96 -48.28 -10.03
N VAL F 258 30.67 -49.40 -10.14
CA VAL F 258 30.70 -50.39 -9.06
C VAL F 258 32.14 -50.69 -8.70
N PRO F 259 32.75 -49.91 -7.81
CA PRO F 259 34.13 -50.24 -7.39
C PRO F 259 34.24 -51.58 -6.69
N PHE F 260 33.35 -51.87 -5.74
CA PHE F 260 33.37 -53.09 -4.97
C PHE F 260 32.05 -53.83 -5.14
N PRO F 261 32.06 -55.16 -5.02
CA PRO F 261 30.85 -55.93 -5.31
C PRO F 261 29.65 -55.52 -4.48
N ARG F 262 29.86 -55.18 -3.21
CA ARG F 262 28.78 -54.91 -2.28
C ARG F 262 28.31 -53.46 -2.33
N LEU F 263 28.96 -52.60 -3.11
CA LEU F 263 28.56 -51.21 -3.26
C LEU F 263 28.04 -51.03 -4.68
N HIS F 264 26.74 -51.29 -4.86
CA HIS F 264 26.13 -51.19 -6.18
C HIS F 264 24.76 -50.53 -6.14
N PHE F 265 24.41 -49.85 -5.05
CA PHE F 265 23.12 -49.19 -4.90
C PHE F 265 23.30 -47.72 -5.27
N PHE F 266 22.77 -47.33 -6.43
CA PHE F 266 22.89 -45.98 -6.94
C PHE F 266 21.63 -45.19 -6.61
N MET F 267 21.52 -44.00 -7.19
CA MET F 267 20.32 -43.17 -7.06
C MET F 267 20.19 -42.32 -8.32
N PRO F 268 19.18 -42.56 -9.16
CA PRO F 268 19.15 -41.93 -10.47
C PRO F 268 18.70 -40.47 -10.42
N GLY F 269 18.84 -39.82 -11.56
CA GLY F 269 18.32 -38.48 -11.77
C GLY F 269 18.12 -38.23 -13.24
N PHE F 270 17.13 -37.39 -13.55
CA PHE F 270 16.77 -37.11 -14.93
C PHE F 270 16.63 -35.61 -15.13
N ALA F 271 16.90 -35.18 -16.36
CA ALA F 271 16.71 -33.81 -16.78
C ALA F 271 16.44 -33.80 -18.29
N PRO F 272 15.82 -32.75 -18.81
CA PRO F 272 15.25 -31.57 -18.13
C PRO F 272 13.89 -31.88 -17.50
N LEU F 273 13.56 -31.24 -16.38
CA LEU F 273 12.25 -31.39 -15.74
C LEU F 273 11.70 -29.98 -15.54
N THR F 274 11.05 -29.46 -16.57
CA THR F 274 10.46 -28.13 -16.56
C THR F 274 8.95 -28.22 -16.72
N SER F 275 8.24 -27.31 -16.07
CA SER F 275 6.81 -27.19 -16.27
C SER F 275 6.51 -26.61 -17.65
N ARG F 276 5.36 -26.99 -18.20
CA ARG F 276 4.99 -26.54 -19.53
C ARG F 276 4.94 -25.03 -19.61
N GLY F 277 4.49 -24.37 -18.54
CA GLY F 277 4.30 -22.93 -18.59
C GLY F 277 5.58 -22.15 -18.43
N SER F 278 6.54 -22.69 -17.67
CA SER F 278 7.83 -22.05 -17.46
C SER F 278 8.91 -22.55 -18.41
N GLN F 279 8.58 -23.47 -19.31
CA GLN F 279 9.59 -24.04 -20.19
C GLN F 279 10.15 -23.00 -21.15
N GLN F 280 9.29 -22.12 -21.66
CA GLN F 280 9.71 -21.12 -22.64
C GLN F 280 10.62 -20.06 -22.02
N TYR F 281 10.75 -20.03 -20.70
CA TYR F 281 11.64 -19.10 -20.00
C TYR F 281 12.96 -19.76 -19.63
N ARG F 282 13.40 -20.77 -20.38
CA ARG F 282 14.61 -21.50 -20.04
C ARG F 282 15.34 -21.92 -21.30
N ALA F 283 16.66 -21.84 -21.25
CA ALA F 283 17.53 -22.33 -22.31
C ALA F 283 17.69 -23.84 -22.20
N LEU F 284 17.84 -24.50 -23.34
CA LEU F 284 18.00 -25.94 -23.42
C LEU F 284 19.44 -26.34 -23.76
N THR F 285 20.41 -25.50 -23.38
CA THR F 285 21.80 -25.79 -23.69
C THR F 285 22.39 -26.77 -22.69
N VAL F 286 23.54 -27.34 -23.05
CA VAL F 286 24.16 -28.37 -22.22
C VAL F 286 24.50 -27.85 -20.83
N PRO F 287 25.12 -26.68 -20.66
CA PRO F 287 25.57 -26.27 -19.33
C PRO F 287 24.47 -26.33 -18.28
N GLU F 288 23.34 -25.66 -18.54
CA GLU F 288 22.26 -25.65 -17.57
C GLU F 288 21.73 -27.06 -17.30
N LEU F 289 21.61 -27.86 -18.35
CA LEU F 289 21.16 -29.24 -18.18
C LEU F 289 22.00 -29.98 -17.14
N THR F 290 23.32 -29.77 -17.17
CA THR F 290 24.22 -30.49 -16.28
C THR F 290 24.17 -29.97 -14.85
N GLN F 291 23.78 -28.72 -14.64
CA GLN F 291 23.82 -28.14 -13.30
C GLN F 291 22.84 -28.82 -12.37
N GLN F 292 21.63 -29.13 -12.86
CA GLN F 292 20.58 -29.66 -12.00
C GLN F 292 20.76 -31.14 -11.69
N MET F 293 21.66 -31.84 -12.38
CA MET F 293 21.86 -33.25 -12.10
C MET F 293 22.47 -33.48 -10.73
N PHE F 294 23.35 -32.59 -10.30
CA PHE F 294 24.13 -32.77 -9.08
C PHE F 294 23.52 -32.08 -7.87
N ASP F 295 22.33 -31.48 -8.00
CA ASP F 295 21.65 -30.84 -6.88
C ASP F 295 20.61 -31.79 -6.31
N ALA F 296 20.51 -31.82 -4.97
CA ALA F 296 19.55 -32.69 -4.32
C ALA F 296 18.11 -32.34 -4.65
N LYS F 297 17.90 -31.29 -5.43
CA LYS F 297 16.55 -30.95 -5.87
C LYS F 297 16.03 -31.93 -6.91
N ASN F 298 16.92 -32.52 -7.72
CA ASN F 298 16.57 -33.38 -8.84
C ASN F 298 17.13 -34.78 -8.65
N MET F 299 17.11 -35.28 -7.41
CA MET F 299 17.55 -36.63 -7.09
C MET F 299 16.35 -37.46 -6.70
N MET F 300 16.14 -38.57 -7.42
CA MET F 300 14.98 -39.43 -7.18
C MET F 300 15.16 -40.34 -5.98
N ALA F 301 16.20 -40.11 -5.17
CA ALA F 301 16.38 -40.80 -3.91
C ALA F 301 16.22 -39.80 -2.76
N ALA F 302 15.81 -40.31 -1.61
CA ALA F 302 15.60 -39.45 -0.45
C ALA F 302 16.91 -38.96 0.15
N CYS F 303 18.03 -39.61 -0.18
CA CYS F 303 19.31 -39.24 0.40
C CYS F 303 19.92 -38.05 -0.32
N ASP F 304 20.36 -37.05 0.44
CA ASP F 304 21.01 -35.88 -0.14
C ASP F 304 22.49 -36.17 -0.36
N PRO F 305 23.00 -35.96 -1.58
CA PRO F 305 24.43 -36.27 -1.82
C PRO F 305 25.38 -35.37 -1.04
N ARG F 306 24.92 -34.21 -0.57
CA ARG F 306 25.81 -33.27 0.10
C ARG F 306 26.38 -33.89 1.38
N HIS F 307 25.56 -34.63 2.12
CA HIS F 307 26.03 -35.23 3.37
C HIS F 307 27.13 -36.25 3.14
N GLY F 308 27.24 -36.80 1.93
CA GLY F 308 28.23 -37.81 1.64
C GLY F 308 29.16 -37.41 0.51
N ARG F 309 29.85 -38.40 -0.08
CA ARG F 309 30.79 -38.15 -1.16
C ARG F 309 30.52 -39.13 -2.28
N TYR F 310 30.56 -38.62 -3.52
CA TYR F 310 30.40 -39.49 -4.68
C TYR F 310 31.58 -40.43 -4.82
N LEU F 311 31.30 -41.68 -5.17
CA LEU F 311 32.35 -42.64 -5.49
C LEU F 311 32.54 -42.76 -6.99
N THR F 312 31.44 -42.89 -7.72
CA THR F 312 31.46 -42.95 -9.18
C THR F 312 30.18 -42.31 -9.69
N VAL F 313 30.28 -41.66 -10.85
CA VAL F 313 29.15 -40.97 -11.44
C VAL F 313 29.12 -41.26 -12.94
N ALA F 314 27.93 -41.47 -13.47
CA ALA F 314 27.74 -41.75 -14.88
C ALA F 314 26.64 -40.84 -15.44
N ALA F 315 26.91 -40.26 -16.61
CA ALA F 315 25.94 -39.47 -17.34
C ALA F 315 25.71 -40.13 -18.70
N VAL F 316 24.46 -40.19 -19.13
CA VAL F 316 24.11 -40.75 -20.43
C VAL F 316 23.29 -39.67 -21.14
N PHE F 317 23.98 -38.83 -21.92
CA PHE F 317 23.32 -37.78 -22.65
C PHE F 317 22.62 -38.35 -23.90
N ARG F 318 21.78 -37.51 -24.52
CA ARG F 318 21.04 -37.93 -25.70
C ARG F 318 20.85 -36.73 -26.62
N GLY F 319 20.62 -37.03 -27.90
CA GLY F 319 20.40 -36.00 -28.89
C GLY F 319 21.70 -35.52 -29.51
N ARG F 320 21.57 -34.62 -30.47
CA ARG F 320 22.74 -33.99 -31.10
C ARG F 320 23.33 -32.98 -30.13
N MET F 321 24.45 -33.34 -29.52
CA MET F 321 25.07 -32.53 -28.49
C MET F 321 26.57 -32.40 -28.76
N SER F 322 27.13 -31.22 -28.49
CA SER F 322 28.55 -31.00 -28.68
C SER F 322 29.32 -31.70 -27.58
N MET F 323 30.17 -32.67 -27.96
CA MET F 323 30.90 -33.45 -26.98
C MET F 323 31.91 -32.61 -26.20
N LYS F 324 32.33 -31.48 -26.74
CA LYS F 324 33.22 -30.60 -25.97
C LYS F 324 32.49 -30.01 -24.78
N GLU F 325 31.28 -29.47 -25.02
CA GLU F 325 30.46 -28.98 -23.91
C GLU F 325 30.10 -30.13 -22.97
N VAL F 326 29.85 -31.32 -23.52
CA VAL F 326 29.53 -32.46 -22.69
C VAL F 326 30.67 -32.82 -21.75
N ASP F 327 31.90 -32.42 -22.09
CA ASP F 327 33.07 -32.78 -21.32
C ASP F 327 33.65 -31.62 -20.51
N GLU F 328 33.56 -30.39 -21.02
CA GLU F 328 34.03 -29.24 -20.26
C GLU F 328 33.23 -29.04 -18.98
N GLN F 329 31.91 -29.25 -19.06
CA GLN F 329 31.06 -29.04 -17.90
C GLN F 329 31.36 -30.04 -16.79
N MET F 330 31.69 -31.28 -17.14
CA MET F 330 31.97 -32.29 -16.13
C MET F 330 33.26 -31.97 -15.39
N LEU F 331 34.31 -31.61 -16.14
CA LEU F 331 35.50 -31.08 -15.49
C LEU F 331 35.16 -29.91 -14.59
N ASN F 332 34.25 -29.04 -15.02
CA ASN F 332 33.85 -27.92 -14.19
C ASN F 332 33.18 -28.41 -12.90
N VAL F 333 32.31 -29.41 -13.01
CA VAL F 333 31.58 -29.92 -11.86
C VAL F 333 32.54 -30.50 -10.83
N GLN F 334 33.51 -31.29 -11.30
CA GLN F 334 34.42 -31.97 -10.38
C GLN F 334 35.24 -30.97 -9.57
N ASN F 335 35.70 -29.90 -10.22
CA ASN F 335 36.54 -28.93 -9.53
C ASN F 335 35.72 -28.06 -8.59
N LYS F 336 34.53 -27.64 -9.02
CA LYS F 336 33.70 -26.80 -8.17
C LYS F 336 33.31 -27.52 -6.89
N ASN F 337 33.05 -28.83 -6.97
CA ASN F 337 32.58 -29.61 -5.84
C ASN F 337 33.60 -30.66 -5.43
N SER F 338 34.87 -30.24 -5.36
CA SER F 338 35.94 -31.19 -5.07
C SER F 338 35.73 -31.93 -3.76
N SER F 339 35.02 -31.33 -2.81
CA SER F 339 34.74 -32.00 -1.54
C SER F 339 33.67 -33.06 -1.66
N TYR F 340 32.90 -33.07 -2.75
CA TYR F 340 31.85 -34.04 -2.95
C TYR F 340 32.32 -35.32 -3.60
N PHE F 341 33.59 -35.42 -3.96
CA PHE F 341 34.14 -36.59 -4.62
C PHE F 341 35.35 -37.11 -3.84
N VAL F 342 35.47 -38.43 -3.79
CA VAL F 342 36.53 -39.09 -3.03
C VAL F 342 37.85 -38.94 -3.79
N GLU F 343 38.93 -38.77 -3.04
CA GLU F 343 40.23 -38.55 -3.64
C GLU F 343 40.83 -39.83 -4.19
N TRP F 344 40.63 -40.95 -3.51
CA TRP F 344 41.23 -42.21 -3.93
C TRP F 344 40.71 -42.72 -5.27
N ILE F 345 39.76 -42.03 -5.90
CA ILE F 345 39.39 -42.30 -7.29
C ILE F 345 39.69 -41.05 -8.10
N PRO F 346 40.71 -41.06 -8.96
CA PRO F 346 41.08 -39.84 -9.68
C PRO F 346 39.96 -39.26 -10.51
N ASN F 347 39.15 -40.09 -11.19
CA ASN F 347 38.06 -39.57 -12.00
C ASN F 347 36.78 -40.31 -11.64
N ASN F 348 35.68 -39.56 -11.53
CA ASN F 348 34.44 -40.09 -11.02
C ASN F 348 33.26 -39.94 -11.98
N VAL F 349 33.47 -39.42 -13.19
CA VAL F 349 32.40 -39.11 -14.12
C VAL F 349 32.57 -39.97 -15.37
N LYS F 350 31.48 -40.63 -15.77
CA LYS F 350 31.43 -41.41 -17.00
C LYS F 350 30.39 -40.79 -17.92
N THR F 351 30.74 -40.60 -19.17
CA THR F 351 29.88 -39.93 -20.14
C THR F 351 29.54 -40.87 -21.28
N ALA F 352 28.33 -40.69 -21.81
CA ALA F 352 27.87 -41.44 -22.97
C ALA F 352 26.81 -40.61 -23.69
N VAL F 353 26.92 -40.55 -25.01
CA VAL F 353 26.08 -39.68 -25.82
C VAL F 353 25.37 -40.53 -26.86
N CYS F 354 24.05 -40.36 -26.97
CA CYS F 354 23.25 -41.00 -28.00
C CYS F 354 22.69 -39.94 -28.94
N ASP F 355 22.64 -40.26 -30.23
CA ASP F 355 22.25 -39.27 -31.22
C ASP F 355 20.76 -38.97 -31.18
N ILE F 356 19.93 -39.97 -30.89
CA ILE F 356 18.48 -39.85 -30.97
C ILE F 356 17.96 -39.44 -29.59
N PRO F 357 17.20 -38.36 -29.48
CA PRO F 357 16.72 -37.92 -28.17
C PRO F 357 15.45 -38.64 -27.78
N PRO F 358 14.97 -38.45 -26.55
CA PRO F 358 13.69 -39.05 -26.18
C PRO F 358 12.54 -38.33 -26.85
N ARG F 359 11.42 -39.04 -27.01
CA ARG F 359 10.27 -38.48 -27.70
C ARG F 359 9.83 -37.18 -27.04
N GLY F 360 9.62 -36.16 -27.86
CA GLY F 360 9.20 -34.86 -27.37
C GLY F 360 10.30 -33.96 -26.86
N LEU F 361 11.56 -34.29 -27.13
CA LEU F 361 12.68 -33.48 -26.67
C LEU F 361 13.82 -33.57 -27.67
N LYS F 362 14.71 -32.58 -27.61
CA LYS F 362 15.94 -32.57 -28.40
C LYS F 362 17.19 -32.73 -27.55
N MET F 363 17.05 -32.80 -26.23
CA MET F 363 18.18 -32.95 -25.33
C MET F 363 17.69 -33.61 -24.05
N SER F 364 18.55 -34.43 -23.46
CA SER F 364 18.21 -35.15 -22.24
C SER F 364 19.49 -35.78 -21.70
N ALA F 365 19.40 -36.25 -20.45
CA ALA F 365 20.52 -36.91 -19.80
C ALA F 365 20.00 -37.61 -18.54
N THR F 366 20.48 -38.83 -18.32
CA THR F 366 20.12 -39.61 -17.14
C THR F 366 21.33 -39.71 -16.22
N PHE F 367 21.18 -39.25 -14.99
CA PHE F 367 22.25 -39.28 -14.02
C PHE F 367 22.18 -40.58 -13.21
N ILE F 368 23.34 -41.20 -13.00
CA ILE F 368 23.46 -42.37 -12.14
C ILE F 368 24.63 -42.11 -11.21
N GLY F 369 24.35 -42.10 -9.90
CA GLY F 369 25.36 -41.75 -8.92
C GLY F 369 25.54 -42.75 -7.81
N ASN F 370 26.79 -43.12 -7.54
CA ASN F 370 27.13 -43.96 -6.40
C ASN F 370 27.72 -43.07 -5.33
N SER F 371 26.92 -42.75 -4.31
CA SER F 371 27.33 -41.87 -3.23
C SER F 371 27.25 -42.61 -1.90
N THR F 372 28.18 -42.30 -1.00
CA THR F 372 28.15 -42.86 0.33
C THR F 372 27.02 -42.30 1.18
N ALA F 373 26.37 -41.22 0.71
CA ALA F 373 25.21 -40.69 1.42
C ALA F 373 24.05 -41.68 1.43
N ILE F 374 24.08 -42.69 0.56
CA ILE F 374 23.01 -43.69 0.55
C ILE F 374 23.06 -44.56 1.80
N GLN F 375 24.19 -44.57 2.51
CA GLN F 375 24.28 -45.35 3.74
C GLN F 375 23.31 -44.85 4.79
N GLU F 376 23.00 -43.55 4.78
CA GLU F 376 21.95 -43.03 5.65
C GLU F 376 20.67 -43.84 5.52
N LEU F 377 20.28 -44.18 4.28
CA LEU F 377 19.04 -44.90 4.08
C LEU F 377 19.06 -46.24 4.79
N PHE F 378 20.10 -47.05 4.56
CA PHE F 378 20.17 -48.35 5.23
C PHE F 378 20.31 -48.17 6.74
N LYS F 379 21.12 -47.19 7.16
CA LYS F 379 21.22 -46.88 8.58
C LYS F 379 19.84 -46.61 9.17
N ARG F 380 19.02 -45.84 8.46
CA ARG F 380 17.67 -45.54 8.96
C ARG F 380 16.82 -46.80 9.05
N ILE F 381 16.87 -47.65 8.01
CA ILE F 381 16.08 -48.88 8.03
C ILE F 381 16.50 -49.75 9.20
N SER F 382 17.79 -49.79 9.50
CA SER F 382 18.27 -50.61 10.60
C SER F 382 17.76 -50.09 11.94
N GLU F 383 17.78 -48.76 12.13
CA GLU F 383 17.22 -48.17 13.34
C GLU F 383 15.77 -48.59 13.52
N GLN F 384 14.98 -48.55 12.45
CA GLN F 384 13.59 -48.97 12.54
C GLN F 384 13.47 -50.47 12.74
N PHE F 385 14.32 -51.24 12.04
CA PHE F 385 14.26 -52.70 12.16
C PHE F 385 14.58 -53.14 13.58
N THR F 386 15.65 -52.59 14.16
CA THR F 386 16.06 -53.02 15.50
C THR F 386 15.03 -52.63 16.55
N ALA F 387 14.33 -51.51 16.35
CA ALA F 387 13.35 -51.06 17.34
C ALA F 387 12.18 -52.03 17.40
N MET F 388 11.61 -52.37 16.23
CA MET F 388 10.50 -53.32 16.19
C MET F 388 10.97 -54.71 16.61
N PHE F 389 12.10 -55.16 16.09
CA PHE F 389 12.60 -56.50 16.41
C PHE F 389 13.05 -56.62 17.85
N ARG F 390 13.37 -55.50 18.51
CA ARG F 390 13.83 -55.55 19.89
C ARG F 390 12.76 -56.13 20.81
N ARG F 391 11.49 -56.10 20.39
CA ARG F 391 10.39 -56.60 21.19
C ARG F 391 9.54 -57.61 20.43
N LYS F 392 10.02 -58.10 19.29
CA LYS F 392 9.28 -59.05 18.46
C LYS F 392 7.92 -58.45 18.05
N ALA F 393 8.00 -57.35 17.31
CA ALA F 393 6.80 -56.58 16.98
C ALA F 393 5.83 -57.41 16.14
N PHE F 394 6.32 -58.03 15.06
CA PHE F 394 5.46 -58.77 14.15
C PHE F 394 6.06 -60.12 13.73
N LEU F 395 7.05 -60.63 14.47
CA LEU F 395 7.76 -61.82 14.00
C LEU F 395 6.83 -63.02 13.87
N HIS F 396 5.73 -63.05 14.63
CA HIS F 396 4.87 -64.22 14.61
C HIS F 396 4.25 -64.45 13.23
N TRP F 397 3.93 -63.38 12.51
CA TRP F 397 3.44 -63.55 11.14
C TRP F 397 4.51 -64.14 10.23
N TYR F 398 5.77 -63.73 10.41
CA TYR F 398 6.85 -64.19 9.56
C TYR F 398 7.35 -65.57 9.95
N THR F 399 7.46 -65.85 11.24
CA THR F 399 7.86 -67.19 11.68
C THR F 399 6.85 -68.24 11.25
N GLY F 400 5.56 -67.91 11.26
CA GLY F 400 4.54 -68.88 10.94
C GLY F 400 4.43 -69.24 9.47
N GLU F 401 5.22 -68.61 8.61
CA GLU F 401 5.23 -68.89 7.19
C GLU F 401 6.56 -69.52 6.75
N GLY F 402 7.11 -70.39 7.60
CA GLY F 402 8.36 -71.06 7.29
C GLY F 402 9.54 -70.13 7.34
N MET F 403 9.86 -69.60 8.52
CA MET F 403 10.97 -68.69 8.68
C MET F 403 11.44 -68.74 10.14
N ASP F 404 12.65 -68.25 10.37
CA ASP F 404 13.26 -68.26 11.69
C ASP F 404 13.79 -66.88 12.03
N GLU F 405 13.75 -66.55 13.32
CA GLU F 405 14.26 -65.26 13.77
C GLU F 405 15.76 -65.15 13.60
N MET F 406 16.47 -66.26 13.44
CA MET F 406 17.90 -66.20 13.15
C MET F 406 18.15 -65.50 11.83
N GLU F 407 17.22 -65.62 10.89
CA GLU F 407 17.43 -64.97 9.60
C GLU F 407 17.37 -63.47 9.74
N PHE F 408 16.48 -62.99 10.62
CA PHE F 408 16.39 -61.56 10.89
C PHE F 408 17.70 -61.02 11.45
N THR F 409 18.32 -61.75 12.37
CA THR F 409 19.62 -61.32 12.90
C THR F 409 20.67 -61.28 11.80
N GLU F 410 20.67 -62.30 10.94
CA GLU F 410 21.60 -62.30 9.80
C GLU F 410 21.33 -61.12 8.88
N ALA F 411 20.06 -60.80 8.65
CA ALA F 411 19.71 -59.69 7.78
C ALA F 411 20.11 -58.36 8.42
N GLU F 412 20.03 -58.28 9.75
CA GLU F 412 20.43 -57.07 10.45
C GLU F 412 21.95 -56.97 10.53
N SER F 413 22.64 -58.10 10.72
CA SER F 413 24.09 -58.09 10.80
C SER F 413 24.70 -57.79 9.43
N ASN F 414 24.16 -58.41 8.38
CA ASN F 414 24.65 -58.12 7.04
C ASN F 414 24.38 -56.68 6.64
N MET F 415 23.20 -56.16 7.00
CA MET F 415 22.89 -54.77 6.72
C MET F 415 23.85 -53.84 7.46
N ASN F 416 24.13 -54.16 8.73
CA ASN F 416 25.04 -53.33 9.51
C ASN F 416 26.41 -53.24 8.85
N ASP F 417 26.85 -54.32 8.20
CA ASP F 417 28.16 -54.31 7.58
C ASP F 417 28.16 -53.47 6.29
N LEU F 418 27.03 -53.48 5.57
CA LEU F 418 26.92 -52.62 4.39
C LEU F 418 27.03 -51.15 4.79
N VAL F 419 26.39 -50.77 5.89
CA VAL F 419 26.51 -49.39 6.37
C VAL F 419 27.94 -49.09 6.75
N SER F 420 28.59 -50.03 7.46
CA SER F 420 29.97 -49.80 7.89
C SER F 420 30.90 -49.63 6.69
N GLU F 421 30.72 -50.45 5.65
CA GLU F 421 31.60 -50.38 4.49
C GLU F 421 31.50 -49.01 3.81
N TYR F 422 30.28 -48.50 3.62
CA TYR F 422 30.12 -47.18 3.04
C TYR F 422 30.78 -46.11 3.89
N GLN F 423 30.82 -46.32 5.20
CA GLN F 423 31.39 -45.33 6.10
C GLN F 423 32.91 -45.27 6.00
N GLN F 424 33.55 -46.38 5.65
CA GLN F 424 35.01 -46.40 5.54
C GLN F 424 35.51 -45.46 4.45
N TYR F 425 34.71 -45.22 3.42
CA TYR F 425 35.11 -44.42 2.27
C TYR F 425 34.67 -42.96 2.41
N GLN F 426 34.61 -42.45 3.64
CA GLN F 426 34.45 -41.03 3.88
C GLN F 426 35.79 -40.35 4.13
N ASP F 427 36.77 -41.09 4.65
CA ASP F 427 38.10 -40.54 4.89
C ASP F 427 38.82 -40.30 3.57
N ALA F 428 39.78 -39.37 3.61
CA ALA F 428 40.58 -39.05 2.45
C ALA F 428 41.79 -39.98 2.36
N THR F 429 42.62 -39.76 1.35
CA THR F 429 43.80 -40.59 1.14
C THR F 429 44.79 -40.37 2.27
N ALA F 430 45.40 -41.46 2.74
CA ALA F 430 46.40 -41.40 3.79
C ALA F 430 45.83 -40.71 5.03
N MET G 1 -6.62 36.76 -8.30
CA MET G 1 -6.40 37.50 -7.03
C MET G 1 -6.80 36.64 -5.83
N ARG G 2 -6.39 37.04 -4.64
CA ARG G 2 -6.52 36.21 -3.46
C ARG G 2 -7.85 36.45 -2.75
N GLU G 3 -8.21 35.51 -1.88
CA GLU G 3 -9.53 35.43 -1.30
C GLU G 3 -9.74 36.46 -0.20
N CYS G 4 -11.00 36.77 0.06
CA CYS G 4 -11.42 37.61 1.17
C CYS G 4 -12.66 37.01 1.80
N ILE G 5 -12.69 36.95 3.12
CA ILE G 5 -13.79 36.32 3.86
C ILE G 5 -14.78 37.39 4.29
N SER G 6 -16.06 37.05 4.27
CA SER G 6 -17.13 37.92 4.71
C SER G 6 -17.77 37.34 5.96
N ILE G 7 -17.87 38.14 7.01
CA ILE G 7 -18.50 37.75 8.27
C ILE G 7 -19.70 38.67 8.48
N HIS G 8 -20.89 38.08 8.54
CA HIS G 8 -22.13 38.83 8.72
C HIS G 8 -22.68 38.54 10.10
N ILE G 9 -22.90 39.60 10.88
CA ILE G 9 -23.25 39.49 12.29
C ILE G 9 -24.53 40.27 12.53
N GLY G 10 -25.42 39.69 13.33
CA GLY G 10 -26.65 40.35 13.70
C GLY G 10 -27.69 40.33 12.59
N GLN G 11 -28.88 40.84 12.92
CA GLN G 11 -29.94 40.92 11.93
C GLN G 11 -29.54 41.84 10.78
N ALA G 12 -28.90 42.97 11.08
CA ALA G 12 -28.44 43.86 10.04
C ALA G 12 -27.44 43.17 9.13
N GLY G 13 -26.45 42.50 9.71
CA GLY G 13 -25.43 41.84 8.90
C GLY G 13 -26.00 40.74 8.03
N VAL G 14 -26.84 39.89 8.62
CA VAL G 14 -27.41 38.77 7.86
C VAL G 14 -28.31 39.30 6.76
N GLN G 15 -29.20 40.25 7.08
CA GLN G 15 -30.11 40.78 6.08
C GLN G 15 -29.34 41.55 5.01
N MET G 16 -28.33 42.32 5.40
CA MET G 16 -27.50 43.02 4.43
C MET G 16 -26.69 42.04 3.59
N GLY G 17 -26.18 40.98 4.22
CA GLY G 17 -25.35 40.04 3.50
C GLY G 17 -26.09 39.36 2.35
N ASN G 18 -27.36 39.02 2.58
CA ASN G 18 -28.14 38.38 1.53
C ASN G 18 -28.26 39.27 0.31
N ALA G 19 -28.39 40.58 0.51
CA ALA G 19 -28.41 41.50 -0.62
C ALA G 19 -27.09 41.47 -1.38
N CYS G 20 -25.97 41.41 -0.65
CA CYS G 20 -24.66 41.41 -1.30
C CYS G 20 -24.49 40.18 -2.19
N TRP G 21 -24.74 38.99 -1.64
CA TRP G 21 -24.48 37.77 -2.38
C TRP G 21 -25.46 37.54 -3.52
N GLU G 22 -26.57 38.28 -3.56
CA GLU G 22 -27.38 38.31 -4.77
C GLU G 22 -26.63 38.99 -5.90
N LEU G 23 -25.90 40.06 -5.59
CA LEU G 23 -25.13 40.77 -6.61
C LEU G 23 -23.99 39.91 -7.13
N TYR G 24 -23.24 39.28 -6.21
CA TYR G 24 -22.09 38.49 -6.63
C TYR G 24 -22.49 37.40 -7.60
N CYS G 25 -23.58 36.69 -7.30
CA CYS G 25 -24.06 35.65 -8.21
C CYS G 25 -24.39 36.22 -9.59
N LEU G 26 -24.92 37.45 -9.62
CA LEU G 26 -25.26 38.06 -10.90
C LEU G 26 -24.01 38.52 -11.64
N GLU G 27 -23.03 39.07 -10.93
CA GLU G 27 -21.82 39.54 -11.58
C GLU G 27 -21.09 38.39 -12.27
N HIS G 28 -20.99 37.25 -11.59
CA HIS G 28 -20.32 36.08 -12.13
C HIS G 28 -21.27 35.13 -12.84
N GLY G 29 -22.55 35.48 -12.93
CA GLY G 29 -23.50 34.64 -13.61
C GLY G 29 -23.71 33.30 -12.95
N ILE G 30 -23.73 33.26 -11.62
CA ILE G 30 -23.92 32.02 -10.87
C ILE G 30 -25.40 31.87 -10.56
N GLN G 31 -25.94 30.69 -10.85
CA GLN G 31 -27.34 30.42 -10.56
C GLN G 31 -27.57 30.34 -9.06
N GLN G 32 -28.76 30.76 -8.64
CA GLN G 32 -29.09 30.73 -7.21
C GLN G 32 -29.00 29.32 -6.64
N ASP G 33 -29.13 28.30 -7.47
CA ASP G 33 -28.96 26.93 -7.02
C ASP G 33 -27.52 26.61 -6.63
N GLY G 34 -26.58 27.50 -6.95
CA GLY G 34 -25.18 27.28 -6.66
C GLY G 34 -24.37 26.75 -7.84
N ILE G 35 -25.04 26.26 -8.88
CA ILE G 35 -24.36 25.65 -10.03
C ILE G 35 -24.22 26.72 -11.11
N ILE G 36 -22.99 26.94 -11.55
CA ILE G 36 -22.71 27.89 -12.64
C ILE G 36 -23.30 27.32 -13.92
N PRO G 37 -23.80 28.13 -14.84
CA PRO G 37 -24.27 27.60 -16.13
C PRO G 37 -23.18 26.82 -16.84
N ASP G 38 -23.60 26.07 -17.86
CA ASP G 38 -22.69 25.18 -18.57
C ASP G 38 -21.64 25.92 -19.38
N ASP G 45 -14.19 33.80 -14.74
CA ASP G 45 -13.92 32.45 -14.26
C ASP G 45 -12.95 32.47 -13.09
N SER G 46 -11.72 32.94 -13.33
CA SER G 46 -10.76 33.04 -12.24
C SER G 46 -11.15 34.11 -11.22
N SER G 47 -12.13 34.95 -11.56
CA SER G 47 -12.49 36.05 -10.67
C SER G 47 -13.23 35.55 -9.43
N PHE G 48 -14.20 34.66 -9.61
CA PHE G 48 -15.06 34.28 -8.48
C PHE G 48 -14.32 33.53 -7.40
N GLY G 49 -13.10 33.05 -7.67
CA GLY G 49 -12.36 32.31 -6.66
C GLY G 49 -12.11 33.09 -5.39
N THR G 50 -12.13 34.42 -5.47
CA THR G 50 -11.87 35.23 -4.28
C THR G 50 -13.01 35.16 -3.27
N PHE G 51 -14.25 35.10 -3.75
CA PHE G 51 -15.42 35.05 -2.88
C PHE G 51 -16.14 33.72 -2.91
N PHE G 52 -15.81 32.83 -3.84
CA PHE G 52 -16.48 31.54 -3.97
C PHE G 52 -15.44 30.42 -3.93
N SER G 53 -15.77 29.36 -3.21
CA SER G 53 -14.91 28.19 -3.09
C SER G 53 -15.37 27.12 -4.07
N GLU G 54 -14.41 26.48 -4.73
CA GLU G 54 -14.72 25.48 -5.74
C GLU G 54 -15.10 24.16 -5.09
N THR G 55 -15.65 23.27 -5.92
CA THR G 55 -16.04 21.94 -5.48
C THR G 55 -15.91 20.99 -6.66
N GLY G 56 -15.85 19.69 -6.35
CA GLY G 56 -15.76 18.70 -7.42
C GLY G 56 -16.88 18.84 -8.42
N SER G 57 -18.09 19.06 -7.94
CA SER G 57 -19.21 19.37 -8.82
C SER G 57 -19.12 20.83 -9.27
N GLY G 58 -20.12 21.26 -10.03
CA GLY G 58 -20.17 22.63 -10.49
C GLY G 58 -20.70 23.62 -9.48
N LYS G 59 -21.03 23.17 -8.27
CA LYS G 59 -21.65 24.02 -7.26
C LYS G 59 -20.55 24.71 -6.44
N HIS G 60 -20.39 26.01 -6.63
CA HIS G 60 -19.47 26.79 -5.84
C HIS G 60 -20.12 27.21 -4.53
N VAL G 61 -19.31 27.36 -3.50
CA VAL G 61 -19.77 27.67 -2.14
C VAL G 61 -19.27 29.07 -1.78
N PRO G 62 -20.14 29.97 -1.32
CA PRO G 62 -19.65 31.27 -0.86
C PRO G 62 -18.73 31.13 0.33
N ARG G 63 -17.71 31.98 0.37
CA ARG G 63 -16.72 31.97 1.45
C ARG G 63 -17.10 32.98 2.52
N ALA G 64 -18.29 32.79 3.09
CA ALA G 64 -18.84 33.69 4.09
C ALA G 64 -19.43 32.89 5.23
N VAL G 65 -19.56 33.55 6.37
CA VAL G 65 -20.13 32.96 7.58
C VAL G 65 -21.20 33.90 8.13
N PHE G 66 -22.35 33.33 8.49
CA PHE G 66 -23.46 34.09 9.03
C PHE G 66 -23.69 33.67 10.48
N VAL G 67 -23.78 34.65 11.37
CA VAL G 67 -23.98 34.41 12.79
C VAL G 67 -25.09 35.33 13.29
N ASP G 68 -26.00 34.79 14.08
CA ASP G 68 -27.06 35.58 14.69
C ASP G 68 -27.59 34.82 15.90
N LEU G 69 -27.64 35.50 17.05
CA LEU G 69 -28.11 34.88 18.28
C LEU G 69 -29.60 34.55 18.24
N GLU G 70 -30.35 35.10 17.29
CA GLU G 70 -31.77 34.83 17.15
C GLU G 70 -32.00 33.99 15.90
N GLN G 71 -32.67 32.85 16.07
CA GLN G 71 -32.87 31.91 14.98
C GLN G 71 -33.75 32.47 13.87
N THR G 72 -34.50 33.53 14.14
CA THR G 72 -35.53 33.96 13.21
C THR G 72 -34.93 34.47 11.90
N VAL G 73 -33.91 35.32 11.99
CA VAL G 73 -33.43 36.02 10.79
C VAL G 73 -32.80 35.03 9.81
N ILE G 74 -31.91 34.18 10.30
CA ILE G 74 -31.22 33.25 9.41
C ILE G 74 -32.18 32.21 8.86
N GLY G 75 -33.19 31.82 9.63
CA GLY G 75 -34.14 30.84 9.16
C GLY G 75 -34.78 31.22 7.84
N GLU G 76 -34.97 32.52 7.61
CA GLU G 76 -35.49 32.97 6.32
C GLU G 76 -34.53 32.62 5.19
N ILE G 77 -33.24 32.81 5.40
CA ILE G 77 -32.24 32.42 4.41
C ILE G 77 -32.24 30.91 4.24
N ARG G 78 -32.30 30.18 5.34
CA ARG G 78 -32.20 28.73 5.29
C ARG G 78 -33.34 28.08 4.53
N THR G 79 -34.44 28.81 4.32
CA THR G 79 -35.58 28.29 3.58
C THR G 79 -35.89 29.09 2.32
N GLY G 80 -35.11 30.12 2.02
CA GLY G 80 -35.35 30.93 0.84
C GLY G 80 -34.79 30.27 -0.41
N HIS G 81 -34.85 31.02 -1.51
CA HIS G 81 -34.36 30.54 -2.78
C HIS G 81 -32.85 30.38 -2.80
N TYR G 82 -32.14 30.89 -1.80
CA TYR G 82 -30.70 30.70 -1.68
C TYR G 82 -30.33 29.63 -0.66
N ARG G 83 -31.25 28.73 -0.34
CA ARG G 83 -30.97 27.70 0.66
C ARG G 83 -29.84 26.78 0.19
N SER G 84 -29.82 26.45 -1.09
CA SER G 84 -28.82 25.55 -1.64
C SER G 84 -27.50 26.25 -1.94
N LEU G 85 -27.43 27.57 -1.80
CA LEU G 85 -26.19 28.28 -2.11
C LEU G 85 -25.19 28.18 -0.97
N PHE G 86 -25.65 28.23 0.27
CA PHE G 86 -24.77 28.27 1.43
C PHE G 86 -24.54 26.88 2.00
N HIS G 87 -23.31 26.62 2.43
CA HIS G 87 -23.02 25.41 3.16
C HIS G 87 -23.80 25.42 4.47
N PRO G 88 -24.52 24.34 4.80
CA PRO G 88 -25.43 24.41 5.95
C PRO G 88 -24.76 24.80 7.26
N GLU G 89 -23.49 24.45 7.46
CA GLU G 89 -22.82 24.76 8.72
C GLU G 89 -22.39 26.21 8.81
N GLN G 90 -22.32 26.93 7.69
CA GLN G 90 -21.93 28.33 7.75
C GLN G 90 -22.97 29.16 8.48
N LEU G 91 -24.26 28.87 8.27
CA LEU G 91 -25.33 29.65 8.86
C LEU G 91 -25.46 29.26 10.33
N ILE G 92 -24.79 30.02 11.19
CA ILE G 92 -24.77 29.75 12.63
C ILE G 92 -25.91 30.53 13.29
N THR G 93 -26.68 29.83 14.11
CA THR G 93 -27.83 30.42 14.79
C THR G 93 -27.83 30.05 16.26
N GLY G 94 -28.19 31.01 17.11
CA GLY G 94 -28.34 30.78 18.52
C GLY G 94 -29.75 30.35 18.88
N LYS G 95 -30.05 30.41 20.18
CA LYS G 95 -31.36 30.03 20.69
C LYS G 95 -32.19 31.21 21.15
N GLU G 96 -31.58 32.28 21.63
CA GLU G 96 -32.29 33.45 22.10
C GLU G 96 -31.56 34.72 21.67
N ASP G 97 -32.33 35.77 21.44
CA ASP G 97 -31.77 37.04 20.99
C ASP G 97 -31.03 37.74 22.13
N ALA G 98 -30.14 38.65 21.76
CA ALA G 98 -29.37 39.41 22.74
C ALA G 98 -30.17 40.53 23.38
N ALA G 99 -31.36 40.84 22.88
CA ALA G 99 -32.27 41.79 23.51
C ALA G 99 -31.69 43.20 23.53
N ASN G 100 -31.07 43.61 22.43
CA ASN G 100 -30.51 44.95 22.30
C ASN G 100 -29.63 45.29 23.50
N ASN G 101 -28.90 44.30 23.98
CA ASN G 101 -28.07 44.45 25.17
C ASN G 101 -26.63 44.15 24.81
N TYR G 102 -25.74 45.14 25.01
CA TYR G 102 -24.33 44.94 24.72
C TYR G 102 -23.74 43.86 25.61
N ALA G 103 -24.13 43.85 26.89
CA ALA G 103 -23.56 42.87 27.83
C ALA G 103 -23.90 41.45 27.42
N ARG G 104 -25.15 41.20 27.02
CA ARG G 104 -25.55 39.85 26.65
C ARG G 104 -24.73 39.33 25.47
N GLY G 105 -24.64 40.12 24.40
CA GLY G 105 -23.94 39.67 23.22
C GLY G 105 -22.43 39.67 23.35
N HIS G 106 -21.90 40.19 24.44
CA HIS G 106 -20.46 40.30 24.63
C HIS G 106 -19.93 39.51 25.81
N TYR G 107 -20.75 39.23 26.83
CA TYR G 107 -20.27 38.60 28.05
C TYR G 107 -20.94 37.26 28.34
N THR G 108 -22.27 37.18 28.28
CA THR G 108 -23.01 36.02 28.75
C THR G 108 -23.38 35.05 27.64
N ILE G 109 -24.16 35.52 26.65
CA ILE G 109 -24.62 34.64 25.59
C ILE G 109 -23.70 34.71 24.37
N GLY G 110 -23.02 35.83 24.16
CA GLY G 110 -22.12 35.93 23.02
C GLY G 110 -21.00 34.92 23.07
N LYS G 111 -20.45 34.69 24.27
CA LYS G 111 -19.34 33.76 24.41
C LYS G 111 -19.77 32.31 24.32
N GLU G 112 -21.07 32.02 24.41
CA GLU G 112 -21.53 30.64 24.31
C GLU G 112 -21.42 30.11 22.89
N ILE G 113 -21.46 31.00 21.90
CA ILE G 113 -21.44 30.61 20.50
C ILE G 113 -20.24 31.21 19.76
N VAL G 114 -19.41 32.00 20.44
CA VAL G 114 -18.28 32.64 19.77
C VAL G 114 -17.31 31.59 19.25
N ASP G 115 -17.02 30.57 20.08
CA ASP G 115 -16.06 29.56 19.68
C ASP G 115 -16.54 28.78 18.46
N SER G 116 -17.84 28.57 18.35
CA SER G 116 -18.37 27.86 17.18
C SER G 116 -18.10 28.64 15.90
N VAL G 117 -18.24 29.97 15.95
CA VAL G 117 -17.99 30.78 14.77
C VAL G 117 -16.52 30.72 14.38
N LEU G 118 -15.62 30.81 15.36
CA LEU G 118 -14.19 30.73 15.06
C LEU G 118 -13.85 29.41 14.38
N ASP G 119 -14.48 28.32 14.82
CA ASP G 119 -14.20 27.02 14.23
C ASP G 119 -14.46 27.03 12.72
N ARG G 120 -15.55 27.67 12.31
CA ARG G 120 -15.85 27.77 10.88
C ARG G 120 -14.98 28.81 10.19
N VAL G 121 -14.55 29.86 10.89
CA VAL G 121 -13.65 30.83 10.30
C VAL G 121 -12.28 30.19 10.06
N ARG G 122 -11.78 29.44 11.03
CA ARG G 122 -10.48 28.79 10.88
C ARG G 122 -10.51 27.75 9.77
N LYS G 123 -11.53 26.89 9.77
CA LYS G 123 -11.63 25.87 8.74
C LYS G 123 -11.79 26.48 7.36
N MET G 124 -12.41 27.66 7.28
CA MET G 124 -12.54 28.37 6.02
C MET G 124 -11.34 29.25 5.71
N ALA G 125 -10.67 29.77 6.75
CA ALA G 125 -9.46 30.56 6.53
C ALA G 125 -8.26 29.68 6.20
N ASP G 126 -8.22 28.46 6.73
CA ASP G 126 -7.10 27.57 6.49
C ASP G 126 -7.12 26.97 5.09
N GLN G 127 -8.29 26.92 4.45
CA GLN G 127 -8.44 26.30 3.13
C GLN G 127 -8.17 27.29 2.00
N CYS G 128 -7.43 28.37 2.27
CA CYS G 128 -7.02 29.32 1.24
C CYS G 128 -5.52 29.52 1.37
N SER G 129 -4.81 29.41 0.25
CA SER G 129 -3.36 29.58 0.26
C SER G 129 -2.99 30.97 0.76
N GLY G 130 -3.71 31.99 0.31
CA GLY G 130 -3.56 33.34 0.80
C GLY G 130 -4.89 33.89 1.23
N LEU G 131 -4.85 34.91 2.09
CA LEU G 131 -6.07 35.51 2.65
C LEU G 131 -5.83 36.99 2.85
N GLN G 132 -6.55 37.82 2.09
CA GLN G 132 -6.40 39.26 2.21
C GLN G 132 -6.86 39.75 3.58
N GLY G 133 -8.04 39.31 4.01
CA GLY G 133 -8.57 39.76 5.29
C GLY G 133 -10.02 39.33 5.43
N PHE G 134 -10.73 40.07 6.30
CA PHE G 134 -12.11 39.78 6.62
C PHE G 134 -12.99 40.99 6.35
N LEU G 135 -14.17 40.75 5.79
CA LEU G 135 -15.22 41.76 5.71
C LEU G 135 -16.26 41.47 6.78
N ILE G 136 -16.64 42.49 7.53
CA ILE G 136 -17.52 42.33 8.68
C ILE G 136 -18.66 43.33 8.56
N PHE G 137 -19.89 42.82 8.61
CA PHE G 137 -21.09 43.64 8.56
C PHE G 137 -21.85 43.49 9.87
N HIS G 138 -22.17 44.61 10.49
CA HIS G 138 -22.84 44.60 11.79
C HIS G 138 -23.54 45.93 11.99
N SER G 139 -24.16 46.08 13.16
CA SER G 139 -24.90 47.29 13.51
C SER G 139 -24.53 47.72 14.92
N PHE G 140 -24.27 49.02 15.10
CA PHE G 140 -23.99 49.54 16.43
C PHE G 140 -25.21 49.42 17.35
N GLY G 141 -26.42 49.47 16.79
CA GLY G 141 -27.61 49.56 17.59
C GLY G 141 -28.30 48.24 17.85
N GLY G 142 -27.52 47.20 18.14
CA GLY G 142 -28.05 45.91 18.49
C GLY G 142 -27.20 45.23 19.54
N GLY G 143 -27.70 44.13 20.08
CA GLY G 143 -26.95 43.35 21.04
C GLY G 143 -25.98 42.42 20.33
N THR G 144 -26.50 41.66 19.35
CA THR G 144 -25.64 40.77 18.58
C THR G 144 -24.68 41.57 17.70
N GLY G 145 -25.18 42.59 17.02
CA GLY G 145 -24.37 43.36 16.10
C GLY G 145 -23.35 44.27 16.77
N SER G 146 -23.39 44.39 18.08
CA SER G 146 -22.48 45.25 18.82
C SER G 146 -21.71 44.52 19.90
N GLY G 147 -22.34 43.59 20.61
CA GLY G 147 -21.67 42.84 21.65
C GLY G 147 -20.94 41.64 21.10
N PHE G 148 -21.61 40.87 20.24
CA PHE G 148 -20.98 39.70 19.64
C PHE G 148 -19.89 40.11 18.67
N THR G 149 -20.09 41.22 17.96
CA THR G 149 -19.07 41.71 17.04
C THR G 149 -17.76 41.98 17.78
N SER G 150 -17.85 42.73 18.88
CA SER G 150 -16.65 43.05 19.65
C SER G 150 -15.87 41.79 20.03
N LEU G 151 -16.59 40.70 20.33
CA LEU G 151 -15.92 39.44 20.62
C LEU G 151 -15.10 38.97 19.42
N LEU G 152 -15.72 38.96 18.23
CA LEU G 152 -15.02 38.48 17.04
C LEU G 152 -13.84 39.38 16.70
N MET G 153 -14.02 40.70 16.82
CA MET G 153 -12.91 41.61 16.56
C MET G 153 -11.73 41.31 17.47
N GLU G 154 -12.01 41.01 18.75
CA GLU G 154 -10.94 40.65 19.66
C GLU G 154 -10.35 39.29 19.30
N ARG G 155 -11.21 38.29 19.08
CA ARG G 155 -10.71 36.96 18.75
C ARG G 155 -9.98 36.96 17.41
N LEU G 156 -10.54 37.65 16.41
CA LEU G 156 -9.90 37.72 15.11
C LEU G 156 -8.64 38.57 15.11
N SER G 157 -8.38 39.30 16.20
CA SER G 157 -7.17 40.11 16.31
C SER G 157 -5.97 39.30 16.80
N VAL G 158 -6.21 38.20 17.49
CA VAL G 158 -5.14 37.38 18.06
C VAL G 158 -4.78 36.26 17.09
N ASP G 159 -5.76 35.41 16.78
CA ASP G 159 -5.48 34.24 15.95
C ASP G 159 -5.03 34.64 14.55
N TYR G 160 -5.57 35.73 14.02
CA TYR G 160 -5.24 36.21 12.67
C TYR G 160 -4.77 37.65 12.70
N GLY G 161 -3.92 38.00 13.66
CA GLY G 161 -3.39 39.35 13.71
C GLY G 161 -2.59 39.69 12.47
N LYS G 162 -2.51 40.98 12.18
CA LYS G 162 -1.76 41.48 11.04
C LYS G 162 -2.39 41.04 9.72
N LYS G 163 -3.71 40.85 9.72
CA LYS G 163 -4.47 40.65 8.51
C LYS G 163 -5.64 41.61 8.49
N SER G 164 -6.02 42.05 7.29
CA SER G 164 -6.99 43.11 7.15
C SER G 164 -8.34 42.72 7.75
N LYS G 165 -8.97 43.67 8.43
CA LYS G 165 -10.30 43.49 9.00
C LYS G 165 -11.12 44.75 8.66
N LEU G 166 -11.77 44.72 7.51
CA LEU G 166 -12.64 45.80 7.07
C LEU G 166 -14.05 45.54 7.52
N GLU G 167 -14.76 46.60 7.90
CA GLU G 167 -16.12 46.46 8.42
C GLU G 167 -17.02 47.55 7.88
N PHE G 168 -18.18 47.15 7.37
CA PHE G 168 -19.28 48.06 7.10
C PHE G 168 -20.25 48.03 8.27
N SER G 169 -20.60 49.20 8.78
CA SER G 169 -21.40 49.30 9.99
C SER G 169 -22.55 50.28 9.80
N VAL G 170 -23.66 49.98 10.46
CA VAL G 170 -24.84 50.85 10.44
C VAL G 170 -24.69 51.78 11.64
N TYR G 171 -24.00 52.89 11.44
CA TYR G 171 -23.84 53.86 12.50
C TYR G 171 -25.21 54.45 12.88
N PRO G 172 -25.45 54.75 14.15
CA PRO G 172 -26.75 55.28 14.54
C PRO G 172 -27.07 56.57 13.80
N ALA G 173 -28.33 56.71 13.40
CA ALA G 173 -28.75 57.89 12.67
C ALA G 173 -28.80 59.11 13.60
N PRO G 174 -28.68 60.31 13.05
CA PRO G 174 -28.67 61.50 13.92
C PRO G 174 -29.98 61.67 14.69
N GLN G 175 -31.12 61.63 13.99
CA GLN G 175 -32.42 61.89 14.60
C GLN G 175 -33.28 60.64 14.69
N ILE G 176 -33.51 59.95 13.58
CA ILE G 176 -34.33 58.74 13.63
C ILE G 176 -33.63 57.68 14.47
N SER G 177 -34.45 56.79 15.04
CA SER G 177 -33.92 55.73 15.89
C SER G 177 -34.96 54.63 16.06
N THR G 178 -34.54 53.39 15.84
CA THR G 178 -35.40 52.22 15.99
C THR G 178 -35.21 51.53 17.32
N ALA G 179 -34.54 52.16 18.27
CA ALA G 179 -34.33 51.59 19.59
C ALA G 179 -34.10 52.73 20.58
N VAL G 180 -34.04 52.38 21.87
CA VAL G 180 -33.90 53.36 22.92
C VAL G 180 -32.51 53.36 23.55
N VAL G 181 -31.79 52.25 23.49
CA VAL G 181 -30.49 52.12 24.15
C VAL G 181 -29.35 52.24 23.14
N GLU G 182 -29.58 52.87 22.00
CA GLU G 182 -28.51 53.05 21.02
C GLU G 182 -27.30 53.78 21.60
N PRO G 183 -27.45 54.86 22.36
CA PRO G 183 -26.26 55.55 22.89
C PRO G 183 -25.37 54.64 23.71
N TYR G 184 -25.95 53.87 24.63
CA TYR G 184 -25.15 52.97 25.45
C TYR G 184 -24.46 51.92 24.61
N ASN G 185 -25.24 51.21 23.78
CA ASN G 185 -24.69 50.10 23.02
C ASN G 185 -23.69 50.58 21.97
N SER G 186 -24.02 51.65 21.25
CA SER G 186 -23.16 52.09 20.15
C SER G 186 -21.80 52.53 20.66
N ILE G 187 -21.77 53.28 21.75
CA ILE G 187 -20.49 53.80 22.26
C ILE G 187 -19.63 52.67 22.81
N LEU G 188 -20.25 51.68 23.45
CA LEU G 188 -19.50 50.60 24.07
C LEU G 188 -18.66 49.84 23.04
N THR G 189 -19.26 49.51 21.91
CA THR G 189 -18.53 48.76 20.88
C THR G 189 -17.41 49.60 20.29
N THR G 190 -17.65 50.90 20.09
CA THR G 190 -16.60 51.77 19.57
C THR G 190 -15.38 51.76 20.47
N HIS G 191 -15.59 51.69 21.78
CA HIS G 191 -14.47 51.64 22.71
C HIS G 191 -13.62 50.39 22.48
N THR G 192 -14.27 49.26 22.22
CA THR G 192 -13.56 48.00 22.05
C THR G 192 -13.08 47.77 20.62
N THR G 193 -13.80 48.31 19.63
CA THR G 193 -13.46 48.08 18.22
C THR G 193 -12.45 49.09 17.68
N LEU G 194 -12.12 50.14 18.44
CA LEU G 194 -11.16 51.12 17.97
C LEU G 194 -9.78 50.49 17.80
N GLU G 195 -9.37 49.66 18.75
CA GLU G 195 -8.03 49.09 18.73
C GLU G 195 -7.96 47.76 17.99
N HIS G 196 -9.07 47.26 17.46
CA HIS G 196 -9.13 45.96 16.81
C HIS G 196 -9.86 46.06 15.48
N SER G 197 -9.52 47.08 14.69
CA SER G 197 -10.10 47.24 13.36
C SER G 197 -9.20 48.15 12.54
N ASP G 198 -9.31 48.01 11.22
CA ASP G 198 -8.51 48.82 10.30
C ASP G 198 -9.25 50.11 9.92
N CYS G 199 -10.45 49.98 9.34
CA CYS G 199 -11.27 51.13 9.02
C CYS G 199 -12.71 50.67 8.89
N ALA G 200 -13.62 51.50 9.38
CA ALA G 200 -15.05 51.18 9.42
C ALA G 200 -15.79 52.08 8.43
N PHE G 201 -16.55 51.46 7.54
CA PHE G 201 -17.30 52.19 6.51
C PHE G 201 -18.70 52.46 7.07
N MET G 202 -18.84 53.59 7.74
CA MET G 202 -20.11 53.94 8.38
C MET G 202 -21.17 54.26 7.34
N VAL G 203 -22.41 53.90 7.66
CA VAL G 203 -23.58 54.25 6.86
C VAL G 203 -24.75 54.48 7.80
N ASP G 204 -25.58 55.46 7.48
CA ASP G 204 -26.77 55.80 8.26
C ASP G 204 -28.02 55.54 7.43
N ASN G 205 -29.02 54.92 8.05
CA ASN G 205 -30.27 54.65 7.35
C ASN G 205 -31.00 55.95 7.02
N GLU G 206 -30.90 56.95 7.90
CA GLU G 206 -31.53 58.23 7.62
C GLU G 206 -31.01 58.82 6.31
N ALA G 207 -29.68 58.80 6.12
CA ALA G 207 -29.11 59.35 4.91
C ALA G 207 -29.54 58.54 3.69
N ILE G 208 -29.50 57.21 3.80
CA ILE G 208 -29.85 56.37 2.66
C ILE G 208 -31.32 56.55 2.30
N TYR G 209 -32.19 56.67 3.29
CA TYR G 209 -33.59 56.96 3.03
C TYR G 209 -33.74 58.29 2.31
N ASP G 210 -33.01 59.30 2.76
CA ASP G 210 -33.09 60.61 2.14
C ASP G 210 -32.68 60.57 0.67
N ILE G 211 -31.58 59.88 0.38
CA ILE G 211 -31.14 59.74 -1.01
C ILE G 211 -32.17 58.98 -1.83
N CYS G 212 -32.74 57.92 -1.26
CA CYS G 212 -33.67 57.09 -2.01
C CYS G 212 -34.89 57.90 -2.44
N ASN G 213 -35.45 58.70 -1.54
CA ASN G 213 -36.58 59.54 -1.91
C ASN G 213 -36.14 60.75 -2.71
N ARG G 214 -34.91 61.21 -2.51
CA ARG G 214 -34.44 62.43 -3.18
C ARG G 214 -33.96 62.14 -4.60
N ASN G 215 -33.25 61.03 -4.80
CA ASN G 215 -32.64 60.70 -6.08
C ASN G 215 -33.31 59.51 -6.77
N LEU G 216 -33.43 58.38 -6.08
CA LEU G 216 -34.04 57.21 -6.69
C LEU G 216 -35.51 57.43 -7.02
N ASP G 217 -36.14 58.43 -6.41
CA ASP G 217 -37.50 58.84 -6.78
C ASP G 217 -38.50 57.70 -6.56
N ILE G 218 -38.40 57.04 -5.41
CA ILE G 218 -39.40 56.10 -4.95
C ILE G 218 -39.81 56.50 -3.54
N GLU G 219 -41.11 56.67 -3.32
CA GLU G 219 -41.59 57.29 -2.09
C GLU G 219 -41.59 56.33 -0.91
N ARG G 220 -41.66 55.03 -1.16
CA ARG G 220 -41.88 54.03 -0.11
C ARG G 220 -40.79 52.97 -0.19
N PRO G 221 -39.61 53.26 0.34
CA PRO G 221 -38.53 52.27 0.36
C PRO G 221 -38.66 51.33 1.55
N THR G 222 -37.77 50.32 1.57
CA THR G 222 -37.72 49.34 2.64
C THR G 222 -36.29 48.83 2.75
N TYR G 223 -35.99 48.16 3.87
CA TYR G 223 -34.65 47.63 4.07
C TYR G 223 -34.24 46.71 2.94
N THR G 224 -35.20 46.00 2.33
CA THR G 224 -34.89 45.18 1.18
C THR G 224 -34.36 46.02 0.02
N ASN G 225 -34.77 47.28 -0.05
CA ASN G 225 -34.31 48.19 -1.09
C ASN G 225 -32.98 48.84 -0.73
N LEU G 226 -32.84 49.33 0.51
CA LEU G 226 -31.60 49.98 0.91
C LEU G 226 -30.43 49.00 0.87
N ASN G 227 -30.64 47.77 1.35
CA ASN G 227 -29.55 46.81 1.37
C ASN G 227 -29.02 46.53 -0.03
N ARG G 228 -29.87 46.65 -1.05
CA ARG G 228 -29.39 46.51 -2.42
C ARG G 228 -28.47 47.66 -2.80
N LEU G 229 -28.78 48.88 -2.36
CA LEU G 229 -27.87 49.99 -2.56
C LEU G 229 -26.56 49.75 -1.82
N ILE G 230 -26.64 49.24 -0.59
CA ILE G 230 -25.43 48.97 0.18
C ILE G 230 -24.61 47.88 -0.50
N GLY G 231 -25.26 47.00 -1.27
CA GLY G 231 -24.51 46.01 -2.01
C GLY G 231 -23.61 46.63 -3.06
N GLN G 232 -24.05 47.73 -3.65
CA GLN G 232 -23.26 48.37 -4.71
C GLN G 232 -21.93 48.86 -4.18
N ILE G 233 -21.93 49.51 -3.01
CA ILE G 233 -20.67 50.02 -2.46
C ILE G 233 -19.72 48.86 -2.16
N VAL G 234 -20.25 47.75 -1.67
CA VAL G 234 -19.42 46.58 -1.42
C VAL G 234 -18.89 46.01 -2.73
N SER G 235 -19.77 45.90 -3.73
CA SER G 235 -19.35 45.35 -5.02
C SER G 235 -18.27 46.20 -5.67
N SER G 236 -18.47 47.52 -5.68
CA SER G 236 -17.47 48.41 -6.25
C SER G 236 -16.18 48.38 -5.45
N ILE G 237 -16.28 48.27 -4.13
CA ILE G 237 -15.08 48.24 -3.29
C ILE G 237 -14.25 47.00 -3.59
N THR G 238 -14.89 45.85 -3.74
CA THR G 238 -14.20 44.59 -3.94
C THR G 238 -14.05 44.21 -5.41
N ALA G 239 -14.48 45.07 -6.33
CA ALA G 239 -14.38 44.74 -7.75
C ALA G 239 -12.94 44.54 -8.18
N SER G 240 -12.02 45.31 -7.60
CA SER G 240 -10.61 45.20 -7.96
C SER G 240 -10.04 43.81 -7.67
N LEU G 241 -10.62 43.09 -6.71
CA LEU G 241 -10.13 41.76 -6.37
C LEU G 241 -10.66 40.68 -7.30
N ARG G 242 -11.59 41.01 -8.20
CA ARG G 242 -12.21 40.01 -9.07
C ARG G 242 -11.98 40.28 -10.55
N PHE G 243 -12.19 41.51 -11.00
CA PHE G 243 -12.18 41.84 -12.42
C PHE G 243 -10.93 42.62 -12.77
N ASP G 244 -10.41 42.36 -13.97
CA ASP G 244 -9.22 43.05 -14.44
C ASP G 244 -9.51 44.52 -14.72
N GLY G 245 -8.49 45.35 -14.56
CA GLY G 245 -8.61 46.76 -14.84
C GLY G 245 -7.36 47.53 -14.51
N ALA G 246 -7.13 48.63 -15.23
CA ALA G 246 -5.93 49.43 -14.99
C ALA G 246 -5.99 50.06 -13.60
N LEU G 247 -4.85 50.06 -12.91
CA LEU G 247 -4.74 50.65 -11.57
C LEU G 247 -5.71 49.98 -10.60
N ASN G 248 -5.56 48.67 -10.47
CA ASN G 248 -6.36 47.93 -9.49
C ASN G 248 -5.93 48.29 -8.08
N VAL G 249 -6.91 48.29 -7.18
CA VAL G 249 -6.70 48.65 -5.78
C VAL G 249 -6.98 47.41 -4.94
N ASP G 250 -5.99 46.97 -4.17
CA ASP G 250 -6.14 45.80 -3.33
C ASP G 250 -6.85 46.15 -2.02
N LEU G 251 -7.19 45.12 -1.26
CA LEU G 251 -7.95 45.33 -0.03
C LEU G 251 -7.13 46.08 1.01
N THR G 252 -5.85 45.72 1.16
CA THR G 252 -5.01 46.33 2.18
C THR G 252 -4.61 47.77 1.85
N GLU G 253 -4.90 48.24 0.64
CA GLU G 253 -4.51 49.59 0.27
C GLU G 253 -5.42 50.64 0.92
N PHE G 254 -6.66 50.28 1.23
CA PHE G 254 -7.59 51.25 1.79
C PHE G 254 -7.09 51.78 3.12
N GLN G 255 -6.63 50.90 4.01
CA GLN G 255 -6.23 51.33 5.35
C GLN G 255 -5.06 52.30 5.29
N THR G 256 -4.08 52.02 4.42
CA THR G 256 -2.92 52.90 4.32
C THR G 256 -3.32 54.30 3.87
N ASN G 257 -4.20 54.38 2.87
CA ASN G 257 -4.56 55.68 2.31
C ASN G 257 -5.54 56.45 3.19
N LEU G 258 -6.46 55.76 3.86
CA LEU G 258 -7.58 56.41 4.53
C LEU G 258 -7.45 56.44 6.05
N VAL G 259 -6.32 56.00 6.60
CA VAL G 259 -6.14 55.96 8.04
C VAL G 259 -4.84 56.65 8.42
N PRO G 260 -4.80 57.99 8.49
CA PRO G 260 -3.56 58.65 8.90
C PRO G 260 -3.10 58.24 10.29
N TYR G 261 -4.03 58.04 11.22
CA TYR G 261 -3.71 57.68 12.59
C TYR G 261 -4.56 56.48 12.98
N PRO G 262 -4.10 55.69 13.94
CA PRO G 262 -4.81 54.43 14.23
C PRO G 262 -6.27 54.63 14.63
N ARG G 263 -6.57 55.72 15.34
CA ARG G 263 -7.93 55.91 15.82
C ARG G 263 -8.83 56.54 14.76
N ILE G 264 -8.27 57.33 13.84
CA ILE G 264 -9.05 58.06 12.85
C ILE G 264 -9.21 57.15 11.64
N HIS G 265 -10.16 56.23 11.72
CA HIS G 265 -10.37 55.24 10.66
C HIS G 265 -11.86 55.09 10.36
N PHE G 266 -12.57 56.20 10.23
CA PHE G 266 -14.01 56.21 9.98
C PHE G 266 -14.30 57.00 8.70
N PRO G 267 -14.03 56.41 7.54
CA PRO G 267 -14.38 57.05 6.26
C PRO G 267 -15.82 56.78 5.89
N LEU G 268 -16.64 57.83 5.83
CA LEU G 268 -18.02 57.68 5.44
C LEU G 268 -18.13 57.35 3.96
N VAL G 269 -19.13 56.56 3.62
CA VAL G 269 -19.28 56.05 2.26
C VAL G 269 -20.05 57.03 1.40
N THR G 270 -19.77 57.01 0.10
CA THR G 270 -20.51 57.79 -0.88
C THR G 270 -20.52 57.01 -2.19
N TYR G 271 -21.59 57.21 -2.97
CA TYR G 271 -21.73 56.48 -4.22
C TYR G 271 -22.39 57.39 -5.25
N SER G 272 -22.15 57.08 -6.52
CA SER G 272 -22.72 57.82 -7.63
C SER G 272 -22.56 57.00 -8.92
N PRO G 273 -23.54 57.06 -9.84
CA PRO G 273 -24.81 57.78 -9.79
C PRO G 273 -25.95 56.91 -9.25
N ILE G 274 -26.86 57.50 -8.48
CA ILE G 274 -28.08 56.84 -8.04
C ILE G 274 -29.23 57.50 -8.77
N ILE G 275 -29.60 56.96 -9.91
CA ILE G 275 -30.62 57.54 -10.78
C ILE G 275 -31.60 56.45 -11.20
N SER G 276 -32.88 56.78 -11.21
CA SER G 276 -33.89 55.84 -11.63
C SER G 276 -33.79 55.58 -13.13
N ALA G 277 -34.32 54.44 -13.57
CA ALA G 277 -34.22 54.05 -14.97
C ALA G 277 -34.82 55.11 -15.88
N GLU G 278 -36.05 55.53 -15.59
CA GLU G 278 -36.69 56.53 -16.43
C GLU G 278 -35.96 57.86 -16.38
N LYS G 279 -35.51 58.27 -15.19
CA LYS G 279 -34.86 59.57 -15.05
C LYS G 279 -33.52 59.61 -15.76
N ALA G 280 -32.84 58.46 -15.86
CA ALA G 280 -31.51 58.42 -16.46
C ALA G 280 -31.51 58.77 -17.94
N TYR G 281 -32.62 58.56 -18.64
CA TYR G 281 -32.67 58.86 -20.06
C TYR G 281 -32.48 60.34 -20.35
N HIS G 282 -32.64 61.20 -19.36
CA HIS G 282 -32.48 62.64 -19.53
C HIS G 282 -31.15 63.13 -19.01
N GLU G 283 -30.19 62.23 -18.79
CA GLU G 283 -28.89 62.58 -18.23
C GLU G 283 -27.78 62.04 -19.12
N GLN G 284 -26.62 62.69 -19.02
CA GLN G 284 -25.46 62.32 -19.82
C GLN G 284 -24.51 61.37 -19.09
N LEU G 285 -24.36 61.56 -17.78
CA LEU G 285 -23.48 60.72 -16.96
C LEU G 285 -22.04 60.78 -17.47
N SER G 286 -21.51 62.00 -17.50
CA SER G 286 -20.10 62.18 -17.81
C SER G 286 -19.26 61.88 -16.56
N VAL G 287 -17.96 61.69 -16.77
CA VAL G 287 -17.06 61.34 -15.67
C VAL G 287 -17.06 62.45 -14.62
N PRO G 288 -16.90 63.73 -15.00
CA PRO G 288 -16.95 64.78 -13.97
C PRO G 288 -18.29 64.85 -13.26
N GLU G 289 -19.38 64.59 -13.96
CA GLU G 289 -20.71 64.70 -13.36
C GLU G 289 -20.84 63.76 -12.17
N ILE G 290 -20.51 62.49 -12.36
CA ILE G 290 -20.58 61.53 -11.26
C ILE G 290 -19.54 61.86 -10.20
N THR G 291 -18.37 62.35 -10.63
CA THR G 291 -17.31 62.67 -9.68
C THR G 291 -17.71 63.82 -8.78
N ASN G 292 -18.23 64.90 -9.37
CA ASN G 292 -18.65 66.05 -8.59
C ASN G 292 -19.90 65.78 -7.76
N ALA G 293 -20.63 64.70 -8.06
CA ALA G 293 -21.82 64.35 -7.30
C ALA G 293 -21.50 63.79 -5.92
N CYS G 294 -20.25 63.41 -5.66
CA CYS G 294 -19.86 62.80 -4.40
C CYS G 294 -19.30 63.81 -3.40
N PHE G 295 -19.14 65.07 -3.78
CA PHE G 295 -18.58 66.10 -2.92
C PHE G 295 -19.63 67.14 -2.54
N GLU G 296 -20.87 66.70 -2.34
CA GLU G 296 -21.94 67.53 -1.83
C GLU G 296 -22.66 66.79 -0.71
N TYR G 297 -23.08 67.53 0.31
CA TYR G 297 -23.68 66.90 1.48
C TYR G 297 -25.05 66.30 1.20
N SER G 298 -25.55 66.39 -0.03
CA SER G 298 -26.82 65.78 -0.41
C SER G 298 -26.65 64.36 -0.92
N ASN G 299 -25.41 63.88 -1.09
CA ASN G 299 -25.14 62.52 -1.55
C ASN G 299 -24.12 61.91 -0.59
N GLN G 300 -24.59 61.37 0.53
CA GLN G 300 -23.76 60.68 1.50
C GLN G 300 -24.56 59.57 2.13
N MET G 301 -23.88 58.48 2.49
CA MET G 301 -24.51 57.40 3.22
C MET G 301 -24.53 57.64 4.72
N VAL G 302 -23.78 58.61 5.21
CA VAL G 302 -23.82 59.05 6.59
C VAL G 302 -24.25 60.52 6.59
N LYS G 303 -25.32 60.82 7.33
CA LYS G 303 -25.90 62.16 7.30
C LYS G 303 -25.00 63.11 8.10
N CYS G 304 -23.86 63.44 7.50
CA CYS G 304 -22.95 64.45 8.02
C CYS G 304 -22.57 65.37 6.88
N ASP G 305 -22.41 66.66 7.19
CA ASP G 305 -22.10 67.66 6.18
C ASP G 305 -20.59 67.78 6.05
N PRO G 306 -19.99 67.37 4.94
CA PRO G 306 -18.53 67.52 4.81
C PRO G 306 -18.06 68.96 4.91
N ARG G 307 -18.86 69.91 4.42
CA ARG G 307 -18.45 71.30 4.44
C ARG G 307 -18.24 71.81 5.86
N ARG G 308 -18.90 71.21 6.85
CA ARG G 308 -18.67 71.60 8.24
C ARG G 308 -17.24 71.30 8.65
N GLY G 309 -16.72 70.15 8.24
CA GLY G 309 -15.37 69.74 8.58
C GLY G 309 -14.41 69.81 7.41
N LYS G 310 -13.35 69.01 7.46
CA LYS G 310 -12.31 69.01 6.44
C LYS G 310 -11.99 67.59 6.04
N TYR G 311 -11.83 67.35 4.74
CA TYR G 311 -11.35 66.06 4.28
C TYR G 311 -9.88 65.88 4.67
N MET G 312 -9.49 64.62 4.90
CA MET G 312 -8.10 64.30 5.16
C MET G 312 -7.64 63.05 4.41
N ALA G 313 -8.52 62.36 3.69
CA ALA G 313 -8.15 61.24 2.85
C ALA G 313 -9.37 60.83 2.04
N CYS G 314 -9.14 60.44 0.79
CA CYS G 314 -10.22 60.05 -0.10
C CYS G 314 -9.73 58.97 -1.06
N CYS G 315 -10.51 57.90 -1.18
CA CYS G 315 -10.26 56.83 -2.14
C CYS G 315 -11.40 56.81 -3.15
N LEU G 316 -11.06 56.96 -4.42
CA LEU G 316 -12.03 56.94 -5.51
C LEU G 316 -11.85 55.63 -6.28
N LEU G 317 -12.91 54.83 -6.31
CA LEU G 317 -12.90 53.53 -6.96
C LEU G 317 -13.83 53.61 -8.17
N TYR G 318 -13.30 54.08 -9.28
CA TYR G 318 -14.08 54.18 -10.50
C TYR G 318 -14.35 52.80 -11.09
N ARG G 319 -15.42 52.70 -11.86
CA ARG G 319 -15.87 51.43 -12.41
C ARG G 319 -16.47 51.66 -13.79
N GLY G 320 -16.46 50.59 -14.59
CA GLY G 320 -16.99 50.66 -15.94
C GLY G 320 -15.99 51.22 -16.92
N ASP G 321 -16.50 51.57 -18.10
CA ASP G 321 -15.68 52.15 -19.16
C ASP G 321 -15.33 53.58 -18.75
N VAL G 322 -14.14 53.74 -18.16
CA VAL G 322 -13.69 55.02 -17.63
C VAL G 322 -12.42 55.44 -18.35
N VAL G 323 -12.37 56.69 -18.78
CA VAL G 323 -11.15 57.28 -19.33
C VAL G 323 -10.38 57.90 -18.18
N PRO G 324 -9.26 57.31 -17.75
CA PRO G 324 -8.56 57.86 -16.58
C PRO G 324 -8.11 59.30 -16.77
N LYS G 325 -7.87 59.72 -18.00
CA LYS G 325 -7.54 61.12 -18.26
C LYS G 325 -8.64 62.04 -17.72
N ASP G 326 -9.90 61.69 -17.98
CA ASP G 326 -11.01 62.46 -17.42
C ASP G 326 -11.01 62.38 -15.90
N VAL G 327 -10.66 61.22 -15.35
CA VAL G 327 -10.58 61.08 -13.90
C VAL G 327 -9.54 62.04 -13.34
N ASN G 328 -8.38 62.11 -13.99
CA ASN G 328 -7.33 63.03 -13.54
C ASN G 328 -7.82 64.47 -13.61
N ALA G 329 -8.48 64.84 -14.72
CA ALA G 329 -8.97 66.20 -14.86
C ALA G 329 -10.06 66.52 -13.84
N ALA G 330 -11.01 65.59 -13.67
CA ALA G 330 -12.11 65.84 -12.74
C ALA G 330 -11.59 65.98 -11.30
N ILE G 331 -10.66 65.11 -10.91
CA ILE G 331 -10.13 65.18 -9.55
C ILE G 331 -9.36 66.48 -9.35
N ALA G 332 -8.65 66.94 -10.37
CA ALA G 332 -7.88 68.17 -10.24
C ALA G 332 -8.80 69.37 -9.96
N ALA G 333 -9.95 69.41 -10.63
CA ALA G 333 -10.86 70.53 -10.43
C ALA G 333 -11.34 70.60 -8.99
N ILE G 334 -11.67 69.44 -8.40
CA ILE G 334 -12.16 69.42 -7.03
C ILE G 334 -11.10 69.92 -6.06
N LYS G 335 -9.83 69.80 -6.41
CA LYS G 335 -8.75 70.26 -5.55
C LYS G 335 -8.60 71.77 -5.55
N THR G 336 -9.27 72.48 -6.47
CA THR G 336 -9.11 73.92 -6.59
C THR G 336 -10.44 74.64 -6.41
N ARG G 337 -11.22 74.23 -5.41
CA ARG G 337 -12.46 74.89 -5.04
C ARG G 337 -12.41 75.28 -3.57
N ARG G 338 -12.75 76.54 -3.28
CA ARG G 338 -12.62 77.04 -1.91
C ARG G 338 -13.56 76.29 -0.96
N SER G 339 -14.77 75.99 -1.41
CA SER G 339 -15.71 75.28 -0.54
C SER G 339 -15.16 73.91 -0.16
N ILE G 340 -14.58 73.20 -1.12
CA ILE G 340 -13.90 71.94 -0.81
C ILE G 340 -12.60 72.26 -0.09
N GLN G 341 -12.43 71.68 1.10
CA GLN G 341 -11.32 72.04 1.97
C GLN G 341 -10.68 70.77 2.51
N PHE G 342 -9.42 70.54 2.13
CA PHE G 342 -8.63 69.45 2.68
C PHE G 342 -7.77 69.97 3.83
N VAL G 343 -7.23 69.04 4.61
CA VAL G 343 -6.40 69.42 5.74
C VAL G 343 -5.05 69.93 5.26
N ASP G 344 -4.41 70.74 6.10
CA ASP G 344 -3.17 71.41 5.70
C ASP G 344 -2.04 70.40 5.46
N TRP G 345 -1.93 69.38 6.31
CA TRP G 345 -0.78 68.50 6.32
C TRP G 345 -0.93 67.29 5.40
N CYS G 346 -1.93 67.28 4.52
CA CYS G 346 -2.14 66.19 3.57
C CYS G 346 -2.31 66.76 2.17
N PRO G 347 -1.24 67.27 1.57
CA PRO G 347 -1.35 67.77 0.19
C PRO G 347 -1.78 66.70 -0.79
N THR G 348 -1.38 65.46 -0.57
CA THR G 348 -1.66 64.34 -1.46
C THR G 348 -2.84 63.56 -0.87
N GLY G 349 -4.05 63.98 -1.24
CA GLY G 349 -5.25 63.47 -0.60
C GLY G 349 -6.22 62.73 -1.50
N PHE G 350 -5.72 61.86 -2.38
CA PHE G 350 -6.60 61.08 -3.23
C PHE G 350 -5.96 59.73 -3.52
N LYS G 351 -6.81 58.76 -3.90
CA LYS G 351 -6.36 57.42 -4.26
C LYS G 351 -7.36 56.89 -5.30
N VAL G 352 -6.92 56.80 -6.54
CA VAL G 352 -7.78 56.41 -7.65
C VAL G 352 -7.74 54.91 -7.84
N GLY G 353 -8.83 54.36 -8.37
CA GLY G 353 -8.92 52.95 -8.68
C GLY G 353 -9.94 52.69 -9.77
N ILE G 354 -9.58 51.88 -10.76
CA ILE G 354 -10.40 51.68 -11.94
C ILE G 354 -10.48 50.18 -12.23
N ASN G 355 -11.67 49.71 -12.60
CA ASN G 355 -11.87 48.33 -13.02
C ASN G 355 -12.81 48.32 -14.21
N TYR G 356 -12.51 47.47 -15.19
CA TYR G 356 -13.29 47.39 -16.43
C TYR G 356 -14.44 46.40 -16.26
N GLN G 357 -15.42 46.81 -15.45
CA GLN G 357 -16.60 45.99 -15.23
C GLN G 357 -17.78 46.87 -14.81
N PRO G 358 -18.68 47.23 -15.72
CA PRO G 358 -19.76 48.13 -15.33
C PRO G 358 -20.67 47.48 -14.30
N PRO G 359 -21.30 48.28 -13.44
CA PRO G 359 -22.20 47.70 -12.44
C PRO G 359 -23.34 46.92 -13.08
N THR G 360 -23.75 45.85 -12.41
CA THR G 360 -24.85 45.01 -12.87
C THR G 360 -26.13 45.39 -12.14
N VAL G 361 -27.26 45.19 -12.82
CA VAL G 361 -28.57 45.55 -12.30
C VAL G 361 -29.25 44.29 -11.81
N VAL G 362 -29.64 44.29 -10.53
CA VAL G 362 -30.42 43.15 -10.02
C VAL G 362 -31.77 43.10 -10.73
N PRO G 363 -32.28 41.93 -11.11
CA PRO G 363 -33.58 41.90 -11.78
C PRO G 363 -34.65 42.55 -10.92
N GLY G 364 -35.50 43.34 -11.57
CA GLY G 364 -36.51 44.10 -10.85
C GLY G 364 -35.96 45.19 -9.97
N GLY G 365 -34.69 45.54 -10.10
CA GLY G 365 -34.11 46.56 -9.28
C GLY G 365 -34.58 47.96 -9.65
N ASP G 366 -34.35 48.90 -8.74
CA ASP G 366 -34.79 50.26 -8.95
C ASP G 366 -33.75 51.07 -9.74
N LEU G 367 -32.50 51.01 -9.32
CA LEU G 367 -31.46 51.80 -9.97
C LEU G 367 -31.25 51.34 -11.41
N ALA G 368 -30.76 52.25 -12.24
CA ALA G 368 -30.65 52.03 -13.68
C ALA G 368 -29.41 51.21 -14.01
N LYS G 369 -29.22 50.98 -15.31
CA LYS G 369 -28.05 50.24 -15.82
C LYS G 369 -27.03 51.27 -16.28
N VAL G 370 -26.25 51.77 -15.32
CA VAL G 370 -25.28 52.81 -15.61
C VAL G 370 -24.07 52.20 -16.32
N GLN G 371 -23.62 52.87 -17.38
CA GLN G 371 -22.40 52.46 -18.07
C GLN G 371 -21.16 52.73 -17.23
N ARG G 372 -21.27 53.56 -16.20
CA ARG G 372 -20.11 54.00 -15.44
C ARG G 372 -20.56 54.45 -14.06
N ALA G 373 -19.69 54.26 -13.08
CA ALA G 373 -20.04 54.56 -11.69
C ALA G 373 -18.76 54.86 -10.92
N VAL G 374 -18.92 55.44 -9.74
CA VAL G 374 -17.81 55.81 -8.87
C VAL G 374 -18.27 55.69 -7.43
N CYS G 375 -17.32 55.30 -6.56
CA CYS G 375 -17.57 55.22 -5.12
C CYS G 375 -16.42 55.89 -4.39
N MET G 376 -16.75 56.66 -3.36
CA MET G 376 -15.77 57.38 -2.57
C MET G 376 -15.80 56.90 -1.13
N LEU G 377 -14.62 56.90 -0.51
CA LEU G 377 -14.45 56.48 0.88
C LEU G 377 -13.74 57.57 1.66
N SER G 378 -14.20 58.81 1.49
CA SER G 378 -13.54 59.94 2.09
C SER G 378 -13.56 59.84 3.61
N ASN G 379 -12.47 60.29 4.24
CA ASN G 379 -12.36 60.38 5.69
C ASN G 379 -12.35 61.85 6.07
N THR G 380 -13.35 62.27 6.82
CA THR G 380 -13.57 63.68 7.11
C THR G 380 -13.70 63.89 8.62
N THR G 381 -13.16 65.00 9.11
CA THR G 381 -13.27 65.36 10.51
C THR G 381 -14.67 65.84 10.87
N ALA G 382 -15.53 66.09 9.88
CA ALA G 382 -16.92 66.44 10.16
C ALA G 382 -17.66 65.31 10.86
N ILE G 383 -17.14 64.08 10.80
CA ILE G 383 -17.76 62.97 11.50
C ILE G 383 -17.62 63.10 13.01
N ALA G 384 -16.68 63.93 13.48
CA ALA G 384 -16.56 64.15 14.92
C ALA G 384 -17.84 64.75 15.48
N GLU G 385 -18.62 65.44 14.64
CA GLU G 385 -19.91 65.96 15.10
C GLU G 385 -20.84 64.82 15.52
N ALA G 386 -20.87 63.75 14.72
CA ALA G 386 -21.73 62.62 15.04
C ALA G 386 -21.32 61.98 16.37
N TRP G 387 -20.01 61.79 16.57
CA TRP G 387 -19.55 61.21 17.82
C TRP G 387 -19.91 62.09 19.01
N ALA G 388 -19.74 63.41 18.85
CA ALA G 388 -20.09 64.34 19.94
C ALA G 388 -21.57 64.25 20.26
N ARG G 389 -22.41 64.18 19.23
CA ARG G 389 -23.85 64.04 19.45
C ARG G 389 -24.15 62.72 20.18
N LEU G 390 -23.50 61.64 19.76
CA LEU G 390 -23.73 60.35 20.41
C LEU G 390 -23.26 60.39 21.86
N ASP G 391 -22.11 61.02 22.12
CA ASP G 391 -21.66 61.18 23.49
C ASP G 391 -22.60 62.06 24.30
N HIS G 392 -23.24 63.03 23.65
CA HIS G 392 -24.20 63.88 24.34
C HIS G 392 -25.43 63.09 24.77
N LYS G 393 -25.98 62.27 23.86
CA LYS G 393 -27.12 61.45 24.22
C LYS G 393 -26.76 60.44 25.30
N PHE G 394 -25.58 59.85 25.21
CA PHE G 394 -25.14 58.90 26.23
C PHE G 394 -25.05 59.58 27.60
N ASP G 395 -24.50 60.80 27.64
CA ASP G 395 -24.33 61.48 28.91
C ASP G 395 -25.66 61.84 29.54
N LEU G 396 -26.69 62.13 28.73
CA LEU G 396 -28.00 62.46 29.28
C LEU G 396 -28.55 61.30 30.08
N MET G 397 -28.43 60.08 29.57
CA MET G 397 -29.02 58.91 30.22
C MET G 397 -28.17 58.47 31.41
N TYR G 398 -26.89 58.18 31.19
CA TYR G 398 -26.04 57.65 32.25
C TYR G 398 -25.87 58.66 33.38
N SER G 399 -26.15 59.94 33.15
CA SER G 399 -26.09 60.91 34.23
C SER G 399 -27.07 60.57 35.33
N LYS G 400 -28.28 60.14 34.96
CA LYS G 400 -29.28 59.69 35.91
C LYS G 400 -29.22 58.18 36.16
N ARG G 401 -28.35 57.46 35.46
CA ARG G 401 -28.21 56.02 35.64
C ARG G 401 -29.55 55.33 35.35
N ALA G 402 -29.98 55.47 34.09
CA ALA G 402 -31.35 55.16 33.70
C ALA G 402 -31.56 53.76 33.17
N PHE G 403 -30.51 53.09 32.68
CA PHE G 403 -30.67 51.76 32.11
C PHE G 403 -29.54 50.80 32.47
N VAL G 404 -28.63 51.19 33.37
CA VAL G 404 -27.46 50.36 33.62
C VAL G 404 -27.83 49.03 34.26
N HIS G 405 -28.94 48.99 35.00
CA HIS G 405 -29.30 47.78 35.73
C HIS G 405 -29.43 46.58 34.79
N TRP G 406 -29.87 46.82 33.56
CA TRP G 406 -29.93 45.72 32.59
C TRP G 406 -28.54 45.19 32.28
N TYR G 407 -27.56 46.09 32.12
CA TYR G 407 -26.22 45.68 31.75
C TYR G 407 -25.46 45.09 32.94
N VAL G 408 -25.61 45.68 34.12
CA VAL G 408 -24.89 45.18 35.29
C VAL G 408 -25.30 43.75 35.60
N GLY G 409 -26.60 43.47 35.52
CA GLY G 409 -27.08 42.12 35.76
C GLY G 409 -26.61 41.10 34.76
N GLU G 410 -26.02 41.54 33.65
CA GLU G 410 -25.50 40.65 32.60
C GLU G 410 -23.99 40.50 32.69
N GLY G 411 -23.44 40.54 33.90
CA GLY G 411 -22.01 40.36 34.09
C GLY G 411 -21.16 41.48 33.49
N MET G 412 -21.56 42.73 33.71
CA MET G 412 -20.86 43.89 33.17
C MET G 412 -20.57 44.85 34.31
N GLU G 413 -19.29 45.17 34.51
CA GLU G 413 -18.91 46.07 35.59
C GLU G 413 -19.41 47.47 35.34
N GLU G 414 -19.65 48.21 36.44
CA GLU G 414 -20.21 49.55 36.34
C GLU G 414 -19.25 50.50 35.62
N GLY G 415 -17.95 50.40 35.91
CA GLY G 415 -16.99 51.34 35.37
C GLY G 415 -16.86 51.30 33.86
N GLU G 416 -17.38 50.27 33.21
CA GLU G 416 -17.27 50.16 31.77
C GLU G 416 -17.91 51.35 31.07
N PHE G 417 -19.06 51.80 31.57
CA PHE G 417 -19.68 53.00 31.01
C PHE G 417 -18.79 54.22 31.20
N SER G 418 -18.15 54.34 32.38
CA SER G 418 -17.26 55.46 32.62
C SER G 418 -16.08 55.44 31.66
N GLU G 419 -15.45 54.27 31.50
CA GLU G 419 -14.33 54.16 30.57
C GLU G 419 -14.78 54.39 29.14
N ALA G 420 -15.96 53.90 28.78
CA ALA G 420 -16.43 54.02 27.41
C ALA G 420 -16.57 55.49 27.00
N ARG G 421 -17.14 56.31 27.86
CA ARG G 421 -17.30 57.72 27.52
C ARG G 421 -15.96 58.44 27.52
N GLU G 422 -15.09 58.14 28.48
CA GLU G 422 -13.79 58.79 28.52
C GLU G 422 -12.98 58.46 27.27
N ASP G 423 -13.05 57.21 26.80
CA ASP G 423 -12.36 56.84 25.57
C ASP G 423 -12.90 57.64 24.38
N MET G 424 -14.23 57.77 24.29
CA MET G 424 -14.81 58.57 23.22
C MET G 424 -14.48 60.04 23.38
N ALA G 425 -14.33 60.51 24.62
CA ALA G 425 -13.94 61.89 24.86
C ALA G 425 -12.57 62.18 24.25
N ALA G 426 -11.63 61.26 24.43
CA ALA G 426 -10.31 61.42 23.81
C ALA G 426 -10.41 61.40 22.30
N LEU G 427 -11.33 60.59 21.76
CA LEU G 427 -11.50 60.54 20.31
C LEU G 427 -11.91 61.90 19.76
N GLU G 428 -12.77 62.62 20.49
CA GLU G 428 -13.17 63.96 20.05
C GLU G 428 -11.97 64.88 20.00
N LYS G 429 -11.13 64.87 21.04
CA LYS G 429 -9.95 65.73 21.06
C LYS G 429 -8.97 65.32 19.96
N ASP G 430 -8.81 64.02 19.73
CA ASP G 430 -7.92 63.57 18.66
C ASP G 430 -8.38 64.10 17.31
N TYR G 431 -9.69 64.07 17.05
CA TYR G 431 -10.22 64.65 15.82
C TYR G 431 -9.97 66.15 15.78
N GLU G 432 -10.13 66.83 16.91
CA GLU G 432 -9.98 68.28 16.94
C GLU G 432 -8.56 68.69 16.58
N GLU G 433 -7.55 68.01 17.14
CA GLU G 433 -6.17 68.35 16.85
C GLU G 433 -5.85 68.15 15.37
N VAL G 434 -6.32 67.04 14.79
CA VAL G 434 -6.07 66.77 13.39
C VAL G 434 -6.71 67.81 12.49
N GLY G 435 -7.78 68.48 12.96
CA GLY G 435 -8.45 69.47 12.16
C GLY G 435 -7.72 70.79 12.02
N THR G 436 -6.66 70.99 12.79
CA THR G 436 -5.87 72.20 12.76
C THR G 436 -4.47 71.90 12.21
N GLU G 437 -3.63 72.93 12.18
CA GLU G 437 -2.27 72.82 11.70
C GLU G 437 -1.31 73.28 12.79
N SER G 438 -0.20 72.55 12.93
CA SER G 438 0.81 72.90 13.93
C SER G 438 1.74 73.98 13.41
N MET H 1 -2.68 -11.69 -0.49
CA MET H 1 -2.24 -11.48 0.92
C MET H 1 -2.82 -12.58 1.81
N ARG H 2 -2.30 -12.69 3.02
CA ARG H 2 -2.61 -13.82 3.88
C ARG H 2 -3.84 -13.53 4.76
N GLU H 3 -4.39 -14.61 5.31
CA GLU H 3 -5.69 -14.58 5.97
C GLU H 3 -5.60 -13.95 7.36
N CYS H 4 -6.76 -13.48 7.83
CA CYS H 4 -6.93 -12.98 9.18
C CYS H 4 -8.28 -13.46 9.70
N ILE H 5 -8.29 -13.94 10.94
CA ILE H 5 -9.50 -14.52 11.54
C ILE H 5 -10.18 -13.46 12.39
N SER H 6 -11.51 -13.48 12.38
CA SER H 6 -12.32 -12.59 13.19
C SER H 6 -13.07 -13.39 14.24
N ILE H 7 -12.94 -12.98 15.50
CA ILE H 7 -13.63 -13.62 16.62
C ILE H 7 -14.55 -12.57 17.23
N HIS H 8 -15.85 -12.87 17.23
CA HIS H 8 -16.86 -11.95 17.75
C HIS H 8 -17.44 -12.56 19.02
N ILE H 9 -17.37 -11.80 20.12
CA ILE H 9 -17.72 -12.29 21.44
C ILE H 9 -18.77 -11.36 22.04
N GLY H 10 -19.77 -11.97 22.70
CA GLY H 10 -20.78 -11.20 23.40
C GLY H 10 -21.81 -10.62 22.45
N GLN H 11 -22.82 -9.99 23.03
CA GLN H 11 -23.86 -9.34 22.23
C GLN H 11 -23.26 -8.22 21.39
N ALA H 12 -22.35 -7.43 21.98
CA ALA H 12 -21.70 -6.36 21.24
C ALA H 12 -20.93 -6.92 20.05
N GLY H 13 -20.12 -7.96 20.30
CA GLY H 13 -19.31 -8.51 19.22
C GLY H 13 -20.16 -9.09 18.10
N VAL H 14 -21.17 -9.88 18.47
CA VAL H 14 -22.01 -10.52 17.45
C VAL H 14 -22.78 -9.46 16.67
N GLN H 15 -23.39 -8.52 17.37
CA GLN H 15 -24.16 -7.47 16.69
C GLN H 15 -23.25 -6.60 15.84
N MET H 16 -22.07 -6.25 16.37
CA MET H 16 -21.12 -5.47 15.59
C MET H 16 -20.58 -6.27 14.41
N GLY H 17 -20.34 -7.57 14.61
CA GLY H 17 -19.79 -8.37 13.54
C GLY H 17 -20.69 -8.44 12.33
N ASN H 18 -22.01 -8.55 12.56
CA ASN H 18 -22.94 -8.61 11.44
C ASN H 18 -22.85 -7.35 10.58
N ALA H 19 -22.65 -6.19 11.20
CA ALA H 19 -22.45 -4.97 10.44
C ALA H 19 -21.20 -5.04 9.57
N CYS H 20 -20.12 -5.60 10.13
CA CYS H 20 -18.86 -5.67 9.39
C CYS H 20 -19.02 -6.53 8.14
N TRP H 21 -19.54 -7.75 8.31
CA TRP H 21 -19.61 -8.69 7.20
C TRP H 21 -20.64 -8.29 6.15
N GLU H 22 -21.52 -7.35 6.45
CA GLU H 22 -22.33 -6.73 5.40
C GLU H 22 -21.47 -5.90 4.48
N LEU H 23 -20.49 -5.19 5.04
CA LEU H 23 -19.58 -4.37 4.23
C LEU H 23 -18.69 -5.26 3.36
N TYR H 24 -18.11 -6.31 3.94
CA TYR H 24 -17.19 -7.15 3.18
C TYR H 24 -17.88 -7.74 1.95
N CYS H 25 -19.10 -8.23 2.12
CA CYS H 25 -19.84 -8.77 0.98
C CYS H 25 -20.03 -7.71 -0.10
N LEU H 26 -20.26 -6.46 0.31
CA LEU H 26 -20.46 -5.39 -0.66
C LEU H 26 -19.15 -5.01 -1.34
N GLU H 27 -18.05 -4.96 -0.58
CA GLU H 27 -16.76 -4.59 -1.18
C GLU H 27 -16.36 -5.58 -2.26
N HIS H 28 -16.53 -6.88 -2.00
CA HIS H 28 -16.18 -7.92 -2.95
C HIS H 28 -17.35 -8.34 -3.83
N GLY H 29 -18.50 -7.69 -3.68
CA GLY H 29 -19.66 -8.02 -4.50
C GLY H 29 -20.17 -9.43 -4.27
N ILE H 30 -20.17 -9.89 -3.03
CA ILE H 30 -20.65 -11.23 -2.70
C ILE H 30 -22.11 -11.15 -2.31
N GLN H 31 -22.94 -12.00 -2.91
CA GLN H 31 -24.36 -12.03 -2.58
C GLN H 31 -24.56 -12.54 -1.16
N GLN H 32 -25.61 -12.03 -0.51
CA GLN H 32 -25.91 -12.46 0.85
C GLN H 32 -26.16 -13.96 0.94
N ASP H 33 -26.55 -14.59 -0.17
CA ASP H 33 -26.72 -16.04 -0.20
C ASP H 33 -25.40 -16.79 -0.07
N GLY H 34 -24.27 -16.08 -0.18
CA GLY H 34 -22.96 -16.70 -0.13
C GLY H 34 -22.34 -16.96 -1.48
N ILE H 35 -23.11 -16.93 -2.55
CA ILE H 35 -22.64 -17.23 -3.89
C ILE H 35 -22.26 -15.93 -4.58
N ILE H 36 -21.03 -15.86 -5.06
CA ILE H 36 -20.54 -14.70 -5.81
C ILE H 36 -21.27 -14.66 -7.15
N PRO H 37 -21.57 -13.48 -7.70
CA PRO H 37 -22.18 -13.44 -9.03
C PRO H 37 -21.33 -14.18 -10.06
N ASP H 38 -21.94 -14.41 -11.22
CA ASP H 38 -21.30 -15.21 -12.27
C ASP H 38 -20.10 -14.50 -12.90
N ASP H 45 -10.85 -10.52 -6.75
CA ASP H 45 -10.91 -11.98 -6.76
C ASP H 45 -9.95 -12.57 -5.75
N SER H 46 -8.66 -12.35 -5.94
CA SER H 46 -7.67 -12.83 -4.97
C SER H 46 -7.76 -12.11 -3.65
N SER H 47 -8.51 -11.00 -3.58
CA SER H 47 -8.58 -10.21 -2.36
C SER H 47 -9.39 -10.91 -1.28
N PHE H 48 -10.56 -11.45 -1.64
CA PHE H 48 -11.47 -11.97 -0.62
C PHE H 48 -10.90 -13.20 0.09
N GLY H 49 -9.85 -13.82 -0.43
CA GLY H 49 -9.30 -15.00 0.21
C GLY H 49 -8.84 -14.76 1.63
N THR H 50 -8.52 -13.52 1.99
CA THR H 50 -8.05 -13.24 3.33
C THR H 50 -9.16 -13.38 4.37
N PHE H 51 -10.38 -12.99 4.03
CA PHE H 51 -11.51 -13.06 4.94
C PHE H 51 -12.54 -14.11 4.57
N PHE H 52 -12.46 -14.69 3.38
CA PHE H 52 -13.42 -15.67 2.90
C PHE H 52 -12.71 -16.94 2.49
N SER H 53 -13.27 -18.08 2.86
CA SER H 53 -12.72 -19.38 2.51
C SER H 53 -13.45 -19.93 1.29
N GLU H 54 -12.69 -20.51 0.38
CA GLU H 54 -13.25 -21.02 -0.87
C GLU H 54 -13.94 -22.36 -0.65
N THR H 55 -14.71 -22.78 -1.65
CA THR H 55 -15.41 -24.05 -1.62
C THR H 55 -15.54 -24.56 -3.06
N GLY H 56 -15.80 -25.86 -3.19
CA GLY H 56 -15.96 -26.43 -4.51
C GLY H 56 -17.03 -25.71 -5.30
N SER H 57 -18.15 -25.39 -4.65
CA SER H 57 -19.17 -24.56 -5.27
C SER H 57 -18.73 -23.10 -5.25
N GLY H 58 -19.61 -22.22 -5.72
CA GLY H 58 -19.32 -20.79 -5.71
C GLY H 58 -19.58 -20.11 -4.39
N LYS H 59 -19.99 -20.85 -3.36
CA LYS H 59 -20.35 -20.27 -2.08
C LYS H 59 -19.11 -20.17 -1.20
N HIS H 60 -18.65 -18.95 -0.98
CA HIS H 60 -17.54 -18.70 -0.07
C HIS H 60 -18.04 -18.62 1.37
N VAL H 61 -17.19 -19.01 2.30
CA VAL H 61 -17.53 -19.08 3.72
C VAL H 61 -16.71 -18.03 4.45
N PRO H 62 -17.32 -17.17 5.27
CA PRO H 62 -16.52 -16.23 6.06
C PRO H 62 -15.63 -16.97 7.05
N ARG H 63 -14.43 -16.43 7.26
CA ARG H 63 -13.45 -17.03 8.17
C ARG H 63 -13.55 -16.37 9.55
N ALA H 64 -14.74 -16.47 10.13
CA ALA H 64 -15.03 -15.86 11.42
C ALA H 64 -15.79 -16.84 12.29
N VAL H 65 -15.73 -16.58 13.60
CA VAL H 65 -16.40 -17.40 14.61
C VAL H 65 -17.18 -16.48 15.52
N PHE H 66 -18.43 -16.86 15.81
CA PHE H 66 -19.32 -16.09 16.66
C PHE H 66 -19.62 -16.91 17.92
N VAL H 67 -19.45 -16.30 19.08
CA VAL H 67 -19.67 -16.94 20.37
C VAL H 67 -20.51 -16.01 21.23
N ASP H 68 -21.51 -16.57 21.90
CA ASP H 68 -22.33 -15.81 22.83
C ASP H 68 -23.01 -16.78 23.78
N LEU H 69 -22.87 -16.54 25.08
CA LEU H 69 -23.46 -17.41 26.09
C LEU H 69 -24.98 -17.36 26.11
N GLU H 70 -25.59 -16.37 25.46
CA GLU H 70 -27.04 -16.25 25.39
C GLU H 70 -27.48 -16.54 23.96
N GLN H 71 -28.41 -17.49 23.82
CA GLN H 71 -28.86 -17.95 22.52
C GLN H 71 -29.60 -16.86 21.74
N THR H 72 -30.07 -15.81 22.41
CA THR H 72 -30.97 -14.87 21.76
C THR H 72 -30.29 -14.10 20.64
N VAL H 73 -29.08 -13.58 20.88
CA VAL H 73 -28.47 -12.65 19.93
C VAL H 73 -28.12 -13.37 18.64
N ILE H 74 -27.45 -14.52 18.73
CA ILE H 74 -27.04 -15.23 17.53
C ILE H 74 -28.23 -15.77 16.77
N GLY H 75 -29.29 -16.16 17.48
CA GLY H 75 -30.47 -16.69 16.82
C GLY H 75 -31.02 -15.75 15.76
N GLU H 76 -30.88 -14.44 15.97
CA GLU H 76 -31.31 -13.48 14.96
C GLU H 76 -30.48 -13.65 13.68
N ILE H 77 -29.17 -13.83 13.82
CA ILE H 77 -28.33 -14.09 12.66
C ILE H 77 -28.70 -15.41 12.00
N ARG H 78 -28.92 -16.44 12.82
CA ARG H 78 -29.18 -17.77 12.30
C ARG H 78 -30.46 -17.85 11.49
N THR H 79 -31.34 -16.86 11.63
CA THR H 79 -32.60 -16.82 10.89
C THR H 79 -32.71 -15.61 9.99
N GLY H 80 -31.71 -14.74 9.96
CA GLY H 80 -31.77 -13.55 9.13
C GLY H 80 -31.43 -13.87 7.68
N HIS H 81 -31.32 -12.79 6.90
CA HIS H 81 -30.98 -12.93 5.49
C HIS H 81 -29.55 -13.40 5.27
N TYR H 82 -28.72 -13.43 6.31
CA TYR H 82 -27.37 -13.97 6.21
C TYR H 82 -27.26 -15.37 6.79
N ARG H 83 -28.37 -16.10 6.90
CA ARG H 83 -28.33 -17.43 7.48
C ARG H 83 -27.48 -18.37 6.64
N SER H 84 -27.56 -18.26 5.32
CA SER H 84 -26.82 -19.13 4.42
C SER H 84 -25.37 -18.68 4.22
N LEU H 85 -24.98 -17.54 4.77
CA LEU H 85 -23.62 -17.07 4.59
C LEU H 85 -22.64 -17.78 5.53
N PHE H 86 -23.06 -18.04 6.77
CA PHE H 86 -22.17 -18.58 7.78
C PHE H 86 -22.28 -20.10 7.84
N HIS H 87 -21.15 -20.75 8.05
CA HIS H 87 -21.14 -22.18 8.32
C HIS H 87 -21.88 -22.43 9.63
N PRO H 88 -22.83 -23.36 9.68
CA PRO H 88 -23.68 -23.48 10.88
C PRO H 88 -22.91 -23.71 12.16
N GLU H 89 -21.76 -24.39 12.11
CA GLU H 89 -21.01 -24.67 13.32
C GLU H 89 -20.23 -23.47 13.84
N GLN H 90 -20.01 -22.46 13.01
CA GLN H 90 -19.28 -21.28 13.46
C GLN H 90 -20.07 -20.53 14.53
N LEU H 91 -21.38 -20.43 14.37
CA LEU H 91 -22.24 -19.67 15.29
C LEU H 91 -22.42 -20.49 16.55
N ILE H 92 -21.58 -20.24 17.54
CA ILE H 92 -21.59 -20.96 18.80
C ILE H 92 -22.48 -20.22 19.79
N THR H 93 -23.39 -20.95 20.43
CA THR H 93 -24.35 -20.38 21.35
C THR H 93 -24.41 -21.21 22.63
N GLY H 94 -24.51 -20.54 23.77
CA GLY H 94 -24.69 -21.19 25.04
C GLY H 94 -26.15 -21.37 25.39
N LYS H 95 -26.41 -21.69 26.65
CA LYS H 95 -27.75 -21.92 27.15
C LYS H 95 -28.27 -20.80 28.04
N GLU H 96 -27.38 -20.11 28.77
CA GLU H 96 -27.79 -19.03 29.66
C GLU H 96 -26.78 -17.91 29.58
N ASP H 97 -27.26 -16.69 29.78
CA ASP H 97 -26.41 -15.51 29.71
C ASP H 97 -25.51 -15.42 30.94
N ALA H 98 -24.42 -14.65 30.79
CA ALA H 98 -23.46 -14.46 31.87
C ALA H 98 -23.95 -13.48 32.93
N ALA H 99 -25.04 -12.76 32.66
CA ALA H 99 -25.67 -11.89 33.65
C ALA H 99 -24.78 -10.74 34.07
N ASN H 100 -24.09 -10.14 33.09
CA ASN H 100 -23.22 -9.00 33.34
C ASN H 100 -22.26 -9.28 34.49
N ASN H 101 -21.78 -10.51 34.57
CA ASN H 101 -20.92 -10.97 35.65
C ASN H 101 -19.60 -11.45 35.06
N TYR H 102 -18.51 -10.80 35.48
CA TYR H 102 -17.19 -11.21 35.00
C TYR H 102 -16.86 -12.64 35.45
N ALA H 103 -17.22 -12.98 36.69
CA ALA H 103 -16.89 -14.32 37.20
C ALA H 103 -17.59 -15.41 36.39
N ARG H 104 -18.86 -15.22 36.06
CA ARG H 104 -19.58 -16.25 35.32
C ARG H 104 -18.93 -16.51 33.97
N GLY H 105 -18.69 -15.45 33.19
CA GLY H 105 -18.13 -15.62 31.87
C GLY H 105 -16.68 -16.00 31.84
N HIS H 106 -16.00 -16.02 32.98
CA HIS H 106 -14.58 -16.31 33.05
C HIS H 106 -14.23 -17.55 33.86
N TYR H 107 -15.08 -17.96 34.80
CA TYR H 107 -14.76 -19.06 35.71
C TYR H 107 -15.74 -20.22 35.62
N THR H 108 -17.04 -19.96 35.68
CA THR H 108 -18.03 -21.02 35.82
C THR H 108 -18.65 -21.44 34.50
N ILE H 109 -19.31 -20.51 33.80
CA ILE H 109 -19.98 -20.85 32.56
C ILE H 109 -19.11 -20.59 31.34
N GLY H 110 -18.18 -19.65 31.43
CA GLY H 110 -17.31 -19.39 30.30
C GLY H 110 -16.46 -20.58 29.92
N LYS H 111 -15.97 -21.32 30.92
CA LYS H 111 -15.11 -22.47 30.65
C LYS H 111 -15.90 -23.68 30.14
N GLU H 112 -17.22 -23.67 30.26
CA GLU H 112 -18.01 -24.80 29.78
C GLU H 112 -18.07 -24.83 28.26
N ILE H 113 -17.91 -23.68 27.61
CA ILE H 113 -18.00 -23.56 26.16
C ILE H 113 -16.71 -23.04 25.54
N VAL H 114 -15.70 -22.74 26.34
CA VAL H 114 -14.46 -22.18 25.81
C VAL H 114 -13.78 -23.20 24.89
N ASP H 115 -13.74 -24.46 25.31
CA ASP H 115 -13.06 -25.47 24.52
C ASP H 115 -13.74 -25.67 23.17
N SER H 116 -15.07 -25.53 23.12
CA SER H 116 -15.77 -25.67 21.85
C SER H 116 -15.34 -24.59 20.86
N VAL H 117 -15.15 -23.37 21.35
CA VAL H 117 -14.73 -22.28 20.48
C VAL H 117 -13.33 -22.54 19.94
N LEU H 118 -12.42 -22.99 20.80
CA LEU H 118 -11.06 -23.28 20.36
C LEU H 118 -11.06 -24.34 19.26
N ASP H 119 -11.93 -25.35 19.39
CA ASP H 119 -11.99 -26.40 18.38
C ASP H 119 -12.27 -25.82 17.00
N ARG H 120 -13.18 -24.86 16.92
CA ARG H 120 -13.47 -24.22 15.64
C ARG H 120 -12.38 -23.24 15.23
N VAL H 121 -11.71 -22.61 16.18
CA VAL H 121 -10.59 -21.73 15.85
C VAL H 121 -9.43 -22.53 15.28
N ARG H 122 -9.12 -23.67 15.90
CA ARG H 122 -8.01 -24.50 15.43
C ARG H 122 -8.32 -25.07 14.05
N LYS H 123 -9.53 -25.63 13.88
CA LYS H 123 -9.88 -26.21 12.59
C LYS H 123 -9.92 -25.14 11.50
N MET H 124 -10.23 -23.90 11.87
CA MET H 124 -10.20 -22.79 10.92
C MET H 124 -8.82 -22.16 10.79
N ALA H 125 -8.04 -22.19 11.86
CA ALA H 125 -6.67 -21.67 11.79
C ALA H 125 -5.74 -22.63 11.08
N ASP H 126 -5.99 -23.94 11.18
CA ASP H 126 -5.12 -24.92 10.56
C ASP H 126 -5.33 -24.99 9.05
N GLN H 127 -6.49 -24.57 8.54
CA GLN H 127 -6.80 -24.65 7.13
C GLN H 127 -6.32 -23.43 6.35
N CYS H 128 -5.34 -22.71 6.88
CA CYS H 128 -4.72 -21.59 6.17
C CYS H 128 -3.20 -21.78 6.20
N SER H 129 -2.57 -21.68 5.03
CA SER H 129 -1.12 -21.85 4.96
C SER H 129 -0.42 -20.83 5.83
N GLY H 130 -0.86 -19.58 5.80
CA GLY H 130 -0.37 -18.55 6.70
C GLY H 130 -1.52 -17.88 7.41
N LEU H 131 -1.22 -17.25 8.53
CA LEU H 131 -2.24 -16.61 9.37
C LEU H 131 -1.63 -15.37 10.01
N GLN H 132 -2.15 -14.20 9.63
CA GLN H 132 -1.65 -12.95 10.19
C GLN H 132 -1.94 -12.86 11.68
N GLY H 133 -3.18 -13.14 12.07
CA GLY H 133 -3.57 -13.04 13.46
C GLY H 133 -5.07 -13.14 13.62
N PHE H 134 -5.56 -12.60 14.73
CA PHE H 134 -6.97 -12.66 15.07
C PHE H 134 -7.52 -11.26 15.30
N LEU H 135 -8.73 -11.02 14.81
CA LEU H 135 -9.51 -9.84 15.16
C LEU H 135 -10.56 -10.23 16.18
N ILE H 136 -10.66 -9.45 17.26
CA ILE H 136 -11.53 -9.78 18.38
C ILE H 136 -12.39 -8.58 18.69
N PHE H 137 -13.71 -8.78 18.71
CA PHE H 137 -14.68 -7.74 19.03
C PHE H 137 -15.41 -8.14 20.29
N HIS H 138 -15.45 -7.24 21.27
CA HIS H 138 -16.06 -7.54 22.56
C HIS H 138 -16.41 -6.23 23.25
N SER H 139 -16.96 -6.34 24.46
CA SER H 139 -17.37 -5.19 25.25
C SER H 139 -16.87 -5.35 26.68
N PHE H 140 -16.31 -4.28 27.24
CA PHE H 140 -15.88 -4.32 28.63
C PHE H 140 -17.07 -4.46 29.57
N GLY H 141 -18.23 -3.94 29.18
CA GLY H 141 -19.36 -3.86 30.09
C GLY H 141 -20.35 -5.00 29.98
N GLY H 142 -19.84 -6.22 29.83
CA GLY H 142 -20.68 -7.40 29.81
C GLY H 142 -19.99 -8.57 30.51
N GLY H 143 -20.75 -9.64 30.71
CA GLY H 143 -20.19 -10.85 31.28
C GLY H 143 -19.49 -11.68 30.22
N THR H 144 -20.19 -11.93 29.12
CA THR H 144 -19.60 -12.68 28.02
C THR H 144 -18.49 -11.88 27.35
N GLY H 145 -18.73 -10.60 27.09
CA GLY H 145 -17.77 -9.77 26.39
C GLY H 145 -16.56 -9.39 27.20
N SER H 146 -16.54 -9.71 28.48
CA SER H 146 -15.42 -9.37 29.36
C SER H 146 -14.84 -10.58 30.07
N GLY H 147 -15.67 -11.52 30.50
CA GLY H 147 -15.19 -12.71 31.18
C GLY H 147 -14.79 -13.80 30.21
N PHE H 148 -15.64 -14.06 29.21
CA PHE H 148 -15.33 -15.07 28.21
C PHE H 148 -14.20 -14.62 27.31
N THR H 149 -14.13 -13.32 27.02
CA THR H 149 -13.03 -12.80 26.20
C THR H 149 -11.69 -13.09 26.87
N SER H 150 -11.56 -12.76 28.15
CA SER H 150 -10.30 -13.00 28.86
C SER H 150 -9.86 -14.44 28.74
N LEU H 151 -10.81 -15.38 28.73
CA LEU H 151 -10.47 -16.78 28.54
C LEU H 151 -9.82 -17.00 27.18
N LEU H 152 -10.45 -16.47 26.12
CA LEU H 152 -9.91 -16.67 24.78
C LEU H 152 -8.55 -16.00 24.63
N MET H 153 -8.40 -14.79 25.18
CA MET H 153 -7.10 -14.12 25.12
C MET H 153 -6.02 -14.97 25.76
N GLU H 154 -6.33 -15.61 26.89
CA GLU H 154 -5.37 -16.49 27.53
C GLU H 154 -5.14 -17.75 26.70
N ARG H 155 -6.22 -18.40 26.26
CA ARG H 155 -6.08 -19.61 25.46
C ARG H 155 -5.39 -19.32 24.14
N LEU H 156 -5.78 -18.24 23.47
CA LEU H 156 -5.17 -17.87 22.20
C LEU H 156 -3.74 -17.39 22.35
N SER H 157 -3.28 -17.14 23.59
CA SER H 157 -1.91 -16.71 23.82
C SER H 157 -0.95 -17.89 23.91
N VAL H 158 -1.43 -19.09 24.23
CA VAL H 158 -0.58 -20.25 24.40
C VAL H 158 -0.53 -21.04 23.10
N ASP H 159 -1.69 -21.49 22.63
CA ASP H 159 -1.73 -22.35 21.44
C ASP H 159 -1.22 -21.61 20.20
N TYR H 160 -1.49 -20.31 20.10
CA TYR H 160 -1.07 -19.51 18.96
C TYR H 160 -0.26 -18.30 19.40
N GLY H 161 0.66 -18.50 20.34
CA GLY H 161 1.51 -17.40 20.76
C GLY H 161 2.35 -16.86 19.62
N LYS H 162 2.74 -15.59 19.75
CA LYS H 162 3.57 -14.93 18.76
C LYS H 162 2.82 -14.74 17.44
N LYS H 163 1.50 -14.62 17.51
CA LYS H 163 0.69 -14.23 16.38
C LYS H 163 -0.20 -13.07 16.79
N SER H 164 -0.49 -12.19 15.83
CA SER H 164 -1.17 -10.94 16.14
C SER H 164 -2.56 -11.21 16.70
N LYS H 165 -2.92 -10.41 17.72
CA LYS H 165 -4.25 -10.47 18.33
C LYS H 165 -4.73 -9.03 18.49
N LEU H 166 -5.40 -8.52 17.46
CA LEU H 166 -5.97 -7.18 17.49
C LEU H 166 -7.41 -7.25 17.97
N GLU H 167 -7.83 -6.25 18.72
CA GLU H 167 -9.16 -6.24 19.32
C GLU H 167 -9.77 -4.86 19.24
N PHE H 168 -11.01 -4.79 18.76
CA PHE H 168 -11.84 -3.61 18.89
C PHE H 168 -12.78 -3.81 20.08
N SER H 169 -12.82 -2.84 20.98
CA SER H 169 -13.54 -2.97 22.23
C SER H 169 -14.41 -1.75 22.48
N VAL H 170 -15.56 -1.99 23.11
CA VAL H 170 -16.48 -0.93 23.49
C VAL H 170 -16.10 -0.52 24.90
N TYR H 171 -15.16 0.42 25.00
CA TYR H 171 -14.74 0.92 26.30
C TYR H 171 -15.90 1.64 26.97
N PRO H 172 -16.05 1.54 28.29
CA PRO H 172 -17.17 2.20 28.95
C PRO H 172 -17.17 3.70 28.70
N ALA H 173 -18.36 4.25 28.50
CA ALA H 173 -18.49 5.66 28.23
C ALA H 173 -18.22 6.47 29.49
N PRO H 174 -17.82 7.74 29.34
CA PRO H 174 -17.51 8.54 30.55
C PRO H 174 -18.71 8.73 31.46
N GLN H 175 -19.84 9.19 30.91
CA GLN H 175 -21.02 9.51 31.69
C GLN H 175 -22.17 8.54 31.46
N ILE H 176 -22.57 8.32 30.20
CA ILE H 176 -23.67 7.38 29.95
C ILE H 176 -23.24 5.98 30.35
N SER H 177 -24.24 5.16 30.67
CA SER H 177 -23.98 3.79 31.09
C SER H 177 -25.24 2.95 31.01
N THR H 178 -25.15 1.80 30.35
CA THR H 178 -26.27 0.88 30.21
C THR H 178 -26.25 -0.25 31.22
N ALA H 179 -25.42 -0.13 32.26
CA ALA H 179 -25.32 -1.14 33.30
C ALA H 179 -24.81 -0.48 34.57
N VAL H 180 -24.80 -1.25 35.66
CA VAL H 180 -24.41 -0.74 36.96
C VAL H 180 -23.05 -1.27 37.40
N VAL H 181 -22.63 -2.43 36.93
CA VAL H 181 -21.39 -3.05 37.37
C VAL H 181 -20.27 -2.88 36.35
N GLU H 182 -20.36 -1.86 35.49
CA GLU H 182 -19.30 -1.61 34.52
C GLU H 182 -17.94 -1.40 35.18
N PRO H 183 -17.80 -0.63 36.27
CA PRO H 183 -16.47 -0.46 36.86
C PRO H 183 -15.81 -1.77 37.26
N TYR H 184 -16.55 -2.65 37.93
CA TYR H 184 -15.98 -3.92 38.34
C TYR H 184 -15.59 -4.76 37.14
N ASN H 185 -16.54 -4.96 36.21
CA ASN H 185 -16.29 -5.84 35.08
C ASN H 185 -15.22 -5.28 34.16
N SER H 186 -15.30 -3.98 33.84
CA SER H 186 -14.38 -3.41 32.87
C SER H 186 -12.93 -3.48 33.35
N ILE H 187 -12.70 -3.17 34.62
CA ILE H 187 -11.33 -3.16 35.14
C ILE H 187 -10.77 -4.57 35.20
N LEU H 188 -11.60 -5.55 35.56
CA LEU H 188 -11.11 -6.92 35.72
C LEU H 188 -10.51 -7.45 34.42
N THR H 189 -11.20 -7.24 33.30
CA THR H 189 -10.70 -7.75 32.03
C THR H 189 -9.42 -7.04 31.62
N THR H 190 -9.33 -5.73 31.89
CA THR H 190 -8.12 -5.00 31.56
C THR H 190 -6.91 -5.59 32.28
N HIS H 191 -7.10 -6.03 33.52
CA HIS H 191 -6.02 -6.65 34.27
C HIS H 191 -5.51 -7.90 33.57
N THR H 192 -6.42 -8.71 33.03
CA THR H 192 -6.04 -9.96 32.39
C THR H 192 -5.67 -9.80 30.93
N THR H 193 -6.24 -8.82 30.23
CA THR H 193 -6.00 -8.63 28.81
C THR H 193 -4.79 -7.76 28.51
N LEU H 194 -4.20 -7.13 29.53
CA LEU H 194 -3.03 -6.30 29.30
C LEU H 194 -1.84 -7.13 28.80
N GLU H 195 -1.63 -8.30 29.39
CA GLU H 195 -0.48 -9.12 29.06
C GLU H 195 -0.75 -10.10 27.92
N HIS H 196 -1.96 -10.13 27.38
CA HIS H 196 -2.36 -11.08 26.35
C HIS H 196 -3.07 -10.38 25.21
N SER H 197 -2.50 -9.26 24.76
CA SER H 197 -3.04 -8.54 23.62
C SER H 197 -1.96 -7.65 23.04
N ASP H 198 -2.13 -7.30 21.77
CA ASP H 198 -1.18 -6.44 21.08
C ASP H 198 -1.58 -4.97 21.21
N CYS H 199 -2.77 -4.62 20.74
CA CYS H 199 -3.30 -3.28 20.88
C CYS H 199 -4.81 -3.32 20.76
N ALA H 200 -5.49 -2.52 21.58
CA ALA H 200 -6.94 -2.49 21.66
C ALA H 200 -7.45 -1.18 21.09
N PHE H 201 -8.35 -1.27 20.12
CA PHE H 201 -8.93 -0.10 19.46
C PHE H 201 -10.20 0.28 20.21
N MET H 202 -10.05 1.13 21.22
CA MET H 202 -11.17 1.52 22.06
C MET H 202 -12.15 2.41 21.30
N VAL H 203 -13.43 2.25 21.60
CA VAL H 203 -14.50 3.10 21.07
C VAL H 203 -15.56 3.26 22.15
N ASP H 204 -16.12 4.46 22.25
CA ASP H 204 -17.17 4.77 23.20
C ASP H 204 -18.47 5.10 22.47
N ASN H 205 -19.57 4.54 22.95
CA ASN H 205 -20.87 4.83 22.33
C ASN H 205 -21.26 6.28 22.51
N GLU H 206 -20.90 6.88 23.65
CA GLU H 206 -21.19 8.29 23.85
C GLU H 206 -20.57 9.16 22.77
N ALA H 207 -19.30 8.89 22.45
CA ALA H 207 -18.62 9.68 21.41
C ALA H 207 -19.26 9.43 20.05
N ILE H 208 -19.56 8.18 19.72
CA ILE H 208 -20.12 7.87 18.41
C ILE H 208 -21.51 8.49 18.27
N TYR H 209 -22.31 8.46 19.34
CA TYR H 209 -23.60 9.13 19.32
C TYR H 209 -23.43 10.62 19.09
N ASP H 210 -22.44 11.23 19.76
CA ASP H 210 -22.23 12.67 19.60
C ASP H 210 -21.86 13.01 18.16
N ILE H 211 -20.98 12.23 17.56
CA ILE H 211 -20.60 12.47 16.17
C ILE H 211 -21.81 12.28 15.25
N CYS H 212 -22.62 11.24 15.51
CA CYS H 212 -23.74 10.95 14.63
C CYS H 212 -24.72 12.11 14.60
N ASN H 213 -25.06 12.66 15.77
CA ASN H 213 -25.95 13.82 15.80
C ASN H 213 -25.24 15.10 15.38
N ARG H 214 -23.93 15.18 15.59
CA ARG H 214 -23.19 16.40 15.31
C ARG H 214 -22.82 16.50 13.84
N ASN H 215 -22.41 15.39 13.21
CA ASN H 215 -21.93 15.39 11.85
C ASN H 215 -22.88 14.68 10.89
N LEU H 216 -23.26 13.44 11.19
CA LEU H 216 -24.15 12.70 10.29
C LEU H 216 -25.53 13.35 10.20
N ASP H 217 -25.88 14.20 11.15
CA ASP H 217 -27.10 15.01 11.08
C ASP H 217 -28.35 14.13 11.01
N ILE H 218 -28.39 13.12 11.88
CA ILE H 218 -29.59 12.32 12.10
C ILE H 218 -29.86 12.31 13.61
N GLU H 219 -31.07 12.70 14.00
CA GLU H 219 -31.36 12.96 15.40
C GLU H 219 -31.58 11.69 16.21
N ARG H 220 -31.97 10.59 15.57
CA ARG H 220 -32.41 9.38 16.26
C ARG H 220 -31.62 8.19 15.75
N PRO H 221 -30.39 8.01 16.21
CA PRO H 221 -29.58 6.85 15.80
C PRO H 221 -29.92 5.62 16.63
N THR H 222 -29.32 4.50 16.24
CA THR H 222 -29.48 3.23 16.95
C THR H 222 -28.23 2.40 16.74
N TYR H 223 -28.09 1.35 17.55
CA TYR H 223 -26.91 0.49 17.44
C TYR H 223 -26.77 -0.07 16.03
N THR H 224 -27.88 -0.29 15.34
CA THR H 224 -27.79 -0.74 13.95
C THR H 224 -27.11 0.30 13.07
N ASN H 225 -27.19 1.58 13.46
CA ASN H 225 -26.53 2.65 12.72
C ASN H 225 -25.07 2.82 13.13
N LEU H 226 -24.80 2.82 14.43
CA LEU H 226 -23.43 3.00 14.89
C LEU H 226 -22.53 1.86 14.44
N ASN H 227 -23.03 0.62 14.52
CA ASN H 227 -22.22 -0.52 14.12
C ASN H 227 -21.79 -0.43 12.66
N ARG H 228 -22.62 0.21 11.82
CA ARG H 228 -22.21 0.44 10.43
C ARG H 228 -21.04 1.41 10.36
N LEU H 229 -21.04 2.44 11.19
CA LEU H 229 -19.88 3.33 11.27
C LEU H 229 -18.65 2.57 11.75
N ILE H 230 -18.83 1.70 12.76
CA ILE H 230 -17.72 0.92 13.27
C ILE H 230 -17.20 -0.03 12.21
N GLY H 231 -18.07 -0.44 11.27
CA GLY H 231 -17.61 -1.27 10.17
C GLY H 231 -16.60 -0.55 9.29
N GLN H 232 -16.76 0.76 9.12
CA GLN H 232 -15.86 1.52 8.27
C GLN H 232 -14.43 1.49 8.78
N ILE H 233 -14.24 1.68 10.09
CA ILE H 233 -12.90 1.68 10.65
C ILE H 233 -12.26 0.31 10.47
N VAL H 234 -13.04 -0.75 10.62
CA VAL H 234 -12.51 -2.10 10.40
C VAL H 234 -12.17 -2.30 8.94
N SER H 235 -13.05 -1.86 8.04
CA SER H 235 -12.82 -2.04 6.61
C SER H 235 -11.57 -1.28 6.18
N SER H 236 -11.45 -0.03 6.60
CA SER H 236 -10.26 0.76 6.24
C SER H 236 -9.00 0.16 6.86
N ILE H 237 -9.11 -0.35 8.09
CA ILE H 237 -7.93 -0.93 8.74
C ILE H 237 -7.44 -2.16 7.97
N THR H 238 -8.35 -3.01 7.53
CA THR H 238 -8.00 -4.25 6.88
C THR H 238 -7.98 -4.15 5.36
N ALA H 239 -8.19 -2.95 4.80
CA ALA H 239 -8.21 -2.81 3.35
C ALA H 239 -6.86 -3.18 2.74
N SER H 240 -5.77 -2.87 3.44
CA SER H 240 -4.44 -3.17 2.92
C SER H 240 -4.23 -4.66 2.70
N LEU H 241 -4.95 -5.51 3.42
CA LEU H 241 -4.80 -6.95 3.27
C LEU H 241 -5.60 -7.52 2.11
N ARG H 242 -6.43 -6.70 1.46
CA ARG H 242 -7.29 -7.18 0.38
C ARG H 242 -7.04 -6.49 -0.95
N PHE H 243 -6.94 -5.17 -0.97
CA PHE H 243 -6.88 -4.40 -2.19
C PHE H 243 -5.48 -3.85 -2.41
N ASP H 244 -5.07 -3.80 -3.67
CA ASP H 244 -3.74 -3.29 -4.01
C ASP H 244 -3.68 -1.78 -3.78
N GLY H 245 -2.48 -1.31 -3.46
CA GLY H 245 -2.26 0.10 -3.25
C GLY H 245 -0.84 0.42 -2.82
N ALA H 246 -0.36 1.61 -3.17
CA ALA H 246 1.00 1.99 -2.80
C ALA H 246 1.13 2.12 -1.30
N LEU H 247 2.24 1.62 -0.76
CA LEU H 247 2.53 1.69 0.67
C LEU H 247 1.43 0.98 1.48
N ASN H 248 1.26 -0.30 1.17
CA ASN H 248 0.32 -1.13 1.92
C ASN H 248 0.84 -1.36 3.33
N VAL H 249 -0.08 -1.44 4.28
CA VAL H 249 0.24 -1.63 5.69
C VAL H 249 -0.33 -2.98 6.11
N ASP H 250 0.54 -3.86 6.60
CA ASP H 250 0.12 -5.18 7.02
C ASP H 250 -0.45 -5.13 8.44
N LEU H 251 -1.03 -6.25 8.88
CA LEU H 251 -1.68 -6.29 10.18
C LEU H 251 -0.68 -6.15 11.31
N THR H 252 0.47 -6.82 11.21
CA THR H 252 1.46 -6.80 12.28
C THR H 252 2.18 -5.47 12.38
N GLU H 253 2.00 -4.56 11.43
CA GLU H 253 2.71 -3.28 11.47
C GLU H 253 2.10 -2.33 12.50
N PHE H 254 0.81 -2.48 12.81
CA PHE H 254 0.15 -1.58 13.75
C PHE H 254 0.81 -1.64 15.12
N GLN H 255 1.05 -2.85 15.62
CA GLN H 255 1.56 -3.00 16.98
C GLN H 255 2.94 -2.36 17.11
N THR H 256 3.80 -2.54 16.12
CA THR H 256 5.14 -1.98 16.20
C THR H 256 5.09 -0.45 16.25
N ASN H 257 4.24 0.16 15.42
CA ASN H 257 4.20 1.62 15.35
C ASN H 257 3.46 2.25 16.52
N LEU H 258 2.41 1.60 17.02
CA LEU H 258 1.50 2.23 17.97
C LEU H 258 1.66 1.71 19.40
N VAL H 259 2.66 0.88 19.67
CA VAL H 259 2.84 0.31 21.00
C VAL H 259 4.29 0.53 21.43
N PRO H 260 4.66 1.71 21.92
CA PRO H 260 6.03 1.90 22.41
C PRO H 260 6.40 0.96 23.54
N TYR H 261 5.46 0.67 24.44
CA TYR H 261 5.71 -0.18 25.59
C TYR H 261 4.60 -1.21 25.66
N PRO H 262 4.87 -2.37 26.26
CA PRO H 262 3.87 -3.46 26.21
C PRO H 262 2.52 -3.08 26.80
N ARG H 263 2.50 -2.25 27.83
CA ARG H 263 1.24 -1.92 28.49
C ARG H 263 0.51 -0.78 27.78
N ILE H 264 1.23 0.10 27.11
CA ILE H 264 0.63 1.29 26.49
C ILE H 264 0.25 0.89 25.07
N HIS H 265 -0.91 0.24 24.94
CA HIS H 265 -1.38 -0.26 23.65
C HIS H 265 -2.87 0.03 23.47
N PHE H 266 -3.29 1.26 23.78
CA PHE H 266 -4.68 1.68 23.68
C PHE H 266 -4.79 2.89 22.76
N PRO H 267 -4.70 2.68 21.45
CA PRO H 267 -4.90 3.78 20.49
C PRO H 267 -6.38 3.98 20.19
N LEU H 268 -6.90 5.14 20.56
CA LEU H 268 -8.30 5.45 20.29
C LEU H 268 -8.50 5.67 18.78
N VAL H 269 -9.68 5.29 18.31
CA VAL H 269 -9.96 5.31 16.88
C VAL H 269 -10.49 6.68 16.46
N THR H 270 -10.26 7.01 15.20
CA THR H 270 -10.79 8.23 14.59
C THR H 270 -11.02 7.96 13.12
N TYR H 271 -12.01 8.64 12.55
CA TYR H 271 -12.37 8.42 11.16
C TYR H 271 -12.80 9.75 10.54
N SER H 272 -12.66 9.83 9.22
CA SER H 272 -13.05 11.01 8.46
C SER H 272 -13.12 10.66 6.98
N PRO H 273 -14.07 11.23 6.23
CA PRO H 273 -15.13 12.16 6.63
C PRO H 273 -16.43 11.46 6.99
N ILE H 274 -17.16 11.94 7.99
CA ILE H 274 -18.49 11.46 8.31
C ILE H 274 -19.46 12.58 7.95
N ILE H 275 -19.98 12.55 6.73
CA ILE H 275 -20.84 13.60 6.21
C ILE H 275 -22.05 12.96 5.56
N SER H 276 -23.22 13.57 5.79
CA SER H 276 -24.45 13.07 5.18
C SER H 276 -24.43 13.32 3.67
N ALA H 277 -25.25 12.53 2.96
CA ALA H 277 -25.26 12.62 1.50
C ALA H 277 -25.60 14.03 1.04
N GLU H 278 -26.68 14.61 1.58
CA GLU H 278 -27.07 15.95 1.16
C GLU H 278 -26.03 16.99 1.56
N LYS H 279 -25.47 16.85 2.77
CA LYS H 279 -24.52 17.84 3.25
C LYS H 279 -23.22 17.81 2.46
N ALA H 280 -22.85 16.64 1.92
CA ALA H 280 -21.57 16.51 1.23
C ALA H 280 -21.53 17.33 -0.05
N TYR H 281 -22.67 17.61 -0.67
CA TYR H 281 -22.67 18.37 -1.92
C TYR H 281 -22.12 19.78 -1.74
N HIS H 282 -22.06 20.28 -0.52
CA HIS H 282 -21.54 21.61 -0.22
C HIS H 282 -20.11 21.59 0.28
N GLU H 283 -19.41 20.47 0.12
CA GLU H 283 -18.05 20.31 0.62
C GLU H 283 -17.13 19.86 -0.50
N GLN H 284 -15.84 20.16 -0.31
CA GLN H 284 -14.82 19.82 -1.31
C GLN H 284 -14.13 18.50 -1.01
N LEU H 285 -13.91 18.19 0.27
CA LEU H 285 -13.25 16.96 0.68
C LEU H 285 -11.85 16.86 0.08
N SER H 286 -11.03 17.86 0.39
CA SER H 286 -9.62 17.81 0.01
C SER H 286 -8.86 16.92 1.00
N VAL H 287 -7.65 16.53 0.62
CA VAL H 287 -6.85 15.64 1.46
C VAL H 287 -6.57 16.30 2.80
N PRO H 288 -6.09 17.56 2.84
CA PRO H 288 -5.86 18.19 4.15
C PRO H 288 -7.12 18.31 4.98
N GLU H 289 -8.26 18.56 4.33
CA GLU H 289 -9.51 18.76 5.07
C GLU H 289 -9.85 17.54 5.90
N ILE H 290 -9.85 16.36 5.28
CA ILE H 290 -10.13 15.13 6.03
C ILE H 290 -9.01 14.85 7.03
N THR H 291 -7.78 15.18 6.66
CA THR H 291 -6.65 14.91 7.55
C THR H 291 -6.73 15.76 8.80
N ASN H 292 -6.99 17.05 8.65
CA ASN H 292 -7.09 17.94 9.80
C ASN H 292 -8.36 17.71 10.61
N ALA H 293 -9.33 16.98 10.07
CA ALA H 293 -10.56 16.68 10.79
C ALA H 293 -10.36 15.62 11.87
N CYS H 294 -9.24 14.90 11.86
CA CYS H 294 -8.99 13.85 12.82
C CYS H 294 -8.19 14.30 14.04
N PHE H 295 -7.72 15.55 14.06
CA PHE H 295 -6.91 16.08 15.14
C PHE H 295 -7.66 17.14 15.94
N GLU H 296 -8.97 16.94 16.11
CA GLU H 296 -9.79 17.79 16.97
C GLU H 296 -10.64 16.89 17.85
N TYR H 297 -10.85 17.32 19.09
CA TYR H 297 -11.57 16.50 20.05
C TYR H 297 -13.04 16.34 19.73
N SER H 298 -13.53 16.96 18.66
CA SER H 298 -14.92 16.81 18.24
C SER H 298 -15.12 15.64 17.28
N ASN H 299 -14.05 14.99 16.84
CA ASN H 299 -14.12 13.83 15.96
C ASN H 299 -13.25 12.72 16.55
N GLN H 300 -13.85 11.96 17.48
CA GLN H 300 -13.17 10.82 18.09
C GLN H 300 -14.22 9.77 18.41
N MET H 301 -13.82 8.50 18.33
CA MET H 301 -14.69 7.40 18.73
C MET H 301 -14.62 7.13 20.23
N VAL H 302 -13.64 7.70 20.92
CA VAL H 302 -13.54 7.64 22.38
C VAL H 302 -13.61 9.07 22.89
N LYS H 303 -14.54 9.35 23.79
CA LYS H 303 -14.78 10.72 24.25
C LYS H 303 -13.66 11.11 25.21
N CYS H 304 -12.48 11.36 24.64
CA CYS H 304 -11.35 11.90 25.36
C CYS H 304 -10.76 13.05 24.54
N ASP H 305 -10.29 14.07 25.23
CA ASP H 305 -9.77 15.26 24.57
C ASP H 305 -8.27 15.07 24.34
N PRO H 306 -7.81 14.94 23.09
CA PRO H 306 -6.36 14.77 22.88
C PRO H 306 -5.55 15.96 23.38
N ARG H 307 -6.10 17.16 23.31
CA ARG H 307 -5.36 18.35 23.73
C ARG H 307 -5.01 18.29 25.20
N ARG H 308 -5.78 17.56 26.02
CA ARG H 308 -5.43 17.40 27.43
C ARG H 308 -4.10 16.66 27.57
N GLY H 309 -3.89 15.63 26.76
CA GLY H 309 -2.68 14.84 26.83
C GLY H 309 -1.76 15.08 25.65
N LYS H 310 -0.92 14.09 25.34
CA LYS H 310 0.06 14.20 24.27
C LYS H 310 0.01 12.94 23.41
N TYR H 311 0.09 13.12 22.10
CA TYR H 311 0.23 11.99 21.20
C TYR H 311 1.61 11.37 21.35
N MET H 312 1.68 10.05 21.14
CA MET H 312 2.96 9.35 21.14
C MET H 312 3.08 8.35 19.99
N ALA H 313 2.04 8.17 19.19
CA ALA H 313 2.11 7.33 17.99
C ALA H 313 0.81 7.50 17.22
N CYS H 314 0.92 7.52 15.89
CA CYS H 314 -0.25 7.70 15.04
C CYS H 314 -0.07 6.93 13.74
N CYS H 315 -1.08 6.16 13.37
CA CYS H 315 -1.12 5.45 12.08
C CYS H 315 -2.25 6.02 11.25
N LEU H 316 -1.90 6.51 10.06
CA LEU H 316 -2.87 7.07 9.12
C LEU H 316 -3.04 6.10 7.96
N LEU H 317 -4.26 5.60 7.79
CA LEU H 317 -4.59 4.63 6.75
C LEU H 317 -5.49 5.32 5.73
N TYR H 318 -4.88 6.00 4.77
CA TYR H 318 -5.64 6.69 3.74
C TYR H 318 -6.25 5.68 2.77
N ARG H 319 -7.33 6.09 2.12
CA ARG H 319 -8.09 5.21 1.25
C ARG H 319 -8.63 6.01 0.07
N GLY H 320 -8.91 5.31 -1.01
CA GLY H 320 -9.43 5.94 -2.21
C GLY H 320 -8.33 6.56 -3.06
N ASP H 321 -8.77 7.38 -4.01
CA ASP H 321 -7.85 8.09 -4.90
C ASP H 321 -7.14 9.17 -4.10
N VAL H 322 -5.94 8.86 -3.61
CA VAL H 322 -5.18 9.74 -2.74
C VAL H 322 -3.87 10.07 -3.42
N VAL H 323 -3.50 11.35 -3.43
CA VAL H 323 -2.19 11.80 -3.88
C VAL H 323 -1.27 11.81 -2.68
N PRO H 324 -0.33 10.87 -2.57
CA PRO H 324 0.52 10.82 -1.36
C PRO H 324 1.29 12.10 -1.12
N LYS H 325 1.60 12.86 -2.18
CA LYS H 325 2.27 14.14 -2.00
C LYS H 325 1.44 15.05 -1.09
N ASP H 326 0.13 15.10 -1.33
CA ASP H 326 -0.74 15.87 -0.45
C ASP H 326 -0.73 15.30 0.96
N VAL H 327 -0.68 13.96 1.08
CA VAL H 327 -0.60 13.34 2.40
C VAL H 327 0.66 13.79 3.12
N ASN H 328 1.79 13.80 2.42
CA ASN H 328 3.03 14.26 3.03
C ASN H 328 2.92 15.71 3.47
N ALA H 329 2.34 16.57 2.61
CA ALA H 329 2.20 17.98 2.96
C ALA H 329 1.25 18.17 4.13
N ALA H 330 0.09 17.49 4.10
CA ALA H 330 -0.88 17.64 5.16
C ALA H 330 -0.32 17.18 6.50
N ILE H 331 0.37 16.05 6.51
CA ILE H 331 0.93 15.53 7.76
C ILE H 331 1.99 16.48 8.29
N ALA H 332 2.79 17.08 7.39
CA ALA H 332 3.83 18.00 7.85
C ALA H 332 3.25 19.19 8.57
N ALA H 333 2.13 19.72 8.08
CA ALA H 333 1.52 20.88 8.70
C ALA H 333 1.10 20.58 10.14
N ILE H 334 0.51 19.40 10.36
CA ILE H 334 0.06 19.03 11.69
C ILE H 334 1.23 18.92 12.66
N LYS H 335 2.42 18.64 12.17
CA LYS H 335 3.60 18.53 13.02
C LYS H 335 4.12 19.89 13.48
N THR H 336 3.62 20.98 12.91
CA THR H 336 4.13 22.31 13.24
C THR H 336 3.02 23.20 13.78
N ARG H 337 2.18 22.67 14.67
CA ARG H 337 1.15 23.44 15.34
C ARG H 337 1.32 23.29 16.84
N ARG H 338 1.32 24.42 17.56
CA ARG H 338 1.58 24.39 18.99
C ARG H 338 0.52 23.60 19.74
N SER H 339 -0.75 23.76 19.35
CA SER H 339 -1.81 23.03 20.03
C SER H 339 -1.61 21.52 19.90
N ILE H 340 -1.25 21.06 18.71
CA ILE H 340 -0.89 19.65 18.53
C ILE H 340 0.45 19.40 19.18
N GLN H 341 0.51 18.44 20.09
CA GLN H 341 1.69 18.23 20.93
C GLN H 341 2.01 16.74 20.96
N PHE H 342 3.15 16.37 20.40
CA PHE H 342 3.67 15.02 20.50
C PHE H 342 4.65 14.91 21.65
N VAL H 343 4.96 13.67 22.05
CA VAL H 343 5.88 13.46 23.15
C VAL H 343 7.30 13.78 22.72
N ASP H 344 8.14 14.09 23.71
CA ASP H 344 9.49 14.55 23.42
C ASP H 344 10.34 13.47 22.76
N TRP H 345 10.20 12.22 23.22
CA TRP H 345 11.11 11.15 22.83
C TRP H 345 10.64 10.38 21.61
N CYS H 346 9.66 10.89 20.88
CA CYS H 346 9.17 10.25 19.65
C CYS H 346 9.11 11.28 18.53
N PRO H 347 10.28 11.71 18.01
CA PRO H 347 10.27 12.66 16.89
C PRO H 347 9.55 12.11 15.66
N THR H 348 9.65 10.80 15.44
CA THR H 348 9.07 10.14 14.27
C THR H 348 7.76 9.49 14.69
N GLY H 349 6.68 10.27 14.59
CA GLY H 349 5.40 9.87 15.15
C GLY H 349 4.26 9.72 14.17
N PHE H 350 4.52 9.10 13.02
CA PHE H 350 3.45 8.87 12.05
C PHE H 350 3.74 7.58 11.28
N LYS H 351 2.67 7.02 10.70
CA LYS H 351 2.76 5.81 9.89
C LYS H 351 1.64 5.90 8.84
N VAL H 352 2.03 6.13 7.60
CA VAL H 352 1.07 6.35 6.52
C VAL H 352 0.74 5.02 5.86
N GLY H 353 -0.46 4.94 5.29
CA GLY H 353 -0.90 3.78 4.55
C GLY H 353 -1.98 4.14 3.55
N ILE H 354 -1.84 3.65 2.31
CA ILE H 354 -2.72 4.04 1.22
C ILE H 354 -3.17 2.79 0.48
N ASN H 355 -4.44 2.75 0.11
CA ASN H 355 -4.99 1.67 -0.71
C ASN H 355 -5.92 2.28 -1.75
N TYR H 356 -5.87 1.75 -2.98
CA TYR H 356 -6.66 2.27 -4.09
C TYR H 356 -8.02 1.56 -4.12
N GLN H 357 -8.84 1.89 -3.14
CA GLN H 357 -10.19 1.34 -3.08
C GLN H 357 -11.10 2.27 -2.28
N PRO H 358 -11.91 3.11 -2.93
CA PRO H 358 -12.73 4.06 -2.17
C PRO H 358 -13.75 3.32 -1.32
N PRO H 359 -14.15 3.90 -0.19
CA PRO H 359 -15.14 3.24 0.66
C PRO H 359 -16.45 3.01 -0.08
N THR H 360 -17.10 1.90 0.25
CA THR H 360 -18.38 1.53 -0.34
C THR H 360 -19.51 1.92 0.60
N VAL H 361 -20.67 2.22 0.00
CA VAL H 361 -21.83 2.67 0.75
C VAL H 361 -22.80 1.50 0.86
N VAL H 362 -23.16 1.17 2.11
CA VAL H 362 -24.18 0.13 2.31
C VAL H 362 -25.50 0.63 1.75
N PRO H 363 -26.30 -0.20 1.07
CA PRO H 363 -27.58 0.29 0.56
C PRO H 363 -28.45 0.85 1.69
N GLY H 364 -29.08 1.99 1.41
CA GLY H 364 -29.86 2.66 2.42
C GLY H 364 -29.04 3.24 3.56
N GLY H 365 -27.73 3.31 3.41
CA GLY H 365 -26.89 3.85 4.46
C GLY H 365 -27.01 5.35 4.60
N ASP H 366 -26.54 5.86 5.74
CA ASP H 366 -26.63 7.29 6.01
C ASP H 366 -25.45 8.05 5.43
N LEU H 367 -24.23 7.57 5.68
CA LEU H 367 -23.05 8.26 5.22
C LEU H 367 -22.98 8.28 3.69
N ALA H 368 -22.30 9.29 3.16
CA ALA H 368 -22.29 9.54 1.72
C ALA H 368 -21.29 8.62 1.02
N LYS H 369 -21.19 8.79 -0.30
CA LYS H 369 -20.26 8.03 -1.13
C LYS H 369 -19.00 8.88 -1.34
N VAL H 370 -18.11 8.84 -0.35
CA VAL H 370 -16.91 9.68 -0.40
C VAL H 370 -15.91 9.08 -1.37
N GLN H 371 -15.33 9.95 -2.20
CA GLN H 371 -14.26 9.52 -3.10
C GLN H 371 -12.97 9.20 -2.35
N ARG H 372 -12.86 9.64 -1.10
CA ARG H 372 -11.61 9.53 -0.37
C ARG H 372 -11.92 9.58 1.13
N ALA H 373 -11.10 8.89 1.90
CA ALA H 373 -11.33 8.78 3.34
C ALA H 373 -10.00 8.50 4.03
N VAL H 374 -10.01 8.69 5.35
CA VAL H 374 -8.82 8.48 6.18
C VAL H 374 -9.26 7.98 7.54
N CYS H 375 -8.43 7.13 8.15
CA CYS H 375 -8.66 6.62 9.49
C CYS H 375 -7.36 6.74 10.28
N MET H 376 -7.48 7.17 11.54
CA MET H 376 -6.34 7.35 12.41
C MET H 376 -6.46 6.43 13.61
N LEU H 377 -5.30 5.96 14.09
CA LEU H 377 -5.21 5.06 15.24
C LEU H 377 -4.23 5.64 16.26
N SER H 378 -4.39 6.93 16.53
CA SER H 378 -3.44 7.62 17.40
C SER H 378 -3.46 7.03 18.80
N ASN H 379 -2.29 6.98 19.43
CA ASN H 379 -2.13 6.56 20.80
C ASN H 379 -1.75 7.77 21.63
N THR H 380 -2.61 8.14 22.59
CA THR H 380 -2.46 9.38 23.33
C THR H 380 -2.51 9.09 24.82
N THR H 381 -1.69 9.82 25.58
CA THR H 381 -1.69 9.70 27.03
C THR H 381 -2.91 10.35 27.67
N ALA H 382 -3.71 11.10 26.90
CA ALA H 382 -4.96 11.64 27.41
C ALA H 382 -5.95 10.54 27.79
N ILE H 383 -5.75 9.32 27.29
CA ILE H 383 -6.62 8.21 27.65
C ILE H 383 -6.42 7.79 29.10
N ALA H 384 -5.30 8.17 29.72
CA ALA H 384 -5.10 7.88 31.13
C ALA H 384 -6.18 8.52 31.99
N GLU H 385 -6.79 9.60 31.50
CA GLU H 385 -7.89 10.23 32.21
C GLU H 385 -9.06 9.27 32.34
N ALA H 386 -9.37 8.56 31.25
CA ALA H 386 -10.48 7.61 31.27
C ALA H 386 -10.21 6.49 32.27
N TRP H 387 -8.99 5.95 32.28
CA TRP H 387 -8.66 4.89 33.22
C TRP H 387 -8.76 5.39 34.66
N ALA H 388 -8.28 6.61 34.91
CA ALA H 388 -8.37 7.17 36.26
C ALA H 388 -9.83 7.31 36.70
N ARG H 389 -10.68 7.79 35.79
CA ARG H 389 -12.10 7.90 36.10
C ARG H 389 -12.70 6.53 36.39
N LEU H 390 -12.36 5.53 35.59
CA LEU H 390 -12.87 4.19 35.81
C LEU H 390 -12.38 3.64 37.14
N ASP H 391 -11.11 3.86 37.47
CA ASP H 391 -10.60 3.44 38.77
C ASP H 391 -11.29 4.19 39.91
N HIS H 392 -11.69 5.44 39.66
CA HIS H 392 -12.38 6.22 40.69
C HIS H 392 -13.76 5.63 40.96
N LYS H 393 -14.51 5.30 39.90
CA LYS H 393 -15.82 4.69 40.07
C LYS H 393 -15.70 3.33 40.75
N PHE H 394 -14.70 2.54 40.36
CA PHE H 394 -14.49 1.24 40.98
C PHE H 394 -14.21 1.39 42.47
N ASP H 395 -13.38 2.36 42.83
CA ASP H 395 -13.02 2.53 44.24
C ASP H 395 -14.21 2.94 45.07
N LEU H 396 -15.15 3.71 44.51
CA LEU H 396 -16.32 4.12 45.27
C LEU H 396 -17.14 2.92 45.71
N MET H 397 -17.32 1.95 44.82
CA MET H 397 -18.16 0.79 45.12
C MET H 397 -17.45 -0.20 46.02
N TYR H 398 -16.28 -0.68 45.58
CA TYR H 398 -15.56 -1.70 46.34
C TYR H 398 -15.12 -1.21 47.70
N SER H 399 -15.09 0.11 47.92
CA SER H 399 -14.76 0.62 49.24
C SER H 399 -15.78 0.16 50.27
N LYS H 400 -17.06 0.17 49.91
CA LYS H 400 -18.13 -0.34 50.76
C LYS H 400 -18.43 -1.80 50.51
N ARG H 401 -17.78 -2.44 49.53
CA ARG H 401 -18.01 -3.85 49.22
C ARG H 401 -19.48 -4.07 48.86
N ALA H 402 -19.88 -3.43 47.76
CA ALA H 402 -21.29 -3.27 47.44
C ALA H 402 -21.85 -4.33 46.50
N PHE H 403 -21.01 -5.02 45.72
CA PHE H 403 -21.50 -6.01 44.78
C PHE H 403 -20.63 -7.27 44.70
N VAL H 404 -19.65 -7.42 45.58
CA VAL H 404 -18.71 -8.52 45.43
C VAL H 404 -19.39 -9.87 45.65
N HIS H 405 -20.45 -9.89 46.45
CA HIS H 405 -21.09 -11.18 46.78
C HIS H 405 -21.53 -11.92 45.54
N TRP H 406 -21.93 -11.20 44.49
CA TRP H 406 -22.27 -11.86 43.23
C TRP H 406 -21.05 -12.56 42.63
N TYR H 407 -19.89 -11.90 42.67
CA TYR H 407 -18.70 -12.46 42.05
C TYR H 407 -18.08 -13.57 42.90
N VAL H 408 -18.06 -13.38 44.23
CA VAL H 408 -17.47 -14.39 45.10
C VAL H 408 -18.21 -15.71 44.97
N GLY H 409 -19.54 -15.66 44.93
CA GLY H 409 -20.33 -16.87 44.79
C GLY H 409 -20.15 -17.56 43.46
N GLU H 410 -19.48 -16.93 42.50
CA GLU H 410 -19.23 -17.51 41.19
C GLU H 410 -17.79 -18.01 41.07
N GLY H 411 -17.23 -18.51 42.16
CA GLY H 411 -15.88 -19.05 42.14
C GLY H 411 -14.81 -18.03 41.85
N MET H 412 -14.88 -16.86 42.49
CA MET H 412 -13.92 -15.79 42.29
C MET H 412 -13.38 -15.36 43.64
N GLU H 413 -12.06 -15.41 43.80
CA GLU H 413 -11.45 -15.04 45.07
C GLU H 413 -11.60 -13.55 45.34
N GLU H 414 -11.62 -13.20 46.62
CA GLU H 414 -11.83 -11.81 47.01
C GLU H 414 -10.68 -10.93 46.54
N GLY H 415 -9.44 -11.40 46.65
CA GLY H 415 -8.28 -10.58 46.36
C GLY H 415 -8.20 -10.14 44.90
N GLU H 416 -8.99 -10.75 44.01
CA GLU H 416 -8.92 -10.40 42.61
C GLU H 416 -9.26 -8.93 42.40
N PHE H 417 -10.25 -8.42 43.13
CA PHE H 417 -10.57 -7.00 43.05
C PHE H 417 -9.40 -6.15 43.52
N SER H 418 -8.74 -6.58 44.60
CA SER H 418 -7.59 -5.83 45.11
C SER H 418 -6.46 -5.80 44.07
N GLU H 419 -6.15 -6.96 43.48
CA GLU H 419 -5.11 -7.01 42.47
C GLU H 419 -5.51 -6.20 41.23
N ALA H 420 -6.79 -6.27 40.86
CA ALA H 420 -7.24 -5.59 39.65
C ALA H 420 -7.01 -4.09 39.74
N ARG H 421 -7.36 -3.49 40.88
CA ARG H 421 -7.17 -2.05 41.03
C ARG H 421 -5.68 -1.68 41.11
N GLU H 422 -4.90 -2.49 41.85
CA GLU H 422 -3.48 -2.21 41.95
C GLU H 422 -2.80 -2.27 40.59
N ASP H 423 -3.19 -3.24 39.76
CA ASP H 423 -2.63 -3.32 38.42
C ASP H 423 -2.98 -2.08 37.61
N MET H 424 -4.24 -1.63 37.69
CA MET H 424 -4.63 -0.40 36.99
C MET H 424 -3.93 0.82 37.59
N ALA H 425 -3.65 0.79 38.90
CA ALA H 425 -2.93 1.90 39.52
C ALA H 425 -1.54 2.05 38.90
N ALA H 426 -0.85 0.93 38.68
CA ALA H 426 0.45 0.99 38.02
C ALA H 426 0.32 1.50 36.59
N LEU H 427 -0.78 1.14 35.92
CA LEU H 427 -0.99 1.62 34.55
C LEU H 427 -1.06 3.14 34.51
N GLU H 428 -1.70 3.75 35.51
CA GLU H 428 -1.76 5.21 35.57
C GLU H 428 -0.36 5.81 35.69
N LYS H 429 0.45 5.25 36.59
CA LYS H 429 1.81 5.76 36.76
C LYS H 429 2.64 5.54 35.50
N ASP H 430 2.46 4.39 34.84
CA ASP H 430 3.20 4.14 33.61
C ASP H 430 2.86 5.18 32.55
N TYR H 431 1.58 5.53 32.43
CA TYR H 431 1.19 6.59 31.50
C TYR H 431 1.81 7.92 31.92
N GLU H 432 1.83 8.20 33.22
CA GLU H 432 2.34 9.48 33.70
C GLU H 432 3.82 9.66 33.34
N GLU H 433 4.62 8.61 33.55
CA GLU H 433 6.04 8.72 33.25
C GLU H 433 6.27 8.96 31.76
N VAL H 434 5.53 8.25 30.91
CA VAL H 434 5.69 8.40 29.47
C VAL H 434 5.30 9.81 29.02
N GLY H 435 4.44 10.49 29.79
CA GLY H 435 4.02 11.83 29.42
C GLY H 435 5.05 12.91 29.64
N THR H 436 6.15 12.60 30.33
CA THR H 436 7.22 13.54 30.60
C THR H 436 8.48 13.14 29.85
N GLU H 437 9.54 13.89 30.06
CA GLU H 437 10.84 13.64 29.43
C GLU H 437 11.90 13.48 30.52
N SER H 438 12.79 12.51 30.31
CA SER H 438 13.87 12.26 31.26
C SER H 438 15.03 13.22 31.03
N MET I 1 -10.61 -59.66 -8.98
CA MET I 1 -10.12 -60.03 -7.62
C MET I 1 -10.93 -61.21 -7.08
N ARG I 2 -10.43 -61.83 -6.02
CA ARG I 2 -11.00 -63.07 -5.53
C ARG I 2 -12.09 -62.82 -4.49
N GLU I 3 -12.89 -63.86 -4.26
CA GLU I 3 -14.13 -63.76 -3.50
C GLU I 3 -13.88 -63.66 -2.00
N CYS I 4 -14.87 -63.12 -1.31
CA CYS I 4 -14.89 -63.07 0.14
C CYS I 4 -16.30 -63.38 0.61
N ILE I 5 -16.42 -64.23 1.63
CA ILE I 5 -17.71 -64.68 2.13
C ILE I 5 -18.11 -63.84 3.33
N SER I 6 -19.40 -63.55 3.45
CA SER I 6 -19.96 -62.81 4.57
C SER I 6 -20.87 -63.72 5.37
N ILE I 7 -20.62 -63.80 6.68
CA ILE I 7 -21.42 -64.59 7.60
C ILE I 7 -22.06 -63.63 8.59
N HIS I 8 -23.39 -63.60 8.62
CA HIS I 8 -24.14 -62.71 9.50
C HIS I 8 -24.83 -63.55 10.56
N ILE I 9 -24.56 -63.23 11.83
CA ILE I 9 -25.00 -64.04 12.96
C ILE I 9 -25.78 -63.16 13.92
N GLY I 10 -26.88 -63.69 14.44
CA GLY I 10 -27.67 -62.99 15.43
C GLY I 10 -28.54 -61.92 14.82
N GLN I 11 -29.36 -61.30 15.66
CA GLN I 11 -30.21 -60.21 15.21
C GLN I 11 -29.38 -59.03 14.72
N ALA I 12 -28.31 -58.71 15.43
CA ALA I 12 -27.43 -57.63 15.00
C ALA I 12 -26.82 -57.93 13.64
N GLY I 13 -26.29 -59.15 13.47
CA GLY I 13 -25.65 -59.48 12.20
C GLY I 13 -26.63 -59.47 11.05
N VAL I 14 -27.80 -60.09 11.23
CA VAL I 14 -28.79 -60.14 10.15
C VAL I 14 -29.29 -58.74 9.82
N GLN I 15 -29.64 -57.97 10.84
CA GLN I 15 -30.14 -56.62 10.60
C GLN I 15 -29.05 -55.74 9.99
N MET I 16 -27.83 -55.85 10.47
CA MET I 16 -26.72 -55.10 9.89
C MET I 16 -26.42 -55.56 8.48
N GLY I 17 -26.50 -56.87 8.24
CA GLY I 17 -26.17 -57.39 6.92
C GLY I 17 -27.09 -56.84 5.84
N ASN I 18 -28.38 -56.72 6.15
CA ASN I 18 -29.32 -56.19 5.17
C ASN I 18 -28.94 -54.79 4.74
N ALA I 19 -28.45 -53.98 5.68
CA ALA I 19 -27.98 -52.64 5.32
C ALA I 19 -26.80 -52.71 4.37
N CYS I 20 -25.87 -53.65 4.61
CA CYS I 20 -24.69 -53.75 3.77
C CYS I 20 -25.07 -54.10 2.33
N TRP I 21 -25.86 -55.16 2.16
CA TRP I 21 -26.18 -55.64 0.82
C TRP I 21 -27.09 -54.69 0.05
N GLU I 22 -27.72 -53.73 0.72
CA GLU I 22 -28.38 -52.64 0.00
C GLU I 22 -27.34 -51.77 -0.70
N LEU I 23 -26.21 -51.51 -0.04
CA LEU I 23 -25.15 -50.71 -0.64
C LEU I 23 -24.51 -51.43 -1.82
N TYR I 24 -24.19 -52.71 -1.65
CA TYR I 24 -23.53 -53.45 -2.72
C TYR I 24 -24.35 -53.43 -4.00
N CYS I 25 -25.66 -53.66 -3.88
CA CYS I 25 -26.52 -53.61 -5.06
C CYS I 25 -26.47 -52.25 -5.73
N LEU I 26 -26.38 -51.19 -4.92
CA LEU I 26 -26.32 -49.84 -5.49
C LEU I 26 -24.97 -49.56 -6.13
N GLU I 27 -23.89 -50.01 -5.51
CA GLU I 27 -22.56 -49.76 -6.06
C GLU I 27 -22.42 -50.40 -7.45
N HIS I 28 -22.89 -51.64 -7.59
CA HIS I 28 -22.82 -52.37 -8.85
C HIS I 28 -24.07 -52.20 -9.70
N GLY I 29 -25.03 -51.39 -9.24
CA GLY I 29 -26.25 -51.18 -10.01
C GLY I 29 -27.09 -52.41 -10.19
N ILE I 30 -27.18 -53.25 -9.16
CA ILE I 30 -27.96 -54.48 -9.23
C ILE I 30 -29.36 -54.20 -8.70
N GLN I 31 -30.37 -54.60 -9.46
CA GLN I 31 -31.75 -54.41 -9.02
C GLN I 31 -32.06 -55.31 -7.82
N GLN I 32 -32.93 -54.82 -6.95
CA GLN I 32 -33.31 -55.60 -5.77
C GLN I 32 -33.91 -56.94 -6.13
N ASP I 33 -34.47 -57.07 -7.35
CA ASP I 33 -34.98 -58.36 -7.80
C ASP I 33 -33.88 -59.37 -8.04
N GLY I 34 -32.61 -58.94 -8.03
CA GLY I 34 -31.49 -59.82 -8.30
C GLY I 34 -30.97 -59.77 -9.73
N ILE I 35 -31.74 -59.19 -10.65
CA ILE I 35 -31.37 -59.15 -12.06
C ILE I 35 -30.70 -57.81 -12.34
N ILE I 36 -29.49 -57.87 -12.88
CA ILE I 36 -28.75 -56.67 -13.27
C ILE I 36 -29.48 -56.03 -14.45
N PRO I 37 -29.48 -54.71 -14.58
CA PRO I 37 -30.09 -54.08 -15.76
C PRO I 37 -29.46 -54.61 -17.04
N ASP I 38 -30.12 -54.31 -18.15
CA ASP I 38 -29.71 -54.83 -19.46
C ASP I 38 -28.39 -54.25 -19.94
N ASP I 45 -18.35 -54.71 -13.75
CA ASP I 45 -18.77 -56.02 -14.22
C ASP I 45 -17.97 -57.12 -13.53
N SER I 46 -16.65 -57.14 -13.78
CA SER I 46 -15.79 -58.12 -13.11
C SER I 46 -15.70 -57.87 -11.61
N SER I 47 -16.15 -56.70 -11.14
CA SER I 47 -16.00 -56.37 -9.73
C SER I 47 -16.94 -57.19 -8.86
N PHE I 48 -18.21 -57.30 -9.25
CA PHE I 48 -19.20 -57.91 -8.37
C PHE I 48 -18.95 -59.40 -8.14
N GLY I 49 -18.08 -60.03 -8.92
CA GLY I 49 -17.83 -61.44 -8.74
C GLY I 49 -17.30 -61.80 -7.37
N THR I 50 -16.69 -60.84 -6.67
CA THR I 50 -16.13 -61.14 -5.35
C THR I 50 -17.23 -61.35 -4.31
N PHE I 51 -18.33 -60.61 -4.40
CA PHE I 51 -19.42 -60.72 -3.45
C PHE I 51 -20.68 -61.33 -4.03
N PHE I 52 -20.76 -61.48 -5.36
CA PHE I 52 -21.95 -62.02 -6.02
C PHE I 52 -21.56 -63.21 -6.88
N SER I 53 -22.38 -64.25 -6.83
CA SER I 53 -22.18 -65.45 -7.63
C SER I 53 -23.03 -65.38 -8.88
N GLU I 54 -22.45 -65.79 -10.00
CA GLU I 54 -23.14 -65.72 -11.28
C GLU I 54 -24.13 -66.88 -11.43
N THR I 55 -25.00 -66.75 -12.43
CA THR I 55 -25.99 -67.77 -12.74
C THR I 55 -26.25 -67.74 -14.25
N GLY I 56 -26.83 -68.84 -14.75
CA GLY I 56 -27.15 -68.88 -16.17
C GLY I 56 -28.02 -67.73 -16.59
N SER I 57 -29.02 -67.39 -15.77
CA SER I 57 -29.81 -66.19 -16.00
C SER I 57 -29.03 -64.97 -15.56
N GLY I 58 -29.67 -63.81 -15.65
CA GLY I 58 -29.05 -62.57 -15.21
C GLY I 58 -29.12 -62.31 -13.73
N LYS I 59 -29.67 -63.24 -12.95
CA LYS I 59 -29.86 -63.04 -11.51
C LYS I 59 -28.63 -63.52 -10.77
N HIS I 60 -27.86 -62.58 -10.22
CA HIS I 60 -26.72 -62.90 -9.40
C HIS I 60 -27.16 -63.17 -7.96
N VAL I 61 -26.42 -64.03 -7.28
CA VAL I 61 -26.75 -64.48 -5.94
C VAL I 61 -25.68 -63.95 -4.99
N PRO I 62 -26.04 -63.28 -3.89
CA PRO I 62 -25.03 -62.87 -2.92
C PRO I 62 -24.33 -64.08 -2.30
N ARG I 63 -23.03 -63.92 -2.05
CA ARG I 63 -22.23 -64.99 -1.47
C ARG I 63 -22.13 -64.81 0.05
N ALA I 64 -23.31 -64.83 0.68
CA ALA I 64 -23.42 -64.62 2.11
C ALA I 64 -24.37 -65.64 2.71
N VAL I 65 -24.23 -65.85 4.02
CA VAL I 65 -25.07 -66.78 4.77
C VAL I 65 -25.59 -66.06 6.01
N PHE I 66 -26.88 -66.22 6.27
CA PHE I 66 -27.55 -65.61 7.41
C PHE I 66 -28.02 -66.69 8.36
N VAL I 67 -27.67 -66.55 9.64
CA VAL I 67 -28.04 -67.51 10.67
C VAL I 67 -28.61 -66.76 11.86
N ASP I 68 -29.71 -67.27 12.40
CA ASP I 68 -30.31 -66.69 13.59
C ASP I 68 -31.19 -67.74 14.25
N LEU I 69 -30.97 -67.98 15.55
CA LEU I 69 -31.73 -68.97 16.29
C LEU I 69 -33.20 -68.59 16.46
N GLU I 70 -33.56 -67.33 16.21
CA GLU I 70 -34.93 -66.87 16.32
C GLU I 70 -35.46 -66.58 14.92
N GLN I 71 -36.60 -67.19 14.59
CA GLN I 71 -37.16 -67.08 13.24
C GLN I 71 -37.62 -65.65 12.92
N THR I 72 -37.81 -64.81 13.93
CA THR I 72 -38.47 -63.53 13.70
C THR I 72 -37.64 -62.60 12.82
N VAL I 73 -36.34 -62.48 13.10
CA VAL I 73 -35.54 -61.46 12.44
C VAL I 73 -35.40 -61.76 10.94
N ILE I 74 -35.02 -63.01 10.62
CA ILE I 74 -34.80 -63.36 9.22
C ILE I 74 -36.12 -63.34 8.44
N GLY I 75 -37.22 -63.69 9.09
CA GLY I 75 -38.50 -63.68 8.40
C GLY I 75 -38.83 -62.36 7.76
N GLU I 76 -38.37 -61.25 8.36
CA GLU I 76 -38.56 -59.95 7.74
C GLU I 76 -37.84 -59.87 6.40
N ILE I 77 -36.60 -60.38 6.35
CA ILE I 77 -35.86 -60.42 5.09
C ILE I 77 -36.55 -61.34 4.10
N ARG I 78 -37.00 -62.49 4.57
CA ARG I 78 -37.58 -63.49 3.69
C ARG I 78 -38.86 -63.00 3.02
N THR I 79 -39.48 -61.95 3.54
CA THR I 79 -40.70 -61.39 2.97
C THR I 79 -40.53 -59.95 2.51
N GLY I 80 -39.35 -59.36 2.67
CA GLY I 80 -39.13 -58.00 2.26
C GLY I 80 -38.89 -57.88 0.77
N HIS I 81 -38.53 -56.67 0.36
CA HIS I 81 -38.26 -56.41 -1.05
C HIS I 81 -37.00 -57.09 -1.55
N TYR I 82 -36.18 -57.65 -0.66
CA TYR I 82 -35.01 -58.41 -1.04
C TYR I 82 -35.22 -59.92 -0.94
N ARG I 83 -36.48 -60.36 -0.97
CA ARG I 83 -36.76 -61.79 -0.84
C ARG I 83 -36.17 -62.57 -2.01
N SER I 84 -36.24 -62.01 -3.22
CA SER I 84 -35.75 -62.68 -4.41
C SER I 84 -34.25 -62.53 -4.59
N LEU I 85 -33.57 -61.75 -3.75
CA LEU I 85 -32.14 -61.56 -3.90
C LEU I 85 -31.36 -62.74 -3.33
N PHE I 86 -31.81 -63.30 -2.21
CA PHE I 86 -31.06 -64.32 -1.51
C PHE I 86 -31.53 -65.71 -1.92
N HIS I 87 -30.59 -66.63 -2.04
CA HIS I 87 -30.93 -68.03 -2.22
C HIS I 87 -31.68 -68.52 -0.99
N PRO I 88 -32.83 -69.19 -1.15
CA PRO I 88 -33.66 -69.49 0.02
C PRO I 88 -32.95 -70.30 1.09
N GLU I 89 -32.00 -71.17 0.72
CA GLU I 89 -31.33 -71.99 1.70
C GLU I 89 -30.28 -71.24 2.50
N GLN I 90 -29.82 -70.08 2.00
CA GLN I 90 -28.83 -69.31 2.74
C GLN I 90 -29.39 -68.79 4.06
N LEU I 91 -30.65 -68.36 4.06
CA LEU I 91 -31.27 -67.77 5.24
C LEU I 91 -31.63 -68.90 6.21
N ILE I 92 -30.73 -69.18 7.13
CA ILE I 92 -30.90 -70.26 8.09
C ILE I 92 -31.58 -69.70 9.35
N THR I 93 -32.62 -70.38 9.80
CA THR I 93 -33.40 -69.94 10.96
C THR I 93 -33.64 -71.11 11.90
N GLY I 94 -33.54 -70.84 13.20
CA GLY I 94 -33.86 -71.82 14.22
C GLY I 94 -35.33 -71.77 14.62
N LYS I 95 -35.62 -72.42 15.74
CA LYS I 95 -36.98 -72.49 16.26
C LYS I 95 -37.19 -71.64 17.51
N GLU I 96 -36.16 -71.44 18.33
CA GLU I 96 -36.27 -70.66 19.55
C GLU I 96 -35.01 -69.83 19.74
N ASP I 97 -35.19 -68.66 20.36
CA ASP I 97 -34.08 -67.75 20.58
C ASP I 97 -33.16 -68.28 21.67
N ALA I 98 -31.93 -67.77 21.68
CA ALA I 98 -30.94 -68.16 22.67
C ALA I 98 -31.15 -67.49 24.02
N ALA I 99 -32.04 -66.51 24.09
CA ALA I 99 -32.43 -65.89 25.36
C ALA I 99 -31.26 -65.17 26.04
N ASN I 100 -30.46 -64.46 25.23
CA ASN I 100 -29.33 -63.68 25.76
C ASN I 100 -28.45 -64.54 26.67
N ASN I 101 -28.29 -65.81 26.30
CA ASN I 101 -27.55 -66.77 27.09
C ASN I 101 -26.40 -67.31 26.27
N TYR I 102 -25.18 -67.11 26.75
CA TYR I 102 -24.00 -67.62 26.05
C TYR I 102 -24.03 -69.15 26.00
N ALA I 103 -24.44 -69.79 27.09
CA ALA I 103 -24.44 -71.25 27.12
C ALA I 103 -25.38 -71.83 26.08
N ARG I 104 -26.58 -71.27 25.95
CA ARG I 104 -27.55 -71.80 24.99
C ARG I 104 -27.00 -71.75 23.58
N GLY I 105 -26.52 -70.58 23.16
CA GLY I 105 -26.05 -70.42 21.80
C GLY I 105 -24.72 -71.09 21.51
N HIS I 106 -24.06 -71.64 22.53
CA HIS I 106 -22.74 -72.24 22.36
C HIS I 106 -22.70 -73.72 22.70
N TYR I 107 -23.61 -74.22 23.55
CA TYR I 107 -23.55 -75.59 24.03
C TYR I 107 -24.77 -76.42 23.67
N THR I 108 -25.98 -75.89 23.92
CA THR I 108 -27.20 -76.70 23.82
C THR I 108 -27.92 -76.51 22.50
N ILE I 109 -28.34 -75.28 22.20
CA ILE I 109 -29.10 -75.04 20.98
C ILE I 109 -28.21 -74.59 19.82
N GLY I 110 -27.06 -73.97 20.12
CA GLY I 110 -26.18 -73.54 19.06
C GLY I 110 -25.66 -74.72 18.23
N LYS I 111 -25.34 -75.82 18.90
CA LYS I 111 -24.81 -76.98 18.21
C LYS I 111 -25.86 -77.75 17.41
N GLU I 112 -27.15 -77.48 17.66
CA GLU I 112 -28.19 -78.18 16.92
C GLU I 112 -28.28 -77.70 15.48
N ILE I 113 -27.85 -76.47 15.21
CA ILE I 113 -27.93 -75.87 13.89
C ILE I 113 -26.58 -75.47 13.35
N VAL I 114 -25.50 -75.68 14.11
CA VAL I 114 -24.17 -75.28 13.65
C VAL I 114 -23.77 -76.06 12.41
N ASP I 115 -24.03 -77.36 12.41
CA ASP I 115 -23.64 -78.19 11.27
C ASP I 115 -24.37 -77.77 10.00
N SER I 116 -25.62 -77.34 10.12
CA SER I 116 -26.35 -76.89 8.95
C SER I 116 -25.69 -75.67 8.32
N VAL I 117 -25.20 -74.75 9.15
CA VAL I 117 -24.54 -73.56 8.62
C VAL I 117 -23.25 -73.93 7.90
N LEU I 118 -22.47 -74.84 8.49
CA LEU I 118 -21.23 -75.27 7.85
C LEU I 118 -21.50 -75.88 6.47
N ASP I 119 -22.59 -76.64 6.36
CA ASP I 119 -22.92 -77.26 5.09
C ASP I 119 -23.07 -76.22 3.99
N ARG I 120 -23.72 -75.10 4.30
CA ARG I 120 -23.87 -74.03 3.32
C ARG I 120 -22.58 -73.23 3.14
N VAL I 121 -21.76 -73.13 4.17
CA VAL I 121 -20.47 -72.46 4.02
C VAL I 121 -19.56 -73.28 3.13
N ARG I 122 -19.51 -74.59 3.33
CA ARG I 122 -18.65 -75.44 2.52
C ARG I 122 -19.11 -75.45 1.06
N LYS I 123 -20.41 -75.63 0.84
CA LYS I 123 -20.93 -75.66 -0.52
C LYS I 123 -20.71 -74.32 -1.21
N MET I 124 -20.71 -73.23 -0.45
CA MET I 124 -20.43 -71.91 -1.00
C MET I 124 -18.94 -71.60 -1.05
N ALA I 125 -18.16 -72.15 -0.12
CA ALA I 125 -16.71 -71.96 -0.15
C ALA I 125 -16.05 -72.82 -1.21
N ASP I 126 -16.61 -73.99 -1.50
CA ASP I 126 -16.03 -74.88 -2.49
C ASP I 126 -16.27 -74.41 -3.92
N GLN I 127 -17.29 -73.59 -4.15
CA GLN I 127 -17.64 -73.13 -5.48
C GLN I 127 -16.89 -71.87 -5.89
N CYS I 128 -15.75 -71.60 -5.25
CA CYS I 128 -14.89 -70.48 -5.62
C CYS I 128 -13.48 -71.00 -5.79
N SER I 129 -12.85 -70.67 -6.93
CA SER I 129 -11.49 -71.12 -7.18
C SER I 129 -10.54 -70.64 -6.10
N GLY I 130 -10.68 -69.38 -5.69
CA GLY I 130 -9.93 -68.84 -4.57
C GLY I 130 -10.88 -68.20 -3.59
N LEU I 131 -10.41 -68.06 -2.35
CA LEU I 131 -11.23 -67.52 -1.26
C LEU I 131 -10.32 -66.73 -0.32
N GLN I 132 -10.55 -65.41 -0.27
CA GLN I 132 -9.74 -64.56 0.61
C GLN I 132 -9.99 -64.90 2.07
N GLY I 133 -11.25 -65.02 2.47
CA GLY I 133 -11.57 -65.28 3.85
C GLY I 133 -13.05 -65.10 4.10
N PHE I 134 -13.39 -64.85 5.38
CA PHE I 134 -14.76 -64.70 5.82
C PHE I 134 -14.94 -63.37 6.52
N LEU I 135 -16.07 -62.72 6.25
CA LEU I 135 -16.53 -61.58 7.02
C LEU I 135 -17.64 -62.03 7.97
N ILE I 136 -17.52 -61.66 9.24
CA ILE I 136 -18.43 -62.13 10.28
C ILE I 136 -18.98 -60.93 11.03
N PHE I 137 -20.30 -60.82 11.11
CA PHE I 137 -20.98 -59.75 11.83
C PHE I 137 -21.77 -60.37 12.97
N HIS I 138 -21.57 -59.86 14.17
CA HIS I 138 -22.22 -60.42 15.35
C HIS I 138 -22.23 -59.37 16.45
N SER I 139 -22.76 -59.74 17.61
CA SER I 139 -22.87 -58.85 18.76
C SER I 139 -22.40 -59.59 20.01
N PHE I 140 -21.59 -58.91 20.82
CA PHE I 140 -21.15 -59.49 22.09
C PHE I 140 -22.32 -59.66 23.05
N GLY I 141 -23.34 -58.81 22.96
CA GLY I 141 -24.40 -58.78 23.94
C GLY I 141 -25.63 -59.56 23.57
N GLY I 142 -25.44 -60.76 23.00
CA GLY I 142 -26.54 -61.64 22.68
C GLY I 142 -26.14 -63.09 22.91
N GLY I 143 -27.14 -63.97 22.84
CA GLY I 143 -26.88 -65.38 22.94
C GLY I 143 -26.43 -65.96 21.61
N THR I 144 -27.19 -65.68 20.55
CA THR I 144 -26.81 -66.13 19.23
C THR I 144 -25.55 -65.43 18.74
N GLY I 145 -25.48 -64.11 18.92
CA GLY I 145 -24.35 -63.34 18.42
C GLY I 145 -23.07 -63.53 19.20
N SER I 146 -23.11 -64.25 20.32
CA SER I 146 -21.94 -64.48 21.15
C SER I 146 -21.65 -65.96 21.37
N GLY I 147 -22.68 -66.77 21.57
CA GLY I 147 -22.48 -68.19 21.78
C GLY I 147 -22.38 -68.96 20.49
N PHE I 148 -23.28 -68.68 19.55
CA PHE I 148 -23.24 -69.35 18.26
C PHE I 148 -22.04 -68.89 17.43
N THR I 149 -21.67 -67.62 17.56
CA THR I 149 -20.50 -67.12 16.85
C THR I 149 -19.25 -67.91 17.26
N SER I 150 -19.02 -68.06 18.57
CA SER I 150 -17.86 -68.78 19.04
C SER I 150 -17.78 -70.17 18.43
N LEU I 151 -18.93 -70.82 18.22
CA LEU I 151 -18.95 -72.12 17.56
C LEU I 151 -18.40 -72.02 16.15
N LEU I 152 -18.89 -71.05 15.37
CA LEU I 152 -18.43 -70.91 14.00
C LEU I 152 -16.95 -70.55 13.94
N MET I 153 -16.50 -69.65 14.82
CA MET I 153 -15.09 -69.32 14.85
C MET I 153 -14.23 -70.55 15.09
N GLU I 154 -14.67 -71.43 15.99
CA GLU I 154 -13.94 -72.67 16.22
C GLU I 154 -14.04 -73.60 15.02
N ARG I 155 -15.25 -73.81 14.50
CA ARG I 155 -15.42 -74.69 13.35
C ARG I 155 -14.71 -74.14 12.13
N LEU I 156 -14.84 -72.84 11.88
CA LEU I 156 -14.17 -72.23 10.73
C LEU I 156 -12.66 -72.16 10.90
N SER I 157 -12.14 -72.44 12.09
CA SER I 157 -10.70 -72.43 12.32
C SER I 157 -10.05 -73.75 11.94
N VAL I 158 -10.81 -74.84 11.92
CA VAL I 158 -10.27 -76.16 11.63
C VAL I 158 -10.43 -76.48 10.15
N ASP I 159 -11.67 -76.47 9.67
CA ASP I 159 -11.93 -76.86 8.28
C ASP I 159 -11.29 -75.89 7.30
N TYR I 160 -11.23 -74.60 7.64
CA TYR I 160 -10.65 -73.58 6.77
C TYR I 160 -9.56 -72.80 7.49
N GLY I 161 -8.69 -73.50 8.22
CA GLY I 161 -7.60 -72.82 8.89
C GLY I 161 -6.67 -72.14 7.91
N LYS I 162 -5.98 -71.11 8.39
CA LYS I 162 -5.03 -70.37 7.59
C LYS I 162 -5.73 -69.59 6.47
N LYS I 163 -6.98 -69.21 6.70
CA LYS I 163 -7.69 -68.29 5.82
C LYS I 163 -8.28 -67.16 6.66
N SER I 164 -8.35 -65.98 6.06
CA SER I 164 -8.70 -64.79 6.81
C SER I 164 -10.10 -64.90 7.40
N LYS I 165 -10.25 -64.42 8.64
CA LYS I 165 -11.54 -64.37 9.33
C LYS I 165 -11.66 -62.99 9.97
N LEU I 166 -12.19 -62.03 9.22
CA LEU I 166 -12.42 -60.69 9.72
C LEU I 166 -13.83 -60.59 10.29
N GLU I 167 -13.98 -59.82 11.36
CA GLU I 167 -15.26 -59.72 12.05
C GLU I 167 -15.52 -58.28 12.47
N PHE I 168 -16.71 -57.79 12.15
CA PHE I 168 -17.23 -56.56 12.73
C PHE I 168 -18.17 -56.92 13.88
N SER I 169 -17.95 -56.31 15.03
CA SER I 169 -18.66 -56.69 16.25
C SER I 169 -19.21 -55.45 16.93
N VAL I 170 -20.37 -55.62 17.57
CA VAL I 170 -21.00 -54.57 18.35
C VAL I 170 -20.50 -54.74 19.78
N TYR I 171 -19.36 -54.12 20.08
CA TYR I 171 -18.81 -54.18 21.42
C TYR I 171 -19.76 -53.48 22.39
N PRO I 172 -19.90 -53.98 23.63
CA PRO I 172 -20.82 -53.34 24.57
C PRO I 172 -20.46 -51.88 24.80
N ALA I 173 -21.48 -51.04 24.90
CA ALA I 173 -21.27 -49.62 25.09
C ALA I 173 -20.80 -49.36 26.52
N PRO I 174 -20.10 -48.23 26.74
CA PRO I 174 -19.58 -47.97 28.10
C PRO I 174 -20.68 -47.82 29.14
N GLN I 175 -21.67 -46.97 28.86
CA GLN I 175 -22.73 -46.66 29.81
C GLN I 175 -24.09 -47.22 29.40
N ILE I 176 -24.55 -46.91 28.18
CA ILE I 176 -25.85 -47.44 27.75
C ILE I 176 -25.77 -48.96 27.65
N SER I 177 -26.93 -49.59 27.79
CA SER I 177 -27.01 -51.05 27.73
C SER I 177 -28.43 -51.51 27.50
N THR I 178 -28.64 -52.38 26.51
CA THR I 178 -29.95 -52.91 26.18
C THR I 178 -30.17 -54.29 26.79
N ALA I 179 -29.33 -54.70 27.72
CA ALA I 179 -29.47 -55.99 28.38
C ALA I 179 -28.79 -55.92 29.75
N VAL I 180 -28.96 -56.98 30.53
CA VAL I 180 -28.43 -57.03 31.88
C VAL I 180 -27.23 -57.97 32.01
N VAL I 181 -27.11 -58.97 31.15
CA VAL I 181 -26.06 -59.97 31.26
C VAL I 181 -24.94 -59.72 30.25
N GLU I 182 -24.80 -58.49 29.76
CA GLU I 182 -23.72 -58.18 28.83
C GLU I 182 -22.35 -58.52 29.39
N PRO I 183 -22.01 -58.19 30.64
CA PRO I 183 -20.66 -58.53 31.13
C PRO I 183 -20.34 -60.01 31.03
N TYR I 184 -21.25 -60.87 31.46
CA TYR I 184 -21.01 -62.31 31.40
C TYR I 184 -20.86 -62.77 29.96
N ASN I 185 -21.83 -62.43 29.10
CA ASN I 185 -21.82 -62.92 27.74
C ASN I 185 -20.66 -62.34 26.93
N SER I 186 -20.43 -61.04 27.06
CA SER I 186 -19.41 -60.39 26.24
C SER I 186 -18.02 -60.94 26.53
N ILE I 187 -17.70 -61.13 27.81
CA ILE I 187 -16.36 -61.59 28.17
C ILE I 187 -16.15 -63.04 27.73
N LEU I 188 -17.20 -63.87 27.83
CA LEU I 188 -17.06 -65.28 27.51
C LEU I 188 -16.62 -65.49 26.06
N THR I 189 -17.26 -64.77 25.14
CA THR I 189 -16.91 -64.93 23.72
C THR I 189 -15.51 -64.43 23.44
N THR I 190 -15.09 -63.34 24.10
CA THR I 190 -13.74 -62.83 23.90
C THR I 190 -12.71 -63.88 24.29
N HIS I 191 -12.99 -64.65 25.34
CA HIS I 191 -12.07 -65.71 25.74
C HIS I 191 -11.89 -66.74 24.64
N THR I 192 -12.98 -67.10 23.96
CA THR I 192 -12.93 -68.12 22.92
C THR I 192 -12.56 -67.57 21.56
N THR I 193 -12.88 -66.31 21.27
CA THR I 193 -12.63 -65.73 19.97
C THR I 193 -11.24 -65.11 19.85
N LEU I 194 -10.50 -65.01 20.95
CA LEU I 194 -9.16 -64.42 20.89
C LEU I 194 -8.23 -65.28 20.04
N GLU I 195 -8.29 -66.60 20.21
CA GLU I 195 -7.39 -67.50 19.52
C GLU I 195 -7.90 -67.97 18.17
N HIS I 196 -9.09 -67.55 17.76
CA HIS I 196 -9.73 -68.00 16.52
C HIS I 196 -10.26 -66.82 15.73
N SER I 197 -9.45 -65.77 15.60
CA SER I 197 -9.82 -64.61 14.81
C SER I 197 -8.55 -63.85 14.45
N ASP I 198 -8.65 -63.07 13.37
CA ASP I 198 -7.53 -62.27 12.90
C ASP I 198 -7.57 -60.87 13.52
N CYS I 199 -8.65 -60.13 13.30
CA CYS I 199 -8.83 -58.82 13.91
C CYS I 199 -10.31 -58.48 13.92
N ALA I 200 -10.75 -57.87 15.02
CA ALA I 200 -12.16 -57.54 15.23
C ALA I 200 -12.33 -56.04 15.15
N PHE I 201 -13.25 -55.60 14.29
CA PHE I 201 -13.54 -54.18 14.10
C PHE I 201 -14.67 -53.78 15.04
N MET I 202 -14.30 -53.38 16.26
CA MET I 202 -15.28 -53.04 17.27
C MET I 202 -16.02 -51.76 16.92
N VAL I 203 -17.30 -51.71 17.28
CA VAL I 203 -18.13 -50.52 17.15
C VAL I 203 -19.10 -50.48 18.33
N ASP I 204 -19.36 -49.29 18.84
CA ASP I 204 -20.29 -49.09 19.94
C ASP I 204 -21.47 -48.25 19.47
N ASN I 205 -22.68 -48.67 19.86
CA ASN I 205 -23.87 -47.92 19.48
C ASN I 205 -23.90 -46.55 20.14
N GLU I 206 -23.38 -46.45 21.38
CA GLU I 206 -23.32 -45.17 22.04
C GLU I 206 -22.52 -44.16 21.23
N ALA I 207 -21.36 -44.57 20.72
CA ALA I 207 -20.53 -43.67 19.93
C ALA I 207 -21.23 -43.30 18.63
N ILE I 208 -21.83 -44.28 17.95
CA ILE I 208 -22.47 -44.01 16.67
C ILE I 208 -23.66 -43.08 16.88
N TYR I 209 -24.43 -43.28 17.94
CA TYR I 209 -25.52 -42.37 18.25
C TYR I 209 -25.00 -40.96 18.49
N ASP I 210 -23.89 -40.84 19.23
CA ASP I 210 -23.32 -39.53 19.50
C ASP I 210 -22.91 -38.82 18.22
N ILE I 211 -22.25 -39.54 17.32
CA ILE I 211 -21.86 -38.94 16.04
C ILE I 211 -23.09 -38.54 15.24
N CYS I 212 -24.10 -39.40 15.23
CA CYS I 212 -25.29 -39.12 14.41
C CYS I 212 -25.95 -37.83 14.84
N ASN I 213 -26.13 -37.63 16.15
CA ASN I 213 -26.72 -36.38 16.63
C ASN I 213 -25.72 -35.23 16.57
N ARG I 214 -24.42 -35.53 16.67
CA ARG I 214 -23.41 -34.47 16.72
C ARG I 214 -23.06 -33.98 15.32
N ASN I 215 -22.94 -34.88 14.35
CA ASN I 215 -22.50 -34.55 13.00
C ASN I 215 -23.60 -34.67 11.97
N LEU I 216 -24.27 -35.82 11.90
CA LEU I 216 -25.33 -36.01 10.91
C LEU I 216 -26.50 -35.07 11.15
N ASP I 217 -26.62 -34.52 12.35
CA ASP I 217 -27.61 -33.48 12.65
C ASP I 217 -29.04 -33.99 12.43
N ILE I 218 -29.31 -35.19 12.94
CA ILE I 218 -30.66 -35.72 13.02
C ILE I 218 -30.90 -36.17 14.45
N GLU I 219 -31.98 -35.67 15.06
CA GLU I 219 -32.17 -35.82 16.49
C GLU I 219 -32.69 -37.20 16.87
N ARG I 220 -33.34 -37.91 15.97
CA ARG I 220 -34.05 -39.16 16.28
C ARG I 220 -33.58 -40.26 15.34
N PRO I 221 -32.43 -40.85 15.60
CA PRO I 221 -31.94 -41.96 14.78
C PRO I 221 -32.55 -43.29 15.21
N THR I 222 -32.24 -44.32 14.43
CA THR I 222 -32.70 -45.68 14.71
C THR I 222 -31.68 -46.65 14.13
N TYR I 223 -31.78 -47.92 14.56
CA TYR I 223 -30.87 -48.93 14.07
C TYR I 223 -30.88 -49.02 12.55
N THR I 224 -32.02 -48.74 11.93
CA THR I 224 -32.07 -48.72 10.47
C THR I 224 -31.16 -47.63 9.90
N ASN I 225 -30.93 -46.57 10.69
CA ASN I 225 -30.05 -45.49 10.26
C ASN I 225 -28.59 -45.80 10.56
N LEU I 226 -28.29 -46.28 11.78
CA LEU I 226 -26.91 -46.58 12.13
C LEU I 226 -26.34 -47.68 11.25
N ASN I 227 -27.12 -48.72 10.99
CA ASN I 227 -26.61 -49.82 10.18
C ASN I 227 -26.21 -49.35 8.79
N ARG I 228 -26.85 -48.31 8.27
CA ARG I 228 -26.43 -47.74 7.00
C ARG I 228 -25.06 -47.09 7.12
N LEU I 229 -24.80 -46.40 8.23
CA LEU I 229 -23.45 -45.89 8.47
C LEU I 229 -22.44 -47.03 8.58
N ILE I 230 -22.80 -48.10 9.27
CA ILE I 230 -21.90 -49.24 9.40
C ILE I 230 -21.66 -49.88 8.04
N GLY I 231 -22.61 -49.74 7.11
CA GLY I 231 -22.39 -50.24 5.77
C GLY I 231 -21.25 -49.53 5.07
N GLN I 232 -21.09 -48.23 5.35
CA GLN I 232 -20.04 -47.46 4.69
C GLN I 232 -18.66 -47.98 5.04
N ILE I 233 -18.40 -48.28 6.31
CA ILE I 233 -17.09 -48.76 6.71
C ILE I 233 -16.80 -50.10 6.05
N VAL I 234 -17.82 -50.95 5.93
CA VAL I 234 -17.64 -52.23 5.25
C VAL I 234 -17.38 -52.02 3.77
N SER I 235 -18.15 -51.13 3.15
CA SER I 235 -17.99 -50.86 1.72
C SER I 235 -16.59 -50.31 1.42
N SER I 236 -16.16 -49.32 2.21
CA SER I 236 -14.83 -48.75 2.01
C SER I 236 -13.74 -49.78 2.29
N ILE I 237 -13.95 -50.64 3.29
CA ILE I 237 -12.94 -51.65 3.62
C ILE I 237 -12.77 -52.63 2.46
N THR I 238 -13.87 -53.06 1.86
CA THR I 238 -13.84 -54.07 0.82
C THR I 238 -13.82 -53.47 -0.59
N ALA I 239 -13.75 -52.14 -0.72
CA ALA I 239 -13.75 -51.53 -2.04
C ALA I 239 -12.55 -51.98 -2.86
N SER I 240 -11.39 -52.17 -2.20
CA SER I 240 -10.19 -52.57 -2.92
C SER I 240 -10.35 -53.92 -3.61
N LEU I 241 -11.25 -54.77 -3.13
CA LEU I 241 -11.46 -56.07 -3.73
C LEU I 241 -12.39 -56.03 -4.95
N ARG I 242 -13.00 -54.89 -5.23
CA ARG I 242 -13.97 -54.78 -6.30
C ARG I 242 -13.58 -53.77 -7.37
N PHE I 243 -13.17 -52.57 -6.98
CA PHE I 243 -12.94 -51.47 -7.90
C PHE I 243 -11.45 -51.22 -8.06
N ASP I 244 -11.06 -50.85 -9.28
CA ASP I 244 -9.66 -50.57 -9.56
C ASP I 244 -9.22 -49.28 -8.88
N GLY I 245 -7.94 -49.21 -8.55
CA GLY I 245 -7.37 -48.04 -7.92
C GLY I 245 -5.92 -48.21 -7.55
N ALA I 246 -5.17 -47.11 -7.55
CA ALA I 246 -3.75 -47.19 -7.21
C ALA I 246 -3.57 -47.59 -5.76
N LEU I 247 -2.60 -48.48 -5.52
CA LEU I 247 -2.29 -48.94 -4.17
C LEU I 247 -3.51 -49.62 -3.53
N ASN I 248 -4.00 -50.65 -4.21
CA ASN I 248 -5.09 -51.44 -3.67
C ASN I 248 -4.62 -52.25 -2.45
N VAL I 249 -5.52 -52.42 -1.50
CA VAL I 249 -5.23 -53.12 -0.26
C VAL I 249 -6.11 -54.37 -0.22
N ASP I 250 -5.47 -55.54 -0.12
CA ASP I 250 -6.19 -56.80 -0.10
C ASP I 250 -6.72 -57.08 1.31
N LEU I 251 -7.54 -58.13 1.41
CA LEU I 251 -8.17 -58.45 2.69
C LEU I 251 -7.14 -58.91 3.72
N THR I 252 -6.19 -59.75 3.31
CA THR I 252 -5.21 -60.30 4.23
C THR I 252 -4.18 -59.28 4.68
N GLU I 253 -4.14 -58.09 4.07
CA GLU I 253 -3.15 -57.09 4.46
C GLU I 253 -3.50 -56.42 5.79
N PHE I 254 -4.78 -56.38 6.15
CA PHE I 254 -5.17 -55.71 7.38
C PHE I 254 -4.53 -56.36 8.59
N GLN I 255 -4.60 -57.69 8.66
CA GLN I 255 -4.11 -58.39 9.85
C GLN I 255 -2.61 -58.15 10.05
N THR I 256 -1.84 -58.19 8.96
CA THR I 256 -0.40 -58.00 9.09
C THR I 256 -0.07 -56.60 9.62
N ASN I 257 -0.76 -55.57 9.13
CA ASN I 257 -0.45 -54.21 9.50
C ASN I 257 -0.99 -53.85 10.89
N LEU I 258 -2.16 -54.37 11.26
CA LEU I 258 -2.88 -53.90 12.45
C LEU I 258 -2.83 -54.87 13.61
N VAL I 259 -2.07 -55.96 13.50
CA VAL I 259 -1.99 -56.95 14.57
C VAL I 259 -0.54 -57.23 14.91
N PRO I 260 0.11 -56.38 15.71
CA PRO I 260 1.51 -56.68 16.10
C PRO I 260 1.65 -58.00 16.83
N TYR I 261 0.69 -58.34 17.68
CA TYR I 261 0.74 -59.55 18.47
C TYR I 261 -0.59 -60.28 18.32
N PRO I 262 -0.60 -61.60 18.50
CA PRO I 262 -1.84 -62.35 18.20
C PRO I 262 -3.04 -61.89 19.00
N ARG I 263 -2.84 -61.47 20.25
CA ARG I 263 -3.97 -61.10 21.09
C ARG I 263 -4.42 -59.66 20.85
N ILE I 264 -3.52 -58.79 20.43
CA ILE I 264 -3.81 -57.37 20.28
C ILE I 264 -4.31 -57.18 18.84
N HIS I 265 -5.59 -57.47 18.63
CA HIS I 265 -6.18 -57.40 17.29
C HIS I 265 -7.56 -56.73 17.35
N PHE I 266 -7.66 -55.61 18.07
CA PHE I 266 -8.92 -54.88 18.24
C PHE I 266 -8.74 -53.45 17.76
N PRO I 267 -8.72 -53.23 16.45
CA PRO I 267 -8.67 -51.87 15.91
C PRO I 267 -10.06 -51.25 15.83
N LEU I 268 -10.27 -50.18 16.60
CA LEU I 268 -11.55 -49.50 16.57
C LEU I 268 -11.73 -48.76 15.24
N VAL I 269 -12.97 -48.68 14.78
CA VAL I 269 -13.27 -48.14 13.46
C VAL I 269 -13.44 -46.64 13.54
N THR I 270 -13.16 -45.95 12.44
CA THR I 270 -13.39 -44.53 12.30
C THR I 270 -13.71 -44.24 10.85
N TYR I 271 -14.51 -43.20 10.62
CA TYR I 271 -14.93 -42.86 9.26
C TYR I 271 -15.04 -41.35 9.14
N SER I 272 -14.90 -40.87 7.91
CA SER I 272 -15.00 -39.45 7.60
C SER I 272 -15.18 -39.26 6.10
N PRO I 273 -15.97 -38.28 5.66
CA PRO I 273 -16.76 -37.32 6.43
C PRO I 273 -18.19 -37.79 6.66
N ILE I 274 -18.76 -37.51 7.83
CA ILE I 274 -20.17 -37.76 8.11
C ILE I 274 -20.84 -36.40 8.22
N ILE I 275 -21.37 -35.91 7.09
CA ILE I 275 -21.96 -34.58 7.02
C ILE I 275 -23.31 -34.68 6.32
N SER I 276 -24.29 -33.94 6.84
CA SER I 276 -25.60 -33.92 6.22
C SER I 276 -25.56 -33.20 4.88
N ALA I 277 -26.54 -33.50 4.03
CA ALA I 277 -26.56 -32.94 2.69
C ALA I 277 -26.56 -31.42 2.72
N GLU I 278 -27.45 -30.82 3.51
CA GLU I 278 -27.52 -29.37 3.58
C GLU I 278 -26.26 -28.78 4.18
N LYS I 279 -25.72 -29.43 5.23
CA LYS I 279 -24.55 -28.89 5.91
C LYS I 279 -23.30 -28.96 5.03
N ALA I 280 -23.25 -29.94 4.12
CA ALA I 280 -22.05 -30.12 3.30
C ALA I 280 -21.81 -28.96 2.34
N TYR I 281 -22.87 -28.23 1.96
CA TYR I 281 -22.70 -27.12 1.01
C TYR I 281 -21.83 -26.01 1.57
N HIS I 282 -21.62 -25.98 2.89
CA HIS I 282 -20.80 -24.97 3.54
C HIS I 282 -19.41 -25.48 3.86
N GLU I 283 -19.00 -26.60 3.29
CA GLU I 283 -17.72 -27.22 3.60
C GLU I 283 -16.94 -27.47 2.31
N GLN I 284 -15.62 -27.55 2.45
CA GLN I 284 -14.73 -27.76 1.31
C GLN I 284 -14.38 -29.23 1.11
N LEU I 285 -14.22 -29.98 2.20
CA LEU I 285 -13.86 -31.39 2.14
C LEU I 285 -12.54 -31.61 1.40
N SER I 286 -11.50 -30.97 1.92
CA SER I 286 -10.16 -31.22 1.44
C SER I 286 -9.61 -32.52 2.02
N VAL I 287 -8.54 -33.02 1.42
CA VAL I 287 -7.97 -34.30 1.84
C VAL I 287 -7.51 -34.19 3.30
N PRO I 288 -6.75 -33.17 3.69
CA PRO I 288 -6.35 -33.07 5.10
C PRO I 288 -7.53 -32.94 6.05
N GLU I 289 -8.59 -32.24 5.62
CA GLU I 289 -9.73 -32.02 6.50
C GLU I 289 -10.35 -33.35 6.93
N ILE I 290 -10.65 -34.22 5.98
CA ILE I 290 -11.21 -35.52 6.31
C ILE I 290 -10.18 -36.37 7.07
N THR I 291 -8.90 -36.22 6.70
CA THR I 291 -7.86 -37.02 7.35
C THR I 291 -7.72 -36.63 8.82
N ASN I 292 -7.65 -35.33 9.10
CA ASN I 292 -7.51 -34.87 10.48
C ASN I 292 -8.79 -35.07 11.28
N ALA I 293 -9.92 -35.34 10.64
CA ALA I 293 -11.16 -35.58 11.34
C ALA I 293 -11.22 -36.95 12.01
N CYS I 294 -10.31 -37.85 11.67
CA CYS I 294 -10.30 -39.19 12.23
C CYS I 294 -9.40 -39.36 13.44
N PHE I 295 -8.64 -38.32 13.81
CA PHE I 295 -7.70 -38.38 14.93
C PHE I 295 -8.17 -37.49 16.09
N GLU I 296 -9.48 -37.44 16.30
CA GLU I 296 -10.06 -36.75 17.44
C GLU I 296 -11.09 -37.68 18.08
N TYR I 297 -11.16 -37.65 19.42
CA TYR I 297 -12.05 -38.56 20.14
C TYR I 297 -13.53 -38.26 19.92
N SER I 298 -13.86 -37.23 19.14
CA SER I 298 -15.25 -36.92 18.83
C SER I 298 -15.74 -37.63 17.58
N ASN I 299 -14.87 -38.33 16.85
CA ASN I 299 -15.24 -39.09 15.66
C ASN I 299 -14.66 -40.50 15.80
N GLN I 300 -15.39 -41.36 16.48
CA GLN I 300 -15.02 -42.76 16.64
C GLN I 300 -16.29 -43.59 16.71
N MET I 301 -16.20 -44.82 16.20
CA MET I 301 -17.30 -45.77 16.31
C MET I 301 -17.29 -46.52 17.64
N VAL I 302 -16.19 -46.45 18.38
CA VAL I 302 -16.08 -47.00 19.72
C VAL I 302 -15.78 -45.83 20.66
N LYS I 303 -16.62 -45.67 21.69
CA LYS I 303 -16.50 -44.51 22.57
C LYS I 303 -15.30 -44.72 23.51
N CYS I 304 -14.12 -44.57 22.93
CA CYS I 304 -12.86 -44.56 23.68
C CYS I 304 -12.03 -43.38 23.20
N ASP I 305 -11.31 -42.76 24.14
CA ASP I 305 -10.53 -41.58 23.84
C ASP I 305 -9.12 -42.01 23.42
N PRO I 306 -8.73 -41.83 22.15
CA PRO I 306 -7.37 -42.23 21.76
C PRO I 306 -6.29 -41.50 22.53
N ARG I 307 -6.54 -40.24 22.90
CA ARG I 307 -5.51 -39.47 23.60
C ARG I 307 -5.16 -40.08 24.95
N ARG I 308 -6.08 -40.84 25.55
CA ARG I 308 -5.75 -41.52 26.79
C ARG I 308 -4.64 -42.55 26.58
N GLY I 309 -4.71 -43.28 25.47
CA GLY I 309 -3.72 -44.30 25.17
C GLY I 309 -2.79 -43.90 24.05
N LYS I 310 -2.23 -44.89 23.36
CA LYS I 310 -1.26 -44.67 22.29
C LYS I 310 -1.63 -45.52 21.09
N TYR I 311 -1.53 -44.94 19.89
CA TYR I 311 -1.68 -45.72 18.68
C TYR I 311 -0.49 -46.65 18.49
N MET I 312 -0.75 -47.80 17.87
CA MET I 312 0.32 -48.73 17.53
C MET I 312 0.18 -49.30 16.12
N ALA I 313 -0.90 -48.97 15.40
CA ALA I 313 -1.05 -49.36 14.01
C ALA I 313 -2.27 -48.66 13.45
N CYS I 314 -2.19 -48.24 12.19
CA CYS I 314 -3.29 -47.52 11.55
C CYS I 314 -3.31 -47.85 10.07
N CYS I 315 -4.50 -48.20 9.57
CA CYS I 315 -4.72 -48.42 8.14
C CYS I 315 -5.70 -47.37 7.63
N LEU I 316 -5.26 -46.61 6.64
CA LEU I 316 -6.08 -45.57 6.01
C LEU I 316 -6.50 -46.05 4.63
N LEU I 317 -7.80 -46.16 4.43
CA LEU I 317 -8.37 -46.64 3.17
C LEU I 317 -9.09 -45.47 2.52
N TYR I 318 -8.35 -44.67 1.77
CA TYR I 318 -8.94 -43.54 1.08
C TYR I 318 -9.80 -44.01 -0.09
N ARG I 319 -10.75 -43.17 -0.48
CA ARG I 319 -11.72 -43.52 -1.51
C ARG I 319 -12.07 -42.27 -2.32
N GLY I 320 -12.53 -42.50 -3.54
CA GLY I 320 -12.90 -41.41 -4.43
C GLY I 320 -11.70 -40.82 -5.14
N ASP I 321 -11.93 -39.65 -5.73
CA ASP I 321 -10.89 -38.92 -6.44
C ASP I 321 -9.92 -38.34 -5.41
N VAL I 322 -8.83 -39.05 -5.16
CA VAL I 322 -7.86 -38.71 -4.13
C VAL I 322 -6.51 -38.47 -4.79
N VAL I 323 -5.86 -37.37 -4.42
CA VAL I 323 -4.48 -37.11 -4.84
C VAL I 323 -3.56 -37.71 -3.79
N PRO I 324 -2.87 -38.81 -4.07
CA PRO I 324 -2.05 -39.45 -3.02
C PRO I 324 -0.98 -38.53 -2.47
N LYS I 325 -0.51 -37.56 -3.26
CA LYS I 325 0.45 -36.59 -2.75
C LYS I 325 -0.12 -35.87 -1.53
N ASP I 326 -1.38 -35.45 -1.61
CA ASP I 326 -2.02 -34.84 -0.44
C ASP I 326 -2.13 -35.83 0.71
N VAL I 327 -2.39 -37.10 0.39
CA VAL I 327 -2.46 -38.12 1.43
C VAL I 327 -1.12 -38.24 2.14
N ASN I 328 -0.03 -38.24 1.37
CA ASN I 328 1.30 -38.30 1.97
C ASN I 328 1.55 -37.08 2.85
N ALA I 329 1.19 -35.90 2.38
CA ALA I 329 1.40 -34.68 3.16
C ALA I 329 0.53 -34.68 4.42
N ALA I 330 -0.75 -35.03 4.27
CA ALA I 330 -1.64 -35.01 5.42
C ALA I 330 -1.20 -36.01 6.49
N ILE I 331 -0.80 -37.20 6.07
CA ILE I 331 -0.35 -38.22 7.03
C ILE I 331 0.92 -37.77 7.74
N ALA I 332 1.82 -37.09 7.01
CA ALA I 332 3.06 -36.63 7.62
C ALA I 332 2.80 -35.64 8.74
N ALA I 333 1.84 -34.75 8.54
CA ALA I 333 1.54 -33.75 9.56
C ALA I 333 1.08 -34.41 10.85
N ILE I 334 0.22 -35.43 10.75
CA ILE I 334 -0.29 -36.10 11.93
C ILE I 334 0.83 -36.78 12.71
N LYS I 335 1.92 -37.14 12.03
CA LYS I 335 3.04 -37.79 12.70
C LYS I 335 3.89 -36.82 13.50
N THR I 336 3.66 -35.51 13.36
CA THR I 336 4.48 -34.51 14.04
C THR I 336 3.63 -33.62 14.94
N ARG I 337 2.71 -34.21 15.69
CA ARG I 337 1.90 -33.49 16.67
C ARG I 337 2.06 -34.16 18.02
N ARG I 338 2.33 -33.36 19.05
CA ARG I 338 2.61 -33.92 20.37
C ARG I 338 1.40 -34.65 20.93
N SER I 339 0.20 -34.10 20.74
CA SER I 339 -1.00 -34.75 21.25
C SER I 339 -1.17 -36.14 20.63
N ILE I 340 -0.94 -36.25 19.32
CA ILE I 340 -0.95 -37.56 18.68
C ILE I 340 0.32 -38.31 19.09
N GLN I 341 0.14 -39.50 19.63
CA GLN I 341 1.24 -40.24 20.25
C GLN I 341 1.19 -41.68 19.79
N PHE I 342 2.20 -42.10 19.02
CA PHE I 342 2.38 -43.49 18.65
C PHE I 342 3.33 -44.19 19.62
N VAL I 343 3.33 -45.52 19.56
CA VAL I 343 4.18 -46.28 20.46
C VAL I 343 5.63 -46.17 20.01
N ASP I 344 6.54 -46.40 20.96
CA ASP I 344 7.96 -46.18 20.72
C ASP I 344 8.50 -47.16 19.67
N TRP I 345 8.07 -48.41 19.72
CA TRP I 345 8.69 -49.47 18.93
C TRP I 345 8.03 -49.67 17.57
N CYS I 346 7.19 -48.74 17.14
CA CYS I 346 6.54 -48.81 15.82
C CYS I 346 6.72 -47.49 15.11
N PRO I 347 7.94 -47.19 14.63
CA PRO I 347 8.14 -45.95 13.87
C PRO I 347 7.30 -45.89 12.61
N THR I 348 7.07 -47.04 11.98
CA THR I 348 6.34 -47.12 10.72
C THR I 348 4.91 -47.57 11.03
N GLY I 349 4.05 -46.58 11.30
CA GLY I 349 2.72 -46.84 11.82
C GLY I 349 1.57 -46.39 10.95
N PHE I 350 1.64 -46.65 9.64
CA PHE I 350 0.54 -46.31 8.75
C PHE I 350 0.48 -47.29 7.60
N LYS I 351 -0.70 -47.37 6.98
CA LYS I 351 -0.92 -48.24 5.82
C LYS I 351 -1.99 -47.58 4.96
N VAL I 352 -1.58 -47.03 3.82
CA VAL I 352 -2.48 -46.26 2.96
C VAL I 352 -3.13 -47.19 1.94
N GLY I 353 -4.32 -46.80 1.49
CA GLY I 353 -5.05 -47.53 0.48
C GLY I 353 -6.02 -46.64 -0.25
N ILE I 354 -6.02 -46.71 -1.58
CA ILE I 354 -6.79 -45.79 -2.42
C ILE I 354 -7.54 -46.60 -3.47
N ASN I 355 -8.80 -46.23 -3.71
CA ASN I 355 -9.60 -46.81 -4.78
C ASN I 355 -10.38 -45.71 -5.48
N TYR I 356 -10.47 -45.81 -6.80
CA TYR I 356 -11.13 -44.79 -7.61
C TYR I 356 -12.62 -45.12 -7.75
N GLN I 357 -13.33 -44.95 -6.63
CA GLN I 357 -14.77 -45.17 -6.62
C GLN I 357 -15.41 -44.37 -5.48
N PRO I 358 -16.00 -43.22 -5.75
CA PRO I 358 -16.56 -42.41 -4.67
C PRO I 358 -17.70 -43.14 -4.00
N PRO I 359 -17.94 -42.88 -2.71
CA PRO I 359 -19.04 -43.55 -2.03
C PRO I 359 -20.38 -43.23 -2.68
N THR I 360 -21.27 -44.20 -2.65
CA THR I 360 -22.61 -44.06 -3.20
C THR I 360 -23.61 -43.75 -2.09
N VAL I 361 -24.66 -43.02 -2.44
CA VAL I 361 -25.68 -42.59 -1.49
C VAL I 361 -26.89 -43.49 -1.65
N VAL I 362 -27.30 -44.12 -0.55
CA VAL I 362 -28.54 -44.91 -0.60
C VAL I 362 -29.71 -43.97 -0.83
N PRO I 363 -30.69 -44.32 -1.66
CA PRO I 363 -31.83 -43.42 -1.86
C PRO I 363 -32.51 -43.09 -0.55
N GLY I 364 -32.86 -41.81 -0.40
CA GLY I 364 -33.44 -41.35 0.86
C GLY I 364 -32.48 -41.37 2.03
N GLY I 365 -31.19 -41.55 1.78
CA GLY I 365 -30.24 -41.60 2.87
C GLY I 365 -29.99 -40.23 3.48
N ASP I 366 -29.38 -40.24 4.67
CA ASP I 366 -29.13 -39.01 5.40
C ASP I 366 -27.79 -38.39 4.97
N LEU I 367 -26.73 -39.18 4.94
CA LEU I 367 -25.42 -38.65 4.61
C LEU I 367 -25.38 -38.15 3.16
N ALA I 368 -24.48 -37.21 2.91
CA ALA I 368 -24.42 -36.51 1.64
C ALA I 368 -23.69 -37.34 0.59
N LYS I 369 -23.58 -36.78 -0.61
CA LYS I 369 -22.86 -37.41 -1.72
C LYS I 369 -21.45 -36.84 -1.77
N VAL I 370 -20.58 -37.40 -0.93
CA VAL I 370 -19.22 -36.90 -0.82
C VAL I 370 -18.40 -37.35 -2.02
N GLN I 371 -17.63 -36.41 -2.60
CA GLN I 371 -16.72 -36.74 -3.68
C GLN I 371 -15.54 -37.58 -3.20
N ARG I 372 -15.29 -37.61 -1.89
CA ARG I 372 -14.10 -38.23 -1.35
C ARG I 372 -14.36 -38.61 0.11
N ALA I 373 -13.73 -39.69 0.55
CA ALA I 373 -13.96 -40.21 1.89
C ALA I 373 -12.73 -40.98 2.33
N VAL I 374 -12.66 -41.24 3.64
CA VAL I 374 -11.55 -41.97 4.24
C VAL I 374 -12.07 -42.78 5.41
N CYS I 375 -11.47 -43.94 5.63
CA CYS I 375 -11.79 -44.79 6.77
C CYS I 375 -10.50 -45.25 7.44
N MET I 376 -10.48 -45.23 8.76
CA MET I 376 -9.32 -45.62 9.54
C MET I 376 -9.64 -46.83 10.40
N LEU I 377 -8.64 -47.68 10.58
CA LEU I 377 -8.74 -48.89 11.39
C LEU I 377 -7.63 -48.91 12.44
N SER I 378 -7.46 -47.79 13.11
CA SER I 378 -6.36 -47.65 14.07
C SER I 378 -6.51 -48.65 15.20
N ASN I 379 -5.37 -49.17 15.66
CA ASN I 379 -5.30 -50.05 16.82
C ASN I 379 -4.62 -49.29 17.94
N THR I 380 -5.35 -49.07 19.03
CA THR I 380 -4.90 -48.21 20.12
C THR I 380 -4.99 -48.96 21.45
N THR I 381 -4.01 -48.72 22.31
CA THR I 381 -4.02 -49.29 23.65
C THR I 381 -5.03 -48.65 24.57
N ALA I 382 -5.64 -47.52 24.15
CA ALA I 382 -6.71 -46.92 24.92
C ALA I 382 -7.93 -47.82 25.03
N ILE I 383 -8.03 -48.82 24.16
CA ILE I 383 -9.14 -49.77 24.23
C ILE I 383 -9.03 -50.66 25.45
N ALA I 384 -7.84 -50.78 26.04
CA ALA I 384 -7.70 -51.56 27.27
C ALA I 384 -8.58 -51.00 28.38
N GLU I 385 -8.90 -49.71 28.32
CA GLU I 385 -9.81 -49.12 29.29
C GLU I 385 -11.18 -49.78 29.21
N ALA I 386 -11.67 -50.01 27.99
CA ALA I 386 -12.98 -50.64 27.83
C ALA I 386 -12.98 -52.06 28.39
N TRP I 387 -11.92 -52.82 28.11
CA TRP I 387 -11.84 -54.18 28.64
C TRP I 387 -11.80 -54.17 30.16
N ALA I 388 -11.04 -53.25 30.74
CA ALA I 388 -10.96 -53.15 32.20
C ALA I 388 -12.33 -52.84 32.79
N ARG I 389 -13.06 -51.90 32.17
CA ARG I 389 -14.41 -51.59 32.63
C ARG I 389 -15.30 -52.80 32.53
N LEU I 390 -15.23 -53.54 31.42
CA LEU I 390 -16.06 -54.73 31.26
C LEU I 390 -15.70 -55.79 32.30
N ASP I 391 -14.41 -55.97 32.56
CA ASP I 391 -13.99 -56.89 33.60
C ASP I 391 -14.46 -56.42 34.98
N HIS I 392 -14.53 -55.10 35.18
CA HIS I 392 -15.01 -54.58 36.45
C HIS I 392 -16.49 -54.90 36.66
N LYS I 393 -17.30 -54.68 35.63
CA LYS I 393 -18.73 -55.00 35.73
C LYS I 393 -18.93 -56.50 35.91
N PHE I 394 -18.16 -57.32 35.20
CA PHE I 394 -18.27 -58.77 35.36
C PHE I 394 -17.93 -59.18 36.79
N ASP I 395 -16.88 -58.59 37.36
CA ASP I 395 -16.47 -58.98 38.71
C ASP I 395 -17.52 -58.62 39.75
N LEU I 396 -18.24 -57.51 39.54
CA LEU I 396 -19.27 -57.11 40.50
C LEU I 396 -20.35 -58.18 40.61
N MET I 397 -20.78 -58.74 39.48
CA MET I 397 -21.86 -59.71 39.48
C MET I 397 -21.39 -61.07 39.95
N TYR I 398 -20.38 -61.64 39.27
CA TYR I 398 -19.93 -62.98 39.60
C TYR I 398 -19.37 -63.08 41.00
N SER I 399 -19.01 -61.95 41.62
CA SER I 399 -18.55 -61.98 43.01
C SER I 399 -19.64 -62.52 43.92
N LYS I 400 -20.87 -62.10 43.70
CA LYS I 400 -22.02 -62.60 44.45
C LYS I 400 -22.68 -63.80 43.78
N ARG I 401 -22.21 -64.21 42.59
CA ARG I 401 -22.77 -65.34 41.88
C ARG I 401 -24.26 -65.10 41.61
N ALA I 402 -24.52 -64.06 40.81
CA ALA I 402 -25.85 -63.49 40.69
C ALA I 402 -26.67 -64.03 39.52
N PHE I 403 -26.04 -64.60 38.50
CA PHE I 403 -26.76 -65.09 37.34
C PHE I 403 -26.23 -66.41 36.79
N VAL I 404 -25.29 -67.05 37.47
CA VAL I 404 -24.65 -68.24 36.90
C VAL I 404 -25.64 -69.38 36.74
N HIS I 405 -26.67 -69.44 37.59
CA HIS I 405 -27.59 -70.58 37.56
C HIS I 405 -28.22 -70.75 36.19
N TRP I 406 -28.45 -69.65 35.47
CA TRP I 406 -28.95 -69.76 34.10
C TRP I 406 -27.96 -70.49 33.21
N TYR I 407 -26.67 -70.16 33.34
CA TYR I 407 -25.66 -70.74 32.46
C TYR I 407 -25.33 -72.17 32.87
N VAL I 408 -25.24 -72.45 34.17
CA VAL I 408 -24.89 -73.79 34.61
C VAL I 408 -25.94 -74.79 34.16
N GLY I 409 -27.22 -74.43 34.26
CA GLY I 409 -28.27 -75.31 33.81
C GLY I 409 -28.29 -75.56 32.32
N GLU I 410 -27.50 -74.80 31.55
CA GLU I 410 -27.42 -74.97 30.11
C GLU I 410 -26.15 -75.72 29.70
N GLY I 411 -25.71 -76.66 30.52
CA GLY I 411 -24.54 -77.45 30.20
C GLY I 411 -23.25 -76.66 30.15
N MET I 412 -23.02 -75.79 31.13
CA MET I 412 -21.83 -74.95 31.18
C MET I 412 -21.18 -75.11 32.55
N GLU I 413 -19.92 -75.51 32.56
CA GLU I 413 -19.21 -75.74 33.82
C GLU I 413 -18.99 -74.41 34.55
N GLU I 414 -18.91 -74.51 35.88
CA GLU I 414 -18.76 -73.32 36.70
C GLU I 414 -17.44 -72.60 36.43
N GLY I 415 -16.36 -73.37 36.27
CA GLY I 415 -15.04 -72.76 36.14
C GLY I 415 -14.88 -71.90 34.90
N GLU I 416 -15.79 -72.01 33.94
CA GLU I 416 -15.66 -71.23 32.71
C GLU I 416 -15.64 -69.73 33.01
N PHE I 417 -16.47 -69.28 33.95
CA PHE I 417 -16.43 -67.88 34.36
C PHE I 417 -15.08 -67.53 34.96
N SER I 418 -14.53 -68.42 35.78
CA SER I 418 -13.22 -68.16 36.38
C SER I 418 -12.14 -68.05 35.32
N GLU I 419 -12.13 -68.98 34.36
CA GLU I 419 -11.15 -68.92 33.29
C GLU I 419 -11.37 -67.70 32.41
N ALA I 420 -12.62 -67.35 32.16
CA ALA I 420 -12.92 -66.23 31.27
C ALA I 420 -12.32 -64.93 31.82
N ARG I 421 -12.49 -64.67 33.11
CA ARG I 421 -11.96 -63.45 33.69
C ARG I 421 -10.44 -63.48 33.74
N GLU I 422 -9.86 -64.62 34.11
CA GLU I 422 -8.40 -64.73 34.16
C GLU I 422 -7.79 -64.48 32.79
N ASP I 423 -8.41 -65.02 31.73
CA ASP I 423 -7.91 -64.77 30.39
C ASP I 423 -7.97 -63.28 30.05
N MET I 424 -9.07 -62.62 30.39
CA MET I 424 -9.16 -61.18 30.15
C MET I 424 -8.18 -60.42 31.03
N ALA I 425 -7.89 -60.93 32.23
CA ALA I 425 -6.91 -60.28 33.10
C ALA I 425 -5.54 -60.25 32.43
N ALA I 426 -5.14 -61.36 31.80
CA ALA I 426 -3.89 -61.38 31.08
C ALA I 426 -3.91 -60.42 29.91
N LEU I 427 -5.06 -60.27 29.26
CA LEU I 427 -5.18 -59.35 28.14
C LEU I 427 -4.88 -57.92 28.59
N GLU I 428 -5.34 -57.54 29.78
CA GLU I 428 -5.04 -56.21 30.31
C GLU I 428 -3.53 -56.02 30.47
N LYS I 429 -2.86 -57.00 31.07
CA LYS I 429 -1.42 -56.90 31.26
C LYS I 429 -0.68 -56.87 29.93
N ASP I 430 -1.15 -57.67 28.96
CA ASP I 430 -0.53 -57.66 27.64
C ASP I 430 -0.61 -56.29 27.01
N TYR I 431 -1.77 -55.63 27.12
CA TYR I 431 -1.90 -54.27 26.62
C TYR I 431 -0.97 -53.33 27.38
N GLU I 432 -0.86 -53.50 28.69
CA GLU I 432 -0.04 -52.59 29.50
C GLU I 432 1.41 -52.64 29.07
N GLU I 433 1.94 -53.85 28.87
CA GLU I 433 3.34 -53.99 28.48
C GLU I 433 3.60 -53.33 27.13
N VAL I 434 2.70 -53.54 26.17
CA VAL I 434 2.86 -52.95 24.86
C VAL I 434 2.82 -51.43 24.91
N GLY I 435 2.17 -50.86 25.92
CA GLY I 435 2.08 -49.42 26.04
C GLY I 435 3.36 -48.73 26.48
N THR I 436 4.35 -49.49 26.94
CA THR I 436 5.62 -48.95 27.39
C THR I 436 6.73 -49.37 26.43
N GLU I 437 7.95 -48.98 26.77
CA GLU I 437 9.14 -49.30 25.98
C GLU I 437 10.15 -50.04 26.85
N SER I 438 10.77 -51.05 26.26
CA SER I 438 11.77 -51.84 26.97
C SER I 438 13.12 -51.15 26.96
N MET J 1 57.73 49.34 -55.96
CA MET J 1 57.96 50.09 -54.70
C MET J 1 57.57 49.23 -53.49
N ARG J 2 57.97 49.66 -52.29
CA ARG J 2 57.84 48.83 -51.11
C ARG J 2 56.50 49.08 -50.40
N GLU J 3 56.16 48.13 -49.52
CA GLU J 3 54.83 48.05 -48.94
C GLU J 3 54.61 49.08 -47.86
N CYS J 4 53.34 49.39 -47.61
CA CYS J 4 52.93 50.23 -46.49
C CYS J 4 51.68 49.64 -45.87
N ILE J 5 51.65 49.59 -44.55
CA ILE J 5 50.56 48.96 -43.81
C ILE J 5 49.57 50.03 -43.38
N SER J 6 48.28 49.67 -43.40
CA SER J 6 47.21 50.55 -42.97
C SER J 6 46.56 49.96 -41.72
N ILE J 7 46.46 50.78 -40.67
CA ILE J 7 45.82 50.39 -39.42
C ILE J 7 44.62 51.31 -39.22
N HIS J 8 43.43 50.71 -39.14
CA HIS J 8 42.19 51.45 -38.98
C HIS J 8 41.64 51.18 -37.60
N ILE J 9 41.42 52.25 -36.83
CA ILE J 9 41.06 52.14 -35.41
C ILE J 9 39.77 52.91 -35.19
N GLY J 10 38.88 52.34 -34.39
CA GLY J 10 37.65 53.00 -34.01
C GLY J 10 36.62 52.96 -35.12
N GLN J 11 35.42 53.46 -34.80
CA GLN J 11 34.36 53.53 -35.80
C GLN J 11 34.76 54.44 -36.97
N ALA J 12 35.39 55.57 -36.66
CA ALA J 12 35.86 56.46 -37.72
C ALA J 12 36.86 55.76 -38.62
N GLY J 13 37.85 55.11 -38.02
CA GLY J 13 38.87 54.45 -38.83
C GLY J 13 38.30 53.35 -39.69
N VAL J 14 37.48 52.49 -39.10
CA VAL J 14 36.91 51.37 -39.84
C VAL J 14 36.01 51.87 -40.96
N GLN J 15 35.12 52.81 -40.64
CA GLN J 15 34.21 53.34 -41.65
C GLN J 15 34.97 54.10 -42.73
N MET J 16 35.98 54.88 -42.33
CA MET J 16 36.80 55.57 -43.31
C MET J 16 37.61 54.60 -44.14
N GLY J 17 38.14 53.55 -43.50
CA GLY J 17 38.98 52.59 -44.23
C GLY J 17 38.23 51.91 -45.35
N ASN J 18 36.96 51.56 -45.13
CA ASN J 18 36.19 50.90 -46.17
C ASN J 18 36.07 51.79 -47.41
N ALA J 19 35.94 53.10 -47.22
CA ALA J 19 35.92 54.02 -48.35
C ALA J 19 37.24 53.98 -49.11
N CYS J 20 38.35 53.93 -48.37
CA CYS J 20 39.66 53.94 -49.02
C CYS J 20 39.84 52.70 -49.90
N TRP J 21 39.60 51.51 -49.34
CA TRP J 21 39.86 50.28 -50.06
C TRP J 21 38.89 50.05 -51.20
N GLU J 22 37.78 50.79 -51.26
CA GLU J 22 36.97 50.78 -52.46
C GLU J 22 37.71 51.47 -53.61
N LEU J 23 38.43 52.55 -53.30
CA LEU J 23 39.20 53.25 -54.34
C LEU J 23 40.36 52.39 -54.84
N TYR J 24 41.11 51.77 -53.92
CA TYR J 24 42.26 50.98 -54.32
C TYR J 24 41.86 49.87 -55.29
N CYS J 25 40.78 49.17 -54.99
CA CYS J 25 40.31 48.12 -55.89
C CYS J 25 39.99 48.68 -57.26
N LEU J 26 39.43 49.89 -57.32
CA LEU J 26 39.10 50.50 -58.59
C LEU J 26 40.34 50.95 -59.34
N GLU J 27 41.31 51.52 -58.63
CA GLU J 27 42.53 51.99 -59.28
C GLU J 27 43.26 50.84 -59.95
N HIS J 28 43.38 49.71 -59.27
CA HIS J 28 44.06 48.53 -59.80
C HIS J 28 43.11 47.57 -60.50
N GLY J 29 41.83 47.92 -60.61
CA GLY J 29 40.88 47.06 -61.28
C GLY J 29 40.67 45.72 -60.60
N ILE J 30 40.66 45.70 -59.27
CA ILE J 30 40.48 44.47 -58.51
C ILE J 30 39.00 44.31 -58.20
N GLN J 31 38.46 43.12 -58.49
CA GLN J 31 37.06 42.85 -58.19
C GLN J 31 36.84 42.79 -56.69
N GLN J 32 35.64 43.20 -56.27
CA GLN J 32 35.30 43.18 -54.85
C GLN J 32 35.41 41.78 -54.26
N ASP J 33 35.28 40.74 -55.10
CA ASP J 33 35.46 39.37 -54.62
C ASP J 33 36.90 39.08 -54.22
N GLY J 34 37.84 39.96 -54.55
CA GLY J 34 39.25 39.75 -54.26
C GLY J 34 40.04 39.22 -55.43
N ILE J 35 39.39 38.71 -56.46
CA ILE J 35 40.06 38.11 -57.61
C ILE J 35 40.20 39.16 -58.70
N ILE J 36 41.44 39.39 -59.15
CA ILE J 36 41.71 40.32 -60.23
C ILE J 36 41.12 39.74 -61.52
N PRO J 37 40.63 40.54 -62.45
CA PRO J 37 40.16 40.00 -63.73
C PRO J 37 41.25 39.21 -64.43
N ASP J 38 40.84 38.46 -65.45
CA ASP J 38 41.75 37.57 -66.14
C ASP J 38 42.82 38.30 -66.96
N ASP J 45 50.20 46.27 -62.38
CA ASP J 45 50.48 44.93 -61.89
C ASP J 45 51.44 44.96 -60.71
N SER J 46 52.67 45.43 -60.95
CA SER J 46 53.64 45.56 -59.87
C SER J 46 53.24 46.63 -58.86
N SER J 47 52.25 47.47 -59.20
CA SER J 47 51.88 48.56 -58.33
C SER J 47 51.15 48.07 -57.08
N PHE J 48 50.17 47.17 -57.26
CA PHE J 48 49.32 46.79 -56.13
C PHE J 48 50.07 46.06 -55.04
N GLY J 49 51.28 45.59 -55.30
CA GLY J 49 52.03 44.87 -54.28
C GLY J 49 52.27 45.66 -53.01
N THR J 50 52.25 46.99 -53.10
CA THR J 50 52.50 47.81 -51.92
C THR J 50 51.36 47.74 -50.93
N PHE J 51 50.11 47.67 -51.41
CA PHE J 51 48.95 47.62 -50.53
C PHE J 51 48.24 46.28 -50.54
N PHE J 52 48.57 45.38 -51.47
CA PHE J 52 47.91 44.10 -51.59
C PHE J 52 48.95 42.98 -51.54
N SER J 53 48.63 41.92 -50.81
CA SER J 53 49.49 40.76 -50.68
C SER J 53 49.04 39.68 -51.65
N GLU J 54 50.01 39.04 -52.30
CA GLU J 54 49.71 38.04 -53.30
C GLU J 54 49.33 36.70 -52.65
N THR J 55 48.79 35.81 -53.47
CA THR J 55 48.40 34.48 -53.02
C THR J 55 48.55 33.52 -54.19
N GLY J 56 48.61 32.23 -53.87
CA GLY J 56 48.71 31.23 -54.92
C GLY J 56 47.60 31.35 -55.93
N SER J 57 46.37 31.57 -55.46
CA SER J 57 45.25 31.87 -56.33
C SER J 57 45.33 33.32 -56.81
N GLY J 58 44.34 33.74 -57.57
CA GLY J 58 44.29 35.11 -58.04
C GLY J 58 43.74 36.10 -57.03
N LYS J 59 43.41 35.66 -55.83
CA LYS J 59 42.79 36.52 -54.83
C LYS J 59 43.87 37.21 -54.01
N HIS J 60 44.02 38.52 -54.22
CA HIS J 60 44.95 39.31 -53.42
C HIS J 60 44.29 39.74 -52.12
N VAL J 61 45.10 39.90 -51.09
CA VAL J 61 44.64 40.22 -49.74
C VAL J 61 45.12 41.62 -49.39
N PRO J 62 44.26 42.52 -48.94
CA PRO J 62 44.73 43.83 -48.49
C PRO J 62 45.65 43.70 -47.29
N ARG J 63 46.67 44.57 -47.26
CA ARG J 63 47.65 44.57 -46.18
C ARG J 63 47.26 45.59 -45.11
N ALA J 64 46.08 45.39 -44.55
CA ALA J 64 45.52 46.30 -43.56
C ALA J 64 44.93 45.51 -42.41
N VAL J 65 44.80 46.17 -41.28
CA VAL J 65 44.23 45.59 -40.07
C VAL J 65 43.16 46.53 -39.52
N PHE J 66 42.02 45.96 -39.16
CA PHE J 66 40.89 46.71 -38.63
C PHE J 66 40.66 46.30 -37.18
N VAL J 67 40.56 47.29 -36.29
CA VAL J 67 40.36 47.06 -34.87
C VAL J 67 39.24 47.98 -34.38
N ASP J 68 38.34 47.44 -33.58
CA ASP J 68 37.27 48.22 -32.98
C ASP J 68 36.75 47.48 -31.77
N LEU J 69 36.68 48.17 -30.63
CA LEU J 69 36.22 47.55 -29.40
C LEU J 69 34.73 47.22 -29.42
N GLU J 70 33.98 47.74 -30.39
CA GLU J 70 32.56 47.47 -30.53
C GLU J 70 32.34 46.62 -31.77
N GLN J 71 31.68 45.48 -31.59
CA GLN J 71 31.48 44.52 -32.67
C GLN J 71 30.61 45.07 -33.80
N THR J 72 29.84 46.13 -33.53
CA THR J 72 28.80 46.54 -34.47
C THR J 72 29.41 47.06 -35.78
N VAL J 73 30.42 47.90 -35.70
CA VAL J 73 30.90 48.60 -36.90
C VAL J 73 31.53 47.61 -37.88
N ILE J 74 32.44 46.76 -37.38
CA ILE J 74 33.14 45.83 -38.25
C ILE J 74 32.19 44.78 -38.80
N GLY J 75 31.17 44.40 -38.02
CA GLY J 75 30.23 43.40 -38.49
C GLY J 75 29.59 43.77 -39.81
N GLU J 76 29.40 45.06 -40.06
CA GLU J 76 28.86 45.50 -41.35
C GLU J 76 29.83 45.14 -42.47
N ILE J 77 31.13 45.35 -42.26
CA ILE J 77 32.13 44.96 -43.25
C ILE J 77 32.14 43.44 -43.41
N ARG J 78 32.08 42.72 -42.29
CA ARG J 78 32.19 41.26 -42.33
C ARG J 78 31.05 40.61 -43.09
N THR J 79 29.95 41.32 -43.31
CA THR J 79 28.81 40.80 -44.05
C THR J 79 28.51 41.58 -45.32
N GLY J 80 29.27 42.62 -45.62
CA GLY J 80 29.03 43.41 -46.81
C GLY J 80 29.59 42.74 -48.05
N HIS J 81 29.53 43.49 -49.15
CA HIS J 81 30.03 42.99 -50.43
C HIS J 81 31.55 42.84 -50.44
N TYR J 82 32.25 43.36 -49.44
CA TYR J 82 33.69 43.19 -49.32
C TYR J 82 34.06 42.13 -48.29
N ARG J 83 33.14 41.22 -47.97
CA ARG J 83 33.43 40.21 -46.96
C ARG J 83 34.57 39.30 -47.41
N SER J 84 34.59 38.94 -48.69
CA SER J 84 35.60 38.04 -49.23
C SER J 84 36.91 38.75 -49.55
N LEU J 85 36.98 40.07 -49.40
CA LEU J 85 38.21 40.79 -49.72
C LEU J 85 39.21 40.70 -48.57
N PHE J 86 38.74 40.75 -47.34
CA PHE J 86 39.62 40.82 -46.18
C PHE J 86 39.86 39.43 -45.59
N HIS J 87 41.09 39.19 -45.16
CA HIS J 87 41.39 37.98 -44.42
C HIS J 87 40.60 38.00 -43.11
N PRO J 88 39.90 36.92 -42.76
CA PRO J 88 38.98 36.99 -41.62
C PRO J 88 39.65 37.40 -40.32
N GLU J 89 40.93 37.05 -40.11
CA GLU J 89 41.58 37.37 -38.85
C GLU J 89 42.01 38.84 -38.77
N GLN J 90 42.08 39.54 -39.90
CA GLN J 90 42.46 40.95 -39.87
C GLN J 90 41.41 41.79 -39.13
N LEU J 91 40.14 41.49 -39.34
CA LEU J 91 39.04 42.26 -38.76
C LEU J 91 38.91 41.89 -37.28
N ILE J 92 39.57 42.65 -36.43
CA ILE J 92 39.60 42.41 -35.00
C ILE J 92 38.47 43.18 -34.34
N THR J 93 37.69 42.49 -33.51
CA THR J 93 36.53 43.07 -32.85
C THR J 93 36.54 42.71 -31.36
N GLY J 94 36.17 43.68 -30.53
CA GLY J 94 36.02 43.45 -29.11
C GLY J 94 34.60 43.02 -28.76
N LYS J 95 34.30 43.08 -27.46
CA LYS J 95 33.00 42.71 -26.94
C LYS J 95 32.15 43.88 -26.50
N GLU J 96 32.77 44.97 -26.02
CA GLU J 96 32.04 46.14 -25.57
C GLU J 96 32.76 47.40 -26.01
N ASP J 97 31.99 48.46 -26.24
CA ASP J 97 32.55 49.72 -26.70
C ASP J 97 33.28 50.43 -25.57
N ALA J 98 34.16 51.35 -25.94
CA ALA J 98 34.93 52.12 -24.98
C ALA J 98 34.13 53.24 -24.34
N ALA J 99 32.93 53.53 -24.85
CA ALA J 99 32.01 54.48 -24.23
C ALA J 99 32.58 55.90 -24.22
N ASN J 100 33.20 56.30 -25.32
CA ASN J 100 33.75 57.65 -25.46
C ASN J 100 34.63 58.00 -24.27
N ASN J 101 35.37 57.02 -23.77
CA ASN J 101 36.19 57.18 -22.59
C ASN J 101 37.64 56.90 -22.94
N TYR J 102 38.51 57.89 -22.75
CA TYR J 102 39.92 57.69 -23.03
C TYR J 102 40.52 56.63 -22.13
N ALA J 103 40.13 56.62 -20.86
CA ALA J 103 40.70 55.66 -19.91
C ALA J 103 40.37 54.23 -20.30
N ARG J 104 39.13 53.97 -20.70
CA ARG J 104 38.74 52.61 -21.06
C ARG J 104 39.57 52.09 -22.23
N GLY J 105 39.64 52.87 -23.31
CA GLY J 105 40.35 52.42 -24.49
C GLY J 105 41.86 52.43 -24.36
N HIS J 106 42.40 52.96 -23.26
CA HIS J 106 43.83 53.07 -23.08
C HIS J 106 44.37 52.30 -21.88
N TYR J 107 43.54 52.02 -20.87
CA TYR J 107 44.01 51.40 -19.64
C TYR J 107 43.35 50.07 -19.34
N THR J 108 42.03 49.99 -19.42
CA THR J 108 41.30 48.81 -18.92
C THR J 108 40.93 47.84 -20.04
N ILE J 109 40.16 48.30 -21.02
CA ILE J 109 39.71 47.40 -22.08
C ILE J 109 40.62 47.46 -23.30
N GLY J 110 41.30 48.59 -23.52
CA GLY J 110 42.19 48.69 -24.66
C GLY J 110 43.33 47.68 -24.59
N LYS J 111 43.87 47.46 -23.39
CA LYS J 111 44.99 46.55 -23.23
C LYS J 111 44.56 45.08 -23.32
N GLU J 112 43.26 44.79 -23.22
CA GLU J 112 42.82 43.41 -23.31
C GLU J 112 42.93 42.87 -24.73
N ILE J 113 42.88 43.75 -25.73
CA ILE J 113 42.92 43.36 -27.13
C ILE J 113 44.10 43.95 -27.87
N VAL J 114 44.93 44.75 -27.19
CA VAL J 114 46.06 45.39 -27.87
C VAL J 114 47.04 44.34 -28.37
N ASP J 115 47.33 43.34 -27.54
CA ASP J 115 48.30 42.32 -27.93
C ASP J 115 47.83 41.54 -29.14
N SER J 116 46.52 41.31 -29.26
CA SER J 116 46.01 40.59 -30.42
C SER J 116 46.28 41.35 -31.70
N VAL J 117 46.13 42.68 -31.66
CA VAL J 117 46.37 43.49 -32.85
C VAL J 117 47.84 43.44 -33.24
N LEU J 118 48.74 43.53 -32.25
CA LEU J 118 50.17 43.46 -32.55
C LEU J 118 50.52 42.14 -33.22
N ASP J 119 49.90 41.05 -32.77
CA ASP J 119 50.19 39.75 -33.35
C ASP J 119 49.93 39.75 -34.85
N ARG J 120 48.83 40.37 -35.28
CA ARG J 120 48.54 40.46 -36.70
C ARG J 120 49.40 41.50 -37.41
N VAL J 121 49.81 42.56 -36.71
CA VAL J 121 50.72 43.52 -37.32
C VAL J 121 52.09 42.89 -37.55
N ARG J 122 52.59 42.15 -36.57
CA ARG J 122 53.90 41.52 -36.71
C ARG J 122 53.88 40.47 -37.81
N LYS J 123 52.87 39.60 -37.81
CA LYS J 123 52.77 38.56 -38.82
C LYS J 123 52.61 39.16 -40.21
N MET J 124 51.99 40.34 -40.30
CA MET J 124 51.85 41.04 -41.56
C MET J 124 53.05 41.92 -41.87
N ALA J 125 53.71 42.45 -40.85
CA ALA J 125 54.92 43.25 -41.07
C ALA J 125 56.12 42.38 -41.39
N ASP J 126 56.16 41.15 -40.85
CA ASP J 126 57.30 40.27 -41.09
C ASP J 126 57.28 39.66 -42.48
N GLN J 127 56.11 39.59 -43.12
CA GLN J 127 55.96 38.97 -44.43
C GLN J 127 56.23 39.95 -45.58
N CYS J 128 56.96 41.03 -45.32
CA CYS J 128 57.38 41.98 -46.34
C CYS J 128 58.88 42.18 -46.22
N SER J 129 59.58 42.06 -47.34
CA SER J 129 61.03 42.25 -47.33
C SER J 129 61.39 43.65 -46.83
N GLY J 130 60.66 44.66 -47.31
CA GLY J 130 60.81 46.01 -46.81
C GLY J 130 59.47 46.56 -46.39
N LEU J 131 59.50 47.59 -45.54
CA LEU J 131 58.28 48.18 -44.99
C LEU J 131 58.51 49.67 -44.81
N GLN J 132 57.79 50.49 -45.58
CA GLN J 132 57.92 51.93 -45.47
C GLN J 132 57.47 52.43 -44.11
N GLY J 133 56.29 51.98 -43.66
CA GLY J 133 55.75 52.44 -42.40
C GLY J 133 54.30 52.01 -42.25
N PHE J 134 53.59 52.74 -41.40
CA PHE J 134 52.20 52.44 -41.07
C PHE J 134 51.33 53.66 -41.35
N LEU J 135 50.15 53.40 -41.92
CA LEU J 135 49.09 54.41 -42.01
C LEU J 135 48.05 54.11 -40.93
N ILE J 136 47.66 55.14 -40.18
CA ILE J 136 46.78 55.00 -39.03
C ILE J 136 45.63 55.98 -39.17
N PHE J 137 44.41 55.46 -39.12
CA PHE J 137 43.20 56.26 -39.19
C PHE J 137 42.44 56.13 -37.87
N HIS J 138 42.11 57.26 -37.25
CA HIS J 138 41.45 57.26 -35.96
C HIS J 138 40.73 58.58 -35.78
N SER J 139 40.11 58.74 -34.61
CA SER J 139 39.36 59.95 -34.27
C SER J 139 39.73 60.39 -32.86
N PHE J 140 39.97 61.69 -32.69
CA PHE J 140 40.25 62.22 -31.37
C PHE J 140 39.04 62.10 -30.45
N GLY J 141 37.83 62.15 -31.00
CA GLY J 141 36.63 62.23 -30.21
C GLY J 141 35.95 60.90 -29.94
N GLY J 142 36.74 59.87 -29.64
CA GLY J 142 36.21 58.58 -29.28
C GLY J 142 37.07 57.92 -28.22
N GLY J 143 36.57 56.82 -27.67
CA GLY J 143 37.32 56.06 -26.71
C GLY J 143 38.30 55.12 -27.41
N THR J 144 37.79 54.35 -28.38
CA THR J 144 38.66 53.46 -29.14
C THR J 144 39.62 54.26 -30.02
N GLY J 145 39.10 55.27 -30.71
CA GLY J 145 39.92 56.04 -31.63
C GLY J 145 40.92 56.96 -30.98
N SER J 146 40.88 57.09 -29.66
CA SER J 146 41.78 57.97 -28.93
C SER J 146 42.56 57.25 -27.84
N GLY J 147 41.93 56.33 -27.13
CA GLY J 147 42.61 55.58 -26.08
C GLY J 147 43.34 54.38 -26.61
N PHE J 148 42.67 53.60 -27.47
CA PHE J 148 43.32 52.43 -28.05
C PHE J 148 44.40 52.84 -29.04
N THR J 149 44.20 53.94 -29.76
CA THR J 149 45.22 54.43 -30.68
C THR J 149 46.52 54.72 -29.94
N SER J 150 46.43 55.48 -28.84
CA SER J 150 47.63 55.80 -28.07
C SER J 150 48.40 54.55 -27.68
N LEU J 151 47.70 53.46 -27.38
CA LEU J 151 48.38 52.21 -27.08
C LEU J 151 49.20 51.73 -28.27
N LEU J 152 48.58 51.71 -29.46
CA LEU J 152 49.29 51.23 -30.64
C LEU J 152 50.46 52.14 -30.99
N MET J 153 50.28 53.45 -30.88
CA MET J 153 51.38 54.37 -31.15
C MET J 153 52.55 54.08 -30.23
N GLU J 154 52.29 53.79 -28.96
CA GLU J 154 53.35 53.44 -28.03
C GLU J 154 53.96 52.08 -28.38
N ARG J 155 53.10 51.08 -28.60
CA ARG J 155 53.61 49.74 -28.91
C ARG J 155 54.34 49.74 -30.25
N LEU J 156 53.77 50.42 -31.26
CA LEU J 156 54.42 50.48 -32.56
C LEU J 156 55.67 51.34 -32.55
N SER J 157 55.93 52.08 -31.48
CA SER J 157 57.14 52.89 -31.37
C SER J 157 58.33 52.10 -30.88
N VAL J 158 58.10 51.00 -30.18
CA VAL J 158 59.18 50.20 -29.60
C VAL J 158 59.54 49.07 -30.55
N ASP J 159 58.57 48.21 -30.86
CA ASP J 159 58.86 47.04 -31.68
C ASP J 159 59.30 47.42 -33.09
N TYR J 160 58.76 48.51 -33.63
CA TYR J 160 59.09 48.97 -34.97
C TYR J 160 59.55 50.42 -34.96
N GLY J 161 60.39 50.78 -34.00
CA GLY J 161 60.91 52.13 -33.95
C GLY J 161 61.72 52.47 -35.21
N LYS J 162 61.79 53.76 -35.50
CA LYS J 162 62.54 54.26 -36.65
C LYS J 162 61.92 53.81 -37.97
N LYS J 163 60.61 53.59 -37.96
CA LYS J 163 59.84 53.39 -39.18
C LYS J 163 58.67 54.35 -39.21
N SER J 164 58.28 54.75 -40.41
CA SER J 164 57.30 55.82 -40.57
C SER J 164 55.96 55.43 -39.97
N LYS J 165 55.32 56.38 -39.29
CA LYS J 165 53.99 56.20 -38.72
C LYS J 165 53.17 57.44 -39.08
N LEU J 166 52.51 57.40 -40.23
CA LEU J 166 51.65 58.47 -40.67
C LEU J 166 50.22 58.20 -40.23
N GLU J 167 49.51 59.26 -39.86
CA GLU J 167 48.15 59.12 -39.33
C GLU J 167 47.25 60.20 -39.88
N PHE J 168 46.09 59.79 -40.39
CA PHE J 168 44.99 60.69 -40.67
C PHE J 168 44.01 60.67 -39.51
N SER J 169 43.66 61.84 -39.01
CA SER J 169 42.86 61.95 -37.80
C SER J 169 41.70 62.91 -38.00
N VAL J 170 40.59 62.61 -37.34
CA VAL J 170 39.41 63.47 -37.36
C VAL J 170 39.54 64.41 -36.17
N TYR J 171 40.22 65.53 -36.39
CA TYR J 171 40.38 66.51 -35.33
C TYR J 171 39.01 67.10 -34.96
N PRO J 172 38.77 67.40 -33.68
CA PRO J 172 37.46 67.93 -33.31
C PRO J 172 37.14 69.21 -34.06
N ALA J 173 35.87 69.34 -34.46
CA ALA J 173 35.44 70.51 -35.21
C ALA J 173 35.39 71.73 -34.29
N PRO J 174 35.51 72.94 -34.85
CA PRO J 174 35.49 74.13 -33.99
C PRO J 174 34.19 74.31 -33.23
N GLN J 175 33.05 74.25 -33.92
CA GLN J 175 31.75 74.50 -33.32
C GLN J 175 30.89 73.26 -33.22
N ILE J 176 30.68 72.55 -34.34
CA ILE J 176 29.87 71.34 -34.27
C ILE J 176 30.56 70.29 -33.40
N SER J 177 29.75 69.40 -32.84
CA SER J 177 30.28 68.35 -31.97
C SER J 177 29.26 67.24 -31.79
N THR J 178 29.68 65.99 -32.01
CA THR J 178 28.83 64.83 -31.85
C THR J 178 29.01 64.15 -30.51
N ALA J 179 29.68 64.80 -29.56
CA ALA J 179 29.89 64.24 -28.24
C ALA J 179 30.11 65.40 -27.26
N VAL J 180 30.18 65.05 -25.98
CA VAL J 180 30.31 66.04 -24.92
C VAL J 180 31.71 66.05 -24.30
N VAL J 181 32.43 64.94 -24.34
CA VAL J 181 33.72 64.83 -23.68
C VAL J 181 34.87 64.95 -24.68
N GLU J 182 34.64 65.57 -25.84
CA GLU J 182 35.70 65.75 -26.81
C GLU J 182 36.91 66.49 -26.24
N PRO J 183 36.75 67.58 -25.49
CA PRO J 183 37.94 68.27 -24.97
C PRO J 183 38.84 67.38 -24.12
N TYR J 184 38.26 66.61 -23.20
CA TYR J 184 39.06 65.73 -22.37
C TYR J 184 39.75 64.67 -23.21
N ASN J 185 38.98 63.95 -24.03
CA ASN J 185 39.54 62.84 -24.78
C ASN J 185 40.54 63.32 -25.83
N SER J 186 40.20 64.37 -26.57
CA SER J 186 41.06 64.81 -27.67
C SER J 186 42.42 65.27 -27.16
N ILE J 187 42.45 66.03 -26.07
CA ILE J 187 43.71 66.56 -25.56
C ILE J 187 44.58 65.43 -25.01
N LEU J 188 43.96 64.44 -24.36
CA LEU J 188 44.73 63.38 -23.72
C LEU J 188 45.57 62.62 -24.75
N THR J 189 44.97 62.27 -25.88
CA THR J 189 45.71 61.52 -26.90
C THR J 189 46.82 62.36 -27.50
N THR J 190 46.58 63.66 -27.70
CA THR J 190 47.63 64.52 -28.24
C THR J 190 48.84 64.53 -27.33
N HIS J 191 48.63 64.48 -26.02
CA HIS J 191 49.75 64.44 -25.09
C HIS J 191 50.61 63.20 -25.31
N THR J 192 49.97 62.05 -25.56
CA THR J 192 50.68 60.80 -25.72
C THR J 192 51.16 60.56 -27.15
N THR J 193 50.45 61.09 -28.14
CA THR J 193 50.79 60.85 -29.54
C THR J 193 51.79 61.86 -30.09
N LEU J 194 52.11 62.91 -29.34
CA LEU J 194 53.07 63.89 -29.82
C LEU J 194 54.45 63.28 -29.99
N GLU J 195 54.87 62.45 -29.03
CA GLU J 195 56.21 61.89 -29.03
C GLU J 195 56.30 60.55 -29.77
N HIS J 196 55.19 60.05 -30.29
CA HIS J 196 55.13 58.73 -30.94
C HIS J 196 54.40 58.83 -32.27
N SER J 197 54.74 59.84 -33.06
CA SER J 197 54.16 59.98 -34.39
C SER J 197 55.06 60.88 -35.22
N ASP J 198 54.95 60.74 -36.54
CA ASP J 198 55.74 61.55 -37.47
C ASP J 198 55.00 62.83 -37.85
N CYS J 199 53.81 62.67 -38.43
CA CYS J 199 52.97 63.82 -38.77
C CYS J 199 51.53 63.35 -38.89
N ALA J 200 50.62 64.18 -38.41
CA ALA J 200 49.20 63.86 -38.38
C ALA J 200 48.45 64.74 -39.37
N PHE J 201 47.70 64.11 -40.27
CA PHE J 201 46.94 64.83 -41.29
C PHE J 201 45.54 65.10 -40.75
N MET J 202 45.39 66.23 -40.08
CA MET J 202 44.12 66.58 -39.45
C MET J 202 43.06 66.89 -40.49
N VAL J 203 41.82 66.52 -40.17
CA VAL J 203 40.65 66.85 -40.97
C VAL J 203 39.47 67.08 -40.04
N ASP J 204 38.64 68.06 -40.37
CA ASP J 204 37.45 68.39 -39.59
C ASP J 204 36.20 68.13 -40.42
N ASN J 205 35.20 67.49 -39.80
CA ASN J 205 33.96 67.21 -40.50
C ASN J 205 33.22 68.50 -40.84
N GLU J 206 33.31 69.51 -39.98
CA GLU J 206 32.67 70.80 -40.26
C GLU J 206 33.19 71.37 -41.57
N ALA J 207 34.51 71.37 -41.76
CA ALA J 207 35.10 71.90 -42.99
C ALA J 207 34.68 71.08 -44.19
N ILE J 208 34.71 69.75 -44.08
CA ILE J 208 34.37 68.90 -45.21
C ILE J 208 32.90 69.07 -45.58
N TYR J 209 32.03 69.19 -44.57
CA TYR J 209 30.63 69.46 -44.86
C TYR J 209 30.46 70.79 -45.58
N ASP J 210 31.20 71.81 -45.14
CA ASP J 210 31.10 73.12 -45.77
C ASP J 210 31.52 73.06 -47.24
N ILE J 211 32.63 72.37 -47.52
CA ILE J 211 33.07 72.23 -48.91
C ILE J 211 32.04 71.46 -49.72
N CYS J 212 31.49 70.39 -49.14
CA CYS J 212 30.55 69.55 -49.89
C CYS J 212 29.34 70.34 -50.33
N ASN J 213 28.76 71.15 -49.43
CA ASN J 213 27.63 71.99 -49.81
C ASN J 213 28.06 73.20 -50.63
N ARG J 214 29.29 73.67 -50.42
CA ARG J 214 29.75 74.87 -51.11
C ARG J 214 30.23 74.57 -52.52
N ASN J 215 30.95 73.47 -52.71
CA ASN J 215 31.57 73.13 -53.98
C ASN J 215 30.91 71.93 -54.66
N LEU J 216 30.79 70.81 -53.95
CA LEU J 216 30.19 69.63 -54.56
C LEU J 216 28.72 69.83 -54.90
N ASP J 217 28.09 70.83 -54.30
CA ASP J 217 26.73 71.23 -54.67
C ASP J 217 25.73 70.10 -54.46
N ILE J 218 25.83 69.45 -53.29
CA ILE J 218 24.84 68.50 -52.83
C ILE J 218 24.43 68.91 -51.42
N GLU J 219 23.12 69.08 -51.21
CA GLU J 219 22.63 69.71 -49.99
C GLU J 219 22.64 68.75 -48.80
N ARG J 220 22.58 67.45 -49.02
CA ARG J 220 22.37 66.46 -47.97
C ARG J 220 23.46 65.41 -48.03
N PRO J 221 24.64 65.70 -47.51
CA PRO J 221 25.73 64.72 -47.49
C PRO J 221 25.60 63.79 -46.29
N THR J 222 26.49 62.79 -46.26
CA THR J 222 26.55 61.82 -45.17
C THR J 222 27.98 61.32 -45.06
N TYR J 223 28.27 60.66 -43.93
CA TYR J 223 29.62 60.14 -43.72
C TYR J 223 30.04 59.21 -44.85
N THR J 224 29.09 58.50 -45.45
CA THR J 224 29.41 57.66 -46.59
C THR J 224 29.93 58.49 -47.76
N ASN J 225 29.51 59.76 -47.83
CA ASN J 225 29.98 60.66 -48.89
C ASN J 225 31.30 61.32 -48.53
N LEU J 226 31.43 61.83 -47.30
CA LEU J 226 32.67 62.49 -46.90
C LEU J 226 33.84 61.52 -46.93
N ASN J 227 33.64 60.29 -46.44
CA ASN J 227 34.73 59.33 -46.41
C ASN J 227 35.27 59.04 -47.80
N ARG J 228 34.42 59.15 -48.83
CA ARG J 228 34.90 58.99 -50.19
C ARG J 228 35.82 60.14 -50.58
N LEU J 229 35.49 61.37 -50.15
CA LEU J 229 36.40 62.48 -50.37
C LEU J 229 37.72 62.26 -49.62
N ILE J 230 37.64 61.77 -48.39
CA ILE J 230 38.85 61.50 -47.62
C ILE J 230 39.67 60.41 -48.28
N GLY J 231 39.02 59.52 -49.04
CA GLY J 231 39.78 58.52 -49.77
C GLY J 231 40.68 59.14 -50.83
N GLN J 232 40.24 60.24 -51.44
CA GLN J 232 41.01 60.87 -52.49
C GLN J 232 42.36 61.38 -51.96
N ILE J 233 42.35 62.03 -50.80
CA ILE J 233 43.60 62.55 -50.25
C ILE J 233 44.56 61.41 -49.95
N VAL J 234 44.04 60.30 -49.45
CA VAL J 234 44.88 59.13 -49.18
C VAL J 234 45.40 58.55 -50.49
N SER J 235 44.54 58.43 -51.49
CA SER J 235 44.95 57.87 -52.77
C SER J 235 46.03 58.73 -53.42
N SER J 236 45.81 60.04 -53.45
CA SER J 236 46.81 60.94 -54.02
C SER J 236 48.11 60.92 -53.23
N ILE J 237 48.01 60.82 -51.90
CA ILE J 237 49.21 60.80 -51.06
C ILE J 237 50.05 59.58 -51.35
N THR J 238 49.40 58.42 -51.49
CA THR J 238 50.10 57.15 -51.68
C THR J 238 50.26 56.76 -53.14
N ALA J 239 49.83 57.62 -54.08
CA ALA J 239 49.92 57.27 -55.49
C ALA J 239 51.38 57.07 -55.91
N SER J 240 52.30 57.86 -55.34
CA SER J 240 53.70 57.75 -55.70
C SER J 240 54.28 56.38 -55.39
N LEU J 241 53.70 55.66 -54.43
CA LEU J 241 54.19 54.33 -54.07
C LEU J 241 53.67 53.24 -55.00
N ARG J 242 52.75 53.55 -55.90
CA ARG J 242 52.13 52.55 -56.76
C ARG J 242 52.36 52.81 -58.23
N PHE J 243 52.15 54.03 -58.71
CA PHE J 243 52.15 54.34 -60.13
C PHE J 243 53.41 55.13 -60.49
N ASP J 244 53.92 54.87 -61.68
CA ASP J 244 55.12 55.55 -62.15
C ASP J 244 54.81 57.01 -62.45
N GLY J 245 55.84 57.85 -62.29
CA GLY J 245 55.69 59.26 -62.58
C GLY J 245 56.95 60.05 -62.26
N ALA J 246 57.17 61.14 -62.98
CA ALA J 246 58.36 61.95 -62.75
C ALA J 246 58.30 62.59 -61.37
N LEU J 247 59.43 62.60 -60.67
CA LEU J 247 59.55 63.19 -59.35
C LEU J 247 58.57 62.54 -58.37
N ASN J 248 58.73 61.23 -58.22
CA ASN J 248 57.94 60.49 -57.25
C ASN J 248 58.36 60.87 -55.83
N VAL J 249 57.38 60.87 -54.93
CA VAL J 249 57.59 61.24 -53.54
C VAL J 249 57.31 60.01 -52.69
N ASP J 250 58.30 59.59 -51.91
CA ASP J 250 58.15 58.42 -51.07
C ASP J 250 57.44 58.78 -49.77
N LEU J 251 57.10 57.76 -48.99
CA LEU J 251 56.35 57.97 -47.76
C LEU J 251 57.17 58.74 -46.73
N THR J 252 58.44 58.38 -46.57
CA THR J 252 59.28 59.00 -45.56
C THR J 252 59.66 60.43 -45.90
N GLU J 253 59.38 60.90 -47.12
CA GLU J 253 59.76 62.25 -47.50
C GLU J 253 58.84 63.30 -46.86
N PHE J 254 57.60 62.93 -46.54
CA PHE J 254 56.67 63.90 -45.99
C PHE J 254 57.17 64.46 -44.66
N GLN J 255 57.62 63.58 -43.78
CA GLN J 255 58.02 64.02 -42.44
C GLN J 255 59.19 65.00 -42.50
N THR J 256 60.17 64.73 -43.37
CA THR J 256 61.33 65.61 -43.47
C THR J 256 60.92 67.00 -43.94
N ASN J 257 60.04 67.07 -44.93
CA ASN J 257 59.66 68.35 -45.51
C ASN J 257 58.69 69.13 -44.63
N LEU J 258 57.77 68.45 -43.96
CA LEU J 258 56.64 69.09 -43.30
C LEU J 258 56.77 69.13 -41.78
N VAL J 259 57.90 68.70 -41.23
CA VAL J 259 58.07 68.68 -39.78
C VAL J 259 59.37 69.39 -39.41
N PRO J 260 59.40 70.71 -39.35
CA PRO J 260 60.64 71.39 -38.94
C PRO J 260 61.10 71.00 -37.55
N TYR J 261 60.17 70.80 -36.62
CA TYR J 261 60.49 70.46 -35.25
C TYR J 261 59.64 69.26 -34.85
N PRO J 262 60.11 68.46 -33.88
CA PRO J 262 59.40 67.20 -33.57
C PRO J 262 57.95 67.41 -33.17
N ARG J 263 57.63 68.50 -32.48
CA ARG J 263 56.27 68.69 -32.01
C ARG J 263 55.36 69.30 -33.07
N ILE J 264 55.93 70.08 -34.00
CA ILE J 264 55.14 70.81 -34.99
C ILE J 264 55.00 69.88 -36.19
N HIS J 265 54.05 68.95 -36.11
CA HIS J 265 53.85 67.96 -37.17
C HIS J 265 52.36 67.79 -37.46
N PHE J 266 51.64 68.90 -37.60
CA PHE J 266 50.21 68.90 -37.86
C PHE J 266 49.91 69.67 -39.14
N PRO J 267 50.19 69.08 -40.30
CA PRO J 267 49.83 69.71 -41.58
C PRO J 267 48.39 69.42 -41.96
N LEU J 268 47.58 70.47 -42.02
CA LEU J 268 46.19 70.30 -42.41
C LEU J 268 46.09 69.96 -43.90
N VAL J 269 45.08 69.16 -44.23
CA VAL J 269 44.96 68.64 -45.59
C VAL J 269 44.17 69.61 -46.46
N THR J 270 44.45 69.57 -47.75
CA THR J 270 43.71 70.34 -48.74
C THR J 270 43.70 69.55 -50.05
N TYR J 271 42.65 69.73 -50.83
CA TYR J 271 42.49 68.99 -52.08
C TYR J 271 41.84 69.89 -53.12
N SER J 272 42.09 69.57 -54.38
CA SER J 272 41.51 70.30 -55.50
C SER J 272 41.68 69.48 -56.77
N PRO J 273 40.71 69.51 -57.70
CA PRO J 273 39.43 70.22 -57.65
C PRO J 273 38.30 69.37 -57.10
N ILE J 274 37.38 69.96 -56.34
CA ILE J 274 36.15 69.28 -55.90
C ILE J 274 35.00 69.93 -56.64
N ILE J 275 34.64 69.38 -57.78
CA ILE J 275 33.62 69.94 -58.66
C ILE J 275 32.65 68.84 -59.07
N SER J 276 31.36 69.18 -59.07
CA SER J 276 30.35 68.22 -59.50
C SER J 276 30.46 67.95 -61.00
N ALA J 277 29.94 66.80 -61.42
CA ALA J 277 30.05 66.39 -62.82
C ALA J 277 29.45 67.43 -63.74
N GLU J 278 28.21 67.86 -63.45
CA GLU J 278 27.56 68.85 -64.31
C GLU J 278 28.28 70.19 -64.27
N LYS J 279 28.73 70.61 -63.08
CA LYS J 279 29.37 71.91 -62.95
C LYS J 279 30.72 71.95 -63.65
N ALA J 280 31.41 70.80 -63.75
CA ALA J 280 32.74 70.77 -64.34
C ALA J 280 32.73 71.12 -65.82
N TYR J 281 31.62 70.89 -66.53
CA TYR J 281 31.58 71.16 -67.94
C TYR J 281 31.76 72.64 -68.26
N HIS J 282 31.58 73.52 -67.27
CA HIS J 282 31.73 74.95 -67.45
C HIS J 282 33.08 75.46 -66.93
N GLU J 283 34.03 74.56 -66.70
CA GLU J 283 35.33 74.94 -66.14
C GLU J 283 36.45 74.39 -67.02
N GLN J 284 37.61 75.04 -66.93
CA GLN J 284 38.76 74.67 -67.73
C GLN J 284 39.71 73.75 -66.98
N LEU J 285 39.87 73.94 -65.67
CA LEU J 285 40.75 73.11 -64.85
C LEU J 285 42.19 73.18 -65.36
N SER J 286 42.72 74.39 -65.40
CA SER J 286 44.13 74.58 -65.70
C SER J 286 44.96 74.30 -64.46
N VAL J 287 46.27 74.12 -64.66
CA VAL J 287 47.16 73.79 -63.56
C VAL J 287 47.14 74.90 -62.52
N PRO J 288 47.31 76.18 -62.90
CA PRO J 288 47.25 77.23 -61.88
C PRO J 288 45.91 77.30 -61.17
N GLU J 289 44.82 77.03 -61.89
CA GLU J 289 43.49 77.13 -61.28
C GLU J 289 43.37 76.21 -60.08
N ILE J 290 43.70 74.93 -60.27
CA ILE J 290 43.64 73.99 -59.16
C ILE J 290 44.68 74.35 -58.10
N THR J 291 45.84 74.83 -58.53
CA THR J 291 46.90 75.16 -57.57
C THR J 291 46.49 76.33 -56.69
N ASN J 292 45.96 77.39 -57.28
CA ASN J 292 45.53 78.55 -56.52
C ASN J 292 44.28 78.29 -55.70
N ALA J 293 43.57 77.19 -55.98
CA ALA J 293 42.37 76.85 -55.22
C ALA J 293 42.70 76.28 -53.84
N CYS J 294 43.95 75.92 -53.57
CA CYS J 294 44.34 75.33 -52.30
C CYS J 294 44.88 76.35 -51.30
N PHE J 295 45.04 77.61 -51.71
CA PHE J 295 45.59 78.65 -50.85
C PHE J 295 44.53 79.69 -50.48
N GLU J 296 43.30 79.23 -50.28
CA GLU J 296 42.22 80.07 -49.79
C GLU J 296 41.51 79.33 -48.66
N TYR J 297 41.08 80.08 -47.64
CA TYR J 297 40.49 79.45 -46.47
C TYR J 297 39.11 78.84 -46.74
N SER J 298 38.62 78.92 -47.97
CA SER J 298 37.36 78.30 -48.35
C SER J 298 37.53 76.86 -48.85
N ASN J 299 38.77 76.40 -49.02
CA ASN J 299 39.05 75.04 -49.45
C ASN J 299 40.08 74.45 -48.49
N GLN J 300 39.60 73.91 -47.37
CA GLN J 300 40.45 73.23 -46.40
C GLN J 300 39.65 72.13 -45.76
N MET J 301 40.34 71.05 -45.39
CA MET J 301 39.71 69.96 -44.65
C MET J 301 39.68 70.22 -43.14
N VAL J 302 40.43 71.20 -42.67
CA VAL J 302 40.38 71.66 -41.28
C VAL J 302 39.94 73.11 -41.30
N LYS J 303 38.87 73.42 -40.57
CA LYS J 303 38.28 74.75 -40.60
C LYS J 303 39.18 75.70 -39.82
N CYS J 304 40.31 76.04 -40.41
CA CYS J 304 41.20 77.07 -39.91
C CYS J 304 41.60 77.98 -41.06
N ASP J 305 41.74 79.27 -40.75
CA ASP J 305 42.04 80.27 -41.77
C ASP J 305 43.56 80.40 -41.89
N PRO J 306 44.17 79.98 -43.01
CA PRO J 306 45.63 80.14 -43.13
C PRO J 306 46.09 81.57 -43.05
N ARG J 307 45.28 82.52 -43.54
CA ARG J 307 45.68 83.91 -43.53
C ARG J 307 45.88 84.44 -42.12
N ARG J 308 45.22 83.85 -41.13
CA ARG J 308 45.45 84.25 -39.75
C ARG J 308 46.89 83.96 -39.33
N GLY J 309 47.41 82.81 -39.72
CA GLY J 309 48.77 82.42 -39.37
C GLY J 309 49.73 82.48 -40.54
N LYS J 310 50.79 81.69 -40.48
CA LYS J 310 51.83 81.69 -41.51
C LYS J 310 52.15 80.25 -41.89
N TYR J 311 52.32 80.01 -43.19
CA TYR J 311 52.82 78.71 -43.64
C TYR J 311 54.28 78.55 -43.25
N MET J 312 54.68 77.30 -43.01
CA MET J 312 56.07 76.98 -42.75
C MET J 312 56.54 75.73 -43.48
N ALA J 313 55.66 75.03 -44.18
CA ALA J 313 56.04 73.90 -45.02
C ALA J 313 54.83 73.47 -45.83
N CYS J 314 55.07 73.08 -47.08
CA CYS J 314 53.99 72.67 -47.96
C CYS J 314 54.48 71.59 -48.91
N CYS J 315 53.71 70.51 -49.02
CA CYS J 315 53.97 69.44 -49.98
C CYS J 315 52.83 69.40 -50.98
N LEU J 316 53.17 69.54 -52.26
CA LEU J 316 52.21 69.50 -53.35
C LEU J 316 52.38 68.19 -54.11
N LEU J 317 51.35 67.37 -54.13
CA LEU J 317 51.37 66.07 -54.78
C LEU J 317 50.43 66.14 -55.98
N TYR J 318 50.96 66.60 -57.11
CA TYR J 318 50.18 66.68 -58.33
C TYR J 318 49.92 65.30 -58.89
N ARG J 319 48.84 65.19 -59.67
CA ARG J 319 48.41 63.91 -60.20
C ARG J 319 47.82 64.12 -61.59
N GLY J 320 47.82 63.05 -62.38
CA GLY J 320 47.29 63.10 -63.73
C GLY J 320 48.30 63.65 -64.71
N ASP J 321 47.78 63.99 -65.90
CA ASP J 321 48.60 64.57 -66.95
C ASP J 321 48.95 66.01 -66.56
N VAL J 322 50.13 66.19 -65.99
CA VAL J 322 50.58 67.47 -65.45
C VAL J 322 51.84 67.88 -66.18
N VAL J 323 51.89 69.14 -66.62
CA VAL J 323 53.11 69.73 -67.17
C VAL J 323 53.88 70.36 -66.02
N PRO J 324 54.99 69.78 -65.59
CA PRO J 324 55.70 70.35 -64.42
C PRO J 324 56.13 71.78 -64.62
N LYS J 325 56.36 72.20 -65.87
CA LYS J 325 56.69 73.60 -66.13
C LYS J 325 55.58 74.51 -65.60
N ASP J 326 54.33 74.16 -65.86
CA ASP J 326 53.21 74.92 -65.31
C ASP J 326 53.21 74.86 -63.79
N VAL J 327 53.55 73.70 -63.23
CA VAL J 327 53.64 73.58 -61.77
C VAL J 327 54.67 74.54 -61.22
N ASN J 328 55.85 74.62 -61.87
CA ASN J 328 56.87 75.55 -61.43
C ASN J 328 56.38 76.99 -61.52
N ALA J 329 55.71 77.34 -62.62
CA ALA J 329 55.23 78.70 -62.78
C ALA J 329 54.13 79.02 -61.77
N ALA J 330 53.18 78.09 -61.59
CA ALA J 330 52.08 78.34 -60.65
C ALA J 330 52.59 78.49 -59.23
N ILE J 331 53.53 77.64 -58.82
CA ILE J 331 54.07 77.72 -57.46
C ILE J 331 54.82 79.03 -57.27
N ALA J 332 55.53 79.48 -58.30
CA ALA J 332 56.29 80.72 -58.17
C ALA J 332 55.37 81.90 -57.91
N ALA J 333 54.22 81.95 -58.57
CA ALA J 333 53.30 83.05 -58.39
C ALA J 333 52.81 83.14 -56.95
N ILE J 334 52.49 81.99 -56.36
CA ILE J 334 52.01 81.97 -54.98
C ILE J 334 53.06 82.49 -54.01
N LYS J 335 54.33 82.37 -54.36
CA LYS J 335 55.40 82.85 -53.50
C LYS J 335 55.54 84.36 -53.52
N THR J 336 54.88 85.04 -54.44
CA THR J 336 55.01 86.50 -54.57
C THR J 336 53.68 87.21 -54.39
N ARG J 337 52.90 86.79 -53.40
CA ARG J 337 51.66 87.46 -53.04
C ARG J 337 51.70 87.86 -51.57
N ARG J 338 51.37 89.12 -51.29
CA ARG J 338 51.48 89.63 -49.93
C ARG J 338 50.56 88.88 -48.98
N SER J 339 49.33 88.58 -49.41
CA SER J 339 48.40 87.86 -48.55
C SER J 339 48.96 86.50 -48.16
N ILE J 340 49.55 85.78 -49.10
CA ILE J 340 50.23 84.54 -48.78
C ILE J 340 51.53 84.87 -48.06
N GLN J 341 51.71 84.30 -46.88
CA GLN J 341 52.81 84.67 -46.00
C GLN J 341 53.46 83.41 -45.45
N PHE J 342 54.71 83.18 -45.83
CA PHE J 342 55.51 82.11 -45.26
C PHE J 342 56.37 82.64 -44.13
N VAL J 343 56.91 81.72 -43.33
CA VAL J 343 57.74 82.12 -42.19
C VAL J 343 59.09 82.63 -42.69
N ASP J 344 59.72 83.45 -41.85
CA ASP J 344 60.95 84.12 -42.26
C ASP J 344 62.09 83.13 -42.48
N TRP J 345 62.20 82.12 -41.62
CA TRP J 345 63.37 81.23 -41.62
C TRP J 345 63.22 80.02 -42.52
N CYS J 346 62.22 79.99 -43.40
CA CYS J 346 62.03 78.89 -44.34
C CYS J 346 61.85 79.45 -45.74
N PRO J 347 62.93 79.95 -46.35
CA PRO J 347 62.81 80.45 -47.73
C PRO J 347 62.38 79.37 -48.70
N THR J 348 62.80 78.13 -48.46
CA THR J 348 62.51 77.01 -49.35
C THR J 348 61.35 76.22 -48.76
N GLY J 349 60.14 76.63 -49.12
CA GLY J 349 58.94 76.12 -48.48
C GLY J 349 57.97 75.37 -49.38
N PHE J 350 58.48 74.49 -50.25
CA PHE J 350 57.60 73.70 -51.10
C PHE J 350 58.25 72.34 -51.38
N LYS J 351 57.41 71.38 -51.75
CA LYS J 351 57.86 70.03 -52.09
C LYS J 351 56.88 69.48 -53.12
N VAL J 352 57.31 69.39 -54.37
CA VAL J 352 56.46 68.98 -55.47
C VAL J 352 56.52 67.47 -55.65
N GLY J 353 55.42 66.92 -56.18
CA GLY J 353 55.34 65.50 -56.47
C GLY J 353 54.32 65.23 -57.56
N ILE J 354 54.70 64.43 -58.56
CA ILE J 354 53.87 64.19 -59.73
C ILE J 354 53.81 62.70 -60.01
N ASN J 355 52.62 62.21 -60.36
CA ASN J 355 52.42 60.83 -60.79
C ASN J 355 51.49 60.80 -61.98
N TYR J 356 51.80 59.94 -62.95
CA TYR J 356 51.01 59.85 -64.18
C TYR J 356 49.87 58.85 -64.00
N GLN J 357 48.89 59.26 -63.21
CA GLN J 357 47.71 58.44 -62.99
C GLN J 357 46.53 59.32 -62.57
N PRO J 358 45.62 59.67 -63.47
CA PRO J 358 44.54 60.56 -63.11
C PRO J 358 43.64 59.92 -62.07
N PRO J 359 42.99 60.72 -61.22
CA PRO J 359 42.10 60.14 -60.21
C PRO J 359 40.97 59.35 -60.85
N THR J 360 40.56 58.28 -60.18
CA THR J 360 39.47 57.44 -60.62
C THR J 360 38.19 57.80 -59.90
N VAL J 361 37.06 57.60 -60.58
CA VAL J 361 35.74 57.95 -60.06
C VAL J 361 35.07 56.69 -59.55
N VAL J 362 34.67 56.69 -58.29
CA VAL J 362 33.91 55.55 -57.77
C VAL J 362 32.56 55.50 -58.48
N PRO J 363 32.06 54.32 -58.85
CA PRO J 363 30.75 54.28 -59.52
C PRO J 363 29.68 54.93 -58.67
N GLY J 364 28.83 55.70 -59.33
CA GLY J 364 27.82 56.46 -58.62
C GLY J 364 28.35 57.57 -57.74
N GLY J 365 29.62 57.92 -57.88
CA GLY J 365 30.20 58.95 -57.06
C GLY J 365 29.71 60.34 -57.45
N ASP J 366 29.94 61.29 -56.55
CA ASP J 366 29.49 62.66 -56.77
C ASP J 366 30.52 63.47 -57.56
N LEU J 367 31.78 63.42 -57.14
CA LEU J 367 32.82 64.21 -57.80
C LEU J 367 33.03 63.73 -59.24
N ALA J 368 33.51 64.65 -60.07
CA ALA J 368 33.62 64.42 -61.50
C ALA J 368 34.87 63.60 -61.83
N LYS J 369 35.07 63.35 -63.12
CA LYS J 369 36.23 62.62 -63.63
C LYS J 369 37.26 63.65 -64.09
N VAL J 370 38.03 64.16 -63.14
CA VAL J 370 39.00 65.20 -63.43
C VAL J 370 40.21 64.60 -64.13
N GLN J 371 40.66 65.27 -65.21
CA GLN J 371 41.88 64.85 -65.88
C GLN J 371 43.13 65.12 -65.04
N ARG J 372 43.00 65.97 -64.02
CA ARG J 372 44.17 66.42 -63.26
C ARG J 372 43.71 66.88 -61.90
N ALA J 373 44.57 66.71 -60.90
CA ALA J 373 44.22 67.02 -59.52
C ALA J 373 45.50 67.33 -58.75
N VAL J 374 45.32 67.93 -57.57
CA VAL J 374 46.44 68.30 -56.71
C VAL J 374 45.98 68.20 -55.27
N CYS J 375 46.91 67.83 -54.40
CA CYS J 375 46.68 67.75 -52.96
C CYS J 375 47.82 68.44 -52.23
N MET J 376 47.48 69.22 -51.20
CA MET J 376 48.45 69.95 -50.42
C MET J 376 48.43 69.48 -48.98
N LEU J 377 49.60 69.49 -48.35
CA LEU J 377 49.78 69.08 -46.96
C LEU J 377 50.49 70.19 -46.19
N SER J 378 50.02 71.42 -46.37
CA SER J 378 50.67 72.56 -45.77
C SER J 378 50.64 72.48 -44.25
N ASN J 379 51.73 72.93 -43.63
CA ASN J 379 51.83 73.04 -42.19
C ASN J 379 51.84 74.52 -41.82
N THR J 380 50.82 74.94 -41.07
CA THR J 380 50.60 76.35 -40.79
C THR J 380 50.46 76.57 -39.29
N THR J 381 51.01 77.68 -38.81
CA THR J 381 50.88 78.05 -37.41
C THR J 381 49.49 78.54 -37.05
N ALA J 382 48.63 78.76 -38.04
CA ALA J 382 47.23 79.11 -37.77
C ALA J 382 46.49 77.99 -37.06
N ILE J 383 47.02 76.76 -37.11
CA ILE J 383 46.41 75.64 -36.41
C ILE J 383 46.54 75.80 -34.90
N ALA J 384 47.48 76.62 -34.42
CA ALA J 384 47.59 76.87 -33.00
C ALA J 384 46.31 77.46 -32.43
N GLU J 385 45.53 78.14 -33.28
CA GLU J 385 44.23 78.66 -32.83
C GLU J 385 43.32 77.53 -32.41
N ALA J 386 43.29 76.44 -33.19
CA ALA J 386 42.43 75.31 -32.86
C ALA J 386 42.85 74.67 -31.54
N TRP J 387 44.15 74.50 -31.32
CA TRP J 387 44.62 73.93 -30.07
C TRP J 387 44.25 74.83 -28.89
N ALA J 388 44.41 76.14 -29.06
CA ALA J 388 44.06 77.07 -27.98
C ALA J 388 42.57 76.97 -27.66
N ARG J 389 41.73 76.91 -28.70
CA ARG J 389 40.30 76.75 -28.46
C ARG J 389 40.01 75.44 -27.73
N LEU J 390 40.67 74.36 -28.14
CA LEU J 390 40.45 73.08 -27.47
C LEU J 390 40.91 73.13 -26.03
N ASP J 391 42.05 73.76 -25.77
CA ASP J 391 42.50 73.94 -24.40
C ASP J 391 41.55 74.82 -23.61
N HIS J 392 40.91 75.77 -24.27
CA HIS J 392 39.95 76.63 -23.58
C HIS J 392 38.72 75.84 -23.14
N LYS J 393 38.18 75.01 -24.05
CA LYS J 393 37.03 74.18 -23.69
C LYS J 393 37.40 73.19 -22.59
N PHE J 394 38.59 72.60 -22.67
CA PHE J 394 39.03 71.67 -21.65
C PHE J 394 39.12 72.36 -20.29
N ASP J 395 39.65 73.58 -20.26
CA ASP J 395 39.82 74.28 -18.99
C ASP J 395 38.48 74.62 -18.36
N LEU J 396 37.46 74.91 -19.18
CA LEU J 396 36.15 75.23 -18.63
C LEU J 396 35.59 74.07 -17.82
N MET J 397 35.73 72.85 -18.33
CA MET J 397 35.15 71.69 -17.66
C MET J 397 35.99 71.27 -16.46
N TYR J 398 37.27 70.98 -16.69
CA TYR J 398 38.12 70.47 -15.62
C TYR J 398 38.29 71.48 -14.50
N SER J 399 38.00 72.75 -14.75
CA SER J 399 38.06 73.74 -13.67
C SER J 399 37.07 73.40 -12.57
N LYS J 400 35.87 72.96 -12.94
CA LYS J 400 34.87 72.52 -11.98
C LYS J 400 34.94 71.01 -11.72
N ARG J 401 35.82 70.29 -12.41
CA ARG J 401 35.96 68.85 -12.22
C ARG J 401 34.62 68.15 -12.51
N ALA J 402 34.20 68.27 -13.77
CA ALA J 402 32.83 67.96 -14.15
C ALA J 402 32.63 66.54 -14.67
N PHE J 403 33.68 65.87 -15.16
CA PHE J 403 33.54 64.54 -15.72
C PHE J 403 34.67 63.59 -15.34
N VAL J 404 35.58 63.99 -14.45
CA VAL J 404 36.76 63.17 -14.18
C VAL J 404 36.39 61.85 -13.54
N HIS J 405 35.28 61.81 -12.80
CA HIS J 405 34.93 60.59 -12.06
C HIS J 405 34.79 59.40 -12.98
N TRP J 406 34.36 59.61 -14.22
CA TRP J 406 34.31 58.51 -15.18
C TRP J 406 35.71 57.98 -15.49
N TYR J 407 36.68 58.89 -15.65
CA TYR J 407 38.02 58.48 -16.02
C TYR J 407 38.79 57.91 -14.83
N VAL J 408 38.63 58.51 -13.65
CA VAL J 408 39.35 58.04 -12.47
C VAL J 408 38.94 56.60 -12.14
N GLY J 409 37.65 56.30 -12.23
CA GLY J 409 37.18 54.95 -11.98
C GLY J 409 37.66 53.92 -12.97
N GLU J 410 38.25 54.36 -14.08
CA GLU J 410 38.77 53.46 -15.11
C GLU J 410 40.29 53.33 -15.02
N GLY J 411 40.83 53.38 -13.81
CA GLY J 411 42.27 53.22 -13.62
C GLY J 411 43.10 54.33 -14.23
N MET J 412 42.70 55.58 -14.02
CA MET J 412 43.40 56.74 -14.57
C MET J 412 43.68 57.71 -13.44
N GLU J 413 44.95 58.04 -13.24
CA GLU J 413 45.32 58.95 -12.16
C GLU J 413 44.81 60.35 -12.42
N GLU J 414 44.57 61.09 -11.35
CA GLU J 414 44.01 62.43 -11.46
C GLU J 414 44.96 63.38 -12.18
N GLY J 415 46.26 63.29 -11.88
CA GLY J 415 47.21 64.24 -12.44
C GLY J 415 47.34 64.19 -13.94
N GLU J 416 46.82 63.14 -14.57
CA GLU J 416 46.95 63.02 -16.02
C GLU J 416 46.30 64.20 -16.73
N PHE J 417 45.14 64.64 -16.23
CA PHE J 417 44.52 65.83 -16.80
C PHE J 417 45.41 67.06 -16.62
N SER J 418 46.03 67.20 -15.45
CA SER J 418 46.93 68.33 -15.22
C SER J 418 48.11 68.30 -16.17
N GLU J 419 48.74 67.13 -16.32
CA GLU J 419 49.87 67.02 -17.25
C GLU J 419 49.41 67.24 -18.69
N ALA J 420 48.24 66.74 -19.04
CA ALA J 420 47.76 66.85 -20.42
C ALA J 420 47.62 68.31 -20.84
N ARG J 421 47.04 69.14 -19.98
CA ARG J 421 46.87 70.54 -20.33
C ARG J 421 48.21 71.27 -20.35
N GLU J 422 49.08 70.98 -19.37
CA GLU J 422 50.38 71.63 -19.35
C GLU J 422 51.19 71.31 -20.59
N ASP J 423 51.13 70.06 -21.05
CA ASP J 423 51.82 69.68 -22.27
C ASP J 423 51.27 70.47 -23.46
N MET J 424 49.95 70.58 -23.56
CA MET J 424 49.37 71.37 -24.65
C MET J 424 49.69 72.85 -24.49
N ALA J 425 49.84 73.32 -23.25
CA ALA J 425 50.22 74.72 -23.03
C ALA J 425 51.58 75.00 -23.64
N ALA J 426 52.53 74.09 -23.45
CA ALA J 426 53.85 74.26 -24.06
C ALA J 426 53.75 74.21 -25.58
N LEU J 427 52.84 73.40 -26.11
CA LEU J 427 52.66 73.34 -27.56
C LEU J 427 52.25 74.68 -28.13
N GLU J 428 51.38 75.41 -27.41
CA GLU J 428 50.98 76.74 -27.85
C GLU J 428 52.18 77.67 -27.91
N LYS J 429 53.01 77.67 -26.86
CA LYS J 429 54.19 78.53 -26.87
C LYS J 429 55.17 78.13 -27.95
N ASP J 430 55.34 76.83 -28.18
CA ASP J 430 56.23 76.38 -29.23
C ASP J 430 55.77 76.89 -30.59
N TYR J 431 54.46 76.84 -30.85
CA TYR J 431 53.93 77.42 -32.08
C TYR J 431 54.18 78.92 -32.14
N GLU J 432 54.01 79.61 -31.01
CA GLU J 432 54.15 81.06 -31.00
C GLU J 432 55.57 81.47 -31.37
N GLU J 433 56.57 80.80 -30.80
CA GLU J 433 57.95 81.15 -31.09
C GLU J 433 58.28 80.94 -32.56
N VAL J 434 57.82 79.83 -33.14
CA VAL J 434 58.07 79.53 -34.54
C VAL J 434 57.42 80.57 -35.44
N GLY J 435 56.36 81.23 -34.98
CA GLY J 435 55.67 82.22 -35.79
C GLY J 435 56.40 83.54 -35.93
N THR J 436 57.46 83.75 -35.16
CA THR J 436 58.24 84.97 -35.20
C THR J 436 59.64 84.67 -35.76
N GLU J 437 60.47 85.71 -35.79
CA GLU J 437 61.84 85.60 -36.26
C GLU J 437 62.80 86.07 -35.19
N SER J 438 63.91 85.35 -35.03
CA SER J 438 64.91 85.70 -34.03
C SER J 438 65.84 86.80 -34.56
N MET K 1 62.09 1.07 -47.61
CA MET K 1 62.51 1.28 -46.20
C MET K 1 61.94 0.19 -45.30
N ARG K 2 62.45 0.09 -44.09
CA ARG K 2 62.15 -1.03 -43.21
C ARG K 2 60.93 -0.74 -42.34
N GLU K 3 60.38 -1.82 -41.79
CA GLU K 3 59.08 -1.79 -41.13
C GLU K 3 59.15 -1.15 -39.76
N CYS K 4 57.99 -0.68 -39.30
CA CYS K 4 57.82 -0.17 -37.94
C CYS K 4 56.47 -0.65 -37.41
N ILE K 5 56.46 -1.13 -36.18
CA ILE K 5 55.25 -1.70 -35.58
C ILE K 5 54.56 -0.64 -34.74
N SER K 6 53.23 -0.67 -34.75
CA SER K 6 52.41 0.23 -33.95
C SER K 6 51.66 -0.58 -32.90
N ILE K 7 51.78 -0.16 -31.64
CA ILE K 7 51.10 -0.78 -30.52
C ILE K 7 50.16 0.25 -29.93
N HIS K 8 48.86 -0.05 -29.92
CA HIS K 8 47.85 0.86 -29.42
C HIS K 8 47.26 0.28 -28.14
N ILE K 9 47.32 1.04 -27.06
CA ILE K 9 46.97 0.56 -25.73
C ILE K 9 45.92 1.48 -25.13
N GLY K 10 44.92 0.88 -24.48
CA GLY K 10 43.90 1.64 -23.80
C GLY K 10 42.87 2.21 -24.75
N GLN K 11 41.85 2.84 -24.17
CA GLN K 11 40.82 3.47 -25.00
C GLN K 11 41.41 4.59 -25.83
N ALA K 12 42.30 5.38 -25.26
CA ALA K 12 42.94 6.46 -26.01
C ALA K 12 43.73 5.89 -27.19
N GLY K 13 44.54 4.86 -26.92
CA GLY K 13 45.36 4.30 -27.99
C GLY K 13 44.52 3.70 -29.10
N VAL K 14 43.52 2.91 -28.74
CA VAL K 14 42.69 2.26 -29.75
C VAL K 14 41.91 3.29 -30.54
N GLN K 15 41.29 4.24 -29.86
CA GLN K 15 40.52 5.27 -30.54
C GLN K 15 41.42 6.14 -31.41
N MET K 16 42.59 6.51 -30.88
CA MET K 16 43.55 7.29 -31.67
C MET K 16 44.09 6.48 -32.84
N GLY K 17 44.34 5.19 -32.62
CA GLY K 17 44.90 4.38 -33.68
C GLY K 17 44.01 4.29 -34.89
N ASN K 18 42.69 4.17 -34.67
CA ASN K 18 41.75 4.10 -35.78
C ASN K 18 41.84 5.35 -36.66
N ALA K 19 42.04 6.52 -36.05
CA ALA K 19 42.21 7.73 -36.82
C ALA K 19 43.47 7.66 -37.67
N CYS K 20 44.56 7.12 -37.12
CA CYS K 20 45.82 7.04 -37.85
C CYS K 20 45.68 6.17 -39.09
N TRP K 21 45.16 4.95 -38.91
CA TRP K 21 45.10 3.99 -40.01
C TRP K 21 44.09 4.38 -41.07
N GLU K 22 43.18 5.32 -40.78
CA GLU K 22 42.37 5.91 -41.83
C GLU K 22 43.24 6.75 -42.77
N LEU K 23 44.22 7.48 -42.21
CA LEU K 23 45.11 8.28 -43.03
C LEU K 23 46.01 7.40 -43.89
N TYR K 24 46.60 6.36 -43.29
CA TYR K 24 47.52 5.51 -44.03
C TYR K 24 46.84 4.92 -45.26
N CYS K 25 45.62 4.41 -45.10
CA CYS K 25 44.90 3.85 -46.23
C CYS K 25 44.70 4.90 -47.32
N LEU K 26 44.46 6.15 -46.93
CA LEU K 26 44.25 7.21 -47.91
C LEU K 26 45.56 7.59 -48.59
N GLU K 27 46.66 7.65 -47.83
CA GLU K 27 47.94 8.02 -48.41
C GLU K 27 48.36 7.04 -49.49
N HIS K 28 48.20 5.75 -49.22
CA HIS K 28 48.57 4.70 -50.15
C HIS K 28 47.41 4.26 -51.03
N GLY K 29 46.25 4.90 -50.90
CA GLY K 29 45.09 4.55 -51.71
C GLY K 29 44.58 3.15 -51.47
N ILE K 30 44.59 2.69 -50.23
CA ILE K 30 44.12 1.35 -49.88
C ILE K 30 42.66 1.43 -49.50
N GLN K 31 41.84 0.56 -50.09
CA GLN K 31 40.43 0.52 -49.78
C GLN K 31 40.21 0.02 -48.35
N GLN K 32 39.16 0.52 -47.71
CA GLN K 32 38.85 0.11 -46.35
C GLN K 32 38.62 -1.39 -46.24
N ASP K 33 38.23 -2.04 -47.34
CA ASP K 33 38.08 -3.48 -47.35
C ASP K 33 39.41 -4.21 -47.21
N GLY K 34 40.53 -3.50 -47.33
CA GLY K 34 41.84 -4.10 -47.27
C GLY K 34 42.47 -4.39 -48.61
N ILE K 35 41.69 -4.36 -49.69
CA ILE K 35 42.19 -4.68 -51.03
C ILE K 35 42.56 -3.39 -51.72
N ILE K 36 43.79 -3.31 -52.20
CA ILE K 36 44.27 -2.15 -52.96
C ILE K 36 43.53 -2.13 -54.30
N PRO K 37 43.24 -0.96 -54.86
CA PRO K 37 42.63 -0.94 -56.20
C PRO K 37 43.49 -1.68 -57.22
N ASP K 38 42.88 -1.93 -58.37
CA ASP K 38 43.54 -2.73 -59.41
C ASP K 38 44.72 -2.01 -60.05
N ASP K 45 53.93 2.10 -53.92
CA ASP K 45 53.87 0.64 -53.91
C ASP K 45 54.83 0.06 -52.88
N SER K 46 56.13 0.30 -53.07
CA SER K 46 57.12 -0.17 -52.10
C SER K 46 57.01 0.57 -50.78
N SER K 47 56.26 1.67 -50.73
CA SER K 47 56.18 2.47 -49.52
C SER K 47 55.38 1.77 -48.44
N PHE K 48 54.21 1.22 -48.79
CA PHE K 48 53.31 0.70 -47.77
C PHE K 48 53.86 -0.52 -47.04
N GLY K 49 54.93 -1.13 -47.56
CA GLY K 49 55.50 -2.30 -46.90
C GLY K 49 55.94 -2.04 -45.48
N THR K 50 56.25 -0.80 -45.14
CA THR K 50 56.72 -0.49 -43.78
C THR K 50 55.61 -0.63 -42.76
N PHE K 51 54.38 -0.25 -43.11
CA PHE K 51 53.25 -0.33 -42.19
C PHE K 51 52.23 -1.40 -42.56
N PHE K 52 52.32 -1.97 -43.75
CA PHE K 52 51.37 -2.97 -44.21
C PHE K 52 52.10 -4.24 -44.62
N SER K 53 51.54 -5.38 -44.23
CA SER K 53 52.10 -6.68 -44.57
C SER K 53 51.37 -7.25 -45.78
N GLU K 54 52.14 -7.84 -46.69
CA GLU K 54 51.59 -8.35 -47.93
C GLU K 54 50.91 -9.71 -47.70
N THR K 55 50.15 -10.13 -48.70
CA THR K 55 49.45 -11.42 -48.66
C THR K 55 49.34 -11.94 -50.09
N GLY K 56 49.10 -13.25 -50.20
CA GLY K 56 48.93 -13.83 -51.52
C GLY K 56 47.86 -13.13 -52.33
N SER K 57 46.74 -12.81 -51.69
CA SER K 57 45.72 -12.00 -52.32
C SER K 57 46.14 -10.53 -52.30
N GLY K 58 45.26 -9.66 -52.79
CA GLY K 58 45.53 -8.24 -52.79
C GLY K 58 45.26 -7.54 -51.48
N LYS K 59 44.86 -8.27 -50.45
CA LYS K 59 44.49 -7.68 -49.17
C LYS K 59 45.72 -7.56 -48.29
N HIS K 60 46.18 -6.33 -48.08
CA HIS K 60 47.29 -6.08 -47.17
C HIS K 60 46.78 -5.97 -45.74
N VAL K 61 47.62 -6.35 -44.80
CA VAL K 61 47.28 -6.40 -43.38
C VAL K 61 48.09 -5.35 -42.65
N PRO K 62 47.48 -4.48 -41.85
CA PRO K 62 48.26 -3.52 -41.06
C PRO K 62 49.15 -4.25 -40.06
N ARG K 63 50.35 -3.70 -39.85
CA ARG K 63 51.33 -4.28 -38.94
C ARG K 63 51.22 -3.61 -37.57
N ALA K 64 50.02 -3.72 -36.98
CA ALA K 64 49.73 -3.09 -35.70
C ALA K 64 48.98 -4.06 -34.82
N VAL K 65 49.03 -3.80 -33.51
CA VAL K 65 48.36 -4.61 -32.50
C VAL K 65 47.56 -3.68 -31.60
N PHE K 66 46.32 -4.08 -31.31
CA PHE K 66 45.42 -3.31 -30.47
C PHE K 66 45.13 -4.11 -29.20
N VAL K 67 45.29 -3.48 -28.05
CA VAL K 67 45.06 -4.12 -26.76
C VAL K 67 44.22 -3.19 -25.90
N ASP K 68 43.22 -3.75 -25.23
CA ASP K 68 42.38 -2.98 -24.31
C ASP K 68 41.71 -3.95 -23.35
N LEU K 69 41.84 -3.69 -22.06
CA LEU K 69 41.26 -4.55 -21.04
C LEU K 69 39.74 -4.51 -21.04
N GLU K 70 39.13 -3.54 -21.70
CA GLU K 70 37.68 -3.43 -21.78
C GLU K 70 37.24 -3.74 -23.20
N GLN K 71 36.32 -4.70 -23.32
CA GLN K 71 35.88 -5.17 -24.63
C GLN K 71 35.14 -4.10 -25.43
N THR K 72 34.66 -3.05 -24.77
CA THR K 72 33.74 -2.12 -25.42
C THR K 72 34.43 -1.36 -26.56
N VAL K 73 35.62 -0.83 -26.31
CA VAL K 73 36.23 0.09 -27.27
C VAL K 73 36.59 -0.63 -28.55
N ILE K 74 37.26 -1.77 -28.45
CA ILE K 74 37.70 -2.49 -29.64
C ILE K 74 36.51 -3.06 -30.40
N GLY K 75 35.45 -3.44 -29.68
CA GLY K 75 34.29 -3.99 -30.35
C GLY K 75 33.73 -3.06 -31.42
N GLU K 76 33.85 -1.76 -31.22
CA GLU K 76 33.43 -0.81 -32.25
C GLU K 76 34.24 -0.98 -33.52
N ILE K 77 35.56 -1.16 -33.37
CA ILE K 77 36.41 -1.40 -34.53
C ILE K 77 36.05 -2.74 -35.17
N ARG K 78 35.85 -3.76 -34.33
CA ARG K 78 35.60 -5.11 -34.85
C ARG K 78 34.32 -5.20 -35.67
N THR K 79 33.42 -4.22 -35.54
CA THR K 79 32.17 -4.20 -36.28
C THR K 79 32.04 -2.99 -37.20
N GLY K 80 33.04 -2.11 -37.23
CA GLY K 80 32.97 -0.94 -38.07
C GLY K 80 33.34 -1.26 -39.51
N HIS K 81 33.43 -0.20 -40.30
CA HIS K 81 33.78 -0.35 -41.72
C HIS K 81 35.21 -0.82 -41.94
N TYR K 82 36.04 -0.83 -40.89
CA TYR K 82 37.39 -1.35 -40.96
C TYR K 82 37.52 -2.75 -40.37
N ARG K 83 36.40 -3.48 -40.26
CA ARG K 83 36.46 -4.81 -39.66
C ARG K 83 37.32 -5.76 -40.49
N SER K 84 37.23 -5.65 -41.82
CA SER K 84 37.99 -6.52 -42.71
C SER K 84 39.43 -6.08 -42.91
N LEU K 85 39.82 -4.92 -42.37
CA LEU K 85 41.17 -4.44 -42.54
C LEU K 85 42.15 -5.13 -41.60
N PHE K 86 41.74 -5.39 -40.36
CA PHE K 86 42.62 -5.91 -39.33
C PHE K 86 42.52 -7.43 -39.26
N HIS K 87 43.66 -8.07 -39.05
CA HIS K 87 43.67 -9.49 -38.75
C HIS K 87 42.93 -9.73 -37.44
N PRO K 88 42.00 -10.67 -37.39
CA PRO K 88 41.14 -10.79 -36.20
C PRO K 88 41.92 -11.00 -34.90
N GLU K 89 43.07 -11.66 -34.95
CA GLU K 89 43.81 -11.94 -33.73
C GLU K 89 44.58 -10.72 -33.22
N GLN K 90 44.80 -9.71 -34.07
CA GLN K 90 45.51 -8.52 -33.62
C GLN K 90 44.72 -7.77 -32.56
N LEU K 91 43.40 -7.68 -32.73
CA LEU K 91 42.54 -6.93 -31.82
C LEU K 91 42.35 -7.74 -30.55
N ILE K 92 43.20 -7.46 -29.56
CA ILE K 92 43.19 -8.17 -28.30
C ILE K 92 42.28 -7.43 -27.32
N THR K 93 41.38 -8.16 -26.67
CA THR K 93 40.41 -7.58 -25.74
C THR K 93 40.35 -8.40 -24.47
N GLY K 94 40.25 -7.72 -23.34
CA GLY K 94 40.06 -8.36 -22.05
C GLY K 94 38.60 -8.55 -21.72
N LYS K 95 38.35 -8.87 -20.45
CA LYS K 95 37.00 -9.09 -19.95
C LYS K 95 36.47 -7.97 -19.08
N GLU K 96 37.35 -7.26 -18.35
CA GLU K 96 36.93 -6.18 -17.47
C GLU K 96 37.94 -5.05 -17.55
N ASP K 97 37.44 -3.82 -17.37
CA ASP K 97 38.28 -2.64 -17.46
C ASP K 97 39.19 -2.54 -16.22
N ALA K 98 40.26 -1.76 -16.37
CA ALA K 98 41.21 -1.55 -15.29
C ALA K 98 40.72 -0.56 -14.25
N ALA K 99 39.63 0.15 -14.53
CA ALA K 99 38.97 1.02 -13.55
C ALA K 99 39.87 2.19 -13.14
N ASN K 100 40.55 2.78 -14.12
CA ASN K 100 41.41 3.93 -13.88
C ASN K 100 42.36 3.67 -12.72
N ASN K 101 42.85 2.43 -12.64
CA ASN K 101 43.72 2.00 -11.54
C ASN K 101 45.04 1.53 -12.12
N TYR K 102 46.14 2.18 -11.71
CA TYR K 102 47.46 1.79 -12.17
C TYR K 102 47.79 0.36 -11.72
N ALA K 103 47.43 0.03 -10.48
CA ALA K 103 47.76 -1.29 -9.95
C ALA K 103 47.08 -2.40 -10.75
N ARG K 104 45.81 -2.23 -11.09
CA ARG K 104 45.09 -3.27 -11.81
C ARG K 104 45.75 -3.54 -13.16
N GLY K 105 45.99 -2.49 -13.94
CA GLY K 105 46.55 -2.66 -15.27
C GLY K 105 48.02 -3.04 -15.29
N HIS K 106 48.68 -3.04 -14.14
CA HIS K 106 50.11 -3.31 -14.06
C HIS K 106 50.46 -4.55 -13.24
N TYR K 107 49.61 -4.95 -12.30
CA TYR K 107 49.94 -6.03 -11.38
C TYR K 107 48.97 -7.20 -11.45
N THR K 108 47.67 -6.96 -11.41
CA THR K 108 46.68 -8.03 -11.26
C THR K 108 46.07 -8.46 -12.58
N ILE K 109 45.41 -7.54 -13.29
CA ILE K 109 44.74 -7.91 -14.53
C ILE K 109 45.62 -7.65 -15.75
N GLY K 110 46.55 -6.71 -15.66
CA GLY K 110 47.42 -6.43 -16.79
C GLY K 110 48.27 -7.63 -17.15
N LYS K 111 48.76 -8.36 -16.16
CA LYS K 111 49.63 -9.51 -16.40
C LYS K 111 48.87 -10.72 -16.91
N GLU K 112 47.53 -10.72 -16.79
CA GLU K 112 46.75 -11.86 -17.26
C GLU K 112 46.71 -11.91 -18.79
N ILE K 113 46.86 -10.76 -19.44
CA ILE K 113 46.77 -10.67 -20.90
C ILE K 113 48.05 -10.14 -21.52
N VAL K 114 49.06 -9.81 -20.70
CA VAL K 114 50.30 -9.26 -21.25
C VAL K 114 50.99 -10.28 -22.16
N ASP K 115 51.03 -11.53 -21.71
CA ASP K 115 51.73 -12.55 -22.50
C ASP K 115 51.06 -12.77 -23.84
N SER K 116 49.72 -12.64 -23.91
CA SER K 116 49.03 -12.80 -25.18
C SER K 116 49.46 -11.72 -26.17
N VAL K 117 49.64 -10.50 -25.69
CA VAL K 117 50.06 -9.41 -26.58
C VAL K 117 51.46 -9.66 -27.11
N LEU K 118 52.36 -10.10 -26.23
CA LEU K 118 53.72 -10.39 -26.67
C LEU K 118 53.73 -11.46 -27.76
N ASP K 119 52.88 -12.46 -27.63
CA ASP K 119 52.83 -13.53 -28.62
C ASP K 119 52.55 -12.97 -30.01
N ARG K 120 51.63 -12.02 -30.11
CA ARG K 120 51.35 -11.39 -31.39
C ARG K 120 52.41 -10.40 -31.82
N VAL K 121 53.10 -9.76 -30.86
CA VAL K 121 54.20 -8.88 -31.21
C VAL K 121 55.37 -9.69 -31.76
N ARG K 122 55.69 -10.81 -31.12
CA ARG K 122 56.80 -11.64 -31.58
C ARG K 122 56.50 -12.22 -32.95
N LYS K 123 55.31 -12.79 -33.13
CA LYS K 123 54.95 -13.38 -34.41
C LYS K 123 54.91 -12.33 -35.50
N MET K 124 54.60 -11.09 -35.16
CA MET K 124 54.61 -9.99 -36.11
C MET K 124 55.99 -9.35 -36.24
N ALA K 125 56.78 -9.36 -35.16
CA ALA K 125 58.13 -8.82 -35.25
C ALA K 125 59.08 -9.79 -35.94
N ASP K 126 58.84 -11.10 -35.82
CA ASP K 126 59.71 -12.09 -36.44
C ASP K 126 59.51 -12.17 -37.94
N GLN K 127 58.35 -11.76 -38.46
CA GLN K 127 58.05 -11.86 -39.88
C GLN K 127 58.52 -10.65 -40.67
N CYS K 128 59.50 -9.90 -40.14
CA CYS K 128 60.11 -8.79 -40.86
C CYS K 128 61.61 -8.97 -40.83
N SER K 129 62.25 -8.88 -42.00
CA SER K 129 63.70 -9.03 -42.05
C SER K 129 64.40 -7.99 -41.19
N GLY K 130 63.94 -6.75 -41.24
CA GLY K 130 64.42 -5.72 -40.36
C GLY K 130 63.26 -5.04 -39.65
N LEU K 131 63.56 -4.40 -38.52
CA LEU K 131 62.53 -3.77 -37.70
C LEU K 131 63.12 -2.51 -37.07
N GLN K 132 62.61 -1.34 -37.46
CA GLN K 132 63.10 -0.09 -36.92
C GLN K 132 62.79 0.02 -35.43
N GLY K 133 61.55 -0.27 -35.05
CA GLY K 133 61.17 -0.16 -33.65
C GLY K 133 59.66 -0.27 -33.50
N PHE K 134 59.16 0.27 -32.40
CA PHE K 134 57.75 0.21 -32.05
C PHE K 134 57.19 1.61 -31.84
N LEU K 135 55.98 1.83 -32.34
CA LEU K 135 55.19 3.01 -32.00
C LEU K 135 54.14 2.63 -30.98
N ILE K 136 54.03 3.41 -29.91
CA ILE K 136 53.15 3.08 -28.79
C ILE K 136 52.28 4.29 -28.49
N PHE K 137 50.97 4.08 -28.48
CA PHE K 137 50.00 5.11 -28.17
C PHE K 137 49.25 4.72 -26.90
N HIS K 138 49.21 5.62 -25.93
CA HIS K 138 48.59 5.34 -24.65
C HIS K 138 48.23 6.65 -23.98
N SER K 139 47.68 6.54 -22.77
CA SER K 139 47.26 7.70 -21.99
C SER K 139 47.75 7.55 -20.55
N PHE K 140 48.30 8.64 -20.02
CA PHE K 140 48.73 8.63 -18.61
C PHE K 140 47.54 8.48 -17.67
N GLY K 141 46.37 8.98 -18.07
CA GLY K 141 45.24 9.07 -17.17
C GLY K 141 44.26 7.91 -17.28
N GLY K 142 44.78 6.69 -17.40
CA GLY K 142 43.95 5.51 -17.42
C GLY K 142 44.65 4.36 -16.71
N GLY K 143 43.90 3.28 -16.50
CA GLY K 143 44.47 2.08 -15.91
C GLY K 143 45.17 1.25 -16.96
N THR K 144 44.47 0.98 -18.06
CA THR K 144 45.08 0.22 -19.15
C THR K 144 46.19 1.03 -19.82
N GLY K 145 45.92 2.30 -20.10
CA GLY K 145 46.88 3.13 -20.81
C GLY K 145 48.10 3.53 -20.00
N SER K 146 48.11 3.22 -18.70
CA SER K 146 49.22 3.58 -17.82
C SER K 146 49.82 2.37 -17.10
N GLY K 147 48.99 1.44 -16.66
CA GLY K 147 49.47 0.25 -15.98
C GLY K 147 49.88 -0.83 -16.94
N PHE K 148 49.04 -1.11 -17.93
CA PHE K 148 49.37 -2.13 -18.92
C PHE K 148 50.50 -1.67 -19.82
N THR K 149 50.56 -0.38 -20.12
CA THR K 149 51.65 0.14 -20.94
C THR K 149 53.00 -0.14 -20.27
N SER K 150 53.11 0.21 -18.98
CA SER K 150 54.37 -0.01 -18.28
C SER K 150 54.82 -1.46 -18.38
N LEU K 151 53.88 -2.39 -18.38
CA LEU K 151 54.23 -3.80 -18.56
C LEU K 151 54.89 -4.03 -19.91
N LEU K 152 54.27 -3.51 -20.98
CA LEU K 152 54.81 -3.71 -22.31
C LEU K 152 56.17 -3.03 -22.47
N MET K 153 56.31 -1.83 -21.92
CA MET K 153 57.60 -1.14 -22.00
C MET K 153 58.68 -1.98 -21.34
N GLU K 154 58.37 -2.61 -20.20
CA GLU K 154 59.34 -3.48 -19.55
C GLU K 154 59.58 -4.74 -20.36
N ARG K 155 58.51 -5.39 -20.80
CA ARG K 155 58.66 -6.62 -21.59
C ARG K 155 59.35 -6.34 -22.92
N LEU K 156 58.96 -5.27 -23.60
CA LEU K 156 59.57 -4.91 -24.87
C LEU K 156 60.99 -4.42 -24.71
N SER K 157 61.45 -4.15 -23.49
CA SER K 157 62.81 -3.71 -23.24
C SER K 157 63.79 -4.87 -23.15
N VAL K 158 63.30 -6.07 -22.82
CA VAL K 158 64.16 -7.23 -22.63
C VAL K 158 64.23 -8.04 -23.92
N ASP K 159 63.07 -8.51 -24.39
CA ASP K 159 63.05 -9.37 -25.57
C ASP K 159 63.55 -8.64 -26.82
N TYR K 160 63.28 -7.34 -26.93
CA TYR K 160 63.69 -6.55 -28.08
C TYR K 160 64.49 -5.33 -27.65
N GLY K 161 65.41 -5.51 -26.71
CA GLY K 161 66.25 -4.40 -26.29
C GLY K 161 67.08 -3.86 -27.44
N LYS K 162 67.46 -2.60 -27.32
CA LYS K 162 68.30 -1.94 -28.32
C LYS K 162 67.55 -1.76 -29.64
N LYS K 163 66.23 -1.66 -29.56
CA LYS K 163 65.42 -1.28 -30.71
C LYS K 163 64.52 -0.13 -30.31
N SER K 164 64.23 0.74 -31.28
CA SER K 164 63.54 1.98 -30.99
C SER K 164 62.14 1.72 -30.42
N LYS K 165 61.77 2.52 -29.42
CA LYS K 165 60.44 2.46 -28.80
C LYS K 165 59.95 3.90 -28.67
N LEU K 166 59.28 4.39 -29.72
CA LEU K 166 58.70 5.73 -29.69
C LEU K 166 57.26 5.64 -29.22
N GLU K 167 56.83 6.66 -28.47
CA GLU K 167 55.49 6.66 -27.89
C GLU K 167 54.87 8.04 -27.97
N PHE K 168 53.63 8.08 -28.47
CA PHE K 168 52.79 9.25 -28.35
C PHE K 168 51.86 9.06 -27.15
N SER K 169 51.80 10.04 -26.27
CA SER K 169 51.08 9.92 -25.02
C SER K 169 50.19 11.14 -24.79
N VAL K 170 49.05 10.89 -24.16
CA VAL K 170 48.11 11.96 -23.80
C VAL K 170 48.49 12.39 -22.38
N TYR K 171 49.42 13.33 -22.30
CA TYR K 171 49.83 13.85 -21.00
C TYR K 171 48.66 14.57 -20.34
N PRO K 172 48.52 14.47 -19.01
CA PRO K 172 47.39 15.13 -18.36
C PRO K 172 47.38 16.63 -18.63
N ALA K 173 46.18 17.16 -18.84
CA ALA K 173 46.03 18.58 -19.13
C ALA K 173 46.30 19.40 -17.87
N PRO K 174 46.69 20.66 -18.02
CA PRO K 174 46.99 21.48 -16.84
C PRO K 174 45.79 21.67 -15.93
N GLN K 175 44.65 22.11 -16.49
CA GLN K 175 43.47 22.44 -15.72
C GLN K 175 42.32 21.45 -15.94
N ILE K 176 41.93 21.22 -17.19
CA ILE K 176 40.85 20.27 -17.44
C ILE K 176 41.28 18.87 -17.02
N SER K 177 40.29 18.05 -16.70
CA SER K 177 40.56 16.69 -16.26
C SER K 177 39.29 15.83 -16.35
N THR K 178 39.40 14.67 -16.99
CA THR K 178 38.29 13.75 -17.13
C THR K 178 38.33 12.63 -16.10
N ALA K 179 39.15 12.76 -15.06
CA ALA K 179 39.24 11.77 -14.01
C ALA K 179 39.75 12.44 -12.75
N VAL K 180 39.75 11.69 -11.65
CA VAL K 180 40.14 12.22 -10.35
C VAL K 180 41.51 11.71 -9.90
N VAL K 181 41.94 10.54 -10.36
CA VAL K 181 43.18 9.93 -9.90
C VAL K 181 44.30 10.11 -10.93
N GLU K 182 44.20 11.11 -11.79
CA GLU K 182 45.27 11.36 -12.75
C GLU K 182 46.63 11.58 -12.09
N PRO K 183 46.75 12.37 -11.02
CA PRO K 183 48.09 12.56 -10.43
C PRO K 183 48.75 11.26 -10.01
N TYR K 184 48.02 10.38 -9.33
CA TYR K 184 48.59 9.12 -8.90
C TYR K 184 48.99 8.26 -10.10
N ASN K 185 48.05 8.05 -11.02
CA ASN K 185 48.30 7.16 -12.15
C ASN K 185 49.37 7.72 -13.08
N SER K 186 49.29 9.01 -13.41
CA SER K 186 50.21 9.59 -14.38
C SER K 186 51.65 9.53 -13.89
N ILE K 187 51.89 9.85 -12.62
CA ILE K 187 53.24 9.88 -12.10
C ILE K 187 53.82 8.48 -12.02
N LEU K 188 53.00 7.50 -11.66
CA LEU K 188 53.50 6.13 -11.49
C LEU K 188 54.10 5.59 -12.77
N THR K 189 53.41 5.78 -13.90
CA THR K 189 53.93 5.26 -15.16
C THR K 189 55.21 5.99 -15.58
N THR K 190 55.28 7.29 -15.32
CA THR K 190 56.49 8.04 -15.65
C THR K 190 57.69 7.45 -14.92
N HIS K 191 57.49 7.03 -13.67
CA HIS K 191 58.59 6.42 -12.92
C HIS K 191 59.11 5.17 -13.61
N THR K 192 58.21 4.35 -14.15
CA THR K 192 58.60 3.09 -14.77
C THR K 192 58.97 3.24 -16.24
N THR K 193 58.39 4.22 -16.94
CA THR K 193 58.64 4.40 -18.37
C THR K 193 59.85 5.27 -18.65
N LEU K 194 60.43 5.91 -17.64
CA LEU K 194 61.59 6.75 -17.88
C LEU K 194 62.79 5.93 -18.37
N GLU K 195 63.00 4.76 -17.77
CA GLU K 195 64.17 3.94 -18.09
C GLU K 195 63.91 2.96 -19.21
N HIS K 196 62.70 2.91 -19.76
CA HIS K 196 62.32 1.94 -20.78
C HIS K 196 61.60 2.63 -21.93
N SER K 197 62.16 3.74 -22.39
CA SER K 197 61.61 4.45 -23.54
C SER K 197 62.70 5.34 -24.12
N ASP K 198 62.53 5.68 -25.40
CA ASP K 198 63.48 6.54 -26.10
C ASP K 198 63.06 8.02 -25.99
N CYS K 199 61.87 8.35 -26.47
CA CYS K 199 61.33 9.69 -26.34
C CYS K 199 59.81 9.62 -26.45
N ALA K 200 59.13 10.43 -25.65
CA ALA K 200 57.67 10.44 -25.58
C ALA K 200 57.16 11.75 -26.17
N PHE K 201 56.26 11.65 -27.13
CA PHE K 201 55.68 12.81 -27.80
C PHE K 201 54.39 13.18 -27.07
N MET K 202 54.53 14.04 -26.05
CA MET K 202 53.40 14.43 -25.23
C MET K 202 52.43 15.31 -26.01
N VAL K 203 51.14 15.13 -25.70
CA VAL K 203 50.08 15.97 -26.24
C VAL K 203 49.01 16.14 -25.17
N ASP K 204 48.43 17.33 -25.10
CA ASP K 204 47.38 17.64 -24.14
C ASP K 204 46.09 17.96 -24.88
N ASN K 205 44.98 17.39 -24.40
CA ASN K 205 43.69 17.66 -25.02
C ASN K 205 43.28 19.11 -24.86
N GLU K 206 43.64 19.73 -23.73
CA GLU K 206 43.33 21.14 -23.54
C GLU K 206 43.95 21.99 -24.64
N ALA K 207 45.22 21.75 -24.94
CA ALA K 207 45.90 22.52 -25.99
C ALA K 207 45.26 22.27 -27.35
N ILE K 208 44.98 20.99 -27.67
CA ILE K 208 44.42 20.67 -28.97
C ILE K 208 43.03 21.28 -29.12
N TYR K 209 42.23 21.25 -28.05
CA TYR K 209 40.93 21.91 -28.09
C TYR K 209 41.09 23.40 -28.33
N ASP K 210 42.06 24.02 -27.67
CA ASP K 210 42.28 25.46 -27.83
C ASP K 210 42.64 25.79 -29.27
N ILE K 211 43.54 25.01 -29.87
CA ILE K 211 43.91 25.24 -31.26
C ILE K 211 42.70 25.03 -32.17
N CYS K 212 41.92 23.99 -31.92
CA CYS K 212 40.80 23.68 -32.80
C CYS K 212 39.80 24.83 -32.84
N ASN K 213 39.45 25.39 -31.69
CA ASN K 213 38.56 26.54 -31.66
C ASN K 213 39.26 27.83 -32.10
N ARG K 214 40.58 27.92 -31.87
CA ARG K 214 41.31 29.14 -32.17
C ARG K 214 41.68 29.23 -33.66
N ASN K 215 42.09 28.12 -34.24
CA ASN K 215 42.58 28.10 -35.62
C ASN K 215 41.64 27.37 -36.58
N LEU K 216 41.26 26.14 -36.26
CA LEU K 216 40.38 25.38 -37.15
C LEU K 216 39.00 26.01 -37.26
N ASP K 217 38.64 26.88 -36.32
CA ASP K 217 37.42 27.67 -36.40
C ASP K 217 36.18 26.78 -36.46
N ILE K 218 36.14 25.79 -35.59
CA ILE K 218 34.94 24.98 -35.35
C ILE K 218 34.67 24.98 -33.85
N GLU K 219 33.45 25.37 -33.47
CA GLU K 219 33.15 25.64 -32.07
C GLU K 219 32.95 24.37 -31.25
N ARG K 220 32.56 23.26 -31.88
CA ARG K 220 32.14 22.06 -31.18
C ARG K 220 32.93 20.86 -31.68
N PRO K 221 34.17 20.70 -31.21
CA PRO K 221 34.98 19.55 -31.59
C PRO K 221 34.64 18.32 -30.76
N THR K 222 35.27 17.20 -31.14
CA THR K 222 35.11 15.94 -30.42
C THR K 222 36.37 15.11 -30.62
N TYR K 223 36.52 14.08 -29.79
CA TYR K 223 37.69 13.22 -29.89
C TYR K 223 37.85 12.65 -31.29
N THR K 224 36.74 12.42 -31.99
CA THR K 224 36.85 11.95 -33.37
C THR K 224 37.52 12.99 -34.26
N ASN K 225 37.42 14.27 -33.88
CA ASN K 225 38.07 15.33 -34.63
C ASN K 225 39.53 15.52 -34.21
N LEU K 226 39.79 15.54 -32.91
CA LEU K 226 41.17 15.74 -32.44
C LEU K 226 42.07 14.59 -32.89
N ASN K 227 41.58 13.36 -32.81
CA ASN K 227 42.41 12.22 -33.19
C ASN K 227 42.83 12.31 -34.65
N ARG K 228 42.01 12.93 -35.49
CA ARG K 228 42.42 13.14 -36.87
C ARG K 228 43.59 14.12 -36.97
N LEU K 229 43.58 15.16 -36.14
CA LEU K 229 44.72 16.05 -36.07
C LEU K 229 45.96 15.31 -35.57
N ILE K 230 45.79 14.46 -34.55
CA ILE K 230 46.91 13.68 -34.04
C ILE K 230 47.43 12.72 -35.09
N GLY K 231 46.57 12.31 -36.03
CA GLY K 231 47.04 11.47 -37.11
C GLY K 231 48.04 12.18 -38.00
N GLN K 232 47.88 13.50 -38.17
CA GLN K 232 48.77 14.25 -39.04
C GLN K 232 50.20 14.23 -38.52
N ILE K 233 50.38 14.45 -37.20
CA ILE K 233 51.73 14.46 -36.65
C ILE K 233 52.38 13.09 -36.81
N VAL K 234 51.61 12.02 -36.65
CA VAL K 234 52.14 10.68 -36.85
C VAL K 234 52.49 10.46 -38.32
N SER K 235 51.60 10.88 -39.22
CA SER K 235 51.85 10.70 -40.64
C SER K 235 53.08 11.46 -41.09
N SER K 236 53.20 12.73 -40.68
CA SER K 236 54.38 13.51 -41.03
C SER K 236 55.64 12.94 -40.41
N ILE K 237 55.55 12.43 -39.18
CA ILE K 237 56.71 11.87 -38.51
C ILE K 237 57.23 10.65 -39.27
N THR K 238 56.31 9.77 -39.70
CA THR K 238 56.68 8.52 -40.34
C THR K 238 56.71 8.61 -41.86
N ALA K 239 56.49 9.81 -42.43
CA ALA K 239 56.48 9.94 -43.89
C ALA K 239 57.82 9.57 -44.49
N SER K 240 58.91 9.89 -43.78
CA SER K 240 60.24 9.59 -44.30
C SER K 240 60.47 8.10 -44.50
N LEU K 241 59.75 7.26 -43.77
CA LEU K 241 59.91 5.81 -43.90
C LEU K 241 59.12 5.24 -45.07
N ARG K 242 58.29 6.03 -45.73
CA ARG K 242 57.44 5.54 -46.80
C ARG K 242 57.69 6.21 -48.14
N PHE K 243 57.77 7.54 -48.17
CA PHE K 243 57.83 8.29 -49.41
C PHE K 243 59.23 8.86 -49.61
N ASP K 244 59.65 8.90 -50.88
CA ASP K 244 60.96 9.40 -51.22
C ASP K 244 61.02 10.92 -51.01
N GLY K 245 62.21 11.41 -50.70
CA GLY K 245 62.43 12.83 -50.50
C GLY K 245 63.83 13.15 -50.06
N ALA K 246 64.30 14.34 -50.42
CA ALA K 246 65.66 14.74 -50.06
C ALA K 246 65.79 14.89 -48.55
N LEU K 247 66.90 14.40 -48.01
CA LEU K 247 67.18 14.49 -46.58
C LEU K 247 66.09 13.78 -45.77
N ASN K 248 65.92 12.49 -46.06
CA ASN K 248 65.00 11.67 -45.30
C ASN K 248 65.51 11.45 -43.88
N VAL K 249 64.59 11.36 -42.94
CA VAL K 249 64.91 11.20 -41.53
C VAL K 249 64.34 9.85 -41.09
N ASP K 250 65.22 8.99 -40.59
CA ASP K 250 64.81 7.66 -40.16
C ASP K 250 64.23 7.72 -38.74
N LEU K 251 63.67 6.60 -38.30
CA LEU K 251 63.01 6.57 -37.00
C LEU K 251 64.00 6.74 -35.87
N THR K 252 65.15 6.07 -35.95
CA THR K 252 66.14 6.11 -34.88
C THR K 252 66.86 7.45 -34.78
N GLU K 253 66.67 8.35 -35.76
CA GLU K 253 67.36 9.63 -35.72
C GLU K 253 66.75 10.58 -34.70
N PHE K 254 65.46 10.42 -34.40
CA PHE K 254 64.79 11.34 -33.46
C PHE K 254 65.44 11.29 -32.09
N GLN K 255 65.69 10.09 -31.57
CA GLN K 255 66.20 9.96 -30.22
C GLN K 255 67.57 10.61 -30.09
N THR K 256 68.44 10.43 -31.08
CA THR K 256 69.77 11.00 -31.00
C THR K 256 69.71 12.52 -30.96
N ASN K 257 68.86 13.12 -31.80
CA ASN K 257 68.80 14.58 -31.89
C ASN K 257 68.06 15.21 -30.73
N LEU K 258 67.01 14.58 -30.22
CA LEU K 258 66.09 15.20 -29.28
C LEU K 258 66.25 14.70 -27.85
N VAL K 259 67.25 13.87 -27.57
CA VAL K 259 67.43 13.33 -26.23
C VAL K 259 68.88 13.55 -25.79
N PRO K 260 69.24 14.75 -25.31
CA PRO K 260 70.61 14.95 -24.83
C PRO K 260 70.98 14.03 -23.69
N TYR K 261 70.05 13.74 -22.79
CA TYR K 261 70.29 12.90 -21.63
C TYR K 261 69.19 11.86 -21.55
N PRO K 262 69.46 10.70 -20.94
CA PRO K 262 68.48 9.61 -20.97
C PRO K 262 67.13 9.99 -20.40
N ARG K 263 67.10 10.83 -19.36
CA ARG K 263 65.83 11.15 -18.72
C ARG K 263 65.08 12.27 -19.44
N ILE K 264 65.80 13.16 -20.12
CA ILE K 264 65.21 14.34 -20.75
C ILE K 264 64.82 13.93 -22.17
N HIS K 265 63.67 13.26 -22.30
CA HIS K 265 63.21 12.75 -23.59
C HIS K 265 61.72 13.03 -23.78
N PHE K 266 61.30 14.25 -23.48
CA PHE K 266 59.90 14.66 -23.58
C PHE K 266 59.78 15.86 -24.52
N PRO K 267 59.88 15.63 -25.83
CA PRO K 267 59.68 16.72 -26.80
C PRO K 267 58.20 16.91 -27.11
N LEU K 268 57.67 18.08 -26.76
CA LEU K 268 56.27 18.37 -27.03
C LEU K 268 56.06 18.57 -28.53
N VAL K 269 54.89 18.18 -29.01
CA VAL K 269 54.61 18.17 -30.44
C VAL K 269 54.07 19.52 -30.88
N THR K 270 54.31 19.86 -32.14
CA THR K 270 53.77 21.06 -32.76
C THR K 270 53.55 20.77 -34.23
N TYR K 271 52.55 21.44 -34.81
CA TYR K 271 52.20 21.22 -36.20
C TYR K 271 51.75 22.52 -36.84
N SER K 272 51.90 22.60 -38.15
CA SER K 272 51.50 23.76 -38.93
C SER K 272 51.44 23.40 -40.41
N PRO K 273 50.50 23.96 -41.17
CA PRO K 273 49.43 24.88 -40.77
C PRO K 273 48.12 24.17 -40.42
N ILE K 274 47.39 24.66 -39.42
CA ILE K 274 46.06 24.17 -39.10
C ILE K 274 45.08 25.28 -39.48
N ILE K 275 44.57 25.22 -40.70
CA ILE K 275 43.71 26.27 -41.24
C ILE K 275 42.50 25.62 -41.88
N SER K 276 41.33 26.21 -41.67
CA SER K 276 40.10 25.70 -42.27
C SER K 276 40.12 25.94 -43.77
N ALA K 277 39.32 25.14 -44.49
CA ALA K 277 39.31 25.20 -45.95
C ALA K 277 38.95 26.61 -46.43
N GLU K 278 37.87 27.17 -45.90
CA GLU K 278 37.46 28.51 -46.33
C GLU K 278 38.49 29.56 -45.94
N LYS K 279 39.06 29.45 -44.73
CA LYS K 279 40.00 30.45 -44.25
C LYS K 279 41.30 30.41 -45.03
N ALA K 280 41.68 29.25 -45.56
CA ALA K 280 42.95 29.12 -46.25
C ALA K 280 43.01 29.92 -47.54
N TYR K 281 41.86 30.20 -48.16
CA TYR K 281 41.87 30.93 -49.41
C TYR K 281 42.40 32.35 -49.25
N HIS K 282 42.45 32.86 -48.02
CA HIS K 282 42.96 34.20 -47.75
C HIS K 282 44.38 34.19 -47.24
N GLU K 283 45.10 33.08 -47.40
CA GLU K 283 46.45 32.94 -46.88
C GLU K 283 47.39 32.49 -47.99
N GLN K 284 48.68 32.79 -47.81
CA GLN K 284 49.70 32.46 -48.79
C GLN K 284 50.40 31.15 -48.48
N LEU K 285 50.62 30.86 -47.20
CA LEU K 285 51.29 29.63 -46.77
C LEU K 285 52.69 29.53 -47.37
N SER K 286 53.50 30.54 -47.07
CA SER K 286 54.91 30.50 -47.44
C SER K 286 55.67 29.64 -46.43
N VAL K 287 56.89 29.24 -46.81
CA VAL K 287 57.70 28.37 -45.97
C VAL K 287 57.96 29.05 -44.63
N PRO K 288 58.43 30.31 -44.60
CA PRO K 288 58.65 30.95 -43.29
C PRO K 288 57.39 31.08 -42.47
N GLU K 289 56.24 31.31 -43.12
CA GLU K 289 55.00 31.50 -42.40
C GLU K 289 54.66 30.28 -41.54
N ILE K 290 54.67 29.11 -42.15
CA ILE K 290 54.40 27.89 -41.40
C ILE K 290 55.51 27.62 -40.40
N THR K 291 56.75 27.95 -40.76
CA THR K 291 57.88 27.70 -39.87
C THR K 291 57.78 28.56 -38.61
N ASN K 292 57.51 29.86 -38.79
CA ASN K 292 57.40 30.76 -37.64
C ASN K 292 56.13 30.51 -36.84
N ALA K 293 55.17 29.77 -37.37
CA ALA K 293 53.94 29.47 -36.66
C ALA K 293 54.14 28.43 -35.57
N CYS K 294 55.27 27.73 -35.56
CA CYS K 294 55.53 26.67 -34.58
C CYS K 294 56.33 27.15 -33.37
N PHE K 295 56.78 28.41 -33.36
CA PHE K 295 57.58 28.95 -32.28
C PHE K 295 56.82 30.02 -31.50
N GLU K 296 55.51 29.81 -31.33
CA GLU K 296 54.68 30.65 -30.49
C GLU K 296 53.83 29.76 -29.60
N TYR K 297 53.62 30.20 -28.35
CA TYR K 297 52.91 29.38 -27.38
C TYR K 297 51.43 29.21 -27.72
N SER K 298 50.93 29.81 -28.80
CA SER K 298 49.56 29.64 -29.23
C SER K 298 49.37 28.46 -30.17
N ASN K 299 50.45 27.82 -30.60
CA ASN K 299 50.38 26.65 -31.47
C ASN K 299 51.25 25.56 -30.85
N GLN K 300 50.67 24.80 -29.93
CA GLN K 300 51.35 23.67 -29.31
C GLN K 300 50.30 22.61 -28.97
N MET K 301 50.73 21.35 -29.04
CA MET K 301 49.86 20.25 -28.62
C MET K 301 49.92 20.00 -27.12
N VAL K 302 50.90 20.57 -26.44
CA VAL K 302 50.98 20.54 -24.98
C VAL K 302 50.92 21.97 -24.49
N LYS K 303 49.97 22.25 -23.59
CA LYS K 303 49.73 23.62 -23.15
C LYS K 303 50.84 24.03 -22.18
N CYS K 304 52.01 24.28 -22.76
CA CYS K 304 53.14 24.85 -22.03
C CYS K 304 53.72 25.98 -22.86
N ASP K 305 54.18 27.02 -22.18
CA ASP K 305 54.70 28.20 -22.86
C ASP K 305 56.20 28.03 -23.08
N PRO K 306 56.66 27.88 -24.32
CA PRO K 306 58.11 27.73 -24.53
C PRO K 306 58.91 28.92 -24.04
N ARG K 307 58.35 30.13 -24.13
CA ARG K 307 59.09 31.32 -23.71
C ARG K 307 59.44 31.28 -22.24
N ARG K 308 58.67 30.55 -21.43
CA ARG K 308 59.02 30.41 -20.02
C ARG K 308 60.34 29.69 -19.85
N GLY K 309 60.56 28.64 -20.64
CA GLY K 309 61.79 27.86 -20.57
C GLY K 309 62.71 28.10 -21.74
N LYS K 310 63.55 27.11 -22.04
CA LYS K 310 64.54 27.22 -23.11
C LYS K 310 64.50 25.95 -23.96
N TYR K 311 64.58 26.13 -25.28
CA TYR K 311 64.73 24.99 -26.16
C TYR K 311 66.12 24.37 -26.00
N MET K 312 66.20 23.06 -26.20
CA MET K 312 67.48 22.36 -26.19
C MET K 312 67.61 21.35 -27.33
N ALA K 313 66.58 21.15 -28.13
CA ALA K 313 66.65 20.31 -29.31
C ALA K 313 65.36 20.46 -30.09
N CYS K 314 65.47 20.46 -31.43
CA CYS K 314 64.31 20.63 -32.29
C CYS K 314 64.51 19.84 -33.57
N CYS K 315 63.50 19.06 -33.94
CA CYS K 315 63.47 18.33 -35.20
C CYS K 315 62.34 18.89 -36.06
N LEU K 316 62.68 19.37 -37.25
CA LEU K 316 61.71 19.91 -38.19
C LEU K 316 61.55 18.93 -39.34
N LEU K 317 60.34 18.42 -39.53
CA LEU K 317 60.03 17.44 -40.55
C LEU K 317 59.11 18.11 -41.58
N TYR K 318 59.73 18.78 -42.54
CA TYR K 318 58.96 19.45 -43.59
C TYR K 318 58.37 18.43 -44.54
N ARG K 319 57.29 18.82 -45.20
CA ARG K 319 56.54 17.93 -46.07
C ARG K 319 55.99 18.71 -47.25
N GLY K 320 55.72 17.99 -48.33
CA GLY K 320 55.20 18.60 -49.54
C GLY K 320 56.29 19.22 -50.39
N ASP K 321 55.86 20.04 -51.34
CA ASP K 321 56.77 20.74 -52.24
C ASP K 321 57.47 21.84 -51.45
N VAL K 322 58.66 21.54 -50.96
CA VAL K 322 59.41 22.45 -50.09
C VAL K 322 60.74 22.78 -50.77
N VAL K 323 61.09 24.07 -50.79
CA VAL K 323 62.40 24.52 -51.25
C VAL K 323 63.32 24.55 -50.04
N PRO K 324 64.27 23.61 -49.92
CA PRO K 324 65.11 23.58 -48.70
C PRO K 324 65.87 24.87 -48.48
N LYS K 325 66.18 25.61 -49.54
CA LYS K 325 66.83 26.91 -49.37
C LYS K 325 65.99 27.82 -48.48
N ASP K 326 64.68 27.86 -48.72
CA ASP K 326 63.81 28.63 -47.84
C ASP K 326 63.82 28.07 -46.43
N VAL K 327 63.88 26.74 -46.30
CA VAL K 327 63.95 26.13 -44.97
C VAL K 327 65.20 26.59 -44.25
N ASN K 328 66.34 26.61 -44.94
CA ASN K 328 67.57 27.09 -44.34
C ASN K 328 67.45 28.55 -43.92
N ALA K 329 66.87 29.38 -44.78
CA ALA K 329 66.72 30.80 -44.45
C ALA K 329 65.75 30.99 -43.28
N ALA K 330 64.61 30.30 -43.32
CA ALA K 330 63.63 30.46 -42.26
C ALA K 330 64.18 30.01 -40.91
N ILE K 331 64.89 28.88 -40.89
CA ILE K 331 65.45 28.39 -39.64
C ILE K 331 66.51 29.35 -39.11
N ALA K 332 67.30 29.95 -40.00
CA ALA K 332 68.34 30.87 -39.56
C ALA K 332 67.74 32.07 -38.86
N ALA K 333 66.62 32.60 -39.36
CA ALA K 333 65.99 33.75 -38.74
C ALA K 333 65.58 33.46 -37.30
N ILE K 334 64.99 32.29 -37.08
CA ILE K 334 64.54 31.92 -35.74
C ILE K 334 65.70 31.83 -34.76
N LYS K 335 66.90 31.56 -35.26
CA LYS K 335 68.08 31.46 -34.40
C LYS K 335 68.58 32.83 -33.94
N THR K 336 68.09 33.91 -34.53
CA THR K 336 68.57 35.25 -34.21
C THR K 336 67.45 36.15 -33.69
N ARG K 337 66.62 35.61 -32.80
CA ARG K 337 65.58 36.38 -32.13
C ARG K 337 65.75 36.24 -30.63
N ARG K 338 65.73 37.38 -29.93
CA ARG K 338 66.00 37.37 -28.49
C ARG K 338 64.93 36.58 -27.74
N SER K 339 63.66 36.71 -28.13
CA SER K 339 62.60 35.99 -27.44
C SER K 339 62.81 34.48 -27.56
N ILE K 340 63.19 34.01 -28.75
CA ILE K 340 63.56 32.60 -28.91
C ILE K 340 64.91 32.38 -28.25
N GLN K 341 64.96 31.42 -27.33
CA GLN K 341 66.14 31.22 -26.49
C GLN K 341 66.47 29.74 -26.44
N PHE K 342 67.63 29.38 -26.99
CA PHE K 342 68.15 28.02 -26.88
C PHE K 342 69.13 27.94 -25.72
N VAL K 343 69.45 26.71 -25.32
CA VAL K 343 70.36 26.52 -24.20
C VAL K 343 71.78 26.84 -24.63
N ASP K 344 72.62 27.17 -23.64
CA ASP K 344 73.97 27.64 -23.94
C ASP K 344 74.82 26.55 -24.57
N TRP K 345 74.70 25.31 -24.11
CA TRP K 345 75.61 24.24 -24.48
C TRP K 345 75.16 23.46 -25.70
N CYS K 346 74.17 23.95 -26.44
CA CYS K 346 73.70 23.30 -27.66
C CYS K 346 73.64 24.32 -28.79
N PRO K 347 74.79 24.74 -29.31
CA PRO K 347 74.77 25.68 -30.44
C PRO K 347 74.07 25.11 -31.66
N THR K 348 74.18 23.81 -31.87
CA THR K 348 73.62 23.14 -33.04
C THR K 348 72.30 22.48 -32.61
N GLY K 349 71.22 23.25 -32.72
CA GLY K 349 69.94 22.84 -32.16
C GLY K 349 68.81 22.67 -33.15
N PHE K 350 69.07 22.04 -34.29
CA PHE K 350 68.00 21.78 -35.26
C PHE K 350 68.30 20.50 -36.02
N LYS K 351 67.24 19.93 -36.59
CA LYS K 351 67.35 18.71 -37.40
C LYS K 351 66.24 18.77 -38.44
N VAL K 352 66.62 19.00 -39.69
CA VAL K 352 65.67 19.20 -40.78
C VAL K 352 65.35 17.86 -41.44
N GLY K 353 64.15 17.77 -42.00
CA GLY K 353 63.72 16.59 -42.72
C GLY K 353 62.65 16.92 -43.74
N ILE K 354 62.79 16.43 -44.96
CA ILE K 354 61.91 16.79 -46.06
C ILE K 354 61.48 15.53 -46.80
N ASN K 355 60.20 15.48 -47.17
CA ASN K 355 59.67 14.40 -47.98
C ASN K 355 58.73 14.98 -49.03
N TYR K 356 58.80 14.44 -50.25
CA TYR K 356 58.01 14.94 -51.37
C TYR K 356 56.66 14.23 -51.40
N GLN K 357 55.82 14.56 -50.42
CA GLN K 357 54.47 14.01 -50.36
C GLN K 357 53.56 14.93 -49.57
N PRO K 358 52.75 15.76 -50.23
CA PRO K 358 51.92 16.70 -49.50
C PRO K 358 50.91 15.97 -48.64
N PRO K 359 50.49 16.56 -47.52
CA PRO K 359 49.50 15.90 -46.66
C PRO K 359 48.20 15.64 -47.41
N THR K 360 47.56 14.53 -47.06
CA THR K 360 46.29 14.15 -47.65
C THR K 360 45.14 14.54 -46.73
N VAL K 361 43.99 14.82 -47.32
CA VAL K 361 42.81 15.28 -46.60
C VAL K 361 41.85 14.10 -46.46
N VAL K 362 41.49 13.77 -45.21
CA VAL K 362 40.48 12.73 -45.02
C VAL K 362 39.15 13.22 -45.58
N PRO K 363 38.37 12.38 -46.25
CA PRO K 363 37.08 12.85 -46.77
C PRO K 363 36.22 13.41 -45.66
N GLY K 364 35.57 14.53 -45.94
CA GLY K 364 34.78 15.22 -44.94
C GLY K 364 35.58 15.82 -43.81
N GLY K 365 36.90 15.90 -43.95
CA GLY K 365 37.73 16.44 -42.90
C GLY K 365 37.60 17.95 -42.78
N ASP K 366 38.06 18.48 -41.65
CA ASP K 366 37.96 19.90 -41.38
C ASP K 366 39.14 20.66 -41.97
N LEU K 367 40.36 20.20 -41.72
CA LEU K 367 41.54 20.91 -42.19
C LEU K 367 41.60 20.91 -43.71
N ALA K 368 42.29 21.91 -44.25
CA ALA K 368 42.30 22.15 -45.68
C ALA K 368 43.32 21.23 -46.38
N LYS K 369 43.42 21.39 -47.70
CA LYS K 369 44.36 20.62 -48.51
C LYS K 369 45.60 21.49 -48.73
N VAL K 370 46.49 21.46 -47.74
CA VAL K 370 47.68 22.31 -47.78
C VAL K 370 48.69 21.71 -48.75
N GLN K 371 49.27 22.57 -49.59
CA GLN K 371 50.34 22.15 -50.48
C GLN K 371 51.62 21.85 -49.73
N ARG K 372 51.75 22.29 -48.48
CA ARG K 372 52.99 22.20 -47.74
C ARG K 372 52.68 22.26 -46.26
N ALA K 373 53.49 21.58 -45.46
CA ALA K 373 53.26 21.49 -44.03
C ALA K 373 54.58 21.24 -43.32
N VAL K 374 54.58 21.42 -42.01
CA VAL K 374 55.76 21.23 -41.18
C VAL K 374 55.32 20.75 -39.80
N CYS K 375 56.15 19.91 -39.19
CA CYS K 375 55.93 19.43 -37.84
C CYS K 375 57.22 19.55 -37.04
N MET K 376 57.10 20.00 -35.81
CA MET K 376 58.23 20.20 -34.92
C MET K 376 58.12 19.28 -33.71
N LEU K 377 59.27 18.82 -33.22
CA LEU K 377 59.38 17.95 -32.06
C LEU K 377 60.34 18.55 -31.05
N SER K 378 60.18 19.84 -30.79
CA SER K 378 61.11 20.54 -29.92
C SER K 378 61.09 19.97 -28.52
N ASN K 379 62.26 19.93 -27.89
CA ASN K 379 62.41 19.52 -26.51
C ASN K 379 62.79 20.75 -25.69
N THR K 380 61.92 21.12 -24.75
CA THR K 380 62.05 22.37 -24.01
C THR K 380 62.00 22.09 -22.51
N THR K 381 62.82 22.84 -21.76
CA THR K 381 62.80 22.74 -20.31
C THR K 381 61.57 23.38 -19.69
N ALA K 382 60.78 24.11 -20.46
CA ALA K 382 59.52 24.65 -19.96
C ALA K 382 58.54 23.55 -19.58
N ILE K 383 58.75 22.33 -20.06
CA ILE K 383 57.90 21.21 -19.69
C ILE K 383 58.08 20.81 -18.24
N ALA K 384 59.21 21.20 -17.63
CA ALA K 384 59.40 20.93 -16.21
C ALA K 384 58.31 21.57 -15.36
N GLU K 385 57.71 22.65 -15.87
CA GLU K 385 56.59 23.27 -15.16
C GLU K 385 55.43 22.29 -15.03
N ALA K 386 55.12 21.57 -16.11
CA ALA K 386 54.02 20.62 -16.07
C ALA K 386 54.29 19.51 -15.07
N TRP K 387 55.52 18.98 -15.05
CA TRP K 387 55.85 17.93 -14.09
C TRP K 387 55.75 18.45 -12.66
N ALA K 388 56.21 19.67 -12.42
CA ALA K 388 56.12 20.25 -11.07
C ALA K 388 54.65 20.39 -10.66
N ARG K 389 53.81 20.85 -11.57
CA ARG K 389 52.38 20.95 -11.26
C ARG K 389 51.79 19.58 -10.96
N LEU K 390 52.16 18.57 -11.75
CA LEU K 390 51.64 17.22 -11.50
C LEU K 390 52.13 16.68 -10.18
N ASP K 391 53.40 16.93 -9.84
CA ASP K 391 53.90 16.53 -8.54
C ASP K 391 53.21 17.29 -7.41
N HIS K 392 52.81 18.53 -7.67
CA HIS K 392 52.10 19.30 -6.66
C HIS K 392 50.72 18.71 -6.38
N LYS K 393 49.99 18.37 -7.44
CA LYS K 393 48.68 17.75 -7.26
C LYS K 393 48.80 16.39 -6.58
N PHE K 394 49.81 15.61 -6.96
CA PHE K 394 50.03 14.32 -6.33
C PHE K 394 50.30 14.48 -4.84
N ASP K 395 51.13 15.46 -4.48
CA ASP K 395 51.48 15.65 -3.07
C ASP K 395 50.28 16.06 -2.24
N LEU K 396 49.35 16.82 -2.82
CA LEU K 396 48.16 17.23 -2.07
C LEU K 396 47.35 16.02 -1.62
N MET K 397 47.17 15.04 -2.50
CA MET K 397 46.35 13.89 -2.18
C MET K 397 47.08 12.90 -1.27
N TYR K 398 48.25 12.44 -1.70
CA TYR K 398 48.96 11.42 -0.93
C TYR K 398 49.39 11.94 0.43
N SER K 399 49.41 13.25 0.63
CA SER K 399 49.74 13.78 1.95
C SER K 399 48.72 13.32 2.97
N LYS K 400 47.43 13.32 2.61
CA LYS K 400 46.37 12.81 3.46
C LYS K 400 46.08 11.33 3.22
N ARG K 401 46.74 10.70 2.26
CA ARG K 401 46.53 9.29 1.96
C ARG K 401 45.06 9.04 1.60
N ALA K 402 44.66 9.67 0.49
CA ALA K 402 43.24 9.82 0.16
C ALA K 402 42.70 8.74 -0.76
N PHE K 403 43.54 8.06 -1.53
CA PHE K 403 43.07 7.05 -2.46
C PHE K 403 43.94 5.81 -2.53
N VAL K 404 44.93 5.66 -1.64
CA VAL K 404 45.89 4.57 -1.78
C VAL K 404 45.20 3.23 -1.55
N HIS K 405 44.14 3.19 -0.75
CA HIS K 405 43.52 1.91 -0.41
C HIS K 405 43.08 1.15 -1.65
N TRP K 406 42.68 1.86 -2.71
CA TRP K 406 42.35 1.18 -3.95
C TRP K 406 43.57 0.49 -4.55
N TYR K 407 44.72 1.15 -4.51
CA TYR K 407 45.93 0.60 -5.12
C TYR K 407 46.54 -0.50 -4.25
N VAL K 408 46.56 -0.30 -2.93
CA VAL K 408 47.17 -1.30 -2.05
C VAL K 408 46.43 -2.62 -2.15
N GLY K 409 45.10 -2.58 -2.21
CA GLY K 409 44.32 -3.79 -2.35
C GLY K 409 44.51 -4.50 -3.66
N GLU K 410 45.17 -3.87 -4.63
CA GLU K 410 45.44 -4.46 -5.93
C GLU K 410 46.87 -4.96 -6.05
N GLY K 411 47.44 -5.44 -4.94
CA GLY K 411 48.79 -5.97 -4.96
C GLY K 411 49.86 -4.95 -5.25
N MET K 412 49.78 -3.77 -4.62
CA MET K 412 50.73 -2.69 -4.84
C MET K 412 51.26 -2.24 -3.48
N GLU K 413 52.59 -2.29 -3.31
CA GLU K 413 53.19 -1.91 -2.05
C GLU K 413 53.03 -0.41 -1.80
N GLU K 414 52.99 -0.04 -0.52
CA GLU K 414 52.78 1.35 -0.15
C GLU K 414 53.91 2.25 -0.62
N GLY K 415 55.15 1.77 -0.50
CA GLY K 415 56.31 2.60 -0.81
C GLY K 415 56.39 3.03 -2.26
N GLU K 416 55.63 2.39 -3.14
CA GLU K 416 55.69 2.74 -4.55
C GLU K 416 55.33 4.21 -4.78
N PHE K 417 54.34 4.71 -4.06
CA PHE K 417 54.01 6.13 -4.15
C PHE K 417 55.17 6.99 -3.68
N SER K 418 55.84 6.58 -2.59
CA SER K 418 56.98 7.35 -2.10
C SER K 418 58.11 7.37 -3.12
N GLU K 419 58.43 6.21 -3.69
CA GLU K 419 59.48 6.17 -4.72
C GLU K 419 59.06 6.95 -5.96
N ALA K 420 57.78 6.87 -6.34
CA ALA K 420 57.35 7.53 -7.55
C ALA K 420 57.55 9.04 -7.47
N ARG K 421 57.20 9.64 -6.34
CA ARG K 421 57.38 11.09 -6.21
C ARG K 421 58.86 11.45 -6.12
N GLU K 422 59.64 10.67 -5.39
CA GLU K 422 61.07 10.96 -5.27
C GLU K 422 61.75 10.90 -6.64
N ASP K 423 61.38 9.91 -7.45
CA ASP K 423 61.94 9.83 -8.79
C ASP K 423 61.58 11.06 -9.62
N MET K 424 60.32 11.50 -9.55
CA MET K 424 59.92 12.72 -10.26
C MET K 424 60.61 13.94 -9.67
N ALA K 425 60.88 13.94 -8.36
CA ALA K 425 61.59 15.05 -7.75
C ALA K 425 62.98 15.21 -8.37
N ALA K 426 63.68 14.09 -8.57
CA ALA K 426 64.98 14.16 -9.23
C ALA K 426 64.85 14.65 -10.66
N LEU K 427 63.76 14.28 -11.33
CA LEU K 427 63.54 14.74 -12.70
C LEU K 427 63.47 16.26 -12.77
N GLU K 428 62.82 16.88 -11.77
CA GLU K 428 62.75 18.33 -11.73
C GLU K 428 64.14 18.93 -11.61
N LYS K 429 64.96 18.41 -10.70
CA LYS K 429 66.31 18.92 -10.54
C LYS K 429 67.15 18.69 -11.79
N ASP K 430 66.98 17.54 -12.43
CA ASP K 430 67.72 17.28 -13.66
C ASP K 430 67.38 18.31 -14.73
N TYR K 431 66.10 18.64 -14.86
CA TYR K 431 65.70 19.70 -15.80
C TYR K 431 66.31 21.03 -15.39
N GLU K 432 66.32 21.33 -14.09
CA GLU K 432 66.83 22.62 -13.63
C GLU K 432 68.30 22.81 -13.99
N GLU K 433 69.11 21.77 -13.75
CA GLU K 433 70.53 21.87 -14.06
C GLU K 433 70.76 22.10 -15.55
N VAL K 434 70.03 21.37 -16.39
CA VAL K 434 70.18 21.53 -17.83
C VAL K 434 69.79 22.91 -18.29
N GLY K 435 68.93 23.61 -17.55
CA GLY K 435 68.49 24.93 -17.93
C GLY K 435 69.52 26.03 -17.72
N THR K 436 70.61 25.73 -17.02
CA THR K 436 71.68 26.69 -16.75
C THR K 436 72.93 26.28 -17.50
N GLU K 437 74.00 27.04 -17.29
CA GLU K 437 75.29 26.80 -17.91
C GLU K 437 76.36 26.66 -16.82
N SER K 438 77.26 25.70 -17.01
CA SER K 438 78.34 25.46 -16.06
C SER K 438 79.49 26.43 -16.30
N MET L 1 54.56 -47.04 -55.57
CA MET L 1 55.04 -47.40 -54.21
C MET L 1 54.23 -48.57 -53.66
N ARG L 2 54.74 -49.17 -52.59
CA ARG L 2 54.18 -50.42 -52.09
C ARG L 2 53.08 -50.17 -51.06
N GLU L 3 52.29 -51.22 -50.82
CA GLU L 3 51.05 -51.12 -50.07
C GLU L 3 51.29 -51.00 -48.57
N CYS L 4 50.29 -50.45 -47.88
CA CYS L 4 50.27 -50.39 -46.42
C CYS L 4 48.86 -50.71 -45.95
N ILE L 5 48.74 -51.55 -44.94
CA ILE L 5 47.45 -52.01 -44.44
C ILE L 5 47.05 -51.15 -43.25
N SER L 6 45.75 -50.87 -43.13
CA SER L 6 45.18 -50.13 -42.03
C SER L 6 44.28 -51.05 -41.21
N ILE L 7 44.52 -51.10 -39.90
CA ILE L 7 43.73 -51.88 -38.97
C ILE L 7 43.07 -50.92 -38.00
N HIS L 8 41.75 -50.90 -37.97
CA HIS L 8 40.98 -50.01 -37.11
C HIS L 8 40.30 -50.84 -36.04
N ILE L 9 40.57 -50.51 -34.78
CA ILE L 9 40.12 -51.31 -33.63
C ILE L 9 39.34 -50.42 -32.69
N GLY L 10 38.24 -50.96 -32.16
CA GLY L 10 37.44 -50.26 -31.18
C GLY L 10 36.56 -49.20 -31.81
N GLN L 11 35.73 -48.58 -30.97
CA GLN L 11 34.88 -47.50 -31.44
C GLN L 11 35.70 -46.32 -31.95
N ALA L 12 36.78 -45.99 -31.22
CA ALA L 12 37.64 -44.90 -31.66
C ALA L 12 38.26 -45.21 -33.02
N GLY L 13 38.80 -46.42 -33.19
CA GLY L 13 39.43 -46.77 -34.44
C GLY L 13 38.46 -46.76 -35.61
N VAL L 14 37.30 -47.39 -35.41
CA VAL L 14 36.32 -47.47 -36.49
C VAL L 14 35.81 -46.08 -36.84
N GLN L 15 35.45 -45.29 -35.83
CA GLN L 15 34.93 -43.95 -36.09
C GLN L 15 36.00 -43.07 -36.71
N MET L 16 37.25 -43.17 -36.21
CA MET L 16 38.35 -42.41 -36.80
C MET L 16 38.66 -42.89 -38.20
N GLY L 17 38.59 -44.20 -38.44
CA GLY L 17 38.93 -44.73 -39.75
C GLY L 17 38.01 -44.20 -40.84
N ASN L 18 36.71 -44.10 -40.53
CA ASN L 18 35.77 -43.58 -41.52
C ASN L 18 36.14 -42.18 -41.96
N ALA L 19 36.62 -41.35 -41.03
CA ALA L 19 37.07 -40.01 -41.40
C ALA L 19 38.26 -40.09 -42.35
N CYS L 20 39.20 -41.00 -42.09
CA CYS L 20 40.39 -41.11 -42.93
C CYS L 20 40.01 -41.48 -44.36
N TRP L 21 39.22 -42.54 -44.53
CA TRP L 21 38.92 -43.04 -45.87
C TRP L 21 38.00 -42.10 -46.65
N GLU L 22 37.37 -41.14 -45.99
CA GLU L 22 36.71 -40.07 -46.72
C GLU L 22 37.73 -39.19 -47.42
N LEU L 23 38.86 -38.93 -46.76
CA LEU L 23 39.92 -38.12 -47.36
C LEU L 23 40.57 -38.84 -48.53
N TYR L 24 40.90 -40.12 -48.36
CA TYR L 24 41.57 -40.86 -49.41
C TYR L 24 40.75 -40.87 -50.70
N CYS L 25 39.44 -41.10 -50.58
CA CYS L 25 38.58 -41.08 -51.77
C CYS L 25 38.63 -39.72 -52.44
N LEU L 26 38.71 -38.64 -51.65
CA LEU L 26 38.76 -37.31 -52.23
C LEU L 26 40.10 -37.02 -52.87
N GLU L 27 41.19 -37.46 -52.24
CA GLU L 27 42.52 -37.21 -52.80
C GLU L 27 42.66 -37.87 -54.16
N HIS L 28 42.20 -39.11 -54.30
CA HIS L 28 42.29 -39.85 -55.56
C HIS L 28 41.03 -39.69 -56.41
N GLY L 29 40.07 -38.89 -55.96
CA GLY L 29 38.86 -38.69 -56.73
C GLY L 29 38.03 -39.94 -56.91
N ILE L 30 37.93 -40.76 -55.87
CA ILE L 30 37.16 -42.00 -55.93
C ILE L 30 35.77 -41.72 -55.40
N GLN L 31 34.75 -42.15 -56.16
CA GLN L 31 33.38 -41.96 -55.73
C GLN L 31 33.07 -42.84 -54.53
N GLN L 32 32.18 -42.36 -53.66
CA GLN L 32 31.82 -43.12 -52.47
C GLN L 32 31.22 -44.48 -52.83
N ASP L 33 30.67 -44.62 -54.04
CA ASP L 33 30.17 -45.91 -54.48
C ASP L 33 31.28 -46.93 -54.71
N GLY L 34 32.54 -46.49 -54.71
CA GLY L 34 33.67 -47.35 -54.96
C GLY L 34 34.19 -47.31 -56.38
N ILE L 35 33.43 -46.76 -57.31
CA ILE L 35 33.80 -46.72 -58.72
C ILE L 35 34.46 -45.39 -59.02
N ILE L 36 35.67 -45.43 -59.55
CA ILE L 36 36.41 -44.23 -59.95
C ILE L 36 35.68 -43.61 -61.13
N PRO L 37 35.66 -42.29 -61.28
CA PRO L 37 35.05 -41.69 -62.47
C PRO L 37 35.70 -42.22 -63.75
N ASP L 38 35.02 -41.94 -64.87
CA ASP L 38 35.45 -42.47 -66.16
C ASP L 38 36.77 -41.88 -66.64
N ASP L 45 46.79 -42.19 -60.43
CA ASP L 45 46.38 -43.52 -60.87
C ASP L 45 47.20 -44.60 -60.18
N SER L 46 48.51 -44.62 -60.41
CA SER L 46 49.37 -45.58 -59.74
C SER L 46 49.46 -45.31 -58.24
N SER L 47 49.00 -44.15 -57.78
CA SER L 47 49.14 -43.80 -56.37
C SER L 47 48.20 -44.61 -55.49
N PHE L 48 46.93 -44.74 -55.89
CA PHE L 48 45.94 -45.36 -55.01
C PHE L 48 46.20 -46.83 -54.75
N GLY L 49 47.09 -47.46 -55.54
CA GLY L 49 47.35 -48.87 -55.34
C GLY L 49 47.88 -49.21 -53.96
N THR L 50 48.48 -48.24 -53.27
CA THR L 50 49.03 -48.52 -51.95
C THR L 50 47.93 -48.74 -50.91
N PHE L 51 46.83 -48.01 -51.01
CA PHE L 51 45.73 -48.12 -50.06
C PHE L 51 44.48 -48.74 -50.65
N PHE L 52 44.40 -48.91 -51.97
CA PHE L 52 43.23 -49.45 -52.62
C PHE L 52 43.62 -50.65 -53.47
N SER L 53 42.81 -51.70 -53.41
CA SER L 53 43.02 -52.90 -54.19
C SER L 53 42.18 -52.86 -55.46
N GLU L 54 42.76 -53.28 -56.57
CA GLU L 54 42.08 -53.22 -57.85
C GLU L 54 41.09 -54.39 -57.99
N THR L 55 40.24 -54.28 -59.01
CA THR L 55 39.26 -55.30 -59.31
C THR L 55 39.00 -55.29 -60.81
N GLY L 56 38.43 -56.40 -61.30
CA GLY L 56 38.11 -56.47 -62.72
C GLY L 56 37.23 -55.31 -63.16
N SER L 57 36.23 -54.98 -62.34
CA SER L 57 35.42 -53.80 -62.59
C SER L 57 36.20 -52.55 -62.16
N GLY L 58 35.53 -51.40 -62.26
CA GLY L 58 36.15 -50.16 -61.84
C GLY L 58 36.09 -49.89 -60.35
N LYS L 59 35.53 -50.81 -59.57
CA LYS L 59 35.33 -50.60 -58.14
C LYS L 59 36.57 -51.06 -57.38
N HIS L 60 37.33 -50.10 -56.84
CA HIS L 60 38.47 -50.42 -56.00
C HIS L 60 38.02 -50.68 -54.58
N VAL L 61 38.77 -51.52 -53.88
CA VAL L 61 38.44 -51.95 -52.53
C VAL L 61 39.50 -51.42 -51.59
N PRO L 62 39.13 -50.74 -50.49
CA PRO L 62 40.14 -50.31 -49.53
C PRO L 62 40.84 -51.50 -48.89
N ARG L 63 42.14 -51.33 -48.64
CA ARG L 63 42.96 -52.38 -48.05
C ARG L 63 43.04 -52.19 -46.53
N ALA L 64 41.87 -52.21 -45.90
CA ALA L 64 41.75 -51.99 -44.47
C ALA L 64 40.80 -53.01 -43.86
N VAL L 65 40.94 -53.21 -42.56
CA VAL L 65 40.11 -54.13 -41.80
C VAL L 65 39.57 -53.41 -40.57
N PHE L 66 38.27 -53.57 -40.31
CA PHE L 66 37.60 -52.95 -39.18
C PHE L 66 37.14 -54.03 -38.22
N VAL L 67 37.48 -53.88 -36.94
CA VAL L 67 37.12 -54.83 -35.90
C VAL L 67 36.54 -54.07 -34.72
N ASP L 68 35.44 -54.58 -34.17
CA ASP L 68 34.84 -53.99 -32.99
C ASP L 68 33.96 -55.05 -32.32
N LEU L 69 34.18 -55.27 -31.03
CA LEU L 69 33.42 -56.26 -30.28
C LEU L 69 31.95 -55.88 -30.12
N GLU L 70 31.59 -54.64 -30.37
CA GLU L 70 30.20 -54.18 -30.28
C GLU L 70 29.68 -53.91 -31.68
N GLN L 71 28.55 -54.54 -32.02
CA GLN L 71 27.99 -54.43 -33.36
C GLN L 71 27.52 -53.03 -33.70
N THR L 72 27.32 -52.17 -32.70
CA THR L 72 26.64 -50.90 -32.94
C THR L 72 27.48 -49.98 -33.84
N VAL L 73 28.77 -49.84 -33.55
CA VAL L 73 29.58 -48.82 -34.22
C VAL L 73 29.71 -49.14 -35.70
N ILE L 74 30.10 -50.37 -36.02
CA ILE L 74 30.33 -50.74 -37.42
C ILE L 74 29.02 -50.75 -38.19
N GLY L 75 27.91 -51.09 -37.54
CA GLY L 75 26.64 -51.11 -38.24
C GLY L 75 26.31 -49.79 -38.90
N GLU L 76 26.74 -48.68 -38.31
CA GLU L 76 26.55 -47.37 -38.94
C GLU L 76 27.29 -47.31 -40.27
N ILE L 77 28.52 -47.81 -40.31
CA ILE L 77 29.27 -47.85 -41.56
C ILE L 77 28.58 -48.78 -42.56
N ARG L 78 28.13 -49.95 -42.07
CA ARG L 78 27.57 -50.95 -42.95
C ARG L 78 26.29 -50.48 -43.63
N THR L 79 25.67 -49.42 -43.12
CA THR L 79 24.44 -48.88 -43.69
C THR L 79 24.59 -47.45 -44.17
N GLY L 80 25.77 -46.85 -44.02
CA GLY L 80 25.99 -45.48 -44.44
C GLY L 80 26.23 -45.39 -45.93
N HIS L 81 26.58 -44.17 -46.35
CA HIS L 81 26.85 -43.93 -47.77
C HIS L 81 28.12 -44.60 -48.25
N TYR L 82 28.94 -45.14 -47.35
CA TYR L 82 30.12 -45.90 -47.72
C TYR L 82 29.92 -47.40 -47.61
N ARG L 83 28.66 -47.86 -47.63
CA ARG L 83 28.40 -49.29 -47.49
C ARG L 83 28.99 -50.07 -48.65
N SER L 84 28.91 -49.53 -49.87
CA SER L 84 29.42 -50.21 -51.06
C SER L 84 30.92 -50.05 -51.23
N LEU L 85 31.58 -49.26 -50.39
CA LEU L 85 33.02 -49.06 -50.55
C LEU L 85 33.81 -50.22 -49.95
N PHE L 86 33.36 -50.77 -48.83
CA PHE L 86 34.12 -51.79 -48.12
C PHE L 86 33.65 -53.19 -48.51
N HIS L 87 34.61 -54.10 -48.62
CA HIS L 87 34.28 -55.51 -48.79
C HIS L 87 33.52 -55.99 -47.56
N PRO L 88 32.38 -56.66 -47.72
CA PRO L 88 31.55 -56.97 -46.54
C PRO L 88 32.26 -57.75 -45.46
N GLU L 89 33.22 -58.61 -45.83
CA GLU L 89 33.89 -59.43 -44.83
C GLU L 89 34.94 -58.66 -44.04
N GLN L 90 35.39 -57.50 -44.55
CA GLN L 90 36.37 -56.72 -43.81
C GLN L 90 35.80 -56.20 -42.50
N LEU L 91 34.55 -55.77 -42.51
CA LEU L 91 33.91 -55.17 -41.33
C LEU L 91 33.55 -56.29 -40.36
N ILE L 92 34.46 -56.55 -39.42
CA ILE L 92 34.29 -57.62 -38.45
C ILE L 92 33.61 -57.06 -37.21
N THR L 93 32.57 -57.73 -36.75
CA THR L 93 31.78 -57.29 -35.60
C THR L 93 31.54 -58.46 -34.65
N GLY L 94 31.62 -58.18 -33.35
CA GLY L 94 31.32 -59.15 -32.33
C GLY L 94 29.85 -59.10 -31.94
N LYS L 95 29.56 -59.75 -30.80
CA LYS L 95 28.20 -59.82 -30.28
C LYS L 95 27.98 -58.97 -29.04
N GLU L 96 29.00 -58.75 -28.23
CA GLU L 96 28.89 -57.96 -27.02
C GLU L 96 30.13 -57.10 -26.84
N ASP L 97 29.95 -55.94 -26.22
CA ASP L 97 31.05 -55.02 -26.01
C ASP L 97 31.97 -55.52 -24.90
N ALA L 98 33.20 -55.01 -24.90
CA ALA L 98 34.20 -55.39 -23.90
C ALA L 98 33.97 -54.70 -22.56
N ALA L 99 33.08 -53.72 -22.50
CA ALA L 99 32.68 -53.09 -21.24
C ALA L 99 33.84 -52.37 -20.57
N ASN L 100 34.62 -51.65 -21.37
CA ASN L 100 35.74 -50.86 -20.86
C ASN L 100 36.63 -51.70 -19.94
N ASN L 101 36.80 -52.97 -20.29
CA ASN L 101 37.56 -53.92 -19.48
C ASN L 101 38.71 -54.46 -20.30
N TYR L 102 39.93 -54.24 -19.81
CA TYR L 102 41.11 -54.75 -20.50
C TYR L 102 41.10 -56.27 -20.55
N ALA L 103 40.69 -56.91 -19.45
CA ALA L 103 40.70 -58.37 -19.40
C ALA L 103 39.76 -58.98 -20.44
N ARG L 104 38.55 -58.42 -20.58
CA ARG L 104 37.60 -58.97 -21.52
C ARG L 104 38.14 -58.93 -22.95
N GLY L 105 38.63 -57.76 -23.38
CA GLY L 105 39.10 -57.61 -24.74
C GLY L 105 40.43 -58.28 -25.02
N HIS L 106 41.10 -58.81 -23.99
CA HIS L 106 42.42 -59.40 -24.14
C HIS L 106 42.46 -60.88 -23.79
N TYR L 107 41.56 -61.37 -22.94
CA TYR L 107 41.63 -62.74 -22.44
C TYR L 107 40.41 -63.57 -22.79
N THR L 108 39.20 -63.07 -22.56
CA THR L 108 37.99 -63.88 -22.65
C THR L 108 37.27 -63.71 -23.98
N ILE L 109 36.84 -62.48 -24.30
CA ILE L 109 36.08 -62.26 -25.52
C ILE L 109 36.98 -61.82 -26.67
N GLY L 110 38.11 -61.19 -26.38
CA GLY L 110 39.00 -60.76 -27.44
C GLY L 110 39.53 -61.93 -28.25
N LYS L 111 39.85 -63.04 -27.57
CA LYS L 111 40.40 -64.20 -28.26
C LYS L 111 39.36 -64.98 -29.05
N GLU L 112 38.07 -64.73 -28.81
CA GLU L 112 37.03 -65.44 -29.54
C GLU L 112 36.95 -64.98 -30.99
N ILE L 113 37.37 -63.74 -31.26
CA ILE L 113 37.28 -63.15 -32.59
C ILE L 113 38.64 -62.75 -33.13
N VAL L 114 39.71 -62.95 -32.37
CA VAL L 114 41.04 -62.53 -32.82
C VAL L 114 41.45 -63.33 -34.05
N ASP L 115 41.19 -64.64 -34.05
CA ASP L 115 41.59 -65.47 -35.17
C ASP L 115 40.87 -65.07 -36.46
N SER L 116 39.62 -64.64 -36.34
CA SER L 116 38.88 -64.21 -37.52
C SER L 116 39.55 -62.99 -38.16
N VAL L 117 40.02 -62.05 -37.34
CA VAL L 117 40.68 -60.87 -37.88
C VAL L 117 41.97 -61.24 -38.59
N LEU L 118 42.76 -62.13 -37.99
CA LEU L 118 44.00 -62.56 -38.63
C LEU L 118 43.74 -63.18 -39.99
N ASP L 119 42.65 -63.96 -40.10
CA ASP L 119 42.33 -64.59 -41.36
C ASP L 119 42.17 -63.57 -42.48
N ARG L 120 41.52 -62.45 -42.18
CA ARG L 120 41.36 -61.39 -43.17
C ARG L 120 42.64 -60.59 -43.36
N VAL L 121 43.47 -60.46 -42.31
CA VAL L 121 44.75 -59.79 -42.47
C VAL L 121 45.68 -60.60 -43.35
N ARG L 122 45.73 -61.92 -43.14
CA ARG L 122 46.59 -62.78 -43.94
C ARG L 122 46.14 -62.80 -45.39
N LYS L 123 44.84 -63.00 -45.61
CA LYS L 123 44.33 -63.03 -46.98
C LYS L 123 44.53 -61.70 -47.69
N MET L 124 44.53 -60.60 -46.93
CA MET L 124 44.80 -59.28 -47.50
C MET L 124 46.28 -58.97 -47.55
N ALA L 125 47.08 -59.50 -46.61
CA ALA L 125 48.51 -59.29 -46.64
C ALA L 125 49.18 -60.16 -47.69
N ASP L 126 48.63 -61.35 -47.97
CA ASP L 126 49.24 -62.24 -48.94
C ASP L 126 49.00 -61.78 -50.38
N GLN L 127 47.96 -60.98 -50.62
CA GLN L 127 47.61 -60.53 -51.97
C GLN L 127 48.36 -59.27 -52.37
N CYS L 128 49.49 -58.98 -51.74
CA CYS L 128 50.34 -57.86 -52.11
C CYS L 128 51.76 -58.38 -52.29
N SER L 129 52.38 -58.04 -53.42
CA SER L 129 53.76 -58.49 -53.67
C SER L 129 54.70 -57.99 -52.59
N GLY L 130 54.55 -56.73 -52.19
CA GLY L 130 55.29 -56.17 -51.08
C GLY L 130 54.34 -55.52 -50.09
N LEU L 131 54.80 -55.37 -48.86
CA LEU L 131 53.97 -54.83 -47.79
C LEU L 131 54.86 -54.02 -46.85
N GLN L 132 54.64 -52.71 -46.80
CA GLN L 132 55.43 -51.84 -45.93
C GLN L 132 55.18 -52.17 -44.47
N GLY L 133 53.92 -52.28 -44.08
CA GLY L 133 53.59 -52.54 -42.69
C GLY L 133 52.10 -52.36 -42.44
N PHE L 134 51.77 -52.11 -41.17
CA PHE L 134 50.40 -51.97 -40.74
C PHE L 134 50.20 -50.63 -40.04
N LEU L 135 49.06 -49.99 -40.32
CA LEU L 135 48.59 -48.84 -39.56
C LEU L 135 47.49 -49.30 -38.63
N ILE L 136 47.59 -48.91 -37.36
CA ILE L 136 46.68 -49.38 -36.32
C ILE L 136 46.13 -48.17 -35.57
N PHE L 137 44.81 -48.08 -35.51
CA PHE L 137 44.12 -47.01 -34.80
C PHE L 137 43.32 -47.62 -33.65
N HIS L 138 43.53 -47.09 -32.45
CA HIS L 138 42.88 -47.65 -31.27
C HIS L 138 42.85 -46.58 -30.19
N SER L 139 42.32 -46.94 -29.01
CA SER L 139 42.21 -46.05 -27.88
C SER L 139 42.67 -46.76 -26.63
N PHE L 140 43.47 -46.07 -25.81
CA PHE L 140 43.90 -46.65 -24.55
C PHE L 140 42.73 -46.82 -23.58
N GLY L 141 41.71 -45.97 -23.69
CA GLY L 141 40.65 -45.93 -22.71
C GLY L 141 39.42 -46.73 -23.08
N GLY L 142 39.63 -47.94 -23.63
CA GLY L 142 38.53 -48.84 -23.94
C GLY L 142 38.94 -50.27 -23.70
N GLY L 143 37.96 -51.15 -23.78
CA GLY L 143 38.22 -52.58 -23.65
C GLY L 143 38.69 -53.16 -24.96
N THR L 144 37.93 -52.89 -26.03
CA THR L 144 38.31 -53.36 -27.35
C THR L 144 39.57 -52.64 -27.85
N GLY L 145 39.63 -51.33 -27.67
CA GLY L 145 40.74 -50.55 -28.18
C GLY L 145 42.04 -50.73 -27.39
N SER L 146 42.00 -51.43 -26.27
CA SER L 146 43.17 -51.65 -25.44
C SER L 146 43.47 -53.11 -25.19
N GLY L 147 42.44 -53.93 -25.00
CA GLY L 147 42.64 -55.35 -24.77
C GLY L 147 42.76 -56.14 -26.05
N PHE L 148 41.85 -55.87 -26.99
CA PHE L 148 41.91 -56.56 -28.28
C PHE L 148 43.10 -56.10 -29.10
N THR L 149 43.47 -54.82 -28.98
CA THR L 149 44.64 -54.32 -29.68
C THR L 149 45.88 -55.09 -29.28
N SER L 150 46.11 -55.22 -27.96
CA SER L 150 47.29 -55.94 -27.48
C SER L 150 47.37 -57.34 -28.08
N LEU L 151 46.22 -57.99 -28.28
CA LEU L 151 46.23 -59.30 -28.94
C LEU L 151 46.79 -59.20 -30.34
N LEU L 152 46.28 -58.25 -31.13
CA LEU L 152 46.75 -58.12 -32.50
C LEU L 152 48.22 -57.74 -32.56
N MET L 153 48.67 -56.85 -31.69
CA MET L 153 50.08 -56.49 -31.65
C MET L 153 50.94 -57.72 -31.41
N GLU L 154 50.51 -58.59 -30.50
CA GLU L 154 51.24 -59.83 -30.25
C GLU L 154 51.16 -60.77 -31.44
N ARG L 155 49.94 -60.98 -31.96
CA ARG L 155 49.79 -61.88 -33.10
C ARG L 155 50.50 -61.35 -34.33
N LEU L 156 50.36 -60.05 -34.60
CA LEU L 156 51.02 -59.44 -35.74
C LEU L 156 52.53 -59.35 -35.58
N SER L 157 53.05 -59.62 -34.38
CA SER L 157 54.48 -59.61 -34.14
C SER L 157 55.15 -60.92 -34.50
N VAL L 158 54.40 -62.01 -34.52
CA VAL L 158 54.95 -63.33 -34.80
C VAL L 158 54.80 -63.66 -36.28
N ASP L 159 53.56 -63.67 -36.76
CA ASP L 159 53.31 -64.08 -38.14
C ASP L 159 53.95 -63.11 -39.13
N TYR L 160 54.00 -61.82 -38.81
CA TYR L 160 54.57 -60.81 -39.68
C TYR L 160 55.65 -60.01 -38.97
N GLY L 161 56.52 -60.70 -38.23
CA GLY L 161 57.60 -60.00 -37.56
C GLY L 161 58.53 -59.31 -38.55
N LYS L 162 59.21 -58.28 -38.07
CA LYS L 162 60.16 -57.53 -38.89
C LYS L 162 59.47 -56.78 -40.01
N LYS L 163 58.20 -56.41 -39.78
CA LYS L 163 57.49 -55.50 -40.67
C LYS L 163 56.89 -54.37 -39.85
N SER L 164 56.81 -53.19 -40.47
CA SER L 164 56.45 -51.99 -39.73
C SER L 164 55.04 -52.10 -39.14
N LYS L 165 54.90 -51.62 -37.91
CA LYS L 165 53.60 -51.57 -37.22
C LYS L 165 53.47 -50.19 -36.59
N LEU L 166 52.94 -49.25 -37.35
CA LEU L 166 52.69 -47.90 -36.86
C LEU L 166 51.28 -47.81 -36.31
N GLU L 167 51.13 -47.02 -35.24
CA GLU L 167 49.84 -46.92 -34.56
C GLU L 167 49.56 -45.49 -34.15
N PHE L 168 48.37 -45.00 -34.49
CA PHE L 168 47.84 -43.77 -33.92
C PHE L 168 46.91 -44.14 -32.77
N SER L 169 47.11 -43.51 -31.62
CA SER L 169 46.40 -43.88 -30.41
C SER L 169 45.84 -42.64 -29.72
N VAL L 170 44.68 -42.81 -29.10
CA VAL L 170 44.03 -41.74 -28.32
C VAL L 170 44.52 -41.91 -26.89
N TYR L 171 45.66 -41.28 -26.60
CA TYR L 171 46.21 -41.32 -25.25
C TYR L 171 45.26 -40.61 -24.29
N PRO L 172 45.12 -41.10 -23.05
CA PRO L 172 44.19 -40.46 -22.12
C PRO L 172 44.54 -38.99 -21.91
N ALA L 173 43.50 -38.17 -21.83
CA ALA L 173 43.71 -36.74 -21.63
C ALA L 173 44.17 -36.45 -20.21
N PRO L 174 44.87 -35.34 -20.00
CA PRO L 174 45.37 -35.05 -18.64
C PRO L 174 44.26 -34.89 -17.61
N GLN L 175 43.27 -34.06 -17.90
CA GLN L 175 42.20 -33.74 -16.95
C GLN L 175 40.86 -34.32 -17.37
N ILE L 176 40.39 -34.03 -18.58
CA ILE L 176 39.11 -34.57 -19.01
C ILE L 176 39.19 -36.09 -19.10
N SER L 177 38.04 -36.74 -18.96
CA SER L 177 37.98 -38.19 -19.01
C SER L 177 36.55 -38.66 -19.24
N THR L 178 36.36 -39.54 -20.21
CA THR L 178 35.04 -40.08 -20.53
C THR L 178 34.83 -41.46 -19.92
N ALA L 179 35.68 -41.86 -18.98
CA ALA L 179 35.54 -43.14 -18.30
C ALA L 179 36.22 -43.05 -16.95
N VAL L 180 36.06 -44.11 -16.15
CA VAL L 180 36.58 -44.14 -14.80
C VAL L 180 37.79 -45.06 -14.66
N VAL L 181 37.92 -46.08 -15.50
CA VAL L 181 38.98 -47.07 -15.38
C VAL L 181 40.10 -46.82 -16.39
N GLU L 182 40.23 -45.59 -16.89
CA GLU L 182 41.31 -45.28 -17.81
C GLU L 182 42.69 -45.60 -17.25
N PRO L 183 43.02 -45.26 -16.01
CA PRO L 183 44.37 -45.59 -15.51
C PRO L 183 44.71 -47.06 -15.59
N TYR L 184 43.78 -47.93 -15.16
CA TYR L 184 44.05 -49.36 -15.20
C TYR L 184 44.20 -49.84 -16.64
N ASN L 185 43.23 -49.52 -17.49
CA ASN L 185 43.25 -50.02 -18.86
C ASN L 185 44.40 -49.44 -19.66
N SER L 186 44.63 -48.13 -19.56
CA SER L 186 45.64 -47.49 -20.38
C SER L 186 47.03 -48.02 -20.08
N ILE L 187 47.36 -48.19 -18.79
CA ILE L 187 48.70 -48.65 -18.42
C ILE L 187 48.91 -50.09 -18.85
N LEU L 188 47.88 -50.93 -18.74
CA LEU L 188 48.03 -52.35 -19.05
C LEU L 188 48.48 -52.56 -20.49
N THR L 189 47.83 -51.86 -21.43
CA THR L 189 48.19 -52.03 -22.83
C THR L 189 49.60 -51.51 -23.12
N THR L 190 49.99 -50.42 -22.48
CA THR L 190 51.34 -49.90 -22.67
C THR L 190 52.38 -50.94 -22.27
N HIS L 191 52.10 -51.71 -21.21
CA HIS L 191 53.02 -52.75 -20.79
C HIS L 191 53.22 -53.79 -21.89
N THR L 192 52.13 -54.16 -22.56
CA THR L 192 52.19 -55.20 -23.59
C THR L 192 52.57 -54.67 -24.96
N THR L 193 52.23 -53.41 -25.26
CA THR L 193 52.49 -52.84 -26.58
C THR L 193 53.87 -52.21 -26.69
N LEU L 194 54.60 -52.09 -25.59
CA LEU L 194 55.94 -51.49 -25.65
C LEU L 194 56.88 -52.35 -26.49
N GLU L 195 56.83 -53.67 -26.31
CA GLU L 195 57.74 -54.57 -26.98
C GLU L 195 57.23 -55.06 -28.33
N HIS L 196 56.05 -54.64 -28.75
CA HIS L 196 55.42 -55.11 -29.98
C HIS L 196 54.88 -53.95 -30.79
N SER L 197 55.69 -52.89 -30.92
CA SER L 197 55.31 -51.75 -31.73
C SER L 197 56.57 -50.98 -32.10
N ASP L 198 56.46 -50.21 -33.19
CA ASP L 198 57.57 -49.40 -33.66
C ASP L 198 57.54 -48.00 -33.05
N CYS L 199 56.45 -47.27 -33.29
CA CYS L 199 56.26 -45.96 -32.69
C CYS L 199 54.77 -45.63 -32.68
N ALA L 200 54.32 -45.01 -31.60
CA ALA L 200 52.91 -44.69 -31.40
C ALA L 200 52.72 -43.19 -31.48
N PHE L 201 51.80 -42.77 -32.34
CA PHE L 201 51.51 -41.35 -32.55
C PHE L 201 50.37 -40.96 -31.63
N MET L 202 50.74 -40.54 -30.41
CA MET L 202 49.75 -40.19 -29.40
C MET L 202 49.00 -38.92 -29.77
N VAL L 203 47.72 -38.89 -29.41
CA VAL L 203 46.88 -37.70 -29.55
C VAL L 203 45.90 -37.67 -28.39
N ASP L 204 45.63 -36.46 -27.88
CA ASP L 204 44.70 -36.26 -26.78
C ASP L 204 43.52 -35.43 -27.27
N ASN L 205 42.31 -35.86 -26.89
CA ASN L 205 41.11 -35.12 -27.28
C ASN L 205 41.07 -33.75 -26.62
N GLU L 206 41.58 -33.63 -25.39
CA GLU L 206 41.63 -32.33 -24.73
C GLU L 206 42.43 -31.33 -25.56
N ALA L 207 43.60 -31.73 -26.05
CA ALA L 207 44.41 -30.84 -26.85
C ALA L 207 43.72 -30.49 -28.16
N ILE L 208 43.14 -31.48 -28.83
CA ILE L 208 42.49 -31.22 -30.12
C ILE L 208 41.29 -30.30 -29.93
N TYR L 209 40.52 -30.50 -28.85
CA TYR L 209 39.42 -29.59 -28.56
C TYR L 209 39.93 -28.18 -28.34
N ASP L 210 41.04 -28.05 -27.60
CA ASP L 210 41.59 -26.73 -27.33
C ASP L 210 42.00 -26.03 -28.61
N ILE L 211 42.68 -26.75 -29.52
CA ILE L 211 43.07 -26.16 -30.80
C ILE L 211 41.84 -25.78 -31.60
N CYS L 212 40.82 -26.65 -31.62
CA CYS L 212 39.64 -26.40 -32.43
C CYS L 212 38.95 -25.09 -32.02
N ASN L 213 38.78 -24.88 -30.72
CA ASN L 213 38.19 -23.64 -30.25
C ASN L 213 39.17 -22.47 -30.32
N ARG L 214 40.47 -22.76 -30.20
CA ARG L 214 41.47 -21.70 -30.18
C ARG L 214 41.83 -21.21 -31.58
N ASN L 215 41.96 -22.13 -32.53
CA ASN L 215 42.40 -21.80 -33.88
C ASN L 215 41.30 -21.95 -34.91
N LEU L 216 40.64 -23.10 -34.98
CA LEU L 216 39.59 -23.30 -35.96
C LEU L 216 38.40 -22.37 -35.74
N ASP L 217 38.27 -21.81 -34.54
CA ASP L 217 37.27 -20.78 -34.26
C ASP L 217 35.85 -21.30 -34.48
N ILE L 218 35.59 -22.49 -33.96
CA ILE L 218 34.24 -23.04 -33.88
C ILE L 218 34.00 -23.47 -32.44
N GLU L 219 32.92 -22.97 -31.84
CA GLU L 219 32.72 -23.12 -30.41
C GLU L 219 32.22 -24.51 -30.01
N ARG L 220 31.57 -25.23 -30.92
CA ARG L 220 30.88 -26.47 -30.60
C ARG L 220 31.35 -27.58 -31.52
N PRO L 221 32.51 -28.16 -31.24
CA PRO L 221 33.01 -29.26 -32.05
C PRO L 221 32.41 -30.59 -31.61
N THR L 222 32.73 -31.64 -32.38
CA THR L 222 32.28 -32.99 -32.09
C THR L 222 33.31 -33.97 -32.66
N TYR L 223 33.21 -35.22 -32.22
CA TYR L 223 34.14 -36.24 -32.70
C TYR L 223 34.13 -36.34 -34.22
N THR L 224 32.99 -36.08 -34.85
CA THR L 224 32.94 -36.06 -36.30
C THR L 224 33.84 -34.98 -36.87
N ASN L 225 34.07 -33.91 -36.10
CA ASN L 225 34.94 -32.83 -36.53
C ASN L 225 36.41 -33.12 -36.23
N LEU L 226 36.70 -33.59 -35.01
CA LEU L 226 38.08 -33.88 -34.64
C LEU L 226 38.66 -34.97 -35.52
N ASN L 227 37.89 -36.03 -35.77
CA ASN L 227 38.42 -37.14 -36.57
C ASN L 227 38.82 -36.68 -37.96
N ARG L 228 38.17 -35.63 -38.49
CA ARG L 228 38.59 -35.08 -39.77
C ARG L 228 39.96 -34.42 -39.65
N LEU L 229 40.21 -33.73 -38.54
CA LEU L 229 41.55 -33.19 -38.30
C LEU L 229 42.57 -34.32 -38.18
N ILE L 230 42.21 -35.39 -37.48
CA ILE L 230 43.12 -36.52 -37.34
C ILE L 230 43.37 -37.18 -38.68
N GLY L 231 42.43 -37.06 -39.62
CA GLY L 231 42.66 -37.57 -40.95
C GLY L 231 43.80 -36.86 -41.65
N GLN L 232 43.94 -35.56 -41.39
CA GLN L 232 44.98 -34.78 -42.06
C GLN L 232 46.37 -35.29 -41.71
N ILE L 233 46.62 -35.56 -40.42
CA ILE L 233 47.94 -36.04 -40.01
C ILE L 233 48.24 -37.38 -40.66
N VAL L 234 47.22 -38.24 -40.78
CA VAL L 234 47.42 -39.53 -41.44
C VAL L 234 47.68 -39.32 -42.92
N SER L 235 46.90 -38.44 -43.56
CA SER L 235 47.07 -38.20 -44.98
C SER L 235 48.46 -37.63 -45.28
N SER L 236 48.88 -36.64 -44.50
CA SER L 236 50.21 -36.06 -44.70
C SER L 236 51.31 -37.08 -44.42
N ILE L 237 51.11 -37.92 -43.40
CA ILE L 237 52.12 -38.92 -43.07
C ILE L 237 52.30 -39.91 -44.21
N THR L 238 51.20 -40.35 -44.81
CA THR L 238 51.25 -41.38 -45.85
C THR L 238 51.27 -40.79 -47.25
N ALA L 239 51.33 -39.47 -47.39
CA ALA L 239 51.33 -38.87 -48.72
C ALA L 239 52.54 -39.32 -49.53
N SER L 240 53.68 -39.49 -48.87
CA SER L 240 54.90 -39.89 -49.57
C SER L 240 54.75 -41.24 -50.26
N LEU L 241 53.86 -42.10 -49.77
CA LEU L 241 53.66 -43.41 -50.37
C LEU L 241 52.73 -43.39 -51.57
N ARG L 242 52.11 -42.26 -51.87
CA ARG L 242 51.14 -42.15 -52.96
C ARG L 242 51.53 -41.16 -54.03
N PHE L 243 51.93 -39.95 -53.65
CA PHE L 243 52.15 -38.87 -54.59
C PHE L 243 53.65 -38.59 -54.74
N ASP L 244 54.04 -38.24 -55.96
CA ASP L 244 55.43 -37.94 -56.25
C ASP L 244 55.86 -36.65 -55.58
N GLY L 245 57.14 -36.57 -55.23
CA GLY L 245 57.69 -35.38 -54.63
C GLY L 245 59.15 -35.54 -54.25
N ALA L 246 59.90 -34.44 -54.25
CA ALA L 246 61.31 -34.50 -53.91
C ALA L 246 61.49 -34.89 -52.45
N LEU L 247 62.46 -35.75 -52.19
CA LEU L 247 62.77 -36.22 -50.85
C LEU L 247 61.55 -36.89 -50.20
N ASN L 248 61.08 -37.94 -50.87
CA ASN L 248 59.99 -38.73 -50.33
C ASN L 248 60.47 -39.51 -49.10
N VAL L 249 59.56 -39.69 -48.15
CA VAL L 249 59.85 -40.38 -46.90
C VAL L 249 58.99 -41.63 -46.87
N ASP L 250 59.63 -42.79 -46.74
CA ASP L 250 58.91 -44.05 -46.71
C ASP L 250 58.39 -44.33 -45.31
N LEU L 251 57.58 -45.38 -45.18
CA LEU L 251 56.95 -45.69 -43.91
C LEU L 251 57.99 -46.14 -42.87
N THR L 252 58.94 -46.98 -43.28
CA THR L 252 59.92 -47.50 -42.35
C THR L 252 60.94 -46.47 -41.90
N GLU L 253 60.96 -45.29 -42.51
CA GLU L 253 61.94 -44.28 -42.14
C GLU L 253 61.60 -43.61 -40.83
N PHE L 254 60.31 -43.56 -40.46
CA PHE L 254 59.91 -42.88 -39.24
C PHE L 254 60.54 -43.52 -38.01
N GLN L 255 60.49 -44.85 -37.93
CA GLN L 255 60.98 -45.53 -36.74
C GLN L 255 62.48 -45.28 -36.54
N THR L 256 63.26 -45.31 -37.61
CA THR L 256 64.70 -45.11 -37.48
C THR L 256 65.00 -43.71 -36.97
N ASN L 257 64.31 -42.70 -37.48
CA ASN L 257 64.61 -41.32 -37.11
C ASN L 257 64.06 -40.95 -35.73
N LEU L 258 62.89 -41.48 -35.36
CA LEU L 258 62.17 -41.00 -34.19
C LEU L 258 62.22 -41.97 -33.01
N VAL L 259 62.99 -43.05 -33.10
CA VAL L 259 63.07 -44.03 -32.02
C VAL L 259 64.53 -44.29 -31.68
N PRO L 260 65.17 -43.43 -30.88
CA PRO L 260 66.57 -43.71 -30.49
C PRO L 260 66.72 -45.02 -29.74
N TYR L 261 65.76 -45.36 -28.89
CA TYR L 261 65.81 -46.57 -28.08
C TYR L 261 64.49 -47.30 -28.23
N PRO L 262 64.48 -48.63 -28.04
CA PRO L 262 63.26 -49.39 -28.34
C PRO L 262 62.05 -48.94 -27.54
N ARG L 263 62.24 -48.49 -26.30
CA ARG L 263 61.11 -48.12 -25.47
C ARG L 263 60.64 -46.70 -25.73
N ILE L 264 61.55 -45.81 -26.16
CA ILE L 264 61.23 -44.40 -26.32
C ILE L 264 60.74 -44.23 -27.76
N HIS L 265 59.47 -44.53 -27.98
CA HIS L 265 58.88 -44.48 -29.31
C HIS L 265 57.49 -43.83 -29.27
N PHE L 266 57.39 -42.70 -28.55
CA PHE L 266 56.12 -41.98 -28.40
C PHE L 266 56.29 -40.55 -28.89
N PRO L 267 56.31 -40.34 -30.20
CA PRO L 267 56.36 -38.99 -30.75
C PRO L 267 54.97 -38.38 -30.85
N LEU L 268 54.74 -37.31 -30.09
CA LEU L 268 53.44 -36.63 -30.14
C LEU L 268 53.27 -35.90 -31.47
N VAL L 269 52.03 -35.84 -31.94
CA VAL L 269 51.74 -35.32 -33.26
C VAL L 269 51.54 -33.81 -33.19
N THR L 270 51.83 -33.14 -34.30
CA THR L 270 51.58 -31.72 -34.45
C THR L 270 51.27 -31.44 -35.92
N TYR L 271 50.46 -30.42 -36.16
CA TYR L 271 50.05 -30.09 -37.51
C TYR L 271 49.93 -28.58 -37.66
N SER L 272 50.06 -28.11 -38.89
CA SER L 272 49.95 -26.70 -39.21
C SER L 272 49.77 -26.53 -40.71
N PRO L 273 48.98 -25.56 -41.17
CA PRO L 273 48.18 -24.60 -40.40
C PRO L 273 46.74 -25.08 -40.18
N ILE L 274 46.17 -24.79 -39.01
CA ILE L 274 44.76 -25.05 -38.73
C ILE L 274 44.08 -23.69 -38.64
N ILE L 275 43.55 -23.22 -39.77
CA ILE L 275 42.96 -21.89 -39.86
C ILE L 275 41.61 -22.00 -40.57
N SER L 276 40.63 -21.27 -40.06
CA SER L 276 39.31 -21.26 -40.68
C SER L 276 39.36 -20.56 -42.03
N ALA L 277 38.37 -20.88 -42.87
CA ALA L 277 38.36 -20.33 -44.23
C ALA L 277 38.35 -18.80 -44.22
N GLU L 278 37.45 -18.21 -43.43
CA GLU L 278 37.37 -16.76 -43.37
C GLU L 278 38.63 -16.16 -42.76
N LYS L 279 39.16 -16.79 -41.71
CA LYS L 279 40.34 -16.23 -41.04
C LYS L 279 41.58 -16.30 -41.91
N ALA L 280 41.64 -17.28 -42.81
CA ALA L 280 42.85 -17.46 -43.63
C ALA L 280 43.07 -16.32 -44.60
N TYR L 281 42.01 -15.60 -44.99
CA TYR L 281 42.18 -14.51 -45.94
C TYR L 281 43.04 -13.38 -45.40
N HIS L 282 43.24 -13.33 -44.07
CA HIS L 282 44.06 -12.30 -43.44
C HIS L 282 45.45 -12.80 -43.10
N GLU L 283 45.87 -13.92 -43.66
CA GLU L 283 47.15 -14.54 -43.35
C GLU L 283 47.93 -14.80 -44.63
N GLN L 284 49.26 -14.86 -44.48
CA GLN L 284 50.15 -15.07 -45.62
C GLN L 284 50.52 -16.54 -45.81
N LEU L 285 50.68 -17.27 -44.70
CA LEU L 285 51.04 -18.69 -44.75
C LEU L 285 52.37 -18.90 -45.48
N SER L 286 53.40 -18.25 -44.96
CA SER L 286 54.75 -18.49 -45.45
C SER L 286 55.30 -19.78 -44.85
N VAL L 287 56.38 -20.29 -45.44
CA VAL L 287 56.97 -21.55 -44.99
C VAL L 287 57.41 -21.43 -43.54
N PRO L 288 58.17 -20.39 -43.16
CA PRO L 288 58.56 -20.27 -41.75
C PRO L 288 57.38 -20.14 -40.81
N GLU L 289 56.31 -19.46 -41.25
CA GLU L 289 55.16 -19.24 -40.37
C GLU L 289 54.56 -20.56 -39.92
N ILE L 290 54.27 -21.45 -40.88
CA ILE L 290 53.72 -22.76 -40.52
C ILE L 290 54.75 -23.58 -39.76
N THR L 291 56.03 -23.44 -40.12
CA THR L 291 57.07 -24.22 -39.46
C THR L 291 57.21 -23.81 -38.00
N ASN L 292 57.26 -22.51 -37.73
CA ASN L 292 57.40 -22.03 -36.36
C ASN L 292 56.11 -22.23 -35.54
N ALA L 293 54.99 -22.52 -36.20
CA ALA L 293 53.74 -22.76 -35.50
C ALA L 293 53.70 -24.12 -34.82
N CYS L 294 54.62 -25.02 -35.14
CA CYS L 294 54.64 -26.36 -34.57
C CYS L 294 55.54 -26.50 -33.36
N PHE L 295 56.28 -25.45 -32.99
CA PHE L 295 57.21 -25.50 -31.87
C PHE L 295 56.74 -24.61 -30.73
N GLU L 296 55.43 -24.55 -30.52
CA GLU L 296 54.84 -23.87 -29.38
C GLU L 296 53.81 -24.79 -28.73
N TYR L 297 53.74 -24.75 -27.40
CA TYR L 297 52.86 -25.66 -26.67
C TYR L 297 51.38 -25.37 -26.90
N SER L 298 51.04 -24.36 -27.68
CA SER L 298 49.66 -24.06 -28.01
C SER L 298 49.17 -24.79 -29.26
N ASN L 299 50.05 -25.48 -29.97
CA ASN L 299 49.68 -26.27 -31.16
C ASN L 299 50.27 -27.66 -31.00
N GLN L 300 49.54 -28.52 -30.31
CA GLN L 300 49.93 -29.92 -30.15
C GLN L 300 48.67 -30.76 -30.06
N MET L 301 48.77 -32.00 -30.56
CA MET L 301 47.67 -32.94 -30.43
C MET L 301 47.69 -33.68 -29.11
N VAL L 302 48.78 -33.60 -28.37
CA VAL L 302 48.89 -34.13 -27.01
C VAL L 302 49.17 -32.96 -26.09
N LYS L 303 48.34 -32.79 -25.07
CA LYS L 303 48.44 -31.62 -24.19
C LYS L 303 49.63 -31.81 -23.26
N CYS L 304 50.82 -31.66 -23.83
CA CYS L 304 52.07 -31.63 -23.08
C CYS L 304 52.91 -30.45 -23.56
N ASP L 305 53.61 -29.81 -22.62
CA ASP L 305 54.39 -28.63 -22.94
C ASP L 305 55.79 -29.05 -23.35
N PRO L 306 56.19 -28.88 -24.62
CA PRO L 306 57.55 -29.29 -24.99
C PRO L 306 58.63 -28.53 -24.23
N ARG L 307 58.38 -27.26 -23.88
CA ARG L 307 59.39 -26.48 -23.18
C ARG L 307 59.74 -27.08 -21.83
N ARG L 308 58.83 -27.83 -21.22
CA ARG L 308 59.16 -28.51 -19.97
C ARG L 308 60.27 -29.53 -20.16
N GLY L 309 60.21 -30.27 -21.27
CA GLY L 309 61.21 -31.28 -21.56
C GLY L 309 62.15 -30.89 -22.68
N LYS L 310 62.72 -31.88 -23.36
CA LYS L 310 63.69 -31.66 -24.43
C LYS L 310 63.32 -32.53 -25.62
N TYR L 311 63.43 -31.96 -26.82
CA TYR L 311 63.29 -32.75 -28.03
C TYR L 311 64.48 -33.68 -28.20
N MET L 312 64.24 -34.83 -28.81
CA MET L 312 65.30 -35.76 -29.14
C MET L 312 65.17 -36.34 -30.54
N ALA L 313 64.11 -36.03 -31.27
CA ALA L 313 63.96 -36.43 -32.66
C ALA L 313 62.74 -35.75 -33.23
N CYS L 314 62.81 -35.34 -34.49
CA CYS L 314 61.71 -34.64 -35.14
C CYS L 314 61.69 -34.98 -36.62
N CYS L 315 60.52 -35.35 -37.12
CA CYS L 315 60.29 -35.58 -38.54
C CYS L 315 59.32 -34.55 -39.07
N LEU L 316 59.75 -33.79 -40.07
CA LEU L 316 58.92 -32.77 -40.71
C LEU L 316 58.52 -33.26 -42.08
N LEU L 317 57.21 -33.39 -42.29
CA LEU L 317 56.65 -33.88 -43.55
C LEU L 317 55.91 -32.73 -44.22
N TYR L 318 56.66 -31.93 -44.97
CA TYR L 318 56.07 -30.81 -45.68
C TYR L 318 55.22 -31.30 -46.84
N ARG L 319 54.25 -30.46 -47.25
CA ARG L 319 53.30 -30.83 -48.27
C ARG L 319 52.94 -29.60 -49.10
N GLY L 320 52.49 -29.85 -50.32
CA GLY L 320 52.11 -28.77 -51.20
C GLY L 320 53.30 -28.17 -51.92
N ASP L 321 53.06 -27.01 -52.52
CA ASP L 321 54.12 -26.28 -53.23
C ASP L 321 55.06 -25.69 -52.21
N VAL L 322 56.16 -26.39 -51.95
CA VAL L 322 57.13 -26.02 -50.92
C VAL L 322 58.47 -25.79 -51.58
N VAL L 323 59.12 -24.68 -51.22
CA VAL L 323 60.50 -24.40 -51.64
C VAL L 323 61.42 -24.99 -50.57
N PRO L 324 62.12 -26.09 -50.85
CA PRO L 324 62.94 -26.70 -49.80
C PRO L 324 63.99 -25.77 -49.24
N LYS L 325 64.46 -24.81 -50.04
CA LYS L 325 65.41 -23.82 -49.53
C LYS L 325 64.84 -23.09 -48.32
N ASP L 326 63.57 -22.68 -48.41
CA ASP L 326 62.92 -22.07 -47.26
C ASP L 326 62.81 -23.05 -46.10
N VAL L 327 62.56 -24.33 -46.40
CA VAL L 327 62.49 -25.34 -45.36
C VAL L 327 63.84 -25.43 -44.64
N ASN L 328 64.93 -25.43 -45.40
CA ASN L 328 66.25 -25.48 -44.80
C ASN L 328 66.50 -24.26 -43.93
N ALA L 329 66.12 -23.07 -44.42
CA ALA L 329 66.33 -21.85 -43.64
C ALA L 329 65.46 -21.84 -42.40
N ALA L 330 64.18 -22.20 -42.54
CA ALA L 330 63.28 -22.19 -41.39
C ALA L 330 63.74 -23.17 -40.31
N ILE L 331 64.14 -24.36 -40.72
CA ILE L 331 64.60 -25.36 -39.75
C ILE L 331 65.86 -24.89 -39.04
N ALA L 332 66.75 -24.22 -39.77
CA ALA L 332 67.99 -23.75 -39.17
C ALA L 332 67.72 -22.74 -38.06
N ALA L 333 66.75 -21.85 -38.26
CA ALA L 333 66.44 -20.85 -37.26
C ALA L 333 65.99 -21.50 -35.95
N ILE L 334 65.13 -22.52 -36.05
CA ILE L 334 64.62 -23.19 -34.87
C ILE L 334 65.75 -23.85 -34.08
N LYS L 335 66.84 -24.22 -34.75
CA LYS L 335 67.97 -24.85 -34.08
C LYS L 335 68.80 -23.86 -33.27
N THR L 336 68.57 -22.55 -33.44
CA THR L 336 69.37 -21.55 -32.75
C THR L 336 68.52 -20.65 -31.87
N ARG L 337 67.60 -21.25 -31.12
CA ARG L 337 66.78 -20.52 -30.16
C ARG L 337 66.94 -21.18 -28.79
N ARG L 338 67.20 -20.36 -27.77
CA ARG L 338 67.48 -20.91 -26.44
C ARG L 338 66.27 -21.64 -25.88
N SER L 339 65.07 -21.09 -26.08
CA SER L 339 63.87 -21.76 -25.57
C SER L 339 63.71 -23.14 -26.17
N ILE L 340 63.95 -23.28 -27.48
CA ILE L 340 63.95 -24.59 -28.11
C ILE L 340 65.22 -25.32 -27.69
N GLN L 341 65.06 -26.51 -27.12
CA GLN L 341 66.16 -27.24 -26.50
C GLN L 341 66.13 -28.68 -26.95
N PHE L 342 67.14 -29.10 -27.70
CA PHE L 342 67.32 -30.49 -28.07
C PHE L 342 68.27 -31.18 -27.09
N VAL L 343 68.28 -32.50 -27.13
CA VAL L 343 69.14 -33.25 -26.22
C VAL L 343 70.60 -33.13 -26.67
N ASP L 344 71.51 -33.35 -25.71
CA ASP L 344 72.92 -33.12 -25.96
C ASP L 344 73.48 -34.10 -26.99
N TRP L 345 73.06 -35.37 -26.92
CA TRP L 345 73.68 -36.43 -27.71
C TRP L 345 73.03 -36.64 -29.07
N CYS L 346 72.18 -35.72 -29.52
CA CYS L 346 71.54 -35.81 -30.83
C CYS L 346 71.71 -34.49 -31.56
N PRO L 347 72.93 -34.19 -32.03
CA PRO L 347 73.12 -32.95 -32.80
C PRO L 347 72.29 -32.91 -34.07
N THR L 348 72.06 -34.08 -34.69
CA THR L 348 71.34 -34.18 -35.94
C THR L 348 69.91 -34.63 -35.63
N GLY L 349 69.05 -33.64 -35.38
CA GLY L 349 67.72 -33.91 -34.87
C GLY L 349 66.56 -33.48 -35.74
N PHE L 350 66.64 -33.75 -37.05
CA PHE L 350 65.54 -33.43 -37.94
C PHE L 350 65.50 -34.43 -39.09
N LYS L 351 64.32 -34.52 -39.71
CA LYS L 351 64.11 -35.40 -40.86
C LYS L 351 63.03 -34.75 -41.73
N VAL L 352 63.43 -34.21 -42.87
CA VAL L 352 62.55 -33.47 -43.74
C VAL L 352 61.90 -34.41 -44.75
N GLY L 353 60.71 -34.03 -45.21
CA GLY L 353 60.00 -34.77 -46.22
C GLY L 353 59.02 -33.90 -46.97
N ILE L 354 59.02 -33.97 -48.29
CA ILE L 354 58.24 -33.08 -49.14
C ILE L 354 57.50 -33.90 -50.18
N ASN L 355 56.24 -33.54 -50.44
CA ASN L 355 55.45 -34.14 -51.49
C ASN L 355 54.66 -33.06 -52.21
N TYR L 356 54.58 -33.17 -53.53
CA TYR L 356 53.91 -32.16 -54.35
C TYR L 356 52.43 -32.50 -54.49
N GLN L 357 51.72 -32.33 -53.38
CA GLN L 357 50.27 -32.57 -53.37
C GLN L 357 49.63 -31.76 -52.24
N PRO L 358 49.03 -30.61 -52.53
CA PRO L 358 48.46 -29.80 -51.46
C PRO L 358 47.32 -30.53 -50.78
N PRO L 359 47.07 -30.26 -49.50
CA PRO L 359 45.97 -30.92 -48.80
C PRO L 359 44.64 -30.62 -49.46
N THR L 360 43.74 -31.61 -49.43
CA THR L 360 42.41 -31.47 -49.99
C THR L 360 41.41 -31.17 -48.88
N VAL L 361 40.35 -30.45 -49.25
CA VAL L 361 39.34 -30.01 -48.30
C VAL L 361 38.12 -30.92 -48.46
N VAL L 362 37.72 -31.55 -47.36
CA VAL L 362 36.49 -32.34 -47.40
C VAL L 362 35.30 -31.41 -47.64
N PRO L 363 34.33 -31.79 -48.47
CA PRO L 363 33.18 -30.89 -48.70
C PRO L 363 32.50 -30.55 -47.38
N GLY L 364 32.14 -29.28 -47.24
CA GLY L 364 31.55 -28.81 -46.00
C GLY L 364 32.50 -28.81 -44.82
N GLY L 365 33.80 -28.99 -45.05
CA GLY L 365 34.75 -29.01 -43.97
C GLY L 365 34.98 -27.64 -43.37
N ASP L 366 35.58 -27.64 -42.17
CA ASP L 366 35.83 -26.40 -41.46
C ASP L 366 37.15 -25.76 -41.89
N LEU L 367 38.23 -26.55 -41.91
CA LEU L 367 39.54 -26.01 -42.25
C LEU L 367 39.57 -25.52 -43.69
N ALA L 368 40.47 -24.57 -43.95
CA ALA L 368 40.52 -23.89 -45.23
C ALA L 368 41.27 -24.73 -46.27
N LYS L 369 41.39 -24.18 -47.47
CA LYS L 369 42.11 -24.82 -48.58
C LYS L 369 43.52 -24.24 -48.62
N VAL L 370 44.39 -24.78 -47.78
CA VAL L 370 45.75 -24.27 -47.67
C VAL L 370 46.57 -24.72 -48.87
N GLN L 371 47.32 -23.78 -49.44
CA GLN L 371 48.25 -24.12 -50.52
C GLN L 371 49.43 -24.94 -50.02
N ARG L 372 49.67 -24.95 -48.72
CA ARG L 372 50.87 -25.57 -48.17
C ARG L 372 50.61 -25.93 -46.71
N ALA L 373 51.25 -27.00 -46.25
CA ALA L 373 51.02 -27.50 -44.91
C ALA L 373 52.25 -28.27 -44.45
N VAL L 374 52.32 -28.51 -43.14
CA VAL L 374 53.43 -29.23 -42.54
C VAL L 374 52.91 -30.03 -41.36
N CYS L 375 53.52 -31.18 -41.12
CA CYS L 375 53.21 -32.03 -39.97
C CYS L 375 54.50 -32.47 -39.30
N MET L 376 54.51 -32.43 -37.98
CA MET L 376 55.68 -32.80 -37.20
C MET L 376 55.36 -34.01 -36.32
N LEU L 377 56.37 -34.85 -36.13
CA LEU L 377 56.28 -36.06 -35.31
C LEU L 377 57.38 -36.06 -34.26
N SER L 378 57.54 -34.92 -33.59
CA SER L 378 58.63 -34.77 -32.64
C SER L 378 58.49 -35.76 -31.49
N ASN L 379 59.63 -36.26 -31.02
CA ASN L 379 59.70 -37.13 -29.85
C ASN L 379 60.37 -36.35 -28.73
N THR L 380 59.64 -36.13 -27.65
CA THR L 380 60.09 -35.26 -26.57
C THR L 380 59.99 -35.99 -25.24
N THR L 381 60.97 -35.73 -24.37
CA THR L 381 60.97 -36.30 -23.03
C THR L 381 59.93 -35.65 -22.12
N ALA L 382 59.33 -34.54 -22.54
CA ALA L 382 58.25 -33.93 -21.78
C ALA L 382 57.03 -34.84 -21.67
N ILE L 383 56.94 -35.85 -22.54
CA ILE L 383 55.84 -36.80 -22.46
C ILE L 383 55.95 -37.69 -21.23
N ALA L 384 57.14 -37.78 -20.63
CA ALA L 384 57.29 -38.55 -19.40
C ALA L 384 56.40 -37.99 -18.30
N GLU L 385 56.06 -36.70 -18.37
CA GLU L 385 55.14 -36.11 -17.40
C GLU L 385 53.78 -36.79 -17.48
N ALA L 386 53.29 -37.03 -18.70
CA ALA L 386 52.00 -37.67 -18.87
C ALA L 386 52.01 -39.08 -18.29
N TRP L 387 53.07 -39.84 -18.56
CA TRP L 387 53.15 -41.19 -18.01
C TRP L 387 53.20 -41.17 -16.49
N ALA L 388 53.96 -40.23 -15.92
CA ALA L 388 54.01 -40.12 -14.46
C ALA L 388 52.64 -39.81 -13.88
N ARG L 389 51.92 -38.89 -14.52
CA ARG L 389 50.57 -38.58 -14.06
C ARG L 389 49.67 -39.80 -14.15
N LEU L 390 49.76 -40.55 -15.25
CA LEU L 390 48.93 -41.75 -15.40
C LEU L 390 49.30 -42.79 -14.35
N ASP L 391 50.60 -42.96 -14.08
CA ASP L 391 51.01 -43.87 -13.02
C ASP L 391 50.54 -43.39 -11.66
N HIS L 392 50.45 -42.07 -11.47
CA HIS L 392 49.97 -41.53 -10.21
C HIS L 392 48.50 -41.87 -10.00
N LYS L 393 47.68 -41.66 -11.03
CA LYS L 393 46.26 -41.99 -10.95
C LYS L 393 46.06 -43.49 -10.74
N PHE L 394 46.85 -44.31 -11.44
CA PHE L 394 46.75 -45.76 -11.26
C PHE L 394 47.08 -46.16 -9.83
N ASP L 395 48.12 -45.56 -9.26
CA ASP L 395 48.54 -45.93 -7.91
C ASP L 395 47.47 -45.56 -6.88
N LEU L 396 46.75 -44.46 -7.10
CA LEU L 396 45.72 -44.06 -6.15
C LEU L 396 44.64 -45.13 -6.03
N MET L 397 44.22 -45.71 -7.16
CA MET L 397 43.14 -46.69 -7.14
C MET L 397 43.62 -48.05 -6.66
N TYR L 398 44.63 -48.60 -7.33
CA TYR L 398 45.10 -49.95 -6.99
C TYR L 398 45.66 -50.02 -5.58
N SER L 399 46.01 -48.89 -4.97
CA SER L 399 46.47 -48.91 -3.60
C SER L 399 45.39 -49.44 -2.67
N LYS L 400 44.14 -49.03 -2.90
CA LYS L 400 42.99 -49.54 -2.15
C LYS L 400 42.35 -50.75 -2.81
N ARG L 401 42.82 -51.15 -3.99
CA ARG L 401 42.27 -52.31 -4.69
C ARG L 401 40.78 -52.08 -4.98
N ALA L 402 40.52 -51.05 -5.79
CA ALA L 402 39.18 -50.49 -5.92
C ALA L 402 38.37 -51.06 -7.08
N PHE L 403 39.02 -51.61 -8.10
CA PHE L 403 38.29 -52.13 -9.26
C PHE L 403 38.84 -53.45 -9.79
N VAL L 404 39.78 -54.08 -9.09
CA VAL L 404 40.43 -55.27 -9.65
C VAL L 404 39.45 -56.42 -9.80
N HIS L 405 38.42 -56.47 -8.95
CA HIS L 405 37.51 -57.62 -8.98
C HIS L 405 36.88 -57.81 -10.35
N TRP L 406 36.65 -56.72 -11.09
CA TRP L 406 36.15 -56.86 -12.45
C TRP L 406 37.15 -57.57 -13.34
N TYR L 407 38.43 -57.24 -13.21
CA TYR L 407 39.45 -57.83 -14.07
C TYR L 407 39.80 -59.25 -13.65
N VAL L 408 39.88 -59.51 -12.34
CA VAL L 408 40.24 -60.84 -11.88
C VAL L 408 39.20 -61.86 -12.33
N GLY L 409 37.93 -61.50 -12.24
CA GLY L 409 36.87 -62.39 -12.68
C GLY L 409 36.85 -62.66 -14.17
N GLU L 410 37.64 -61.91 -14.94
CA GLU L 410 37.73 -62.08 -16.38
C GLU L 410 39.00 -62.83 -16.78
N GLY L 411 39.46 -63.75 -15.95
CA GLY L 411 40.64 -64.54 -16.26
C GLY L 411 41.92 -63.74 -16.31
N MET L 412 42.13 -62.85 -15.34
CA MET L 412 43.32 -62.01 -15.30
C MET L 412 43.97 -62.15 -13.92
N GLU L 413 45.23 -62.55 -13.90
CA GLU L 413 45.93 -62.76 -12.64
C GLU L 413 46.15 -61.42 -11.92
N GLU L 414 46.23 -61.50 -10.59
CA GLU L 414 46.35 -60.29 -9.78
C GLU L 414 47.67 -59.58 -10.06
N GLY L 415 48.76 -60.33 -10.20
CA GLY L 415 50.08 -59.73 -10.34
C GLY L 415 50.24 -58.87 -11.59
N GLU L 416 49.33 -58.99 -12.54
CA GLU L 416 49.45 -58.23 -13.78
C GLU L 416 49.47 -56.73 -13.50
N PHE L 417 48.63 -56.27 -12.56
CA PHE L 417 48.66 -54.87 -12.17
C PHE L 417 50.00 -54.50 -11.57
N SER L 418 50.56 -55.38 -10.74
CA SER L 418 51.86 -55.11 -10.13
C SER L 418 52.94 -54.99 -11.20
N GLU L 419 52.97 -55.94 -12.14
CA GLU L 419 53.95 -55.88 -13.22
C GLU L 419 53.73 -54.67 -14.10
N ALA L 420 52.46 -54.33 -14.37
CA ALA L 420 52.17 -53.22 -15.26
C ALA L 420 52.74 -51.92 -14.73
N ARG L 421 52.58 -51.65 -13.44
CA ARG L 421 53.10 -50.41 -12.88
C ARG L 421 54.62 -50.42 -12.82
N GLU L 422 55.20 -51.57 -12.44
CA GLU L 422 56.66 -51.65 -12.37
C GLU L 422 57.28 -51.41 -13.75
N ASP L 423 56.67 -51.97 -14.80
CA ASP L 423 57.16 -51.73 -16.14
C ASP L 423 57.10 -50.25 -16.50
N MET L 424 55.99 -49.60 -16.17
CA MET L 424 55.90 -48.16 -16.42
C MET L 424 56.86 -47.37 -15.55
N ALA L 425 57.15 -47.88 -14.34
CA ALA L 425 58.12 -47.21 -13.48
C ALA L 425 59.49 -47.17 -14.14
N ALA L 426 59.90 -48.28 -14.76
CA ALA L 426 61.16 -48.31 -15.47
C ALA L 426 61.13 -47.35 -16.66
N LEU L 427 59.97 -47.22 -17.31
CA LEU L 427 59.86 -46.30 -18.43
C LEU L 427 60.15 -44.88 -18.00
N GLU L 428 59.69 -44.49 -16.81
CA GLU L 428 59.97 -43.16 -16.31
C GLU L 428 61.47 -42.95 -16.13
N LYS L 429 62.15 -43.92 -15.52
CA LYS L 429 63.59 -43.80 -15.33
C LYS L 429 64.33 -43.79 -16.67
N ASP L 430 63.88 -44.60 -17.62
CA ASP L 430 64.51 -44.60 -18.93
C ASP L 430 64.41 -43.23 -19.59
N TYR L 431 63.25 -42.59 -19.49
CA TYR L 431 63.11 -41.23 -19.99
C TYR L 431 64.02 -40.27 -19.25
N GLU L 432 64.14 -40.43 -17.93
CA GLU L 432 64.93 -39.51 -17.14
C GLU L 432 66.40 -39.56 -17.56
N GLU L 433 66.95 -40.76 -17.74
CA GLU L 433 68.35 -40.88 -18.12
C GLU L 433 68.60 -40.24 -19.48
N VAL L 434 67.70 -40.46 -20.44
CA VAL L 434 67.86 -39.89 -21.77
C VAL L 434 67.81 -38.37 -21.73
N GLY L 435 67.15 -37.80 -20.72
CA GLY L 435 67.06 -36.35 -20.62
C GLY L 435 68.32 -35.65 -20.18
N THR L 436 69.31 -36.39 -19.71
CA THR L 436 70.58 -35.84 -19.26
C THR L 436 71.70 -36.26 -20.21
N GLU L 437 72.92 -35.86 -19.87
CA GLU L 437 74.11 -36.16 -20.66
C GLU L 437 75.11 -36.89 -19.79
N SER L 438 75.75 -37.92 -20.35
CA SER L 438 76.75 -38.69 -19.62
C SER L 438 78.10 -37.98 -19.66
PB GDP M . -61.62 36.05 41.22
O1B GDP M . -60.16 36.24 41.53
O2B GDP M . -62.33 35.52 42.44
O3B GDP M . -61.78 35.11 40.06
O3A GDP M . -62.24 37.48 40.83
PA GDP M . -62.80 37.76 39.35
O1A GDP M . -64.29 37.58 39.29
O2A GDP M . -62.10 36.90 38.33
O5' GDP M . -62.43 39.31 39.16
C5' GDP M . -63.46 40.25 38.89
C4' GDP M . -62.89 41.35 38.04
O4' GDP M . -62.48 40.78 36.79
C3' GDP M . -63.92 42.42 37.73
O3' GDP M . -63.41 43.68 38.18
C2' GDP M . -64.08 42.45 36.23
O2' GDP M . -63.90 43.77 35.73
C1' GDP M . -62.99 41.55 35.70
N9 GDP M . -63.57 40.62 34.73
C8 GDP M . -64.39 39.59 35.01
N7 GDP M . -64.74 38.94 33.88
C5 GDP M . -64.13 39.54 32.85
C6 GDP M . -64.06 39.37 31.39
O6 GDP M . -64.69 38.45 30.82
N1 GDP M . -63.31 40.22 30.68
C2 GDP M . -62.62 41.22 31.26
N2 GDP M . -61.89 42.03 30.47
N3 GDP M . -62.64 41.44 32.59
C4 GDP M . -63.36 40.65 33.41
H3 GDP M . -62.10 42.20 32.99
H5' GDP M . -64.28 39.75 38.36
H5'' GDP M . -63.85 40.67 39.82
H4' GDP M . -62.03 41.80 38.53
H3' GDP M . -64.87 42.18 38.22
HO3' GDP M . -63.87 44.39 37.71
H2' GDP M . -65.06 42.07 35.94
HO2' GDP M . -63.52 43.73 34.85
H1' GDP M . -62.20 42.14 35.25
H8 GDP M . -64.73 39.33 36.00
HN21 GDP M . -61.86 41.88 29.47
HN22 GDP M . -61.36 42.79 30.88
PB GDP N . -55.20 -16.39 51.43
O1B GDP N . -53.73 -16.66 51.65
O2B GDP N . -55.99 -17.13 52.48
O3B GDP N . -55.60 -16.84 50.05
O3A GDP N . -55.45 -14.82 51.58
PA GDP N . -55.95 -13.95 50.34
O1A GDP N . -57.45 -13.76 50.37
O2A GDP N . -55.50 -14.55 49.03
O5' GDP N . -55.22 -12.55 50.62
C5' GDP N . -56.00 -11.36 50.77
C4' GDP N . -55.18 -10.20 50.25
O4' GDP N . -54.95 -10.39 48.86
C3' GDP N . -55.91 -8.89 50.41
O3' GDP N . -55.11 -8.00 51.18
C2' GDP N . -56.09 -8.33 49.02
O2' GDP N . -55.60 -6.98 48.95
C1' GDP N . -55.27 -9.22 48.13
N9 GDP N . -56.08 -9.61 46.97
C8 GDP N . -57.12 -10.46 46.99
N7 GDP N . -57.65 -10.60 45.74
C5 GDP N . -56.92 -9.84 44.92
C6 GDP N . -56.92 -9.53 43.47
O6 GDP N . -57.77 -10.04 42.71
N1 GDP N . -56.01 -8.68 43.00
C2 GDP N . -55.08 -8.11 43.80
N2 GDP N . -54.18 -7.27 43.25
N3 GDP N . -55.02 -8.36 45.14
C4 GDP N . -55.90 -9.19 45.72
H3 GDP N . -54.30 -7.91 45.69
H5' GDP N . -56.91 -11.45 50.19
H5'' GDP N . -56.24 -11.21 51.82
H4' GDP N . -54.22 -10.16 50.78
H3' GDP N . -56.89 -9.05 50.89
HO3' GDP N . -55.38 -7.09 51.01
H2' GDP N . -57.14 -8.36 48.73
HO2' GDP N . -55.26 -6.82 48.07
H1' GDP N . -54.36 -8.70 47.81
H8 GDP N . -57.49 -10.95 47.88
HN21 GDP N . -54.21 -7.08 42.25
HN22 GDP N . -53.47 -6.84 43.82
PB GDP O . -61.87 -69.23 43.53
O1B GDP O . -60.51 -69.87 43.50
O2B GDP O . -62.80 -70.06 44.36
O3B GDP O . -62.40 -69.09 42.13
O3A GDP O . -61.73 -67.78 44.19
PA GDP O . -62.02 -66.45 43.34
O1A GDP O . -63.42 -65.95 43.57
O2A GDP O . -61.75 -66.67 41.88
O5' GDP O . -60.96 -65.42 43.97
C5' GDP O . -61.43 -64.21 44.56
C4' GDP O . -60.36 -63.15 44.36
O4' GDP O . -60.20 -62.93 42.97
C3' GDP O . -60.75 -61.84 44.99
O3' GDP O . -59.74 -61.46 45.94
C2' GDP O . -60.81 -60.83 43.88
O2' GDP O . -60.01 -59.69 44.19
C1' GDP O . -60.25 -61.54 42.68
N9 GDP O . -61.14 -61.33 41.54
C8 GDP O . -62.36 -61.89 41.39
N7 GDP O . -62.92 -61.49 40.22
C5 GDP O . -62.05 -60.68 39.61
C6 GDP O . -62.00 -59.92 38.34
O6 GDP O . -62.95 -59.94 37.54
N1 GDP O . -60.90 -59.20 38.08
C2 GDP O . -59.86 -59.15 38.92
N2 GDP O . -58.79 -58.40 38.57
N3 GDP O . -59.83 -59.82 40.09
C4 GDP O . -60.88 -60.58 40.48
H3 GDP O . -59.03 -59.75 40.69
H5' GDP O . -61.61 -64.36 45.62
H5'' GDP O . -62.35 -63.89 44.06
H4' GDP O . -59.41 -63.50 44.79
H3' GDP O . -61.72 -61.93 45.49
HO3' GDP O . -59.78 -60.52 46.08
H2' GDP O . -61.85 -60.53 43.69
HO2' GDP O . -59.65 -59.32 43.38
H1' GDP O . -59.24 -61.16 42.44
H8 GDP O . -62.82 -62.54 42.10
HN21 GDP O . -58.79 -57.89 37.70
HN22 GDP O . -57.99 -58.34 39.19
PB GDP P . 2.67 48.73 -6.51
O1B GDP P . 4.13 48.93 -6.20
O2B GDP P . 1.95 48.20 -5.30
O3B GDP P . 2.51 47.77 -7.67
O3A GDP P . 2.04 50.14 -6.92
PA GDP P . 1.48 50.41 -8.40
O1A GDP P . -0.01 50.21 -8.46
O2A GDP P . 2.18 49.55 -9.42
O5' GDP P . 1.84 51.97 -8.60
C5' GDP P . 0.79 52.89 -8.89
C4' GDP P . 1.38 53.98 -9.76
O4' GDP P . 1.78 53.42 -10.99
C3' GDP P . 0.34 55.04 -10.06
O3' GDP P . 0.83 56.31 -9.63
C2' GDP P . 0.18 55.06 -11.56
O2' GDP P . 0.35 56.38 -12.08
C1' GDP P . 1.27 54.16 -12.08
N9 GDP P . 0.69 53.22 -13.05
C8 GDP P . -0.11 52.20 -12.77
N7 GDP P . -0.46 51.53 -13.89
C5 GDP P . 0.15 52.12 -14.92
C6 GDP P . 0.22 51.94 -16.38
O6 GDP P . -0.39 51.01 -16.94
N1 GDP P . 0.97 52.80 -17.09
C2 GDP P . 1.65 53.80 -16.52
N2 GDP P . 2.38 54.62 -17.32
N3 GDP P . 1.63 54.04 -15.19
C4 GDP P . 0.91 53.25 -14.36
H3 GDP P . 2.16 54.81 -14.81
H5' GDP P . -0.01 52.38 -9.42
H5'' GDP P . 0.41 53.31 -7.96
H4' GDP P . 2.23 54.44 -9.26
H3' GDP P . -0.61 54.81 -9.58
HO3' GDP P . 0.38 57.01 -10.11
H2' GDP P . -0.80 54.67 -11.85
HO2' GDP P . 0.74 56.34 -12.96
H1' GDP P . 2.06 54.75 -12.55
H8 GDP P . -0.45 51.94 -11.77
HN21 GDP P . 2.40 54.46 -18.31
HN22 GDP P . 2.90 55.38 -16.91
PB GDP Q . 9.43 -3.54 4.18
O1B GDP Q . 10.90 -3.80 4.40
O2B GDP Q . 8.63 -4.26 5.23
O3B GDP Q . 9.03 -3.99 2.81
O3A GDP Q . 9.16 -1.96 4.32
PA GDP Q . 8.66 -1.10 3.06
O1A GDP Q . 7.17 -0.93 3.09
O2A GDP Q . 9.12 -1.71 1.76
O5' GDP Q . 9.38 0.30 3.33
C5' GDP Q . 8.59 1.48 3.45
C4' GDP Q . 9.41 2.65 2.93
O4' GDP Q . 9.65 2.44 1.54
C3' GDP Q . 8.65 3.96 3.08
O3' GDP Q . 9.45 4.86 3.85
C2' GDP Q . 8.48 4.50 1.68
O2' GDP Q . 8.96 5.85 1.60
C1' GDP Q . 9.31 3.61 0.80
N9 GDP Q . 8.50 3.20 -0.36
C8 GDP Q . 7.47 2.35 -0.33
N7 GDP Q . 6.96 2.18 -1.57
C5 GDP Q . 7.68 2.94 -2.41
C6 GDP Q . 7.68 3.24 -3.85
O6 GDP Q . 6.84 2.71 -4.62
N1 GDP Q . 8.60 4.08 -4.33
C2 GDP Q . 9.50 4.66 -3.54
N2 GDP Q . 10.40 5.51 -4.10
N3 GDP Q . 9.57 4.44 -2.20
C4 GDP Q . 8.69 3.61 -1.60
H3 GDP Q . 10.28 4.90 -1.65
H5' GDP Q . 7.67 1.37 2.88
H5'' GDP Q . 8.34 1.65 4.51
H4' GDP Q . 10.36 2.71 3.46
H3' GDP Q . 7.69 3.79 3.56
HO3' GDP Q . 9.18 5.75 3.66
H2' GDP Q . 7.43 4.46 1.39
HO2' GDP Q . 9.31 6.01 0.72
H1' GDP Q . 10.22 4.13 0.47
H8 GDP Q . 7.10 1.85 0.56
HN21 GDP Q . 10.37 5.69 -5.10
HN22 GDP Q . 11.11 5.96 -3.53
PB GDP R . 3.21 -56.48 -3.12
O1B GDP R . 4.57 -57.11 -3.14
O2B GDP R . 2.26 -57.31 -2.29
O3B GDP R . 2.68 -56.35 -4.54
O3A GDP R . 3.32 -55.02 -2.47
PA GDP R . 3.03 -53.70 -3.34
O1A GDP R . 1.62 -53.21 -3.12
O2A GDP R . 3.30 -53.94 -4.81
O5' GDP R . 4.07 -52.66 -2.72
C5' GDP R . 3.60 -51.44 -2.15
C4' GDP R . 4.67 -50.38 -2.35
O4' GDP R . 4.82 -50.17 -3.76
C3' GDP R . 4.26 -49.06 -1.73
O3' GDP R . 5.26 -48.67 -0.80
C2' GDP R . 4.19 -48.07 -2.86
O2' GDP R . 4.98 -46.91 -2.56
C1' GDP R . 4.77 -48.78 -4.05
N9 GDP R . 3.87 -48.60 -5.21
C8 GDP R . 2.66 -49.16 -5.35
N7 GDP R . 2.10 -48.78 -6.52
C5 GDP R . 2.97 -47.98 -7.14
C6 GDP R . 3.02 -47.22 -8.41
O6 GDP R . 2.06 -47.26 -9.22
N1 GDP R . 4.11 -46.50 -8.67
C2 GDP R . 5.15 -46.43 -7.83
N2 GDP R . 6.21 -45.67 -8.19
N3 GDP R . 5.18 -47.10 -6.66
C4 GDP R . 4.13 -47.85 -6.27
H3 GDP R . 5.98 -47.01 -6.06
H5' GDP R . 3.41 -51.59 -1.09
H5'' GDP R . 2.68 -51.14 -2.65
H4' GDP R . 5.61 -50.72 -1.93
H3' GDP R . 3.28 -49.16 -1.25
HO3' GDP R . 5.21 -47.72 -0.66
H2' GDP R . 3.16 -47.77 -3.05
HO2' GDP R . 5.35 -46.55 -3.38
H1' GDP R . 5.76 -48.40 -4.29
H8 GDP R . 2.19 -49.82 -4.63
HN21 GDP R . 6.21 -45.17 -9.06
HN22 GDP R . 7.01 -45.60 -7.57
PG GTP S . -30.28 42.06 18.66
O1G GTP S . -31.30 41.41 17.75
O2G GTP S . -29.81 41.08 19.69
O3G GTP S . -30.90 43.25 19.35
O3B GTP S . -29.05 42.57 17.76
PB GTP S . -29.26 42.91 16.20
O1B GTP S . -29.96 41.76 15.52
O2B GTP S . -27.94 43.22 15.55
O3A GTP S . -30.21 44.21 16.20
PA GTP S . -30.28 45.14 14.89
O1A GTP S . -31.74 45.32 14.49
O2A GTP S . -29.48 44.58 13.74
O5' GTP S . -29.71 46.57 15.34
C5' GTP S . -30.55 47.69 15.24
C4' GTP S . -30.34 48.41 13.92
O4' GTP S . -30.12 47.54 12.83
C3' GTP S . -31.59 49.18 13.54
O3' GTP S . -31.54 50.49 14.06
C2' GTP S . -31.57 49.20 12.03
O2' GTP S . -31.27 50.49 11.56
C1' GTP S . -30.48 48.21 11.62
N9 GTP S . -30.97 47.27 10.61
C8 GTP S . -31.70 46.13 10.83
N7 GTP S . -31.95 45.54 9.64
C5 GTP S . -31.39 46.25 8.66
C6 GTP S . -31.35 46.08 7.29
O6 GTP S . -31.90 45.11 6.76
N1 GTP S . -30.70 46.99 6.50
C2 GTP S . -30.08 48.07 7.08
N2 GTP S . -29.44 48.95 6.32
N3 GTP S . -30.12 48.25 8.45
C4 GTP S . -30.76 47.35 9.24
H3 GTP S . -29.66 49.04 8.87
H5' GTP S . -31.58 47.36 15.31
H5'' GTP S . -30.34 48.37 16.07
H4' GTP S . -29.51 49.10 14.01
H3' GTP S . -32.48 48.67 13.90
HO3' GTP S . -32.42 50.80 14.24
H2' GTP S . -32.54 48.87 11.63
HO2' GTP S . -32.00 50.82 11.04
H1' GTP S . -29.62 48.75 11.25
H8 GTP S . -32.01 45.78 11.80
HN21 GTP S . -29.41 48.83 5.32
HN22 GTP S . -28.99 49.75 6.74
MG MG T . -31.56 40.25 16.45
PG GTP U . -23.78 -10.46 28.97
O1G GTP U . -24.94 -10.54 28.00
O2G GTP U . -23.54 -11.81 29.58
O3G GTP U . -24.08 -9.48 30.06
O3B GTP U . -22.47 -9.99 28.17
PB GTP U . -22.63 -9.11 26.83
O1B GTP U . -23.60 -9.78 25.88
O2B GTP U . -21.29 -8.90 26.17
O3A GTP U . -23.22 -7.70 27.33
PA GTP U . -23.09 -6.39 26.40
O1A GTP U . -24.46 -5.77 26.23
O2A GTP U . -22.47 -6.71 25.06
O5' GTP U . -22.17 -5.37 27.23
C5' GTP U . -22.72 -4.12 27.57
C4' GTP U . -22.36 -3.06 26.54
O4' GTP U . -22.38 -3.55 25.21
C3' GTP U . -23.38 -1.95 26.55
O3' GTP U . -23.00 -0.95 27.45
C2' GTP U . -23.39 -1.44 25.12
O2' GTP U . -22.78 -0.17 25.07
C1' GTP U . -22.58 -2.46 24.32
N9 GTP U . -23.31 -2.86 23.11
C8 GTP U . -24.29 -3.81 23.03
N7 GTP U . -24.70 -3.91 21.75
C5 GTP U . -24.00 -3.04 20.99
C6 GTP U . -24.03 -2.75 19.64
O6 GTP U . -24.82 -3.34 18.89
N1 GTP U . -23.18 -1.80 19.12
C2 GTP U . -22.31 -1.15 19.95
N2 GTP U . -21.49 -0.24 19.45
N3 GTP U . -22.28 -1.44 21.31
C4 GTP U . -23.11 -2.37 21.83
H3 GTP U . -21.64 -0.95 21.91
H5' GTP U . -22.32 -3.82 28.54
H5'' GTP U . -23.80 -4.21 27.65
H4' GTP U . -21.37 -2.66 26.77
H3' GTP U . -24.37 -2.34 26.81
HO3' GTP U . -23.78 -0.52 27.81
H2' GTP U . -24.41 -1.38 24.74
HO2' GTP U . -23.41 0.48 24.76
H1' GTP U . -21.62 -2.03 24.05
H8 GTP U . -24.67 -4.38 23.87
HN21 GTP U . -21.51 -0.02 18.47
HN22 GTP U . -20.84 0.25 20.06
MG MG V . -25.51 -11.09 26.43
PG GTP W . -30.30 -63.47 21.21
O1G GTP W . -31.47 -62.96 20.39
O2G GTP W . -30.39 -64.97 21.35
O3G GTP W . -30.34 -62.86 22.58
O3B GTP W . -28.93 -63.07 20.48
PB GTP W . -28.89 -61.78 19.51
O1B GTP W . -30.02 -61.86 18.50
O2B GTP W . -27.55 -61.68 18.83
O3A GTP W . -29.12 -60.52 20.49
PA GTP W . -28.69 -59.05 20.01
O1A GTP W . -29.87 -58.12 20.17
O2A GTP W . -28.19 -59.04 18.58
O5' GTP W . -27.54 -58.59 21.02
C5' GTP W . -27.76 -57.43 21.79
C4' GTP W . -27.17 -56.20 21.12
O4' GTP W . -27.32 -56.20 19.71
C3' GTP W . -27.90 -54.95 21.57
O3' GTP W . -27.26 -54.42 22.71
C2' GTP W . -27.79 -54.01 20.38
O2' GTP W . -26.90 -52.97 20.68
C1' GTP W . -27.26 -54.87 19.24
N9 GTP W . -28.09 -54.68 18.03
C8 GTP W . -29.28 -55.30 17.76
N7 GTP W . -29.72 -54.88 16.56
C5 GTP W . -28.85 -53.99 16.04
C6 GTP W . -28.83 -53.28 14.86
O6 GTP W . -29.74 -53.40 14.05
N1 GTP W . -27.79 -52.43 14.59
C2 GTP W . -26.76 -52.30 15.50
N2 GTP W . -25.75 -51.47 15.24
N3 GTP W . -26.78 -53.02 16.68
C4 GTP W . -27.81 -53.85 16.96
H3 GTP W . -26.03 -52.92 17.34
H5' GTP W . -27.28 -57.57 22.77
H5'' GTP W . -28.83 -57.30 21.93
H4' GTP W . -26.11 -56.12 21.36
H3' GTP W . -28.93 -55.18 21.79
HO3' GTP W . -27.91 -53.96 23.25
H2' GTP W . -28.77 -53.61 20.14
HO2' GTP W . -27.36 -52.13 20.64
H1' GTP W . -26.24 -54.60 19.02
H8 GTP W . -29.77 -56.02 18.39
HN21 GTP W . -25.74 -50.95 14.38
HN22 GTP W . -25.00 -51.38 15.90
MG MG X . -32.17 -62.83 18.78
PG GTP Y . 34.01 54.73 -29.09
O1G GTP Y . 32.99 54.06 -29.98
O2G GTP Y . 34.48 53.76 -28.04
O3G GTP Y . 33.38 55.91 -28.40
O3B GTP Y . 35.24 55.23 -29.98
PB GTP Y . 35.03 55.56 -31.54
O1B GTP Y . 34.33 54.40 -32.21
O2B GTP Y . 36.34 55.87 -32.20
O3A GTP Y . 34.06 56.86 -31.56
PA GTP Y . 33.98 57.77 -32.88
O1A GTP Y . 32.54 57.94 -33.27
O2A GTP Y . 34.80 57.20 -34.02
O5' GTP Y . 34.55 59.21 -32.43
C5' GTP Y . 33.71 60.32 -32.54
C4' GTP Y . 33.91 61.04 -33.87
O4' GTP Y . 34.14 60.16 -34.95
C3' GTP Y . 32.66 61.79 -34.27
O3' GTP Y . 32.70 63.10 -33.75
C2' GTP Y . 32.68 61.80 -35.78
O2' GTP Y . 32.98 63.08 -36.26
C1' GTP Y . 33.78 60.81 -36.17
N9 GTP Y . 33.30 59.86 -37.19
C8 GTP Y . 32.58 58.72 -36.94
N7 GTP Y . 32.33 58.11 -38.13
C5 GTP Y . 32.89 58.83 -39.11
C6 GTP Y . 32.93 58.63 -40.49
O6 GTP Y . 32.39 57.67 -41.00
N1 GTP Y . 33.58 59.55 -41.29
C2 GTP Y . 34.19 60.63 -40.70
N2 GTP Y . 34.82 61.51 -41.48
N3 GTP Y . 34.15 60.82 -39.34
C4 GTP Y . 33.50 59.93 -38.54
H3 GTP Y . 34.60 61.63 -38.92
H5' GTP Y . 33.92 61.01 -31.73
H5'' GTP Y . 32.67 59.99 -32.47
H4' GTP Y . 34.74 61.73 -33.78
H3' GTP Y . 31.77 61.28 -33.90
HO3' GTP Y . 31.81 63.42 -33.58
H2' GTP Y . 31.73 61.46 -36.18
HO2' GTP Y . 32.25 63.41 -36.79
H1' GTP Y . 34.64 61.36 -36.56
H8 GTP Y . 32.26 58.38 -35.97
HN21 GTP Y . 34.85 61.38 -42.48
HN22 GTP Y . 35.27 62.32 -41.07
MG MG Z . 32.74 52.89 -31.28
PG GTP AA . 40.88 2.41 -18.25
O1G GTP AA . 39.72 2.32 -19.21
O2G GTP AA . 41.12 1.07 -17.61
O3G GTP AA . 40.57 3.41 -17.16
O3B GTP AA . 42.18 2.90 -19.04
PB GTP AA . 42.03 3.76 -20.39
O1B GTP AA . 41.06 3.08 -21.33
O2B GTP AA . 43.37 3.97 -21.05
O3A GTP AA . 41.42 5.17 -19.91
PA GTP AA . 41.54 6.46 -20.85
O1A GTP AA . 40.16 7.07 -21.03
O2A GTP AA . 42.16 6.13 -22.18
O5' GTP AA . 42.44 7.50 -20.03
C5' GTP AA . 41.89 8.75 -19.69
C4' GTP AA . 42.24 9.80 -20.74
O4' GTP AA . 42.23 9.31 -22.07
C3' GTP AA . 41.21 10.91 -20.75
O3' GTP AA . 41.58 11.92 -19.85
C2' GTP AA . 41.21 11.40 -22.18
O2' GTP AA . 41.80 12.68 -22.24
C1' GTP AA . 42.03 10.39 -22.96
N9 GTP AA . 41.31 9.96 -24.17
C8 GTP AA . 40.34 9.00 -24.24
N7 GTP AA . 39.92 8.89 -25.53
C5 GTP AA . 40.63 9.75 -26.29
C6 GTP AA . 40.59 10.02 -27.65
O6 GTP AA . 39.83 9.43 -28.38
N1 GTP AA . 41.44 10.98 -28.17
C2 GTP AA . 42.31 11.64 -27.34
N2 GTP AA . 43.12 12.56 -27.85
N3 GTP AA . 42.33 11.36 -25.98
C4 GTP AA . 41.51 10.43 -25.46
H3 GTP AA . 42.97 11.87 -25.39
H5' GTP AA . 40.82 8.65 -19.63
H5'' GTP AA . 42.28 9.06 -18.72
H4' GTP AA . 43.23 10.22 -20.52
H3' GTP AA . 40.24 10.52 -20.48
HO3' GTP AA . 40.80 12.35 -19.50
H2' GTP AA . 40.19 11.45 -22.57
HO2' GTP AA . 41.17 13.31 -22.57
H1' GTP AA . 42.99 10.83 -23.24
H8 GTP AA . 39.96 8.44 -23.40
HN21 GTP AA . 43.09 12.77 -28.84
HN22 GTP AA . 43.75 13.06 -27.25
MG MG BA . 39.16 1.74 -20.77
PG GTP CA . 34.79 -50.70 -25.41
O1G GTP CA . 33.63 -50.20 -26.24
O2G GTP CA . 34.71 -52.20 -25.26
O3G GTP CA . 34.75 -50.07 -24.05
O3B GTP CA . 36.16 -50.30 -26.14
PB GTP CA . 36.20 -49.02 -27.12
O1B GTP CA . 35.08 -49.12 -28.13
O2B GTP CA . 37.54 -48.92 -27.80
O3A GTP CA . 35.95 -47.75 -26.16
PA GTP CA . 36.38 -46.28 -26.65
O1A GTP CA . 35.19 -45.35 -26.50
O2A GTP CA . 36.88 -46.28 -28.08
O5' GTP CA . 37.52 -45.80 -25.63
C5' GTP CA . 37.29 -44.64 -24.87
C4' GTP CA . 37.87 -43.41 -25.56
O4' GTP CA . 37.72 -43.43 -26.97
C3' GTP CA . 37.14 -42.16 -25.13
O3' GTP CA . 37.76 -41.61 -23.99
C2' GTP CA . 37.23 -41.23 -26.32
O2' GTP CA . 38.13 -40.17 -26.04
C1' GTP CA . 37.76 -42.09 -27.46
N9 GTP CA . 36.95 -41.92 -28.67
C8 GTP CA . 35.76 -42.55 -28.94
N7 GTP CA . 35.32 -42.15 -30.14
C5 GTP CA . 36.20 -41.27 -30.66
C6 GTP CA . 36.21 -40.56 -31.86
O6 GTP CA . 35.31 -40.70 -32.67
N1 GTP CA . 37.24 -39.71 -32.13
C2 GTP CA . 38.27 -39.56 -31.22
N2 GTP CA . 39.27 -38.74 -31.49
N3 GTP CA . 38.24 -40.27 -30.03
C4 GTP CA . 37.22 -41.11 -29.75
H3 GTP CA . 39.00 -40.16 -29.37
H5' GTP CA . 36.22 -44.50 -24.74
H5'' GTP CA . 37.76 -44.76 -23.90
H4' GTP CA . 38.93 -43.31 -25.31
H3' GTP CA . 36.10 -42.39 -24.90
HO3' GTP CA . 37.11 -41.15 -23.45
H2' GTP CA . 36.24 -40.84 -26.57
HO2' GTP CA . 37.65 -39.34 -26.08
H1' GTP CA . 38.80 -41.81 -27.67
H8 GTP CA . 35.28 -43.27 -28.30
HN21 GTP CA . 39.28 -38.22 -32.35
HN22 GTP CA . 40.03 -38.62 -30.83
MG MG DA . 32.92 -50.10 -27.84
#